data_9VYF
#
_entry.id   9VYF
#
_cell.length_a   1.00
_cell.length_b   1.00
_cell.length_c   1.00
_cell.angle_alpha   90.00
_cell.angle_beta   90.00
_cell.angle_gamma   90.00
#
_symmetry.space_group_name_H-M   'P 1'
#
_entity_poly.entity_id   1
_entity_poly.type   'polypeptide(L)'
_entity_poly.pdbx_seq_one_letter_code
;MTSQEDYTLEALTAAVRRFEESEDATTEARAAAERDRDYYDEKQWTAAEKAALERRGQPAITFNRIKRKVNALTGIEKQT
RKDPRAFPRNPDDEESAQAATDAIRYVCEDSRWDDKRSEAAKELAIEGTCAIMVGVKQAKGGIDPDIRRIAWDRFYYDPH
ATAFDFEDACYMGVVVWMDLDKAKAKYPQAEDVLIETWRQAQQSETYDDKPKHRLWADYRRRRVRICEEYYLDGEGWKFC
MFTKAGFIVPPMPSPYIGEDGEPECPIKAVSLYIDRDNNRYGEVRTMIGPQDEINKRRSKALHLINSRQVRVSPNVQMDA
QSVRKELSKPDGVFVGDSGEVEILPTQDMASANLAMLQEAKNEIDLLGPNAALGGKAEGQMSGRAILAQQQGGMTEAATY
LDRIRALSIAVYRSVWARIRQVWTGERWVRVTDNERNLRFVGLNQPVTMLQAMAKEMGITKDALPQLEQAAQAGDPQAMQ
AMQQLHALANDPRANMVVGVENAVAELDVDILVDEGLDAPTIAAEEFEQLMKLASTGIVPIPPDVLIEASSLRNKPKLLE
MLKQGPSQEQMMAQQIALAGEQAKVAETESKTGLNVAKTQETLASIQTNALQAGVQAGMA
;
_entity_poly.pdbx_strand_id   H,I,J,K,L,M,N,O,P,Q,R,S
#
# COMPACT_ATOMS: atom_id res chain seq x y z
N SER A 3 -40.05 73.52 -38.56
CA SER A 3 -39.34 74.01 -37.38
C SER A 3 -38.69 72.87 -36.62
N GLN A 4 -37.56 73.16 -35.97
CA GLN A 4 -36.85 72.14 -35.21
C GLN A 4 -37.61 71.69 -33.97
N GLU A 5 -38.60 72.47 -33.52
CA GLU A 5 -39.36 72.10 -32.33
C GLU A 5 -40.11 70.79 -32.55
N ASP A 6 -40.74 70.63 -33.73
CA ASP A 6 -41.47 69.40 -34.01
C ASP A 6 -40.53 68.20 -34.04
N TYR A 7 -39.36 68.35 -34.67
CA TYR A 7 -38.42 67.24 -34.72
C TYR A 7 -37.90 66.87 -33.34
N THR A 8 -37.60 67.88 -32.52
CA THR A 8 -37.12 67.60 -31.16
C THR A 8 -38.20 66.91 -30.33
N LEU A 9 -39.46 67.38 -30.46
CA LEU A 9 -40.55 66.74 -29.73
C LEU A 9 -40.74 65.30 -30.19
N GLU A 10 -40.67 65.05 -31.50
CA GLU A 10 -40.81 63.70 -32.00
C GLU A 10 -39.69 62.79 -31.50
N ALA A 11 -38.46 63.30 -31.50
CA ALA A 11 -37.34 62.50 -31.01
C ALA A 11 -37.47 62.20 -29.53
N LEU A 12 -37.88 63.20 -28.74
CA LEU A 12 -38.07 62.97 -27.31
C LEU A 12 -39.17 61.95 -27.05
N THR A 13 -40.27 62.06 -27.79
CA THR A 13 -41.37 61.10 -27.64
C THR A 13 -40.91 59.69 -28.02
N ALA A 14 -40.13 59.57 -29.10
CA ALA A 14 -39.63 58.27 -29.51
C ALA A 14 -38.72 57.68 -28.45
N ALA A 15 -37.83 58.49 -27.88
CA ALA A 15 -36.93 58.00 -26.83
C ALA A 15 -37.71 57.55 -25.59
N VAL A 16 -38.69 58.36 -25.18
CA VAL A 16 -39.50 58.00 -24.02
C VAL A 16 -40.27 56.71 -24.29
N ARG A 17 -40.82 56.58 -25.50
CA ARG A 17 -41.55 55.38 -25.86
C ARG A 17 -40.66 54.15 -25.84
N ARG A 18 -39.44 54.28 -26.37
CA ARG A 18 -38.49 53.16 -26.36
C ARG A 18 -38.16 52.76 -24.93
N PHE A 19 -37.88 53.74 -24.06
CA PHE A 19 -37.54 53.43 -22.68
C PHE A 19 -38.72 52.75 -21.98
N GLU A 20 -39.92 53.28 -22.18
CA GLU A 20 -41.10 52.71 -21.52
C GLU A 20 -41.37 51.29 -22.01
N GLU A 21 -41.25 51.06 -23.31
CA GLU A 21 -41.45 49.71 -23.83
C GLU A 21 -40.41 48.74 -23.29
N SER A 22 -39.14 49.17 -23.25
CA SER A 22 -38.10 48.30 -22.71
C SER A 22 -38.35 47.97 -21.25
N GLU A 23 -38.78 48.96 -20.47
CA GLU A 23 -39.06 48.73 -19.06
C GLU A 23 -40.24 47.79 -18.87
N ASP A 24 -41.32 48.00 -19.63
CA ASP A 24 -42.55 47.24 -19.40
C ASP A 24 -42.45 45.81 -19.94
N ALA A 25 -41.78 45.62 -21.07
CA ALA A 25 -41.73 44.30 -21.70
C ALA A 25 -40.99 43.28 -20.83
N THR A 26 -40.14 43.72 -19.91
CA THR A 26 -39.36 42.82 -19.07
C THR A 26 -39.81 42.88 -17.61
N THR A 27 -41.10 43.15 -17.37
CA THR A 27 -41.59 43.27 -16.01
C THR A 27 -41.44 41.96 -15.24
N GLU A 28 -41.88 40.85 -15.85
CA GLU A 28 -41.78 39.55 -15.19
C GLU A 28 -40.33 39.15 -14.96
N ALA A 29 -39.48 39.37 -15.96
CA ALA A 29 -38.07 39.03 -15.81
C ALA A 29 -37.42 39.85 -14.70
N ARG A 30 -37.73 41.15 -14.65
CA ARG A 30 -37.18 41.99 -13.59
C ARG A 30 -37.66 41.54 -12.22
N ALA A 31 -38.95 41.21 -12.10
CA ALA A 31 -39.48 40.76 -10.82
C ALA A 31 -38.82 39.46 -10.38
N ALA A 32 -38.62 38.53 -11.31
CA ALA A 32 -37.94 37.28 -10.98
C ALA A 32 -36.49 37.55 -10.58
N ALA A 33 -35.84 38.52 -11.22
CA ALA A 33 -34.46 38.83 -10.88
C ALA A 33 -34.36 39.42 -9.47
N GLU A 34 -35.27 40.32 -9.10
CA GLU A 34 -35.26 40.81 -7.72
C GLU A 34 -35.60 39.71 -6.74
N ARG A 35 -36.48 38.78 -7.12
CA ARG A 35 -36.75 37.63 -6.25
C ARG A 35 -35.48 36.82 -6.02
N ASP A 36 -34.72 36.56 -7.09
CA ASP A 36 -33.47 35.82 -6.95
C ASP A 36 -32.48 36.57 -6.08
N ARG A 37 -32.36 37.89 -6.29
CA ARG A 37 -31.42 38.69 -5.50
C ARG A 37 -31.82 38.69 -4.02
N ASP A 38 -33.12 38.81 -3.74
CA ASP A 38 -33.59 38.77 -2.36
C ASP A 38 -33.32 37.42 -1.73
N TYR A 39 -33.50 36.34 -2.49
CA TYR A 39 -33.18 35.02 -1.98
C TYR A 39 -31.69 34.91 -1.67
N TYR A 40 -30.85 35.54 -2.49
CA TYR A 40 -29.43 35.61 -2.19
C TYR A 40 -29.16 36.46 -0.95
N ASP A 41 -30.08 37.35 -0.60
CA ASP A 41 -29.91 38.28 0.51
C ASP A 41 -30.78 37.92 1.71
N GLU A 42 -30.93 36.61 1.98
CA GLU A 42 -31.64 36.11 3.16
C GLU A 42 -33.11 36.49 3.19
N LYS A 43 -33.63 37.06 2.09
CA LYS A 43 -35.04 37.43 2.03
C LYS A 43 -35.80 36.33 1.27
N GLN A 44 -36.02 35.23 1.97
CA GLN A 44 -36.65 34.05 1.39
C GLN A 44 -38.04 33.78 1.96
N TRP A 45 -38.57 34.68 2.78
CA TRP A 45 -39.88 34.52 3.40
C TRP A 45 -40.78 35.66 2.95
N THR A 46 -42.00 35.31 2.53
CA THR A 46 -42.98 36.31 2.14
C THR A 46 -43.59 36.97 3.38
N ALA A 47 -44.25 38.10 3.15
CA ALA A 47 -44.87 38.83 4.25
C ALA A 47 -46.02 38.02 4.87
N ALA A 48 -46.85 37.40 4.03
CA ALA A 48 -47.99 36.64 4.55
C ALA A 48 -47.54 35.44 5.37
N GLU A 49 -46.56 34.69 4.85
CA GLU A 49 -46.06 33.53 5.60
C GLU A 49 -45.38 33.95 6.89
N LYS A 50 -44.63 35.06 6.85
CA LYS A 50 -43.99 35.55 8.07
C LYS A 50 -45.02 35.96 9.11
N ALA A 51 -46.08 36.64 8.67
CA ALA A 51 -47.15 37.02 9.60
C ALA A 51 -47.84 35.80 10.17
N ALA A 52 -48.09 34.78 9.33
CA ALA A 52 -48.71 33.56 9.83
C ALA A 52 -47.82 32.86 10.85
N LEU A 53 -46.51 32.81 10.60
CA LEU A 53 -45.60 32.21 11.56
C LEU A 53 -45.57 33.00 12.86
N GLU A 54 -45.58 34.33 12.78
CA GLU A 54 -45.59 35.14 13.99
C GLU A 54 -46.89 34.98 14.77
N ARG A 55 -48.00 34.73 14.08
CA ARG A 55 -49.27 34.52 14.78
C ARG A 55 -49.22 33.30 15.67
N ARG A 56 -48.60 32.22 15.19
CA ARG A 56 -48.43 31.00 15.99
C ARG A 56 -47.30 31.12 17.00
N GLY A 57 -46.52 32.20 16.96
CA GLY A 57 -45.36 32.32 17.81
C GLY A 57 -44.12 31.62 17.31
N GLN A 58 -44.18 31.01 16.14
CA GLN A 58 -43.02 30.31 15.58
C GLN A 58 -42.11 31.31 14.89
N PRO A 59 -40.84 31.41 15.27
CA PRO A 59 -39.93 32.33 14.59
C PRO A 59 -39.66 31.90 13.16
N ALA A 60 -39.40 32.89 12.31
CA ALA A 60 -39.06 32.63 10.91
C ALA A 60 -37.58 32.32 10.79
N ILE A 61 -37.25 31.12 10.31
CA ILE A 61 -35.89 30.65 10.22
C ILE A 61 -35.54 30.42 8.76
N THR A 62 -34.42 30.99 8.31
CA THR A 62 -33.95 30.86 6.94
C THR A 62 -32.64 30.08 6.93
N PHE A 63 -32.60 29.01 6.15
CA PHE A 63 -31.39 28.21 5.95
C PHE A 63 -30.92 28.48 4.52
N ASN A 64 -29.99 29.43 4.37
CA ASN A 64 -29.57 29.87 3.05
C ASN A 64 -28.53 28.92 2.49
N ARG A 65 -28.81 28.37 1.30
CA ARG A 65 -27.85 27.55 0.58
C ARG A 65 -27.52 28.10 -0.80
N ILE A 66 -28.26 29.09 -1.30
CA ILE A 66 -27.93 29.72 -2.56
C ILE A 66 -26.65 30.54 -2.43
N LYS A 67 -26.46 31.18 -1.27
CA LYS A 67 -25.33 32.09 -1.10
C LYS A 67 -24.00 31.37 -1.25
N ARG A 68 -23.87 30.17 -0.67
CA ARG A 68 -22.61 29.45 -0.77
C ARG A 68 -22.31 29.04 -2.21
N LYS A 69 -23.33 28.61 -2.96
CA LYS A 69 -23.11 28.25 -4.35
C LYS A 69 -22.70 29.46 -5.19
N VAL A 70 -23.37 30.59 -5.00
CA VAL A 70 -23.00 31.79 -5.74
C VAL A 70 -21.60 32.25 -5.37
N ASN A 71 -21.25 32.14 -4.08
CA ASN A 71 -19.91 32.51 -3.64
C ASN A 71 -18.87 31.59 -4.26
N ALA A 72 -19.17 30.29 -4.36
CA ALA A 72 -18.25 29.37 -5.01
C ALA A 72 -18.04 29.71 -6.47
N LEU A 73 -19.13 30.05 -7.18
CA LEU A 73 -19.00 30.44 -8.58
C LEU A 73 -18.15 31.71 -8.71
N THR A 74 -18.41 32.70 -7.87
CA THR A 74 -17.64 33.94 -7.94
C THR A 74 -16.18 33.71 -7.58
N GLY A 75 -15.91 32.85 -6.60
CA GLY A 75 -14.52 32.53 -6.27
C GLY A 75 -13.80 31.80 -7.38
N ILE A 76 -14.51 30.91 -8.08
CA ILE A 76 -13.91 30.24 -9.23
C ILE A 76 -13.56 31.27 -10.30
N GLU A 77 -14.48 32.20 -10.56
CA GLU A 77 -14.21 33.24 -11.55
C GLU A 77 -13.01 34.08 -11.14
N LYS A 78 -12.93 34.42 -9.85
CA LYS A 78 -11.79 35.21 -9.36
C LYS A 78 -10.48 34.44 -9.49
N GLN A 79 -10.50 33.15 -9.18
CA GLN A 79 -9.30 32.33 -9.31
C GLN A 79 -8.90 32.11 -10.76
N THR A 80 -9.83 32.26 -11.70
CA THR A 80 -9.53 32.11 -13.12
C THR A 80 -9.31 33.46 -13.81
N ARG A 81 -8.72 34.43 -13.10
CA ARG A 81 -8.49 35.75 -13.67
C ARG A 81 -7.37 35.71 -14.70
N LYS A 82 -7.52 36.52 -15.75
CA LYS A 82 -6.52 36.60 -16.81
C LYS A 82 -6.40 38.04 -17.27
N ASP A 83 -5.23 38.37 -17.83
CA ASP A 83 -4.99 39.72 -18.35
C ASP A 83 -5.29 39.79 -19.83
N PRO A 84 -5.53 40.98 -20.38
CA PRO A 84 -5.68 41.12 -21.82
C PRO A 84 -4.36 40.89 -22.55
N ARG A 85 -4.47 40.48 -23.80
CA ARG A 85 -3.29 40.28 -24.63
C ARG A 85 -3.68 40.44 -26.09
N ALA A 86 -2.71 40.88 -26.90
CA ALA A 86 -2.89 41.01 -28.33
C ALA A 86 -1.83 40.17 -29.03
N PHE A 87 -2.28 39.26 -29.89
CA PHE A 87 -1.41 38.38 -30.64
C PHE A 87 -1.32 38.83 -32.10
N PRO A 88 -0.13 38.82 -32.69
CA PRO A 88 0.00 39.24 -34.09
C PRO A 88 -0.45 38.13 -35.02
N ARG A 89 -1.26 38.48 -36.02
CA ARG A 89 -1.67 37.51 -37.02
C ARG A 89 -0.48 37.03 -37.85
N ASN A 90 0.41 37.94 -38.21
CA ASN A 90 1.58 37.64 -39.03
C ASN A 90 2.83 38.18 -38.34
N PRO A 91 4.00 37.61 -38.66
CA PRO A 91 5.24 38.07 -38.02
C PRO A 91 5.49 39.57 -38.13
N ASP A 92 5.16 40.19 -39.27
CA ASP A 92 5.44 41.61 -39.44
C ASP A 92 4.59 42.48 -38.52
N ASP A 93 3.47 41.96 -38.03
CA ASP A 93 2.66 42.66 -37.05
C ASP A 93 3.13 42.43 -35.63
N GLU A 94 4.20 41.64 -35.45
CA GLU A 94 4.61 41.20 -34.12
C GLU A 94 4.82 42.37 -33.17
N GLU A 95 5.53 43.39 -33.62
CA GLU A 95 5.73 44.56 -32.78
C GLU A 95 4.40 45.26 -32.46
N SER A 96 3.57 45.47 -33.50
CA SER A 96 2.38 46.29 -33.34
C SER A 96 1.49 45.75 -32.23
N ALA A 97 1.19 44.45 -32.27
CA ALA A 97 0.34 43.85 -31.26
C ALA A 97 0.86 44.16 -29.86
N GLN A 98 2.17 44.03 -29.66
CA GLN A 98 2.75 44.32 -28.35
C GLN A 98 2.31 45.69 -27.87
N ALA A 99 2.48 46.71 -28.71
CA ALA A 99 2.07 48.05 -28.35
C ALA A 99 0.63 48.06 -27.90
N ALA A 100 -0.25 47.49 -28.73
CA ALA A 100 -1.67 47.42 -28.37
C ALA A 100 -1.84 46.80 -27.00
N THR A 101 -1.19 45.66 -26.77
CA THR A 101 -1.31 44.99 -25.48
C THR A 101 -0.98 45.96 -24.36
N ASP A 102 0.18 46.63 -24.45
CA ASP A 102 0.56 47.57 -23.43
C ASP A 102 -0.55 48.58 -23.20
N ALA A 103 -1.01 49.20 -24.29
CA ALA A 103 -2.08 50.20 -24.18
C ALA A 103 -3.28 49.61 -23.45
N ILE A 104 -3.75 48.45 -23.92
CA ILE A 104 -4.92 47.85 -23.31
C ILE A 104 -4.65 47.56 -21.85
N ARG A 105 -3.47 47.03 -21.54
CA ARG A 105 -3.13 46.73 -20.17
C ARG A 105 -3.28 47.95 -19.29
N TYR A 106 -2.82 49.10 -19.78
CA TYR A 106 -2.91 50.33 -19.00
C TYR A 106 -4.36 50.58 -18.58
N VAL A 107 -5.29 50.49 -19.53
CA VAL A 107 -6.68 50.73 -19.21
C VAL A 107 -7.17 49.71 -18.19
N CYS A 108 -6.80 48.44 -18.37
CA CYS A 108 -7.23 47.42 -17.43
C CYS A 108 -6.57 47.56 -16.08
N GLU A 109 -5.55 48.41 -15.96
CA GLU A 109 -4.96 48.72 -14.67
C GLU A 109 -5.31 50.13 -14.22
N ASP A 110 -6.05 50.88 -15.03
CA ASP A 110 -6.46 52.25 -14.69
C ASP A 110 -7.88 52.33 -14.15
N SER A 111 -8.81 51.55 -14.70
CA SER A 111 -10.20 51.58 -14.29
C SER A 111 -10.55 50.46 -13.32
N ARG A 112 -9.56 49.72 -12.83
CA ARG A 112 -9.77 48.57 -11.96
C ARG A 112 -10.70 47.56 -12.61
N TRP A 113 -10.25 47.04 -13.75
CA TRP A 113 -11.08 46.13 -14.53
C TRP A 113 -11.36 44.82 -13.79
N ASP A 114 -10.48 44.43 -12.87
CA ASP A 114 -10.69 43.19 -12.13
C ASP A 114 -11.94 43.26 -11.26
N ASP A 115 -12.10 44.36 -10.52
CA ASP A 115 -13.27 44.49 -9.66
C ASP A 115 -14.55 44.58 -10.49
N LYS A 116 -14.52 45.34 -11.58
CA LYS A 116 -15.70 45.47 -12.43
C LYS A 116 -16.08 44.12 -13.04
N ARG A 117 -15.09 43.35 -13.46
CA ARG A 117 -15.35 42.00 -13.97
C ARG A 117 -15.94 41.12 -12.88
N SER A 118 -15.45 41.26 -11.64
CA SER A 118 -15.97 40.45 -10.55
C SER A 118 -17.44 40.74 -10.29
N GLU A 119 -17.81 42.02 -10.23
CA GLU A 119 -19.23 42.32 -10.01
C GLU A 119 -20.09 42.01 -11.24
N ALA A 120 -19.53 42.13 -12.44
CA ALA A 120 -20.26 41.67 -13.62
C ALA A 120 -20.55 40.19 -13.54
N ALA A 121 -19.56 39.40 -13.11
CA ALA A 121 -19.77 37.96 -12.93
C ALA A 121 -20.81 37.69 -11.86
N LYS A 122 -20.77 38.45 -10.76
CA LYS A 122 -21.76 38.26 -9.71
C LYS A 122 -23.16 38.56 -10.21
N GLU A 123 -23.33 39.63 -10.99
CA GLU A 123 -24.64 39.94 -11.55
C GLU A 123 -25.08 38.90 -12.55
N LEU A 124 -24.14 38.34 -13.32
CA LEU A 124 -24.47 37.26 -14.24
C LEU A 124 -24.97 36.04 -13.49
N ALA A 125 -24.31 35.70 -12.38
CA ALA A 125 -24.73 34.55 -11.58
C ALA A 125 -26.09 34.81 -10.92
N ILE A 126 -26.35 36.04 -10.50
CA ILE A 126 -27.57 36.35 -9.76
C ILE A 126 -28.68 36.78 -10.72
N GLU A 127 -28.47 37.89 -11.44
CA GLU A 127 -29.51 38.44 -12.30
C GLU A 127 -29.42 37.94 -13.73
N GLY A 128 -28.23 37.62 -14.22
CA GLY A 128 -28.08 37.08 -15.54
C GLY A 128 -27.74 38.07 -16.64
N THR A 129 -27.37 39.30 -16.29
CA THR A 129 -26.99 40.29 -17.29
C THR A 129 -25.84 41.14 -16.77
N CYS A 130 -24.86 41.40 -17.63
CA CYS A 130 -23.74 42.27 -17.33
C CYS A 130 -23.65 43.35 -18.39
N ALA A 131 -23.39 44.59 -17.93
CA ALA A 131 -23.26 45.74 -18.81
C ALA A 131 -22.01 46.52 -18.44
N ILE A 132 -21.16 46.79 -19.44
CA ILE A 132 -19.94 47.54 -19.25
C ILE A 132 -19.92 48.69 -20.24
N MET A 133 -19.68 49.89 -19.73
CA MET A 133 -19.59 51.10 -20.54
C MET A 133 -18.13 51.44 -20.76
N VAL A 134 -17.72 51.52 -22.03
CA VAL A 134 -16.36 51.90 -22.37
C VAL A 134 -16.37 53.32 -22.94
N GLY A 135 -16.19 54.31 -22.06
CA GLY A 135 -16.24 55.70 -22.45
C GLY A 135 -14.89 56.37 -22.35
N VAL A 136 -14.92 57.70 -22.24
CA VAL A 136 -13.72 58.49 -22.09
C VAL A 136 -13.80 59.27 -20.79
N LYS A 137 -12.64 59.68 -20.29
CA LYS A 137 -12.56 60.46 -19.07
C LYS A 137 -11.36 61.39 -19.16
N GLN A 138 -11.39 62.45 -18.35
CA GLN A 138 -10.36 63.48 -18.37
C GLN A 138 -9.28 63.10 -17.36
N ALA A 139 -8.07 62.82 -17.86
CA ALA A 139 -6.92 62.55 -17.02
C ALA A 139 -6.05 63.80 -16.95
N LYS A 140 -5.00 63.73 -16.12
CA LYS A 140 -4.10 64.87 -15.98
C LYS A 140 -3.35 65.15 -17.28
N GLY A 141 -2.89 64.10 -17.95
CA GLY A 141 -2.15 64.24 -19.19
C GLY A 141 -2.96 64.29 -20.46
N GLY A 142 -4.27 64.18 -20.36
CA GLY A 142 -5.12 64.19 -21.54
C GLY A 142 -6.43 63.47 -21.26
N ILE A 143 -6.97 62.86 -22.32
CA ILE A 143 -8.21 62.11 -22.25
C ILE A 143 -7.89 60.64 -22.41
N ASP A 144 -8.38 59.81 -21.48
CA ASP A 144 -8.07 58.39 -21.45
C ASP A 144 -9.35 57.58 -21.44
N PRO A 145 -9.33 56.39 -22.05
CA PRO A 145 -10.51 55.52 -21.99
C PRO A 145 -10.79 55.08 -20.56
N ASP A 146 -12.06 54.91 -20.26
CA ASP A 146 -12.53 54.59 -18.92
C ASP A 146 -13.54 53.46 -19.02
N ILE A 147 -13.43 52.50 -18.11
CA ILE A 147 -14.32 51.35 -18.03
C ILE A 147 -15.22 51.53 -16.82
N ARG A 148 -16.53 51.44 -17.04
CA ARG A 148 -17.51 51.60 -15.97
C ARG A 148 -18.44 50.39 -15.97
N ARG A 149 -18.89 50.01 -14.78
CA ARG A 149 -19.85 48.93 -14.63
C ARG A 149 -21.24 49.52 -14.49
N ILE A 150 -22.21 48.95 -15.21
CA ILE A 150 -23.59 49.38 -15.16
C ILE A 150 -24.38 48.33 -14.39
N ALA A 151 -25.04 48.76 -13.32
CA ALA A 151 -25.82 47.84 -12.51
C ALA A 151 -26.97 47.27 -13.33
N TRP A 152 -27.40 46.06 -12.96
CA TRP A 152 -28.45 45.39 -13.72
C TRP A 152 -29.74 46.20 -13.72
N ASP A 153 -30.04 46.90 -12.64
CA ASP A 153 -31.25 47.70 -12.53
C ASP A 153 -31.09 49.09 -13.14
N ARG A 154 -29.90 49.41 -13.66
CA ARG A 154 -29.66 50.71 -14.29
C ARG A 154 -29.41 50.57 -15.79
N PHE A 155 -29.73 49.44 -16.39
CA PHE A 155 -29.46 49.17 -17.80
C PHE A 155 -30.69 48.56 -18.45
N TYR A 156 -31.12 49.12 -19.57
CA TYR A 156 -32.23 48.59 -20.33
C TYR A 156 -31.81 48.39 -21.78
N TYR A 157 -32.50 47.48 -22.46
CA TYR A 157 -32.11 47.06 -23.80
C TYR A 157 -33.35 46.84 -24.65
N ASP A 158 -33.14 46.51 -25.91
CA ASP A 158 -34.24 46.20 -26.82
C ASP A 158 -34.85 44.86 -26.43
N PRO A 159 -36.15 44.80 -26.12
CA PRO A 159 -36.76 43.52 -25.73
C PRO A 159 -36.73 42.47 -26.84
N HIS A 160 -36.58 42.88 -28.09
CA HIS A 160 -36.58 41.93 -29.21
C HIS A 160 -35.22 41.27 -29.43
N ALA A 161 -34.20 41.64 -28.67
CA ALA A 161 -32.89 41.02 -28.82
C ALA A 161 -32.95 39.56 -28.36
N THR A 162 -32.28 38.70 -29.11
CA THR A 162 -32.27 37.27 -28.84
C THR A 162 -30.89 36.72 -28.49
N ALA A 163 -29.84 37.22 -29.14
CA ALA A 163 -28.49 36.75 -28.87
C ALA A 163 -28.02 37.24 -27.50
N PHE A 164 -27.07 36.51 -26.93
CA PHE A 164 -26.52 36.88 -25.63
C PHE A 164 -25.46 37.97 -25.72
N ASP A 165 -25.04 38.35 -26.92
CA ASP A 165 -24.17 39.49 -27.12
C ASP A 165 -24.95 40.77 -27.39
N PHE A 166 -26.28 40.69 -27.46
CA PHE A 166 -27.12 41.83 -27.81
C PHE A 166 -26.76 42.42 -29.16
N GLU A 167 -26.26 41.59 -30.06
CA GLU A 167 -25.87 42.06 -31.39
C GLU A 167 -27.08 42.35 -32.27
N ASP A 168 -28.23 41.76 -31.96
CA ASP A 168 -29.45 42.02 -32.70
C ASP A 168 -30.32 43.11 -32.07
N ALA A 169 -29.87 43.69 -30.96
CA ALA A 169 -30.65 44.73 -30.30
C ALA A 169 -30.54 46.04 -31.10
N CYS A 170 -31.68 46.66 -31.36
CA CYS A 170 -31.69 47.92 -32.10
C CYS A 170 -31.36 49.11 -31.22
N TYR A 171 -31.42 48.97 -29.90
CA TYR A 171 -31.12 50.07 -29.00
C TYR A 171 -30.87 49.52 -27.61
N MET A 172 -30.14 50.31 -26.82
CA MET A 172 -29.99 50.07 -25.39
C MET A 172 -29.70 51.40 -24.71
N GLY A 173 -29.66 51.38 -23.38
CA GLY A 173 -29.53 52.61 -22.65
C GLY A 173 -29.25 52.37 -21.18
N VAL A 174 -28.75 53.43 -20.54
CA VAL A 174 -28.41 53.43 -19.12
C VAL A 174 -29.17 54.55 -18.43
N VAL A 175 -29.82 54.23 -17.32
CA VAL A 175 -30.54 55.20 -16.52
C VAL A 175 -29.71 55.50 -15.27
N VAL A 176 -29.49 56.78 -14.99
CA VAL A 176 -28.63 57.21 -13.89
C VAL A 176 -29.38 58.21 -13.02
N TRP A 177 -29.27 58.01 -11.71
CA TRP A 177 -29.78 58.95 -10.72
C TRP A 177 -28.63 59.80 -10.22
N MET A 178 -28.77 61.12 -10.30
CA MET A 178 -27.67 62.01 -9.98
C MET A 178 -28.22 63.28 -9.35
N ASP A 179 -27.50 63.81 -8.35
CA ASP A 179 -27.92 65.05 -7.71
C ASP A 179 -27.91 66.20 -8.70
N LEU A 180 -28.80 67.17 -8.47
CA LEU A 180 -28.96 68.27 -9.41
C LEU A 180 -27.68 69.09 -9.53
N ASP A 181 -26.88 69.16 -8.46
CA ASP A 181 -25.66 69.95 -8.51
C ASP A 181 -24.68 69.40 -9.54
N LYS A 182 -24.40 68.09 -9.47
CA LYS A 182 -23.51 67.51 -10.47
C LYS A 182 -24.16 67.46 -11.85
N ALA A 183 -25.50 67.42 -11.91
CA ALA A 183 -26.17 67.49 -13.20
C ALA A 183 -25.92 68.84 -13.86
N LYS A 184 -25.99 69.93 -13.10
CA LYS A 184 -25.66 71.24 -13.64
C LYS A 184 -24.17 71.33 -13.98
N ALA A 185 -23.32 70.78 -13.13
CA ALA A 185 -21.88 70.89 -13.35
C ALA A 185 -21.45 70.16 -14.62
N LYS A 186 -21.97 68.95 -14.83
CA LYS A 186 -21.57 68.15 -15.98
C LYS A 186 -22.22 68.63 -17.27
N TYR A 187 -23.47 69.08 -17.22
CA TYR A 187 -24.21 69.51 -18.40
C TYR A 187 -24.79 70.89 -18.15
N PRO A 188 -23.96 71.93 -18.16
CA PRO A 188 -24.49 73.29 -17.94
C PRO A 188 -25.43 73.75 -19.05
N GLN A 189 -25.16 73.37 -20.30
CA GLN A 189 -25.99 73.84 -21.41
C GLN A 189 -27.41 73.29 -21.34
N ALA A 190 -27.63 72.20 -20.61
CA ALA A 190 -28.96 71.65 -20.40
C ALA A 190 -29.55 72.05 -19.06
N GLU A 191 -28.92 73.01 -18.36
CA GLU A 191 -29.34 73.37 -17.02
C GLU A 191 -30.82 73.68 -16.95
N ASP A 192 -31.33 74.45 -17.91
CA ASP A 192 -32.75 74.80 -17.92
C ASP A 192 -33.62 73.56 -17.88
N VAL A 193 -33.30 72.57 -18.72
CA VAL A 193 -34.06 71.32 -18.71
C VAL A 193 -33.98 70.66 -17.33
N LEU A 194 -32.78 70.66 -16.73
CA LEU A 194 -32.62 70.07 -15.41
C LEU A 194 -33.47 70.78 -14.37
N ILE A 195 -33.87 72.04 -14.62
CA ILE A 195 -34.75 72.74 -13.70
C ILE A 195 -36.15 72.12 -13.74
N GLU A 196 -36.63 71.80 -14.93
CA GLU A 196 -37.99 71.30 -15.11
C GLU A 196 -38.14 69.83 -14.72
N THR A 197 -37.05 69.08 -14.66
CA THR A 197 -37.10 67.66 -14.29
C THR A 197 -36.83 67.47 -12.80
N TRP A 198 -37.65 68.13 -11.98
CA TRP A 198 -37.47 68.04 -10.54
C TRP A 198 -38.12 66.79 -9.98
N ARG A 199 -39.44 66.67 -10.10
CA ARG A 199 -40.15 65.54 -9.51
C ARG A 199 -40.68 64.66 -10.63
N GLN A 200 -40.29 63.39 -10.61
CA GLN A 200 -40.77 62.40 -11.57
C GLN A 200 -41.48 61.28 -10.82
N ALA A 201 -42.33 60.55 -11.55
CA ALA A 201 -43.08 59.46 -10.95
C ALA A 201 -42.14 58.37 -10.47
N GLN A 202 -42.34 57.90 -9.24
CA GLN A 202 -41.50 56.87 -8.62
C GLN A 202 -42.43 55.85 -7.98
N GLN A 203 -42.77 54.80 -8.72
CA GLN A 203 -43.63 53.73 -8.23
C GLN A 203 -42.83 52.60 -7.58
N SER A 204 -41.65 52.89 -7.04
CA SER A 204 -40.79 51.91 -6.39
C SER A 204 -40.44 50.76 -7.34
N GLU A 205 -40.20 51.08 -8.60
CA GLU A 205 -39.81 50.09 -9.59
C GLU A 205 -38.29 49.90 -9.57
N THR A 206 -37.80 49.09 -10.50
CA THR A 206 -36.37 48.79 -10.54
C THR A 206 -35.55 50.01 -10.94
N TYR A 207 -36.07 50.85 -11.82
CA TYR A 207 -35.34 51.99 -12.35
C TYR A 207 -35.51 53.24 -11.51
N ASP A 208 -35.82 53.09 -10.21
CA ASP A 208 -36.01 54.21 -9.32
C ASP A 208 -34.79 54.38 -8.42
N ASP A 209 -34.85 55.36 -7.54
CA ASP A 209 -33.72 55.70 -6.69
C ASP A 209 -33.49 54.62 -5.63
N LYS A 210 -32.29 54.64 -5.04
CA LYS A 210 -31.93 53.63 -4.00
C LYS A 210 -31.44 54.33 -2.73
N PRO A 211 -32.18 54.27 -1.59
CA PRO A 211 -33.22 53.25 -1.39
C PRO A 211 -34.58 53.66 -1.96
N LYS A 212 -35.44 52.68 -2.26
CA LYS A 212 -36.72 53.02 -2.85
C LYS A 212 -37.59 53.83 -1.90
N HIS A 213 -37.61 53.45 -0.62
CA HIS A 213 -38.41 54.14 0.38
C HIS A 213 -37.47 54.93 1.30
N ARG A 214 -37.67 56.24 1.35
CA ARG A 214 -36.84 57.14 2.14
C ARG A 214 -37.70 57.83 3.19
N LEU A 215 -37.21 57.86 4.43
CA LEU A 215 -37.95 58.43 5.54
C LEU A 215 -37.50 59.85 5.89
N TRP A 216 -36.68 60.47 5.05
CA TRP A 216 -36.20 61.83 5.28
C TRP A 216 -36.63 62.72 4.13
N ALA A 217 -36.23 63.99 4.21
CA ALA A 217 -36.60 64.97 3.20
C ALA A 217 -35.77 64.77 1.94
N ASP A 218 -36.45 64.63 0.80
CA ASP A 218 -35.79 64.40 -0.48
C ASP A 218 -35.56 65.66 -1.28
N TYR A 219 -36.04 66.81 -0.84
CA TYR A 219 -35.90 68.03 -1.61
C TYR A 219 -34.59 68.75 -1.35
N ARG A 220 -33.87 68.41 -0.27
CA ARG A 220 -32.60 69.08 -0.01
C ARG A 220 -31.53 68.60 -0.98
N ARG A 221 -31.47 67.29 -1.25
CA ARG A 221 -30.60 66.73 -2.26
C ARG A 221 -31.47 66.45 -3.49
N ARG A 222 -31.59 67.45 -4.35
CA ARG A 222 -32.43 67.35 -5.53
C ARG A 222 -31.81 66.34 -6.50
N ARG A 223 -32.41 65.16 -6.57
CA ARG A 223 -31.89 64.06 -7.39
C ARG A 223 -32.77 63.88 -8.61
N VAL A 224 -32.15 63.71 -9.78
CA VAL A 224 -32.85 63.62 -11.05
C VAL A 224 -32.42 62.35 -11.77
N ARG A 225 -33.26 61.92 -12.71
CA ARG A 225 -33.06 60.73 -13.50
C ARG A 225 -32.74 61.11 -14.95
N ILE A 226 -31.66 60.56 -15.48
CA ILE A 226 -31.21 60.86 -16.84
C ILE A 226 -30.99 59.54 -17.57
N CYS A 227 -31.51 59.46 -18.80
CA CYS A 227 -31.38 58.26 -19.61
C CYS A 227 -30.45 58.55 -20.79
N GLU A 228 -29.39 57.77 -20.92
CA GLU A 228 -28.47 57.84 -22.05
C GLU A 228 -28.75 56.65 -22.94
N GLU A 229 -29.24 56.91 -24.15
CA GLU A 229 -29.69 55.85 -25.05
C GLU A 229 -28.87 55.87 -26.32
N TYR A 230 -28.40 54.70 -26.73
CA TYR A 230 -27.76 54.48 -28.03
C TYR A 230 -28.67 53.58 -28.85
N TYR A 231 -29.09 54.07 -30.02
CA TYR A 231 -30.02 53.35 -30.87
C TYR A 231 -29.50 53.28 -32.30
N LEU A 232 -29.88 52.21 -32.99
CA LEU A 232 -29.45 51.94 -34.36
C LEU A 232 -30.56 52.33 -35.32
N ASP A 233 -30.25 53.18 -36.30
CA ASP A 233 -31.20 53.53 -37.34
C ASP A 233 -30.50 53.55 -38.70
N GLY A 234 -31.20 54.03 -39.73
CA GLY A 234 -30.64 53.99 -41.07
C GLY A 234 -29.36 54.78 -41.23
N GLU A 235 -29.16 55.79 -40.38
CA GLU A 235 -27.96 56.61 -40.42
C GLU A 235 -26.82 56.05 -39.57
N GLY A 236 -27.05 54.96 -38.86
CA GLY A 236 -26.03 54.36 -38.02
C GLY A 236 -26.41 54.39 -36.55
N TRP A 237 -25.41 54.51 -35.69
CA TRP A 237 -25.62 54.53 -34.25
C TRP A 237 -25.74 55.97 -33.78
N LYS A 238 -26.86 56.29 -33.13
CA LYS A 238 -27.13 57.63 -32.61
C LYS A 238 -27.22 57.57 -31.09
N PHE A 239 -26.72 58.61 -30.44
CA PHE A 239 -26.64 58.69 -28.99
C PHE A 239 -27.38 59.92 -28.51
N CYS A 240 -28.15 59.77 -27.44
CA CYS A 240 -28.91 60.89 -26.90
C CYS A 240 -29.08 60.74 -25.39
N MET A 241 -28.77 61.82 -24.66
CA MET A 241 -29.14 61.94 -23.27
C MET A 241 -30.46 62.69 -23.17
N PHE A 242 -31.35 62.22 -22.31
CA PHE A 242 -32.66 62.85 -22.19
C PHE A 242 -33.27 62.58 -20.83
N THR A 243 -34.33 63.33 -20.55
CA THR A 243 -35.21 63.07 -19.40
C THR A 243 -36.65 63.06 -19.89
N LYS A 244 -37.61 63.01 -18.96
CA LYS A 244 -39.00 63.06 -19.35
C LYS A 244 -39.44 64.47 -19.76
N ALA A 245 -38.65 65.49 -19.45
CA ALA A 245 -39.01 66.88 -19.72
C ALA A 245 -38.35 67.43 -20.98
N GLY A 246 -37.21 66.90 -21.39
CA GLY A 246 -36.54 67.42 -22.56
C GLY A 246 -35.24 66.71 -22.81
N PHE A 247 -34.50 67.23 -23.79
CA PHE A 247 -33.22 66.64 -24.20
C PHE A 247 -32.07 67.34 -23.49
N ILE A 248 -31.25 66.57 -22.79
CA ILE A 248 -30.00 67.10 -22.26
C ILE A 248 -28.94 67.18 -23.34
N VAL A 249 -28.76 66.08 -24.08
CA VAL A 249 -27.89 66.04 -25.25
C VAL A 249 -28.79 65.76 -26.45
N PRO A 250 -28.82 66.62 -27.46
CA PRO A 250 -29.71 66.37 -28.60
C PRO A 250 -29.25 65.17 -29.39
N PRO A 251 -30.17 64.47 -30.07
CA PRO A 251 -29.77 63.28 -30.82
C PRO A 251 -28.73 63.56 -31.88
N MET A 252 -27.55 62.99 -31.71
CA MET A 252 -26.43 63.17 -32.62
C MET A 252 -25.76 61.82 -32.83
N PRO A 253 -24.98 61.67 -33.90
CA PRO A 253 -24.25 60.41 -34.11
C PRO A 253 -23.34 60.11 -32.92
N SER A 254 -23.22 58.83 -32.61
CA SER A 254 -22.46 58.42 -31.44
C SER A 254 -21.00 58.81 -31.59
N PRO A 255 -20.41 59.48 -30.59
CA PRO A 255 -19.01 59.91 -30.70
C PRO A 255 -17.98 58.82 -30.43
N TYR A 256 -18.40 57.56 -30.33
CA TYR A 256 -17.50 56.46 -30.06
C TYR A 256 -17.28 55.66 -31.34
N ILE A 257 -16.01 55.42 -31.68
CA ILE A 257 -15.63 54.76 -32.92
C ILE A 257 -15.45 53.27 -32.67
N GLY A 258 -16.07 52.45 -33.50
CA GLY A 258 -15.99 51.01 -33.38
C GLY A 258 -14.83 50.42 -34.15
N GLU A 259 -14.93 49.10 -34.39
CA GLU A 259 -13.86 48.39 -35.09
C GLU A 259 -13.71 48.88 -36.52
N ASP A 260 -14.83 49.12 -37.21
CA ASP A 260 -14.81 49.49 -38.62
C ASP A 260 -14.71 50.99 -38.84
N GLY A 261 -14.54 51.77 -37.77
CA GLY A 261 -14.45 53.21 -37.89
C GLY A 261 -15.78 53.94 -37.89
N GLU A 262 -16.89 53.22 -37.86
CA GLU A 262 -18.22 53.81 -37.79
C GLU A 262 -18.62 54.01 -36.33
N PRO A 263 -19.55 54.91 -36.06
CA PRO A 263 -20.04 55.08 -34.69
C PRO A 263 -20.58 53.76 -34.14
N GLU A 264 -20.27 53.49 -32.88
CA GLU A 264 -20.61 52.23 -32.23
C GLU A 264 -21.14 52.50 -30.84
N CYS A 265 -22.13 51.73 -30.42
CA CYS A 265 -22.63 51.84 -29.05
C CYS A 265 -21.57 51.31 -28.09
N PRO A 266 -21.16 52.10 -27.09
CA PRO A 266 -20.07 51.66 -26.21
C PRO A 266 -20.48 50.67 -25.14
N ILE A 267 -21.76 50.37 -25.00
CA ILE A 267 -22.23 49.46 -23.96
C ILE A 267 -22.09 48.03 -24.46
N LYS A 268 -21.25 47.25 -23.79
CA LYS A 268 -21.10 45.83 -24.06
C LYS A 268 -21.86 45.05 -23.00
N ALA A 269 -22.84 44.27 -23.43
CA ALA A 269 -23.70 43.54 -22.52
C ALA A 269 -23.67 42.05 -22.86
N VAL A 270 -23.68 41.22 -21.82
CA VAL A 270 -23.69 39.78 -21.98
C VAL A 270 -24.74 39.19 -21.04
N SER A 271 -25.22 38.00 -21.39
CA SER A 271 -26.25 37.33 -20.62
C SER A 271 -25.95 35.84 -20.54
N LEU A 272 -26.49 35.20 -19.51
CA LEU A 272 -26.22 33.79 -19.25
C LEU A 272 -27.22 32.87 -19.94
N TYR A 273 -28.50 33.01 -19.61
CA TYR A 273 -29.55 32.18 -20.18
C TYR A 273 -30.62 33.08 -20.80
N ILE A 274 -31.18 32.62 -21.92
CA ILE A 274 -32.22 33.35 -22.63
C ILE A 274 -33.42 32.44 -22.79
N ASP A 275 -34.59 32.93 -22.39
CA ASP A 275 -35.84 32.19 -22.50
C ASP A 275 -36.49 32.47 -23.85
N ARG A 276 -37.44 31.59 -24.22
CA ARG A 276 -38.15 31.75 -25.48
C ARG A 276 -38.91 33.08 -25.55
N ASP A 277 -39.21 33.69 -24.42
CA ASP A 277 -39.85 35.00 -24.36
C ASP A 277 -38.84 36.13 -24.18
N ASN A 278 -37.60 35.92 -24.60
CA ASN A 278 -36.52 36.90 -24.45
C ASN A 278 -36.33 37.30 -22.99
N ASN A 279 -36.41 36.32 -22.09
CA ASN A 279 -36.22 36.54 -20.67
C ASN A 279 -34.85 36.02 -20.26
N ARG A 280 -34.09 36.87 -19.59
CA ARG A 280 -32.73 36.54 -19.16
C ARG A 280 -32.73 36.24 -17.67
N TYR A 281 -32.04 35.16 -17.30
CA TYR A 281 -32.00 34.74 -15.90
C TYR A 281 -30.67 34.03 -15.63
N GLY A 282 -30.32 33.94 -14.35
CA GLY A 282 -29.10 33.32 -13.91
C GLY A 282 -29.31 31.93 -13.35
N GLU A 283 -28.34 31.49 -12.54
CA GLU A 283 -28.39 30.15 -11.97
C GLU A 283 -29.25 30.06 -10.72
N VAL A 284 -29.61 31.19 -10.12
CA VAL A 284 -30.40 31.17 -8.89
C VAL A 284 -31.80 30.62 -9.14
N ARG A 285 -32.37 30.90 -10.31
CA ARG A 285 -33.73 30.46 -10.61
C ARG A 285 -33.87 28.94 -10.53
N THR A 286 -32.78 28.20 -10.81
CA THR A 286 -32.83 26.76 -10.68
C THR A 286 -32.93 26.34 -9.21
N MET A 287 -32.21 27.03 -8.33
CA MET A 287 -32.16 26.70 -6.91
C MET A 287 -33.28 27.34 -6.11
N ILE A 288 -34.12 28.15 -6.74
CA ILE A 288 -35.21 28.81 -5.99
C ILE A 288 -36.15 27.79 -5.39
N GLY A 289 -36.54 26.79 -6.17
CA GLY A 289 -37.48 25.79 -5.73
C GLY A 289 -37.05 24.98 -4.53
N PRO A 290 -35.85 24.38 -4.60
CA PRO A 290 -35.36 23.63 -3.43
C PRO A 290 -35.24 24.47 -2.17
N GLN A 291 -34.88 25.75 -2.30
CA GLN A 291 -34.82 26.61 -1.13
C GLN A 291 -36.19 26.80 -0.50
N ASP A 292 -37.22 27.01 -1.33
CA ASP A 292 -38.58 27.10 -0.82
C ASP A 292 -39.00 25.81 -0.15
N GLU A 293 -38.66 24.67 -0.75
CA GLU A 293 -39.00 23.39 -0.15
C GLU A 293 -38.33 23.24 1.21
N ILE A 294 -37.06 23.58 1.31
CA ILE A 294 -36.34 23.48 2.58
C ILE A 294 -37.00 24.36 3.64
N ASN A 295 -37.24 25.63 3.30
CA ASN A 295 -37.79 26.57 4.27
C ASN A 295 -39.19 26.15 4.72
N LYS A 296 -40.03 25.70 3.79
CA LYS A 296 -41.38 25.29 4.15
C LYS A 296 -41.38 24.00 4.96
N ARG A 297 -40.60 23.00 4.54
CA ARG A 297 -40.59 21.72 5.23
C ARG A 297 -40.06 21.87 6.66
N ARG A 298 -39.00 22.63 6.84
CA ARG A 298 -38.45 22.78 8.19
C ARG A 298 -39.44 23.49 9.11
N SER A 299 -40.10 24.54 8.61
CA SER A 299 -41.06 25.26 9.43
C SER A 299 -42.26 24.37 9.77
N LYS A 300 -42.75 23.61 8.79
CA LYS A 300 -43.88 22.71 9.05
C LYS A 300 -43.51 21.64 10.07
N ALA A 301 -42.30 21.09 9.95
CA ALA A 301 -41.85 20.08 10.92
C ALA A 301 -41.73 20.68 12.31
N LEU A 302 -41.18 21.89 12.41
CA LEU A 302 -41.06 22.55 13.72
C LEU A 302 -42.44 22.80 14.33
N HIS A 303 -43.40 23.22 13.50
CA HIS A 303 -44.76 23.42 14.01
C HIS A 303 -45.37 22.11 14.47
N LEU A 304 -45.15 21.02 13.72
CA LEU A 304 -45.71 19.73 14.05
C LEU A 304 -45.07 19.10 15.28
N ILE A 305 -43.93 19.58 15.73
CA ILE A 305 -43.23 18.99 16.86
C ILE A 305 -43.66 19.63 18.18
N ASN A 306 -43.83 20.95 18.19
CA ASN A 306 -44.17 21.67 19.42
C ASN A 306 -45.68 21.75 19.67
N SER A 307 -46.49 21.12 18.84
CA SER A 307 -47.94 21.14 18.99
C SER A 307 -48.48 19.72 19.05
N ARG A 308 -49.57 19.55 19.80
CA ARG A 308 -50.21 18.26 19.98
C ARG A 308 -51.65 18.31 19.50
N GLN A 309 -52.14 17.20 18.97
CA GLN A 309 -53.53 17.03 18.61
C GLN A 309 -54.23 16.22 19.69
N VAL A 310 -55.33 16.76 20.23
CA VAL A 310 -56.02 16.13 21.34
C VAL A 310 -57.47 15.91 20.97
N ARG A 311 -58.04 14.84 21.52
CA ARG A 311 -59.47 14.57 21.48
C ARG A 311 -60.01 14.65 22.90
N VAL A 312 -61.02 15.48 23.10
CA VAL A 312 -61.57 15.77 24.42
C VAL A 312 -63.00 15.26 24.47
N SER A 313 -63.32 14.52 25.53
CA SER A 313 -64.68 14.02 25.69
C SER A 313 -65.66 15.17 25.89
N PRO A 314 -66.89 15.04 25.38
CA PRO A 314 -67.86 16.13 25.51
C PRO A 314 -68.19 16.48 26.95
N ASN A 315 -68.13 15.50 27.86
CA ASN A 315 -68.47 15.75 29.26
C ASN A 315 -67.46 16.63 29.97
N VAL A 316 -66.30 16.88 29.37
CA VAL A 316 -65.31 17.77 29.98
C VAL A 316 -65.81 19.20 29.91
N GLN A 317 -65.80 19.90 31.04
CA GLN A 317 -66.33 21.24 31.15
C GLN A 317 -65.29 22.33 30.87
N MET A 318 -64.28 22.02 30.08
CA MET A 318 -63.22 22.97 29.75
C MET A 318 -63.17 23.19 28.25
N ASP A 319 -62.67 24.36 27.87
CA ASP A 319 -62.53 24.70 26.45
C ASP A 319 -61.51 23.78 25.79
N ALA A 320 -61.85 23.32 24.58
CA ALA A 320 -60.99 22.36 23.88
C ALA A 320 -59.62 22.96 23.58
N GLN A 321 -59.60 24.21 23.11
CA GLN A 321 -58.33 24.84 22.78
C GLN A 321 -57.48 25.07 24.03
N SER A 322 -58.12 25.42 25.14
CA SER A 322 -57.39 25.58 26.40
C SER A 322 -56.76 24.27 26.84
N VAL A 323 -57.51 23.17 26.73
CA VAL A 323 -56.98 21.86 27.10
C VAL A 323 -55.83 21.47 26.18
N ARG A 324 -55.96 21.74 24.88
CA ARG A 324 -54.89 21.43 23.94
C ARG A 324 -53.64 22.24 24.26
N LYS A 325 -53.79 23.52 24.58
CA LYS A 325 -52.65 24.34 24.93
C LYS A 325 -52.00 23.85 26.21
N GLU A 326 -52.81 23.46 27.20
CA GLU A 326 -52.25 22.93 28.44
C GLU A 326 -51.48 21.64 28.19
N LEU A 327 -52.01 20.75 27.35
CA LEU A 327 -51.34 19.49 27.07
C LEU A 327 -50.14 19.65 26.15
N SER A 328 -50.06 20.76 25.40
CA SER A 328 -48.89 21.01 24.58
C SER A 328 -47.70 21.49 25.42
N LYS A 329 -47.96 22.15 26.54
CA LYS A 329 -46.88 22.65 27.39
C LYS A 329 -46.13 21.48 28.02
N PRO A 330 -44.81 21.58 28.16
CA PRO A 330 -44.05 20.49 28.80
C PRO A 330 -44.46 20.25 30.25
N ASP A 331 -44.89 21.30 30.97
CA ASP A 331 -45.29 21.19 32.37
C ASP A 331 -46.79 21.37 32.54
N GLY A 332 -47.58 21.00 31.52
CA GLY A 332 -49.02 21.14 31.63
C GLY A 332 -49.65 20.03 32.44
N VAL A 333 -50.88 20.29 32.89
CA VAL A 333 -51.63 19.34 33.70
C VAL A 333 -53.05 19.25 33.15
N PHE A 334 -53.70 18.14 33.50
CA PHE A 334 -55.11 17.96 33.16
C PHE A 334 -55.81 17.28 34.33
N VAL A 335 -56.92 17.85 34.76
CA VAL A 335 -57.71 17.31 35.86
C VAL A 335 -58.94 16.66 35.25
N GLY A 336 -58.93 15.34 35.17
CA GLY A 336 -60.05 14.61 34.59
C GLY A 336 -59.83 13.13 34.73
N ASP A 337 -60.88 12.38 34.40
CA ASP A 337 -60.82 10.93 34.47
C ASP A 337 -60.05 10.36 33.29
N SER A 338 -59.75 9.07 33.37
CA SER A 338 -59.03 8.39 32.30
C SER A 338 -59.91 8.28 31.06
N GLY A 339 -59.31 8.51 29.89
CA GLY A 339 -60.01 8.42 28.63
C GLY A 339 -60.71 9.69 28.19
N GLU A 340 -60.71 10.73 29.02
CA GLU A 340 -61.34 11.99 28.62
C GLU A 340 -60.51 12.74 27.60
N VAL A 341 -59.19 12.59 27.64
CA VAL A 341 -58.28 13.23 26.70
C VAL A 341 -57.43 12.15 26.04
N GLU A 342 -57.38 12.18 24.72
CA GLU A 342 -56.58 11.23 23.93
C GLU A 342 -55.64 12.00 23.03
N ILE A 343 -54.36 11.62 23.04
CA ILE A 343 -53.35 12.29 22.25
C ILE A 343 -53.25 11.59 20.91
N LEU A 344 -53.74 12.24 19.86
CA LEU A 344 -53.62 11.70 18.52
C LEU A 344 -52.15 11.81 18.07
N PRO A 345 -51.56 10.75 17.54
CA PRO A 345 -50.13 10.79 17.21
C PRO A 345 -49.90 11.47 15.86
N THR A 346 -48.95 12.40 15.83
CA THR A 346 -48.57 13.10 14.61
C THR A 346 -47.08 12.98 14.33
N GLN A 347 -46.40 12.00 14.93
CA GLN A 347 -44.97 11.83 14.71
C GLN A 347 -44.67 11.41 13.28
N ASP A 348 -45.58 10.67 12.64
CA ASP A 348 -45.35 10.24 11.27
C ASP A 348 -45.26 11.44 10.33
N MET A 349 -46.11 12.45 10.52
CA MET A 349 -46.05 13.65 9.70
C MET A 349 -44.73 14.37 9.88
N ALA A 350 -44.24 14.47 11.12
CA ALA A 350 -42.96 15.13 11.36
C ALA A 350 -41.81 14.35 10.72
N SER A 351 -41.85 13.02 10.81
CA SER A 351 -40.81 12.21 10.19
C SER A 351 -40.83 12.37 8.67
N ALA A 352 -42.01 12.38 8.07
CA ALA A 352 -42.12 12.59 6.63
C ALA A 352 -41.59 13.96 6.22
N ASN A 353 -41.90 14.98 7.03
CA ASN A 353 -41.41 16.33 6.73
C ASN A 353 -39.90 16.40 6.82
N LEU A 354 -39.31 15.74 7.83
CA LEU A 354 -37.86 15.68 7.92
C LEU A 354 -37.25 14.97 6.73
N ALA A 355 -37.86 13.85 6.30
CA ALA A 355 -37.34 13.13 5.15
C ALA A 355 -37.39 13.99 3.89
N MET A 356 -38.50 14.71 3.69
CA MET A 356 -38.63 15.56 2.52
C MET A 356 -37.65 16.72 2.57
N LEU A 357 -37.43 17.28 3.77
CA LEU A 357 -36.44 18.33 3.91
C LEU A 357 -35.04 17.84 3.58
N GLN A 358 -34.71 16.61 4.02
CA GLN A 358 -33.41 16.04 3.67
C GLN A 358 -33.30 15.82 2.16
N GLU A 359 -34.37 15.36 1.53
CA GLU A 359 -34.36 15.19 0.08
C GLU A 359 -34.14 16.52 -0.64
N ALA A 360 -34.81 17.57 -0.17
CA ALA A 360 -34.63 18.89 -0.76
C ALA A 360 -33.21 19.40 -0.56
N LYS A 361 -32.63 19.14 0.61
CA LYS A 361 -31.23 19.53 0.84
C LYS A 361 -30.30 18.80 -0.10
N ASN A 362 -30.51 17.50 -0.30
CA ASN A 362 -29.69 16.75 -1.25
C ASN A 362 -29.83 17.32 -2.65
N GLU A 363 -31.06 17.66 -3.05
CA GLU A 363 -31.28 18.22 -4.37
C GLU A 363 -30.57 19.56 -4.53
N ILE A 364 -30.63 20.42 -3.52
CA ILE A 364 -30.02 21.74 -3.65
C ILE A 364 -28.49 21.63 -3.64
N ASP A 365 -27.93 20.68 -2.90
CA ASP A 365 -26.48 20.46 -3.01
C ASP A 365 -26.11 19.90 -4.37
N LEU A 366 -26.96 19.07 -4.96
CA LEU A 366 -26.65 18.51 -6.28
C LEU A 366 -26.81 19.54 -7.39
N LEU A 367 -27.69 20.52 -7.20
CA LEU A 367 -28.05 21.43 -8.28
C LEU A 367 -26.91 22.37 -8.64
N GLY A 368 -26.28 22.98 -7.63
CA GLY A 368 -25.27 23.99 -7.88
C GLY A 368 -23.93 23.40 -8.25
N PRO A 369 -22.87 24.21 -8.15
CA PRO A 369 -21.52 23.70 -8.40
C PRO A 369 -21.20 22.52 -7.50
N ASN A 370 -20.41 21.60 -8.03
CA ASN A 370 -20.06 20.37 -7.30
C ASN A 370 -19.34 20.75 -6.02
N ALA A 371 -19.61 19.99 -4.96
CA ALA A 371 -19.03 20.29 -3.65
C ALA A 371 -17.52 20.17 -3.64
N ALA A 372 -16.93 19.41 -4.57
CA ALA A 372 -15.48 19.33 -4.65
C ALA A 372 -14.87 20.68 -4.98
N LEU A 373 -15.50 21.43 -5.89
CA LEU A 373 -15.01 22.76 -6.22
C LEU A 373 -15.12 23.71 -5.02
N GLY A 374 -16.24 23.63 -4.30
CA GLY A 374 -16.44 24.48 -3.14
C GLY A 374 -16.39 23.73 -1.82
N MET A 381 -11.63 9.68 0.82
CA MET A 381 -11.46 9.21 -0.54
C MET A 381 -10.14 9.71 -1.14
N SER A 382 -9.71 9.06 -2.21
CA SER A 382 -8.41 9.38 -2.81
C SER A 382 -8.46 10.74 -3.50
N GLY A 383 -7.27 11.31 -3.71
CA GLY A 383 -7.19 12.60 -4.37
C GLY A 383 -7.53 12.55 -5.84
N ARG A 384 -7.38 11.38 -6.47
CA ARG A 384 -7.76 11.23 -7.87
C ARG A 384 -9.26 11.44 -8.05
N ALA A 385 -10.07 10.88 -7.14
CA ALA A 385 -11.51 11.08 -7.20
C ALA A 385 -11.86 12.55 -7.01
N ILE A 386 -11.18 13.23 -6.09
CA ILE A 386 -11.43 14.65 -5.87
C ILE A 386 -11.10 15.45 -7.14
N LEU A 387 -9.97 15.15 -7.76
CA LEU A 387 -9.59 15.86 -8.98
C LEU A 387 -10.59 15.60 -10.10
N ALA A 388 -11.06 14.37 -10.23
CA ALA A 388 -12.06 14.06 -11.26
C ALA A 388 -13.37 14.78 -10.99
N GLN A 389 -13.77 14.86 -9.72
CA GLN A 389 -14.99 15.60 -9.37
C GLN A 389 -14.84 17.08 -9.70
N GLN A 390 -13.66 17.65 -9.41
CA GLN A 390 -13.43 19.05 -9.75
C GLN A 390 -13.47 19.27 -11.26
N GLN A 391 -12.89 18.33 -12.03
CA GLN A 391 -12.95 18.44 -13.49
C GLN A 391 -14.39 18.37 -13.98
N GLY A 392 -15.20 17.48 -13.40
CA GLY A 392 -16.61 17.41 -13.75
C GLY A 392 -17.34 18.71 -13.45
N GLY A 393 -17.09 19.28 -12.27
CA GLY A 393 -17.70 20.55 -11.93
C GLY A 393 -17.27 21.68 -12.85
N MET A 394 -16.00 21.66 -13.27
CA MET A 394 -15.51 22.66 -14.21
C MET A 394 -16.20 22.52 -15.57
N THR A 395 -16.42 21.27 -16.01
CA THR A 395 -17.18 21.07 -17.24
C THR A 395 -18.60 21.59 -17.10
N GLU A 396 -19.21 21.38 -15.93
CA GLU A 396 -20.58 21.83 -15.71
C GLU A 396 -20.69 23.36 -15.64
N ALA A 397 -19.58 24.07 -15.43
CA ALA A 397 -19.59 25.51 -15.27
C ALA A 397 -18.80 26.21 -16.38
N ALA A 398 -18.69 25.59 -17.55
CA ALA A 398 -17.92 26.17 -18.64
C ALA A 398 -18.65 27.31 -19.32
N THR A 399 -19.98 27.28 -19.35
CA THR A 399 -20.74 28.35 -19.99
C THR A 399 -20.56 29.68 -19.27
N TYR A 400 -20.51 29.64 -17.93
CA TYR A 400 -20.29 30.85 -17.15
C TYR A 400 -18.94 31.48 -17.49
N LEU A 401 -17.89 30.66 -17.50
CA LEU A 401 -16.57 31.17 -17.82
C LEU A 401 -16.48 31.65 -19.26
N ASP A 402 -17.17 30.97 -20.17
CA ASP A 402 -17.18 31.40 -21.57
C ASP A 402 -17.85 32.75 -21.73
N ARG A 403 -18.96 32.97 -21.02
CA ARG A 403 -19.62 34.27 -21.06
C ARG A 403 -18.71 35.35 -20.48
N ILE A 404 -18.03 35.05 -19.37
CA ILE A 404 -17.11 36.02 -18.79
C ILE A 404 -15.99 36.36 -19.79
N ARG A 405 -15.44 35.35 -20.45
CA ARG A 405 -14.37 35.57 -21.42
C ARG A 405 -14.86 36.38 -22.60
N ALA A 406 -16.08 36.09 -23.09
CA ALA A 406 -16.62 36.86 -24.20
C ALA A 406 -16.81 38.32 -23.82
N LEU A 407 -17.33 38.58 -22.63
CA LEU A 407 -17.48 39.96 -22.16
C LEU A 407 -16.13 40.64 -22.06
N SER A 408 -15.12 39.94 -21.55
CA SER A 408 -13.78 40.51 -21.44
C SER A 408 -13.22 40.85 -22.82
N ILE A 409 -13.39 39.95 -23.79
CA ILE A 409 -12.87 40.19 -25.13
C ILE A 409 -13.56 41.40 -25.76
N ALA A 410 -14.88 41.49 -25.61
CA ALA A 410 -15.59 42.64 -26.16
C ALA A 410 -15.13 43.94 -25.50
N VAL A 411 -14.92 43.92 -24.19
CA VAL A 411 -14.45 45.11 -23.48
C VAL A 411 -13.06 45.50 -23.97
N TYR A 412 -12.17 44.52 -24.15
CA TYR A 412 -10.83 44.84 -24.62
C TYR A 412 -10.84 45.40 -26.03
N ARG A 413 -11.69 44.84 -26.90
CA ARG A 413 -11.80 45.38 -28.26
C ARG A 413 -12.31 46.82 -28.25
N SER A 414 -13.32 47.10 -27.42
CA SER A 414 -13.81 48.47 -27.31
C SER A 414 -12.74 49.40 -26.76
N VAL A 415 -11.95 48.92 -25.80
CA VAL A 415 -10.88 49.72 -25.22
C VAL A 415 -9.84 50.06 -26.28
N TRP A 416 -9.45 49.08 -27.10
CA TRP A 416 -8.50 49.34 -28.16
C TRP A 416 -9.05 50.32 -29.18
N ALA A 417 -10.33 50.18 -29.54
CA ALA A 417 -10.95 51.13 -30.46
C ALA A 417 -10.93 52.54 -29.89
N ARG A 418 -11.25 52.68 -28.60
CA ARG A 418 -11.25 54.00 -27.98
C ARG A 418 -9.84 54.59 -27.96
N ILE A 419 -8.85 53.76 -27.64
CA ILE A 419 -7.45 54.22 -27.59
C ILE A 419 -7.02 54.72 -28.97
N ARG A 420 -7.37 53.98 -30.02
CA ARG A 420 -7.10 54.46 -31.37
C ARG A 420 -7.85 55.76 -31.64
N GLN A 421 -9.04 55.91 -31.07
CA GLN A 421 -9.87 57.08 -31.38
C GLN A 421 -9.30 58.36 -30.77
N VAL A 422 -8.95 58.33 -29.47
CA VAL A 422 -8.68 59.56 -28.73
C VAL A 422 -7.19 59.75 -28.46
N TRP A 423 -6.48 58.69 -28.10
CA TRP A 423 -5.10 58.83 -27.63
C TRP A 423 -4.22 59.48 -28.70
N THR A 424 -3.40 60.44 -28.26
CA THR A 424 -2.50 61.17 -29.13
C THR A 424 -1.08 60.63 -28.99
N GLY A 425 -0.15 61.22 -29.75
CA GLY A 425 1.23 60.78 -29.70
C GLY A 425 1.89 61.05 -28.36
N GLU A 426 1.59 62.21 -27.76
CA GLU A 426 2.18 62.56 -26.47
C GLU A 426 1.77 61.53 -25.42
N ARG A 427 0.48 61.18 -25.38
CA ARG A 427 0.02 60.18 -24.42
C ARG A 427 0.64 58.82 -24.70
N TRP A 428 0.76 58.46 -25.98
CA TRP A 428 1.38 57.19 -26.33
C TRP A 428 2.81 57.11 -25.81
N VAL A 429 3.59 58.16 -26.04
CA VAL A 429 4.98 58.19 -25.57
C VAL A 429 5.03 58.17 -24.04
N ARG A 430 4.15 58.93 -23.40
CA ARG A 430 4.16 58.99 -21.94
C ARG A 430 3.84 57.64 -21.32
N VAL A 431 2.88 56.91 -21.90
CA VAL A 431 2.45 55.65 -21.31
C VAL A 431 3.42 54.52 -21.65
N THR A 432 3.70 54.33 -22.94
CA THR A 432 4.48 53.18 -23.38
C THR A 432 5.98 53.43 -23.42
N ASP A 433 6.41 54.69 -23.38
CA ASP A 433 7.84 55.04 -23.39
C ASP A 433 8.54 54.47 -24.63
N ASN A 434 7.84 54.46 -25.76
CA ASN A 434 8.39 53.98 -27.01
C ASN A 434 8.08 54.99 -28.12
N GLU A 435 9.10 55.40 -28.87
CA GLU A 435 8.90 56.37 -29.93
C GLU A 435 8.26 55.74 -31.16
N ARG A 436 8.46 54.43 -31.39
CA ARG A 436 7.88 53.79 -32.55
C ARG A 436 6.36 53.77 -32.48
N ASN A 437 5.80 53.79 -31.28
CA ASN A 437 4.35 53.73 -31.11
C ASN A 437 3.66 54.98 -31.64
N LEU A 438 4.40 56.04 -31.95
CA LEU A 438 3.82 57.17 -32.67
C LEU A 438 3.23 56.76 -34.01
N ARG A 439 3.67 55.61 -34.55
CA ARG A 439 3.06 55.08 -35.76
C ARG A 439 1.59 54.78 -35.57
N PHE A 440 1.19 54.43 -34.35
CA PHE A 440 -0.18 53.99 -34.06
C PHE A 440 -1.04 55.11 -33.50
N VAL A 441 -0.84 56.34 -33.96
CA VAL A 441 -1.63 57.49 -33.54
C VAL A 441 -2.73 57.72 -34.56
N GLY A 442 -3.98 57.70 -34.11
CA GLY A 442 -5.11 57.89 -35.00
C GLY A 442 -5.42 56.63 -35.80
N LEU A 443 -6.45 56.76 -36.65
CA LEU A 443 -6.88 55.67 -37.50
C LEU A 443 -6.25 55.71 -38.88
N ASN A 444 -5.38 56.67 -39.15
CA ASN A 444 -4.73 56.78 -40.46
C ASN A 444 -3.21 56.76 -40.31
N ALA A 503 -5.14 51.11 -42.34
CA ALA A 503 -4.63 51.36 -41.00
C ALA A 503 -3.45 50.44 -40.67
N VAL A 504 -2.59 50.89 -39.75
CA VAL A 504 -1.43 50.09 -39.38
C VAL A 504 -1.85 48.86 -38.59
N ALA A 505 -2.75 49.03 -37.62
CA ALA A 505 -3.22 47.93 -36.80
C ALA A 505 -4.74 47.92 -36.78
N GLU A 506 -5.31 46.74 -37.02
CA GLU A 506 -6.75 46.56 -37.04
C GLU A 506 -7.14 45.52 -36.01
N LEU A 507 -8.39 45.61 -35.55
CA LEU A 507 -8.86 44.75 -34.46
C LEU A 507 -8.91 43.28 -34.83
N ASP A 508 -9.00 42.96 -36.12
CA ASP A 508 -9.05 41.56 -36.53
C ASP A 508 -8.03 41.26 -37.63
N VAL A 509 -7.76 42.25 -38.49
CA VAL A 509 -6.89 42.03 -39.63
C VAL A 509 -5.44 41.84 -39.19
N ASP A 510 -4.97 42.67 -38.27
CA ASP A 510 -3.58 42.64 -37.85
C ASP A 510 -3.37 41.97 -36.49
N ILE A 511 -4.14 42.39 -35.48
CA ILE A 511 -3.97 41.86 -34.13
C ILE A 511 -5.24 41.12 -33.72
N LEU A 512 -5.07 40.16 -32.82
CA LEU A 512 -6.16 39.38 -32.27
C LEU A 512 -6.18 39.57 -30.76
N VAL A 513 -7.33 39.93 -30.22
CA VAL A 513 -7.47 40.19 -28.79
C VAL A 513 -7.87 38.90 -28.09
N ASP A 514 -7.12 38.53 -27.06
CA ASP A 514 -7.39 37.31 -26.30
C ASP A 514 -6.96 37.54 -24.86
N GLU A 515 -6.94 36.45 -24.09
CA GLU A 515 -6.59 36.50 -22.67
C GLU A 515 -5.31 35.72 -22.42
N GLY A 516 -4.37 36.34 -21.70
CA GLY A 516 -3.14 35.70 -21.30
C GLY A 516 -3.03 35.58 -19.79
N LEU A 517 -1.94 34.94 -19.37
CA LEU A 517 -1.74 34.62 -17.97
C LEU A 517 -1.68 35.88 -17.11
N ASP A 518 -2.17 35.76 -15.88
CA ASP A 518 -2.24 36.89 -14.96
C ASP A 518 -0.84 37.16 -14.40
N ALA A 519 -0.27 38.30 -14.76
CA ALA A 519 1.03 38.73 -14.30
C ALA A 519 1.00 40.22 -14.03
N PRO A 520 1.87 40.72 -13.14
CA PRO A 520 1.84 42.16 -12.82
C PRO A 520 2.20 43.05 -13.99
N THR A 521 3.31 42.77 -14.66
CA THR A 521 3.80 43.61 -15.74
C THR A 521 4.21 42.74 -16.93
N ILE A 522 4.55 43.40 -18.04
CA ILE A 522 5.01 42.68 -19.22
C ILE A 522 6.34 41.98 -18.94
N ALA A 523 7.22 42.65 -18.18
CA ALA A 523 8.50 42.05 -17.84
C ALA A 523 8.32 40.77 -17.03
N ALA A 524 7.22 40.65 -16.29
CA ALA A 524 6.96 39.42 -15.53
C ALA A 524 6.80 38.23 -16.47
N GLU A 525 5.91 38.34 -17.45
CA GLU A 525 5.75 37.25 -18.41
C GLU A 525 7.02 37.06 -19.25
N GLU A 526 7.70 38.15 -19.59
CA GLU A 526 8.96 38.02 -20.33
C GLU A 526 9.96 37.16 -19.57
N PHE A 527 10.19 37.48 -18.29
CA PHE A 527 11.15 36.73 -17.49
C PHE A 527 10.68 35.29 -17.27
N GLU A 528 9.38 35.09 -17.04
CA GLU A 528 8.88 33.74 -16.83
C GLU A 528 9.08 32.88 -18.07
N GLN A 529 8.76 33.43 -19.25
CA GLN A 529 8.93 32.68 -20.48
C GLN A 529 10.41 32.43 -20.77
N LEU A 530 11.27 33.40 -20.49
CA LEU A 530 12.70 33.20 -20.69
C LEU A 530 13.23 32.09 -19.79
N MET A 531 12.81 32.09 -18.52
CA MET A 531 13.22 31.02 -17.61
C MET A 531 12.71 29.67 -18.07
N LYS A 532 11.46 29.60 -18.52
CA LYS A 532 10.90 28.34 -19.01
C LYS A 532 11.65 27.84 -20.23
N LEU A 533 12.01 28.75 -21.14
CA LEU A 533 12.76 28.36 -22.33
C LEU A 533 14.16 27.89 -21.97
N ALA A 534 14.82 28.57 -21.03
CA ALA A 534 16.19 28.22 -20.68
C ALA A 534 16.26 26.95 -19.83
N SER A 535 15.19 26.61 -19.11
CA SER A 535 15.19 25.39 -18.31
C SER A 535 15.30 24.15 -19.20
N THR A 536 14.66 24.18 -20.38
CA THR A 536 14.73 23.05 -21.29
C THR A 536 16.16 22.83 -21.78
N GLY A 537 16.88 23.91 -22.06
CA GLY A 537 18.24 23.82 -22.55
C GLY A 537 18.37 23.67 -24.05
N ILE A 538 17.26 23.58 -24.77
CA ILE A 538 17.33 23.49 -26.23
C ILE A 538 17.89 24.78 -26.81
N VAL A 539 17.43 25.92 -26.33
CA VAL A 539 17.87 27.23 -26.78
C VAL A 539 18.70 27.86 -25.68
N PRO A 540 19.94 28.31 -25.96
CA PRO A 540 20.74 28.93 -24.93
C PRO A 540 20.62 30.46 -24.84
N ILE A 541 20.22 30.93 -23.68
CA ILE A 541 19.97 32.34 -23.42
C ILE A 541 21.12 32.87 -22.56
N PRO A 542 21.82 33.93 -22.99
CA PRO A 542 22.92 34.44 -22.19
C PRO A 542 22.42 35.09 -20.91
N PRO A 543 23.22 35.09 -19.84
CA PRO A 543 22.72 35.62 -18.56
C PRO A 543 22.41 37.10 -18.56
N ASP A 544 23.02 37.89 -19.44
CA ASP A 544 22.77 39.34 -19.44
C ASP A 544 21.33 39.64 -19.80
N VAL A 545 20.76 38.89 -20.75
CA VAL A 545 19.35 39.08 -21.11
C VAL A 545 18.46 38.75 -19.91
N LEU A 546 18.78 37.67 -19.19
CA LEU A 546 18.00 37.31 -18.02
C LEU A 546 18.08 38.37 -16.94
N ILE A 547 19.26 38.95 -16.74
CA ILE A 547 19.40 40.03 -15.77
C ILE A 547 18.58 41.24 -16.19
N GLU A 548 18.64 41.60 -17.47
CA GLU A 548 17.88 42.76 -17.95
C GLU A 548 16.39 42.54 -17.80
N ALA A 549 15.91 41.33 -18.09
CA ALA A 549 14.49 41.03 -17.98
C ALA A 549 14.03 40.79 -16.55
N SER A 550 14.95 40.66 -15.60
CA SER A 550 14.59 40.40 -14.21
C SER A 550 14.13 41.69 -13.53
N SER A 551 13.60 41.54 -12.32
CA SER A 551 13.13 42.64 -11.50
C SER A 551 13.97 42.77 -10.23
N LEU A 552 15.27 42.59 -10.37
CA LEU A 552 16.18 42.63 -9.22
C LEU A 552 16.48 44.08 -8.84
N ARG A 553 16.98 44.24 -7.61
CA ARG A 553 17.42 45.56 -7.14
C ARG A 553 18.88 45.85 -7.50
N ASN A 554 19.70 44.83 -7.66
CA ASN A 554 21.08 44.98 -8.09
C ASN A 554 21.25 44.74 -9.59
N LYS A 555 20.24 45.06 -10.38
CA LYS A 555 20.33 44.92 -11.84
C LYS A 555 21.47 45.73 -12.44
N PRO A 556 21.64 47.02 -12.12
CA PRO A 556 22.82 47.74 -12.68
C PRO A 556 24.13 47.13 -12.25
N LYS A 557 24.24 46.66 -11.01
CA LYS A 557 25.50 46.07 -10.54
C LYS A 557 25.81 44.77 -11.28
N LEU A 558 24.81 43.90 -11.43
CA LEU A 558 25.03 42.65 -12.16
C LEU A 558 25.33 42.93 -13.63
N LEU A 559 24.65 43.90 -14.23
CA LEU A 559 24.90 44.24 -15.62
C LEU A 559 26.32 44.77 -15.81
N GLU A 560 26.78 45.62 -14.88
CA GLU A 560 28.15 46.11 -14.94
C GLU A 560 29.16 44.98 -14.78
N MET A 561 28.88 44.06 -13.85
CA MET A 561 29.80 42.94 -13.63
C MET A 561 29.88 42.04 -14.86
N LEU A 562 28.74 41.75 -15.49
CA LEU A 562 28.74 40.84 -16.63
C LEU A 562 29.25 41.50 -17.90
N LYS A 563 28.98 42.79 -18.09
CA LYS A 563 29.36 43.49 -19.32
C LYS A 563 30.83 43.89 -19.33
N GLN A 564 31.55 43.71 -18.24
CA GLN A 564 32.97 44.04 -18.22
C GLN A 564 33.74 43.13 -19.17
N GLY A 565 34.80 43.68 -19.75
CA GLY A 565 35.59 42.94 -20.71
C GLY A 565 36.57 42.01 -20.04
N PRO A 566 37.36 41.34 -20.87
CA PRO A 566 38.38 40.43 -20.33
C PRO A 566 39.48 41.20 -19.60
N SER A 567 40.15 40.48 -18.70
CA SER A 567 41.22 41.09 -17.92
C SER A 567 42.34 41.55 -18.85
N GLN A 568 43.09 42.57 -18.39
CA GLN A 568 44.15 43.13 -19.22
C GLN A 568 45.20 42.09 -19.57
N GLU A 569 45.60 41.27 -18.58
CA GLU A 569 46.57 40.22 -18.84
C GLU A 569 46.07 39.22 -19.88
N GLN A 570 44.76 38.97 -19.91
CA GLN A 570 44.22 38.07 -20.93
C GLN A 570 44.39 38.65 -22.33
N MET A 571 44.10 39.95 -22.50
CA MET A 571 44.30 40.57 -23.80
C MET A 571 45.77 40.59 -24.19
N MET A 572 46.65 40.86 -23.22
CA MET A 572 48.08 40.81 -23.51
C MET A 572 48.51 39.43 -23.96
N ALA A 573 48.05 38.39 -23.26
CA ALA A 573 48.38 37.02 -23.67
C ALA A 573 47.86 36.73 -25.05
N GLN A 574 46.66 37.22 -25.37
CA GLN A 574 46.10 37.00 -26.70
C GLN A 574 46.95 37.66 -27.78
N GLN A 575 47.41 38.89 -27.55
CA GLN A 575 48.18 39.55 -28.59
C GLN A 575 49.56 38.92 -28.75
N ILE A 576 50.18 38.48 -27.64
CA ILE A 576 51.46 37.78 -27.79
C ILE A 576 51.26 36.44 -28.49
N ALA A 577 50.14 35.76 -28.24
CA ALA A 577 49.86 34.52 -28.95
C ALA A 577 49.70 34.75 -30.45
N LEU A 578 48.96 35.80 -30.82
CA LEU A 578 48.80 36.12 -32.23
C LEU A 578 50.14 36.50 -32.87
N ALA A 579 50.95 37.28 -32.17
CA ALA A 579 52.25 37.65 -32.69
C ALA A 579 53.15 36.43 -32.85
N GLY A 580 53.09 35.50 -31.89
CA GLY A 580 53.87 34.29 -32.01
C GLY A 580 53.45 33.42 -33.18
N GLU A 581 52.14 33.31 -33.40
CA GLU A 581 51.66 32.56 -34.56
C GLU A 581 52.12 33.20 -35.86
N GLN A 582 52.00 34.53 -35.97
CA GLN A 582 52.45 35.22 -37.18
C GLN A 582 53.95 35.05 -37.39
N ALA A 583 54.72 35.15 -36.31
CA ALA A 583 56.16 34.99 -36.41
C ALA A 583 56.54 33.57 -36.79
N LYS A 584 55.79 32.57 -36.30
CA LYS A 584 56.04 31.20 -36.71
C LYS A 584 55.75 31.00 -38.20
N VAL A 585 54.68 31.61 -38.69
CA VAL A 585 54.38 31.55 -40.13
C VAL A 585 55.52 32.19 -40.93
N ALA A 586 56.00 33.35 -40.47
CA ALA A 586 57.10 34.01 -41.15
C ALA A 586 58.37 33.16 -41.12
N GLU A 587 58.63 32.50 -40.00
CA GLU A 587 59.81 31.64 -39.88
C GLU A 587 59.70 30.45 -40.83
N THR A 588 58.52 29.86 -40.95
CA THR A 588 58.35 28.75 -41.88
C THR A 588 58.54 29.22 -43.32
N GLU A 589 58.04 30.41 -43.65
CA GLU A 589 58.29 30.96 -44.99
C GLU A 589 59.77 31.20 -45.21
N SER A 590 60.48 31.66 -44.19
CA SER A 590 61.92 31.87 -44.31
C SER A 590 62.66 30.56 -44.53
N LYS A 591 62.22 29.49 -43.84
CA LYS A 591 62.82 28.17 -44.08
C LYS A 591 62.54 27.69 -45.51
N THR A 592 61.34 27.96 -46.02
CA THR A 592 61.04 27.65 -47.41
C THR A 592 62.00 28.38 -48.35
N GLY A 593 62.20 29.67 -48.10
CA GLY A 593 63.13 30.44 -48.91
C GLY A 593 64.56 29.93 -48.79
N LEU A 594 64.95 29.49 -47.59
CA LEU A 594 66.28 28.93 -47.40
C LEU A 594 66.47 27.66 -48.22
N ASN A 595 65.47 26.78 -48.22
CA ASN A 595 65.56 25.56 -49.01
C ASN A 595 65.60 25.88 -50.51
N VAL A 596 64.82 26.88 -50.94
CA VAL A 596 64.87 27.29 -52.34
C VAL A 596 66.26 27.83 -52.69
N ALA A 597 66.86 28.59 -51.78
CA ALA A 597 68.21 29.09 -52.00
C ALA A 597 69.21 27.96 -52.10
N LYS A 598 69.07 26.94 -51.24
CA LYS A 598 69.95 25.78 -51.32
C LYS A 598 69.79 25.07 -52.66
N THR A 599 68.56 24.94 -53.15
CA THR A 599 68.34 24.33 -54.47
C THR A 599 69.00 25.14 -55.57
N GLN A 600 68.89 26.48 -55.50
CA GLN A 600 69.52 27.33 -56.49
C GLN A 600 71.04 27.21 -56.44
N GLU A 601 71.60 27.12 -55.23
CA GLU A 601 73.04 26.91 -55.09
C GLU A 601 73.45 25.56 -55.67
N THR A 602 72.61 24.54 -55.48
CA THR A 602 72.83 23.26 -56.12
C THR A 602 72.89 23.39 -57.64
N LEU A 603 71.92 24.12 -58.22
CA LEU A 603 71.91 24.29 -59.67
C LEU A 603 73.15 25.02 -60.15
N ALA A 604 73.56 26.06 -59.42
CA ALA A 604 74.77 26.80 -59.78
C ALA A 604 76.01 25.93 -59.69
N SER A 605 76.11 25.10 -58.65
CA SER A 605 77.25 24.20 -58.51
C SER A 605 77.28 23.16 -59.62
N ILE A 606 76.11 22.62 -59.98
CA ILE A 606 76.05 21.66 -61.07
C ILE A 606 76.49 22.28 -62.38
N GLN A 607 76.00 23.50 -62.67
CA GLN A 607 76.40 24.17 -63.90
C GLN A 607 77.90 24.48 -63.90
N THR A 608 78.43 24.92 -62.77
CA THR A 608 79.86 25.21 -62.68
C THR A 608 80.69 23.94 -62.85
N ASN A 609 80.28 22.85 -62.21
CA ASN A 609 81.02 21.59 -62.29
C ASN A 609 80.67 20.82 -63.55
N SER B 3 -25.61 87.69 3.70
CA SER B 3 -24.34 87.98 4.34
C SER B 3 -23.55 86.70 4.60
N GLN B 4 -22.39 86.83 5.25
CA GLN B 4 -21.58 85.67 5.57
C GLN B 4 -22.26 84.78 6.61
N GLU B 5 -22.96 85.39 7.58
CA GLU B 5 -23.64 84.60 8.60
C GLU B 5 -24.70 83.70 8.00
N ASP B 6 -25.50 84.22 7.07
CA ASP B 6 -26.51 83.40 6.42
C ASP B 6 -25.88 82.26 5.64
N TYR B 7 -24.80 82.55 4.91
CA TYR B 7 -24.14 81.50 4.13
C TYR B 7 -23.58 80.40 5.03
N THR B 8 -22.91 80.78 6.13
CA THR B 8 -22.34 79.76 7.00
C THR B 8 -23.42 78.99 7.75
N LEU B 9 -24.54 79.65 8.10
CA LEU B 9 -25.65 78.93 8.71
C LEU B 9 -26.25 77.92 7.72
N GLU B 10 -26.39 78.32 6.46
CA GLU B 10 -26.90 77.40 5.44
C GLU B 10 -25.96 76.22 5.25
N ALA B 11 -24.64 76.48 5.23
CA ALA B 11 -23.68 75.40 5.08
C ALA B 11 -23.72 74.44 6.26
N LEU B 12 -23.81 74.98 7.49
CA LEU B 12 -23.92 74.12 8.66
C LEU B 12 -25.20 73.29 8.62
N THR B 13 -26.31 73.91 8.22
CA THR B 13 -27.56 73.17 8.13
C THR B 13 -27.47 72.07 7.08
N ALA B 14 -26.84 72.35 5.95
CA ALA B 14 -26.69 71.33 4.91
C ALA B 14 -25.83 70.16 5.40
N ALA B 15 -24.72 70.46 6.07
CA ALA B 15 -23.86 69.39 6.57
C ALA B 15 -24.58 68.54 7.63
N VAL B 16 -25.27 69.21 8.56
CA VAL B 16 -25.98 68.48 9.61
C VAL B 16 -27.10 67.64 9.01
N ARG B 17 -27.80 68.18 8.01
CA ARG B 17 -28.86 67.42 7.36
C ARG B 17 -28.30 66.22 6.62
N ARG B 18 -27.15 66.38 5.95
CA ARG B 18 -26.53 65.24 5.28
C ARG B 18 -26.17 64.16 6.28
N PHE B 19 -25.61 64.55 7.42
CA PHE B 19 -25.31 63.57 8.47
C PHE B 19 -26.58 62.89 8.95
N GLU B 20 -27.67 63.64 9.11
CA GLU B 20 -28.92 63.04 9.58
C GLU B 20 -29.49 62.04 8.58
N GLU B 21 -29.47 62.37 7.29
CA GLU B 21 -29.93 61.41 6.30
C GLU B 21 -29.06 60.16 6.28
N SER B 22 -27.74 60.33 6.38
CA SER B 22 -26.87 59.16 6.44
C SER B 22 -27.16 58.32 7.67
N GLU B 23 -27.47 58.97 8.80
CA GLU B 23 -27.73 58.26 10.05
C GLU B 23 -29.05 57.50 9.99
N ASP B 24 -30.11 58.15 9.51
CA ASP B 24 -31.45 57.57 9.51
C ASP B 24 -31.70 56.66 8.31
N ALA B 25 -30.83 56.68 7.29
CA ALA B 25 -31.05 55.83 6.13
C ALA B 25 -30.73 54.38 6.41
N THR B 26 -29.83 54.10 7.34
CA THR B 26 -29.36 52.75 7.62
C THR B 26 -29.67 52.34 9.04
N THR B 27 -30.87 52.67 9.52
CA THR B 27 -31.26 52.28 10.87
C THR B 27 -31.40 50.76 10.98
N GLU B 28 -32.14 50.15 10.06
CA GLU B 28 -32.34 48.71 10.10
C GLU B 28 -31.04 47.96 9.80
N ALA B 29 -30.25 48.46 8.84
CA ALA B 29 -28.97 47.83 8.53
C ALA B 29 -28.02 47.89 9.71
N ARG B 30 -27.94 49.05 10.38
CA ARG B 30 -27.09 49.17 11.54
C ARG B 30 -27.59 48.28 12.69
N ALA B 31 -28.91 48.18 12.85
CA ALA B 31 -29.45 47.30 13.88
C ALA B 31 -29.09 45.84 13.61
N ALA B 32 -29.19 45.42 12.35
CA ALA B 32 -28.82 44.05 12.00
C ALA B 32 -27.33 43.81 12.21
N ALA B 33 -26.49 44.77 11.84
CA ALA B 33 -25.05 44.61 12.05
C ALA B 33 -24.72 44.55 13.53
N GLU B 34 -25.38 45.37 14.35
CA GLU B 34 -25.16 45.31 15.79
C GLU B 34 -25.64 43.98 16.36
N ARG B 35 -26.75 43.45 15.84
CA ARG B 35 -27.21 42.13 16.26
C ARG B 35 -26.18 41.06 15.93
N ASP B 36 -25.59 41.13 14.73
CA ASP B 36 -24.56 40.15 14.36
C ASP B 36 -23.34 40.29 15.27
N ARG B 37 -22.92 41.52 15.56
CA ARG B 37 -21.78 41.72 16.44
C ARG B 37 -22.07 41.19 17.85
N ASP B 38 -23.27 41.42 18.35
CA ASP B 38 -23.65 40.90 19.67
C ASP B 38 -23.66 39.38 19.66
N TYR B 39 -24.13 38.78 18.57
CA TYR B 39 -24.08 37.32 18.44
C TYR B 39 -22.65 36.82 18.46
N TYR B 40 -21.73 37.54 17.83
CA TYR B 40 -20.32 37.20 17.92
C TYR B 40 -19.77 37.38 19.33
N ASP B 41 -20.39 38.23 20.14
CA ASP B 41 -19.87 38.59 21.46
C ASP B 41 -20.64 37.94 22.60
N GLU B 42 -21.07 36.68 22.41
CA GLU B 42 -21.73 35.90 23.47
C GLU B 42 -23.03 36.54 23.94
N LYS B 43 -23.73 37.24 23.05
CA LYS B 43 -25.03 37.85 23.37
C LYS B 43 -26.01 37.40 22.31
N GLN B 44 -26.65 36.25 22.53
CA GLN B 44 -27.56 35.65 21.55
C GLN B 44 -28.95 35.40 22.12
N TRP B 45 -29.28 35.99 23.26
CA TRP B 45 -30.58 35.81 23.90
C TRP B 45 -31.26 37.16 24.09
N THR B 46 -32.55 37.22 23.79
CA THR B 46 -33.30 38.44 24.03
C THR B 46 -33.68 38.54 25.51
N ALA B 47 -34.10 39.74 25.91
CA ALA B 47 -34.47 39.96 27.31
C ALA B 47 -35.72 39.15 27.68
N ALA B 48 -36.70 39.09 26.77
CA ALA B 48 -37.94 38.40 27.07
C ALA B 48 -37.72 36.89 27.23
N GLU B 49 -36.95 36.28 26.33
CA GLU B 49 -36.71 34.84 26.42
C GLU B 49 -35.88 34.51 27.66
N LYS B 50 -34.88 35.34 27.98
CA LYS B 50 -34.10 35.12 29.19
C LYS B 50 -34.96 35.24 30.44
N ALA B 51 -35.86 36.22 30.46
CA ALA B 51 -36.76 36.38 31.59
C ALA B 51 -37.69 35.17 31.72
N ALA B 52 -38.20 34.67 30.60
CA ALA B 52 -39.05 33.49 30.63
C ALA B 52 -38.30 32.27 31.15
N LEU B 53 -37.06 32.09 30.69
CA LEU B 53 -36.24 30.97 31.16
C LEU B 53 -35.97 31.08 32.65
N GLU B 54 -35.68 32.29 33.13
CA GLU B 54 -35.47 32.49 34.57
C GLU B 54 -36.75 32.20 35.35
N ARG B 55 -37.90 32.62 34.81
CA ARG B 55 -39.17 32.36 35.49
C ARG B 55 -39.45 30.87 35.59
N ARG B 56 -39.18 30.12 34.51
CA ARG B 56 -39.36 28.67 34.55
C ARG B 56 -38.25 27.95 35.31
N GLY B 57 -37.20 28.66 35.71
CA GLY B 57 -36.10 28.07 36.45
C GLY B 57 -34.99 27.50 35.60
N GLN B 58 -35.15 27.48 34.28
CA GLN B 58 -34.11 26.94 33.40
C GLN B 58 -33.07 28.01 33.11
N PRO B 59 -31.79 27.76 33.37
CA PRO B 59 -30.76 28.76 33.06
C PRO B 59 -30.65 28.99 31.56
N ALA B 60 -30.32 30.24 31.21
CA ALA B 60 -30.13 30.63 29.82
C ALA B 60 -28.65 30.46 29.49
N ILE B 61 -28.32 29.41 28.74
CA ILE B 61 -26.94 29.06 28.42
C ILE B 61 -26.79 29.01 26.91
N THR B 62 -25.75 29.66 26.40
CA THR B 62 -25.56 29.86 24.97
C THR B 62 -24.43 28.98 24.46
N PHE B 63 -24.68 28.27 23.36
CA PHE B 63 -23.66 27.52 22.63
C PHE B 63 -23.30 28.33 21.39
N ASN B 64 -22.10 28.92 21.39
CA ASN B 64 -21.68 29.82 20.33
C ASN B 64 -20.86 29.07 19.29
N ARG B 65 -21.24 29.23 18.03
CA ARG B 65 -20.49 28.66 16.91
C ARG B 65 -20.07 29.71 15.88
N ILE B 66 -20.63 30.92 15.93
CA ILE B 66 -20.25 31.97 14.99
C ILE B 66 -18.83 32.45 15.27
N LYS B 67 -18.46 32.53 16.55
CA LYS B 67 -17.15 33.08 16.91
C LYS B 67 -16.03 32.22 16.32
N ARG B 68 -16.20 30.91 16.32
CA ARG B 68 -15.17 30.03 15.76
C ARG B 68 -14.96 30.31 14.28
N LYS B 69 -16.06 30.47 13.53
CA LYS B 69 -15.96 30.72 12.09
C LYS B 69 -15.34 32.09 11.81
N VAL B 70 -15.74 33.10 12.58
CA VAL B 70 -15.16 34.43 12.39
C VAL B 70 -13.67 34.41 12.72
N ASN B 71 -13.28 33.70 13.78
CA ASN B 71 -11.87 33.58 14.12
C ASN B 71 -11.11 32.85 13.03
N ALA B 72 -11.71 31.83 12.43
CA ALA B 72 -11.06 31.13 11.33
C ALA B 72 -10.84 32.06 10.14
N LEU B 73 -11.84 32.86 9.80
CA LEU B 73 -11.70 33.79 8.69
C LEU B 73 -10.61 34.82 8.97
N THR B 74 -10.61 35.39 10.17
CA THR B 74 -9.59 36.37 10.53
C THR B 74 -8.20 35.74 10.56
N GLY B 75 -8.09 34.51 11.03
CA GLY B 75 -6.79 33.84 11.02
C GLY B 75 -6.29 33.58 9.61
N ILE B 76 -7.19 33.18 8.71
CA ILE B 76 -6.80 33.01 7.31
C ILE B 76 -6.29 34.33 6.74
N GLU B 77 -7.01 35.42 7.02
CA GLU B 77 -6.55 36.74 6.58
C GLU B 77 -5.18 37.07 7.16
N LYS B 78 -4.97 36.72 8.43
CA LYS B 78 -3.70 37.04 9.10
C LYS B 78 -2.54 36.27 8.47
N GLN B 79 -2.73 34.99 8.16
CA GLN B 79 -1.64 34.25 7.52
C GLN B 79 -1.61 34.46 6.01
N THR B 80 -2.52 35.28 5.47
CA THR B 80 -2.50 35.67 4.07
C THR B 80 -2.06 37.13 3.95
N ARG B 81 -1.06 37.51 4.75
CA ARG B 81 -0.58 38.88 4.78
C ARG B 81 0.40 39.15 3.64
N LYS B 82 0.51 40.42 3.28
CA LYS B 82 1.37 40.86 2.18
C LYS B 82 1.82 42.28 2.46
N ASP B 83 2.85 42.71 1.73
CA ASP B 83 3.33 44.08 1.82
C ASP B 83 3.13 44.81 0.50
N PRO B 84 3.03 46.14 0.52
CA PRO B 84 2.92 46.88 -0.74
C PRO B 84 4.17 46.72 -1.59
N ARG B 85 3.98 46.75 -2.91
CA ARG B 85 5.08 46.66 -3.85
C ARG B 85 4.74 47.50 -5.07
N ALA B 86 5.75 48.17 -5.61
CA ALA B 86 5.60 48.99 -6.81
C ALA B 86 6.36 48.34 -7.94
N PHE B 87 5.65 48.02 -9.01
CA PHE B 87 6.16 47.41 -10.24
C PHE B 87 6.32 48.48 -11.32
N PRO B 88 7.36 48.38 -12.14
CA PRO B 88 7.54 49.37 -13.21
C PRO B 88 6.73 49.03 -14.44
N ARG B 89 5.97 50.02 -14.94
CA ARG B 89 5.23 49.82 -16.18
C ARG B 89 6.17 49.57 -17.34
N ASN B 90 7.28 50.31 -17.39
CA ASN B 90 8.30 50.19 -18.43
C ASN B 90 9.65 50.04 -17.76
N PRO B 91 10.62 49.43 -18.45
CA PRO B 91 11.94 49.23 -17.83
C PRO B 91 12.60 50.52 -17.34
N ASP B 92 12.44 51.62 -18.09
CA ASP B 92 13.05 52.88 -17.68
C ASP B 92 12.46 53.44 -16.40
N ASP B 93 11.31 52.94 -15.96
CA ASP B 93 10.72 53.31 -14.69
C ASP B 93 11.15 52.40 -13.55
N GLU B 94 12.03 51.43 -13.82
CA GLU B 94 12.35 50.42 -12.83
C GLU B 94 12.91 51.03 -11.55
N GLU B 95 13.78 52.03 -11.68
CA GLU B 95 14.28 52.73 -10.50
C GLU B 95 13.15 53.45 -9.78
N SER B 96 12.29 54.15 -10.54
CA SER B 96 11.27 55.00 -9.93
C SER B 96 10.35 54.21 -9.02
N ALA B 97 9.78 53.12 -9.54
CA ALA B 97 8.92 52.26 -8.72
C ALA B 97 9.66 51.80 -7.48
N GLN B 98 10.95 51.49 -7.60
CA GLN B 98 11.74 51.07 -6.46
C GLN B 98 11.60 52.07 -5.32
N ALA B 99 11.75 53.36 -5.63
CA ALA B 99 11.60 54.39 -4.61
C ALA B 99 10.24 54.25 -3.91
N ALA B 100 9.18 54.17 -4.70
CA ALA B 100 7.85 53.97 -4.11
C ALA B 100 7.81 52.69 -3.29
N THR B 101 8.40 51.62 -3.84
CA THR B 101 8.44 50.35 -3.12
C THR B 101 9.02 50.52 -1.73
N ASP B 102 10.00 51.41 -1.59
CA ASP B 102 10.50 51.74 -0.26
C ASP B 102 9.51 52.64 0.47
N ALA B 103 9.17 53.78 -0.13
CA ALA B 103 8.51 54.86 0.60
C ALA B 103 7.19 54.39 1.20
N ILE B 104 6.33 53.81 0.37
CA ILE B 104 5.04 53.34 0.86
C ILE B 104 5.25 52.35 2.01
N ARG B 105 6.19 51.42 1.84
CA ARG B 105 6.42 50.44 2.89
C ARG B 105 6.75 51.10 4.22
N TYR B 106 7.52 52.20 4.17
CA TYR B 106 7.86 52.91 5.39
C TYR B 106 6.60 53.28 6.17
N VAL B 107 5.60 53.82 5.46
CA VAL B 107 4.36 54.20 6.12
C VAL B 107 3.71 52.99 6.76
N CYS B 108 3.69 51.86 6.05
CA CYS B 108 3.08 50.66 6.57
C CYS B 108 3.82 50.11 7.79
N GLU B 109 5.05 50.56 8.03
CA GLU B 109 5.73 50.25 9.28
C GLU B 109 5.57 51.34 10.32
N ASP B 110 5.38 52.59 9.90
CA ASP B 110 5.23 53.67 10.86
C ASP B 110 3.84 53.69 11.47
N SER B 111 2.82 53.37 10.68
CA SER B 111 1.44 53.44 11.12
C SER B 111 0.89 52.11 11.61
N ARG B 112 1.71 51.06 11.67
CA ARG B 112 1.28 49.73 12.07
C ARG B 112 0.09 49.27 11.23
N TRP B 113 0.32 49.22 9.91
CA TRP B 113 -0.76 48.94 8.98
C TRP B 113 -1.30 47.52 9.15
N ASP B 114 -0.50 46.60 9.69
CA ASP B 114 -0.95 45.22 9.83
C ASP B 114 -2.11 45.11 10.81
N ASP B 115 -2.00 45.74 11.97
CA ASP B 115 -3.08 45.68 12.96
C ASP B 115 -4.34 46.37 12.45
N LYS B 116 -4.18 47.51 11.78
CA LYS B 116 -5.34 48.21 11.23
C LYS B 116 -6.03 47.36 10.17
N ARG B 117 -5.23 46.70 9.32
CA ARG B 117 -5.81 45.82 8.31
C ARG B 117 -6.53 44.64 8.95
N SER B 118 -5.96 44.08 10.01
CA SER B 118 -6.61 42.97 10.70
C SER B 118 -7.94 43.38 11.31
N GLU B 119 -7.98 44.56 11.94
CA GLU B 119 -9.24 45.02 12.53
C GLU B 119 -10.26 45.38 11.45
N ALA B 120 -9.79 45.94 10.33
CA ALA B 120 -10.69 46.18 9.20
C ALA B 120 -11.25 44.88 8.66
N ALA B 121 -10.42 43.84 8.61
CA ALA B 121 -10.90 42.52 8.20
C ALA B 121 -11.94 42.00 9.18
N LYS B 122 -11.72 42.21 10.47
CA LYS B 122 -12.71 41.81 11.46
C LYS B 122 -14.05 42.50 11.24
N GLU B 123 -14.00 43.82 11.00
CA GLU B 123 -15.24 44.54 10.71
C GLU B 123 -15.90 44.03 9.44
N LEU B 124 -15.12 43.80 8.39
CA LEU B 124 -15.68 43.33 7.12
C LEU B 124 -16.33 41.98 7.29
N ALA B 125 -15.74 41.09 8.09
CA ALA B 125 -16.33 39.78 8.32
C ALA B 125 -17.58 39.89 9.18
N ILE B 126 -17.60 40.78 10.16
CA ILE B 126 -18.72 40.83 11.10
C ILE B 126 -19.69 41.95 10.71
N GLU B 127 -19.21 43.19 10.75
CA GLU B 127 -20.09 44.31 10.43
C GLU B 127 -20.42 44.37 8.93
N GLY B 128 -19.42 44.10 8.09
CA GLY B 128 -19.60 44.14 6.66
C GLY B 128 -19.13 45.40 5.96
N THR B 129 -18.44 46.30 6.67
CA THR B 129 -17.92 47.51 6.06
C THR B 129 -16.75 48.01 6.91
N CYS B 130 -15.62 48.31 6.27
CA CYS B 130 -14.44 48.81 6.98
C CYS B 130 -13.88 50.02 6.27
N ALA B 131 -13.34 50.96 7.07
CA ALA B 131 -12.87 52.25 6.57
C ALA B 131 -11.50 52.59 7.13
N ILE B 132 -10.64 53.09 6.24
CA ILE B 132 -9.28 53.50 6.60
C ILE B 132 -9.08 54.93 6.10
N MET B 133 -8.57 55.79 6.97
CA MET B 133 -8.31 57.19 6.63
C MET B 133 -6.81 57.39 6.46
N VAL B 134 -6.42 58.02 5.35
CA VAL B 134 -5.03 58.29 5.05
C VAL B 134 -4.82 59.79 5.19
N GLY B 135 -4.36 60.23 6.36
CA GLY B 135 -4.12 61.64 6.60
C GLY B 135 -2.66 61.95 6.82
N VAL B 136 -2.38 63.03 7.55
CA VAL B 136 -1.01 63.44 7.83
C VAL B 136 -0.82 63.56 9.34
N LYS B 137 0.45 63.47 9.76
CA LYS B 137 0.78 63.58 11.17
C LYS B 137 2.17 64.21 11.29
N GLN B 138 2.46 64.70 12.49
CA GLN B 138 3.69 65.45 12.75
C GLN B 138 4.76 64.52 13.30
N ALA B 139 5.94 64.57 12.69
CA ALA B 139 7.10 63.82 13.15
C ALA B 139 8.29 64.78 13.29
N LYS B 140 9.40 64.25 13.81
CA LYS B 140 10.59 65.07 13.98
C LYS B 140 11.13 65.54 12.63
N GLY B 141 11.16 64.65 11.64
CA GLY B 141 11.65 65.04 10.33
C GLY B 141 10.69 65.95 9.58
N GLY B 142 9.41 65.89 9.91
CA GLY B 142 8.42 66.73 9.25
C GLY B 142 7.09 66.01 9.18
N ILE B 143 6.26 66.47 8.24
CA ILE B 143 4.93 65.89 8.05
C ILE B 143 5.07 64.54 7.37
N ASP B 144 4.40 63.53 7.92
CA ASP B 144 4.43 62.20 7.35
C ASP B 144 3.02 61.65 7.18
N PRO B 145 2.78 60.88 6.12
CA PRO B 145 1.46 60.26 5.97
C PRO B 145 1.19 59.28 7.10
N ASP B 146 -0.09 59.18 7.48
CA ASP B 146 -0.49 58.37 8.62
C ASP B 146 -1.79 57.64 8.28
N ILE B 147 -1.86 56.38 8.71
CA ILE B 147 -3.01 55.52 8.44
C ILE B 147 -3.79 55.35 9.73
N ARG B 148 -5.09 55.62 9.67
CA ARG B 148 -5.96 55.51 10.84
C ARG B 148 -7.12 54.59 10.55
N ARG B 149 -7.41 53.71 11.51
CA ARG B 149 -8.60 52.88 11.47
C ARG B 149 -9.82 53.70 11.81
N ILE B 150 -10.93 53.45 11.10
CA ILE B 150 -12.20 54.11 11.39
C ILE B 150 -13.17 53.03 11.83
N ALA B 151 -13.69 53.18 13.06
CA ALA B 151 -14.63 52.20 13.58
C ALA B 151 -15.92 52.21 12.76
N TRP B 152 -16.57 51.04 12.68
CA TRP B 152 -17.78 50.94 11.88
C TRP B 152 -18.88 51.84 12.39
N ASP B 153 -18.96 52.05 13.69
CA ASP B 153 -19.97 52.92 14.28
C ASP B 153 -19.52 54.38 14.33
N ARG B 154 -18.34 54.69 13.79
CA ARG B 154 -17.86 56.06 13.70
C ARG B 154 -17.69 56.52 12.25
N PHE B 155 -18.33 55.82 11.30
CA PHE B 155 -18.20 56.11 9.89
C PHE B 155 -19.59 56.18 9.27
N TYR B 156 -19.85 57.23 8.50
CA TYR B 156 -21.10 57.35 7.75
C TYR B 156 -20.78 57.73 6.32
N TYR B 157 -21.69 57.37 5.40
CA TYR B 157 -21.45 57.53 3.98
C TYR B 157 -22.75 57.93 3.29
N ASP B 158 -22.68 58.08 1.98
CA ASP B 158 -23.85 58.39 1.18
C ASP B 158 -24.76 57.18 1.13
N PRO B 159 -26.02 57.30 1.54
CA PRO B 159 -26.94 56.16 1.43
C PRO B 159 -27.17 55.71 -0.02
N HIS B 160 -27.00 56.61 -0.98
CA HIS B 160 -27.26 56.29 -2.38
C HIS B 160 -26.09 55.61 -3.07
N ALA B 161 -24.98 55.41 -2.37
CA ALA B 161 -23.84 54.71 -2.95
C ALA B 161 -24.18 53.26 -3.23
N THR B 162 -23.81 52.78 -4.41
CA THR B 162 -24.09 51.40 -4.82
C THR B 162 -22.85 50.53 -4.95
N ALA B 163 -21.73 51.09 -5.39
CA ALA B 163 -20.50 50.31 -5.52
C ALA B 163 -19.94 49.99 -4.14
N PHE B 164 -19.08 48.97 -4.10
CA PHE B 164 -18.48 48.53 -2.85
C PHE B 164 -17.28 49.37 -2.42
N ASP B 165 -16.76 50.23 -3.30
CA ASP B 165 -15.69 51.15 -2.93
C ASP B 165 -16.21 52.56 -2.65
N PHE B 166 -17.52 52.79 -2.79
CA PHE B 166 -18.12 54.11 -2.59
C PHE B 166 -17.58 55.14 -3.57
N GLU B 167 -17.32 54.70 -4.82
CA GLU B 167 -16.99 55.64 -5.88
C GLU B 167 -18.16 56.57 -6.19
N ASP B 168 -19.38 56.03 -6.21
CA ASP B 168 -20.56 56.83 -6.50
C ASP B 168 -21.08 57.57 -5.28
N ALA B 169 -20.46 57.40 -4.12
CA ALA B 169 -20.92 58.08 -2.92
C ALA B 169 -20.73 59.58 -3.04
N CYS B 170 -21.79 60.33 -2.73
CA CYS B 170 -21.72 61.78 -2.76
C CYS B 170 -20.81 62.33 -1.67
N TYR B 171 -20.82 61.71 -0.49
CA TYR B 171 -20.10 62.23 0.67
C TYR B 171 -19.88 61.09 1.64
N MET B 172 -18.89 61.28 2.53
CA MET B 172 -18.70 60.38 3.64
C MET B 172 -17.84 61.05 4.71
N GLY B 173 -18.04 60.64 5.95
CA GLY B 173 -17.41 61.31 7.08
C GLY B 173 -17.22 60.40 8.27
N VAL B 174 -16.48 60.93 9.24
CA VAL B 174 -16.10 60.23 10.45
C VAL B 174 -16.58 61.03 11.65
N VAL B 175 -17.20 60.35 12.61
CA VAL B 175 -17.65 60.94 13.85
C VAL B 175 -16.66 60.55 14.95
N VAL B 176 -16.14 61.55 15.67
CA VAL B 176 -15.14 61.30 16.71
C VAL B 176 -15.62 61.94 18.00
N TRP B 177 -15.56 61.18 19.09
CA TRP B 177 -15.88 61.68 20.43
C TRP B 177 -14.58 61.98 21.16
N MET B 178 -14.44 63.22 21.65
CA MET B 178 -13.20 63.67 22.24
C MET B 178 -13.46 64.39 23.55
N ASP B 179 -12.48 64.35 24.44
CA ASP B 179 -12.55 65.16 25.65
C ASP B 179 -12.52 66.64 25.29
N LEU B 180 -13.28 67.44 26.04
CA LEU B 180 -13.39 68.86 25.72
C LEU B 180 -12.05 69.56 25.82
N ASP B 181 -11.26 69.24 26.85
CA ASP B 181 -9.95 69.86 27.01
C ASP B 181 -9.03 69.51 25.85
N LYS B 182 -9.01 68.22 25.47
CA LYS B 182 -8.17 67.81 24.34
C LYS B 182 -8.68 68.39 23.03
N ALA B 183 -10.00 68.50 22.87
CA ALA B 183 -10.54 69.13 21.66
C ALA B 183 -10.13 70.59 21.58
N LYS B 184 -10.19 71.31 22.71
CA LYS B 184 -9.77 72.71 22.72
C LYS B 184 -8.28 72.84 22.43
N ALA B 185 -7.46 71.97 23.01
CA ALA B 185 -6.02 72.04 22.77
C ALA B 185 -5.67 71.72 21.32
N LYS B 186 -6.33 70.71 20.74
CA LYS B 186 -6.06 70.34 19.36
C LYS B 186 -6.49 71.42 18.38
N TYR B 187 -7.59 72.11 18.68
CA TYR B 187 -8.12 73.18 17.83
C TYR B 187 -8.21 74.45 18.68
N PRO B 188 -7.10 75.18 18.83
CA PRO B 188 -7.09 76.38 19.67
C PRO B 188 -7.72 77.61 19.04
N GLN B 189 -8.45 77.46 17.93
CA GLN B 189 -9.14 78.58 17.30
C GLN B 189 -10.65 78.52 17.44
N ALA B 190 -11.23 77.33 17.53
CA ALA B 190 -12.68 77.17 17.67
C ALA B 190 -13.08 76.87 19.11
N GLU B 191 -12.83 77.83 20.02
CA GLU B 191 -13.40 77.72 21.36
C GLU B 191 -14.88 78.08 21.38
N ASP B 192 -15.30 79.02 20.53
CA ASP B 192 -16.68 79.48 20.56
C ASP B 192 -17.69 78.40 20.17
N VAL B 193 -17.23 77.35 19.49
CA VAL B 193 -18.12 76.26 19.09
C VAL B 193 -17.97 75.04 19.99
N LEU B 194 -16.96 74.99 20.86
CA LEU B 194 -16.74 73.85 21.73
C LEU B 194 -17.15 74.07 23.17
N ILE B 195 -17.29 75.33 23.60
CA ILE B 195 -17.66 75.60 24.99
C ILE B 195 -19.09 75.11 25.27
N GLU B 196 -19.99 75.32 24.33
CA GLU B 196 -21.39 74.95 24.50
C GLU B 196 -21.67 73.62 23.80
N THR B 197 -22.37 72.74 24.52
CA THR B 197 -22.71 71.42 23.98
C THR B 197 -24.19 71.09 24.15
N TRP B 198 -25.03 72.09 24.42
CA TRP B 198 -26.46 71.82 24.57
C TRP B 198 -27.11 71.40 23.26
N ARG B 199 -26.63 71.95 22.14
CA ARG B 199 -27.20 71.62 20.84
C ARG B 199 -26.88 70.20 20.39
N GLN B 200 -26.00 69.49 21.10
CA GLN B 200 -25.60 68.15 20.71
C GLN B 200 -26.72 67.14 20.99
N ALA B 201 -27.62 66.97 20.02
CA ALA B 201 -28.73 66.05 20.13
C ALA B 201 -28.37 64.72 19.46
N GLN B 202 -28.69 63.62 20.14
CA GLN B 202 -28.38 62.28 19.64
C GLN B 202 -29.64 61.65 19.08
N GLN B 203 -29.52 61.08 17.87
CA GLN B 203 -30.65 60.45 17.20
C GLN B 203 -30.59 58.93 17.23
N SER B 204 -29.43 58.36 16.95
CA SER B 204 -29.23 56.91 16.98
C SER B 204 -28.20 56.56 18.04
N GLU B 205 -28.35 55.35 18.60
CA GLU B 205 -27.47 54.91 19.68
C GLU B 205 -26.09 54.48 19.19
N THR B 206 -25.89 54.32 17.87
CA THR B 206 -24.62 53.86 17.36
C THR B 206 -23.60 54.98 17.21
N TYR B 207 -24.01 56.24 17.31
CA TYR B 207 -23.11 57.37 17.15
C TYR B 207 -22.92 58.14 18.45
N ASP B 208 -22.99 57.45 19.58
CA ASP B 208 -22.80 58.04 20.90
C ASP B 208 -21.55 57.47 21.54
N ASP B 209 -21.30 57.87 22.78
CA ASP B 209 -20.17 57.33 23.53
C ASP B 209 -20.40 55.84 23.78
N LYS B 210 -19.32 55.06 23.65
CA LYS B 210 -19.45 53.61 23.77
C LYS B 210 -19.93 53.16 25.15
N PRO B 211 -19.37 53.63 26.27
CA PRO B 211 -19.92 53.24 27.58
C PRO B 211 -21.29 53.83 27.81
N LYS B 212 -22.32 52.99 27.90
CA LYS B 212 -23.71 53.44 28.02
C LYS B 212 -24.40 52.93 29.27
N HIS B 213 -24.15 51.69 29.68
CA HIS B 213 -24.86 51.12 30.82
C HIS B 213 -24.53 51.84 32.11
N ARG B 214 -23.25 52.15 32.32
CA ARG B 214 -22.79 52.82 33.54
C ARG B 214 -22.61 54.29 33.25
N LEU B 215 -23.69 55.07 33.41
CA LEU B 215 -23.67 56.51 33.20
C LEU B 215 -24.42 57.16 34.37
N TRP B 216 -23.68 57.50 35.42
CA TRP B 216 -24.24 58.22 36.56
C TRP B 216 -23.27 59.32 36.94
N ALA B 217 -23.69 60.57 36.77
CA ALA B 217 -22.84 61.74 36.97
C ALA B 217 -21.58 61.67 36.11
N ASP B 218 -21.73 61.08 34.93
CA ASP B 218 -20.61 60.94 33.99
C ASP B 218 -20.39 62.20 33.16
N TYR B 219 -21.30 63.17 33.23
CA TYR B 219 -21.15 64.41 32.48
C TYR B 219 -20.06 65.31 33.06
N ARG B 220 -19.49 64.96 34.22
CA ARG B 220 -18.42 65.77 34.79
C ARG B 220 -17.22 65.81 33.84
N ARG B 221 -16.88 64.67 33.24
CA ARG B 221 -15.87 64.63 32.19
C ARG B 221 -16.57 64.96 30.88
N ARG B 222 -16.41 66.19 30.40
CA ARG B 222 -17.15 66.65 29.24
C ARG B 222 -16.62 66.01 27.96
N ARG B 223 -17.54 65.49 27.15
CA ARG B 223 -17.20 64.88 25.87
C ARG B 223 -17.95 65.62 24.76
N VAL B 224 -17.31 65.76 23.61
CA VAL B 224 -17.85 66.49 22.48
C VAL B 224 -17.73 65.63 21.22
N ARG B 225 -18.78 65.64 20.42
CA ARG B 225 -18.81 64.90 19.15
C ARG B 225 -18.47 65.85 18.01
N ILE B 226 -17.54 65.43 17.15
CA ILE B 226 -17.06 66.22 16.04
C ILE B 226 -17.19 65.38 14.77
N CYS B 227 -17.77 65.97 13.73
CA CYS B 227 -17.97 65.27 12.46
C CYS B 227 -17.03 65.87 11.42
N GLU B 228 -16.18 65.04 10.84
CA GLU B 228 -15.29 65.45 9.75
C GLU B 228 -15.81 64.78 8.48
N GLU B 229 -16.35 65.58 7.56
CA GLU B 229 -17.04 65.08 6.39
C GLU B 229 -16.36 65.57 5.13
N TYR B 230 -16.12 64.67 4.19
CA TYR B 230 -15.65 65.01 2.85
C TYR B 230 -16.79 64.78 1.88
N TYR B 231 -17.18 65.84 1.17
CA TYR B 231 -18.31 65.79 0.26
C TYR B 231 -17.92 66.36 -1.10
N LEU B 232 -18.49 65.78 -2.15
CA LEU B 232 -18.18 66.15 -3.53
C LEU B 232 -19.35 66.94 -4.10
N ASP B 233 -19.15 68.23 -4.30
CA ASP B 233 -20.12 69.05 -5.01
C ASP B 233 -19.70 69.11 -6.49
N GLY B 234 -20.32 70.00 -7.26
CA GLY B 234 -20.00 70.10 -8.66
C GLY B 234 -18.56 70.52 -8.92
N GLU B 235 -18.05 71.45 -8.11
CA GLU B 235 -16.72 71.99 -8.35
C GLU B 235 -15.61 71.03 -7.96
N GLY B 236 -15.88 70.10 -7.06
CA GLY B 236 -14.84 69.15 -6.65
C GLY B 236 -15.14 68.58 -5.27
N TRP B 237 -14.06 68.24 -4.56
CA TRP B 237 -14.15 67.65 -3.24
C TRP B 237 -13.82 68.71 -2.19
N LYS B 238 -14.65 68.79 -1.15
CA LYS B 238 -14.42 69.70 -0.04
C LYS B 238 -14.47 68.93 1.27
N PHE B 239 -13.80 69.49 2.27
CA PHE B 239 -13.69 68.88 3.60
C PHE B 239 -14.17 69.89 4.63
N CYS B 240 -15.02 69.44 5.55
CA CYS B 240 -15.53 70.29 6.60
C CYS B 240 -15.52 69.53 7.92
N MET B 241 -14.86 70.10 8.92
CA MET B 241 -14.90 69.59 10.28
C MET B 241 -15.81 70.49 11.10
N PHE B 242 -16.86 69.91 11.68
CA PHE B 242 -17.89 70.73 12.31
C PHE B 242 -18.46 70.01 13.53
N THR B 243 -19.34 70.73 14.22
CA THR B 243 -20.09 70.26 15.36
C THR B 243 -21.52 70.76 15.20
N LYS B 244 -22.46 70.15 15.92
CA LYS B 244 -23.85 70.56 15.83
C LYS B 244 -24.03 72.03 16.23
N ALA B 245 -23.10 72.59 16.99
CA ALA B 245 -23.19 73.99 17.39
C ALA B 245 -22.55 74.94 16.38
N GLY B 246 -21.38 74.59 15.85
CA GLY B 246 -20.69 75.48 14.93
C GLY B 246 -19.70 74.78 14.02
N PHE B 247 -18.87 75.56 13.35
CA PHE B 247 -17.87 75.05 12.42
C PHE B 247 -16.49 75.12 13.06
N ILE B 248 -15.80 73.99 13.10
CA ILE B 248 -14.40 73.98 13.52
C ILE B 248 -13.50 74.34 12.34
N VAL B 249 -13.74 73.73 11.19
CA VAL B 249 -13.05 74.04 9.96
C VAL B 249 -14.10 74.44 8.93
N PRO B 250 -14.08 75.66 8.42
CA PRO B 250 -15.11 76.08 7.45
C PRO B 250 -14.96 75.31 6.15
N PRO B 251 -16.05 75.18 5.37
CA PRO B 251 -15.96 74.44 4.09
C PRO B 251 -14.85 74.94 3.20
N MET B 252 -13.86 74.08 2.95
CA MET B 252 -12.70 74.39 2.14
C MET B 252 -12.34 73.16 1.32
N PRO B 253 -11.70 73.33 0.17
CA PRO B 253 -11.34 72.17 -0.64
C PRO B 253 -10.42 71.23 0.11
N SER B 254 -10.58 69.93 -0.15
CA SER B 254 -9.86 68.92 0.61
C SER B 254 -8.36 69.11 0.45
N PRO B 255 -7.61 69.15 1.55
CA PRO B 255 -6.16 69.36 1.46
C PRO B 255 -5.36 68.14 1.04
N TYR B 256 -6.03 67.04 0.68
CA TYR B 256 -5.35 65.81 0.27
C TYR B 256 -5.45 65.66 -1.24
N ILE B 257 -4.30 65.49 -1.89
CA ILE B 257 -4.23 65.39 -3.34
C ILE B 257 -4.35 63.93 -3.74
N GLY B 258 -5.19 63.66 -4.73
CA GLY B 258 -5.44 62.31 -5.19
C GLY B 258 -4.48 61.86 -6.27
N GLU B 259 -4.88 60.79 -6.97
CA GLU B 259 -4.02 60.22 -8.01
C GLU B 259 -3.83 61.20 -9.16
N ASP B 260 -4.89 61.89 -9.57
CA ASP B 260 -4.86 62.74 -10.76
C ASP B 260 -4.75 64.22 -10.42
N GLY B 261 -4.25 64.56 -9.23
CA GLY B 261 -3.86 65.92 -8.93
C GLY B 261 -4.91 66.80 -8.29
N GLU B 262 -6.17 66.38 -8.27
CA GLU B 262 -7.17 67.21 -7.63
C GLU B 262 -7.49 66.69 -6.24
N PRO B 263 -8.09 67.52 -5.38
CA PRO B 263 -8.45 67.06 -4.03
C PRO B 263 -9.33 65.83 -4.07
N GLU B 264 -9.10 64.91 -3.14
CA GLU B 264 -9.81 63.65 -3.07
C GLU B 264 -10.20 63.37 -1.63
N CYS B 265 -11.14 62.45 -1.46
CA CYS B 265 -11.53 62.02 -0.13
C CYS B 265 -10.52 61.01 0.40
N PRO B 266 -9.89 61.26 1.54
CA PRO B 266 -8.85 60.32 2.02
C PRO B 266 -9.41 59.03 2.58
N ILE B 267 -10.69 58.97 2.92
CA ILE B 267 -11.28 57.78 3.51
C ILE B 267 -11.54 56.76 2.41
N LYS B 268 -10.99 55.57 2.56
CA LYS B 268 -11.23 54.45 1.66
C LYS B 268 -11.97 53.37 2.45
N ALA B 269 -13.15 52.99 1.96
CA ALA B 269 -13.98 52.03 2.65
C ALA B 269 -14.43 50.95 1.69
N VAL B 270 -14.56 49.73 2.21
CA VAL B 270 -15.01 48.60 1.40
C VAL B 270 -16.04 47.82 2.20
N SER B 271 -17.05 47.31 1.49
CA SER B 271 -18.11 46.49 2.07
C SER B 271 -18.12 45.12 1.40
N LEU B 272 -18.49 44.11 2.18
CA LEU B 272 -18.46 42.74 1.69
C LEU B 272 -19.65 42.45 0.77
N TYR B 273 -20.86 42.56 1.29
CA TYR B 273 -22.08 42.27 0.54
C TYR B 273 -22.99 43.49 0.55
N ILE B 274 -23.63 43.76 -0.58
CA ILE B 274 -24.54 44.90 -0.73
C ILE B 274 -25.92 44.35 -1.05
N ASP B 275 -26.89 44.66 -0.20
CA ASP B 275 -28.26 44.23 -0.41
C ASP B 275 -28.88 45.06 -1.53
N ARG B 276 -29.95 44.52 -2.13
CA ARG B 276 -30.63 45.22 -3.21
C ARG B 276 -31.12 46.59 -2.78
N ASP B 277 -31.39 46.78 -1.49
CA ASP B 277 -31.82 48.07 -0.95
C ASP B 277 -30.66 48.91 -0.45
N ASN B 278 -29.46 48.72 -1.02
CA ASN B 278 -28.26 49.48 -0.63
C ASN B 278 -27.93 49.29 0.85
N ASN B 279 -28.03 48.05 1.32
CA ASN B 279 -27.68 47.70 2.69
C ASN B 279 -26.46 46.79 2.68
N ARG B 280 -25.51 47.08 3.58
CA ARG B 280 -24.26 46.35 3.67
C ARG B 280 -24.29 45.42 4.87
N TYR B 281 -23.84 44.18 4.67
CA TYR B 281 -23.81 43.20 5.75
C TYR B 281 -22.66 42.24 5.52
N GLY B 282 -22.29 41.52 6.57
CA GLY B 282 -21.18 40.61 6.55
C GLY B 282 -21.60 39.17 6.41
N GLU B 283 -20.70 38.26 6.80
CA GLU B 283 -20.93 36.83 6.68
C GLU B 283 -21.73 36.24 7.83
N VAL B 284 -21.92 36.99 8.92
CA VAL B 284 -22.67 36.48 10.06
C VAL B 284 -24.15 36.31 9.73
N ARG B 285 -24.64 36.96 8.69
CA ARG B 285 -26.06 36.91 8.36
C ARG B 285 -26.50 35.48 8.04
N THR B 286 -25.66 34.73 7.34
CA THR B 286 -25.97 33.34 7.05
C THR B 286 -26.04 32.51 8.33
N MET B 287 -25.14 32.78 9.28
CA MET B 287 -25.05 31.98 10.49
C MET B 287 -26.02 32.40 11.59
N ILE B 288 -26.72 33.53 11.41
CA ILE B 288 -27.64 33.99 12.44
C ILE B 288 -28.76 32.99 12.66
N GLY B 289 -29.34 32.47 11.59
CA GLY B 289 -30.46 31.56 11.67
C GLY B 289 -30.17 30.25 12.37
N PRO B 290 -29.20 29.50 11.85
CA PRO B 290 -28.86 28.22 12.49
C PRO B 290 -28.45 28.34 13.95
N GLN B 291 -27.75 29.42 14.31
CA GLN B 291 -27.37 29.59 15.72
C GLN B 291 -28.59 29.80 16.60
N ASP B 292 -29.55 30.62 16.13
CA ASP B 292 -30.80 30.80 16.86
C ASP B 292 -31.54 29.49 17.00
N GLU B 293 -31.60 28.70 15.92
CA GLU B 293 -32.29 27.42 15.99
C GLU B 293 -31.61 26.48 16.99
N ILE B 294 -30.28 26.48 17.00
CA ILE B 294 -29.54 25.64 17.94
C ILE B 294 -29.89 26.02 19.37
N ASN B 295 -29.81 27.32 19.67
CA ASN B 295 -30.10 27.76 21.04
C ASN B 295 -31.53 27.42 21.43
N LYS B 296 -32.50 27.72 20.56
CA LYS B 296 -33.89 27.49 20.89
C LYS B 296 -34.19 26.01 21.07
N ARG B 297 -33.68 25.16 20.18
CA ARG B 297 -33.96 23.73 20.28
C ARG B 297 -33.30 23.13 21.50
N ARG B 298 -32.08 23.55 21.83
CA ARG B 298 -31.44 23.04 23.04
C ARG B 298 -32.23 23.45 24.28
N SER B 299 -32.68 24.70 24.34
CA SER B 299 -33.47 25.15 25.49
C SER B 299 -34.79 24.39 25.58
N LYS B 300 -35.46 24.19 24.46
CA LYS B 300 -36.74 23.49 24.47
C LYS B 300 -36.57 22.03 24.89
N ALA B 301 -35.52 21.36 24.38
CA ALA B 301 -35.27 19.99 24.78
C ALA B 301 -34.95 19.89 26.27
N LEU B 302 -34.15 20.83 26.78
CA LEU B 302 -33.83 20.83 28.21
C LEU B 302 -35.08 21.04 29.04
N HIS B 303 -35.97 21.94 28.61
CA HIS B 303 -37.22 22.14 29.34
C HIS B 303 -38.09 20.89 29.30
N LEU B 304 -38.15 20.22 28.15
CA LEU B 304 -38.98 19.02 28.02
C LEU B 304 -38.44 17.88 28.88
N ILE B 305 -37.13 17.77 28.99
CA ILE B 305 -36.53 16.64 29.72
C ILE B 305 -36.89 16.72 31.20
N ASN B 306 -36.75 17.91 31.79
CA ASN B 306 -36.90 18.06 33.24
C ASN B 306 -38.35 18.23 33.68
N SER B 307 -39.30 18.25 32.76
CA SER B 307 -40.71 18.43 33.09
C SER B 307 -41.52 17.26 32.56
N ARG B 308 -42.49 16.81 33.35
CA ARG B 308 -43.36 15.70 32.99
C ARG B 308 -44.81 16.16 32.97
N GLN B 309 -45.54 15.75 31.95
CA GLN B 309 -46.97 16.03 31.86
C GLN B 309 -47.72 15.02 32.72
N VAL B 310 -48.57 15.53 33.62
CA VAL B 310 -49.26 14.71 34.60
C VAL B 310 -50.76 14.91 34.44
N ARG B 311 -51.48 13.80 34.32
CA ARG B 311 -52.94 13.78 34.33
C ARG B 311 -53.41 13.35 35.71
N VAL B 312 -54.25 14.16 36.33
CA VAL B 312 -54.70 13.94 37.70
C VAL B 312 -56.21 13.71 37.69
N SER B 313 -56.64 12.64 38.35
CA SER B 313 -58.06 12.38 38.49
C SER B 313 -58.69 13.41 39.44
N PRO B 314 -59.95 13.78 39.20
CA PRO B 314 -60.59 14.78 40.08
C PRO B 314 -60.73 14.33 41.52
N ASN B 315 -60.66 13.02 41.80
CA ASN B 315 -60.76 12.55 43.17
C ASN B 315 -59.60 13.01 44.04
N VAL B 316 -58.47 13.39 43.43
CA VAL B 316 -57.33 13.87 44.19
C VAL B 316 -57.65 15.26 44.74
N GLN B 317 -57.45 15.44 46.04
CA GLN B 317 -57.79 16.68 46.72
C GLN B 317 -56.69 17.72 46.67
N MET B 318 -55.51 17.37 46.17
CA MET B 318 -54.40 18.32 46.11
C MET B 318 -54.38 19.05 44.77
N ASP B 319 -53.64 20.15 44.74
CA ASP B 319 -53.55 20.97 43.54
C ASP B 319 -52.83 20.22 42.43
N ALA B 320 -53.35 20.37 41.21
CA ALA B 320 -52.76 19.67 40.07
C ALA B 320 -51.33 20.15 39.81
N GLN B 321 -51.10 21.45 39.88
CA GLN B 321 -49.75 21.96 39.66
C GLN B 321 -48.78 21.50 40.74
N SER B 322 -49.24 21.49 42.00
CA SER B 322 -48.40 21.00 43.09
C SER B 322 -48.08 19.52 42.90
N VAL B 323 -49.06 18.72 42.49
CA VAL B 323 -48.84 17.30 42.24
C VAL B 323 -47.84 17.11 41.11
N ARG B 324 -47.98 17.89 40.04
CA ARG B 324 -47.04 17.79 38.91
C ARG B 324 -45.63 18.15 39.34
N LYS B 325 -45.48 19.23 40.11
CA LYS B 325 -44.16 19.62 40.58
C LYS B 325 -43.55 18.56 41.50
N GLU B 326 -44.38 17.99 42.38
CA GLU B 326 -43.89 16.96 43.29
C GLU B 326 -43.46 15.72 42.53
N LEU B 327 -44.22 15.32 41.52
CA LEU B 327 -43.88 14.13 40.75
C LEU B 327 -42.70 14.37 39.82
N SER B 328 -42.47 15.62 39.42
CA SER B 328 -41.34 15.92 38.55
C SER B 328 -40.00 15.80 39.27
N LYS B 329 -39.99 15.91 40.58
CA LYS B 329 -38.74 15.77 41.33
C LYS B 329 -38.24 14.34 41.24
N PRO B 330 -36.92 14.14 41.15
CA PRO B 330 -36.39 12.76 41.11
C PRO B 330 -36.67 11.97 42.37
N ASP B 331 -36.93 12.64 43.49
CA ASP B 331 -37.24 11.97 44.76
C ASP B 331 -38.65 12.32 45.21
N GLY B 332 -39.59 12.33 44.28
CA GLY B 332 -40.96 12.68 44.60
C GLY B 332 -41.81 11.49 45.01
N VAL B 333 -42.94 11.79 45.65
CA VAL B 333 -43.88 10.78 46.11
C VAL B 333 -45.29 11.22 45.77
N PHE B 334 -46.20 10.25 45.75
CA PHE B 334 -47.62 10.53 45.54
C PHE B 334 -48.44 9.52 46.33
N VAL B 335 -49.44 10.02 47.04
CA VAL B 335 -50.32 9.18 47.86
C VAL B 335 -51.67 9.13 47.16
N GLY B 336 -52.02 7.94 46.67
CA GLY B 336 -53.28 7.78 45.97
C GLY B 336 -53.39 6.38 45.40
N ASP B 337 -54.47 6.16 44.65
CA ASP B 337 -54.73 4.88 44.03
C ASP B 337 -53.95 4.76 42.72
N SER B 338 -54.04 3.59 42.09
CA SER B 338 -53.29 3.34 40.86
C SER B 338 -53.75 4.25 39.72
N GLY B 339 -55.06 4.43 39.58
CA GLY B 339 -55.60 5.24 38.50
C GLY B 339 -55.76 6.72 38.82
N GLU B 340 -55.31 7.16 39.99
CA GLU B 340 -55.48 8.56 40.35
C GLU B 340 -54.57 9.48 39.56
N VAL B 341 -53.40 8.98 39.15
CA VAL B 341 -52.40 9.79 38.46
C VAL B 341 -51.93 9.06 37.22
N GLU B 342 -51.45 9.81 36.24
CA GLU B 342 -50.90 9.24 35.02
C GLU B 342 -49.83 10.16 34.48
N ILE B 343 -48.78 9.59 33.90
CA ILE B 343 -47.69 10.34 33.30
C ILE B 343 -47.82 10.22 31.79
N LEU B 344 -48.10 11.35 31.14
CA LEU B 344 -48.23 11.35 29.68
C LEU B 344 -46.86 11.26 29.04
N PRO B 345 -46.74 10.56 27.90
CA PRO B 345 -45.44 10.43 27.24
C PRO B 345 -45.09 11.68 26.45
N THR B 346 -43.94 12.29 26.77
CA THR B 346 -43.44 13.46 26.07
C THR B 346 -42.05 13.23 25.50
N GLN B 347 -41.60 11.97 25.43
CA GLN B 347 -40.25 11.68 24.94
C GLN B 347 -40.13 11.91 23.44
N ASP B 348 -41.23 11.78 22.70
CA ASP B 348 -41.18 11.99 21.26
C ASP B 348 -40.83 13.43 20.92
N MET B 349 -41.40 14.39 21.66
CA MET B 349 -41.05 15.79 21.43
C MET B 349 -39.58 16.05 21.70
N ALA B 350 -39.04 15.48 22.78
CA ALA B 350 -37.63 15.67 23.10
C ALA B 350 -36.74 15.06 22.02
N SER B 351 -37.08 13.85 21.56
CA SER B 351 -36.29 13.21 20.52
C SER B 351 -36.31 14.03 19.23
N ALA B 352 -37.50 14.54 18.85
CA ALA B 352 -37.59 15.35 17.65
C ALA B 352 -36.80 16.64 17.78
N ASN B 353 -36.86 17.28 18.96
CA ASN B 353 -36.10 18.50 19.18
C ASN B 353 -34.60 18.24 19.12
N LEU B 354 -34.15 17.13 19.69
CA LEU B 354 -32.73 16.78 19.61
C LEU B 354 -32.31 16.50 18.17
N ALA B 355 -33.17 15.83 17.40
CA ALA B 355 -32.85 15.57 16.00
C ALA B 355 -32.74 16.87 15.22
N MET B 356 -33.66 17.81 15.46
CA MET B 356 -33.58 19.10 14.78
C MET B 356 -32.37 19.90 15.22
N LEU B 357 -31.98 19.77 16.50
CA LEU B 357 -30.75 20.38 16.97
C LEU B 357 -29.54 19.83 16.22
N GLN B 358 -29.48 18.52 16.06
CA GLN B 358 -28.38 17.91 15.32
C GLN B 358 -28.37 18.37 13.87
N GLU B 359 -29.56 18.48 13.26
CA GLU B 359 -29.65 18.95 11.89
C GLU B 359 -29.15 20.38 11.76
N ALA B 360 -29.53 21.25 12.70
CA ALA B 360 -29.07 22.64 12.66
C ALA B 360 -27.56 22.72 12.88
N LYS B 361 -27.03 21.89 13.78
CA LYS B 361 -25.58 21.87 13.98
C LYS B 361 -24.85 21.43 12.71
N ASN B 362 -25.38 20.41 12.03
CA ASN B 362 -24.77 19.98 10.79
C ASN B 362 -24.84 21.08 9.74
N GLU B 363 -25.97 21.78 9.65
CA GLU B 363 -26.12 22.86 8.69
C GLU B 363 -25.12 23.98 8.94
N ILE B 364 -24.98 24.39 10.21
CA ILE B 364 -24.06 25.48 10.51
C ILE B 364 -22.61 25.04 10.31
N ASP B 365 -22.29 23.77 10.61
CA ASP B 365 -20.94 23.28 10.37
C ASP B 365 -20.63 23.25 8.87
N LEU B 366 -21.59 22.84 8.06
CA LEU B 366 -21.39 22.82 6.61
C LEU B 366 -21.28 24.22 6.03
N LEU B 367 -21.98 25.19 6.63
CA LEU B 367 -21.99 26.54 6.09
C LEU B 367 -20.59 27.16 6.14
N GLY B 368 -19.86 26.96 7.23
CA GLY B 368 -18.57 27.57 7.40
C GLY B 368 -17.50 26.95 6.54
N PRO B 369 -16.40 27.67 6.33
CA PRO B 369 -15.29 27.16 5.53
C PRO B 369 -14.42 26.20 6.34
N ASN B 370 -13.37 25.70 5.71
CA ASN B 370 -12.42 24.79 6.33
C ASN B 370 -11.21 25.58 6.78
N ALA B 371 -10.91 25.52 8.07
CA ALA B 371 -9.78 26.26 8.64
C ALA B 371 -8.47 25.50 8.57
N ALA B 372 -8.47 24.25 8.09
CA ALA B 372 -7.24 23.47 8.04
C ALA B 372 -6.40 23.85 6.83
N LEU B 373 -6.93 23.66 5.62
CA LEU B 373 -6.19 23.93 4.38
C LEU B 373 -6.53 25.33 3.91
N GLY B 374 -5.88 26.31 4.52
CA GLY B 374 -6.07 27.71 4.15
C GLY B 374 -4.95 28.58 4.67
N GLY B 375 -4.97 29.84 4.25
CA GLY B 375 -4.02 30.82 4.73
C GLY B 375 -2.57 30.59 4.33
N LYS B 376 -2.35 30.26 3.08
CA LYS B 376 -1.00 30.10 2.54
C LYS B 376 -0.79 31.01 1.34
N ALA B 377 0.32 31.75 1.37
CA ALA B 377 0.65 32.71 0.32
C ALA B 377 1.89 32.20 -0.41
N GLU B 378 1.78 32.06 -1.73
CA GLU B 378 2.89 31.58 -2.56
C GLU B 378 3.51 32.74 -3.33
N GLY B 379 4.83 32.65 -3.52
CA GLY B 379 5.55 33.69 -4.23
C GLY B 379 6.21 33.21 -5.49
N GLN B 380 6.01 33.94 -6.59
CA GLN B 380 6.59 33.60 -7.88
C GLN B 380 7.85 34.44 -8.12
N MET B 381 8.55 34.12 -9.21
CA MET B 381 9.75 34.84 -9.58
C MET B 381 9.48 36.27 -10.03
N SER B 382 8.22 36.61 -10.30
CA SER B 382 7.85 37.95 -10.73
C SER B 382 7.73 38.93 -9.57
N GLY B 383 7.83 38.48 -8.33
CA GLY B 383 7.70 39.33 -7.18
C GLY B 383 6.28 39.57 -6.70
N ARG B 384 5.28 39.02 -7.39
CA ARG B 384 3.89 39.18 -7.02
C ARG B 384 3.43 37.98 -6.20
N ALA B 385 2.64 38.26 -5.17
CA ALA B 385 2.15 37.21 -4.26
C ALA B 385 0.84 36.66 -4.82
N ILE B 386 0.85 35.37 -5.14
CA ILE B 386 -0.34 34.68 -5.64
C ILE B 386 -0.89 33.79 -4.55
N LEU B 387 -2.20 33.89 -4.31
CA LEU B 387 -2.85 33.16 -3.23
C LEU B 387 -3.07 31.72 -3.66
N ALA B 388 -2.20 30.83 -3.19
CA ALA B 388 -2.33 29.41 -3.48
C ALA B 388 -3.50 28.83 -2.69
N GLN B 389 -4.61 28.55 -3.37
CA GLN B 389 -5.82 28.07 -2.71
C GLN B 389 -5.78 26.58 -2.39
N GLN B 390 -4.79 25.85 -2.90
CA GLN B 390 -4.61 24.41 -2.64
C GLN B 390 -5.88 23.69 -3.10
N GLN B 391 -6.55 22.93 -2.24
CA GLN B 391 -7.79 22.26 -2.61
C GLN B 391 -8.97 23.22 -2.40
N GLY B 392 -10.19 22.67 -2.44
CA GLY B 392 -11.36 23.51 -2.25
C GLY B 392 -11.46 24.04 -0.83
N GLY B 393 -12.26 25.09 -0.67
CA GLY B 393 -12.43 25.72 0.62
C GLY B 393 -12.12 27.20 0.60
N MET B 394 -11.08 27.58 -0.14
CA MET B 394 -10.74 28.99 -0.30
C MET B 394 -11.60 29.67 -1.36
N THR B 395 -12.36 28.91 -2.13
CA THR B 395 -13.23 29.50 -3.15
C THR B 395 -14.28 30.41 -2.52
N GLU B 396 -14.85 29.98 -1.40
CA GLU B 396 -15.88 30.78 -0.74
C GLU B 396 -15.29 32.08 -0.18
N ALA B 397 -14.08 32.02 0.37
CA ALA B 397 -13.43 33.19 0.96
C ALA B 397 -12.64 34.00 -0.05
N ALA B 398 -12.63 33.59 -1.32
CA ALA B 398 -11.96 34.36 -2.35
C ALA B 398 -12.52 35.78 -2.45
N THR B 399 -13.84 35.93 -2.33
CA THR B 399 -14.43 37.27 -2.37
C THR B 399 -13.95 38.13 -1.21
N TYR B 400 -13.90 37.55 -0.01
CA TYR B 400 -13.42 38.27 1.16
C TYR B 400 -11.96 38.70 0.98
N LEU B 401 -11.12 37.77 0.50
CA LEU B 401 -9.72 38.09 0.28
C LEU B 401 -9.55 39.15 -0.79
N ASP B 402 -10.39 39.11 -1.84
CA ASP B 402 -10.32 40.13 -2.88
C ASP B 402 -10.73 41.49 -2.34
N ARG B 403 -11.75 41.54 -1.47
CA ARG B 403 -12.12 42.79 -0.84
C ARG B 403 -10.97 43.35 -0.01
N ILE B 404 -10.30 42.49 0.75
CA ILE B 404 -9.16 42.94 1.56
C ILE B 404 -8.04 43.45 0.65
N ARG B 405 -7.77 42.74 -0.45
CA ARG B 405 -6.73 43.18 -1.38
C ARG B 405 -7.06 44.52 -2.00
N ALA B 406 -8.32 44.72 -2.39
CA ALA B 406 -8.73 46.00 -2.98
C ALA B 406 -8.58 47.13 -1.98
N LEU B 407 -8.98 46.91 -0.73
CA LEU B 407 -8.79 47.92 0.30
C LEU B 407 -7.32 48.24 0.48
N SER B 408 -6.47 47.21 0.51
CA SER B 408 -5.04 47.43 0.67
C SER B 408 -4.47 48.23 -0.49
N ILE B 409 -4.88 47.92 -1.72
CA ILE B 409 -4.38 48.63 -2.89
C ILE B 409 -4.80 50.10 -2.84
N ALA B 410 -6.06 50.36 -2.49
CA ALA B 410 -6.52 51.74 -2.39
C ALA B 410 -5.75 52.49 -1.31
N VAL B 411 -5.51 51.85 -0.17
CA VAL B 411 -4.76 52.49 0.91
C VAL B 411 -3.34 52.79 0.46
N TYR B 412 -2.71 51.86 -0.25
CA TYR B 412 -1.34 52.09 -0.73
C TYR B 412 -1.28 53.23 -1.73
N ARG B 413 -2.27 53.31 -2.63
CA ARG B 413 -2.30 54.41 -3.59
C ARG B 413 -2.47 55.75 -2.88
N SER B 414 -3.36 55.80 -1.89
CA SER B 414 -3.55 57.03 -1.13
C SER B 414 -2.28 57.40 -0.36
N VAL B 415 -1.59 56.39 0.18
CA VAL B 415 -0.33 56.64 0.90
C VAL B 415 0.71 57.22 -0.03
N TRP B 416 0.82 56.68 -1.24
CA TRP B 416 1.78 57.21 -2.21
C TRP B 416 1.43 58.64 -2.59
N ALA B 417 0.13 58.93 -2.75
CA ALA B 417 -0.28 60.30 -3.04
C ALA B 417 0.10 61.25 -1.91
N ARG B 418 -0.14 60.84 -0.66
CA ARG B 418 0.24 61.68 0.47
C ARG B 418 1.74 61.88 0.54
N ILE B 419 2.51 60.83 0.22
CA ILE B 419 3.96 60.95 0.22
C ILE B 419 4.42 61.95 -0.83
N ARG B 420 3.84 61.87 -2.04
CA ARG B 420 4.18 62.84 -3.07
C ARG B 420 3.75 64.24 -2.69
N GLN B 421 2.72 64.37 -1.86
CA GLN B 421 2.21 65.69 -1.51
C GLN B 421 3.01 66.35 -0.40
N VAL B 422 3.37 65.62 0.64
CA VAL B 422 3.87 66.23 1.88
C VAL B 422 5.35 65.96 2.13
N TRP B 423 5.98 65.04 1.43
CA TRP B 423 7.38 64.72 1.70
C TRP B 423 8.30 65.68 0.98
N THR B 424 9.32 66.16 1.68
CA THR B 424 10.33 67.03 1.12
C THR B 424 11.58 66.22 0.76
N GLY B 425 12.56 66.90 0.16
CA GLY B 425 13.79 66.22 -0.22
C GLY B 425 14.58 65.74 0.97
N GLU B 426 14.62 66.53 2.04
CA GLU B 426 15.35 66.11 3.24
C GLU B 426 14.76 64.86 3.84
N ARG B 427 13.42 64.77 3.87
CA ARG B 427 12.78 63.55 4.36
C ARG B 427 13.07 62.36 3.45
N TRP B 428 13.09 62.58 2.14
CA TRP B 428 13.43 61.51 1.20
C TRP B 428 14.83 60.98 1.46
N VAL B 429 15.79 61.88 1.65
CA VAL B 429 17.17 61.45 1.92
C VAL B 429 17.26 60.76 3.28
N ARG B 430 16.53 61.28 4.27
CA ARG B 430 16.58 60.69 5.61
C ARG B 430 16.03 59.27 5.60
N VAL B 431 14.94 59.04 4.86
CA VAL B 431 14.29 57.73 4.88
C VAL B 431 14.99 56.76 3.94
N THR B 432 15.04 57.09 2.65
CA THR B 432 15.55 56.14 1.66
C THR B 432 17.07 56.13 1.55
N ASP B 433 17.75 57.14 2.10
CA ASP B 433 19.21 57.22 2.06
C ASP B 433 19.74 57.17 0.63
N ASN B 434 18.99 57.77 -0.30
CA ASN B 434 19.38 57.82 -1.69
C ASN B 434 19.25 59.25 -2.20
N GLU B 435 20.32 59.77 -2.80
CA GLU B 435 20.31 61.12 -3.33
C GLU B 435 19.52 61.26 -4.62
N ARG B 436 19.40 60.17 -5.39
CA ARG B 436 18.65 60.23 -6.65
C ARG B 436 17.17 60.50 -6.39
N ASN B 437 16.63 59.94 -5.31
CA ASN B 437 15.20 60.07 -5.01
C ASN B 437 14.76 61.51 -4.86
N LEU B 438 15.68 62.48 -4.86
CA LEU B 438 15.30 63.89 -4.88
C LEU B 438 14.49 64.23 -6.12
N ARG B 439 14.59 63.43 -7.18
CA ARG B 439 13.77 63.65 -8.37
C ARG B 439 12.30 63.35 -8.14
N PHE B 440 11.95 62.70 -7.02
CA PHE B 440 10.57 62.35 -6.72
C PHE B 440 9.96 63.24 -5.64
N VAL B 441 10.41 64.48 -5.54
CA VAL B 441 9.92 65.42 -4.54
C VAL B 441 8.91 66.34 -5.19
N GLY B 442 7.70 66.40 -4.62
CA GLY B 442 6.67 67.25 -5.18
C GLY B 442 6.09 66.66 -6.46
N LEU B 443 5.44 67.53 -7.23
CA LEU B 443 4.82 67.14 -8.48
C LEU B 443 5.29 67.97 -9.67
N ASN B 444 6.11 69.00 -9.43
CA ASN B 444 6.62 69.86 -10.49
C ASN B 444 5.51 70.49 -11.32
N ALA B 503 5.83 65.58 -13.71
CA ALA B 503 5.25 64.25 -13.70
C ALA B 503 6.29 63.20 -14.06
N VAL B 504 7.01 62.71 -13.07
CA VAL B 504 8.05 61.72 -13.26
C VAL B 504 7.62 60.34 -12.75
N ALA B 505 6.99 60.28 -11.58
CA ALA B 505 6.51 59.03 -10.99
C ALA B 505 5.02 59.22 -10.66
N GLU B 506 4.17 58.95 -11.64
CA GLU B 506 2.74 59.13 -11.49
C GLU B 506 2.07 57.78 -11.24
N LEU B 507 0.75 57.78 -11.15
CA LEU B 507 -0.03 56.60 -10.84
C LEU B 507 -0.54 55.96 -12.13
N ASP B 508 -0.34 54.65 -12.25
CA ASP B 508 -0.97 53.82 -13.28
C ASP B 508 -0.37 54.07 -14.66
N VAL B 509 0.50 55.07 -14.78
CA VAL B 509 1.15 55.33 -16.07
C VAL B 509 2.64 55.03 -15.98
N ASP B 510 3.22 55.14 -14.80
CA ASP B 510 4.65 54.92 -14.61
C ASP B 510 4.92 53.77 -13.64
N ILE B 511 4.14 53.67 -12.57
CA ILE B 511 4.30 52.60 -11.59
C ILE B 511 2.95 51.96 -11.33
N LEU B 512 2.98 50.72 -10.85
CA LEU B 512 1.79 49.97 -10.48
C LEU B 512 1.93 49.48 -9.05
N VAL B 513 0.83 49.46 -8.32
CA VAL B 513 0.81 49.09 -6.91
C VAL B 513 0.15 47.72 -6.78
N ASP B 514 0.84 46.80 -6.12
CA ASP B 514 0.33 45.45 -5.90
C ASP B 514 0.87 44.94 -4.56
N GLU B 515 0.74 43.64 -4.34
CA GLU B 515 1.13 43.03 -3.09
C GLU B 515 2.26 42.03 -3.31
N GLY B 516 3.12 41.90 -2.30
CA GLY B 516 4.23 40.96 -2.36
C GLY B 516 4.39 40.23 -1.05
N LEU B 517 5.29 39.24 -1.07
CA LEU B 517 5.47 38.36 0.08
C LEU B 517 5.92 39.15 1.31
N ASP B 518 5.44 38.71 2.48
CA ASP B 518 5.75 39.38 3.73
C ASP B 518 7.21 39.16 4.10
N ALA B 519 8.01 40.21 4.00
CA ALA B 519 9.42 40.17 4.36
C ALA B 519 9.76 41.38 5.22
N PRO B 520 10.69 41.23 6.18
CA PRO B 520 11.02 42.36 7.05
C PRO B 520 11.59 43.56 6.31
N THR B 521 12.36 43.33 5.25
CA THR B 521 13.01 44.41 4.53
C THR B 521 13.09 44.05 3.05
N ILE B 522 13.43 45.05 2.23
CA ILE B 522 13.64 44.82 0.81
C ILE B 522 14.84 43.93 0.60
N ALA B 523 15.86 44.05 1.45
CA ALA B 523 17.05 43.22 1.32
C ALA B 523 16.72 41.75 1.47
N ALA B 524 15.75 41.42 2.33
CA ALA B 524 15.35 40.03 2.49
C ALA B 524 14.75 39.47 1.20
N GLU B 525 13.87 40.24 0.55
CA GLU B 525 13.30 39.80 -0.72
C GLU B 525 14.38 39.68 -1.79
N GLU B 526 15.30 40.64 -1.83
CA GLU B 526 16.39 40.58 -2.80
C GLU B 526 17.24 39.33 -2.60
N PHE B 527 17.59 39.03 -1.35
CA PHE B 527 18.39 37.84 -1.06
C PHE B 527 17.64 36.56 -1.40
N GLU B 528 16.34 36.51 -1.10
CA GLU B 528 15.55 35.32 -1.44
C GLU B 528 15.48 35.13 -2.95
N GLN B 529 15.27 36.20 -3.70
CA GLN B 529 15.22 36.09 -5.15
C GLN B 529 16.57 35.66 -5.72
N LEU B 530 17.66 36.22 -5.19
CA LEU B 530 18.98 35.82 -5.65
C LEU B 530 19.27 34.35 -5.35
N MET B 531 18.86 33.89 -4.15
CA MET B 531 19.05 32.49 -3.80
C MET B 531 18.24 31.58 -4.70
N LYS B 532 17.00 31.97 -5.02
CA LYS B 532 16.19 31.18 -5.94
C LYS B 532 16.83 31.11 -7.33
N LEU B 533 17.33 32.24 -7.82
CA LEU B 533 17.97 32.27 -9.13
C LEU B 533 19.21 31.40 -9.14
N ALA B 534 20.01 31.45 -8.07
CA ALA B 534 21.20 30.61 -7.99
C ALA B 534 20.81 29.13 -7.91
N SER B 535 19.75 28.81 -7.18
CA SER B 535 19.32 27.42 -7.07
C SER B 535 18.81 26.88 -8.40
N THR B 536 18.20 27.74 -9.22
CA THR B 536 17.79 27.31 -10.55
C THR B 536 19.01 26.90 -11.38
N GLY B 537 20.11 27.63 -11.27
CA GLY B 537 21.34 27.32 -11.96
C GLY B 537 21.47 27.93 -13.33
N ILE B 538 20.39 28.50 -13.87
CA ILE B 538 20.48 29.14 -15.18
C ILE B 538 21.28 30.44 -15.10
N VAL B 539 21.06 31.22 -14.04
CA VAL B 539 21.69 32.53 -13.89
C VAL B 539 22.87 32.37 -12.94
N PRO B 540 24.11 32.57 -13.40
CA PRO B 540 25.27 32.55 -12.50
C PRO B 540 25.45 33.90 -11.82
N ILE B 541 25.33 33.92 -10.51
CA ILE B 541 25.44 35.14 -9.71
C ILE B 541 26.71 35.05 -8.88
N PRO B 542 27.57 36.07 -8.91
CA PRO B 542 28.80 36.02 -8.10
C PRO B 542 28.50 35.89 -6.63
N PRO B 543 29.31 35.13 -5.89
CA PRO B 543 29.03 34.94 -4.46
C PRO B 543 29.06 36.24 -3.65
N ASP B 544 29.94 37.18 -4.01
CA ASP B 544 30.06 38.41 -3.24
C ASP B 544 28.76 39.21 -3.27
N VAL B 545 28.08 39.24 -4.42
CA VAL B 545 26.79 39.92 -4.49
C VAL B 545 25.80 39.30 -3.53
N LEU B 546 25.79 37.96 -3.45
CA LEU B 546 24.94 37.29 -2.49
C LEU B 546 25.30 37.66 -1.06
N ILE B 547 26.60 37.80 -0.78
CA ILE B 547 27.03 38.15 0.57
C ILE B 547 26.54 39.54 0.95
N GLU B 548 26.68 40.52 0.05
CA GLU B 548 26.16 41.85 0.35
C GLU B 548 24.64 41.83 0.47
N ALA B 549 23.97 41.05 -0.37
CA ALA B 549 22.52 40.94 -0.28
C ALA B 549 22.06 40.19 0.98
N SER B 550 22.97 39.49 1.66
CA SER B 550 22.62 38.71 2.84
C SER B 550 22.52 39.65 4.05
N SER B 551 22.38 39.05 5.24
CA SER B 551 22.23 39.82 6.48
C SER B 551 23.17 39.32 7.57
N LEU B 552 24.27 38.67 7.18
CA LEU B 552 25.23 38.20 8.15
C LEU B 552 25.95 39.37 8.81
N ARG B 553 26.24 39.23 10.10
CA ARG B 553 26.92 40.29 10.84
C ARG B 553 28.43 40.30 10.61
N ASN B 554 28.99 39.22 10.07
CA ASN B 554 30.39 39.17 9.68
C ASN B 554 30.57 39.40 8.19
N LYS B 555 29.52 39.86 7.49
CA LYS B 555 29.59 40.05 6.05
C LYS B 555 30.78 40.87 5.57
N PRO B 556 31.17 41.98 6.22
CA PRO B 556 32.37 42.69 5.76
C PRO B 556 33.62 41.82 5.76
N LYS B 557 33.74 40.89 6.70
CA LYS B 557 34.92 40.03 6.72
C LYS B 557 34.99 39.18 5.45
N LEU B 558 33.89 38.53 5.09
CA LEU B 558 33.88 37.76 3.84
C LEU B 558 34.04 38.67 2.63
N LEU B 559 33.59 39.92 2.73
CA LEU B 559 33.82 40.86 1.64
C LEU B 559 35.31 41.09 1.42
N GLU B 560 36.06 41.30 2.50
CA GLU B 560 37.52 41.45 2.36
C GLU B 560 38.15 40.15 1.87
N MET B 561 37.67 39.00 2.36
CA MET B 561 38.26 37.73 1.92
C MET B 561 38.06 37.50 0.43
N LEU B 562 36.87 37.82 -0.09
CA LEU B 562 36.61 37.61 -1.51
C LEU B 562 37.24 38.69 -2.38
N LYS B 563 37.33 39.92 -1.88
CA LYS B 563 37.87 41.03 -2.66
C LYS B 563 39.36 41.22 -2.51
N GLN B 564 40.03 40.32 -1.79
CA GLN B 564 41.48 40.43 -1.63
C GLN B 564 42.18 40.24 -2.96
N GLY B 565 43.33 40.91 -3.11
CA GLY B 565 44.09 40.86 -4.33
C GLY B 565 44.78 39.52 -4.53
N PRO B 566 45.28 39.28 -5.74
CA PRO B 566 45.99 38.03 -6.02
C PRO B 566 47.29 37.96 -5.25
N SER B 567 47.72 36.72 -4.96
CA SER B 567 48.96 36.51 -4.23
C SER B 567 50.15 36.99 -5.05
N GLN B 568 51.20 37.40 -4.35
CA GLN B 568 52.39 37.92 -5.02
C GLN B 568 53.03 36.86 -5.91
N GLU B 569 53.09 35.62 -5.43
CA GLU B 569 53.69 34.55 -6.22
C GLU B 569 52.96 34.34 -7.54
N GLN B 570 51.63 34.34 -7.50
CA GLN B 570 50.85 34.16 -8.73
C GLN B 570 51.07 35.32 -9.70
N MET B 571 51.08 36.55 -9.18
CA MET B 571 51.30 37.70 -10.06
C MET B 571 52.67 37.65 -10.71
N MET B 572 53.71 37.29 -9.94
CA MET B 572 55.03 37.13 -10.52
C MET B 572 55.04 36.01 -11.55
N ALA B 573 54.30 34.92 -11.29
CA ALA B 573 54.23 33.82 -12.25
C ALA B 573 53.64 34.29 -13.57
N GLN B 574 52.55 35.05 -13.53
CA GLN B 574 51.96 35.56 -14.77
C GLN B 574 52.90 36.53 -15.47
N GLN B 575 53.56 37.40 -14.72
CA GLN B 575 54.49 38.36 -15.33
C GLN B 575 55.63 37.65 -16.04
N ILE B 576 56.21 36.64 -15.39
CA ILE B 576 57.29 35.88 -16.00
C ILE B 576 56.77 35.07 -17.18
N ALA B 577 55.52 34.59 -17.11
CA ALA B 577 54.96 33.86 -18.26
C ALA B 577 54.86 34.77 -19.48
N LEU B 578 54.34 35.98 -19.29
CA LEU B 578 54.27 36.92 -20.42
C LEU B 578 55.66 37.30 -20.92
N ALA B 579 56.60 37.50 -20.00
CA ALA B 579 57.97 37.81 -20.42
C ALA B 579 58.57 36.67 -21.25
N GLY B 580 58.34 35.43 -20.82
CA GLY B 580 58.84 34.30 -21.57
C GLY B 580 58.17 34.16 -22.93
N GLU B 581 56.87 34.43 -23.00
CA GLU B 581 56.17 34.37 -24.28
C GLU B 581 56.72 35.41 -25.26
N GLN B 582 56.91 36.65 -24.79
CA GLN B 582 57.45 37.66 -25.69
C GLN B 582 58.90 37.37 -26.05
N ALA B 583 59.67 36.78 -25.12
CA ALA B 583 61.04 36.39 -25.45
C ALA B 583 61.07 35.31 -26.50
N LYS B 584 60.17 34.33 -26.42
CA LYS B 584 60.10 33.29 -27.43
C LYS B 584 59.68 33.86 -28.78
N VAL B 585 58.75 34.81 -28.78
CA VAL B 585 58.36 35.47 -30.03
C VAL B 585 59.55 36.18 -30.65
N ALA B 586 60.30 36.93 -29.82
CA ALA B 586 61.47 37.63 -30.32
C ALA B 586 62.52 36.67 -30.85
N GLU B 587 62.71 35.53 -30.18
CA GLU B 587 63.65 34.53 -30.65
C GLU B 587 63.21 33.95 -31.99
N THR B 588 61.90 33.77 -32.18
CA THR B 588 61.41 33.27 -33.46
C THR B 588 61.67 34.29 -34.58
N GLU B 589 61.45 35.58 -34.30
CA GLU B 589 61.78 36.59 -35.31
C GLU B 589 63.27 36.62 -35.58
N SER B 590 64.10 36.42 -34.55
CA SER B 590 65.54 36.36 -34.75
C SER B 590 65.92 35.19 -35.64
N LYS B 591 65.27 34.03 -35.44
CA LYS B 591 65.52 32.88 -36.30
C LYS B 591 65.10 33.16 -37.74
N THR B 592 63.97 33.86 -37.91
CA THR B 592 63.55 34.25 -39.25
C THR B 592 64.59 35.15 -39.92
N GLY B 593 65.12 36.11 -39.15
CA GLY B 593 66.18 36.96 -39.68
C GLY B 593 67.44 36.17 -40.01
N LEU B 594 67.76 35.17 -39.21
CA LEU B 594 68.90 34.31 -39.50
C LEU B 594 68.70 33.55 -40.80
N ASN B 595 67.49 33.04 -41.03
CA ASN B 595 67.19 32.37 -42.29
C ASN B 595 67.29 33.33 -43.47
N VAL B 596 66.83 34.57 -43.28
CA VAL B 596 66.95 35.57 -44.33
C VAL B 596 68.42 35.85 -44.65
N ALA B 597 69.24 35.99 -43.61
CA ALA B 597 70.67 36.20 -43.82
C ALA B 597 71.31 35.00 -44.51
N LYS B 598 70.86 33.79 -44.18
CA LYS B 598 71.39 32.60 -44.84
C LYS B 598 71.02 32.59 -46.31
N THR B 599 69.80 33.00 -46.65
CA THR B 599 69.42 33.10 -48.06
C THR B 599 70.29 34.13 -48.78
N GLN B 600 70.53 35.27 -48.13
CA GLN B 600 71.39 36.29 -48.74
C GLN B 600 72.81 35.77 -48.96
N GLU B 601 73.33 35.03 -47.98
CA GLU B 601 74.68 34.45 -48.12
C GLU B 601 74.71 33.43 -49.25
N THR B 602 73.67 32.61 -49.38
CA THR B 602 73.61 31.65 -50.47
C THR B 602 73.57 32.35 -51.82
N LEU B 603 72.79 33.43 -51.93
CA LEU B 603 72.74 34.19 -53.17
C LEU B 603 74.09 34.82 -53.48
N ALA B 604 74.78 35.33 -52.46
CA ALA B 604 76.11 35.90 -52.67
C ALA B 604 77.10 34.84 -53.15
N SER B 605 77.03 33.63 -52.56
CA SER B 605 77.88 32.53 -52.99
C SER B 605 77.58 32.14 -54.43
N ILE B 606 76.30 32.13 -54.80
CA ILE B 606 75.92 31.85 -56.18
C ILE B 606 76.51 32.90 -57.12
N GLN B 607 76.42 34.17 -56.75
CA GLN B 607 76.97 35.23 -57.58
C GLN B 607 78.48 35.09 -57.71
N THR B 608 79.17 34.77 -56.62
CA THR B 608 80.62 34.59 -56.68
C THR B 608 81.00 33.44 -57.60
N ASN B 609 80.28 32.32 -57.50
CA ASN B 609 80.56 31.16 -58.35
C ASN B 609 79.98 31.34 -59.74
N SER C 3 -1.23 79.47 46.70
CA SER C 3 -2.34 79.14 45.81
C SER C 3 -2.11 77.77 45.15
N GLN C 4 -0.87 77.29 45.22
CA GLN C 4 -0.54 75.99 44.62
C GLN C 4 -1.25 74.85 45.35
N GLU C 5 -1.58 75.05 46.63
CA GLU C 5 -2.26 74.01 47.39
C GLU C 5 -3.63 73.72 46.79
N ASP C 6 -4.37 74.75 46.42
CA ASP C 6 -5.68 74.54 45.80
C ASP C 6 -5.55 73.76 44.50
N TYR C 7 -4.55 74.11 43.68
CA TYR C 7 -4.35 73.38 42.42
C TYR C 7 -4.00 71.92 42.69
N THR C 8 -3.17 71.66 43.71
CA THR C 8 -2.84 70.27 44.03
C THR C 8 -4.07 69.50 44.49
N LEU C 9 -4.93 70.13 45.30
CA LEU C 9 -6.16 69.47 45.71
C LEU C 9 -7.08 69.18 44.52
N GLU C 10 -7.21 70.12 43.59
CA GLU C 10 -8.02 69.87 42.40
C GLU C 10 -7.43 68.75 41.56
N ALA C 11 -6.10 68.71 41.41
CA ALA C 11 -5.47 67.64 40.65
C ALA C 11 -5.69 66.29 41.31
N LEU C 12 -5.57 66.23 42.64
CA LEU C 12 -5.82 64.98 43.36
C LEU C 12 -7.27 64.54 43.20
N THR C 13 -8.21 65.49 43.29
CA THR C 13 -9.61 65.15 43.09
C THR C 13 -9.86 64.63 41.69
N ALA C 14 -9.24 65.25 40.67
CA ALA C 14 -9.41 64.78 39.31
C ALA C 14 -8.85 63.38 39.11
N ALA C 15 -7.67 63.11 39.68
CA ALA C 15 -7.09 61.78 39.57
C ALA C 15 -7.95 60.73 40.26
N VAL C 16 -8.44 61.05 41.46
CA VAL C 16 -9.30 60.12 42.17
C VAL C 16 -10.60 59.87 41.40
N ARG C 17 -11.16 60.92 40.82
CA ARG C 17 -12.38 60.77 40.02
C ARG C 17 -12.12 59.91 38.79
N ARG C 18 -10.96 60.09 38.15
CA ARG C 18 -10.64 59.26 36.99
C ARG C 18 -10.52 57.80 37.38
N PHE C 19 -9.83 57.51 38.49
CA PHE C 19 -9.71 56.12 38.93
C PHE C 19 -11.06 55.54 39.29
N GLU C 20 -11.90 56.32 39.97
CA GLU C 20 -13.22 55.83 40.36
C GLU C 20 -14.09 55.57 39.14
N GLU C 21 -14.05 56.45 38.15
CA GLU C 21 -14.82 56.24 36.93
C GLU C 21 -14.34 54.99 36.19
N SER C 22 -13.02 54.80 36.12
CA SER C 22 -12.49 53.61 35.47
C SER C 22 -12.93 52.33 36.19
N GLU C 23 -12.89 52.35 37.53
CA GLU C 23 -13.31 51.19 38.29
C GLU C 23 -14.81 50.91 38.12
N ASP C 24 -15.63 51.96 38.14
CA ASP C 24 -17.08 51.78 38.12
C ASP C 24 -17.54 51.34 36.73
N ALA C 25 -17.02 51.98 35.69
CA ALA C 25 -17.49 51.70 34.33
C ALA C 25 -17.19 50.28 33.89
N THR C 26 -16.24 49.61 34.52
CA THR C 26 -15.86 48.24 34.17
C THR C 26 -16.25 47.24 35.25
N THR C 27 -17.30 47.53 36.01
CA THR C 27 -17.72 46.64 37.08
C THR C 27 -18.22 45.31 36.54
N GLU C 28 -19.13 45.35 35.57
CA GLU C 28 -19.67 44.12 34.99
C GLU C 28 -18.60 43.33 34.26
N ALA C 29 -17.74 44.02 33.50
CA ALA C 29 -16.66 43.33 32.80
C ALA C 29 -15.70 42.68 33.79
N ARG C 30 -15.35 43.38 34.86
CA ARG C 30 -14.45 42.81 35.87
C ARG C 30 -15.09 41.61 36.54
N ALA C 31 -16.40 41.68 36.84
CA ALA C 31 -17.08 40.55 37.44
C ALA C 31 -17.09 39.35 36.50
N ALA C 32 -17.35 39.59 35.22
CA ALA C 32 -17.35 38.49 34.24
C ALA C 32 -15.97 37.87 34.12
N ALA C 33 -14.92 38.70 34.08
CA ALA C 33 -13.56 38.17 33.99
C ALA C 33 -13.18 37.38 35.23
N GLU C 34 -13.59 37.86 36.41
CA GLU C 34 -13.31 37.12 37.63
C GLU C 34 -14.07 35.79 37.64
N ARG C 35 -15.30 35.78 37.15
CA ARG C 35 -16.05 34.52 37.04
C ARG C 35 -15.35 33.56 36.09
N ASP C 36 -14.84 34.07 34.96
CA ASP C 36 -14.12 33.23 34.02
C ASP C 36 -12.85 32.65 34.65
N ARG C 37 -12.11 33.47 35.39
CA ARG C 37 -10.91 32.99 36.06
C ARG C 37 -11.25 31.93 37.11
N ASP C 38 -12.33 32.15 37.87
CA ASP C 38 -12.75 31.16 38.86
C ASP C 38 -13.17 29.85 38.20
N TYR C 39 -13.85 29.94 37.06
CA TYR C 39 -14.19 28.73 36.30
C TYR C 39 -12.93 28.01 35.85
N TYR C 40 -11.92 28.75 35.39
CA TYR C 40 -10.63 28.16 35.12
C TYR C 40 -9.99 27.62 36.39
N ASP C 41 -10.27 28.25 37.52
CA ASP C 41 -9.67 27.91 38.80
C ASP C 41 -10.43 26.81 39.55
N GLU C 42 -11.24 26.03 38.83
CA GLU C 42 -12.01 24.90 39.38
C GLU C 42 -13.05 25.35 40.40
N LYS C 43 -13.38 26.63 40.42
CA LYS C 43 -14.46 27.17 41.25
C LYS C 43 -15.64 27.46 40.33
N GLN C 44 -16.45 26.45 40.07
CA GLN C 44 -17.53 26.55 39.09
C GLN C 44 -18.92 26.36 39.70
N TRP C 45 -19.02 26.14 41.01
CA TRP C 45 -20.30 25.92 41.67
C TRP C 45 -20.66 27.12 42.52
N THR C 46 -21.90 27.60 42.36
CA THR C 46 -22.38 28.72 43.17
C THR C 46 -22.73 28.22 44.58
N ALA C 47 -22.89 29.18 45.49
CA ALA C 47 -23.23 28.83 46.87
C ALA C 47 -24.59 28.17 46.97
N ALA C 48 -25.58 28.69 46.23
CA ALA C 48 -26.93 28.14 46.31
C ALA C 48 -26.98 26.71 45.80
N GLU C 49 -26.37 26.45 44.63
CA GLU C 49 -26.39 25.11 44.07
C GLU C 49 -25.61 24.12 44.95
N LYS C 50 -24.47 24.56 45.50
CA LYS C 50 -23.71 23.71 46.40
C LYS C 50 -24.51 23.39 47.65
N ALA C 51 -25.22 24.39 48.20
CA ALA C 51 -26.04 24.15 49.38
C ALA C 51 -27.18 23.18 49.07
N ALA C 52 -27.80 23.32 47.89
CA ALA C 52 -28.87 22.40 47.51
C ALA C 52 -28.33 20.98 47.36
N LEU C 53 -27.16 20.83 46.73
CA LEU C 53 -26.57 19.50 46.58
C LEU C 53 -26.22 18.89 47.93
N GLU C 54 -25.69 19.71 48.86
CA GLU C 54 -25.38 19.20 50.19
C GLU C 54 -26.64 18.79 50.93
N ARG C 55 -27.72 19.56 50.78
CA ARG C 55 -28.98 19.19 51.39
C ARG C 55 -29.50 17.87 50.82
N ARG C 56 -29.38 17.68 49.51
CA ARG C 56 -29.76 16.41 48.90
C ARG C 56 -28.80 15.29 49.27
N GLY C 57 -27.65 15.60 49.84
CA GLY C 57 -26.64 14.60 50.13
C GLY C 57 -25.74 14.24 48.98
N GLN C 58 -25.95 14.82 47.80
CA GLN C 58 -25.15 14.52 46.62
C GLN C 58 -23.91 15.40 46.62
N PRO C 59 -22.71 14.82 46.53
CA PRO C 59 -21.50 15.65 46.49
C PRO C 59 -21.43 16.49 45.24
N ALA C 60 -20.81 17.66 45.36
CA ALA C 60 -20.62 18.58 44.25
C ALA C 60 -19.26 18.29 43.63
N ILE C 61 -19.27 17.64 42.46
CA ILE C 61 -18.06 17.20 41.79
C ILE C 61 -18.00 17.89 40.43
N THR C 62 -16.85 18.50 40.13
CA THR C 62 -16.66 19.32 38.94
C THR C 62 -15.80 18.59 37.91
N PHE C 63 -16.24 18.63 36.66
CA PHE C 63 -15.50 18.09 35.53
C PHE C 63 -14.94 19.26 34.74
N ASN C 64 -13.74 19.70 35.11
CA ASN C 64 -13.14 20.88 34.49
C ASN C 64 -12.64 20.57 33.10
N ARG C 65 -12.96 21.44 32.14
CA ARG C 65 -12.47 21.31 30.78
C ARG C 65 -11.89 22.61 30.21
N ILE C 66 -12.11 23.74 30.87
CA ILE C 66 -11.51 25.00 30.41
C ILE C 66 -10.00 24.97 30.63
N LYS C 67 -9.56 24.33 31.72
CA LYS C 67 -8.14 24.37 32.08
C LYS C 67 -7.28 23.72 31.00
N ARG C 68 -7.72 22.60 30.44
CA ARG C 68 -6.92 21.95 29.40
C ARG C 68 -6.84 22.82 28.15
N LYS C 69 -7.92 23.51 27.79
CA LYS C 69 -7.89 24.40 26.63
C LYS C 69 -6.92 25.55 26.86
N VAL C 70 -6.97 26.17 28.03
CA VAL C 70 -6.07 27.28 28.32
C VAL C 70 -4.63 26.79 28.36
N ASN C 71 -4.40 25.61 28.93
CA ASN C 71 -3.05 25.05 28.95
C ASN C 71 -2.55 24.78 27.54
N ALA C 72 -3.41 24.28 26.66
CA ALA C 72 -3.00 24.06 25.27
C ALA C 72 -2.65 25.36 24.59
N LEU C 73 -3.46 26.41 24.79
CA LEU C 73 -3.17 27.70 24.19
C LEU C 73 -1.83 28.25 24.68
N THR C 74 -1.60 28.18 25.99
CA THR C 74 -0.34 28.65 26.55
C THR C 74 0.83 27.81 26.06
N GLY C 75 0.61 26.52 25.86
CA GLY C 75 1.66 25.67 25.32
C GLY C 75 2.04 26.02 23.91
N ILE C 76 1.04 26.31 23.06
CA ILE C 76 1.35 26.77 21.70
C ILE C 76 2.10 28.10 21.76
N GLU C 77 1.67 29.01 22.62
CA GLU C 77 2.34 30.31 22.69
C GLU C 77 3.79 30.14 23.16
N LYS C 78 4.04 29.23 24.10
CA LYS C 78 5.40 28.95 24.53
C LYS C 78 6.22 28.30 23.42
N GLN C 79 5.61 27.37 22.68
CA GLN C 79 6.35 26.68 21.62
C GLN C 79 6.69 27.61 20.46
N THR C 80 5.91 28.66 20.26
CA THR C 80 6.18 29.64 19.22
C THR C 80 6.90 30.87 19.75
N ARG C 81 7.77 30.70 20.74
CA ARG C 81 8.51 31.83 21.30
C ARG C 81 9.52 32.37 20.29
N LYS C 82 9.70 33.69 20.30
CA LYS C 82 10.62 34.37 19.42
C LYS C 82 11.49 35.31 20.25
N ASP C 83 12.43 35.98 19.59
CA ASP C 83 13.35 36.90 20.23
C ASP C 83 13.33 38.24 19.51
N PRO C 84 13.63 39.33 20.22
CA PRO C 84 13.67 40.64 19.56
C PRO C 84 14.79 40.70 18.53
N ARG C 85 14.55 41.46 17.46
CA ARG C 85 15.55 41.67 16.44
C ARG C 85 15.30 43.00 15.76
N ALA C 86 16.36 43.58 15.21
CA ALA C 86 16.28 44.84 14.49
C ALA C 86 16.77 44.63 13.07
N PHE C 87 15.94 45.03 12.11
CA PHE C 87 16.27 44.93 10.69
C PHE C 87 16.58 46.31 10.14
N PRO C 88 17.68 46.48 9.41
CA PRO C 88 18.00 47.80 8.86
C PRO C 88 17.17 48.11 7.63
N ARG C 89 16.55 49.29 7.62
CA ARG C 89 15.77 49.70 6.45
C ARG C 89 16.65 49.85 5.23
N ASN C 90 17.85 50.40 5.39
CA ASN C 90 18.82 50.59 4.33
C ASN C 90 20.13 49.95 4.74
N PRO C 91 20.96 49.57 3.76
CA PRO C 91 22.25 48.95 4.11
C PRO C 91 23.12 49.84 4.97
N ASP C 92 23.05 51.17 4.80
CA ASP C 92 23.87 52.07 5.60
C ASP C 92 23.56 51.96 7.09
N ASP C 93 22.35 51.53 7.43
CA ASP C 93 21.96 51.34 8.82
C ASP C 93 22.20 49.93 9.33
N GLU C 94 22.85 49.08 8.53
CA GLU C 94 23.06 47.70 8.94
C GLU C 94 23.82 47.61 10.26
N GLU C 95 24.70 48.57 10.53
CA GLU C 95 25.38 48.61 11.83
C GLU C 95 24.40 49.00 12.94
N SER C 96 23.60 50.05 12.70
CA SER C 96 22.74 50.57 13.74
C SER C 96 21.76 49.51 14.24
N ALA C 97 21.11 48.81 13.31
CA ALA C 97 20.24 47.71 13.71
C ALA C 97 21.01 46.66 14.50
N GLN C 98 22.23 46.34 14.05
CA GLN C 98 23.05 45.38 14.78
C GLN C 98 23.31 45.85 16.20
N ALA C 99 23.35 47.16 16.42
CA ALA C 99 23.47 47.68 17.78
C ALA C 99 22.20 47.42 18.57
N ALA C 100 21.04 47.71 17.98
CA ALA C 100 19.78 47.58 18.70
C ALA C 100 19.53 46.15 19.13
N THR C 101 19.75 45.19 18.22
CA THR C 101 19.61 43.78 18.57
C THR C 101 20.59 43.40 19.67
N ASP C 102 21.76 44.04 19.72
CA ASP C 102 22.69 43.78 20.80
C ASP C 102 22.18 44.31 22.13
N ALA C 103 21.40 45.40 22.11
CA ALA C 103 20.97 46.07 23.33
C ALA C 103 19.63 45.53 23.83
N ILE C 104 18.61 45.58 22.98
CA ILE C 104 17.26 45.19 23.39
C ILE C 104 17.26 43.77 23.93
N ARG C 105 17.93 42.85 23.22
CA ARG C 105 18.01 41.47 23.67
C ARG C 105 18.52 41.39 25.10
N TYR C 106 19.54 42.18 25.43
CA TYR C 106 20.08 42.18 26.79
C TYR C 106 18.98 42.47 27.79
N VAL C 107 18.18 43.50 27.53
CA VAL C 107 17.06 43.81 28.42
C VAL C 107 16.12 42.62 28.51
N CYS C 108 15.80 42.00 27.37
CA CYS C 108 14.91 40.85 27.37
C CYS C 108 15.50 39.68 28.14
N GLU C 109 16.81 39.67 28.36
CA GLU C 109 17.43 38.67 29.22
C GLU C 109 17.65 39.17 30.64
N ASP C 110 17.74 40.49 30.83
CA ASP C 110 17.94 41.03 32.17
C ASP C 110 16.65 41.02 32.99
N SER C 111 15.51 41.24 32.36
CA SER C 111 14.23 41.33 33.03
C SER C 111 13.41 40.04 32.95
N ARG C 112 14.00 38.97 32.40
CA ARG C 112 13.31 37.69 32.23
C ARG C 112 12.01 37.88 31.44
N TRP C 113 12.17 38.36 30.20
CA TRP C 113 11.02 38.71 29.37
C TRP C 113 10.17 37.49 29.02
N ASP C 114 10.78 36.29 29.02
CA ASP C 114 10.04 35.09 28.62
C ASP C 114 8.91 34.79 29.61
N ASP C 115 9.23 34.76 30.91
CA ASP C 115 8.22 34.46 31.91
C ASP C 115 7.12 35.52 31.96
N LYS C 116 7.51 36.79 31.88
CA LYS C 116 6.53 37.86 31.89
C LYS C 116 5.63 37.79 30.68
N ARG C 117 6.19 37.50 29.51
CA ARG C 117 5.39 37.35 28.31
C ARG C 117 4.44 36.17 28.42
N SER C 118 4.90 35.05 28.99
CA SER C 118 4.03 33.89 29.17
C SER C 118 2.87 34.21 30.10
N GLU C 119 3.16 34.89 31.21
CA GLU C 119 2.08 35.25 32.14
C GLU C 119 1.11 36.26 31.51
N ALA C 120 1.63 37.20 30.73
CA ALA C 120 0.76 38.14 30.02
C ALA C 120 -0.12 37.41 29.02
N ALA C 121 0.44 36.42 28.33
CA ALA C 121 -0.36 35.62 27.42
C ALA C 121 -1.44 34.85 28.16
N LYS C 122 -1.11 34.33 29.34
CA LYS C 122 -2.11 33.64 30.16
C LYS C 122 -3.24 34.59 30.55
N GLU C 123 -2.90 35.79 30.99
CA GLU C 123 -3.93 36.77 31.34
C GLU C 123 -4.78 37.14 30.13
N LEU C 124 -4.14 37.32 28.97
CA LEU C 124 -4.89 37.64 27.76
C LEU C 124 -5.85 36.52 27.40
N ALA C 125 -5.41 35.27 27.58
CA ALA C 125 -6.26 34.13 27.28
C ALA C 125 -7.44 34.04 28.23
N ILE C 126 -7.22 34.31 29.52
CA ILE C 126 -8.29 34.11 30.49
C ILE C 126 -8.96 35.44 30.83
N GLU C 127 -8.23 36.38 31.43
CA GLU C 127 -8.80 37.67 31.79
C GLU C 127 -9.22 38.49 30.58
N GLY C 128 -8.41 38.53 29.53
CA GLY C 128 -8.75 39.28 28.35
C GLY C 128 -7.74 40.34 27.96
N THR C 129 -7.15 41.01 28.97
CA THR C 129 -6.19 42.08 28.73
C THR C 129 -4.91 41.79 29.49
N CYS C 130 -3.79 42.25 28.93
CA CYS C 130 -2.49 42.13 29.58
C CYS C 130 -1.74 43.45 29.42
N ALA C 131 -0.83 43.71 30.37
CA ALA C 131 -0.12 44.99 30.43
C ALA C 131 1.31 44.80 30.89
N ILE C 132 2.22 45.49 30.22
CA ILE C 132 3.64 45.46 30.53
C ILE C 132 4.15 46.88 30.70
N MET C 133 4.86 47.14 31.80
CA MET C 133 5.45 48.44 32.08
C MET C 133 6.92 48.41 31.70
N VAL C 134 7.38 49.45 30.99
CA VAL C 134 8.77 49.57 30.58
C VAL C 134 9.35 50.75 31.35
N GLY C 135 10.00 50.47 32.47
CA GLY C 135 10.56 51.52 33.30
C GLY C 135 12.06 51.43 33.42
N VAL C 136 12.61 51.98 34.49
CA VAL C 136 14.05 51.97 34.73
C VAL C 136 14.32 51.37 36.11
N LYS C 137 15.55 50.89 36.29
CA LYS C 137 15.96 50.31 37.56
C LYS C 137 17.44 50.58 37.77
N GLN C 138 17.86 50.42 39.03
CA GLN C 138 19.24 50.68 39.42
C GLN C 138 20.05 49.40 39.30
N ALA C 139 21.08 49.43 38.45
CA ALA C 139 22.00 48.32 38.27
C ALA C 139 23.39 48.73 38.75
N LYS C 140 24.32 47.77 38.70
CA LYS C 140 25.68 48.05 39.13
C LYS C 140 26.34 49.10 38.23
N GLY C 141 26.15 49.00 36.92
CA GLY C 141 26.75 49.94 36.00
C GLY C 141 26.01 51.25 35.82
N GLY C 142 24.80 51.36 36.36
CA GLY C 142 24.02 52.56 36.25
C GLY C 142 22.56 52.22 36.03
N ILE C 143 21.82 53.18 35.47
CA ILE C 143 20.40 52.99 35.21
C ILE C 143 20.23 52.04 34.03
N ASP C 144 19.37 51.04 34.20
CA ASP C 144 19.10 50.07 33.15
C ASP C 144 17.60 49.98 32.90
N PRO C 145 17.18 49.93 31.64
CA PRO C 145 15.77 49.71 31.34
C PRO C 145 15.31 48.36 31.88
N ASP C 146 14.07 48.33 32.37
CA ASP C 146 13.55 47.15 33.06
C ASP C 146 12.10 46.93 32.62
N ILE C 147 11.72 45.66 32.53
CA ILE C 147 10.38 45.25 32.12
C ILE C 147 9.65 44.68 33.35
N ARG C 148 8.47 45.21 33.63
CA ARG C 148 7.62 44.71 34.69
C ARG C 148 6.28 44.27 34.12
N ARG C 149 5.65 43.32 34.81
CA ARG C 149 4.36 42.78 34.42
C ARG C 149 3.28 43.36 35.32
N ILE C 150 2.28 43.99 34.73
CA ILE C 150 1.16 44.53 35.48
C ILE C 150 0.05 43.49 35.50
N ALA C 151 -0.33 43.06 36.71
CA ALA C 151 -1.40 42.09 36.83
C ALA C 151 -2.72 42.70 36.34
N TRP C 152 -3.61 41.84 35.84
CA TRP C 152 -4.87 42.32 35.29
C TRP C 152 -5.70 43.03 36.35
N ASP C 153 -5.68 42.51 37.57
CA ASP C 153 -6.46 43.10 38.65
C ASP C 153 -5.81 44.35 39.24
N ARG C 154 -4.59 44.68 38.83
CA ARG C 154 -3.89 45.87 39.32
C ARG C 154 -3.73 46.94 38.26
N PHE C 155 -4.42 46.81 37.13
CA PHE C 155 -4.28 47.74 36.01
C PHE C 155 -5.65 48.27 35.64
N TYR C 156 -5.75 49.59 35.50
CA TYR C 156 -6.99 50.23 35.08
C TYR C 156 -6.69 51.17 33.91
N TYR C 157 -7.70 51.38 33.07
CA TYR C 157 -7.52 52.14 31.84
C TYR C 157 -8.71 53.06 31.63
N ASP C 158 -8.66 53.84 30.56
CA ASP C 158 -9.76 54.72 30.21
C ASP C 158 -10.93 53.91 29.70
N PRO C 159 -12.11 53.98 30.32
CA PRO C 159 -13.25 53.19 29.84
C PRO C 159 -13.71 53.57 28.43
N HIS C 160 -13.39 54.77 27.97
CA HIS C 160 -13.83 55.22 26.65
C HIS C 160 -12.89 54.78 25.53
N ALA C 161 -11.82 54.07 25.85
CA ALA C 161 -10.91 53.57 24.82
C ALA C 161 -11.60 52.48 24.00
N THR C 162 -11.32 52.47 22.70
CA THR C 162 -11.94 51.51 21.78
C THR C 162 -10.95 50.54 21.16
N ALA C 163 -9.78 51.04 20.73
CA ALA C 163 -8.80 50.19 20.07
C ALA C 163 -8.19 49.21 21.08
N PHE C 164 -7.66 48.10 20.55
CA PHE C 164 -7.07 47.07 21.39
C PHE C 164 -5.64 47.39 21.81
N ASP C 165 -5.04 48.44 21.25
CA ASP C 165 -3.76 48.95 21.73
C ASP C 165 -3.91 50.13 22.68
N PHE C 166 -5.15 50.51 23.00
CA PHE C 166 -5.42 51.66 23.86
C PHE C 166 -4.80 52.94 23.30
N GLU C 167 -4.79 53.04 21.97
CA GLU C 167 -4.26 54.25 21.32
C GLU C 167 -5.11 55.46 21.65
N ASP C 168 -6.43 55.30 21.66
CA ASP C 168 -7.36 56.38 21.96
C ASP C 168 -7.59 56.56 23.45
N ALA C 169 -6.95 55.75 24.30
CA ALA C 169 -7.13 55.88 25.74
C ALA C 169 -6.55 57.19 26.23
N CYS C 170 -7.33 57.93 27.01
CA CYS C 170 -6.87 59.21 27.54
C CYS C 170 -5.92 59.02 28.71
N TYR C 171 -6.11 57.99 29.51
CA TYR C 171 -5.31 57.78 30.71
C TYR C 171 -5.35 56.31 31.09
N MET C 172 -4.35 55.89 31.86
CA MET C 172 -4.38 54.57 32.48
C MET C 172 -3.32 54.50 33.57
N GLY C 173 -3.48 53.53 34.45
CA GLY C 173 -2.65 53.47 35.63
C GLY C 173 -2.58 52.09 36.25
N VAL C 174 -1.72 51.99 37.26
CA VAL C 174 -1.38 50.75 37.94
C VAL C 174 -1.62 50.93 39.43
N VAL C 175 -2.27 49.94 40.05
CA VAL C 175 -2.49 49.93 41.49
C VAL C 175 -1.42 49.05 42.13
N VAL C 176 -0.71 49.60 43.11
CA VAL C 176 0.39 48.89 43.77
C VAL C 176 0.06 48.77 45.25
N TRP C 177 0.09 47.53 45.75
CA TRP C 177 -0.09 47.26 47.17
C TRP C 177 1.27 46.94 47.77
N MET C 178 1.70 47.76 48.73
CA MET C 178 3.01 47.62 49.34
C MET C 178 2.88 47.61 50.85
N ASP C 179 4.00 47.33 51.53
CA ASP C 179 4.06 47.46 52.97
C ASP C 179 4.22 48.92 53.37
N LEU C 180 3.63 49.27 54.52
CA LEU C 180 3.69 50.66 54.96
C LEU C 180 5.13 51.10 55.23
N ASP C 181 5.92 50.24 55.88
CA ASP C 181 7.32 50.58 56.14
C ASP C 181 8.10 50.69 54.84
N LYS C 182 7.86 49.78 53.90
CA LYS C 182 8.55 49.85 52.61
C LYS C 182 8.17 51.10 51.84
N ALA C 183 6.88 51.45 51.86
CA ALA C 183 6.44 52.67 51.19
C ALA C 183 7.05 53.91 51.83
N LYS C 184 7.11 53.93 53.16
CA LYS C 184 7.73 55.07 53.86
C LYS C 184 9.21 55.18 53.51
N ALA C 185 9.91 54.04 53.44
CA ALA C 185 11.32 54.07 53.06
C ALA C 185 11.49 54.55 51.63
N LYS C 186 10.62 54.11 50.73
CA LYS C 186 10.75 54.49 49.32
C LYS C 186 10.40 55.95 49.11
N TYR C 187 9.35 56.44 49.77
CA TYR C 187 8.88 57.81 49.61
C TYR C 187 8.76 58.46 50.98
N PRO C 188 9.88 58.86 51.59
CA PRO C 188 9.82 59.47 52.92
C PRO C 188 9.13 60.82 52.96
N GLN C 189 9.00 61.50 51.82
CA GLN C 189 8.41 62.83 51.82
C GLN C 189 6.92 62.77 52.16
N ALA C 190 6.18 61.90 51.49
CA ALA C 190 4.73 61.80 51.67
C ALA C 190 4.37 60.74 52.71
N GLU C 191 4.96 60.84 53.91
CA GLU C 191 4.69 59.85 54.94
C GLU C 191 3.28 59.98 55.50
N ASP C 192 2.88 61.22 55.82
CA ASP C 192 1.59 61.43 56.48
C ASP C 192 0.43 60.95 55.62
N VAL C 193 0.49 61.23 54.32
CA VAL C 193 -0.57 60.75 53.43
C VAL C 193 -0.58 59.23 53.39
N LEU C 194 0.58 58.59 53.52
CA LEU C 194 0.61 57.14 53.59
C LEU C 194 -0.07 56.63 54.85
N ILE C 195 0.16 57.29 55.99
CA ILE C 195 -0.51 56.88 57.22
C ILE C 195 -2.02 57.03 57.09
N GLU C 196 -2.46 58.16 56.55
CA GLU C 196 -3.91 58.36 56.37
C GLU C 196 -4.50 57.36 55.39
N THR C 197 -3.76 57.02 54.33
CA THR C 197 -4.25 56.01 53.38
C THR C 197 -4.38 54.65 54.05
N TRP C 198 -3.40 54.28 54.87
CA TRP C 198 -3.47 53.00 55.59
C TRP C 198 -4.64 52.99 56.57
N ARG C 199 -4.85 54.11 57.28
CA ARG C 199 -5.95 54.19 58.23
C ARG C 199 -7.31 54.09 57.52
N GLN C 200 -7.44 54.75 56.38
CA GLN C 200 -8.70 54.77 55.64
C GLN C 200 -8.85 53.46 54.89
N ALA C 201 -9.75 52.60 55.37
CA ALA C 201 -9.97 51.31 54.72
C ALA C 201 -10.63 51.50 53.36
N GLN C 202 -10.21 50.69 52.39
CA GLN C 202 -10.77 50.71 51.05
C GLN C 202 -11.25 49.31 50.69
N GLN C 203 -12.43 49.22 50.08
CA GLN C 203 -13.04 47.94 49.73
C GLN C 203 -13.34 47.93 48.24
N SER C 204 -12.89 46.86 47.57
CA SER C 204 -13.18 46.65 46.16
C SER C 204 -13.01 45.18 45.85
N GLU C 205 -13.85 44.67 44.93
CA GLU C 205 -13.81 43.26 44.59
C GLU C 205 -12.58 42.88 43.77
N THR C 206 -11.82 43.85 43.28
CA THR C 206 -10.71 43.55 42.39
C THR C 206 -9.41 44.21 42.82
N TYR C 207 -9.49 45.41 43.40
CA TYR C 207 -8.33 46.26 43.59
C TYR C 207 -7.81 46.28 45.02
N ASP C 208 -8.19 45.30 45.84
CA ASP C 208 -7.63 45.19 47.18
C ASP C 208 -6.55 44.11 47.21
N ASP C 209 -6.03 43.82 48.39
CA ASP C 209 -4.98 42.82 48.55
C ASP C 209 -5.47 41.46 48.08
N LYS C 210 -4.59 40.74 47.38
CA LYS C 210 -4.98 39.47 46.78
C LYS C 210 -5.42 38.42 47.79
N PRO C 211 -4.72 38.18 48.91
CA PRO C 211 -5.22 37.18 49.86
C PRO C 211 -6.59 37.52 50.45
N LYS C 212 -6.92 38.80 50.57
CA LYS C 212 -8.24 39.26 51.02
C LYS C 212 -8.55 38.77 52.44
N HIS C 213 -7.65 39.05 53.38
CA HIS C 213 -7.89 38.79 54.80
C HIS C 213 -7.65 40.04 55.64
N ARG C 214 -8.06 41.20 55.11
CA ARG C 214 -7.91 42.45 55.85
C ARG C 214 -8.85 42.52 57.04
N LEU C 215 -9.96 41.80 57.02
CA LEU C 215 -10.95 41.88 58.09
C LEU C 215 -10.37 41.41 59.42
N TRP C 216 -9.60 40.32 59.41
CA TRP C 216 -9.11 39.73 60.64
C TRP C 216 -7.59 39.65 60.73
N ALA C 217 -6.87 39.72 59.61
CA ALA C 217 -5.43 39.59 59.59
C ALA C 217 -4.78 40.92 59.19
N ASP C 218 -3.45 40.87 59.02
CA ASP C 218 -2.65 42.03 58.63
C ASP C 218 -2.71 43.15 59.65
N TYR C 219 -2.95 42.81 60.92
CA TYR C 219 -2.90 43.83 61.96
C TYR C 219 -1.45 44.25 62.25
N ARG C 220 -0.54 43.28 62.37
CA ARG C 220 0.87 43.56 62.57
C ARG C 220 1.59 43.89 61.28
N ARG C 221 0.99 43.61 60.12
CA ARG C 221 1.58 43.90 58.82
C ARG C 221 0.76 45.00 58.17
N ARG C 222 1.28 46.22 58.20
CA ARG C 222 0.55 47.37 57.67
C ARG C 222 0.76 47.46 56.17
N ARG C 223 -0.34 47.53 55.42
CA ARG C 223 -0.31 47.57 53.98
C ARG C 223 -0.97 48.84 53.47
N VAL C 224 -0.43 49.37 52.36
CA VAL C 224 -0.91 50.60 51.76
C VAL C 224 -1.07 50.39 50.26
N ARG C 225 -1.88 51.24 49.65
CA ARG C 225 -2.19 51.19 48.23
C ARG C 225 -1.84 52.53 47.59
N ILE C 226 -1.14 52.46 46.46
CA ILE C 226 -0.70 53.65 45.73
C ILE C 226 -1.11 53.50 44.27
N CYS C 227 -1.67 54.55 43.69
CA CYS C 227 -2.06 54.56 42.29
C CYS C 227 -1.06 55.36 41.48
N GLU C 228 -0.53 54.74 40.42
CA GLU C 228 0.41 55.36 39.50
C GLU C 228 -0.34 55.60 38.20
N GLU C 229 -0.65 56.86 37.90
CA GLU C 229 -1.52 57.18 36.77
C GLU C 229 -0.77 58.02 35.75
N TYR C 230 -0.83 57.60 34.48
CA TYR C 230 -0.33 58.37 33.36
C TYR C 230 -1.54 58.85 32.56
N TYR C 231 -1.67 60.16 32.40
CA TYR C 231 -2.80 60.76 31.72
C TYR C 231 -2.33 61.75 30.67
N LEU C 232 -3.03 61.77 29.53
CA LEU C 232 -2.67 62.62 28.40
C LEU C 232 -3.66 63.76 28.30
N ASP C 233 -3.24 64.95 28.72
CA ASP C 233 -3.99 66.17 28.50
C ASP C 233 -3.50 66.84 27.21
N GLY C 234 -3.89 68.09 27.01
CA GLY C 234 -3.53 68.78 25.77
C GLY C 234 -2.03 68.94 25.60
N GLU C 235 -1.35 69.37 26.66
CA GLU C 235 0.09 69.61 26.55
C GLU C 235 0.85 68.32 26.29
N GLY C 236 0.50 67.24 26.97
CA GLY C 236 1.17 65.97 26.75
C GLY C 236 0.88 65.02 27.88
N TRP C 237 1.65 63.92 27.88
CA TRP C 237 1.50 62.90 28.90
C TRP C 237 2.15 63.35 30.21
N LYS C 238 1.41 63.20 31.32
CA LYS C 238 1.96 63.46 32.64
C LYS C 238 1.71 62.25 33.54
N PHE C 239 2.54 62.14 34.57
CA PHE C 239 2.55 61.01 35.48
C PHE C 239 2.35 61.49 36.91
N CYS C 240 1.59 60.73 37.69
CA CYS C 240 1.33 61.10 39.07
C CYS C 240 1.20 59.86 39.95
N MET C 241 1.94 59.85 41.05
CA MET C 241 1.72 58.90 42.13
C MET C 241 0.80 59.55 43.15
N PHE C 242 -0.26 58.83 43.54
CA PHE C 242 -1.21 59.41 44.47
C PHE C 242 -1.90 58.32 45.27
N THR C 243 -2.72 58.74 46.23
CA THR C 243 -3.55 57.88 47.04
C THR C 243 -4.91 58.56 47.20
N LYS C 244 -5.74 58.02 48.08
CA LYS C 244 -7.02 58.65 48.38
C LYS C 244 -6.89 59.81 49.37
N ALA C 245 -5.70 60.00 49.96
CA ALA C 245 -5.49 61.03 50.96
C ALA C 245 -4.59 62.16 50.51
N GLY C 246 -3.61 61.89 49.65
CA GLY C 246 -2.69 62.94 49.24
C GLY C 246 -1.88 62.52 48.04
N PHE C 247 -0.89 63.35 47.73
CA PHE C 247 -0.02 63.16 46.57
C PHE C 247 1.35 62.68 47.03
N ILE C 248 1.83 61.60 46.43
CA ILE C 248 3.20 61.15 46.63
C ILE C 248 4.17 61.86 45.69
N VAL C 249 3.85 61.85 44.41
CA VAL C 249 4.59 62.59 43.39
C VAL C 249 3.63 63.61 42.79
N PRO C 250 3.92 64.90 42.89
CA PRO C 250 3.01 65.90 42.31
C PRO C 250 2.96 65.72 40.80
N PRO C 251 1.83 66.08 40.18
CA PRO C 251 1.69 65.92 38.72
C PRO C 251 2.82 66.58 37.95
N MET C 252 3.61 65.76 37.26
CA MET C 252 4.76 66.20 36.49
C MET C 252 4.73 65.51 35.15
N PRO C 253 5.39 66.07 34.13
CA PRO C 253 5.48 65.40 32.84
C PRO C 253 6.14 64.04 32.98
N SER C 254 5.71 63.10 32.14
CA SER C 254 6.18 61.73 32.23
C SER C 254 7.70 61.68 32.06
N PRO C 255 8.44 61.06 32.98
CA PRO C 255 9.90 61.03 32.86
C PRO C 255 10.43 60.06 31.83
N TYR C 256 9.56 59.32 31.15
CA TYR C 256 9.98 58.36 30.14
C TYR C 256 9.83 59.00 28.76
N ILE C 257 10.94 59.10 28.04
CA ILE C 257 10.95 59.73 26.74
C ILE C 257 10.45 58.74 25.70
N GLY C 258 9.52 59.20 24.84
CA GLY C 258 8.93 58.36 23.84
C GLY C 258 9.82 58.18 22.64
N GLU C 259 9.25 57.57 21.60
CA GLU C 259 10.00 57.27 20.39
C GLU C 259 10.42 58.54 19.68
N ASP C 260 9.55 59.55 19.64
CA ASP C 260 9.81 60.79 18.92
C ASP C 260 10.33 61.90 19.84
N GLY C 261 10.79 61.55 21.04
CA GLY C 261 11.44 62.52 21.90
C GLY C 261 10.52 63.31 22.82
N GLU C 262 9.30 62.85 23.05
CA GLU C 262 8.39 63.51 23.98
C GLU C 262 8.01 62.53 25.08
N PRO C 263 7.57 63.03 26.24
CA PRO C 263 7.08 62.13 27.29
C PRO C 263 5.96 61.25 26.77
N GLU C 264 5.98 59.99 27.19
CA GLU C 264 5.02 58.99 26.73
C GLU C 264 4.59 58.12 27.90
N CYS C 265 3.48 57.44 27.72
CA CYS C 265 3.01 56.49 28.72
C CYS C 265 3.80 55.19 28.57
N PRO C 266 4.50 54.72 29.61
CA PRO C 266 5.35 53.54 29.46
C PRO C 266 4.60 52.22 29.51
N ILE C 267 3.31 52.23 29.81
CA ILE C 267 2.52 51.00 29.89
C ILE C 267 2.04 50.63 28.48
N LYS C 268 2.28 49.39 28.08
CA LYS C 268 1.78 48.84 26.84
C LYS C 268 0.82 47.71 27.17
N ALA C 269 -0.43 47.84 26.73
CA ALA C 269 -1.46 46.87 27.07
C ALA C 269 -2.19 46.44 25.81
N VAL C 270 -2.58 45.17 25.78
CA VAL C 270 -3.35 44.62 24.67
C VAL C 270 -4.53 43.84 25.21
N SER C 271 -5.54 43.68 24.35
CA SER C 271 -6.76 42.96 24.68
C SER C 271 -7.12 42.00 23.55
N LEU C 272 -7.76 40.89 23.91
CA LEU C 272 -8.10 39.88 22.92
C LEU C 272 -9.37 40.26 22.15
N TYR C 273 -10.49 40.38 22.86
CA TYR C 273 -11.77 40.70 22.25
C TYR C 273 -12.34 41.96 22.90
N ILE C 274 -12.96 42.80 22.08
CA ILE C 274 -13.60 44.03 22.54
C ILE C 274 -15.07 43.96 22.21
N ASP C 275 -15.92 44.13 23.23
CA ASP C 275 -17.35 44.09 23.05
C ASP C 275 -17.85 45.44 22.52
N ARG C 276 -19.08 45.44 22.01
CA ARG C 276 -19.68 46.67 21.51
C ARG C 276 -19.83 47.73 22.60
N ASP C 277 -19.84 47.32 23.86
CA ASP C 277 -19.94 48.24 24.99
C ASP C 277 -18.57 48.54 25.61
N ASN C 278 -17.51 48.43 24.81
CA ASN C 278 -16.13 48.65 25.29
C ASN C 278 -15.79 47.71 26.44
N ASN C 279 -16.26 46.47 26.35
CA ASN C 279 -15.95 45.44 27.33
C ASN C 279 -14.92 44.48 26.73
N ARG C 280 -13.88 44.18 27.49
CA ARG C 280 -12.78 43.34 27.02
C ARG C 280 -12.81 42.01 27.73
N TYR C 281 -12.71 40.92 26.96
CA TYR C 281 -12.81 39.58 27.50
C TYR C 281 -11.91 38.65 26.69
N GLY C 282 -11.59 37.50 27.29
CA GLY C 282 -10.75 36.51 26.67
C GLY C 282 -11.56 35.43 25.97
N GLU C 283 -10.85 34.38 25.55
CA GLU C 283 -11.47 33.26 24.87
C GLU C 283 -12.13 32.27 25.82
N VAL C 284 -11.94 32.42 27.13
CA VAL C 284 -12.55 31.51 28.10
C VAL C 284 -14.06 31.71 28.13
N ARG C 285 -14.53 32.93 27.85
CA ARG C 285 -15.96 33.25 27.97
C ARG C 285 -16.83 32.33 27.14
N THR C 286 -16.34 31.88 25.98
CA THR C 286 -17.14 30.99 25.14
C THR C 286 -17.31 29.62 25.78
N MET C 287 -16.44 29.24 26.71
CA MET C 287 -16.46 27.92 27.32
C MET C 287 -17.39 27.83 28.52
N ILE C 288 -17.96 28.95 28.96
CA ILE C 288 -18.76 28.94 30.19
C ILE C 288 -20.03 28.09 30.01
N GLY C 289 -20.70 28.23 28.87
CA GLY C 289 -21.93 27.52 28.61
C GLY C 289 -21.80 26.01 28.63
N PRO C 290 -20.97 25.46 27.74
CA PRO C 290 -20.76 24.01 27.75
C PRO C 290 -20.24 23.47 29.07
N GLN C 291 -19.38 24.23 29.75
CA GLN C 291 -18.90 23.80 31.06
C GLN C 291 -20.05 23.75 32.07
N ASP C 292 -20.94 24.74 32.02
CA ASP C 292 -22.10 24.74 32.91
C ASP C 292 -23.01 23.55 32.64
N GLU C 293 -23.24 23.23 31.35
CA GLU C 293 -24.00 22.04 31.02
C GLU C 293 -23.33 20.78 31.54
N ILE C 294 -22.02 20.67 31.37
CA ILE C 294 -21.30 19.49 31.83
C ILE C 294 -21.46 19.33 33.34
N ASN C 295 -21.34 20.44 34.07
CA ASN C 295 -21.43 20.36 35.52
C ASN C 295 -22.85 20.08 36.00
N LYS C 296 -23.85 20.60 35.31
CA LYS C 296 -25.23 20.51 35.82
C LYS C 296 -25.96 19.25 35.36
N ARG C 297 -25.83 18.88 34.08
CA ARG C 297 -26.52 17.69 33.59
C ARG C 297 -26.01 16.44 34.26
N ARG C 298 -24.70 16.37 34.54
CA ARG C 298 -24.16 15.21 35.24
C ARG C 298 -24.75 15.09 36.64
N SER C 299 -24.85 16.21 37.36
CA SER C 299 -25.43 16.18 38.70
C SER C 299 -26.90 15.78 38.64
N LYS C 300 -27.64 16.32 37.66
CA LYS C 300 -29.05 15.97 37.53
C LYS C 300 -29.23 14.48 37.22
N ALA C 301 -28.39 13.95 36.32
CA ALA C 301 -28.46 12.53 35.99
C ALA C 301 -28.12 11.67 37.19
N LEU C 302 -27.10 12.06 37.96
CA LEU C 302 -26.76 11.31 39.17
C LEU C 302 -27.91 11.32 40.17
N HIS C 303 -28.54 12.48 40.37
CA HIS C 303 -29.66 12.58 41.30
C HIS C 303 -30.82 11.71 40.83
N LEU C 304 -31.12 11.73 39.54
CA LEU C 304 -32.20 10.90 39.01
C LEU C 304 -31.88 9.41 39.15
N ILE C 305 -30.61 9.04 38.94
CA ILE C 305 -30.22 7.64 38.99
C ILE C 305 -30.29 7.12 40.42
N ASN C 306 -29.79 7.90 41.38
CA ASN C 306 -29.68 7.43 42.76
C ASN C 306 -30.99 7.50 43.53
N SER C 307 -32.02 8.14 42.98
CA SER C 307 -33.31 8.27 43.66
C SER C 307 -34.40 7.59 42.86
N ARG C 308 -35.51 7.31 43.53
CA ARG C 308 -36.65 6.65 42.92
C ARG C 308 -37.93 7.39 43.27
N GLN C 309 -38.91 7.29 42.39
CA GLN C 309 -40.24 7.86 42.60
C GLN C 309 -41.20 6.73 42.91
N VAL C 310 -41.93 6.86 44.02
CA VAL C 310 -42.85 5.81 44.47
C VAL C 310 -44.24 6.41 44.65
N ARG C 311 -45.25 5.65 44.26
CA ARG C 311 -46.65 5.97 44.53
C ARG C 311 -47.13 4.99 45.59
N VAL C 312 -47.67 5.52 46.68
CA VAL C 312 -48.07 4.73 47.84
C VAL C 312 -49.58 4.84 48.03
N SER C 313 -50.23 3.70 48.22
CA SER C 313 -51.66 3.69 48.47
C SER C 313 -51.95 4.33 49.83
N PRO C 314 -53.09 5.01 49.96
CA PRO C 314 -53.43 5.63 51.26
C PRO C 314 -53.61 4.63 52.38
N ASN C 315 -53.86 3.35 52.06
CA ASN C 315 -54.01 2.34 53.11
C ASN C 315 -52.72 2.12 53.89
N VAL C 316 -51.58 2.51 53.34
CA VAL C 316 -50.31 2.36 54.05
C VAL C 316 -50.25 3.35 55.20
N GLN C 317 -49.91 2.85 56.39
CA GLN C 317 -49.83 3.68 57.59
C GLN C 317 -48.43 4.19 57.86
N MET C 318 -47.61 4.36 56.82
CA MET C 318 -46.25 4.86 56.96
C MET C 318 -46.08 6.13 56.12
N ASP C 319 -45.10 6.94 56.51
CA ASP C 319 -44.83 8.17 55.80
C ASP C 319 -44.35 7.89 54.38
N ALA C 320 -44.84 8.69 53.43
CA ALA C 320 -44.47 8.49 52.04
C ALA C 320 -42.97 8.73 51.82
N GLN C 321 -42.42 9.78 52.43
CA GLN C 321 -41.01 10.07 52.26
C GLN C 321 -40.14 8.97 52.86
N SER C 322 -40.53 8.45 54.03
CA SER C 322 -39.78 7.35 54.63
C SER C 322 -39.81 6.10 53.75
N VAL C 323 -40.98 5.80 53.18
CA VAL C 323 -41.10 4.65 52.28
C VAL C 323 -40.23 4.83 51.05
N ARG C 324 -40.23 6.04 50.49
CA ARG C 324 -39.39 6.32 49.33
C ARG C 324 -37.90 6.17 49.67
N LYS C 325 -37.50 6.68 50.83
CA LYS C 325 -36.10 6.55 51.26
C LYS C 325 -35.72 5.09 51.44
N GLU C 326 -36.61 4.30 52.03
CA GLU C 326 -36.34 2.87 52.20
C GLU C 326 -36.22 2.17 50.85
N LEU C 327 -37.11 2.49 49.91
CA LEU C 327 -37.08 1.83 48.61
C LEU C 327 -35.92 2.28 47.75
N SER C 328 -35.38 3.49 48.00
CA SER C 328 -34.18 3.91 47.29
C SER C 328 -32.94 3.18 47.80
N LYS C 329 -32.96 2.75 49.05
CA LYS C 329 -31.83 2.02 49.60
C LYS C 329 -31.75 0.63 48.98
N PRO C 330 -30.55 0.18 48.60
CA PRO C 330 -30.41 -1.19 48.06
C PRO C 330 -30.81 -2.26 49.06
N ASP C 331 -30.72 -1.99 50.36
CA ASP C 331 -31.10 -2.93 51.39
C ASP C 331 -32.50 -2.66 51.95
N GLY C 332 -33.27 -1.78 51.30
CA GLY C 332 -34.56 -1.43 51.82
C GLY C 332 -35.61 -2.50 51.58
N VAL C 333 -36.63 -2.50 52.44
CA VAL C 333 -37.74 -3.43 52.35
C VAL C 333 -39.04 -2.68 52.56
N PHE C 334 -40.13 -3.28 52.07
CA PHE C 334 -41.47 -2.77 52.28
C PHE C 334 -42.36 -3.91 52.72
N VAL C 335 -43.18 -3.66 53.73
CA VAL C 335 -44.12 -4.65 54.26
C VAL C 335 -45.51 -4.23 53.82
N GLY C 336 -46.13 -5.05 52.96
CA GLY C 336 -47.46 -4.77 52.48
C GLY C 336 -47.85 -5.65 51.29
N ASP C 337 -49.14 -5.72 50.99
CA ASP C 337 -49.59 -6.51 49.85
C ASP C 337 -49.24 -5.81 48.55
N SER C 338 -49.25 -6.58 47.47
CA SER C 338 -48.91 -6.05 46.16
C SER C 338 -49.93 -5.02 45.70
N GLY C 339 -49.45 -4.03 44.95
CA GLY C 339 -50.28 -2.96 44.44
C GLY C 339 -50.35 -1.74 45.31
N GLU C 340 -49.90 -1.82 46.56
CA GLU C 340 -49.91 -0.65 47.43
C GLU C 340 -48.82 0.34 47.07
N VAL C 341 -47.70 -0.13 46.52
CA VAL C 341 -46.57 0.71 46.15
C VAL C 341 -46.20 0.42 44.71
N GLU C 342 -46.06 1.47 43.91
CA GLU C 342 -45.65 1.37 42.51
C GLU C 342 -44.42 2.24 42.28
N ILE C 343 -43.46 1.72 41.53
CA ILE C 343 -42.23 2.44 41.23
C ILE C 343 -42.41 3.12 39.88
N LEU C 344 -42.56 4.44 39.89
CA LEU C 344 -42.70 5.19 38.66
C LEU C 344 -41.37 5.21 37.91
N PRO C 345 -41.37 4.94 36.60
CA PRO C 345 -40.09 4.86 35.87
C PRO C 345 -39.57 6.25 35.52
N THR C 346 -38.30 6.50 35.85
CA THR C 346 -37.62 7.75 35.51
C THR C 346 -36.33 7.50 34.75
N GLN C 347 -36.16 6.30 34.20
CA GLN C 347 -34.94 5.99 33.46
C GLN C 347 -34.81 6.82 32.20
N ASP C 348 -35.94 7.21 31.59
CA ASP C 348 -35.90 8.04 30.39
C ASP C 348 -35.28 9.40 30.69
N MET C 349 -35.63 9.98 31.84
CA MET C 349 -35.05 11.26 32.23
C MET C 349 -33.53 11.16 32.38
N ALA C 350 -33.06 10.10 33.05
CA ALA C 350 -31.62 9.94 33.24
C ALA C 350 -30.91 9.71 31.91
N SER C 351 -31.50 8.89 31.02
CA SER C 351 -30.88 8.66 29.73
C SER C 351 -30.81 9.94 28.91
N ALA C 352 -31.88 10.73 28.91
CA ALA C 352 -31.88 11.99 28.18
C ALA C 352 -30.87 12.97 28.75
N ASN C 353 -30.75 13.02 30.07
CA ASN C 353 -29.75 13.90 30.68
C ASN C 353 -28.34 13.47 30.32
N LEU C 354 -28.09 12.16 30.30
CA LEU C 354 -26.77 11.66 29.89
C LEU C 354 -26.50 12.00 28.43
N ALA C 355 -27.52 11.90 27.57
CA ALA C 355 -27.34 12.26 26.16
C ALA C 355 -27.01 13.74 26.02
N MET C 356 -27.71 14.60 26.78
CA MET C 356 -27.42 16.04 26.72
C MET C 356 -26.02 16.34 27.23
N LEU C 357 -25.60 15.64 28.29
CA LEU C 357 -24.24 15.82 28.79
C LEU C 357 -23.21 15.40 27.76
N GLN C 358 -23.46 14.29 27.06
CA GLN C 358 -22.55 13.87 25.99
C GLN C 358 -22.50 14.89 24.86
N GLU C 359 -23.66 15.46 24.51
CA GLU C 359 -23.68 16.49 23.47
C GLU C 359 -22.88 17.72 23.91
N ALA C 360 -23.01 18.13 25.16
CA ALA C 360 -22.24 19.27 25.66
C ALA C 360 -20.76 18.97 25.67
N LYS C 361 -20.39 17.74 26.03
CA LYS C 361 -18.98 17.34 26.00
C LYS C 361 -18.43 17.39 24.59
N ASN C 362 -19.20 16.89 23.62
CA ASN C 362 -18.78 16.96 22.22
C ASN C 362 -18.62 18.40 21.76
N GLU C 363 -19.55 19.27 22.16
CA GLU C 363 -19.48 20.67 21.76
C GLU C 363 -18.23 21.33 22.32
N ILE C 364 -17.96 21.14 23.61
CA ILE C 364 -16.79 21.79 24.22
C ILE C 364 -15.50 21.21 23.66
N ASP C 365 -15.48 19.90 23.37
CA ASP C 365 -14.29 19.32 22.75
C ASP C 365 -14.05 19.89 21.35
N LEU C 366 -15.12 20.06 20.57
CA LEU C 366 -14.97 20.62 19.23
C LEU C 366 -14.54 22.09 19.29
N LEU C 367 -15.00 22.83 20.29
CA LEU C 367 -14.66 24.24 20.40
C LEU C 367 -13.18 24.47 20.67
N GLY C 368 -12.52 23.54 21.37
CA GLY C 368 -11.12 23.69 21.69
C GLY C 368 -10.22 23.44 20.49
N PRO C 369 -8.96 23.89 20.59
CA PRO C 369 -8.04 23.72 19.47
C PRO C 369 -7.59 22.28 19.23
N ASN C 370 -7.75 21.40 20.20
CA ASN C 370 -7.35 20.02 20.06
C ASN C 370 -8.32 19.12 20.81
N ALA C 371 -8.36 17.84 20.41
CA ALA C 371 -9.24 16.87 21.03
C ALA C 371 -8.63 16.32 22.31
N MET C 381 -10.29 7.98 17.50
CA MET C 381 -10.74 8.62 16.27
C MET C 381 -10.12 7.93 15.05
N SER C 382 -9.51 8.72 14.17
CA SER C 382 -8.88 8.21 12.96
C SER C 382 -7.42 8.57 12.82
N GLY C 383 -7.02 9.76 13.27
CA GLY C 383 -5.64 10.19 13.18
C GLY C 383 -5.48 11.42 12.32
N ARG C 384 -6.17 11.46 11.18
CA ARG C 384 -6.19 12.66 10.36
C ARG C 384 -7.12 13.72 10.94
N ALA C 385 -8.17 13.29 11.65
CA ALA C 385 -9.08 14.23 12.27
C ALA C 385 -8.37 15.05 13.35
N ILE C 386 -7.49 14.42 14.12
CA ILE C 386 -6.75 15.15 15.16
C ILE C 386 -5.83 16.18 14.52
N LEU C 387 -5.14 15.82 13.44
CA LEU C 387 -4.27 16.77 12.76
C LEU C 387 -5.07 17.93 12.17
N ALA C 388 -6.22 17.63 11.57
CA ALA C 388 -7.06 18.69 11.02
C ALA C 388 -7.56 19.61 12.12
N GLN C 389 -7.95 19.05 13.26
CA GLN C 389 -8.40 19.86 14.39
C GLN C 389 -7.28 20.75 14.92
N GLN C 390 -6.07 20.20 15.00
CA GLN C 390 -4.93 20.99 15.46
C GLN C 390 -4.63 22.13 14.50
N GLN C 391 -4.66 21.86 13.19
CA GLN C 391 -4.41 22.92 12.21
C GLN C 391 -5.49 23.99 12.28
N GLY C 392 -6.76 23.58 12.42
CA GLY C 392 -7.82 24.56 12.57
C GLY C 392 -7.68 25.38 13.83
N GLY C 393 -7.26 24.75 14.92
CA GLY C 393 -7.02 25.49 16.15
C GLY C 393 -5.90 26.50 16.00
N MET C 394 -4.83 26.12 15.30
CA MET C 394 -3.75 27.07 15.03
C MET C 394 -4.25 28.24 14.19
N THR C 395 -5.05 27.95 13.16
CA THR C 395 -5.60 29.00 12.32
C THR C 395 -6.47 29.96 13.13
N GLU C 396 -7.29 29.41 14.03
CA GLU C 396 -8.18 30.25 14.84
C GLU C 396 -7.40 31.04 15.88
N ALA C 397 -6.34 30.47 16.44
CA ALA C 397 -5.51 31.14 17.43
C ALA C 397 -4.45 32.04 16.80
N ALA C 398 -4.40 32.10 15.47
CA ALA C 398 -3.54 33.08 14.81
C ALA C 398 -3.79 34.49 15.33
N THR C 399 -5.05 34.81 15.65
CA THR C 399 -5.36 36.13 16.21
C THR C 399 -4.71 36.32 17.58
N TYR C 400 -4.77 35.29 18.43
CA TYR C 400 -4.15 35.35 19.75
C TYR C 400 -2.64 35.52 19.63
N LEU C 401 -2.02 34.75 18.73
CA LEU C 401 -0.58 34.88 18.50
C LEU C 401 -0.23 36.25 17.95
N ASP C 402 -1.09 36.82 17.10
CA ASP C 402 -0.84 38.16 16.58
C ASP C 402 -0.93 39.21 17.68
N ARG C 403 -1.87 39.05 18.60
CA ARG C 403 -1.94 39.95 19.74
C ARG C 403 -0.66 39.87 20.57
N ILE C 404 -0.18 38.64 20.82
CA ILE C 404 1.06 38.48 21.57
C ILE C 404 2.22 39.13 20.84
N ARG C 405 2.29 38.95 19.52
CA ARG C 405 3.37 39.54 18.73
C ARG C 405 3.33 41.06 18.77
N ALA C 406 2.13 41.63 18.66
CA ALA C 406 2.00 43.10 18.72
C ALA C 406 2.44 43.63 20.07
N LEU C 407 2.03 42.94 21.15
CA LEU C 407 2.47 43.36 22.49
C LEU C 407 4.00 43.28 22.61
N SER C 408 4.59 42.20 22.10
CA SER C 408 6.04 42.05 22.17
C SER C 408 6.75 43.15 21.37
N ILE C 409 6.22 43.49 20.19
CA ILE C 409 6.83 44.53 19.37
C ILE C 409 6.76 45.88 20.08
N ALA C 410 5.61 46.19 20.68
CA ALA C 410 5.48 47.44 21.41
C ALA C 410 6.45 47.49 22.60
N VAL C 411 6.58 46.37 23.31
CA VAL C 411 7.50 46.31 24.44
C VAL C 411 8.93 46.52 23.98
N TYR C 412 9.31 45.89 22.86
CA TYR C 412 10.67 46.05 22.35
C TYR C 412 10.94 47.50 21.93
N ARG C 413 9.95 48.13 21.29
CA ARG C 413 10.12 49.52 20.87
C ARG C 413 10.28 50.44 22.08
N SER C 414 9.47 50.23 23.12
CA SER C 414 9.60 51.03 24.34
C SER C 414 10.94 50.77 25.01
N VAL C 415 11.41 49.52 24.98
CA VAL C 415 12.71 49.20 25.57
C VAL C 415 13.83 49.92 24.83
N TRP C 416 13.75 49.95 23.50
CA TRP C 416 14.75 50.68 22.73
C TRP C 416 14.71 52.18 23.04
N ALA C 417 13.51 52.74 23.18
CA ALA C 417 13.40 54.15 23.54
C ALA C 417 14.03 54.42 24.90
N ARG C 418 13.76 53.55 25.88
CA ARG C 418 14.34 53.73 27.20
C ARG C 418 15.86 53.58 27.18
N ILE C 419 16.36 52.64 26.36
CA ILE C 419 17.80 52.46 26.21
C ILE C 419 18.44 53.73 25.65
N ARG C 420 17.82 54.31 24.62
CA ARG C 420 18.32 55.56 24.08
C ARG C 420 18.25 56.68 25.12
N GLN C 421 17.24 56.64 26.00
CA GLN C 421 17.07 57.72 26.96
C GLN C 421 18.09 57.65 28.09
N VAL C 422 18.36 56.46 28.62
CA VAL C 422 19.06 56.34 29.89
C VAL C 422 20.46 55.77 29.77
N TRP C 423 20.76 55.00 28.73
CA TRP C 423 22.06 54.35 28.65
C TRP C 423 23.16 55.34 28.31
N THR C 424 24.28 55.24 29.01
CA THR C 424 25.44 56.10 28.77
C THR C 424 26.47 55.36 27.93
N GLY C 425 27.57 56.05 27.64
CA GLY C 425 28.61 55.45 26.80
C GLY C 425 29.29 54.27 27.46
N GLU C 426 29.62 54.41 28.75
CA GLU C 426 30.28 53.31 29.46
C GLU C 426 29.38 52.09 29.55
N ARG C 427 28.08 52.29 29.69
CA ARG C 427 27.15 51.15 29.69
C ARG C 427 27.14 50.46 28.33
N TRP C 428 27.15 51.24 27.24
CA TRP C 428 27.20 50.66 25.90
C TRP C 428 28.46 49.84 25.71
N VAL C 429 29.61 50.39 26.13
CA VAL C 429 30.87 49.68 25.98
C VAL C 429 30.88 48.41 26.84
N ARG C 430 30.37 48.50 28.06
CA ARG C 430 30.35 47.33 28.94
C ARG C 430 29.46 46.22 28.38
N VAL C 431 28.31 46.59 27.84
CA VAL C 431 27.35 45.58 27.38
C VAL C 431 27.76 45.01 26.03
N THR C 432 27.82 45.86 25.01
CA THR C 432 28.06 45.40 23.66
C THR C 432 29.53 45.15 23.34
N ASP C 433 30.45 45.64 24.16
CA ASP C 433 31.89 45.45 23.94
C ASP C 433 32.32 45.96 22.57
N ASN C 434 31.73 47.07 22.13
CA ASN C 434 32.05 47.69 20.85
C ASN C 434 32.22 49.18 21.05
N GLU C 435 33.31 49.72 20.51
CA GLU C 435 33.58 51.15 20.64
C GLU C 435 32.72 51.98 19.70
N ARG C 436 32.36 51.45 18.53
CA ARG C 436 31.58 52.21 17.57
C ARG C 436 30.19 52.55 18.10
N ASN C 437 29.62 51.67 18.93
CA ASN C 437 28.28 51.90 19.47
C ASN C 437 28.21 53.17 20.32
N LEU C 438 29.35 53.76 20.68
CA LEU C 438 29.35 55.04 21.37
C LEU C 438 28.67 56.13 20.54
N ARG C 439 28.57 55.94 19.22
CA ARG C 439 27.85 56.90 18.39
C ARG C 439 26.35 56.89 18.64
N PHE C 440 25.83 55.89 19.34
CA PHE C 440 24.40 55.77 19.60
C PHE C 440 24.02 56.26 20.99
N VAL C 441 24.93 56.93 21.69
CA VAL C 441 24.65 57.42 23.03
C VAL C 441 23.82 58.70 22.94
N GLY C 442 22.70 58.73 23.64
CA GLY C 442 21.83 59.89 23.64
C GLY C 442 20.89 59.91 22.45
N LEU C 443 19.98 60.88 22.48
CA LEU C 443 19.00 61.05 21.41
C LEU C 443 19.46 62.02 20.33
N ASN C 444 20.34 62.96 20.67
CA ASN C 444 20.83 63.93 19.69
C ASN C 444 22.30 64.24 19.92
N ALA C 503 18.79 61.19 15.85
CA ALA C 503 18.54 61.13 14.42
C ALA C 503 19.55 60.24 13.71
N VAL C 504 20.05 59.23 14.43
CA VAL C 504 21.02 58.30 13.90
C VAL C 504 20.46 56.87 13.84
N ALA C 505 19.71 56.46 14.87
CA ALA C 505 19.12 55.14 14.96
C ALA C 505 17.63 55.26 15.25
N GLU C 506 16.94 56.08 14.46
CA GLU C 506 15.53 56.36 14.66
C GLU C 506 14.70 55.09 14.54
N LEU C 507 13.46 55.16 15.03
CA LEU C 507 12.53 54.04 15.02
C LEU C 507 11.66 54.13 13.78
N ASP C 508 11.57 53.02 13.05
CA ASP C 508 10.78 52.89 11.82
C ASP C 508 11.36 53.73 10.69
N VAL C 509 12.40 54.51 10.97
CA VAL C 509 13.02 55.33 9.94
C VAL C 509 14.35 54.72 9.51
N ASP C 510 15.13 54.25 10.46
CA ASP C 510 16.42 53.62 10.18
C ASP C 510 16.40 52.14 10.48
N ILE C 511 15.74 51.72 11.55
CA ILE C 511 15.65 50.32 11.94
C ILE C 511 14.20 49.96 12.19
N LEU C 512 13.88 48.67 12.04
CA LEU C 512 12.56 48.15 12.30
C LEU C 512 12.67 47.01 13.32
N VAL C 513 11.87 47.08 14.38
CA VAL C 513 11.90 46.08 15.44
C VAL C 513 10.88 44.99 15.11
N ASP C 514 11.36 43.74 15.09
CA ASP C 514 10.53 42.61 14.72
C ASP C 514 10.97 41.42 15.56
N GLU C 515 10.44 40.25 15.29
CA GLU C 515 10.75 39.03 16.03
C GLU C 515 11.48 38.05 15.12
N GLY C 516 12.60 37.52 15.60
CA GLY C 516 13.33 36.48 14.92
C GLY C 516 13.36 35.19 15.73
N LEU C 517 14.06 34.21 15.18
CA LEU C 517 14.10 32.89 15.79
C LEU C 517 14.75 32.95 17.18
N ASP C 518 14.24 32.11 18.08
CA ASP C 518 14.76 32.02 19.44
C ASP C 518 16.11 31.31 19.41
N ALA C 519 17.16 32.03 19.77
CA ALA C 519 18.51 31.48 19.82
C ALA C 519 19.16 31.81 21.15
N PRO C 520 20.04 30.94 21.65
CA PRO C 520 20.71 31.24 22.93
C PRO C 520 21.54 32.51 22.87
N THR C 521 22.14 32.81 21.72
CA THR C 521 22.92 34.02 21.55
C THR C 521 22.95 34.39 20.08
N ILE C 522 23.32 35.65 19.82
CA ILE C 522 23.40 36.14 18.45
C ILE C 522 24.46 35.38 17.66
N ALA C 523 25.57 35.04 18.32
CA ALA C 523 26.64 34.30 17.66
C ALA C 523 26.14 32.94 17.17
N ALA C 524 25.32 32.26 17.98
CA ALA C 524 24.78 30.97 17.58
C ALA C 524 23.88 31.09 16.35
N GLU C 525 23.02 32.11 16.34
CA GLU C 525 22.15 32.31 15.19
C GLU C 525 22.95 32.61 13.93
N GLU C 526 23.98 33.47 14.04
CA GLU C 526 24.81 33.77 12.89
C GLU C 526 25.59 32.53 12.42
N PHE C 527 26.05 31.70 13.36
CA PHE C 527 26.73 30.48 12.99
C PHE C 527 25.79 29.53 12.24
N GLU C 528 24.55 29.42 12.70
CA GLU C 528 23.57 28.58 12.01
C GLU C 528 23.29 29.12 10.61
N GLN C 529 23.16 30.44 10.47
CA GLN C 529 22.93 31.02 9.15
C GLN C 529 24.11 30.77 8.22
N LEU C 530 25.34 30.93 8.72
CA LEU C 530 26.51 30.67 7.90
C LEU C 530 26.60 29.20 7.51
N MET C 531 26.26 28.30 8.45
CA MET C 531 26.28 26.87 8.13
C MET C 531 25.27 26.53 7.05
N LYS C 532 24.07 27.11 7.13
CA LYS C 532 23.07 26.88 6.09
C LYS C 532 23.53 27.43 4.75
N LEU C 533 24.13 28.62 4.76
CA LEU C 533 24.61 29.22 3.51
C LEU C 533 25.71 28.37 2.88
N ALA C 534 26.62 27.84 3.70
CA ALA C 534 27.66 26.97 3.18
C ALA C 534 27.10 25.63 2.71
N SER C 535 26.06 25.14 3.38
CA SER C 535 25.44 23.88 2.97
C SER C 535 24.71 24.00 1.65
N THR C 536 24.17 25.19 1.36
CA THR C 536 23.56 25.40 0.04
C THR C 536 24.59 25.22 -1.07
N GLY C 537 25.83 25.62 -0.82
CA GLY C 537 26.92 25.40 -1.75
C GLY C 537 27.14 26.51 -2.77
N ILE C 538 26.22 27.46 -2.87
CA ILE C 538 26.39 28.55 -3.82
C ILE C 538 27.52 29.49 -3.38
N VAL C 539 27.53 29.84 -2.09
CA VAL C 539 28.51 30.79 -1.56
C VAL C 539 29.63 29.99 -0.89
N PRO C 540 30.85 30.04 -1.39
CA PRO C 540 31.97 29.35 -0.73
C PRO C 540 32.44 30.12 0.49
N ILE C 541 32.10 29.62 1.67
CA ILE C 541 32.46 30.26 2.93
C ILE C 541 33.77 29.68 3.43
N PRO C 542 34.79 30.50 3.70
CA PRO C 542 36.05 29.98 4.20
C PRO C 542 35.86 29.23 5.51
N PRO C 543 36.56 28.11 5.70
CA PRO C 543 36.39 27.35 6.95
C PRO C 543 36.72 28.13 8.20
N ASP C 544 37.72 29.01 8.14
CA ASP C 544 38.10 29.76 9.33
C ASP C 544 37.00 30.69 9.80
N VAL C 545 36.28 31.32 8.87
CA VAL C 545 35.19 32.21 9.24
C VAL C 545 34.11 31.44 9.98
N LEU C 546 33.77 30.24 9.49
CA LEU C 546 32.82 29.39 10.20
C LEU C 546 33.38 28.93 11.54
N ILE C 547 34.70 28.75 11.63
CA ILE C 547 35.30 28.28 12.88
C ILE C 547 35.16 29.33 13.97
N GLU C 548 35.49 30.59 13.66
CA GLU C 548 35.35 31.64 14.68
C GLU C 548 33.89 31.85 15.07
N ALA C 549 32.96 31.56 14.18
CA ALA C 549 31.53 31.74 14.49
C ALA C 549 30.98 30.62 15.36
N SER C 550 31.71 29.52 15.54
CA SER C 550 31.23 28.38 16.30
C SER C 550 31.47 28.63 17.79
N SER C 551 31.22 27.60 18.61
CA SER C 551 31.39 27.71 20.06
C SER C 551 32.25 26.58 20.61
N LEU C 552 33.14 26.01 19.79
CA LEU C 552 34.00 24.93 20.25
C LEU C 552 35.06 25.46 21.22
N ARG C 553 35.53 24.57 22.10
CA ARG C 553 36.59 24.91 23.02
C ARG C 553 37.97 24.82 22.40
N ASN C 554 38.10 24.17 21.24
CA ASN C 554 39.35 24.21 20.48
C ASN C 554 39.40 25.38 19.51
N LYS C 555 38.41 26.26 19.56
CA LYS C 555 38.32 27.36 18.60
C LYS C 555 39.60 28.20 18.50
N PRO C 556 40.24 28.62 19.61
CA PRO C 556 41.50 29.38 19.45
C PRO C 556 42.55 28.59 18.68
N LYS C 557 42.90 27.40 19.19
CA LYS C 557 43.94 26.61 18.55
C LYS C 557 43.58 26.27 17.11
N LEU C 558 42.32 25.93 16.87
CA LEU C 558 41.89 25.63 15.51
C LEU C 558 42.24 26.74 14.55
N LEU C 559 42.21 28.00 15.01
CA LEU C 559 42.59 29.10 14.14
C LEU C 559 43.97 28.90 13.54
N GLU C 560 44.98 28.64 14.38
CA GLU C 560 46.30 28.48 13.78
C GLU C 560 46.39 27.17 13.01
N MET C 561 45.52 26.19 13.32
CA MET C 561 45.46 24.98 12.49
C MET C 561 45.15 25.33 11.05
N LEU C 562 44.44 26.42 10.81
CA LEU C 562 44.28 26.96 9.46
C LEU C 562 45.11 28.21 9.22
N LYS C 563 45.70 28.80 10.26
CA LYS C 563 46.53 29.99 10.10
C LYS C 563 48.01 29.66 9.97
N GLN C 564 48.38 28.38 9.99
CA GLN C 564 49.76 27.99 9.77
C GLN C 564 50.17 28.32 8.35
N GLY C 565 51.36 28.91 8.20
CA GLY C 565 51.84 29.29 6.90
C GLY C 565 52.25 28.08 6.08
N PRO C 566 52.56 28.33 4.80
CA PRO C 566 53.01 27.23 3.94
C PRO C 566 54.32 26.64 4.46
N SER C 567 54.51 25.35 4.18
CA SER C 567 55.69 24.66 4.65
C SER C 567 56.95 25.27 4.03
N GLN C 568 58.05 25.21 4.77
CA GLN C 568 59.30 25.81 4.31
C GLN C 568 59.75 25.18 3.00
N GLU C 569 59.65 23.85 2.89
CA GLU C 569 60.06 23.17 1.67
C GLU C 569 59.25 23.64 0.47
N GLN C 570 57.93 23.79 0.65
CA GLN C 570 57.10 24.32 -0.42
C GLN C 570 57.48 25.76 -0.77
N MET C 571 57.84 26.55 0.25
CA MET C 571 58.25 27.94 0.00
C MET C 571 59.50 27.99 -0.87
N MET C 572 60.52 27.20 -0.53
CA MET C 572 61.72 27.16 -1.36
C MET C 572 61.41 26.58 -2.74
N ALA C 573 60.51 25.60 -2.80
CA ALA C 573 60.12 25.07 -4.11
C ALA C 573 59.57 26.19 -4.99
N GLN C 574 58.69 27.02 -4.44
CA GLN C 574 58.14 28.14 -5.20
C GLN C 574 59.20 29.16 -5.57
N GLN C 575 60.10 29.48 -4.64
CA GLN C 575 61.13 30.49 -4.93
C GLN C 575 62.06 30.03 -6.06
N ILE C 576 62.59 28.80 -5.96
CA ILE C 576 63.45 28.30 -7.02
C ILE C 576 62.66 28.06 -8.32
N ALA C 577 61.37 27.74 -8.24
CA ALA C 577 60.59 27.63 -9.47
C ALA C 577 60.49 28.98 -10.19
N LEU C 578 60.21 30.04 -9.43
CA LEU C 578 60.15 31.37 -10.03
C LEU C 578 61.51 31.80 -10.56
N ALA C 579 62.58 31.46 -9.82
CA ALA C 579 63.93 31.76 -10.30
C ALA C 579 64.25 31.04 -11.59
N GLY C 580 63.82 29.77 -11.70
CA GLY C 580 64.04 29.03 -12.92
C GLY C 580 63.25 29.58 -14.09
N GLU C 581 62.02 30.05 -13.84
CA GLU C 581 61.25 30.68 -14.91
C GLU C 581 61.92 31.98 -15.37
N GLN C 582 62.41 32.79 -14.44
CA GLN C 582 63.11 34.02 -14.80
C GLN C 582 64.38 33.69 -15.58
N ALA C 583 65.09 32.64 -15.16
CA ALA C 583 66.29 32.22 -15.88
C ALA C 583 65.96 31.72 -17.28
N LYS C 584 64.82 31.04 -17.44
CA LYS C 584 64.36 30.64 -18.76
C LYS C 584 64.12 31.86 -19.65
N VAL C 585 63.48 32.89 -19.10
CA VAL C 585 63.25 34.11 -19.87
C VAL C 585 64.56 34.75 -20.27
N ALA C 586 65.51 34.82 -19.33
CA ALA C 586 66.81 35.41 -19.62
C ALA C 586 67.56 34.61 -20.68
N GLU C 587 67.48 33.28 -20.61
CA GLU C 587 68.13 32.44 -21.61
C GLU C 587 67.51 32.63 -22.99
N THR C 588 66.18 32.77 -23.05
CA THR C 588 65.53 33.04 -24.32
C THR C 588 65.98 34.38 -24.90
N GLU C 589 66.08 35.41 -24.05
CA GLU C 589 66.56 36.71 -24.52
C GLU C 589 68.00 36.62 -25.01
N SER C 590 68.85 35.88 -24.30
CA SER C 590 70.23 35.72 -24.72
C SER C 590 70.32 34.97 -26.04
N LYS C 591 69.47 33.95 -26.23
CA LYS C 591 69.44 33.23 -27.50
C LYS C 591 69.01 34.15 -28.64
N THR C 592 68.03 35.02 -28.38
CA THR C 592 67.62 36.00 -29.39
C THR C 592 68.78 36.92 -29.75
N GLY C 593 69.51 37.41 -28.75
CA GLY C 593 70.66 38.25 -29.02
C GLY C 593 71.74 37.53 -29.80
N LEU C 594 71.97 36.25 -29.47
CA LEU C 594 72.98 35.47 -30.19
C LEU C 594 72.56 35.28 -31.65
N ASN C 595 71.27 35.03 -31.88
CA ASN C 595 70.78 34.90 -33.25
C ASN C 595 70.95 36.20 -34.02
N VAL C 596 70.68 37.33 -33.38
CA VAL C 596 70.88 38.62 -34.02
C VAL C 596 72.36 38.81 -34.35
N ALA C 597 73.25 38.38 -33.45
CA ALA C 597 74.68 38.47 -33.71
C ALA C 597 75.07 37.60 -34.91
N LYS C 598 74.47 36.41 -35.02
CA LYS C 598 74.74 35.56 -36.17
C LYS C 598 74.26 36.22 -37.46
N THR C 599 73.10 36.88 -37.42
CA THR C 599 72.62 37.60 -38.59
C THR C 599 73.61 38.69 -39.00
N GLN C 600 74.11 39.45 -38.01
CA GLN C 600 75.08 40.50 -38.30
C GLN C 600 76.37 39.92 -38.88
N GLU C 601 76.82 38.79 -38.33
CA GLU C 601 78.03 38.15 -38.84
C GLU C 601 77.84 37.66 -40.28
N THR C 602 76.67 37.09 -40.58
CA THR C 602 76.40 36.66 -41.95
C THR C 602 76.37 37.84 -42.91
N LEU C 603 75.74 38.95 -42.49
CA LEU C 603 75.72 40.14 -43.33
C LEU C 603 77.13 40.68 -43.56
N ALA C 604 77.96 40.69 -42.52
CA ALA C 604 79.33 41.16 -42.67
C ALA C 604 80.12 40.25 -43.61
N SER C 605 79.91 38.94 -43.50
CA SER C 605 80.59 38.00 -44.40
C SER C 605 80.16 38.20 -45.84
N ILE C 606 78.86 38.47 -46.06
CA ILE C 606 78.39 38.77 -47.40
C ILE C 606 79.04 40.04 -47.93
N GLN C 607 79.12 41.08 -47.09
CA GLN C 607 79.70 42.34 -47.52
C GLN C 607 81.19 42.18 -47.86
N THR C 608 81.92 41.44 -47.03
CA THR C 608 83.35 41.25 -47.29
C THR C 608 83.59 40.41 -48.55
N ASN C 609 82.82 39.34 -48.72
CA ASN C 609 83.00 38.46 -49.86
C ASN C 609 82.29 38.99 -51.09
N MET D 1 20.14 24.94 86.30
CA MET D 1 20.69 26.28 86.35
C MET D 1 19.58 27.31 86.54
N THR D 2 19.96 28.56 86.81
CA THR D 2 18.99 29.62 86.98
C THR D 2 18.21 29.86 85.70
N SER D 3 18.90 30.26 84.63
CA SER D 3 18.31 30.48 83.31
C SER D 3 17.15 31.47 83.38
N GLN D 4 17.47 32.70 83.77
CA GLN D 4 16.45 33.75 83.82
C GLN D 4 15.98 34.08 82.42
N GLU D 5 14.70 33.84 82.16
CA GLU D 5 14.14 33.97 80.81
C GLU D 5 12.76 34.61 80.95
N ASP D 6 11.97 34.52 79.88
CA ASP D 6 10.66 35.17 79.79
C ASP D 6 10.81 36.69 79.93
N TYR D 7 11.59 37.26 79.02
CA TYR D 7 11.92 38.68 79.08
C TYR D 7 10.69 39.54 78.81
N THR D 8 10.09 39.39 77.62
CA THR D 8 8.93 40.18 77.25
C THR D 8 8.15 39.44 76.19
N LEU D 9 6.89 39.84 76.02
CA LEU D 9 6.01 39.26 75.01
C LEU D 9 6.11 39.97 73.67
N GLU D 10 6.43 41.27 73.66
CA GLU D 10 6.51 42.01 72.42
C GLU D 10 7.60 41.47 71.51
N ALA D 11 8.76 41.14 72.07
CA ALA D 11 9.86 40.62 71.27
C ALA D 11 9.50 39.29 70.64
N LEU D 12 8.89 38.39 71.42
CA LEU D 12 8.50 37.09 70.89
C LEU D 12 7.45 37.23 69.80
N THR D 13 6.46 38.10 70.00
CA THR D 13 5.44 38.33 69.00
C THR D 13 6.03 38.89 67.71
N ALA D 14 6.92 39.87 67.84
CA ALA D 14 7.57 40.43 66.66
C ALA D 14 8.44 39.40 65.95
N ALA D 15 9.00 38.45 66.71
CA ALA D 15 9.84 37.42 66.09
C ALA D 15 9.00 36.42 65.32
N VAL D 16 7.87 35.98 65.88
CA VAL D 16 7.12 34.88 65.29
C VAL D 16 5.92 35.35 64.47
N ARG D 17 5.73 36.67 64.32
CA ARG D 17 4.54 37.15 63.62
C ARG D 17 4.52 36.73 62.15
N ARG D 18 5.67 36.78 61.48
CA ARG D 18 5.69 36.46 60.05
C ARG D 18 5.34 34.99 59.83
N PHE D 19 5.89 34.09 60.65
CA PHE D 19 5.52 32.69 60.55
C PHE D 19 4.05 32.49 60.90
N GLU D 20 3.53 33.26 61.86
CA GLU D 20 2.13 33.13 62.21
C GLU D 20 1.21 33.48 61.05
N GLU D 21 1.48 34.61 60.37
CA GLU D 21 0.66 34.96 59.22
C GLU D 21 0.86 33.98 58.06
N SER D 22 2.08 33.47 57.88
CA SER D 22 2.30 32.48 56.84
C SER D 22 1.46 31.23 57.09
N GLU D 23 1.41 30.77 58.34
CA GLU D 23 0.58 29.61 58.66
C GLU D 23 -0.91 29.92 58.51
N ASP D 24 -1.33 31.10 58.96
CA ASP D 24 -2.76 31.39 59.00
C ASP D 24 -3.34 31.63 57.61
N ALA D 25 -2.62 32.40 56.77
CA ALA D 25 -3.19 32.82 55.49
C ALA D 25 -3.27 31.69 54.47
N THR D 26 -2.51 30.60 54.67
CA THR D 26 -2.46 29.52 53.70
C THR D 26 -3.03 28.22 54.28
N THR D 27 -4.01 28.33 55.18
CA THR D 27 -4.60 27.13 55.77
C THR D 27 -5.36 26.32 54.73
N GLU D 28 -6.25 26.98 53.98
CA GLU D 28 -7.05 26.28 52.99
C GLU D 28 -6.19 25.68 51.88
N ALA D 29 -5.21 26.45 51.39
CA ALA D 29 -4.34 25.96 50.33
C ALA D 29 -3.52 24.76 50.82
N ARG D 30 -2.99 24.84 52.04
CA ARG D 30 -2.22 23.72 52.58
C ARG D 30 -3.10 22.49 52.76
N ALA D 31 -4.33 22.67 53.24
CA ALA D 31 -5.24 21.53 53.40
C ALA D 31 -5.56 20.90 52.04
N ALA D 32 -5.81 21.73 51.02
CA ALA D 32 -6.11 21.20 49.69
C ALA D 32 -4.91 20.45 49.12
N ALA D 33 -3.71 21.00 49.28
CA ALA D 33 -2.52 20.33 48.77
C ALA D 33 -2.28 19.01 49.51
N GLU D 34 -2.51 18.99 50.82
CA GLU D 34 -2.38 17.75 51.58
C GLU D 34 -3.40 16.71 51.11
N ARG D 35 -4.63 17.15 50.82
CA ARG D 35 -5.63 16.22 50.31
C ARG D 35 -5.22 15.66 48.95
N ASP D 36 -4.67 16.51 48.07
CA ASP D 36 -4.20 16.02 46.78
C ASP D 36 -3.06 15.03 46.95
N ARG D 37 -2.12 15.32 47.86
CA ARG D 37 -1.02 14.40 48.10
C ARG D 37 -1.51 13.07 48.64
N ASP D 38 -2.48 13.11 49.56
CA ASP D 38 -3.06 11.87 50.09
C ASP D 38 -3.77 11.09 48.99
N TYR D 39 -4.45 11.80 48.09
CA TYR D 39 -5.06 11.13 46.93
C TYR D 39 -4.01 10.45 46.08
N TYR D 40 -2.86 11.11 45.88
CA TYR D 40 -1.76 10.49 45.14
C TYR D 40 -1.21 9.28 45.88
N ASP D 41 -1.36 9.24 47.21
CA ASP D 41 -0.78 8.18 48.03
C ASP D 41 -1.79 7.09 48.38
N GLU D 42 -2.71 6.78 47.46
CA GLU D 42 -3.67 5.69 47.62
C GLU D 42 -4.54 5.88 48.86
N LYS D 43 -4.91 7.13 49.15
CA LYS D 43 -5.81 7.45 50.26
C LYS D 43 -6.90 8.36 49.71
N GLN D 44 -7.96 7.76 49.18
CA GLN D 44 -9.04 8.50 48.54
C GLN D 44 -10.39 8.30 49.24
N TRP D 45 -10.40 7.73 50.44
CA TRP D 45 -11.62 7.49 51.18
C TRP D 45 -11.56 8.22 52.52
N THR D 46 -12.65 8.88 52.88
CA THR D 46 -12.75 9.54 54.17
C THR D 46 -13.05 8.53 55.27
N ALA D 47 -12.91 8.97 56.52
CA ALA D 47 -13.20 8.09 57.64
C ALA D 47 -14.68 7.70 57.69
N ALA D 48 -15.57 8.66 57.43
CA ALA D 48 -17.00 8.36 57.50
C ALA D 48 -17.43 7.36 56.44
N GLU D 49 -16.96 7.55 55.21
CA GLU D 49 -17.33 6.62 54.14
C GLU D 49 -16.77 5.22 54.40
N LYS D 50 -15.54 5.13 54.89
CA LYS D 50 -14.96 3.83 55.23
C LYS D 50 -15.74 3.17 56.35
N ALA D 51 -16.14 3.94 57.36
CA ALA D 51 -16.93 3.39 58.44
C ALA D 51 -18.28 2.88 57.95
N ALA D 52 -18.93 3.64 57.07
CA ALA D 52 -20.21 3.21 56.51
C ALA D 52 -20.05 1.93 55.69
N LEU D 53 -19.00 1.86 54.88
CA LEU D 53 -18.77 0.66 54.08
C LEU D 53 -18.48 -0.55 54.96
N GLU D 54 -17.72 -0.36 56.03
CA GLU D 54 -17.48 -1.47 56.97
C GLU D 54 -18.77 -1.87 57.66
N ARG D 55 -19.61 -0.90 58.02
CA ARG D 55 -20.89 -1.22 58.66
C ARG D 55 -21.79 -2.04 57.74
N ARG D 56 -21.85 -1.67 56.46
CA ARG D 56 -22.64 -2.43 55.51
C ARG D 56 -21.96 -3.71 55.06
N GLY D 57 -20.70 -3.93 55.45
CA GLY D 57 -19.97 -5.11 55.08
C GLY D 57 -19.23 -5.04 53.77
N GLN D 58 -19.38 -3.95 53.03
CA GLN D 58 -18.72 -3.82 51.73
C GLN D 58 -17.28 -3.37 51.92
N PRO D 59 -16.30 -4.08 51.37
CA PRO D 59 -14.91 -3.65 51.47
C PRO D 59 -14.67 -2.37 50.67
N ALA D 60 -13.68 -1.60 51.12
CA ALA D 60 -13.32 -0.35 50.47
C ALA D 60 -12.25 -0.63 49.41
N ILE D 61 -12.59 -0.36 48.16
CA ILE D 61 -11.71 -0.60 47.02
C ILE D 61 -11.45 0.72 46.31
N THR D 62 -10.17 1.04 46.12
CA THR D 62 -9.77 2.28 45.46
C THR D 62 -9.12 1.95 44.12
N PHE D 63 -9.57 2.64 43.07
CA PHE D 63 -8.99 2.53 41.73
C PHE D 63 -8.21 3.82 41.48
N ASN D 64 -6.95 3.83 41.89
CA ASN D 64 -6.13 5.03 41.82
C ASN D 64 -5.66 5.26 40.39
N ARG D 65 -5.97 6.43 39.85
CA ARG D 65 -5.52 6.83 38.52
C ARG D 65 -4.69 8.10 38.52
N ILE D 66 -4.70 8.87 39.61
CA ILE D 66 -3.90 10.09 39.68
C ILE D 66 -2.42 9.74 39.66
N LYS D 67 -2.03 8.66 40.35
CA LYS D 67 -0.63 8.30 40.44
C LYS D 67 -0.04 8.02 39.07
N ARG D 68 -0.82 7.39 38.18
CA ARG D 68 -0.33 7.11 36.84
C ARG D 68 0.00 8.39 36.08
N LYS D 69 -0.90 9.39 36.15
CA LYS D 69 -0.66 10.64 35.45
C LYS D 69 0.52 11.39 36.05
N VAL D 70 0.63 11.40 37.38
CA VAL D 70 1.76 12.09 38.01
C VAL D 70 3.07 11.41 37.64
N ASN D 71 3.09 10.08 37.62
CA ASN D 71 4.29 9.36 37.21
C ASN D 71 4.64 9.64 35.76
N ALA D 72 3.62 9.72 34.90
CA ALA D 72 3.88 10.06 33.50
C ALA D 72 4.50 11.44 33.37
N LEU D 73 3.97 12.42 34.09
CA LEU D 73 4.54 13.77 34.05
C LEU D 73 5.97 13.79 34.57
N THR D 74 6.21 13.08 35.68
CA THR D 74 7.55 13.05 36.26
C THR D 74 8.54 12.37 35.30
N GLY D 75 8.13 11.28 34.67
CA GLY D 75 9.00 10.63 33.70
C GLY D 75 9.25 11.48 32.49
N ILE D 76 8.25 12.24 32.06
CA ILE D 76 8.44 13.17 30.94
C ILE D 76 9.47 14.22 31.31
N GLU D 77 9.39 14.77 32.52
CA GLU D 77 10.38 15.75 32.95
C GLU D 77 11.76 15.11 33.07
N LYS D 78 11.83 13.87 33.53
CA LYS D 78 13.11 13.18 33.65
C LYS D 78 13.75 12.96 32.29
N GLN D 79 12.96 12.56 31.29
CA GLN D 79 13.51 12.28 29.97
C GLN D 79 14.03 13.52 29.27
N THR D 80 13.56 14.71 29.67
CA THR D 80 14.01 15.97 29.10
C THR D 80 15.05 16.66 29.97
N ARG D 81 15.90 15.89 30.64
CA ARG D 81 16.93 16.47 31.49
C ARG D 81 17.97 17.21 30.64
N LYS D 82 18.36 18.40 31.12
CA LYS D 82 19.33 19.23 30.44
C LYS D 82 20.43 19.61 31.41
N ASP D 83 21.54 20.09 30.86
CA ASP D 83 22.69 20.47 31.68
C ASP D 83 22.84 21.99 31.73
N PRO D 84 23.41 22.54 32.80
CA PRO D 84 23.65 23.99 32.83
C PRO D 84 24.69 24.39 31.80
N ARG D 85 24.54 25.61 31.28
CA ARG D 85 25.47 26.12 30.28
C ARG D 85 25.51 27.63 30.38
N ALA D 86 26.68 28.20 30.07
CA ALA D 86 26.86 29.64 30.02
C ALA D 86 27.22 30.03 28.60
N PHE D 87 26.45 30.95 28.02
CA PHE D 87 26.68 31.46 26.68
C PHE D 87 27.23 32.87 26.76
N PRO D 88 28.28 33.19 25.99
CA PRO D 88 28.83 34.55 26.05
C PRO D 88 27.96 35.53 25.28
N ARG D 89 27.71 36.68 25.88
CA ARG D 89 26.98 37.74 25.18
C ARG D 89 27.79 38.25 23.99
N ASN D 90 29.10 38.39 24.16
CA ASN D 90 30.00 38.86 23.12
C ASN D 90 31.17 37.91 22.99
N PRO D 91 31.81 37.86 21.81
CA PRO D 91 32.91 36.91 21.62
C PRO D 91 34.04 37.06 22.63
N ASP D 92 34.39 38.30 23.00
CA ASP D 92 35.50 38.49 23.94
C ASP D 92 35.18 37.95 25.32
N ASP D 93 33.92 37.76 25.65
CA ASP D 93 33.51 37.15 26.91
C ASP D 93 33.46 35.63 26.83
N GLU D 94 33.79 35.05 25.67
CA GLU D 94 33.62 33.61 25.48
C GLU D 94 34.35 32.82 26.55
N GLU D 95 35.63 33.12 26.77
CA GLU D 95 36.41 32.42 27.78
C GLU D 95 35.73 32.50 29.14
N SER D 96 35.15 33.65 29.47
CA SER D 96 34.44 33.79 30.74
C SER D 96 33.34 32.73 30.86
N ALA D 97 32.54 32.57 29.81
CA ALA D 97 31.54 31.52 29.82
C ALA D 97 32.18 30.15 30.01
N GLN D 98 33.30 29.91 29.30
CA GLN D 98 34.00 28.65 29.44
C GLN D 98 34.45 28.39 30.86
N ALA D 99 34.56 29.43 31.69
CA ALA D 99 34.77 29.21 33.11
C ALA D 99 33.47 28.78 33.79
N ALA D 100 32.44 29.62 33.67
CA ALA D 100 31.21 29.38 34.44
C ALA D 100 30.58 28.04 34.07
N THR D 101 30.51 27.74 32.76
CA THR D 101 29.94 26.47 32.32
C THR D 101 30.60 25.29 33.02
N ASP D 102 31.90 25.39 33.30
CA ASP D 102 32.54 24.34 34.09
C ASP D 102 32.10 24.42 35.54
N ALA D 103 32.31 25.57 36.18
CA ALA D 103 32.18 25.67 37.63
C ALA D 103 30.77 25.30 38.08
N ILE D 104 29.75 25.90 37.47
CA ILE D 104 28.37 25.58 37.82
C ILE D 104 28.13 24.09 37.66
N ARG D 105 28.61 23.51 36.55
CA ARG D 105 28.41 22.08 36.33
C ARG D 105 28.95 21.28 37.50
N TYR D 106 30.14 21.65 38.00
CA TYR D 106 30.71 20.93 39.14
C TYR D 106 29.73 20.89 40.31
N VAL D 107 29.13 22.05 40.62
CA VAL D 107 28.18 22.09 41.71
C VAL D 107 27.00 21.16 41.43
N CYS D 108 26.51 21.17 40.19
CA CYS D 108 25.39 20.33 39.84
C CYS D 108 25.73 18.84 39.90
N GLU D 109 27.01 18.48 39.96
CA GLU D 109 27.39 17.11 40.23
C GLU D 109 27.86 16.89 41.66
N ASP D 110 28.19 17.96 42.38
CA ASP D 110 28.59 17.82 43.78
C ASP D 110 27.37 17.61 44.67
N SER D 111 26.25 18.28 44.36
CA SER D 111 25.05 18.23 45.19
C SER D 111 23.98 17.31 44.63
N ARG D 112 24.27 16.58 43.56
CA ARG D 112 23.29 15.72 42.88
C ARG D 112 22.02 16.50 42.54
N TRP D 113 22.21 17.50 41.67
CA TRP D 113 21.11 18.39 41.32
C TRP D 113 19.99 17.67 40.59
N ASP D 114 20.29 16.54 39.94
CA ASP D 114 19.27 15.82 39.18
C ASP D 114 18.17 15.30 40.09
N ASP D 115 18.54 14.63 41.19
CA ASP D 115 17.54 14.07 42.09
C ASP D 115 16.72 15.16 42.77
N LYS D 116 17.38 16.24 43.21
CA LYS D 116 16.65 17.33 43.84
C LYS D 116 15.67 17.96 42.86
N ARG D 117 16.09 18.13 41.60
CA ARG D 117 15.20 18.64 40.57
C ARG D 117 14.03 17.69 40.34
N SER D 118 14.28 16.38 40.39
CA SER D 118 13.22 15.41 40.16
C SER D 118 12.16 15.49 41.25
N GLU D 119 12.58 15.52 42.52
CA GLU D 119 11.60 15.65 43.60
C GLU D 119 10.92 17.02 43.59
N ALA D 120 11.64 18.07 43.21
CA ALA D 120 11.00 19.37 43.06
C ALA D 120 9.91 19.33 42.00
N ALA D 121 10.19 18.68 40.88
CA ALA D 121 9.18 18.52 39.84
C ALA D 121 8.00 17.69 40.33
N LYS D 122 8.27 16.66 41.13
CA LYS D 122 7.18 15.84 41.67
C LYS D 122 6.27 16.68 42.56
N GLU D 123 6.86 17.50 43.43
CA GLU D 123 6.03 18.37 44.28
C GLU D 123 5.29 19.42 43.46
N LEU D 124 5.93 19.93 42.41
CA LEU D 124 5.25 20.87 41.52
C LEU D 124 4.02 20.22 40.89
N ALA D 125 4.16 18.97 40.46
CA ALA D 125 3.02 18.25 39.91
C ALA D 125 1.94 18.02 40.97
N ILE D 126 2.36 17.72 42.20
CA ILE D 126 1.42 17.38 43.26
C ILE D 126 0.94 18.62 44.00
N GLU D 127 1.87 19.36 44.61
CA GLU D 127 1.52 20.48 45.45
C GLU D 127 1.69 21.83 44.77
N GLY D 128 2.46 21.90 43.69
CA GLY D 128 2.61 23.15 42.96
C GLY D 128 3.55 24.16 43.57
N THR D 129 4.57 23.71 44.29
CA THR D 129 5.55 24.62 44.87
C THR D 129 6.87 23.88 45.08
N CYS D 130 7.95 24.46 44.59
CA CYS D 130 9.29 23.92 44.75
C CYS D 130 10.18 24.96 45.42
N ALA D 131 11.03 24.49 46.34
CA ALA D 131 11.94 25.36 47.07
C ALA D 131 13.33 24.73 47.08
N ILE D 132 14.31 25.48 46.57
CA ILE D 132 15.71 25.04 46.54
C ILE D 132 16.55 26.07 47.28
N MET D 133 17.33 25.59 48.24
CA MET D 133 18.25 26.43 49.00
C MET D 133 19.64 26.34 48.40
N VAL D 134 20.26 27.49 48.17
CA VAL D 134 21.62 27.57 47.65
C VAL D 134 22.49 28.11 48.77
N GLY D 135 23.12 27.21 49.53
CA GLY D 135 23.94 27.63 50.65
C GLY D 135 25.39 27.24 50.48
N VAL D 136 26.11 27.06 51.59
CA VAL D 136 27.52 26.69 51.55
C VAL D 136 27.73 25.45 52.39
N LYS D 137 28.83 24.75 52.10
CA LYS D 137 29.17 23.52 52.81
C LYS D 137 30.69 23.42 52.89
N GLN D 138 31.15 22.60 53.83
CA GLN D 138 32.58 22.41 54.06
C GLN D 138 33.09 21.23 53.25
N ALA D 139 34.14 21.46 52.48
CA ALA D 139 34.79 20.42 51.68
C ALA D 139 36.26 20.33 52.05
N LYS D 140 36.96 19.39 51.43
CA LYS D 140 38.38 19.21 51.72
C LYS D 140 39.19 20.43 51.30
N GLY D 141 38.89 20.99 50.12
CA GLY D 141 39.63 22.14 49.64
C GLY D 141 39.16 23.48 50.17
N GLY D 142 38.04 23.51 50.87
CA GLY D 142 37.52 24.75 51.41
C GLY D 142 36.01 24.73 51.41
N ILE D 143 35.43 25.93 51.33
CA ILE D 143 33.99 26.09 51.33
C ILE D 143 33.48 26.03 49.90
N ASP D 144 32.44 25.24 49.67
CA ASP D 144 31.88 25.06 48.34
C ASP D 144 30.38 25.34 48.37
N PRO D 145 29.82 25.88 47.29
CA PRO D 145 28.37 26.06 47.22
C PRO D 145 27.66 24.71 47.23
N ASP D 146 26.48 24.70 47.84
CA ASP D 146 25.73 23.47 48.04
C ASP D 146 24.26 23.72 47.73
N ILE D 147 23.63 22.73 47.10
CA ILE D 147 22.23 22.80 46.72
C ILE D 147 21.45 21.86 47.63
N ARG D 148 20.43 22.40 48.30
CA ARG D 148 19.56 21.62 49.17
C ARG D 148 18.13 21.75 48.70
N ARG D 149 17.35 20.72 48.99
CA ARG D 149 15.95 20.64 48.60
C ARG D 149 15.08 20.83 49.84
N ILE D 150 14.11 21.75 49.76
CA ILE D 150 13.21 22.02 50.88
C ILE D 150 11.86 21.40 50.55
N ALA D 151 11.35 20.59 51.48
CA ALA D 151 10.05 19.97 51.28
C ALA D 151 8.96 21.05 51.28
N TRP D 152 7.87 20.76 50.57
CA TRP D 152 6.79 21.72 50.46
C TRP D 152 6.19 22.05 51.82
N ASP D 153 6.10 21.06 52.71
CA ASP D 153 5.54 21.27 54.03
C ASP D 153 6.55 21.78 55.05
N ARG D 154 7.80 22.00 54.65
CA ARG D 154 8.81 22.60 55.52
C ARG D 154 9.24 23.98 55.05
N PHE D 155 8.49 24.59 54.14
CA PHE D 155 8.84 25.88 53.56
C PHE D 155 7.63 26.79 53.58
N TYR D 156 7.82 28.02 54.04
CA TYR D 156 6.74 29.01 54.06
C TYR D 156 7.22 30.28 53.36
N TYR D 157 6.27 31.01 52.79
CA TYR D 157 6.57 32.18 51.97
C TYR D 157 5.64 33.32 52.35
N ASP D 158 5.83 34.44 51.68
CA ASP D 158 4.95 35.60 51.89
C ASP D 158 3.60 35.32 51.24
N PRO D 159 2.50 35.33 52.00
CA PRO D 159 1.18 35.05 51.38
C PRO D 159 0.76 36.10 50.38
N HIS D 160 1.30 37.31 50.45
CA HIS D 160 0.91 38.39 49.55
C HIS D 160 1.66 38.36 48.23
N ALA D 161 2.58 37.41 48.04
CA ALA D 161 3.31 37.32 46.78
C ALA D 161 2.39 36.82 45.68
N THR D 162 2.41 37.51 44.54
CA THR D 162 1.55 37.17 43.41
C THR D 162 2.29 36.47 42.27
N ALA D 163 3.59 36.73 42.12
CA ALA D 163 4.36 36.13 41.04
C ALA D 163 4.67 34.67 41.36
N PHE D 164 5.01 33.92 40.31
CA PHE D 164 5.25 32.49 40.45
C PHE D 164 6.70 32.16 40.83
N ASP D 165 7.63 33.12 40.74
CA ASP D 165 8.95 32.96 41.30
C ASP D 165 9.16 33.78 42.57
N PHE D 166 8.11 34.43 43.07
CA PHE D 166 8.17 35.21 44.31
C PHE D 166 9.12 36.41 44.18
N GLU D 167 8.95 37.18 43.10
CA GLU D 167 9.72 38.43 42.99
C GLU D 167 9.29 39.42 44.05
N ASP D 168 7.98 39.53 44.29
CA ASP D 168 7.44 40.52 45.22
C ASP D 168 7.28 39.97 46.64
N ALA D 169 7.71 38.73 46.89
CA ALA D 169 7.59 38.17 48.22
C ALA D 169 8.44 38.96 49.21
N CYS D 170 7.84 39.33 50.34
CA CYS D 170 8.56 40.09 51.35
C CYS D 170 9.51 39.22 52.16
N TYR D 171 9.18 37.95 52.35
CA TYR D 171 9.97 37.06 53.19
C TYR D 171 9.69 35.62 52.82
N MET D 172 10.62 34.74 53.21
CA MET D 172 10.42 33.31 53.07
C MET D 172 11.36 32.59 54.02
N GLY D 173 10.96 31.39 54.44
CA GLY D 173 11.70 30.67 55.45
C GLY D 173 11.48 29.18 55.40
N VAL D 174 12.30 28.48 56.18
CA VAL D 174 12.31 27.03 56.26
C VAL D 174 12.16 26.60 57.71
N VAL D 175 11.31 25.60 57.94
CA VAL D 175 11.14 24.98 59.25
C VAL D 175 11.94 23.68 59.26
N VAL D 176 12.78 23.51 60.28
CA VAL D 176 13.59 22.30 60.43
C VAL D 176 13.37 21.72 61.81
N TRP D 177 13.15 20.42 61.89
CA TRP D 177 12.98 19.73 63.16
C TRP D 177 14.29 19.02 63.51
N MET D 178 14.82 19.32 64.69
CA MET D 178 16.12 18.81 65.11
C MET D 178 16.04 18.28 66.53
N ASP D 179 16.83 17.25 66.80
CA ASP D 179 16.93 16.73 68.16
C ASP D 179 17.54 17.78 69.08
N LEU D 180 17.13 17.76 70.35
CA LEU D 180 17.63 18.75 71.30
C LEU D 180 19.13 18.61 71.49
N ASP D 181 19.65 17.39 71.55
CA ASP D 181 21.10 17.21 71.69
C ASP D 181 21.84 17.81 70.51
N LYS D 182 21.35 17.55 69.29
CA LYS D 182 21.98 18.13 68.10
C LYS D 182 21.85 19.64 68.08
N ALA D 183 20.71 20.17 68.53
CA ALA D 183 20.53 21.62 68.56
C ALA D 183 21.49 22.28 69.54
N LYS D 184 21.65 21.69 70.73
CA LYS D 184 22.60 22.23 71.70
C LYS D 184 24.03 22.11 71.19
N ALA D 185 24.37 21.02 70.52
CA ALA D 185 25.71 20.87 69.96
C ALA D 185 25.97 21.92 68.88
N LYS D 186 24.99 22.17 68.02
CA LYS D 186 25.18 23.09 66.92
C LYS D 186 25.17 24.55 67.37
N TYR D 187 24.26 24.90 68.29
CA TYR D 187 24.12 26.27 68.78
C TYR D 187 24.11 26.27 70.30
N PRO D 188 25.27 26.05 70.94
CA PRO D 188 25.32 26.08 72.41
C PRO D 188 24.99 27.43 73.00
N GLN D 189 25.17 28.53 72.27
CA GLN D 189 24.85 29.85 72.82
C GLN D 189 23.36 29.98 73.09
N ALA D 190 22.52 29.50 72.17
CA ALA D 190 21.07 29.65 72.29
C ALA D 190 20.45 28.46 73.02
N GLU D 191 20.97 28.16 74.21
CA GLU D 191 20.44 27.07 75.02
C GLU D 191 19.16 27.46 75.76
N ASP D 192 18.92 28.75 75.95
CA ASP D 192 17.75 29.22 76.69
C ASP D 192 16.49 29.31 75.85
N VAL D 193 16.60 29.16 74.53
CA VAL D 193 15.45 29.26 73.64
C VAL D 193 15.03 27.93 73.06
N LEU D 194 15.78 26.86 73.29
CA LEU D 194 15.44 25.53 72.80
C LEU D 194 14.50 24.87 73.81
N ILE D 195 13.22 24.78 73.45
CA ILE D 195 12.18 24.29 74.34
C ILE D 195 11.57 23.04 73.73
N GLU D 196 11.35 22.03 74.57
CA GLU D 196 10.78 20.76 74.11
C GLU D 196 9.40 20.98 73.49
N THR D 197 9.13 20.24 72.42
CA THR D 197 7.83 20.28 71.73
C THR D 197 7.37 18.84 71.56
N TRP D 198 6.61 18.34 72.53
CA TRP D 198 6.12 16.97 72.52
C TRP D 198 4.68 16.85 72.05
N ARG D 199 3.83 17.82 72.39
CA ARG D 199 2.42 17.75 72.02
C ARG D 199 2.23 17.99 70.53
N GLN D 200 1.50 17.09 69.88
CA GLN D 200 1.22 17.23 68.46
C GLN D 200 0.01 18.13 68.24
N ALA D 201 0.06 18.90 67.16
CA ALA D 201 -1.00 19.84 66.82
C ALA D 201 -1.94 19.21 65.80
N GLN D 202 -3.24 19.28 66.07
CA GLN D 202 -4.26 18.74 65.17
C GLN D 202 -4.89 19.79 64.28
N GLN D 203 -4.94 21.04 64.72
CA GLN D 203 -5.49 22.11 63.87
C GLN D 203 -4.59 22.37 62.67
N SER D 204 -3.28 22.37 62.86
CA SER D 204 -2.32 22.61 61.79
C SER D 204 -1.22 21.57 61.89
N GLU D 205 -1.30 20.52 61.07
CA GLU D 205 -0.33 19.45 61.06
C GLU D 205 0.65 19.54 59.90
N THR D 206 0.67 20.67 59.19
CA THR D 206 1.55 20.81 58.04
C THR D 206 3.01 20.94 58.47
N TYR D 207 3.28 21.76 59.48
CA TYR D 207 4.64 22.06 59.89
C TYR D 207 5.09 21.26 61.11
N ASP D 208 4.32 20.26 61.53
CA ASP D 208 4.72 19.40 62.64
C ASP D 208 5.68 18.33 62.14
N ASP D 209 6.13 17.48 63.05
CA ASP D 209 6.98 16.36 62.68
C ASP D 209 6.24 15.40 61.75
N LYS D 210 7.00 14.82 60.81
CA LYS D 210 6.39 13.91 59.84
C LYS D 210 5.70 12.71 60.50
N PRO D 211 6.32 12.00 61.46
CA PRO D 211 5.55 11.00 62.22
C PRO D 211 4.70 11.69 63.27
N LYS D 212 3.39 11.74 63.04
CA LYS D 212 2.50 12.50 63.90
C LYS D 212 2.47 11.92 65.31
N HIS D 213 2.42 10.60 65.43
CA HIS D 213 2.38 9.93 66.72
C HIS D 213 3.80 9.48 67.07
N ARG D 214 4.42 10.16 68.04
CA ARG D 214 5.79 9.89 68.45
C ARG D 214 5.82 9.83 69.98
N LEU D 215 5.78 8.61 70.53
CA LEU D 215 5.86 8.43 71.97
C LEU D 215 7.29 8.25 72.45
N TRP D 216 8.16 9.18 72.05
CA TRP D 216 9.54 9.17 72.52
C TRP D 216 10.12 10.55 72.74
N ALA D 217 9.35 11.62 72.56
CA ALA D 217 9.84 12.98 72.76
C ALA D 217 9.69 13.46 74.19
N ASP D 218 9.17 12.63 75.09
CA ASP D 218 9.03 13.03 76.49
C ASP D 218 10.39 13.30 77.11
N TYR D 219 11.24 12.28 77.18
CA TYR D 219 12.61 12.44 77.67
C TYR D 219 13.66 11.77 76.82
N ARG D 220 13.30 10.75 76.02
CA ARG D 220 14.30 9.97 75.31
C ARG D 220 14.91 10.74 74.15
N ARG D 221 14.10 11.11 73.16
CA ARG D 221 14.56 11.80 71.97
C ARG D 221 13.73 13.07 71.80
N ARG D 222 14.19 14.16 72.42
CA ARG D 222 13.45 15.41 72.38
C ARG D 222 13.72 16.13 71.08
N ARG D 223 12.67 16.64 70.44
CA ARG D 223 12.78 17.33 69.17
C ARG D 223 12.21 18.74 69.28
N VAL D 224 12.84 19.67 68.55
CA VAL D 224 12.44 21.07 68.55
C VAL D 224 12.33 21.54 67.10
N ARG D 225 11.58 22.62 66.91
CA ARG D 225 11.36 23.21 65.60
C ARG D 225 12.05 24.56 65.54
N ILE D 226 12.88 24.75 64.51
CA ILE D 226 13.65 25.97 64.33
C ILE D 226 13.32 26.54 62.95
N CYS D 227 13.06 27.85 62.91
CA CYS D 227 12.69 28.52 61.67
C CYS D 227 13.82 29.44 61.24
N GLU D 228 14.28 29.26 59.99
CA GLU D 228 15.27 30.13 59.36
C GLU D 228 14.53 30.99 58.35
N GLU D 229 14.50 32.30 58.60
CA GLU D 229 13.67 33.21 57.83
C GLU D 229 14.53 34.33 57.24
N TYR D 230 14.37 34.58 55.93
CA TYR D 230 14.99 35.71 55.27
C TYR D 230 13.88 36.67 54.82
N TYR D 231 14.00 37.92 55.24
CA TYR D 231 12.98 38.92 54.99
C TYR D 231 13.60 40.18 54.41
N LEU D 232 12.86 40.83 53.52
CA LEU D 232 13.34 42.03 52.84
C LEU D 232 13.05 43.24 53.72
N ASP D 233 14.03 43.63 54.52
CA ASP D 233 13.94 44.85 55.30
C ASP D 233 14.19 46.05 54.37
N GLY D 234 13.83 47.24 54.84
CA GLY D 234 14.02 48.43 54.04
C GLY D 234 15.47 48.63 53.61
N GLU D 235 16.41 48.35 54.51
CA GLU D 235 17.82 48.43 54.15
C GLU D 235 18.20 47.34 53.16
N GLY D 236 17.76 46.11 53.40
CA GLY D 236 18.10 45.01 52.53
C GLY D 236 17.59 43.70 53.11
N TRP D 237 18.05 42.61 52.51
CA TRP D 237 17.65 41.28 52.97
C TRP D 237 18.34 40.94 54.27
N LYS D 238 17.56 40.48 55.25
CA LYS D 238 18.08 40.11 56.56
C LYS D 238 17.68 38.68 56.88
N PHE D 239 18.62 37.93 57.45
CA PHE D 239 18.42 36.53 57.78
C PHE D 239 18.42 36.34 59.29
N CYS D 240 17.47 35.56 59.78
CA CYS D 240 17.36 35.29 61.21
C CYS D 240 17.02 33.82 61.42
N MET D 241 17.39 33.31 62.59
CA MET D 241 17.04 31.97 63.03
C MET D 241 16.38 32.08 64.39
N PHE D 242 15.23 31.43 64.56
CA PHE D 242 14.50 31.56 65.81
C PHE D 242 13.72 30.29 66.11
N THR D 243 13.17 30.25 67.32
CA THR D 243 12.26 29.18 67.74
C THR D 243 11.02 29.80 68.36
N LYS D 244 10.16 28.97 68.95
CA LYS D 244 8.95 29.48 69.59
C LYS D 244 9.24 30.19 70.90
N ALA D 245 10.48 30.11 71.42
CA ALA D 245 10.82 30.69 72.70
C ALA D 245 11.77 31.88 72.61
N GLY D 246 12.35 32.13 71.45
CA GLY D 246 13.26 33.27 71.32
C GLY D 246 14.04 33.20 70.02
N PHE D 247 15.13 33.97 69.98
CA PHE D 247 15.97 34.09 68.80
C PHE D 247 17.21 33.23 68.97
N ILE D 248 17.37 32.23 68.11
CA ILE D 248 18.62 31.49 68.05
C ILE D 248 19.72 32.38 67.47
N VAL D 249 19.41 33.07 66.38
CA VAL D 249 20.32 34.01 65.75
C VAL D 249 19.60 35.35 65.64
N PRO D 250 20.14 36.44 66.18
CA PRO D 250 19.46 37.71 66.10
C PRO D 250 19.41 38.21 64.67
N PRO D 251 18.43 39.05 64.32
CA PRO D 251 18.33 39.58 62.94
C PRO D 251 19.63 40.21 62.46
N MET D 252 20.21 39.63 61.42
CA MET D 252 21.46 40.07 60.83
C MET D 252 21.31 40.09 59.32
N PRO D 253 22.13 40.88 58.62
CA PRO D 253 22.08 40.87 57.15
C PRO D 253 22.41 39.51 56.60
N SER D 254 21.79 39.18 55.47
CA SER D 254 21.96 37.87 54.87
C SER D 254 23.41 37.66 54.45
N PRO D 255 24.06 36.57 54.84
CA PRO D 255 25.47 36.35 54.48
C PRO D 255 25.68 35.93 53.05
N TYR D 256 24.63 35.53 52.33
CA TYR D 256 24.76 35.06 50.96
C TYR D 256 24.69 36.26 50.02
N ILE D 257 25.84 36.62 49.44
CA ILE D 257 25.90 37.76 48.53
C ILE D 257 25.19 37.41 47.24
N GLY D 258 24.34 38.32 46.77
CA GLY D 258 23.54 38.09 45.59
C GLY D 258 24.30 38.38 44.31
N GLU D 259 23.53 38.39 43.21
CA GLU D 259 24.12 38.61 41.90
C GLU D 259 24.73 40.00 41.78
N ASP D 260 24.05 41.02 42.31
CA ASP D 260 24.48 42.40 42.19
C ASP D 260 25.35 42.86 43.35
N GLY D 261 25.96 41.94 44.09
CA GLY D 261 26.83 42.29 45.18
C GLY D 261 26.15 42.62 46.48
N GLU D 262 24.81 42.59 46.52
CA GLU D 262 24.05 42.88 47.72
C GLU D 262 23.54 41.57 48.34
N PRO D 263 23.28 41.57 49.65
CA PRO D 263 22.70 40.38 50.27
C PRO D 263 21.39 39.99 49.61
N GLU D 264 21.18 38.69 49.45
CA GLU D 264 20.00 38.17 48.77
C GLU D 264 19.48 36.95 49.51
N CYS D 265 18.22 36.63 49.26
CA CYS D 265 17.63 35.42 49.82
C CYS D 265 18.13 34.20 49.03
N PRO D 266 18.78 33.24 49.67
CA PRO D 266 19.28 32.08 48.91
C PRO D 266 18.18 31.14 48.43
N ILE D 267 16.97 31.27 48.95
CA ILE D 267 15.89 30.36 48.61
C ILE D 267 15.31 30.76 47.27
N LYS D 268 15.27 29.81 46.33
CA LYS D 268 14.62 29.99 45.05
C LYS D 268 13.39 29.10 45.02
N ALA D 269 12.21 29.70 44.85
CA ALA D 269 10.95 29.00 44.90
C ALA D 269 10.17 29.26 43.61
N VAL D 270 9.51 28.22 43.12
CA VAL D 270 8.70 28.32 41.91
C VAL D 270 7.34 27.67 42.17
N SER D 271 6.34 28.11 41.43
CA SER D 271 4.97 27.63 41.58
C SER D 271 4.36 27.37 40.21
N LEU D 272 3.35 26.51 40.19
CA LEU D 272 2.70 26.11 38.95
C LEU D 272 1.46 26.96 38.65
N TYR D 273 0.49 26.95 39.55
CA TYR D 273 -0.76 27.68 39.35
C TYR D 273 -1.02 28.58 40.55
N ILE D 274 -1.53 29.78 40.28
CA ILE D 274 -1.89 30.74 41.31
C ILE D 274 -3.33 31.18 41.06
N ASP D 275 -4.14 31.18 42.11
CA ASP D 275 -5.54 31.54 42.00
C ASP D 275 -5.74 33.02 42.35
N ARG D 276 -7.00 33.45 42.39
CA ARG D 276 -7.30 34.85 42.72
C ARG D 276 -7.02 35.17 44.18
N ASP D 277 -6.90 34.16 45.04
CA ASP D 277 -6.62 34.35 46.46
C ASP D 277 -5.17 34.01 46.80
N ASN D 278 -4.28 34.01 45.81
CA ASN D 278 -2.87 33.71 45.98
C ASN D 278 -2.63 32.30 46.53
N ASN D 279 -3.57 31.38 46.30
CA ASN D 279 -3.40 29.99 46.67
C ASN D 279 -2.75 29.23 45.53
N ARG D 280 -1.69 28.49 45.85
CA ARG D 280 -0.91 27.78 44.84
C ARG D 280 -1.23 26.30 44.88
N TYR D 281 -1.62 25.75 43.72
CA TYR D 281 -2.01 24.36 43.62
C TYR D 281 -1.41 23.74 42.36
N GLY D 282 -1.29 22.42 42.38
CA GLY D 282 -0.70 21.68 41.28
C GLY D 282 -1.74 21.13 40.32
N GLU D 283 -1.27 20.25 39.44
CA GLU D 283 -2.14 19.66 38.43
C GLU D 283 -3.08 18.61 39.03
N VAL D 284 -2.66 17.97 40.12
CA VAL D 284 -3.43 16.89 40.73
C VAL D 284 -4.83 17.37 41.09
N ARG D 285 -4.97 18.65 41.43
CA ARG D 285 -6.29 19.20 41.75
C ARG D 285 -7.30 18.90 40.65
N THR D 286 -6.89 19.05 39.39
CA THR D 286 -7.82 18.84 38.29
C THR D 286 -8.36 17.42 38.27
N MET D 287 -7.58 16.45 38.76
CA MET D 287 -7.99 15.06 38.79
C MET D 287 -8.74 14.69 40.06
N ILE D 288 -8.88 15.62 41.00
CA ILE D 288 -9.55 15.30 42.27
C ILE D 288 -11.03 14.99 42.03
N GLY D 289 -11.68 15.79 41.18
CA GLY D 289 -13.10 15.64 40.92
C GLY D 289 -13.49 14.28 40.38
N PRO D 290 -13.05 13.97 39.16
CA PRO D 290 -13.43 12.68 38.55
C PRO D 290 -13.01 11.47 39.37
N GLN D 291 -11.89 11.54 40.08
CA GLN D 291 -11.39 10.38 40.80
C GLN D 291 -12.41 9.86 41.81
N ASP D 292 -13.07 10.76 42.55
CA ASP D 292 -14.13 10.35 43.46
C ASP D 292 -15.23 9.60 42.73
N GLU D 293 -15.63 10.10 41.55
CA GLU D 293 -16.64 9.41 40.78
C GLU D 293 -16.15 8.04 40.32
N ILE D 294 -14.84 7.85 40.20
CA ILE D 294 -14.32 6.52 39.92
C ILE D 294 -14.53 5.60 41.11
N ASN D 295 -14.39 6.12 42.32
CA ASN D 295 -14.49 5.31 43.53
C ASN D 295 -15.94 5.17 44.00
N LYS D 296 -16.63 6.30 44.21
CA LYS D 296 -17.97 6.24 44.78
C LYS D 296 -18.93 5.45 43.89
N ARG D 297 -18.95 5.75 42.59
CA ARG D 297 -19.78 4.99 41.67
C ARG D 297 -19.36 3.52 41.63
N ARG D 298 -18.08 3.25 41.90
CA ARG D 298 -17.65 1.86 42.04
C ARG D 298 -18.31 1.20 43.24
N SER D 299 -18.39 1.91 44.36
CA SER D 299 -18.98 1.33 45.57
C SER D 299 -20.47 1.14 45.42
N LYS D 300 -21.18 2.19 44.96
CA LYS D 300 -22.63 2.14 44.88
C LYS D 300 -23.09 1.02 43.95
N ALA D 301 -22.45 0.92 42.78
CA ALA D 301 -22.78 -0.16 41.85
C ALA D 301 -22.53 -1.52 42.50
N LEU D 302 -21.52 -1.62 43.36
CA LEU D 302 -21.29 -2.87 44.07
C LEU D 302 -22.34 -3.07 45.16
N HIS D 303 -22.83 -1.99 45.76
CA HIS D 303 -23.86 -2.12 46.80
C HIS D 303 -25.20 -2.55 46.21
N LEU D 304 -25.53 -2.05 45.02
CA LEU D 304 -26.80 -2.40 44.38
C LEU D 304 -26.81 -3.83 43.86
N ILE D 305 -25.68 -4.52 43.86
CA ILE D 305 -25.56 -5.82 43.22
C ILE D 305 -25.65 -6.96 44.23
N ASN D 306 -24.95 -6.84 45.36
CA ASN D 306 -24.97 -7.89 46.36
C ASN D 306 -26.17 -7.83 47.27
N SER D 307 -27.05 -6.86 47.09
CA SER D 307 -28.27 -6.73 47.88
C SER D 307 -29.48 -6.67 46.96
N ARG D 308 -30.61 -7.14 47.47
CA ARG D 308 -31.86 -7.17 46.73
C ARG D 308 -32.94 -6.43 47.52
N GLN D 309 -33.86 -5.82 46.80
CA GLN D 309 -35.02 -5.15 47.40
C GLN D 309 -36.23 -6.06 47.27
N VAL D 310 -36.87 -6.36 48.39
CA VAL D 310 -38.00 -7.26 48.43
C VAL D 310 -39.15 -6.60 49.16
N ARG D 311 -40.36 -6.84 48.67
CA ARG D 311 -41.60 -6.46 49.36
C ARG D 311 -42.21 -7.72 49.94
N VAL D 312 -42.53 -7.68 51.23
CA VAL D 312 -43.00 -8.84 51.98
C VAL D 312 -44.45 -8.61 52.38
N SER D 313 -45.28 -9.62 52.18
CA SER D 313 -46.68 -9.52 52.59
C SER D 313 -46.78 -9.39 54.10
N PRO D 314 -47.72 -8.59 54.61
CA PRO D 314 -47.82 -8.41 56.07
C PRO D 314 -48.20 -9.68 56.82
N ASN D 315 -48.78 -10.67 56.13
CA ASN D 315 -49.13 -11.93 56.79
C ASN D 315 -47.91 -12.79 57.11
N VAL D 316 -46.73 -12.42 56.61
CA VAL D 316 -45.52 -13.18 56.89
C VAL D 316 -45.13 -12.98 58.36
N GLN D 317 -44.84 -14.09 59.05
CA GLN D 317 -44.48 -14.05 60.45
C GLN D 317 -42.97 -13.97 60.66
N MET D 318 -42.23 -13.39 59.72
CA MET D 318 -40.79 -13.28 59.81
C MET D 318 -40.36 -11.84 59.63
N ASP D 319 -39.19 -11.51 60.17
CA ASP D 319 -38.65 -10.16 60.03
C ASP D 319 -38.38 -9.86 58.57
N ALA D 320 -38.75 -8.65 58.15
CA ALA D 320 -38.54 -8.24 56.76
C ALA D 320 -37.05 -8.19 56.43
N GLN D 321 -36.24 -7.66 57.34
CA GLN D 321 -34.80 -7.58 57.09
C GLN D 321 -34.18 -8.96 57.01
N SER D 322 -34.61 -9.88 57.87
CA SER D 322 -34.09 -11.25 57.82
C SER D 322 -34.46 -11.93 56.51
N VAL D 323 -35.70 -11.74 56.06
CA VAL D 323 -36.13 -12.33 54.78
C VAL D 323 -35.31 -11.73 53.64
N ARG D 324 -35.08 -10.43 53.67
CA ARG D 324 -34.28 -9.79 52.63
C ARG D 324 -32.86 -10.31 52.62
N LYS D 325 -32.27 -10.48 53.81
CA LYS D 325 -30.91 -11.01 53.90
C LYS D 325 -30.84 -12.43 53.38
N GLU D 326 -31.84 -13.25 53.70
CA GLU D 326 -31.89 -14.61 53.18
C GLU D 326 -32.02 -14.63 51.67
N LEU D 327 -32.86 -13.76 51.12
CA LEU D 327 -33.07 -13.75 49.67
C LEU D 327 -31.87 -13.15 48.94
N SER D 328 -31.09 -12.31 49.60
CA SER D 328 -29.90 -11.75 48.97
C SER D 328 -28.77 -12.77 48.88
N LYS D 329 -28.77 -13.79 49.73
CA LYS D 329 -27.74 -14.81 49.67
C LYS D 329 -27.93 -15.66 48.42
N PRO D 330 -26.83 -16.10 47.79
CA PRO D 330 -26.97 -16.95 46.60
C PRO D 330 -27.70 -18.25 46.85
N ASP D 331 -27.58 -18.81 48.06
CA ASP D 331 -28.23 -20.07 48.42
C ASP D 331 -29.32 -19.86 49.46
N GLY D 332 -30.08 -18.77 49.33
CA GLY D 332 -31.14 -18.50 50.27
C GLY D 332 -32.42 -19.23 49.93
N VAL D 333 -33.30 -19.34 50.93
CA VAL D 333 -34.58 -20.01 50.78
C VAL D 333 -35.67 -19.16 51.43
N PHE D 334 -36.90 -19.39 50.99
CA PHE D 334 -38.07 -18.74 51.56
C PHE D 334 -39.22 -19.73 51.58
N VAL D 335 -40.02 -19.69 52.64
CA VAL D 335 -41.17 -20.58 52.80
C VAL D 335 -42.43 -19.73 52.78
N GLY D 336 -43.26 -19.94 51.78
CA GLY D 336 -44.49 -19.19 51.66
C GLY D 336 -45.08 -19.33 50.27
N ASP D 337 -46.19 -18.64 50.06
CA ASP D 337 -46.86 -18.64 48.77
C ASP D 337 -46.15 -17.70 47.79
N SER D 338 -46.63 -17.72 46.55
CA SER D 338 -45.96 -16.96 45.49
C SER D 338 -46.03 -15.47 45.73
N GLY D 339 -47.17 -14.96 46.18
CA GLY D 339 -47.36 -13.53 46.32
C GLY D 339 -46.86 -12.92 47.60
N GLU D 340 -46.27 -13.71 48.50
CA GLU D 340 -45.80 -13.16 49.77
C GLU D 340 -44.58 -12.26 49.58
N VAL D 341 -43.67 -12.65 48.70
CA VAL D 341 -42.43 -11.91 48.48
C VAL D 341 -42.37 -11.52 47.00
N GLU D 342 -42.09 -10.25 46.75
CA GLU D 342 -41.89 -9.75 45.40
C GLU D 342 -40.56 -9.03 45.32
N ILE D 343 -39.71 -9.44 44.39
CA ILE D 343 -38.38 -8.86 44.23
C ILE D 343 -38.48 -7.67 43.29
N LEU D 344 -38.25 -6.47 43.82
CA LEU D 344 -38.26 -5.28 43.00
C LEU D 344 -37.02 -5.23 42.11
N PRO D 345 -37.12 -4.65 40.92
CA PRO D 345 -35.97 -4.62 40.01
C PRO D 345 -35.02 -3.47 40.30
N THR D 346 -33.72 -3.79 40.40
CA THR D 346 -32.69 -2.77 40.63
C THR D 346 -31.53 -2.90 39.65
N GLN D 347 -31.69 -3.66 38.56
CA GLN D 347 -30.62 -3.79 37.58
C GLN D 347 -30.37 -2.49 36.84
N ASP D 348 -31.42 -1.69 36.63
CA ASP D 348 -31.25 -0.41 35.95
C ASP D 348 -30.35 0.53 36.74
N MET D 349 -30.50 0.55 38.07
CA MET D 349 -29.64 1.37 38.92
C MET D 349 -28.17 0.98 38.75
N ALA D 350 -27.87 -0.32 38.81
CA ALA D 350 -26.50 -0.78 38.68
C ALA D 350 -25.95 -0.49 37.29
N SER D 351 -26.76 -0.70 36.25
CA SER D 351 -26.30 -0.42 34.90
C SER D 351 -26.00 1.06 34.71
N ALA D 352 -26.87 1.93 35.22
CA ALA D 352 -26.65 3.37 35.12
C ALA D 352 -25.40 3.79 35.88
N ASN D 353 -25.19 3.22 37.07
CA ASN D 353 -24.00 3.54 37.84
C ASN D 353 -22.73 3.09 37.10
N LEU D 354 -22.78 1.90 36.48
CA LEU D 354 -21.63 1.43 35.72
C LEU D 354 -21.35 2.32 34.51
N ALA D 355 -22.41 2.75 33.81
CA ALA D 355 -22.22 3.65 32.67
C ALA D 355 -21.62 4.97 33.13
N MET D 356 -22.10 5.51 34.25
CA MET D 356 -21.56 6.77 34.76
C MET D 356 -20.11 6.61 35.18
N LEU D 357 -19.77 5.45 35.78
CA LEU D 357 -18.39 5.17 36.13
C LEU D 357 -17.49 5.11 34.91
N GLN D 358 -17.96 4.47 33.84
CA GLN D 358 -17.19 4.41 32.60
C GLN D 358 -16.99 5.81 32.02
N GLU D 359 -18.03 6.63 32.07
CA GLU D 359 -17.92 8.00 31.58
C GLU D 359 -16.89 8.79 32.39
N ALA D 360 -16.91 8.63 33.72
CA ALA D 360 -15.93 9.30 34.56
C ALA D 360 -14.52 8.81 34.27
N LYS D 361 -14.36 7.51 34.03
CA LYS D 361 -13.05 6.96 33.67
C LYS D 361 -12.54 7.56 32.37
N ASN D 362 -13.40 7.66 31.36
CA ASN D 362 -13.00 8.30 30.11
C ASN D 362 -12.62 9.76 30.34
N GLU D 363 -13.39 10.46 31.17
CA GLU D 363 -13.11 11.87 31.42
C GLU D 363 -11.74 12.05 32.08
N ILE D 364 -11.45 11.25 33.11
CA ILE D 364 -10.15 11.41 33.79
C ILE D 364 -9.02 10.98 32.87
N ASP D 365 -9.25 9.96 32.04
CA ASP D 365 -8.23 9.56 31.08
C ASP D 365 -7.90 10.68 30.10
N LEU D 366 -8.93 11.38 29.61
CA LEU D 366 -8.67 12.53 28.75
C LEU D 366 -8.21 13.75 29.55
N LEU D 367 -8.54 13.81 30.83
CA LEU D 367 -8.19 14.96 31.65
C LEU D 367 -6.68 15.02 31.88
N GLY D 368 -6.16 16.25 31.97
CA GLY D 368 -4.75 16.47 32.14
C GLY D 368 -3.96 15.92 30.97
N PRO D 369 -2.96 15.09 31.25
CA PRO D 369 -2.28 14.37 30.16
C PRO D 369 -3.26 13.49 29.41
N ASN D 370 -3.06 13.39 28.10
CA ASN D 370 -3.99 12.68 27.23
C ASN D 370 -3.98 11.18 27.41
N ALA D 371 -3.24 10.66 28.40
CA ALA D 371 -3.09 9.24 28.72
C ALA D 371 -2.32 8.47 27.65
N ALA D 372 -1.97 9.11 26.54
CA ALA D 372 -1.11 8.48 25.54
C ALA D 372 0.36 8.71 25.80
N LEU D 373 0.70 9.81 26.48
CA LEU D 373 2.09 10.05 26.86
C LEU D 373 2.58 9.01 27.85
N GLY D 374 1.68 8.48 28.68
CA GLY D 374 1.96 7.35 29.54
C GLY D 374 1.79 6.01 28.88
N GLY D 375 1.45 5.99 27.59
CA GLY D 375 1.28 4.75 26.85
C GLY D 375 0.10 3.91 27.29
N LYS D 376 -1.02 4.54 27.64
CA LYS D 376 -2.23 3.82 28.02
C LYS D 376 -3.36 4.06 27.05
N ALA D 377 -3.73 5.33 26.81
CA ALA D 377 -4.76 5.71 25.86
C ALA D 377 -6.07 4.99 26.12
N GLU D 378 -6.79 4.62 25.06
CA GLU D 378 -8.06 3.93 25.18
C GLU D 378 -8.15 2.66 24.34
N GLY D 379 -7.23 2.43 23.41
CA GLY D 379 -7.26 1.26 22.58
C GLY D 379 -8.11 1.43 21.34
N GLN D 380 -7.94 0.48 20.41
CA GLN D 380 -8.66 0.48 19.13
C GLN D 380 -8.42 1.77 18.34
N MET D 381 -7.18 2.26 18.38
CA MET D 381 -6.81 3.47 17.66
C MET D 381 -5.49 3.25 16.95
N SER D 382 -5.29 3.97 15.86
CA SER D 382 -4.10 3.82 15.03
C SER D 382 -2.89 4.49 15.69
N GLY D 383 -1.72 4.21 15.12
CA GLY D 383 -0.50 4.80 15.65
C GLY D 383 -0.42 6.30 15.46
N ARG D 384 -0.88 6.79 14.30
CA ARG D 384 -0.83 8.22 14.03
C ARG D 384 -1.67 9.00 15.03
N ALA D 385 -2.84 8.47 15.39
CA ALA D 385 -3.66 9.11 16.41
C ALA D 385 -2.94 9.15 17.75
N ILE D 386 -2.22 8.07 18.08
CA ILE D 386 -1.48 8.03 19.33
C ILE D 386 -0.38 9.09 19.33
N LEU D 387 0.36 9.22 18.22
CA LEU D 387 1.38 10.25 18.15
C LEU D 387 0.79 11.65 18.25
N ALA D 388 -0.36 11.87 17.60
CA ALA D 388 -1.02 13.16 17.68
C ALA D 388 -1.44 13.48 19.12
N GLN D 389 -2.01 12.50 19.81
CA GLN D 389 -2.41 12.71 21.20
C GLN D 389 -1.21 12.96 22.10
N GLN D 390 -0.10 12.25 21.85
CA GLN D 390 1.11 12.49 22.63
C GLN D 390 1.66 13.90 22.39
N GLN D 391 1.65 14.35 21.13
CA GLN D 391 2.10 15.71 20.84
C GLN D 391 1.20 16.75 21.49
N GLY D 392 -0.11 16.52 21.46
CA GLY D 392 -1.03 17.43 22.13
C GLY D 392 -0.81 17.48 23.63
N GLY D 393 -0.59 16.33 24.25
CA GLY D 393 -0.30 16.29 25.67
C GLY D 393 1.00 16.99 26.02
N MET D 394 2.03 16.81 25.17
CA MET D 394 3.29 17.51 25.38
C MET D 394 3.11 19.02 25.27
N THR D 395 2.28 19.45 24.31
CA THR D 395 1.97 20.88 24.21
C THR D 395 1.25 21.38 25.45
N GLU D 396 0.29 20.60 25.96
CA GLU D 396 -0.43 20.98 27.16
C GLU D 396 0.45 20.96 28.40
N ALA D 397 1.61 20.29 28.35
CA ALA D 397 2.53 20.22 29.47
C ALA D 397 3.70 21.18 29.33
N ALA D 398 3.60 22.15 28.42
CA ALA D 398 4.70 23.09 28.22
C ALA D 398 4.91 23.98 29.43
N THR D 399 3.84 24.36 30.12
CA THR D 399 3.98 25.23 31.29
C THR D 399 4.77 24.54 32.40
N TYR D 400 4.54 23.24 32.60
CA TYR D 400 5.26 22.49 33.62
C TYR D 400 6.76 22.50 33.34
N LEU D 401 7.14 22.20 32.09
CA LEU D 401 8.55 22.24 31.71
C LEU D 401 9.12 23.64 31.80
N ASP D 402 8.31 24.66 31.50
CA ASP D 402 8.79 26.05 31.64
C ASP D 402 9.07 26.39 33.10
N ARG D 403 8.20 25.94 34.01
CA ARG D 403 8.46 26.15 35.43
C ARG D 403 9.74 25.45 35.87
N ILE D 404 9.93 24.22 35.42
CA ILE D 404 11.16 23.49 35.76
C ILE D 404 12.38 24.24 35.23
N ARG D 405 12.29 24.73 33.99
CA ARG D 405 13.39 25.47 33.39
C ARG D 405 13.69 26.75 34.15
N ALA D 406 12.66 27.48 34.56
CA ALA D 406 12.87 28.71 35.32
C ALA D 406 13.52 28.44 36.66
N LEU D 407 13.05 27.40 37.36
CA LEU D 407 13.67 27.03 38.63
C LEU D 407 15.13 26.64 38.43
N SER D 408 15.43 25.87 37.39
CA SER D 408 16.81 25.48 37.12
C SER D 408 17.68 26.68 36.83
N ILE D 409 17.18 27.63 36.04
CA ILE D 409 17.96 28.81 35.69
C ILE D 409 18.23 29.65 36.94
N ALA D 410 17.22 29.83 37.79
CA ALA D 410 17.43 30.58 39.03
C ALA D 410 18.44 29.89 39.92
N VAL D 411 18.36 28.57 40.02
CA VAL D 411 19.32 27.82 40.84
C VAL D 411 20.73 27.98 40.30
N TYR D 412 20.89 27.91 38.98
CA TYR D 412 22.22 28.06 38.38
C TYR D 412 22.77 29.47 38.60
N ARG D 413 21.92 30.48 38.50
CA ARG D 413 22.36 31.85 38.75
C ARG D 413 22.82 32.03 40.19
N SER D 414 22.05 31.49 41.15
CA SER D 414 22.46 31.57 42.54
C SER D 414 23.75 30.79 42.78
N VAL D 415 23.91 29.66 42.10
CA VAL D 415 25.14 28.87 42.23
C VAL D 415 26.33 29.66 41.74
N TRP D 416 26.20 30.34 40.60
CA TRP D 416 27.30 31.16 40.10
C TRP D 416 27.62 32.31 41.05
N ALA D 417 26.58 32.95 41.59
CA ALA D 417 26.82 34.03 42.55
C ALA D 417 27.57 33.52 43.78
N ARG D 418 27.16 32.35 44.29
CA ARG D 418 27.82 31.80 45.46
C ARG D 418 29.25 31.36 45.15
N ILE D 419 29.49 30.86 43.94
CA ILE D 419 30.85 30.50 43.52
C ILE D 419 31.72 31.75 43.50
N ARG D 420 31.21 32.83 42.94
CA ARG D 420 31.96 34.08 42.96
C ARG D 420 32.19 34.58 44.38
N GLN D 421 31.24 34.33 45.28
CA GLN D 421 31.37 34.83 46.65
C GLN D 421 32.40 34.04 47.45
N VAL D 422 32.39 32.72 47.36
CA VAL D 422 33.11 31.89 48.33
C VAL D 422 34.33 31.18 47.76
N TRP D 423 34.42 30.98 46.45
CA TRP D 423 35.54 30.24 45.89
C TRP D 423 36.82 31.07 45.91
N THR D 424 37.94 30.39 46.11
CA THR D 424 39.27 31.01 46.13
C THR D 424 40.06 30.57 44.90
N GLY D 425 41.30 31.05 44.81
CA GLY D 425 42.15 30.69 43.69
C GLY D 425 42.52 29.22 43.69
N GLU D 426 42.84 28.67 44.87
CA GLU D 426 43.21 27.27 44.96
C GLU D 426 42.07 26.37 44.52
N ARG D 427 40.85 26.68 44.94
CA ARG D 427 39.69 25.88 44.53
C ARG D 427 39.46 25.98 43.03
N TRP D 428 39.60 27.19 42.46
CA TRP D 428 39.44 27.36 41.03
C TRP D 428 40.45 26.53 40.26
N VAL D 429 41.72 26.56 40.69
CA VAL D 429 42.76 25.77 40.03
C VAL D 429 42.48 24.28 40.17
N ARG D 430 42.07 23.85 41.36
CA ARG D 430 41.84 22.43 41.59
C ARG D 430 40.68 21.90 40.77
N VAL D 431 39.60 22.69 40.64
CA VAL D 431 38.42 22.21 39.95
C VAL D 431 38.57 22.35 38.45
N THR D 432 38.88 23.55 37.97
CA THR D 432 38.91 23.80 36.53
C THR D 432 40.24 23.47 35.88
N ASP D 433 41.32 23.38 36.66
CA ASP D 433 42.65 23.05 36.14
C ASP D 433 43.09 24.05 35.06
N ASN D 434 42.77 25.32 35.28
CA ASN D 434 43.16 26.39 34.35
C ASN D 434 43.65 27.58 35.16
N GLU D 435 44.86 28.05 34.83
CA GLU D 435 45.44 29.17 35.55
C GLU D 435 44.66 30.46 35.32
N ARG D 436 44.20 30.69 34.08
CA ARG D 436 43.53 31.94 33.75
C ARG D 436 42.32 32.18 34.62
N ASN D 437 41.71 31.11 35.15
CA ASN D 437 40.54 31.25 35.99
C ASN D 437 40.81 31.97 37.30
N LEU D 438 42.07 32.14 37.70
CA LEU D 438 42.36 32.99 38.84
C LEU D 438 41.93 34.43 38.60
N ARG D 439 41.74 34.82 37.34
CA ARG D 439 41.20 36.15 37.05
C ARG D 439 39.78 36.29 37.59
N PHE D 440 39.05 35.19 37.73
CA PHE D 440 37.65 35.22 38.12
C PHE D 440 37.43 35.13 39.61
N VAL D 441 38.51 35.12 40.41
CA VAL D 441 38.38 34.96 41.85
C VAL D 441 37.84 36.24 42.46
N GLY D 442 36.77 36.12 43.24
CA GLY D 442 36.17 37.25 43.91
C GLY D 442 35.26 38.05 43.00
N LEU D 443 34.61 39.05 43.60
CA LEU D 443 33.69 39.92 42.88
C LEU D 443 34.24 41.32 42.66
N ASN D 444 35.29 41.72 43.37
CA ASN D 444 35.89 43.04 43.24
C ASN D 444 34.88 44.15 43.46
N ALA D 503 32.51 44.43 37.35
CA ALA D 503 33.13 43.13 37.59
C ALA D 503 33.80 42.59 36.33
N VAL D 504 33.91 41.28 36.23
CA VAL D 504 34.54 40.62 35.09
C VAL D 504 33.53 39.79 34.31
N ALA D 505 32.73 38.98 35.01
CA ALA D 505 31.73 38.11 34.38
C ALA D 505 30.41 38.34 35.10
N GLU D 506 29.64 39.33 34.64
CA GLU D 506 28.32 39.59 35.20
C GLU D 506 27.33 38.55 34.72
N LEU D 507 26.27 38.35 35.52
CA LEU D 507 25.29 37.32 35.23
C LEU D 507 24.39 37.66 34.06
N ASP D 508 24.37 38.91 33.61
CA ASP D 508 23.58 39.31 32.46
C ASP D 508 24.33 40.15 31.44
N VAL D 509 25.45 40.77 31.81
CA VAL D 509 26.18 41.61 30.88
C VAL D 509 27.23 40.81 30.09
N ASP D 510 27.85 39.82 30.72
CA ASP D 510 28.93 39.06 30.08
C ASP D 510 28.53 37.64 29.72
N ILE D 511 27.80 36.94 30.60
CA ILE D 511 27.39 35.57 30.34
C ILE D 511 25.88 35.46 30.57
N LEU D 512 25.28 34.47 29.91
CA LEU D 512 23.87 34.16 30.07
C LEU D 512 23.75 32.69 30.44
N VAL D 513 22.98 32.40 31.48
CA VAL D 513 22.82 31.03 31.96
C VAL D 513 21.60 30.42 31.29
N ASP D 514 21.78 29.22 30.73
CA ASP D 514 20.73 28.52 30.00
C ASP D 514 20.95 27.03 30.15
N GLU D 515 20.19 26.24 29.40
CA GLU D 515 20.25 24.80 29.44
C GLU D 515 20.72 24.27 28.09
N GLY D 516 21.70 23.38 28.12
CA GLY D 516 22.18 22.70 26.93
C GLY D 516 21.99 21.19 27.03
N LEU D 517 22.47 20.51 26.00
CA LEU D 517 22.31 19.06 25.91
C LEU D 517 23.00 18.38 27.09
N ASP D 518 22.38 17.31 27.59
CA ASP D 518 22.90 16.57 28.73
C ASP D 518 24.05 15.68 28.27
N ALA D 519 25.26 15.96 28.76
CA ALA D 519 26.43 15.16 28.47
C ALA D 519 27.15 14.83 29.76
N PRO D 520 27.79 13.67 29.84
CA PRO D 520 28.53 13.33 31.07
C PRO D 520 29.63 14.32 31.39
N THR D 521 30.34 14.81 30.37
CA THR D 521 31.39 15.80 30.55
C THR D 521 31.33 16.79 29.39
N ILE D 522 32.06 17.89 29.56
CA ILE D 522 32.16 18.88 28.50
C ILE D 522 32.89 18.29 27.29
N ALA D 523 33.87 17.42 27.54
CA ALA D 523 34.61 16.79 26.44
C ALA D 523 33.69 15.95 25.56
N ALA D 524 32.71 15.28 26.16
CA ALA D 524 31.79 14.46 25.37
C ALA D 524 30.95 15.32 24.43
N GLU D 525 30.41 16.43 24.94
CA GLU D 525 29.65 17.34 24.10
C GLU D 525 30.53 17.95 23.01
N GLU D 526 31.78 18.27 23.36
CA GLU D 526 32.72 18.82 22.38
C GLU D 526 33.00 17.81 21.26
N PHE D 527 33.19 16.54 21.63
CA PHE D 527 33.41 15.50 20.63
C PHE D 527 32.17 15.30 19.76
N GLU D 528 30.99 15.36 20.37
CA GLU D 528 29.76 15.24 19.58
C GLU D 528 29.62 16.40 18.59
N GLN D 529 29.98 17.61 19.02
CA GLN D 529 29.95 18.76 18.12
C GLN D 529 30.96 18.60 16.99
N LEU D 530 32.14 18.05 17.30
CA LEU D 530 33.12 17.76 16.26
C LEU D 530 32.59 16.75 15.27
N MET D 531 31.89 15.71 15.76
CA MET D 531 31.23 14.76 14.88
C MET D 531 30.22 15.44 13.97
N LYS D 532 29.40 16.33 14.54
CA LYS D 532 28.39 17.01 13.75
C LYS D 532 29.02 17.88 12.68
N LEU D 533 30.11 18.59 13.02
CA LEU D 533 30.78 19.44 12.06
C LEU D 533 31.46 18.62 10.97
N ALA D 534 32.09 17.52 11.33
CA ALA D 534 32.86 16.73 10.36
C ALA D 534 31.98 15.89 9.45
N SER D 535 30.80 15.47 9.93
CA SER D 535 29.92 14.64 9.11
C SER D 535 29.46 15.39 7.88
N THR D 536 29.14 16.67 8.02
CA THR D 536 28.72 17.47 6.87
C THR D 536 29.85 17.64 5.87
N GLY D 537 31.10 17.61 6.32
CA GLY D 537 32.22 17.80 5.43
C GLY D 537 32.45 19.22 4.98
N ILE D 538 31.74 20.17 5.56
CA ILE D 538 31.87 21.57 5.14
C ILE D 538 33.22 22.13 5.53
N VAL D 539 33.66 21.87 6.76
CA VAL D 539 34.95 22.35 7.25
C VAL D 539 35.92 21.19 7.37
N PRO D 540 37.21 21.39 7.10
CA PRO D 540 38.20 20.33 7.30
C PRO D 540 38.69 20.30 8.75
N ILE D 541 38.39 19.21 9.43
CA ILE D 541 38.80 19.02 10.83
C ILE D 541 39.98 18.06 10.83
N PRO D 542 41.17 18.49 11.26
CA PRO D 542 42.31 17.57 11.29
C PRO D 542 42.09 16.47 12.31
N PRO D 543 42.64 15.27 12.07
CA PRO D 543 42.36 14.15 12.98
C PRO D 543 43.12 14.22 14.29
N ASP D 544 44.20 14.99 14.40
CA ASP D 544 44.96 15.06 15.64
C ASP D 544 44.14 15.71 16.75
N VAL D 545 43.56 16.89 16.47
CA VAL D 545 42.73 17.57 17.46
C VAL D 545 41.47 16.75 17.75
N LEU D 546 40.93 16.10 16.71
CA LEU D 546 39.76 15.25 16.89
C LEU D 546 40.04 14.11 17.86
N ILE D 547 41.19 13.45 17.69
CA ILE D 547 41.56 12.37 18.60
C ILE D 547 41.82 12.92 20.00
N GLU D 548 42.46 14.09 20.09
CA GLU D 548 42.72 14.70 21.38
C GLU D 548 41.43 15.01 22.15
N ALA D 549 40.34 15.28 21.44
CA ALA D 549 39.07 15.59 22.06
C ALA D 549 38.20 14.36 22.31
N SER D 550 38.66 13.17 21.88
CA SER D 550 37.88 11.95 22.07
C SER D 550 38.08 11.41 23.48
N SER D 551 37.59 10.21 23.73
CA SER D 551 37.69 9.55 25.03
C SER D 551 38.23 8.13 24.87
N LEU D 552 39.27 8.00 24.05
CA LEU D 552 39.87 6.70 23.78
C LEU D 552 41.03 6.42 24.74
N ARG D 553 41.20 5.14 25.07
CA ARG D 553 42.27 4.76 26.00
C ARG D 553 43.64 4.82 25.30
N ASN D 554 43.69 4.45 24.02
CA ASN D 554 44.93 4.51 23.25
C ASN D 554 45.16 5.88 22.63
N LYS D 555 44.52 6.92 23.16
CA LYS D 555 44.68 8.26 22.60
C LYS D 555 46.14 8.72 22.57
N PRO D 556 46.93 8.56 23.63
CA PRO D 556 48.35 8.95 23.50
C PRO D 556 49.09 8.21 22.39
N LYS D 557 48.82 6.92 22.22
CA LYS D 557 49.50 6.15 21.18
C LYS D 557 49.10 6.63 19.79
N LEU D 558 47.80 6.86 19.57
CA LEU D 558 47.34 7.35 18.28
C LEU D 558 47.91 8.74 18.00
N LEU D 559 47.93 9.60 19.01
CA LEU D 559 48.49 10.94 18.83
C LEU D 559 49.98 10.88 18.49
N GLU D 560 50.73 10.02 19.18
CA GLU D 560 52.15 9.88 18.88
C GLU D 560 52.37 9.34 17.48
N MET D 561 51.54 8.38 17.06
CA MET D 561 51.71 7.80 15.73
C MET D 561 51.35 8.81 14.64
N LEU D 562 50.33 9.63 14.86
CA LEU D 562 49.95 10.61 13.85
C LEU D 562 50.91 11.79 13.83
N LYS D 563 51.49 12.15 14.97
CA LYS D 563 52.37 13.31 15.07
C LYS D 563 53.84 12.95 14.86
N GLN D 564 54.14 11.69 14.56
CA GLN D 564 55.53 11.30 14.33
C GLN D 564 56.09 12.03 13.11
N GLY D 565 57.38 12.34 13.17
CA GLY D 565 58.04 13.06 12.10
C GLY D 565 58.10 12.26 10.82
N PRO D 566 58.21 12.94 9.68
CA PRO D 566 58.27 12.24 8.40
C PRO D 566 59.53 11.38 8.31
N SER D 567 59.42 10.31 7.54
CA SER D 567 60.53 9.38 7.38
C SER D 567 61.72 10.08 6.72
N GLN D 568 62.92 9.66 7.10
CA GLN D 568 64.13 10.29 6.58
C GLN D 568 64.23 10.14 5.07
N GLU D 569 63.62 9.11 4.50
CA GLU D 569 63.62 8.94 3.05
C GLU D 569 62.89 10.10 2.37
N GLN D 570 61.73 10.49 2.91
CA GLN D 570 60.98 11.61 2.32
C GLN D 570 61.75 12.91 2.44
N MET D 571 62.37 13.16 3.60
CA MET D 571 63.16 14.38 3.76
C MET D 571 64.35 14.40 2.80
N MET D 572 65.02 13.27 2.65
CA MET D 572 66.14 13.18 1.71
C MET D 572 65.67 13.43 0.28
N ALA D 573 64.52 12.85 -0.09
CA ALA D 573 64.01 13.05 -1.45
C ALA D 573 63.65 14.52 -1.69
N GLN D 574 63.01 15.17 -0.72
CA GLN D 574 62.67 16.57 -0.88
C GLN D 574 63.92 17.44 -0.98
N GLN D 575 64.91 17.18 -0.13
CA GLN D 575 66.14 17.97 -0.17
C GLN D 575 66.87 17.77 -1.48
N ILE D 576 66.94 16.53 -1.97
CA ILE D 576 67.64 16.26 -3.22
C ILE D 576 66.89 16.87 -4.40
N ALA D 577 65.56 16.87 -4.37
CA ALA D 577 64.79 17.53 -5.42
C ALA D 577 65.03 19.03 -5.41
N LEU D 578 65.07 19.65 -4.22
CA LEU D 578 65.36 21.08 -4.15
C LEU D 578 66.76 21.38 -4.67
N ALA D 579 67.74 20.55 -4.32
CA ALA D 579 69.09 20.75 -4.83
C ALA D 579 69.13 20.60 -6.35
N GLY D 580 68.41 19.63 -6.89
CA GLY D 580 68.35 19.47 -8.33
C GLY D 580 67.72 20.68 -9.02
N GLU D 581 66.66 21.23 -8.43
CA GLU D 581 66.03 22.42 -9.00
C GLU D 581 66.98 23.61 -8.95
N GLN D 582 67.69 23.79 -7.83
CA GLN D 582 68.66 24.87 -7.73
C GLN D 582 69.76 24.72 -8.78
N ALA D 583 70.25 23.49 -8.96
CA ALA D 583 71.29 23.25 -9.95
C ALA D 583 70.78 23.44 -11.37
N LYS D 584 69.51 23.14 -11.63
CA LYS D 584 68.93 23.41 -12.94
C LYS D 584 68.83 24.91 -13.20
N VAL D 585 68.47 25.68 -12.18
CA VAL D 585 68.49 27.14 -12.31
C VAL D 585 69.90 27.62 -12.60
N ALA D 586 70.89 27.04 -11.92
CA ALA D 586 72.28 27.37 -12.19
C ALA D 586 72.66 27.06 -13.63
N GLU D 587 72.20 25.91 -14.14
CA GLU D 587 72.46 25.57 -15.55
C GLU D 587 71.83 26.58 -16.50
N THR D 588 70.60 27.01 -16.21
CA THR D 588 69.96 27.99 -17.08
C THR D 588 70.74 29.30 -17.08
N GLU D 589 71.20 29.74 -15.91
CA GLU D 589 72.05 30.93 -15.85
C GLU D 589 73.34 30.72 -16.63
N SER D 590 73.90 29.51 -16.54
CA SER D 590 75.14 29.21 -17.26
C SER D 590 74.93 29.26 -18.77
N LYS D 591 73.81 28.73 -19.26
CA LYS D 591 73.51 28.83 -20.69
C LYS D 591 73.28 30.28 -21.11
N THR D 592 72.65 31.07 -20.26
CA THR D 592 72.51 32.50 -20.56
C THR D 592 73.88 33.17 -20.70
N GLY D 593 74.79 32.87 -19.76
CA GLY D 593 76.13 33.41 -19.86
C GLY D 593 76.88 32.92 -21.09
N LEU D 594 76.68 31.66 -21.45
CA LEU D 594 77.31 31.12 -22.65
C LEU D 594 76.81 31.82 -23.90
N ASN D 595 75.50 32.08 -23.97
CA ASN D 595 74.95 32.80 -25.11
C ASN D 595 75.49 34.22 -25.19
N VAL D 596 75.60 34.88 -24.02
CA VAL D 596 76.18 36.22 -24.00
C VAL D 596 77.62 36.20 -24.48
N ALA D 597 78.40 35.22 -24.02
CA ALA D 597 79.80 35.11 -24.45
C ALA D 597 79.90 34.82 -25.94
N LYS D 598 79.01 33.99 -26.47
CA LYS D 598 79.01 33.71 -27.90
C LYS D 598 78.66 34.96 -28.70
N THR D 599 77.71 35.76 -28.22
CA THR D 599 77.40 37.02 -28.88
C THR D 599 78.61 37.95 -28.87
N GLN D 600 79.30 38.03 -27.74
CA GLN D 600 80.49 38.87 -27.67
C GLN D 600 81.57 38.38 -28.62
N GLU D 601 81.75 37.06 -28.72
CA GLU D 601 82.75 36.50 -29.63
C GLU D 601 82.38 36.80 -31.08
N THR D 602 81.10 36.70 -31.42
CA THR D 602 80.66 37.03 -32.77
C THR D 602 80.91 38.50 -33.09
N LEU D 603 80.62 39.38 -32.13
CA LEU D 603 80.88 40.81 -32.33
C LEU D 603 82.37 41.08 -32.51
N ALA D 604 83.21 40.41 -31.71
CA ALA D 604 84.66 40.57 -31.85
C ALA D 604 85.15 40.07 -33.20
N SER D 605 84.60 38.94 -33.67
CA SER D 605 84.96 38.44 -34.99
C SER D 605 84.54 39.42 -36.08
N ILE D 606 83.37 40.04 -35.92
CA ILE D 606 82.94 41.06 -36.88
C ILE D 606 83.92 42.22 -36.88
N GLN D 607 84.32 42.68 -35.69
CA GLN D 607 85.22 43.82 -35.59
C GLN D 607 86.59 43.50 -36.19
N THR D 608 87.11 42.31 -35.95
CA THR D 608 88.43 41.94 -36.45
C THR D 608 88.43 41.58 -37.93
N ASN D 609 87.26 41.42 -38.55
CA ASN D 609 87.18 41.07 -39.96
C ASN D 609 86.31 42.07 -40.73
N SER E 3 34.26 5.45 84.88
CA SER E 3 33.09 5.99 84.19
C SER E 3 32.85 5.25 82.87
N GLN E 4 33.72 4.28 82.57
CA GLN E 4 33.58 3.51 81.35
C GLN E 4 32.29 2.69 81.36
N GLU E 5 31.97 2.08 82.51
CA GLU E 5 30.76 1.27 82.60
C GLU E 5 29.51 2.10 82.37
N ASP E 6 29.44 3.29 82.97
CA ASP E 6 28.28 4.14 82.79
C ASP E 6 28.13 4.58 81.34
N TYR E 7 29.24 4.95 80.70
CA TYR E 7 29.18 5.37 79.31
C TYR E 7 28.75 4.22 78.40
N THR E 8 29.28 3.02 78.64
CA THR E 8 28.88 1.87 77.84
C THR E 8 27.41 1.54 78.02
N LEU E 9 26.92 1.61 79.27
CA LEU E 9 25.51 1.35 79.53
C LEU E 9 24.64 2.38 78.83
N GLU E 10 25.03 3.65 78.89
CA GLU E 10 24.25 4.70 78.22
C GLU E 10 24.23 4.49 76.72
N ALA E 11 25.38 4.14 76.13
CA ALA E 11 25.43 3.92 74.69
C ALA E 11 24.58 2.72 74.28
N LEU E 12 24.65 1.64 75.06
CA LEU E 12 23.84 0.46 74.75
C LEU E 12 22.36 0.78 74.85
N THR E 13 21.96 1.51 75.89
CA THR E 13 20.57 1.90 76.04
C THR E 13 20.12 2.77 74.88
N ALA E 14 20.97 3.72 74.47
CA ALA E 14 20.62 4.58 73.35
C ALA E 14 20.45 3.78 72.06
N ALA E 15 21.35 2.82 71.81
CA ALA E 15 21.25 2.02 70.59
C ALA E 15 19.99 1.16 70.59
N VAL E 16 19.71 0.51 71.73
CA VAL E 16 18.52 -0.33 71.82
C VAL E 16 17.26 0.52 71.65
N ARG E 17 17.25 1.70 72.27
CA ARG E 17 16.11 2.61 72.15
C ARG E 17 15.92 3.07 70.71
N ARG E 18 17.03 3.37 70.02
CA ARG E 18 16.93 3.79 68.62
C ARG E 18 16.35 2.68 67.76
N PHE E 19 16.82 1.44 67.96
CA PHE E 19 16.28 0.32 67.19
C PHE E 19 14.80 0.11 67.49
N GLU E 20 14.42 0.19 68.77
CA GLU E 20 13.02 0.00 69.13
C GLU E 20 12.13 1.08 68.55
N GLU E 21 12.60 2.34 68.57
CA GLU E 21 11.82 3.43 67.98
C GLU E 21 11.68 3.24 66.47
N SER E 22 12.75 2.82 65.80
CA SER E 22 12.67 2.59 64.36
C SER E 22 11.69 1.46 64.05
N GLU E 23 11.71 0.39 64.85
CA GLU E 23 10.79 -0.72 64.63
C GLU E 23 9.35 -0.31 64.89
N ASP E 24 9.12 0.46 65.95
CA ASP E 24 7.74 0.80 66.33
C ASP E 24 7.13 1.83 65.39
N ALA E 25 7.91 2.83 64.98
CA ALA E 25 7.37 3.92 64.17
C ALA E 25 6.98 3.47 62.77
N THR E 26 7.48 2.32 62.31
CA THR E 26 7.19 1.82 60.97
C THR E 26 6.38 0.53 61.00
N THR E 27 5.53 0.37 62.01
CA THR E 27 4.75 -0.86 62.12
C THR E 27 3.73 -0.97 60.98
N GLU E 28 2.97 0.08 60.73
CA GLU E 28 1.97 0.04 59.67
C GLU E 28 2.62 -0.12 58.30
N ALA E 29 3.71 0.60 58.04
CA ALA E 29 4.39 0.48 56.75
C ALA E 29 4.94 -0.93 56.56
N ARG E 30 5.55 -1.50 57.61
CA ARG E 30 6.07 -2.86 57.51
C ARG E 30 4.95 -3.86 57.28
N ALA E 31 3.82 -3.70 57.97
CA ALA E 31 2.69 -4.60 57.78
C ALA E 31 2.16 -4.51 56.35
N ALA E 32 2.03 -3.30 55.82
CA ALA E 32 1.54 -3.13 54.46
C ALA E 32 2.51 -3.73 53.44
N ALA E 33 3.83 -3.53 53.65
CA ALA E 33 4.81 -4.11 52.74
C ALA E 33 4.78 -5.62 52.79
N GLU E 34 4.64 -6.20 53.98
CA GLU E 34 4.53 -7.64 54.10
C GLU E 34 3.27 -8.16 53.42
N ARG E 35 2.17 -7.43 53.55
CA ARG E 35 0.93 -7.81 52.86
C ARG E 35 1.13 -7.80 51.35
N ASP E 36 1.80 -6.76 50.83
CA ASP E 36 2.05 -6.71 49.40
C ASP E 36 2.96 -7.85 48.94
N ARG E 37 4.00 -8.16 49.73
CA ARG E 37 4.89 -9.25 49.36
C ARG E 37 4.15 -10.59 49.37
N ASP E 38 3.29 -10.81 50.36
CA ASP E 38 2.51 -12.04 50.40
C ASP E 38 1.53 -12.10 49.23
N TYR E 39 0.96 -10.95 48.86
CA TYR E 39 0.05 -10.91 47.72
C TYR E 39 0.77 -11.27 46.43
N TYR E 40 2.02 -10.81 46.29
CA TYR E 40 2.83 -11.20 45.15
C TYR E 40 3.15 -12.70 45.16
N ASP E 41 3.12 -13.34 46.32
CA ASP E 41 3.51 -14.74 46.46
C ASP E 41 2.31 -15.67 46.61
N GLU E 42 1.22 -15.40 45.87
CA GLU E 42 0.02 -16.21 45.77
C GLU E 42 -0.82 -16.21 47.04
N LYS E 43 -0.39 -15.54 48.10
CA LYS E 43 -1.16 -15.51 49.35
C LYS E 43 -2.08 -14.29 49.37
N GLN E 44 -3.10 -14.36 48.52
CA GLN E 44 -4.03 -13.25 48.31
C GLN E 44 -5.36 -13.47 49.02
N TRP E 45 -5.47 -14.50 49.85
CA TRP E 45 -6.71 -14.79 50.55
C TRP E 45 -6.48 -14.78 52.04
N THR E 46 -7.41 -14.17 52.77
CA THR E 46 -7.32 -14.14 54.23
C THR E 46 -7.76 -15.49 54.81
N ALA E 47 -7.37 -15.71 56.07
CA ALA E 47 -7.72 -16.96 56.74
C ALA E 47 -9.23 -17.08 56.92
N ALA E 48 -9.89 -16.00 57.31
CA ALA E 48 -11.33 -16.04 57.54
C ALA E 48 -12.09 -16.32 56.25
N GLU E 49 -11.71 -15.65 55.16
CA GLU E 49 -12.38 -15.89 53.89
C GLU E 49 -12.12 -17.30 53.38
N LYS E 50 -10.91 -17.81 53.56
CA LYS E 50 -10.61 -19.19 53.16
C LYS E 50 -11.45 -20.18 53.96
N ALA E 51 -11.58 -19.95 55.27
CA ALA E 51 -12.41 -20.81 56.10
C ALA E 51 -13.88 -20.75 55.66
N ALA E 52 -14.36 -19.56 55.34
CA ALA E 52 -15.74 -19.41 54.88
C ALA E 52 -15.97 -20.16 53.57
N LEU E 53 -15.01 -20.05 52.64
CA LEU E 53 -15.13 -20.76 51.37
C LEU E 53 -15.09 -22.27 51.58
N GLU E 54 -14.22 -22.74 52.49
CA GLU E 54 -14.15 -24.16 52.77
C GLU E 54 -15.45 -24.67 53.38
N ARG E 55 -16.04 -23.89 54.30
CA ARG E 55 -17.34 -24.27 54.86
C ARG E 55 -18.41 -24.30 53.79
N ARG E 56 -18.40 -23.32 52.89
CA ARG E 56 -19.34 -23.29 51.78
C ARG E 56 -19.12 -24.43 50.79
N GLY E 57 -17.95 -25.06 50.82
CA GLY E 57 -17.60 -26.07 49.84
C GLY E 57 -17.03 -25.53 48.55
N GLN E 58 -16.92 -24.22 48.41
CA GLN E 58 -16.38 -23.60 47.21
C GLN E 58 -14.86 -23.52 47.31
N PRO E 59 -14.11 -24.05 46.36
CA PRO E 59 -12.65 -23.98 46.44
C PRO E 59 -12.15 -22.55 46.33
N ALA E 60 -11.03 -22.29 47.01
CA ALA E 60 -10.41 -20.97 46.97
C ALA E 60 -9.51 -20.88 45.74
N ILE E 61 -9.85 -19.99 44.82
CA ILE E 61 -9.15 -19.84 43.56
C ILE E 61 -8.53 -18.46 43.50
N THR E 62 -7.24 -18.39 43.20
CA THR E 62 -6.49 -17.15 43.16
C THR E 62 -6.06 -16.85 41.73
N PHE E 63 -6.40 -15.65 41.26
CA PHE E 63 -6.00 -15.17 39.93
C PHE E 63 -5.00 -14.05 40.13
N ASN E 64 -3.72 -14.35 39.91
CA ASN E 64 -2.65 -13.42 40.21
C ASN E 64 -2.26 -12.63 38.97
N ARG E 65 -2.33 -11.30 39.06
CA ARG E 65 -1.85 -10.41 38.01
C ARG E 65 -0.75 -9.47 38.47
N ILE E 66 -0.52 -9.35 39.79
CA ILE E 66 0.56 -8.50 40.29
C ILE E 66 1.91 -9.08 39.89
N LYS E 67 2.05 -10.41 39.94
CA LYS E 67 3.32 -11.04 39.61
C LYS E 67 3.74 -10.75 38.19
N ARG E 68 2.78 -10.71 37.26
CA ARG E 68 3.10 -10.41 35.87
C ARG E 68 3.71 -9.01 35.73
N LYS E 69 3.09 -8.01 36.37
CA LYS E 69 3.61 -6.65 36.28
C LYS E 69 4.96 -6.53 36.95
N VAL E 70 5.13 -7.17 38.11
CA VAL E 70 6.42 -7.12 38.80
C VAL E 70 7.51 -7.76 37.95
N ASN E 71 7.19 -8.90 37.33
CA ASN E 71 8.16 -9.57 36.46
C ASN E 71 8.50 -8.71 35.25
N ALA E 72 7.50 -8.03 34.68
CA ALA E 72 7.76 -7.14 33.56
C ALA E 72 8.71 -6.01 33.96
N LEU E 73 8.46 -5.40 35.11
CA LEU E 73 9.33 -4.32 35.59
C LEU E 73 10.74 -4.83 35.84
N THR E 74 10.87 -6.00 36.47
CA THR E 74 12.19 -6.57 36.74
C THR E 74 12.92 -6.91 35.45
N GLY E 75 12.21 -7.44 34.46
CA GLY E 75 12.84 -7.74 33.19
C GLY E 75 13.28 -6.49 32.45
N ILE E 76 12.49 -5.42 32.55
CA ILE E 76 12.91 -4.14 31.97
C ILE E 76 14.18 -3.65 32.63
N GLU E 77 14.23 -3.72 33.96
CA GLU E 77 15.43 -3.27 34.68
C GLU E 77 16.63 -4.13 34.30
N LYS E 78 16.42 -5.44 34.11
CA LYS E 78 17.50 -6.32 33.69
C LYS E 78 17.99 -5.96 32.29
N GLN E 79 17.08 -5.64 31.38
CA GLN E 79 17.48 -5.30 30.02
C GLN E 79 18.10 -3.92 29.91
N THR E 80 17.88 -3.03 30.88
CA THR E 80 18.56 -1.75 30.91
C THR E 80 19.75 -1.75 31.87
N ARG E 81 20.45 -2.87 31.97
CA ARG E 81 21.66 -2.93 32.80
C ARG E 81 22.77 -2.09 32.17
N LYS E 82 23.57 -1.45 33.03
CA LYS E 82 24.68 -0.63 32.59
C LYS E 82 25.89 -0.87 33.49
N ASP E 83 27.08 -0.62 32.95
CA ASP E 83 28.29 -0.84 33.72
C ASP E 83 28.74 0.46 34.39
N PRO E 84 29.48 0.37 35.50
CA PRO E 84 30.06 1.59 36.07
C PRO E 84 31.08 2.21 35.12
N ARG E 85 31.17 3.53 35.16
CA ARG E 85 32.09 4.25 34.28
C ARG E 85 32.57 5.51 34.99
N ALA E 86 33.83 5.85 34.77
CA ALA E 86 34.44 7.04 35.34
C ALA E 86 34.84 7.99 34.22
N PHE E 87 34.39 9.22 34.31
CA PHE E 87 34.70 10.26 33.34
C PHE E 87 35.61 11.31 33.96
N PRO E 88 36.51 11.89 33.19
CA PRO E 88 37.36 12.96 33.72
C PRO E 88 36.75 14.33 33.55
N ARG E 89 36.76 15.14 34.61
CA ARG E 89 36.28 16.50 34.49
C ARG E 89 37.12 17.31 33.52
N ASN E 90 38.44 17.11 33.56
CA ASN E 90 39.39 17.79 32.69
C ASN E 90 40.24 16.77 31.96
N PRO E 91 40.78 17.12 30.79
CA PRO E 91 41.59 16.14 30.04
C PRO E 91 42.78 15.60 30.82
N ASP E 92 43.40 16.43 31.65
CA ASP E 92 44.56 15.97 32.42
C ASP E 92 44.19 14.90 33.42
N ASP E 93 42.91 14.79 33.80
CA ASP E 93 42.45 13.74 34.69
C ASP E 93 42.10 12.46 33.95
N GLU E 94 42.22 12.45 32.62
CA GLU E 94 41.74 11.33 31.81
C GLU E 94 42.26 9.99 32.33
N GLU E 95 43.59 9.83 32.35
CA GLU E 95 44.17 8.58 32.83
C GLU E 95 43.66 8.23 34.22
N SER E 96 43.54 9.23 35.09
CA SER E 96 43.05 8.99 36.44
C SER E 96 41.67 8.34 36.41
N ALA E 97 40.78 8.87 35.58
CA ALA E 97 39.45 8.27 35.44
C ALA E 97 39.57 6.81 35.00
N GLN E 98 40.49 6.54 34.05
CA GLN E 98 40.70 5.17 33.61
C GLN E 98 40.99 4.26 34.80
N ALA E 99 41.81 4.73 35.74
CA ALA E 99 42.12 3.94 36.92
C ALA E 99 40.84 3.50 37.62
N ALA E 100 39.94 4.46 37.86
CA ALA E 100 38.66 4.12 38.50
C ALA E 100 37.88 3.13 37.66
N THR E 101 37.89 3.32 36.34
CA THR E 101 37.20 2.39 35.46
C THR E 101 37.81 0.99 35.53
N ASP E 102 39.10 0.90 35.83
CA ASP E 102 39.72 -0.40 36.03
C ASP E 102 39.58 -0.92 37.45
N ALA E 103 39.16 -0.06 38.39
CA ALA E 103 39.03 -0.46 39.79
C ALA E 103 37.60 -0.86 40.13
N ILE E 104 36.65 0.06 39.97
CA ILE E 104 35.27 -0.21 40.34
C ILE E 104 34.72 -1.38 39.54
N ARG E 105 35.01 -1.42 38.24
CA ARG E 105 34.55 -2.50 37.39
C ARG E 105 35.04 -3.85 37.91
N TYR E 106 36.18 -3.89 38.58
CA TYR E 106 36.63 -5.12 39.21
C TYR E 106 35.70 -5.52 40.34
N VAL E 107 35.42 -4.59 41.26
CA VAL E 107 34.62 -4.91 42.43
C VAL E 107 33.22 -5.33 42.01
N CYS E 108 32.61 -4.57 41.10
CA CYS E 108 31.28 -4.92 40.61
C CYS E 108 31.26 -6.28 39.91
N GLU E 109 32.43 -6.77 39.48
CA GLU E 109 32.50 -8.12 38.94
C GLU E 109 32.83 -9.15 40.01
N ASP E 110 33.57 -8.76 41.04
CA ASP E 110 33.95 -9.70 42.08
C ASP E 110 32.80 -9.98 43.04
N SER E 111 31.95 -9.00 43.29
CA SER E 111 30.87 -9.12 44.27
C SER E 111 29.55 -9.53 43.62
N ARG E 112 29.54 -9.85 42.33
CA ARG E 112 28.33 -10.20 41.60
C ARG E 112 27.28 -9.10 41.72
N TRP E 113 27.69 -7.88 41.35
CA TRP E 113 26.85 -6.70 41.55
C TRP E 113 25.58 -6.77 40.71
N ASP E 114 25.59 -7.51 39.60
CA ASP E 114 24.42 -7.58 38.75
C ASP E 114 23.26 -8.26 39.47
N ASP E 115 23.51 -9.44 40.07
CA ASP E 115 22.45 -10.17 40.76
C ASP E 115 21.97 -9.40 41.98
N LYS E 116 22.88 -8.80 42.74
CA LYS E 116 22.48 -8.01 43.90
C LYS E 116 21.64 -6.81 43.49
N ARG E 117 22.02 -6.16 42.39
CA ARG E 117 21.24 -5.03 41.88
C ARG E 117 19.85 -5.48 41.44
N SER E 118 19.77 -6.64 40.77
CA SER E 118 18.46 -7.15 40.37
C SER E 118 17.58 -7.46 41.56
N GLU E 119 18.15 -8.08 42.59
CA GLU E 119 17.37 -8.39 43.80
C GLU E 119 16.93 -7.12 44.51
N ALA E 120 17.82 -6.11 44.58
CA ALA E 120 17.43 -4.84 45.17
C ALA E 120 16.34 -4.17 44.37
N ALA E 121 16.40 -4.27 43.04
CA ALA E 121 15.35 -3.72 42.20
C ALA E 121 14.02 -4.40 42.46
N LYS E 122 14.03 -5.72 42.59
CA LYS E 122 12.79 -6.45 42.90
C LYS E 122 12.24 -6.03 44.25
N GLU E 123 13.11 -5.90 45.26
CA GLU E 123 12.66 -5.47 46.58
C GLU E 123 12.09 -4.06 46.54
N LEU E 124 12.72 -3.17 45.78
CA LEU E 124 12.23 -1.80 45.67
C LEU E 124 10.87 -1.76 44.97
N ALA E 125 10.70 -2.56 43.92
CA ALA E 125 9.44 -2.58 43.20
C ALA E 125 8.32 -3.21 44.03
N ILE E 126 8.65 -4.19 44.87
CA ILE E 126 7.62 -4.94 45.59
C ILE E 126 7.40 -4.37 46.98
N GLU E 127 8.48 -4.12 47.72
CA GLU E 127 8.37 -3.70 49.12
C GLU E 127 8.65 -2.22 49.34
N GLY E 128 9.26 -1.54 48.36
CA GLY E 128 9.38 -0.10 48.39
C GLY E 128 10.72 0.46 48.83
N THR E 129 11.63 -0.38 49.33
CA THR E 129 12.92 0.10 49.81
C THR E 129 13.97 -0.98 49.63
N CYS E 130 15.15 -0.57 49.18
CA CYS E 130 16.28 -1.50 49.04
C CYS E 130 17.54 -0.85 49.61
N ALA E 131 18.47 -1.70 50.07
CA ALA E 131 19.68 -1.26 50.74
C ALA E 131 20.86 -2.13 50.35
N ILE E 132 22.00 -1.48 50.14
CA ILE E 132 23.24 -2.14 49.74
C ILE E 132 24.35 -1.70 50.68
N MET E 133 25.09 -2.65 51.23
CA MET E 133 26.23 -2.37 52.09
C MET E 133 27.53 -2.53 51.30
N VAL E 134 28.38 -1.52 51.37
CA VAL E 134 29.68 -1.54 50.72
C VAL E 134 30.73 -1.68 51.81
N GLY E 135 31.19 -2.91 52.04
CA GLY E 135 32.12 -3.16 53.11
C GLY E 135 33.45 -3.71 52.63
N VAL E 136 34.19 -4.37 53.51
CA VAL E 136 35.49 -4.95 53.17
C VAL E 136 35.45 -6.43 53.49
N LYS E 137 36.38 -7.17 52.88
CA LYS E 137 36.47 -8.61 53.10
C LYS E 137 37.90 -9.05 52.86
N GLN E 138 38.21 -10.26 53.30
CA GLN E 138 39.55 -10.83 53.17
C GLN E 138 39.66 -11.54 51.82
N ALA E 139 40.70 -11.20 51.07
CA ALA E 139 40.99 -11.82 49.79
C ALA E 139 42.44 -12.31 49.79
N LYS E 140 42.82 -12.99 48.69
CA LYS E 140 44.18 -13.51 48.59
C LYS E 140 45.20 -12.38 48.56
N GLY E 141 44.92 -11.32 47.80
CA GLY E 141 45.84 -10.21 47.70
C GLY E 141 45.80 -9.22 48.84
N GLY E 142 44.85 -9.37 49.75
CA GLY E 142 44.70 -8.48 50.89
C GLY E 142 43.25 -8.10 51.06
N ILE E 143 43.03 -6.95 51.72
CA ILE E 143 41.68 -6.46 51.94
C ILE E 143 41.09 -6.02 50.60
N ASP E 144 39.86 -6.46 50.34
CA ASP E 144 39.18 -6.15 49.09
C ASP E 144 37.78 -5.64 49.43
N PRO E 145 37.35 -4.51 48.87
CA PRO E 145 35.97 -4.07 49.08
C PRO E 145 34.98 -5.02 48.43
N ASP E 146 33.80 -5.13 49.04
CA ASP E 146 32.78 -6.03 48.55
C ASP E 146 31.41 -5.39 48.74
N ILE E 147 30.44 -5.89 47.98
CA ILE E 147 29.09 -5.38 47.94
C ILE E 147 28.15 -6.47 48.43
N ARG E 148 27.30 -6.14 49.39
CA ARG E 148 26.29 -7.06 49.91
C ARG E 148 24.93 -6.38 49.84
N ARG E 149 23.88 -7.19 49.74
CA ARG E 149 22.52 -6.70 49.70
C ARG E 149 21.84 -6.98 51.03
N ILE E 150 21.22 -5.95 51.60
CA ILE E 150 20.51 -6.08 52.87
C ILE E 150 19.04 -6.30 52.58
N ALA E 151 18.48 -7.38 53.12
CA ALA E 151 17.06 -7.65 52.94
C ALA E 151 16.24 -6.54 53.58
N TRP E 152 15.09 -6.24 52.97
CA TRP E 152 14.26 -5.15 53.46
C TRP E 152 13.82 -5.36 54.90
N ASP E 153 13.57 -6.61 55.28
CA ASP E 153 13.18 -6.92 56.65
C ASP E 153 14.37 -7.02 57.60
N ARG E 154 15.59 -6.90 57.09
CA ARG E 154 16.79 -6.87 57.92
C ARG E 154 17.40 -5.48 58.00
N PHE E 155 16.71 -4.46 57.50
CA PHE E 155 17.22 -3.10 57.44
C PHE E 155 16.26 -2.17 58.15
N TYR E 156 16.80 -1.33 59.04
CA TYR E 156 16.00 -0.33 59.72
C TYR E 156 16.69 1.03 59.62
N TYR E 157 15.89 2.09 59.68
CA TYR E 157 16.39 3.44 59.42
C TYR E 157 15.74 4.41 60.38
N ASP E 158 16.19 5.66 60.32
CA ASP E 158 15.61 6.72 61.13
C ASP E 158 14.21 7.03 60.62
N PRO E 159 13.17 6.91 61.45
CA PRO E 159 11.81 7.20 60.96
C PRO E 159 11.59 8.65 60.57
N HIS E 160 12.42 9.57 61.06
CA HIS E 160 12.24 10.99 60.75
C HIS E 160 12.82 11.38 59.41
N ALA E 161 13.52 10.48 58.73
CA ALA E 161 14.07 10.79 57.42
C ALA E 161 12.96 10.95 56.39
N THR E 162 13.09 11.98 55.55
CA THR E 162 12.09 12.27 54.52
C THR E 162 12.60 12.08 53.11
N ALA E 163 13.90 12.24 52.88
CA ALA E 163 14.45 12.08 51.55
C ALA E 163 14.45 10.61 51.13
N PHE E 164 14.46 10.39 49.82
CA PHE E 164 14.48 9.03 49.28
C PHE E 164 15.88 8.43 49.24
N ASP E 165 16.92 9.21 49.55
CA ASP E 165 18.27 8.70 49.74
C ASP E 165 18.66 8.57 51.20
N PHE E 166 17.73 8.83 52.12
CA PHE E 166 18.01 8.85 53.56
C PHE E 166 19.14 9.83 53.88
N GLU E 167 19.17 10.94 53.15
CA GLU E 167 20.18 11.96 53.40
C GLU E 167 19.99 12.60 54.77
N ASP E 168 18.74 12.86 55.15
CA ASP E 168 18.44 13.46 56.44
C ASP E 168 18.39 12.46 57.58
N ALA E 169 18.55 11.17 57.29
CA ALA E 169 18.53 10.16 58.33
C ALA E 169 19.73 10.33 59.26
N CYS E 170 19.48 10.25 60.56
CA CYS E 170 20.53 10.38 61.56
C CYS E 170 21.14 9.04 61.95
N TYR E 171 20.43 7.94 61.70
CA TYR E 171 20.94 6.62 62.08
C TYR E 171 20.22 5.57 61.25
N MET E 172 20.93 4.49 60.93
CA MET E 172 20.31 3.33 60.32
C MET E 172 21.24 2.14 60.46
N GLY E 173 20.66 0.94 60.31
CA GLY E 173 21.42 -0.26 60.56
C GLY E 173 20.78 -1.51 60.00
N VAL E 174 21.46 -2.62 60.25
CA VAL E 174 21.11 -3.93 59.71
C VAL E 174 20.97 -4.93 60.84
N VAL E 175 19.92 -5.73 60.79
CA VAL E 175 19.71 -6.83 61.74
C VAL E 175 20.22 -8.11 61.09
N VAL E 176 21.13 -8.81 61.76
CA VAL E 176 21.78 -10.00 61.22
C VAL E 176 21.45 -11.18 62.12
N TRP E 177 20.93 -12.25 61.52
CA TRP E 177 20.68 -13.50 62.22
C TRP E 177 21.77 -14.49 61.86
N MET E 178 22.46 -15.02 62.87
CA MET E 178 23.60 -15.90 62.65
C MET E 178 23.46 -17.15 63.50
N ASP E 179 24.27 -18.15 63.16
CA ASP E 179 24.41 -19.32 64.02
C ASP E 179 25.35 -19.00 65.17
N LEU E 180 25.10 -19.64 66.32
CA LEU E 180 25.88 -19.35 67.51
C LEU E 180 27.35 -19.70 67.31
N ASP E 181 27.63 -20.82 66.64
CA ASP E 181 29.02 -21.25 66.45
C ASP E 181 29.79 -20.23 65.60
N LYS E 182 29.21 -19.83 64.46
CA LYS E 182 29.88 -18.85 63.62
C LYS E 182 29.89 -17.46 64.27
N ALA E 183 28.88 -17.14 65.07
CA ALA E 183 28.89 -15.88 65.79
C ALA E 183 30.06 -15.84 66.77
N LYS E 184 30.30 -16.94 67.49
CA LYS E 184 31.44 -17.01 68.40
C LYS E 184 32.76 -16.99 67.64
N ALA E 185 32.81 -17.70 66.51
CA ALA E 185 34.05 -17.73 65.72
C ALA E 185 34.41 -16.36 65.17
N LYS E 186 33.42 -15.62 64.67
CA LYS E 186 33.69 -14.31 64.10
C LYS E 186 34.06 -13.30 65.17
N TYR E 187 33.41 -13.36 66.33
CA TYR E 187 33.64 -12.42 67.42
C TYR E 187 33.94 -13.21 68.69
N PRO E 188 35.17 -13.70 68.83
CA PRO E 188 35.52 -14.48 70.04
C PRO E 188 35.71 -13.65 71.29
N GLN E 189 35.91 -12.33 71.19
CA GLN E 189 36.10 -11.54 72.40
C GLN E 189 34.78 -11.34 73.15
N ALA E 190 33.69 -11.11 72.43
CA ALA E 190 32.38 -10.93 73.05
C ALA E 190 31.60 -12.24 73.11
N GLU E 191 32.22 -13.27 73.68
CA GLU E 191 31.53 -14.55 73.82
C GLU E 191 30.39 -14.46 74.82
N ASP E 192 30.61 -13.79 75.95
CA ASP E 192 29.60 -13.73 76.99
C ASP E 192 28.33 -13.04 76.54
N VAL E 193 28.45 -12.05 75.64
CA VAL E 193 27.28 -11.39 75.10
C VAL E 193 26.45 -12.36 74.26
N LEU E 194 27.11 -13.26 73.55
CA LEU E 194 26.42 -14.23 72.70
C LEU E 194 26.02 -15.49 73.44
N ILE E 195 26.47 -15.69 74.69
CA ILE E 195 26.08 -16.88 75.43
C ILE E 195 24.57 -16.92 75.64
N GLU E 196 23.98 -15.78 75.96
CA GLU E 196 22.55 -15.73 76.24
C GLU E 196 21.74 -16.21 75.03
N THR E 197 20.72 -17.02 75.30
CA THR E 197 19.89 -17.56 74.22
C THR E 197 18.88 -16.53 73.73
N TRP E 198 17.98 -16.11 74.63
CA TRP E 198 16.98 -15.09 74.29
C TRP E 198 16.70 -14.29 75.56
N ARG E 199 17.41 -13.18 75.72
CA ARG E 199 17.21 -12.27 76.85
C ARG E 199 16.50 -10.98 76.44
N GLN E 200 15.98 -10.92 75.21
CA GLN E 200 15.30 -9.75 74.71
C GLN E 200 13.78 -9.94 74.79
N ALA E 201 13.05 -8.96 74.27
CA ALA E 201 11.59 -8.98 74.31
C ALA E 201 11.03 -9.83 73.18
N GLN E 202 9.89 -10.47 73.46
CA GLN E 202 9.22 -11.30 72.48
C GLN E 202 8.29 -10.50 71.57
N GLN E 203 8.12 -9.20 71.82
CA GLN E 203 7.24 -8.35 71.02
C GLN E 203 7.98 -7.97 69.73
N SER E 204 7.89 -8.85 68.74
CA SER E 204 8.51 -8.62 67.45
C SER E 204 7.87 -9.52 66.41
N GLU E 205 7.30 -8.92 65.37
CA GLU E 205 6.73 -9.66 64.26
C GLU E 205 7.66 -9.77 63.07
N THR E 206 8.54 -8.80 62.85
CA THR E 206 9.57 -8.86 61.82
C THR E 206 10.92 -8.95 62.53
N TYR E 207 12.00 -8.95 61.74
CA TYR E 207 13.36 -9.02 62.28
C TYR E 207 13.59 -10.32 63.07
N ASP E 208 12.87 -11.37 62.68
CA ASP E 208 13.03 -12.69 63.26
C ASP E 208 13.50 -13.66 62.19
N ASP E 209 13.76 -14.90 62.62
CA ASP E 209 14.22 -15.93 61.70
C ASP E 209 13.14 -16.22 60.65
N LYS E 210 13.58 -16.31 59.40
CA LYS E 210 12.70 -16.50 58.26
C LYS E 210 11.85 -17.78 58.34
N PRO E 211 12.41 -18.96 58.67
CA PRO E 211 11.58 -20.16 58.72
C PRO E 211 10.44 -20.07 59.72
N LYS E 212 10.61 -19.25 60.75
CA LYS E 212 9.57 -19.03 61.76
C LYS E 212 9.20 -20.33 62.47
N HIS E 213 10.16 -21.24 62.60
CA HIS E 213 9.92 -22.54 63.21
C HIS E 213 10.69 -22.72 64.51
N ARG E 214 12.00 -22.49 64.48
CA ARG E 214 12.88 -22.55 65.66
C ARG E 214 12.53 -23.70 66.60
N LEU E 215 12.55 -24.92 66.04
CA LEU E 215 12.22 -26.10 66.84
C LEU E 215 13.29 -26.36 67.90
N TRP E 216 14.52 -26.64 67.46
CA TRP E 216 15.62 -27.02 68.34
C TRP E 216 15.21 -28.16 69.27
N ALA E 217 14.61 -29.18 68.67
CA ALA E 217 14.17 -30.36 69.41
C ALA E 217 15.27 -31.41 69.49
N TYR E 219 18.27 -30.31 70.52
CA TYR E 219 18.51 -29.08 69.78
C TYR E 219 19.05 -29.35 68.39
N ARG E 220 18.70 -28.49 67.44
CA ARG E 220 19.22 -28.57 66.08
C ARG E 220 20.37 -27.59 65.87
N ARG E 221 20.12 -26.30 66.09
CA ARG E 221 21.14 -25.27 66.03
C ARG E 221 20.87 -24.27 67.15
N ARG E 222 21.61 -23.16 67.13
CA ARG E 222 21.41 -22.07 68.07
C ARG E 222 21.56 -20.76 67.30
N ARG E 223 20.47 -19.99 67.20
CA ARG E 223 20.45 -18.78 66.42
C ARG E 223 20.54 -17.56 67.33
N VAL E 224 21.36 -16.58 66.92
CA VAL E 224 21.54 -15.35 67.66
C VAL E 224 21.31 -14.19 66.71
N ARG E 225 20.98 -13.03 67.29
CA ARG E 225 20.66 -11.83 66.53
C ARG E 225 21.59 -10.70 66.96
N ILE E 226 22.16 -10.01 65.97
CA ILE E 226 23.04 -8.87 66.20
C ILE E 226 22.49 -7.70 65.39
N CYS E 227 22.85 -6.49 65.81
CA CYS E 227 22.45 -5.28 65.10
C CYS E 227 23.68 -4.43 64.84
N GLU E 228 23.92 -4.13 63.57
CA GLU E 228 24.90 -3.13 63.17
C GLU E 228 24.18 -1.80 63.06
N GLU E 229 24.72 -0.77 63.71
CA GLU E 229 24.09 0.55 63.68
C GLU E 229 25.14 1.60 63.33
N TYR E 230 24.85 2.41 62.33
CA TYR E 230 25.64 3.59 62.01
C TYR E 230 24.79 4.82 62.30
N TYR E 231 25.27 5.66 63.22
CA TYR E 231 24.53 6.84 63.65
C TYR E 231 25.43 8.06 63.61
N LEU E 232 24.85 9.18 63.18
CA LEU E 232 25.57 10.43 63.05
C LEU E 232 25.27 11.31 64.26
N ASP E 233 26.27 11.49 65.12
CA ASP E 233 26.14 12.40 66.25
C ASP E 233 26.65 13.78 65.84
N GLY E 234 26.86 14.65 66.84
CA GLY E 234 27.29 16.01 66.54
C GLY E 234 28.65 16.09 65.87
N GLU E 235 29.55 15.16 66.20
CA GLU E 235 30.92 15.23 65.72
C GLU E 235 31.19 14.37 64.49
N GLY E 236 30.36 13.35 64.22
CA GLY E 236 30.59 12.52 63.06
C GLY E 236 29.79 11.23 63.13
N TRP E 237 30.18 10.29 62.29
CA TRP E 237 29.51 8.99 62.20
C TRP E 237 30.18 7.98 63.13
N LYS E 238 29.36 7.15 63.76
CA LYS E 238 29.85 6.08 64.62
C LYS E 238 29.14 4.78 64.26
N PHE E 239 29.85 3.67 64.47
CA PHE E 239 29.38 2.34 64.14
C PHE E 239 29.44 1.46 65.38
N CYS E 240 28.41 0.64 65.56
CA CYS E 240 28.36 -0.23 66.73
C CYS E 240 27.64 -1.54 66.42
N MET E 241 28.26 -2.65 66.79
CA MET E 241 27.60 -3.94 66.85
C MET E 241 27.04 -4.14 68.25
N PHE E 242 25.76 -4.50 68.34
CA PHE E 242 25.18 -4.67 69.66
C PHE E 242 24.03 -5.67 69.63
N THR E 243 23.77 -6.25 70.81
CA THR E 243 22.55 -6.97 71.12
C THR E 243 21.93 -6.32 72.35
N LYS E 244 20.80 -6.86 72.80
CA LYS E 244 20.20 -6.33 74.01
C LYS E 244 21.03 -6.67 75.25
N ALA E 245 21.82 -7.74 75.21
CA ALA E 245 22.62 -8.11 76.37
C ALA E 245 23.81 -7.18 76.56
N GLY E 246 24.50 -6.83 75.48
CA GLY E 246 25.68 -6.01 75.60
C GLY E 246 26.22 -5.56 74.26
N PHE E 247 27.46 -5.08 74.28
CA PHE E 247 28.12 -4.54 73.10
C PHE E 247 29.11 -5.58 72.57
N ILE E 248 28.85 -6.10 71.38
CA ILE E 248 29.84 -6.93 70.70
C ILE E 248 31.01 -6.08 70.23
N VAL E 249 30.72 -4.92 69.67
CA VAL E 249 31.73 -3.94 69.27
C VAL E 249 31.38 -2.62 69.95
N PRO E 250 32.29 -2.03 70.73
CA PRO E 250 31.96 -0.78 71.40
C PRO E 250 31.83 0.35 70.41
N PRO E 251 31.03 1.38 70.73
CA PRO E 251 30.82 2.48 69.78
C PRO E 251 32.14 3.16 69.42
N MET E 252 32.46 3.15 68.13
CA MET E 252 33.68 3.72 67.60
C MET E 252 33.35 4.48 66.33
N PRO E 253 34.20 5.43 65.92
CA PRO E 253 33.99 6.09 64.63
C PRO E 253 34.00 5.08 63.49
N SER E 254 33.18 5.36 62.49
CA SER E 254 33.00 4.40 61.39
C SER E 254 34.33 4.16 60.69
N PRO E 255 34.72 2.90 60.49
CA PRO E 255 36.00 2.61 59.82
C PRO E 255 35.97 2.76 58.31
N TYR E 256 34.91 3.30 57.74
CA TYR E 256 34.78 3.48 56.31
C TYR E 256 34.89 4.95 55.96
N ILE E 257 35.67 5.26 54.93
CA ILE E 257 35.96 6.64 54.56
C ILE E 257 35.05 7.05 53.41
N GLY E 258 34.42 8.21 53.53
CA GLY E 258 33.50 8.71 52.53
C GLY E 258 34.16 9.57 51.48
N GLU E 259 33.33 10.33 50.76
CA GLU E 259 33.83 11.17 49.68
C GLU E 259 34.74 12.27 50.21
N ASP E 260 34.37 12.88 51.35
CA ASP E 260 35.10 14.01 51.89
C ASP E 260 36.27 13.60 52.79
N GLY E 261 36.55 12.30 52.88
CA GLY E 261 37.62 11.82 53.71
C GLY E 261 37.26 11.58 55.16
N GLU E 262 36.03 11.88 55.56
CA GLU E 262 35.54 11.64 56.90
C GLU E 262 34.73 10.35 56.95
N PRO E 263 34.63 9.73 58.12
CA PRO E 263 33.82 8.51 58.24
C PRO E 263 32.38 8.78 57.84
N GLU E 264 31.78 7.80 57.16
CA GLU E 264 30.41 7.91 56.67
C GLU E 264 29.75 6.55 56.74
N CYS E 265 28.42 6.55 56.70
CA CYS E 265 27.67 5.31 56.73
C CYS E 265 27.87 4.55 55.42
N PRO E 266 28.33 3.30 55.46
CA PRO E 266 28.55 2.56 54.21
C PRO E 266 27.26 2.08 53.56
N ILE E 267 26.15 2.05 54.28
CA ILE E 267 24.89 1.57 53.72
C ILE E 267 24.31 2.65 52.81
N LYS E 268 23.96 2.25 51.59
CA LYS E 268 23.28 3.12 50.64
C LYS E 268 21.92 2.52 50.34
N ALA E 269 20.86 3.25 50.64
CA ALA E 269 19.50 2.75 50.51
C ALA E 269 18.65 3.75 49.75
N VAL E 270 17.69 3.22 49.00
CA VAL E 270 16.74 4.05 48.27
C VAL E 270 15.33 3.52 48.45
N SER E 271 14.36 4.39 48.22
CA SER E 271 12.95 4.07 48.32
C SER E 271 12.21 4.64 47.11
N LEU E 272 11.08 4.02 46.79
CA LEU E 272 10.32 4.39 45.60
C LEU E 272 9.37 5.55 45.86
N TYR E 273 8.45 5.38 46.79
CA TYR E 273 7.46 6.40 47.14
C TYR E 273 7.50 6.66 48.63
N ILE E 274 7.31 7.92 49.00
CA ILE E 274 7.30 8.34 50.40
C ILE E 274 5.98 9.02 50.69
N ASP E 275 5.31 8.59 51.75
CA ASP E 275 4.02 9.15 52.15
C ASP E 275 4.24 10.39 53.02
N ARG E 276 3.14 11.08 53.32
CA ARG E 276 3.21 12.25 54.20
C ARG E 276 3.61 11.86 55.61
N ASP E 277 3.33 10.62 56.01
CA ASP E 277 3.71 10.11 57.32
C ASP E 277 5.06 9.39 57.30
N ASN E 278 5.93 9.73 56.34
CA ASN E 278 7.23 9.09 56.17
C ASN E 278 7.09 7.58 55.99
N ASN E 279 6.07 7.16 55.26
CA ASN E 279 5.85 5.76 54.95
C ASN E 279 6.31 5.47 53.53
N ARG E 280 7.01 4.36 53.35
CA ARG E 280 7.60 3.99 52.09
C ARG E 280 6.92 2.74 51.52
N TYR E 281 6.63 2.76 50.23
CA TYR E 281 5.94 1.67 49.57
C TYR E 281 6.31 1.62 48.11
N GLY E 282 6.00 0.50 47.47
CA GLY E 282 6.31 0.28 46.07
C GLY E 282 5.09 0.39 45.17
N GLU E 283 5.17 -0.26 44.02
CA GLU E 283 4.11 -0.20 43.03
C GLU E 283 3.02 -1.24 43.24
N VAL E 284 3.23 -2.22 44.11
CA VAL E 284 2.22 -3.26 44.34
C VAL E 284 1.01 -2.67 45.05
N ARG E 285 1.20 -1.62 45.85
CA ARG E 285 0.11 -1.03 46.61
C ARG E 285 -1.00 -0.54 45.69
N THR E 286 -0.64 -0.03 44.51
CA THR E 286 -1.65 0.42 43.56
C THR E 286 -2.50 -0.73 43.07
N MET E 287 -1.88 -1.88 42.80
CA MET E 287 -2.60 -3.04 42.29
C MET E 287 -3.22 -3.89 43.38
N ILE E 288 -3.02 -3.56 44.65
CA ILE E 288 -3.57 -4.37 45.73
C ILE E 288 -5.10 -4.40 45.66
N GLY E 289 -5.71 -3.23 45.46
CA GLY E 289 -7.16 -3.13 45.42
C GLY E 289 -7.82 -3.88 44.27
N PRO E 290 -7.38 -3.62 43.04
CA PRO E 290 -7.97 -4.34 41.90
C PRO E 290 -7.84 -5.85 42.00
N GLN E 291 -6.72 -6.35 42.53
CA GLN E 291 -6.56 -7.79 42.68
C GLN E 291 -7.57 -8.35 43.66
N ASP E 292 -7.78 -7.65 44.78
CA ASP E 292 -8.78 -8.08 45.75
C ASP E 292 -10.17 -8.08 45.13
N GLU E 293 -10.49 -7.03 44.37
CA GLU E 293 -11.80 -6.96 43.73
C GLU E 293 -11.98 -8.09 42.72
N ILE E 294 -10.94 -8.39 41.95
CA ILE E 294 -11.00 -9.48 40.99
C ILE E 294 -11.30 -10.79 41.70
N ASN E 295 -10.53 -11.09 42.76
CA ASN E 295 -10.73 -12.36 43.47
C ASN E 295 -12.12 -12.43 44.09
N LYS E 296 -12.57 -11.35 44.71
CA LYS E 296 -13.86 -11.37 45.38
C LYS E 296 -15.01 -11.51 44.39
N ARG E 297 -14.96 -10.78 43.26
CA ARG E 297 -16.02 -10.91 42.26
C ARG E 297 -16.00 -12.29 41.63
N ARG E 298 -14.81 -12.86 41.41
CA ARG E 298 -14.72 -14.22 40.91
C ARG E 298 -15.39 -15.21 41.86
N SER E 299 -15.08 -15.10 43.15
CA SER E 299 -15.69 -16.00 44.13
C SER E 299 -17.20 -15.82 44.20
N LYS E 300 -17.66 -14.57 44.15
CA LYS E 300 -19.10 -14.31 44.21
C LYS E 300 -19.82 -14.88 43.00
N ALA E 301 -19.23 -14.71 41.80
CA ALA E 301 -19.83 -15.29 40.60
C ALA E 301 -19.86 -16.81 40.68
N LEU E 302 -18.78 -17.41 41.17
CA LEU E 302 -18.75 -18.86 41.32
C LEU E 302 -19.84 -19.34 42.28
N HIS E 303 -20.02 -18.63 43.40
CA HIS E 303 -21.07 -19.01 44.35
C HIS E 303 -22.45 -18.84 43.75
N LEU E 304 -22.68 -17.74 43.02
CA LEU E 304 -23.99 -17.48 42.45
C LEU E 304 -24.35 -18.49 41.36
N ILE E 305 -23.36 -18.89 40.56
CA ILE E 305 -23.65 -19.75 39.41
C ILE E 305 -24.06 -21.15 39.88
N ASN E 306 -23.37 -21.70 40.86
CA ASN E 306 -23.58 -23.08 41.29
C ASN E 306 -24.71 -23.22 42.30
N SER E 307 -25.36 -22.14 42.71
CA SER E 307 -26.42 -22.20 43.71
C SER E 307 -27.69 -21.56 43.15
N ARG E 308 -28.82 -22.06 43.63
CA ARG E 308 -30.13 -21.59 43.20
C ARG E 308 -30.93 -21.12 44.41
N GLN E 309 -31.79 -20.14 44.18
CA GLN E 309 -32.71 -19.64 45.19
C GLN E 309 -34.11 -20.18 44.91
N VAL E 310 -34.72 -20.80 45.90
CA VAL E 310 -36.02 -21.44 45.74
C VAL E 310 -36.97 -20.94 46.81
N ARG E 311 -38.20 -20.64 46.41
CA ARG E 311 -39.30 -20.37 47.31
C ARG E 311 -40.16 -21.63 47.39
N VAL E 312 -40.38 -22.13 48.60
CA VAL E 312 -41.05 -23.40 48.83
C VAL E 312 -42.38 -23.13 49.52
N SER E 313 -43.43 -23.81 49.04
CA SER E 313 -44.73 -23.68 49.65
C SER E 313 -44.72 -24.22 51.08
N PRO E 314 -45.49 -23.63 51.99
CA PRO E 314 -45.50 -24.12 53.38
C PRO E 314 -46.05 -25.53 53.53
N ASN E 315 -46.75 -26.06 52.53
CA ASN E 315 -47.36 -27.38 52.61
C ASN E 315 -46.42 -28.49 52.17
N VAL E 316 -45.11 -28.28 52.28
CA VAL E 316 -44.11 -29.30 51.95
C VAL E 316 -43.56 -29.86 53.25
N GLN E 317 -43.52 -31.19 53.35
CA GLN E 317 -43.04 -31.88 54.54
C GLN E 317 -41.53 -32.11 54.52
N MET E 318 -40.79 -31.34 53.73
CA MET E 318 -39.35 -31.49 53.62
C MET E 318 -38.67 -30.18 53.98
N ASP E 319 -37.42 -30.29 54.43
CA ASP E 319 -36.65 -29.10 54.81
C ASP E 319 -36.39 -28.22 53.59
N ALA E 320 -36.51 -26.91 53.79
CA ALA E 320 -36.30 -25.97 52.70
C ALA E 320 -34.86 -26.03 52.18
N GLN E 321 -33.89 -26.12 53.10
CA GLN E 321 -32.50 -26.19 52.67
C GLN E 321 -32.20 -27.49 51.92
N SER E 322 -32.79 -28.60 52.36
CA SER E 322 -32.62 -29.86 51.64
C SER E 322 -33.21 -29.79 50.24
N VAL E 323 -34.39 -29.18 50.12
CA VAL E 323 -35.02 -29.03 48.80
C VAL E 323 -34.16 -28.13 47.91
N ARG E 324 -33.61 -27.05 48.48
CA ARG E 324 -32.73 -26.18 47.71
C ARG E 324 -31.48 -26.93 47.24
N LYS E 325 -30.89 -27.73 48.12
CA LYS E 325 -29.71 -28.50 47.74
C LYS E 325 -30.05 -29.50 46.64
N GLU E 326 -31.21 -30.15 46.75
CA GLU E 326 -31.64 -31.09 45.70
C GLU E 326 -31.84 -30.38 44.37
N LEU E 327 -32.47 -29.21 44.39
CA LEU E 327 -32.74 -28.50 43.14
C LEU E 327 -31.49 -27.83 42.58
N SER E 328 -30.46 -27.62 43.40
CA SER E 328 -29.22 -27.05 42.90
C SER E 328 -28.39 -28.07 42.13
N LYS E 329 -28.51 -29.35 42.48
CA LYS E 329 -27.75 -30.38 41.80
C LYS E 329 -28.24 -30.54 40.37
N PRO E 330 -27.36 -30.82 39.42
CA PRO E 330 -27.79 -31.00 38.03
C PRO E 330 -28.76 -32.16 37.85
N ASP E 331 -28.69 -33.18 38.70
CA ASP E 331 -29.55 -34.35 38.60
C ASP E 331 -30.54 -34.45 39.76
N GLY E 332 -31.04 -33.30 40.23
CA GLY E 332 -31.97 -33.30 41.34
C GLY E 332 -33.40 -33.56 40.89
N VAL E 333 -34.24 -33.91 41.87
CA VAL E 333 -35.64 -34.19 41.64
C VAL E 333 -36.47 -33.50 42.72
N PHE E 334 -37.76 -33.36 42.43
CA PHE E 334 -38.70 -32.80 43.39
C PHE E 334 -40.06 -33.46 43.20
N VAL E 335 -40.77 -33.64 44.30
CA VAL E 335 -42.09 -34.29 44.29
C VAL E 335 -43.11 -33.25 44.76
N GLY E 336 -44.11 -33.01 43.93
CA GLY E 336 -45.14 -32.04 44.25
C GLY E 336 -45.79 -31.53 42.98
N ASP E 337 -46.79 -30.68 43.18
CA ASP E 337 -47.51 -30.08 42.06
C ASP E 337 -46.73 -28.87 41.55
N SER E 338 -47.32 -28.15 40.59
CA SER E 338 -46.59 -27.10 39.89
C SER E 338 -46.23 -25.95 40.83
N GLY E 339 -47.15 -25.55 41.70
CA GLY E 339 -46.94 -24.39 42.54
C GLY E 339 -46.19 -24.63 43.82
N GLU E 340 -45.68 -25.84 44.04
CA GLU E 340 -45.01 -26.15 45.30
C GLU E 340 -43.71 -25.37 45.45
N VAL E 341 -42.91 -25.32 44.40
CA VAL E 341 -41.58 -24.71 44.44
C VAL E 341 -41.43 -23.77 43.24
N GLU E 342 -40.78 -22.63 43.48
CA GLU E 342 -40.49 -21.66 42.43
C GLU E 342 -39.02 -21.28 42.51
N ILE E 343 -38.39 -21.14 41.35
CA ILE E 343 -36.96 -20.82 41.27
C ILE E 343 -36.84 -19.33 40.98
N LEU E 344 -36.31 -18.58 41.94
CA LEU E 344 -36.12 -17.15 41.75
C LEU E 344 -34.95 -16.89 40.81
N PRO E 345 -35.05 -15.84 39.99
CA PRO E 345 -33.97 -15.56 39.03
C PRO E 345 -32.78 -14.90 39.72
N THR E 346 -31.58 -15.42 39.42
CA THR E 346 -30.35 -14.86 39.95
C THR E 346 -29.27 -14.72 38.88
N GLN E 347 -29.61 -14.92 37.60
CA GLN E 347 -28.61 -14.82 36.54
C GLN E 347 -28.13 -13.40 36.33
N ASP E 348 -28.99 -12.41 36.59
CA ASP E 348 -28.58 -11.02 36.43
C ASP E 348 -27.45 -10.66 37.38
N MET E 349 -27.53 -11.12 38.62
CA MET E 349 -26.48 -10.85 39.60
C MET E 349 -25.15 -11.45 39.15
N ALA E 350 -25.18 -12.70 38.67
CA ALA E 350 -23.95 -13.34 38.22
C ALA E 350 -23.37 -12.64 36.99
N SER E 351 -24.23 -12.27 36.04
CA SER E 351 -23.74 -11.61 34.83
C SER E 351 -23.13 -10.25 35.17
N ALA E 352 -23.77 -9.49 36.05
CA ALA E 352 -23.23 -8.18 36.41
C ALA E 352 -21.95 -8.32 37.24
N ASN E 353 -21.87 -9.34 38.09
CA ASN E 353 -20.62 -9.60 38.80
C ASN E 353 -19.50 -9.94 37.82
N LEU E 354 -19.81 -10.71 36.79
CA LEU E 354 -18.81 -11.01 35.76
C LEU E 354 -18.38 -9.74 35.03
N ALA E 355 -19.34 -8.85 34.74
CA ALA E 355 -19.00 -7.59 34.10
C ALA E 355 -18.09 -6.74 35.00
N MET E 356 -18.38 -6.70 36.29
CA MET E 356 -17.54 -5.97 37.23
C MET E 356 -16.15 -6.58 37.29
N LEU E 357 -16.06 -7.91 37.27
CA LEU E 357 -14.76 -8.59 37.27
C LEU E 357 -13.97 -8.25 36.02
N GLN E 358 -14.64 -8.22 34.87
CA GLN E 358 -13.96 -7.85 33.63
C GLN E 358 -13.46 -6.41 33.68
N GLU E 359 -14.27 -5.51 34.24
CA GLU E 359 -13.84 -4.12 34.38
C GLU E 359 -12.64 -4.01 35.31
N ALA E 360 -12.64 -4.77 36.41
CA ALA E 360 -11.49 -4.77 37.32
C ALA E 360 -10.25 -5.33 36.63
N LYS E 361 -10.43 -6.36 35.80
CA LYS E 361 -9.31 -6.89 35.03
C LYS E 361 -8.73 -5.83 34.10
N ASN E 362 -9.61 -5.08 33.42
CA ASN E 362 -9.13 -4.00 32.56
C ASN E 362 -8.39 -2.95 33.36
N GLU E 363 -8.91 -2.59 34.54
CA GLU E 363 -8.25 -1.60 35.38
C GLU E 363 -6.88 -2.06 35.83
N ILE E 364 -6.76 -3.31 36.26
CA ILE E 364 -5.46 -3.80 36.72
C ILE E 364 -4.50 -3.95 35.55
N ASP E 365 -5.02 -4.22 34.34
CA ASP E 365 -4.16 -4.23 33.16
C ASP E 365 -3.62 -2.84 32.86
N LEU E 366 -4.47 -1.82 32.99
CA LEU E 366 -4.06 -0.45 32.71
C LEU E 366 -3.33 0.21 33.88
N LEU E 367 -3.24 -0.45 35.03
CA LEU E 367 -2.65 0.19 36.21
C LEU E 367 -1.13 0.16 36.17
N GLY E 368 -0.55 -1.04 36.15
CA GLY E 368 0.89 -1.18 36.22
C GLY E 368 1.55 -1.03 34.88
N PRO E 369 2.75 -1.69 34.70
CA PRO E 369 3.45 -1.67 33.42
C PRO E 369 2.51 -1.90 32.24
N ASN E 370 2.81 -1.25 31.14
CA ASN E 370 1.94 -1.33 29.97
C ASN E 370 1.88 -2.75 29.44
N ALA E 371 0.68 -3.16 29.00
CA ALA E 371 0.51 -4.48 28.41
C ALA E 371 1.32 -4.61 27.12
N ALA E 372 1.33 -3.55 26.30
CA ALA E 372 2.16 -3.56 25.11
C ALA E 372 3.64 -3.66 25.46
N LEU E 373 4.06 -2.94 26.51
CA LEU E 373 5.42 -3.09 27.00
C LEU E 373 5.66 -4.47 27.60
N GLY E 374 4.61 -5.10 28.11
CA GLY E 374 4.69 -6.44 28.65
C GLY E 374 4.43 -7.57 27.67
N GLY E 375 4.22 -7.25 26.40
CA GLY E 375 4.02 -8.27 25.39
C GLY E 375 2.58 -8.65 25.11
N LYS E 376 1.62 -7.85 25.57
CA LYS E 376 0.20 -8.11 25.34
C LYS E 376 -0.39 -7.02 24.46
N ALA E 377 -1.08 -7.44 23.40
CA ALA E 377 -1.68 -6.48 22.47
C ALA E 377 -3.01 -5.95 22.99
N GLU E 378 -3.97 -6.86 23.19
CA GLU E 378 -5.31 -6.52 23.69
C GLU E 378 -5.99 -5.49 22.77
N GLY E 379 -6.24 -5.92 21.54
CA GLY E 379 -6.89 -5.07 20.57
C GLY E 379 -6.40 -5.27 19.14
N GLN E 380 -5.23 -5.90 19.00
CA GLN E 380 -4.65 -6.22 17.69
C GLN E 380 -4.47 -4.95 16.84
N MET E 381 -3.60 -4.08 17.34
CA MET E 381 -3.34 -2.82 16.68
C MET E 381 -2.47 -3.03 15.43
N SER E 382 -2.09 -1.92 14.80
CA SER E 382 -1.35 -1.97 13.55
C SER E 382 0.14 -2.21 13.74
N GLY E 383 0.64 -2.18 14.97
CA GLY E 383 2.04 -2.42 15.22
C GLY E 383 2.84 -1.14 15.41
N ARG E 384 2.53 -0.10 14.63
CA ARG E 384 3.19 1.18 14.82
C ARG E 384 2.83 1.80 16.16
N ALA E 385 1.59 1.66 16.60
CA ALA E 385 1.19 2.16 17.91
C ALA E 385 1.86 1.41 19.05
N ILE E 386 2.36 0.19 18.80
CA ILE E 386 3.03 -0.57 19.84
C ILE E 386 4.30 0.12 20.29
N LEU E 387 5.06 0.68 19.35
CA LEU E 387 6.28 1.39 19.71
C LEU E 387 5.98 2.62 20.58
N ALA E 388 4.93 3.37 20.22
CA ALA E 388 4.56 4.52 21.03
C ALA E 388 4.06 4.10 22.41
N GLN E 389 3.31 3.00 22.48
CA GLN E 389 2.86 2.50 23.78
C GLN E 389 4.05 2.07 24.64
N GLN E 390 5.06 1.45 24.02
CA GLN E 390 6.27 1.08 24.75
C GLN E 390 7.02 2.32 25.23
N GLN E 391 7.06 3.37 24.40
CA GLN E 391 7.69 4.62 24.82
C GLN E 391 6.95 5.22 26.00
N GLY E 392 5.61 5.18 25.98
CA GLY E 392 4.84 5.67 27.12
C GLY E 392 5.10 4.86 28.38
N GLY E 393 5.20 3.54 28.24
CA GLY E 393 5.53 2.71 29.39
C GLY E 393 6.91 3.02 29.95
N MET E 394 7.88 3.27 29.07
CA MET E 394 9.21 3.67 29.51
C MET E 394 9.16 5.00 30.24
N THR E 395 8.37 5.94 29.73
CA THR E 395 8.19 7.22 30.41
C THR E 395 7.59 7.02 31.81
N GLU E 396 6.61 6.12 31.92
CA GLU E 396 6.01 5.84 33.22
C GLU E 396 7.03 5.22 34.18
N ALA E 397 7.86 4.30 33.69
CA ALA E 397 8.83 3.61 34.52
C ALA E 397 10.15 4.38 34.69
N ALA E 398 10.24 5.57 34.09
CA ALA E 398 11.46 6.37 34.21
C ALA E 398 11.80 6.67 35.66
N THR E 399 10.80 6.86 36.52
CA THR E 399 11.09 7.13 37.93
C THR E 399 11.76 5.94 38.60
N TYR E 400 11.25 4.73 38.35
CA TYR E 400 11.86 3.52 38.89
C TYR E 400 13.27 3.34 38.35
N LEU E 401 13.45 3.58 37.05
CA LEU E 401 14.78 3.45 36.45
C LEU E 401 15.75 4.46 37.05
N ASP E 402 15.28 5.68 37.32
CA ASP E 402 16.13 6.69 37.93
C ASP E 402 16.50 6.32 39.36
N ARG E 403 15.55 5.71 40.10
CA ARG E 403 15.87 5.23 41.44
C ARG E 403 16.98 4.19 41.40
N ILE E 404 16.87 3.23 40.46
CA ILE E 404 17.90 2.21 40.33
C ILE E 404 19.24 2.83 39.95
N ARG E 405 19.21 3.79 39.02
CA ARG E 405 20.45 4.45 38.60
C ARG E 405 21.10 5.19 39.74
N ALA E 406 20.31 5.91 40.55
CA ALA E 406 20.86 6.62 41.68
C ALA E 406 21.47 5.67 42.70
N LEU E 407 20.80 4.55 42.97
CA LEU E 407 21.37 3.57 43.89
C LEU E 407 22.68 3.02 43.34
N SER E 408 22.74 2.73 42.04
CA SER E 408 23.97 2.24 41.44
C SER E 408 25.09 3.25 41.54
N ILE E 409 24.78 4.53 41.30
CA ILE E 409 25.81 5.57 41.36
C ILE E 409 26.34 5.69 42.79
N ALA E 410 25.46 5.67 43.77
CA ALA E 410 25.90 5.73 45.17
C ALA E 410 26.78 4.53 45.51
N VAL E 411 26.40 3.34 45.04
CA VAL E 411 27.19 2.14 45.31
C VAL E 411 28.57 2.26 44.68
N TYR E 412 28.64 2.75 43.44
CA TYR E 412 29.93 2.89 42.78
C TYR E 412 30.81 3.92 43.49
N ARG E 413 30.22 5.04 43.93
CA ARG E 413 31.01 6.02 44.67
C ARG E 413 31.55 5.45 45.97
N SER E 414 30.72 4.70 46.70
CA SER E 414 31.19 4.06 47.92
C SER E 414 32.28 3.04 47.63
N VAL E 415 32.14 2.31 46.52
CA VAL E 415 33.16 1.33 46.15
C VAL E 415 34.48 2.02 45.85
N TRP E 416 34.44 3.14 45.13
CA TRP E 416 35.66 3.87 44.84
C TRP E 416 36.31 4.41 46.11
N ALA E 417 35.49 4.92 47.04
CA ALA E 417 36.03 5.40 48.31
C ALA E 417 36.70 4.27 49.08
N ARG E 418 36.05 3.10 49.13
CA ARG E 418 36.62 1.96 49.83
C ARG E 418 37.92 1.50 49.18
N ILE E 419 37.96 1.52 47.84
CA ILE E 419 39.18 1.13 47.12
C ILE E 419 40.32 2.08 47.46
N ARG E 420 40.03 3.39 47.47
CA ARG E 420 41.05 4.35 47.87
C ARG E 420 41.49 4.13 49.30
N GLN E 421 40.57 3.71 50.18
CA GLN E 421 40.90 3.56 51.59
C GLN E 421 41.78 2.33 51.84
N VAL E 422 41.43 1.19 51.24
CA VAL E 422 42.00 -0.08 51.66
C VAL E 422 43.01 -0.65 50.67
N TRP E 423 42.90 -0.35 49.38
CA TRP E 423 43.77 -0.99 48.40
C TRP E 423 45.20 -0.48 48.52
N THR E 424 46.15 -1.40 48.49
CA THR E 424 47.57 -1.09 48.54
C THR E 424 48.15 -1.05 47.13
N GLY E 425 49.44 -0.72 47.05
CA GLY E 425 50.08 -0.64 45.75
C GLY E 425 50.19 -1.98 45.05
N GLU E 426 50.54 -3.03 45.79
CA GLU E 426 50.64 -4.35 45.19
C GLU E 426 49.29 -4.84 44.70
N ARG E 427 48.21 -4.50 45.40
CA ARG E 427 46.88 -4.85 44.91
C ARG E 427 46.57 -4.13 43.61
N TRP E 428 46.94 -2.85 43.52
CA TRP E 428 46.74 -2.09 42.28
C TRP E 428 47.50 -2.72 41.13
N VAL E 429 48.76 -3.10 41.36
CA VAL E 429 49.56 -3.71 40.31
C VAL E 429 49.00 -5.06 39.92
N ARG E 430 48.54 -5.85 40.90
CA ARG E 430 48.00 -7.17 40.61
C ARG E 430 46.71 -7.07 39.79
N VAL E 431 45.85 -6.11 40.13
CA VAL E 431 44.55 -6.02 39.46
C VAL E 431 44.67 -5.32 38.11
N THR E 432 45.10 -4.05 38.12
CA THR E 432 45.11 -3.27 36.89
C THR E 432 46.28 -3.62 35.98
N ASP E 433 47.33 -4.24 36.53
CA ASP E 433 48.53 -4.59 35.75
C ASP E 433 49.17 -3.35 35.13
N ASN E 434 49.22 -2.27 35.90
CA ASN E 434 49.84 -1.01 35.47
C ASN E 434 50.61 -0.44 36.65
N GLU E 435 51.92 -0.21 36.46
CA GLU E 435 52.74 0.32 37.53
C GLU E 435 52.50 1.81 37.77
N ARG E 436 51.96 2.53 36.78
CA ARG E 436 51.68 3.95 36.95
C ARG E 436 50.51 4.27 37.87
N ASN E 437 49.60 3.32 38.09
CA ASN E 437 48.45 3.50 38.96
C ASN E 437 48.91 3.46 40.40
N LEU E 438 50.20 3.24 40.66
CA LEU E 438 50.75 3.37 41.99
C LEU E 438 50.58 4.78 42.54
N ARG E 439 50.38 5.78 41.68
CA ARG E 439 50.13 7.11 42.21
C ARG E 439 48.75 7.23 42.87
N PHE E 440 47.86 6.26 42.67
CA PHE E 440 46.52 6.31 43.23
C PHE E 440 46.39 5.43 44.48
N VAL E 441 47.44 5.35 45.29
CA VAL E 441 47.44 4.53 46.50
C VAL E 441 47.24 5.45 47.70
N GLY E 442 46.29 5.09 48.56
CA GLY E 442 46.01 5.88 49.74
C GLY E 442 45.21 7.13 49.42
N LEU E 443 45.23 8.06 50.37
CA LEU E 443 44.50 9.32 50.25
C LEU E 443 45.42 10.53 50.25
N ASN E 444 46.36 10.59 51.19
CA ASN E 444 47.29 11.72 51.33
C ASN E 444 46.56 13.05 51.43
N ALA E 503 43.97 15.85 47.71
CA ALA E 503 44.26 14.53 47.16
C ALA E 503 44.57 14.62 45.67
N VAL E 504 44.59 13.46 45.01
CA VAL E 504 44.90 13.39 43.59
C VAL E 504 43.63 13.22 42.75
N ALA E 505 42.76 12.30 43.15
CA ALA E 505 41.53 12.01 42.40
C ALA E 505 40.39 11.84 43.41
N GLU E 506 39.68 12.92 43.69
CA GLU E 506 38.52 12.88 44.57
C GLU E 506 37.24 12.88 43.75
N LEU E 507 36.18 12.36 44.35
CA LEU E 507 34.90 12.28 43.66
C LEU E 507 34.33 13.67 43.42
N ASP E 508 33.75 13.85 42.23
CA ASP E 508 33.10 15.07 41.75
C ASP E 508 34.07 16.21 41.51
N VAL E 509 35.35 16.05 41.82
CA VAL E 509 36.35 17.08 41.57
C VAL E 509 37.21 16.75 40.36
N ASP E 510 37.69 15.51 40.29
CA ASP E 510 38.43 15.04 39.14
C ASP E 510 37.78 13.85 38.44
N ILE E 511 36.96 13.08 39.15
CA ILE E 511 36.33 11.88 38.61
C ILE E 511 34.82 12.02 38.77
N LEU E 512 34.10 11.72 37.69
CA LEU E 512 32.63 11.68 37.72
C LEU E 512 32.18 10.25 37.48
N VAL E 513 31.37 9.73 38.39
CA VAL E 513 30.91 8.35 38.33
C VAL E 513 29.53 8.32 37.68
N ASP E 514 29.40 7.53 36.62
CA ASP E 514 28.15 7.42 35.88
C ASP E 514 28.03 5.99 35.36
N GLU E 515 27.06 5.78 34.47
CA GLU E 515 26.82 4.46 33.88
C GLU E 515 27.11 4.51 32.40
N GLY E 516 27.92 3.56 31.93
CA GLY E 516 28.21 3.39 30.53
C GLY E 516 27.68 2.06 29.99
N LEU E 517 27.91 1.87 28.69
CA LEU E 517 27.43 0.67 28.02
C LEU E 517 28.02 -0.59 28.64
N ASP E 518 27.18 -1.60 28.82
CA ASP E 518 27.60 -2.84 29.44
C ASP E 518 28.45 -3.64 28.46
N ALA E 519 29.71 -3.88 28.83
CA ALA E 519 30.63 -4.67 28.05
C ALA E 519 31.35 -5.67 28.95
N PRO E 520 31.70 -6.85 28.43
CA PRO E 520 32.43 -7.82 29.27
C PRO E 520 33.76 -7.28 29.78
N THR E 521 34.48 -6.53 28.96
CA THR E 521 35.74 -5.91 29.36
C THR E 521 35.81 -4.50 28.81
N ILE E 522 36.75 -3.73 29.36
CA ILE E 522 37.00 -2.39 28.83
C ILE E 522 37.56 -2.47 27.42
N ALA E 523 38.36 -3.50 27.15
CA ALA E 523 38.95 -3.66 25.82
C ALA E 523 37.88 -3.84 24.75
N ALA E 524 36.81 -4.56 25.08
CA ALA E 524 35.72 -4.75 24.11
C ALA E 524 35.05 -3.43 23.77
N GLU E 525 34.78 -2.60 24.78
CA GLU E 525 34.18 -1.29 24.53
C GLU E 525 35.14 -0.40 23.73
N GLU E 526 36.43 -0.48 24.03
CA GLU E 526 37.43 0.26 23.27
C GLU E 526 37.44 -0.16 21.81
N PHE E 527 37.38 -1.47 21.55
CA PHE E 527 37.34 -1.96 20.18
C PHE E 527 36.08 -1.51 19.46
N GLU E 528 34.94 -1.55 20.16
CA GLU E 528 33.69 -1.09 19.55
C GLU E 528 33.76 0.39 19.20
N GLN E 529 34.31 1.20 20.10
CA GLN E 529 34.47 2.63 19.82
C GLN E 529 35.40 2.86 18.65
N LEU E 530 36.51 2.12 18.58
CA LEU E 530 37.43 2.27 17.45
C LEU E 530 36.77 1.88 16.14
N MET E 531 35.99 0.79 16.14
CA MET E 531 35.27 0.39 14.94
C MET E 531 34.26 1.44 14.52
N LYS E 532 33.53 2.01 15.49
CA LYS E 532 32.55 3.05 15.17
C LYS E 532 33.24 4.28 14.58
N LEU E 533 34.39 4.67 15.16
CA LEU E 533 35.11 5.83 14.64
C LEU E 533 35.63 5.56 13.22
N ALA E 534 36.15 4.36 12.98
CA ALA E 534 36.69 4.02 11.67
C ALA E 534 35.61 3.85 10.62
N SER E 535 34.38 3.50 11.03
CA SER E 535 33.31 3.33 10.06
C SER E 535 32.98 4.65 9.36
N THR E 536 33.00 5.76 10.09
CA THR E 536 32.71 7.06 9.49
C THR E 536 33.74 7.42 8.44
N GLY E 537 35.01 7.12 8.70
CA GLY E 537 36.08 7.42 7.78
C GLY E 537 36.72 8.77 7.96
N ILE E 538 36.18 9.62 8.83
CA ILE E 538 36.79 10.92 9.09
C ILE E 538 38.12 10.75 9.82
N VAL E 539 38.18 9.84 10.79
CA VAL E 539 39.38 9.58 11.57
C VAL E 539 40.06 8.35 10.98
N PRO E 540 41.26 8.47 10.41
CA PRO E 540 41.95 7.30 9.86
C PRO E 540 42.58 6.45 10.96
N ILE E 541 41.99 5.28 11.20
CA ILE E 541 42.46 4.36 12.22
C ILE E 541 43.34 3.32 11.54
N PRO E 542 44.61 3.17 11.94
CA PRO E 542 45.45 2.14 11.32
C PRO E 542 44.92 0.75 11.64
N PRO E 543 45.10 -0.21 10.72
CA PRO E 543 44.55 -1.56 10.98
C PRO E 543 45.14 -2.23 12.21
N ASP E 544 46.42 -2.00 12.50
CA ASP E 544 47.05 -2.65 13.64
C ASP E 544 46.43 -2.18 14.95
N VAL E 545 46.17 -0.87 15.08
CA VAL E 545 45.57 -0.33 16.29
C VAL E 545 44.22 -0.97 16.55
N LEU E 546 43.41 -1.13 15.51
CA LEU E 546 42.16 -1.85 15.65
C LEU E 546 42.40 -3.32 15.97
N ILE E 547 43.53 -3.88 15.51
CA ILE E 547 43.76 -5.31 15.66
C ILE E 547 44.07 -5.66 17.11
N GLU E 548 44.98 -4.92 17.76
CA GLU E 548 45.32 -5.31 19.13
C GLU E 548 44.19 -5.03 20.10
N ALA E 549 43.26 -4.13 19.76
CA ALA E 549 42.10 -3.88 20.59
C ALA E 549 41.05 -4.98 20.49
N SER E 550 41.17 -5.89 19.52
CA SER E 550 40.20 -6.95 19.33
C SER E 550 40.46 -8.07 20.33
N SER E 551 39.79 -9.20 20.15
CA SER E 551 39.89 -10.35 21.05
C SER E 551 40.10 -11.64 20.25
N LEU E 552 41.03 -11.59 19.30
CA LEU E 552 41.35 -12.74 18.47
C LEU E 552 42.64 -13.40 18.94
N ARG E 553 42.65 -14.73 18.96
CA ARG E 553 43.86 -15.46 19.32
C ARG E 553 44.93 -15.37 18.24
N ASN E 554 44.55 -15.02 17.01
CA ASN E 554 45.50 -14.82 15.92
C ASN E 554 46.05 -13.41 15.89
N LYS E 555 45.82 -12.62 16.93
CA LYS E 555 46.33 -11.26 16.99
C LYS E 555 47.86 -11.19 16.89
N PRO E 556 48.64 -12.01 17.60
CA PRO E 556 50.09 -11.94 17.41
C PRO E 556 50.54 -12.21 15.98
N LYS E 557 49.88 -13.14 15.29
CA LYS E 557 50.25 -13.42 13.91
C LYS E 557 50.00 -12.22 13.01
N LEU E 558 48.85 -11.58 13.15
CA LEU E 558 48.54 -10.40 12.35
C LEU E 558 49.49 -9.25 12.69
N LEU E 559 49.82 -9.08 13.97
CA LEU E 559 50.77 -8.05 14.38
C LEU E 559 52.14 -8.29 13.75
N GLU E 560 52.61 -9.54 13.76
CA GLU E 560 53.90 -9.85 13.14
C GLU E 560 53.86 -9.62 11.65
N MET E 561 52.75 -10.01 11.00
CA MET E 561 52.65 -9.84 9.55
C MET E 561 52.63 -8.36 9.16
N LEU E 562 51.92 -7.53 9.93
CA LEU E 562 51.89 -6.10 9.62
C LEU E 562 53.20 -5.43 9.97
N LYS E 563 53.88 -5.89 11.02
CA LYS E 563 55.16 -5.31 11.43
C LYS E 563 56.29 -5.61 10.45
N GLN E 564 56.07 -6.53 9.51
CA GLN E 564 57.09 -6.83 8.52
C GLN E 564 57.40 -5.61 7.67
N GLY E 565 58.68 -5.32 7.50
CA GLY E 565 59.10 -4.17 6.74
C GLY E 565 59.09 -4.43 5.25
N PRO E 566 59.52 -3.43 4.49
CA PRO E 566 59.59 -3.59 3.03
C PRO E 566 60.62 -4.65 2.64
N SER E 567 60.36 -5.28 1.51
CA SER E 567 61.26 -6.33 1.03
C SER E 567 62.63 -5.73 0.69
N GLN E 568 63.66 -6.57 0.77
CA GLN E 568 65.01 -6.12 0.48
C GLN E 568 65.15 -5.60 -0.94
N GLU E 569 64.41 -6.20 -1.88
CA GLU E 569 64.43 -5.70 -3.25
C GLU E 569 63.89 -4.28 -3.32
N GLN E 570 62.79 -4.01 -2.61
CA GLN E 570 62.21 -2.66 -2.61
C GLN E 570 63.17 -1.65 -1.99
N MET E 571 63.80 -2.01 -0.88
CA MET E 571 64.76 -1.11 -0.24
C MET E 571 65.95 -0.84 -1.15
N MET E 572 66.46 -1.88 -1.80
CA MET E 572 67.58 -1.70 -2.72
C MET E 572 67.17 -0.82 -3.89
N ALA E 573 65.97 -1.01 -4.43
CA ALA E 573 65.50 -0.17 -5.52
C ALA E 573 65.38 1.29 -5.10
N GLN E 574 64.84 1.53 -3.90
CA GLN E 574 64.74 2.91 -3.41
C GLN E 574 66.10 3.54 -3.22
N GLN E 575 67.05 2.78 -2.65
CA GLN E 575 68.41 3.31 -2.46
C GLN E 575 69.07 3.63 -3.79
N ILE E 576 68.88 2.75 -4.79
CA ILE E 576 69.45 3.00 -6.11
C ILE E 576 68.80 4.22 -6.74
N ALA E 577 67.50 4.41 -6.52
CA ALA E 577 66.84 5.60 -7.05
C ALA E 577 67.41 6.88 -6.44
N LEU E 578 67.62 6.88 -5.11
CA LEU E 578 68.24 8.05 -4.47
C LEU E 578 69.65 8.28 -4.98
N ALA E 579 70.42 7.20 -5.17
CA ALA E 579 71.78 7.34 -5.71
C ALA E 579 71.75 7.91 -7.12
N GLY E 580 70.80 7.47 -7.94
CA GLY E 580 70.68 8.00 -9.28
C GLY E 580 70.29 9.47 -9.30
N GLU E 581 69.39 9.87 -8.40
CA GLU E 581 69.04 11.29 -8.28
C GLU E 581 70.25 12.11 -7.87
N GLN E 582 71.03 11.61 -6.91
CA GLN E 582 72.24 12.32 -6.48
C GLN E 582 73.24 12.43 -7.63
N ALA E 583 73.40 11.36 -8.41
CA ALA E 583 74.30 11.39 -9.54
C ALA E 583 73.82 12.36 -10.61
N LYS E 584 72.51 12.45 -10.81
CA LYS E 584 71.97 13.43 -11.75
C LYS E 584 72.24 14.86 -11.28
N VAL E 585 72.09 15.10 -9.97
CA VAL E 585 72.42 16.43 -9.44
C VAL E 585 73.90 16.73 -9.65
N ALA E 586 74.77 15.74 -9.41
CA ALA E 586 76.20 15.94 -9.66
C ALA E 586 76.49 16.21 -11.12
N GLU E 587 75.78 15.52 -12.02
CA GLU E 587 75.96 15.77 -13.46
C GLU E 587 75.52 17.18 -13.83
N THR E 588 74.43 17.65 -13.24
CA THR E 588 73.99 19.02 -13.49
C THR E 588 75.02 20.03 -12.98
N GLU E 589 75.60 19.76 -11.81
CA GLU E 589 76.66 20.64 -11.30
C GLU E 589 77.87 20.63 -12.22
N SER E 590 78.25 19.46 -12.74
CA SER E 590 79.36 19.36 -13.67
C SER E 590 79.06 20.12 -14.96
N LYS E 591 77.80 20.08 -15.41
CA LYS E 591 77.42 20.83 -16.61
C LYS E 591 77.52 22.33 -16.36
N THR E 592 77.13 22.79 -15.18
CA THR E 592 77.32 24.20 -14.85
C THR E 592 78.79 24.58 -14.86
N GLY E 593 79.64 23.72 -14.28
CA GLY E 593 81.06 23.99 -14.30
C GLY E 593 81.63 24.03 -15.71
N LEU E 594 81.19 23.11 -16.57
CA LEU E 594 81.64 23.11 -17.95
C LEU E 594 81.22 24.37 -18.68
N ASN E 595 79.97 24.82 -18.46
CA ASN E 595 79.51 26.05 -19.10
C ASN E 595 80.31 27.25 -18.61
N VAL E 596 80.62 27.30 -17.31
CA VAL E 596 81.44 28.39 -16.79
C VAL E 596 82.82 28.38 -17.42
N ALA E 597 83.43 27.19 -17.53
CA ALA E 597 84.74 27.08 -18.14
C ALA E 597 84.71 27.49 -19.60
N LYS E 598 83.65 27.12 -20.32
CA LYS E 598 83.51 27.51 -21.72
C LYS E 598 83.34 29.01 -21.87
N THR E 599 82.58 29.63 -20.97
CA THR E 599 82.47 31.09 -20.99
C THR E 599 83.81 31.76 -20.76
N GLN E 600 84.58 31.24 -19.80
CA GLN E 600 85.91 31.79 -19.53
C GLN E 600 86.82 31.62 -20.75
N GLU E 601 86.75 30.47 -21.41
CA GLU E 601 87.57 30.22 -22.59
C GLU E 601 87.18 31.17 -23.72
N THR E 602 85.88 31.39 -23.92
CA THR E 602 85.43 32.31 -24.96
C THR E 602 85.89 33.73 -24.66
N LEU E 603 85.80 34.15 -23.40
CA LEU E 603 86.26 35.49 -23.03
C LEU E 603 87.77 35.62 -23.26
N ALA E 604 88.54 34.58 -22.92
CA ALA E 604 89.97 34.62 -23.14
C ALA E 604 90.28 34.70 -24.64
N SER E 605 89.54 33.95 -25.46
CA SER E 605 89.74 34.01 -26.91
C SER E 605 89.42 35.40 -27.44
N ILE E 606 88.36 36.03 -26.93
CA ILE E 606 88.03 37.39 -27.34
C ILE E 606 89.16 38.34 -26.96
N GLN E 607 89.67 38.21 -25.74
CA GLN E 607 90.73 39.10 -25.28
C GLN E 607 92.00 38.93 -26.11
N THR E 608 92.36 37.69 -26.45
CA THR E 608 93.54 37.46 -27.26
C THR E 608 93.38 38.04 -28.66
N ASN E 609 92.19 37.88 -29.25
CA ASN E 609 91.94 38.39 -30.59
C ASN E 609 91.17 39.72 -30.53
N SER F 3 35.60 -41.79 74.32
CA SER F 3 36.05 -40.46 73.92
C SER F 3 35.83 -40.23 72.43
N GLN F 4 36.57 -40.97 71.61
CA GLN F 4 36.43 -40.84 70.16
C GLN F 4 35.04 -41.27 69.70
N GLU F 5 34.53 -42.37 70.26
CA GLU F 5 33.19 -42.84 69.90
C GLU F 5 32.14 -41.79 70.23
N ASP F 6 32.30 -41.08 71.35
CA ASP F 6 31.39 -39.99 71.68
C ASP F 6 31.43 -38.91 70.61
N TYR F 7 32.63 -38.56 70.14
CA TYR F 7 32.75 -37.54 69.10
C TYR F 7 32.08 -37.98 67.80
N THR F 8 32.30 -39.23 67.39
CA THR F 8 31.68 -39.72 66.17
C THR F 8 30.15 -39.76 66.30
N LEU F 9 29.65 -40.20 67.46
CA LEU F 9 28.21 -40.21 67.67
C LEU F 9 27.63 -38.80 67.64
N GLU F 10 28.34 -37.84 68.25
CA GLU F 10 27.87 -36.46 68.23
C GLU F 10 27.84 -35.91 66.81
N ALA F 11 28.87 -36.19 66.02
CA ALA F 11 28.90 -35.70 64.64
C ALA F 11 27.79 -36.33 63.81
N LEU F 12 27.58 -37.64 63.96
CA LEU F 12 26.51 -38.31 63.23
C LEU F 12 25.15 -37.77 63.63
N THR F 13 24.94 -37.54 64.93
CA THR F 13 23.68 -36.99 65.39
C THR F 13 23.46 -35.58 64.84
N ALA F 14 24.52 -34.78 64.81
CA ALA F 14 24.39 -33.42 64.27
C ALA F 14 24.02 -33.45 62.79
N ALA F 15 24.68 -34.31 62.02
CA ALA F 15 24.37 -34.41 60.60
C ALA F 15 22.94 -34.89 60.38
N VAL F 16 22.52 -35.91 61.12
CA VAL F 16 21.17 -36.43 60.99
C VAL F 16 20.15 -35.36 61.36
N ARG F 17 20.40 -34.64 62.46
CA ARG F 17 19.46 -33.60 62.90
C ARG F 17 19.37 -32.48 61.87
N ARG F 18 20.50 -32.11 61.26
CA ARG F 18 20.45 -31.13 60.18
C ARG F 18 19.60 -31.63 59.02
N PHE F 19 19.75 -32.90 58.66
CA PHE F 19 18.96 -33.45 57.56
C PHE F 19 17.47 -33.42 57.88
N GLU F 20 17.09 -33.83 59.10
CA GLU F 20 15.67 -33.82 59.45
C GLU F 20 15.13 -32.42 59.59
N GLU F 21 15.94 -31.46 60.07
CA GLU F 21 15.48 -30.08 60.12
C GLU F 21 15.20 -29.54 58.72
N SER F 22 16.10 -29.82 57.78
CA SER F 22 15.88 -29.40 56.40
C SER F 22 14.64 -30.07 55.82
N GLU F 23 14.46 -31.37 56.09
CA GLU F 23 13.31 -32.08 55.56
C GLU F 23 11.99 -31.56 56.13
N ASP F 24 11.95 -31.31 57.44
CA ASP F 24 10.70 -30.91 58.08
C ASP F 24 10.36 -29.47 57.73
N ALA F 25 11.35 -28.57 57.76
CA ALA F 25 11.08 -27.15 57.56
C ALA F 25 10.56 -26.83 56.16
N THR F 26 10.69 -27.75 55.21
CA THR F 26 10.25 -27.52 53.84
C THR F 26 9.17 -28.52 53.42
N THR F 27 8.36 -28.98 54.37
CA THR F 27 7.33 -29.97 54.06
C THR F 27 6.27 -29.39 53.14
N GLU F 28 5.71 -28.23 53.50
CA GLU F 28 4.65 -27.63 52.70
C GLU F 28 5.17 -27.20 51.33
N ALA F 29 6.37 -26.63 51.28
CA ALA F 29 6.94 -26.22 50.00
C ALA F 29 7.18 -27.43 49.09
N ARG F 30 7.71 -28.51 49.65
CA ARG F 30 7.92 -29.72 48.86
C ARG F 30 6.61 -30.30 48.38
N ALA F 31 5.58 -30.30 49.24
CA ALA F 31 4.27 -30.80 48.82
C ALA F 31 3.70 -29.97 47.69
N ALA F 32 3.82 -28.64 47.78
CA ALA F 32 3.32 -27.77 46.72
C ALA F 32 4.08 -27.98 45.43
N ALA F 33 5.41 -28.13 45.50
CA ALA F 33 6.19 -28.37 44.30
C ALA F 33 5.85 -29.71 43.67
N GLU F 34 5.63 -30.74 44.49
CA GLU F 34 5.21 -32.03 43.96
C GLU F 34 3.84 -31.93 43.30
N ARG F 35 2.93 -31.14 43.89
CA ARG F 35 1.63 -30.93 43.28
C ARG F 35 1.77 -30.25 41.93
N ASP F 36 2.64 -29.24 41.84
CA ASP F 36 2.86 -28.56 40.57
C ASP F 36 3.44 -29.52 39.52
N ARG F 37 4.41 -30.34 39.93
CA ARG F 37 5.00 -31.29 39.00
C ARG F 37 3.97 -32.30 38.51
N ASP F 38 3.12 -32.79 39.42
CA ASP F 38 2.06 -33.71 39.01
C ASP F 38 1.07 -33.04 38.07
N TYR F 39 0.75 -31.78 38.32
CA TYR F 39 -0.14 -31.04 37.42
C TYR F 39 0.49 -30.91 36.04
N TYR F 40 1.81 -30.72 35.98
CA TYR F 40 2.50 -30.73 34.70
C TYR F 40 2.46 -32.11 34.04
N ASP F 41 2.37 -33.17 34.83
CA ASP F 41 2.45 -34.54 34.35
C ASP F 41 1.09 -35.19 34.19
N GLU F 42 0.08 -34.42 33.77
CA GLU F 42 -1.28 -34.87 33.47
C GLU F 42 -2.06 -35.28 34.70
N LYS F 43 -1.52 -35.12 35.91
CA LYS F 43 -2.21 -35.51 37.13
C LYS F 43 -2.78 -34.26 37.79
N GLN F 44 -3.96 -33.85 37.33
CA GLN F 44 -4.63 -32.65 37.80
C GLN F 44 -5.92 -32.95 38.55
N TRP F 45 -6.15 -34.19 38.95
CA TRP F 45 -7.36 -34.59 39.65
C TRP F 45 -7.00 -35.27 40.96
N THR F 46 -7.79 -35.02 41.99
CA THR F 46 -7.63 -35.68 43.27
C THR F 46 -8.43 -36.98 43.30
N ALA F 47 -8.14 -37.82 44.30
CA ALA F 47 -8.83 -39.10 44.41
C ALA F 47 -10.32 -38.92 44.64
N ALA F 48 -10.69 -37.98 45.50
CA ALA F 48 -12.10 -37.78 45.82
C ALA F 48 -12.89 -37.31 44.61
N GLU F 49 -12.34 -36.37 43.84
CA GLU F 49 -13.05 -35.87 42.66
C GLU F 49 -13.19 -36.96 41.61
N LYS F 50 -12.14 -37.75 41.40
CA LYS F 50 -12.23 -38.87 40.45
C LYS F 50 -13.27 -39.89 40.90
N ALA F 51 -13.32 -40.18 42.20
CA ALA F 51 -14.31 -41.11 42.71
C ALA F 51 -15.72 -40.58 42.51
N ALA F 52 -15.93 -39.27 42.76
CA ALA F 52 -17.24 -38.68 42.54
C ALA F 52 -17.64 -38.73 41.08
N LEU F 53 -16.70 -38.42 40.17
CA LEU F 53 -17.00 -38.48 38.75
C LEU F 53 -17.33 -39.89 38.31
N GLU F 54 -16.60 -40.89 38.82
CA GLU F 54 -16.89 -42.27 38.48
C GLU F 54 -18.25 -42.70 39.01
N ARG F 55 -18.61 -42.24 40.22
CA ARG F 55 -19.93 -42.55 40.76
C ARG F 55 -21.03 -41.92 39.91
N ARG F 56 -20.81 -40.69 39.45
CA ARG F 56 -21.77 -40.05 38.55
C ARG F 56 -21.78 -40.67 37.16
N GLY F 57 -20.80 -41.50 36.82
CA GLY F 57 -20.68 -42.05 35.49
C GLY F 57 -20.02 -41.13 34.49
N GLN F 58 -19.56 -39.96 34.91
CA GLN F 58 -18.96 -38.99 34.01
C GLN F 58 -17.46 -39.26 33.91
N PRO F 59 -16.92 -39.49 32.72
CA PRO F 59 -15.46 -39.68 32.60
C PRO F 59 -14.71 -38.42 32.97
N ALA F 60 -13.52 -38.60 33.53
CA ALA F 60 -12.67 -37.50 33.94
C ALA F 60 -11.79 -37.09 32.77
N ILE F 61 -11.96 -35.86 32.30
CA ILE F 61 -11.23 -35.33 31.15
C ILE F 61 -10.39 -34.16 31.63
N THR F 62 -9.10 -34.17 31.30
CA THR F 62 -8.16 -33.15 31.71
C THR F 62 -7.69 -32.36 30.50
N PHE F 63 -7.80 -31.04 30.58
CA PHE F 63 -7.30 -30.13 29.55
C PHE F 63 -6.05 -29.45 30.13
N ASN F 64 -4.88 -29.87 29.65
CA ASN F 64 -3.62 -29.39 30.20
C ASN F 64 -3.13 -28.18 29.41
N ARG F 65 -2.94 -27.06 30.11
CA ARG F 65 -2.34 -25.87 29.53
C ARG F 65 -1.01 -25.49 30.15
N ILE F 66 -0.67 -26.04 31.31
CA ILE F 66 0.62 -25.75 31.94
C ILE F 66 1.77 -26.34 31.12
N LYS F 67 1.55 -27.51 30.54
CA LYS F 67 2.59 -28.17 29.77
C LYS F 67 3.03 -27.32 28.58
N ARG F 68 2.08 -26.66 27.93
CA ARG F 68 2.41 -25.81 26.79
C ARG F 68 3.33 -24.67 27.21
N LYS F 69 3.01 -24.00 28.32
CA LYS F 69 3.83 -22.88 28.78
C LYS F 69 5.21 -23.35 29.23
N VAL F 70 5.27 -24.48 29.94
CA VAL F 70 6.56 -24.99 30.40
C VAL F 70 7.42 -25.39 29.19
N ASN F 71 6.81 -26.02 28.19
CA ASN F 71 7.54 -26.38 26.99
C ASN F 71 8.03 -25.14 26.24
N ALA F 72 7.20 -24.09 26.21
CA ALA F 72 7.63 -22.84 25.57
C ALA F 72 8.84 -22.25 26.29
N LEU F 73 8.80 -22.23 27.62
CA LEU F 73 9.94 -21.69 28.38
C LEU F 73 11.19 -22.54 28.15
N THR F 74 11.05 -23.86 28.16
CA THR F 74 12.19 -24.74 27.93
C THR F 74 12.75 -24.54 26.52
N GLY F 75 11.87 -24.40 25.53
CA GLY F 75 12.35 -24.16 24.17
C GLY F 75 13.05 -22.82 24.02
N ILE F 76 12.56 -21.80 24.71
CA ILE F 76 13.24 -20.51 24.70
C ILE F 76 14.64 -20.65 25.30
N GLU F 77 14.73 -21.35 26.44
CA GLU F 77 16.03 -21.55 27.07
C GLU F 77 16.97 -22.33 26.14
N LYS F 78 16.44 -23.31 25.42
CA LYS F 78 17.26 -24.05 24.46
C LYS F 78 17.71 -23.16 23.32
N GLN F 79 16.84 -22.27 22.84
CA GLN F 79 17.17 -21.42 21.71
C GLN F 79 18.16 -20.32 22.08
N THR F 80 18.23 -19.94 23.36
CA THR F 80 19.25 -18.97 23.81
C THR F 80 20.42 -19.65 24.51
N ARG F 81 20.84 -20.82 24.02
CA ARG F 81 22.00 -21.50 24.57
C ARG F 81 23.27 -20.70 24.30
N LYS F 82 24.21 -20.78 25.24
CA LYS F 82 25.48 -20.08 25.14
C LYS F 82 26.60 -20.97 25.65
N ASP F 83 27.84 -20.66 25.21
CA ASP F 83 29.01 -21.43 25.58
C ASP F 83 29.85 -20.68 26.61
N PRO F 84 30.64 -21.37 27.43
CA PRO F 84 31.51 -20.65 28.37
C PRO F 84 32.60 -19.88 27.63
N ARG F 85 33.04 -18.79 28.24
CA ARG F 85 34.08 -17.96 27.65
C ARG F 85 34.82 -17.24 28.77
N ALA F 86 36.12 -17.03 28.55
CA ALA F 86 36.96 -16.30 29.48
C ALA F 86 37.48 -15.04 28.81
N PHE F 87 37.27 -13.90 29.46
CA PHE F 87 37.69 -12.61 28.94
C PHE F 87 38.82 -12.07 29.79
N PRO F 88 39.88 -11.52 29.19
CA PRO F 88 40.99 -11.00 29.98
C PRO F 88 40.66 -9.62 30.55
N ARG F 89 40.93 -9.44 31.85
CA ARG F 89 40.77 -8.12 32.45
C ARG F 89 41.75 -7.12 31.85
N ASN F 90 42.98 -7.55 31.60
CA ASN F 90 44.01 -6.73 30.99
C ASN F 90 44.58 -7.45 29.78
N PRO F 91 45.13 -6.72 28.81
CA PRO F 91 45.68 -7.39 27.62
C PRO F 91 46.75 -8.42 27.94
N ASP F 92 47.60 -8.16 28.94
CA ASP F 92 48.67 -9.09 29.27
C ASP F 92 48.14 -10.42 29.78
N ASP F 93 46.91 -10.47 30.27
CA ASP F 93 46.29 -11.71 30.70
C ASP F 93 45.55 -12.43 29.58
N GLU F 94 45.60 -11.90 28.36
CA GLU F 94 44.81 -12.45 27.26
C GLU F 94 45.08 -13.93 27.07
N GLU F 95 46.36 -14.29 26.92
CA GLU F 95 46.72 -15.70 26.75
C GLU F 95 46.16 -16.53 27.91
N SER F 96 46.25 -16.01 29.14
CA SER F 96 45.68 -16.71 30.28
C SER F 96 44.21 -17.01 30.05
N ALA F 97 43.44 -16.01 29.64
CA ALA F 97 42.03 -16.25 29.33
C ALA F 97 41.90 -17.27 28.21
N GLN F 98 42.76 -17.18 27.20
CA GLN F 98 42.73 -18.14 26.11
C GLN F 98 42.91 -19.56 26.61
N ALA F 99 43.64 -19.73 27.73
CA ALA F 99 43.75 -21.06 28.31
C ALA F 99 42.42 -21.54 28.85
N ALA F 100 41.74 -20.70 29.64
CA ALA F 100 40.52 -21.13 30.32
C ALA F 100 39.44 -21.51 29.31
N THR F 101 39.32 -20.73 28.23
CA THR F 101 38.35 -21.06 27.19
C THR F 101 38.61 -22.44 26.60
N ASP F 102 39.88 -22.83 26.46
CA ASP F 102 40.16 -24.16 25.96
C ASP F 102 39.88 -25.23 27.02
N ALA F 103 39.99 -24.86 28.30
CA ALA F 103 39.80 -25.84 29.36
C ALA F 103 38.32 -26.04 29.67
N ILE F 104 37.64 -24.97 30.07
CA ILE F 104 36.25 -25.08 30.51
C ILE F 104 35.38 -25.64 29.39
N ARG F 105 35.53 -25.09 28.18
CA ARG F 105 34.72 -25.56 27.06
C ARG F 105 34.91 -27.05 26.81
N TYR F 106 36.06 -27.60 27.21
CA TYR F 106 36.23 -29.05 27.14
C TYR F 106 35.34 -29.74 28.18
N VAL F 107 35.50 -29.37 29.45
CA VAL F 107 34.79 -30.06 30.52
C VAL F 107 33.29 -29.93 30.33
N CYS F 108 32.82 -28.71 30.05
CA CYS F 108 31.39 -28.50 29.83
C CYS F 108 30.85 -29.33 28.69
N GLU F 109 31.69 -29.75 27.74
CA GLU F 109 31.21 -30.65 26.71
C GLU F 109 31.63 -32.09 26.99
N ASP F 110 32.64 -32.30 27.83
CA ASP F 110 32.96 -33.65 28.28
C ASP F 110 31.83 -34.23 29.13
N SER F 111 31.25 -33.42 30.01
CA SER F 111 30.17 -33.86 30.88
C SER F 111 28.80 -33.59 30.31
N ARG F 112 28.71 -33.08 29.07
CA ARG F 112 27.45 -32.72 28.44
C ARG F 112 26.66 -31.72 29.30
N TRP F 113 27.29 -30.56 29.50
CA TRP F 113 26.68 -29.51 30.32
C TRP F 113 25.38 -29.00 29.70
N ASP F 114 25.20 -29.17 28.38
CA ASP F 114 23.99 -28.68 27.74
C ASP F 114 22.75 -29.42 28.25
N ASP F 115 22.79 -30.76 28.27
CA ASP F 115 21.63 -31.52 28.73
C ASP F 115 21.38 -31.30 30.21
N LYS F 116 22.43 -31.27 31.02
CA LYS F 116 22.26 -31.01 32.45
C LYS F 116 21.66 -29.64 32.69
N ARG F 117 22.12 -28.64 31.93
CA ARG F 117 21.56 -27.30 32.05
C ARG F 117 20.10 -27.28 31.62
N SER F 118 19.75 -28.03 30.57
CA SER F 118 18.37 -28.08 30.13
C SER F 118 17.46 -28.68 31.20
N GLU F 119 17.89 -29.79 31.81
CA GLU F 119 17.07 -30.39 32.86
C GLU F 119 17.03 -29.53 34.12
N ALA F 120 18.12 -28.84 34.44
CA ALA F 120 18.10 -27.91 35.55
C ALA F 120 17.13 -26.76 35.29
N ALA F 121 17.09 -26.28 34.05
CA ALA F 121 16.14 -25.24 33.68
C ALA F 121 14.70 -25.74 33.79
N LYS F 122 14.45 -26.98 33.37
CA LYS F 122 13.12 -27.55 33.51
C LYS F 122 12.72 -27.65 34.97
N GLU F 123 13.64 -28.11 35.83
CA GLU F 123 13.34 -28.18 37.25
C GLU F 123 13.08 -26.80 37.84
N LEU F 124 13.86 -25.81 37.43
CA LEU F 124 13.67 -24.45 37.92
C LEU F 124 12.31 -23.91 37.49
N ALA F 125 11.91 -24.18 36.26
CA ALA F 125 10.60 -23.73 35.79
C ALA F 125 9.47 -24.45 36.51
N ILE F 126 9.68 -25.72 36.87
CA ILE F 126 8.61 -26.52 37.45
C ILE F 126 8.68 -26.49 38.97
N GLU F 127 9.82 -26.92 39.52
CA GLU F 127 9.95 -27.03 40.97
C GLU F 127 10.52 -25.79 41.63
N GLY F 128 11.14 -24.90 40.86
CA GLY F 128 11.64 -23.66 41.41
C GLY F 128 13.00 -23.74 42.07
N THR F 129 13.73 -24.83 41.91
CA THR F 129 15.06 -24.96 42.48
C THR F 129 15.84 -26.01 41.71
N CYS F 130 17.06 -25.65 41.28
CA CYS F 130 17.91 -26.60 40.58
C CYS F 130 19.32 -26.52 41.14
N ALA F 131 19.92 -27.70 41.37
CA ALA F 131 21.24 -27.82 41.97
C ALA F 131 22.13 -28.70 41.10
N ILE F 132 23.39 -28.27 40.96
CA ILE F 132 24.37 -28.96 40.13
C ILE F 132 25.67 -29.09 40.90
N MET F 133 26.22 -30.30 40.92
CA MET F 133 27.45 -30.61 41.62
C MET F 133 28.60 -30.68 40.63
N VAL F 134 29.71 -30.02 40.97
CA VAL F 134 30.93 -30.04 40.17
C VAL F 134 31.96 -30.82 40.96
N GLY F 135 32.20 -32.07 40.57
CA GLY F 135 33.14 -32.91 41.28
C GLY F 135 34.25 -33.41 40.37
N VAL F 136 34.86 -34.54 40.72
CA VAL F 136 35.94 -35.12 39.94
C VAL F 136 35.54 -36.52 39.50
N LYS F 137 36.25 -37.03 38.49
CA LYS F 137 36.04 -38.38 38.01
C LYS F 137 37.37 -38.91 37.47
N GLN F 138 37.43 -40.24 37.35
CA GLN F 138 38.61 -40.90 36.83
C GLN F 138 38.46 -41.07 35.32
N ALA F 139 39.33 -40.43 34.56
CA ALA F 139 39.35 -40.52 33.11
C ALA F 139 40.53 -41.37 32.66
N LYS F 140 40.66 -41.51 31.34
CA LYS F 140 41.75 -42.30 30.79
C LYS F 140 43.11 -41.68 31.10
N GLY F 141 43.22 -40.36 30.94
CA GLY F 141 44.46 -39.65 31.20
C GLY F 141 44.67 -39.20 32.62
N GLY F 142 43.72 -39.43 33.50
CA GLY F 142 43.85 -39.01 34.89
C GLY F 142 42.55 -38.51 35.48
N ILE F 143 42.65 -37.62 36.48
CA ILE F 143 41.47 -37.07 37.13
C ILE F 143 40.97 -35.88 36.33
N ASP F 144 39.68 -35.85 36.05
CA ASP F 144 39.07 -34.79 35.26
C ASP F 144 37.83 -34.26 35.96
N PRO F 145 37.54 -32.97 35.81
CA PRO F 145 36.32 -32.44 36.41
C PRO F 145 35.07 -33.01 35.76
N ASP F 146 34.02 -33.14 36.55
CA ASP F 146 32.78 -33.76 36.12
C ASP F 146 31.64 -32.89 36.62
N ILE F 147 30.59 -32.78 35.80
CA ILE F 147 29.40 -31.99 36.13
C ILE F 147 28.22 -32.95 36.20
N ARG F 148 27.56 -32.99 37.35
CA ARG F 148 26.35 -33.77 37.53
C ARG F 148 25.26 -32.84 38.03
N ARG F 149 24.01 -33.22 37.80
CA ARG F 149 22.88 -32.44 38.31
C ARG F 149 22.10 -33.29 39.30
N ILE F 150 21.72 -32.66 40.42
CA ILE F 150 20.99 -33.34 41.48
C ILE F 150 19.51 -33.10 41.28
N ALA F 151 18.73 -34.18 41.29
CA ALA F 151 17.29 -34.06 41.16
C ALA F 151 16.72 -33.28 42.34
N TRP F 152 15.65 -32.54 42.07
CA TRP F 152 15.05 -31.68 43.10
C TRP F 152 14.63 -32.49 44.32
N ASP F 153 14.22 -33.74 44.11
CA ASP F 153 13.80 -34.60 45.21
C ASP F 153 14.97 -35.30 45.89
N ARG F 154 16.20 -35.07 45.44
CA ARG F 154 17.39 -35.67 46.04
C ARG F 154 18.35 -34.63 46.59
N PHE F 155 17.92 -33.38 46.73
CA PHE F 155 18.78 -32.30 47.18
C PHE F 155 18.09 -31.56 48.32
N TYR F 156 18.83 -31.33 49.40
CA TYR F 156 18.31 -30.57 50.53
C TYR F 156 19.30 -29.48 50.90
N TYR F 157 18.79 -28.43 51.55
CA TYR F 157 19.58 -27.23 51.81
C TYR F 157 19.20 -26.68 53.18
N ASP F 158 19.87 -25.60 53.56
CA ASP F 158 19.58 -24.92 54.82
C ASP F 158 18.23 -24.21 54.73
N PRO F 159 17.28 -24.50 55.61
CA PRO F 159 16.02 -23.75 55.60
C PRO F 159 16.18 -22.27 55.89
N HIS F 160 17.27 -21.87 56.54
CA HIS F 160 17.50 -20.47 56.89
C HIS F 160 18.11 -19.66 55.76
N ALA F 161 18.43 -20.30 54.63
CA ALA F 161 18.99 -19.58 53.50
C ALA F 161 17.95 -18.63 52.91
N THR F 162 18.37 -17.40 52.63
CA THR F 162 17.48 -16.38 52.08
C THR F 162 17.77 -16.00 50.64
N ALA F 163 19.05 -15.91 50.26
CA ALA F 163 19.40 -15.54 48.90
C ALA F 163 19.10 -16.70 47.95
N PHE F 164 19.00 -16.35 46.66
CA PHE F 164 18.71 -17.34 45.64
C PHE F 164 19.96 -18.10 45.18
N ASP F 165 21.14 -17.68 45.62
CA ASP F 165 22.37 -18.42 45.35
C ASP F 165 22.79 -19.29 46.53
N PHE F 166 22.02 -19.31 47.61
CA PHE F 166 22.35 -20.06 48.83
C PHE F 166 23.71 -19.62 49.39
N GLU F 167 24.00 -18.32 49.27
CA GLU F 167 25.23 -17.79 49.84
C GLU F 167 25.21 -17.85 51.36
N ASP F 168 24.06 -17.58 51.96
CA ASP F 168 23.91 -17.59 53.41
C ASP F 168 23.52 -18.97 53.95
N ALA F 169 23.43 -19.98 53.08
CA ALA F 169 23.04 -21.31 53.52
C ALA F 169 24.11 -21.90 54.44
N CYS F 170 23.69 -22.38 55.60
CA CYS F 170 24.63 -22.99 56.54
C CYS F 170 25.16 -24.31 56.01
N TYR F 171 24.34 -25.08 55.32
CA TYR F 171 24.71 -26.40 54.84
C TYR F 171 23.79 -26.78 53.69
N MET F 172 24.24 -27.75 52.90
CA MET F 172 23.38 -28.40 51.92
C MET F 172 24.00 -29.71 51.50
N GLY F 173 23.15 -30.61 50.99
CA GLY F 173 23.59 -31.96 50.72
C GLY F 173 22.69 -32.67 49.73
N VAL F 174 23.12 -33.87 49.37
CA VAL F 174 22.50 -34.69 48.35
C VAL F 174 22.19 -36.05 48.94
N VAL F 175 20.98 -36.53 48.71
CA VAL F 175 20.58 -37.89 49.05
C VAL F 175 20.78 -38.76 47.82
N VAL F 176 21.54 -39.84 47.97
CA VAL F 176 21.88 -40.73 46.86
C VAL F 176 21.28 -42.10 47.16
N TRP F 177 20.47 -42.60 46.24
CA TRP F 177 19.92 -43.94 46.33
C TRP F 177 20.72 -44.85 45.40
N MET F 178 21.36 -45.86 45.98
CA MET F 178 22.33 -46.68 45.27
C MET F 178 22.05 -48.14 45.54
N ASP F 179 22.59 -49.02 44.71
CA ASP F 179 22.55 -50.44 44.98
C ASP F 179 23.57 -50.81 46.05
N LEU F 180 23.27 -51.85 46.81
CA LEU F 180 24.16 -52.27 47.88
C LEU F 180 25.51 -52.72 47.34
N ASP F 181 25.51 -53.47 46.23
CA ASP F 181 26.76 -53.90 45.62
C ASP F 181 27.56 -52.71 45.11
N LYS F 182 26.88 -51.71 44.54
CA LYS F 182 27.57 -50.52 44.05
C LYS F 182 28.26 -49.79 45.20
N ALA F 183 27.56 -49.62 46.31
CA ALA F 183 28.15 -48.95 47.47
C ALA F 183 29.30 -49.76 48.05
N LYS F 184 29.16 -51.08 48.10
CA LYS F 184 30.24 -51.93 48.58
C LYS F 184 31.48 -51.79 47.71
N ALA F 185 31.30 -51.77 46.39
CA ALA F 185 32.43 -51.61 45.48
C ALA F 185 33.06 -50.22 45.61
N LYS F 186 32.24 -49.19 45.74
CA LYS F 186 32.76 -47.82 45.75
C LYS F 186 33.44 -47.50 47.08
N TYR F 187 32.85 -47.93 48.19
CA TYR F 187 33.39 -47.68 49.53
C TYR F 187 33.50 -48.99 50.29
N PRO F 188 34.53 -49.79 49.99
CA PRO F 188 34.71 -51.03 50.77
C PRO F 188 34.90 -50.80 52.26
N GLN F 189 35.60 -49.72 52.65
CA GLN F 189 35.89 -49.51 54.06
C GLN F 189 34.63 -49.31 54.88
N ALA F 190 33.50 -49.02 54.23
CA ALA F 190 32.23 -48.82 54.91
C ALA F 190 31.31 -50.02 54.83
N GLU F 191 31.82 -51.19 54.41
CA GLU F 191 30.98 -52.39 54.32
C GLU F 191 30.26 -52.65 55.64
N ASP F 192 30.99 -52.60 56.76
CA ASP F 192 30.38 -52.85 58.06
C ASP F 192 29.21 -51.92 58.32
N VAL F 193 29.30 -50.67 57.84
CA VAL F 193 28.18 -49.75 57.97
C VAL F 193 27.03 -50.17 57.06
N LEU F 194 27.34 -50.53 55.80
CA LEU F 194 26.28 -50.77 54.82
C LEU F 194 25.38 -51.93 55.24
N ILE F 195 25.98 -53.02 55.72
CA ILE F 195 25.17 -54.17 56.16
C ILE F 195 24.26 -53.77 57.30
N GLU F 196 24.66 -52.78 58.09
CA GLU F 196 23.85 -52.30 59.20
C GLU F 196 22.85 -51.22 58.79
N THR F 197 22.84 -50.81 57.52
CA THR F 197 21.98 -49.73 57.07
C THR F 197 20.62 -50.21 56.60
N TRP F 198 20.22 -51.44 56.94
CA TRP F 198 18.91 -51.93 56.55
C TRP F 198 17.81 -51.44 57.48
N ARG F 199 18.18 -50.87 58.63
CA ARG F 199 17.23 -50.19 59.52
C ARG F 199 17.04 -48.75 59.02
N GLN F 200 16.40 -48.63 57.87
CA GLN F 200 16.12 -47.32 57.30
C GLN F 200 14.87 -46.72 57.93
N ALA F 201 14.79 -45.38 57.89
CA ALA F 201 13.66 -44.66 58.47
C ALA F 201 13.48 -43.37 57.68
N GLN F 202 12.49 -43.36 56.79
CA GLN F 202 12.16 -42.18 56.00
C GLN F 202 10.79 -41.67 56.40
N GLN F 203 10.71 -40.40 56.78
CA GLN F 203 9.47 -39.79 57.20
C GLN F 203 8.73 -39.08 56.08
N SER F 204 9.26 -39.10 54.85
CA SER F 204 8.61 -38.47 53.72
C SER F 204 8.92 -39.26 52.47
N GLU F 205 8.03 -39.14 51.48
CA GLU F 205 8.18 -39.82 50.21
C GLU F 205 9.00 -39.02 49.21
N THR F 206 9.35 -37.78 49.51
CA THR F 206 10.15 -36.97 48.60
C THR F 206 11.56 -37.56 48.45
N TYR F 207 12.17 -37.98 49.56
CA TYR F 207 13.51 -38.53 49.55
C TYR F 207 13.53 -40.05 49.56
N ASP F 208 12.38 -40.69 49.37
CA ASP F 208 12.31 -42.14 49.33
C ASP F 208 12.67 -42.65 47.93
N ASP F 209 12.83 -43.96 47.82
CA ASP F 209 13.23 -44.58 46.57
C ASP F 209 12.09 -44.53 45.54
N LYS F 210 12.47 -44.56 44.26
CA LYS F 210 11.45 -44.60 43.18
C LYS F 210 11.85 -45.68 42.18
N PRO F 211 10.95 -46.64 41.83
CA PRO F 211 9.57 -46.64 42.32
C PRO F 211 9.30 -47.71 43.38
N LYS F 212 8.05 -47.82 43.85
CA LYS F 212 7.70 -48.85 44.81
C LYS F 212 7.41 -50.18 44.12
N HIS F 213 8.39 -51.07 44.13
CA HIS F 213 8.26 -52.41 43.57
C HIS F 213 8.34 -53.44 44.69
N ARG F 214 7.50 -54.48 44.59
CA ARG F 214 7.45 -55.49 45.63
C ARG F 214 8.76 -56.24 45.73
N LEU F 215 9.18 -56.50 46.97
CA LEU F 215 10.42 -57.22 47.23
C LEU F 215 10.23 -58.72 46.97
N TRP F 216 11.26 -59.35 46.42
CA TRP F 216 11.26 -60.78 46.16
C TRP F 216 12.29 -61.46 47.05
N ALA F 217 11.90 -62.60 47.63
CA ALA F 217 12.80 -63.33 48.52
C ALA F 217 14.04 -63.82 47.79
N ASP F 218 13.87 -64.31 46.55
CA ASP F 218 14.99 -64.82 45.77
C ASP F 218 15.83 -63.72 45.14
N TYR F 219 15.40 -62.46 45.24
CA TYR F 219 16.12 -61.34 44.66
C TYR F 219 17.14 -60.80 45.65
N ARG F 220 18.39 -60.70 45.22
CA ARG F 220 19.47 -60.23 46.07
C ARG F 220 19.76 -58.74 45.90
N ARG F 221 18.99 -58.04 45.07
CA ARG F 221 19.22 -56.62 44.85
C ARG F 221 18.66 -55.82 46.03
N ARG F 222 19.53 -55.07 46.69
CA ARG F 222 19.14 -54.25 47.84
C ARG F 222 19.51 -52.80 47.57
N ARG F 223 18.63 -51.88 47.97
CA ARG F 223 18.82 -50.46 47.76
C ARG F 223 19.16 -49.80 49.09
N VAL F 224 20.18 -48.92 49.07
CA VAL F 224 20.62 -48.20 50.25
C VAL F 224 20.60 -46.71 49.93
N ARG F 225 20.54 -45.91 51.00
CA ARG F 225 20.48 -44.46 50.89
C ARG F 225 21.65 -43.85 51.64
N ILE F 226 22.40 -42.99 50.94
CA ILE F 226 23.53 -42.29 51.52
C ILE F 226 23.21 -40.80 51.51
N CYS F 227 23.81 -40.07 52.43
CA CYS F 227 23.67 -38.61 52.48
C CYS F 227 25.06 -37.98 52.43
N GLU F 228 25.28 -37.12 51.45
CA GLU F 228 26.53 -36.38 51.29
C GLU F 228 26.24 -34.92 51.61
N GLU F 229 26.77 -34.45 52.73
CA GLU F 229 26.43 -33.12 53.24
C GLU F 229 27.68 -32.27 53.35
N TYR F 230 27.61 -31.04 52.81
CA TYR F 230 28.65 -30.04 52.99
C TYR F 230 28.08 -28.95 53.90
N TYR F 231 28.77 -28.69 55.01
CA TYR F 231 28.30 -27.72 55.99
C TYR F 231 29.44 -26.77 56.36
N LEU F 232 29.09 -25.50 56.56
CA LEU F 232 30.06 -24.47 56.89
C LEU F 232 30.29 -24.48 58.39
N ASP F 233 31.42 -25.02 58.83
CA ASP F 233 31.78 -25.04 60.24
C ASP F 233 32.39 -23.70 60.63
N GLY F 234 32.74 -23.56 61.91
CA GLY F 234 33.34 -22.33 62.38
C GLY F 234 34.69 -22.03 61.75
N GLU F 235 35.40 -23.06 61.30
CA GLU F 235 36.70 -22.88 60.65
C GLU F 235 36.63 -22.90 59.13
N GLY F 236 35.67 -23.61 58.57
CA GLY F 236 35.56 -23.70 57.13
C GLY F 236 34.53 -24.73 56.72
N TRP F 237 34.52 -25.04 55.43
CA TRP F 237 33.58 -26.01 54.90
C TRP F 237 34.06 -27.43 55.20
N LYS F 238 33.13 -28.28 55.64
CA LYS F 238 33.41 -29.66 55.94
C LYS F 238 32.44 -30.55 55.16
N PHE F 239 32.91 -31.74 54.81
CA PHE F 239 32.18 -32.66 53.95
C PHE F 239 32.04 -34.00 54.65
N CYS F 240 30.82 -34.54 54.68
CA CYS F 240 30.52 -35.80 55.34
C CYS F 240 29.69 -36.68 54.42
N MET F 241 29.93 -37.99 54.54
CA MET F 241 29.17 -39.02 53.82
C MET F 241 28.68 -40.01 54.86
N PHE F 242 27.38 -40.04 55.11
CA PHE F 242 26.86 -40.80 56.22
C PHE F 242 25.55 -41.48 55.84
N THR F 243 25.01 -42.23 56.80
CA THR F 243 23.72 -42.89 56.69
C THR F 243 22.99 -42.70 58.02
N LYS F 244 21.89 -43.42 58.19
CA LYS F 244 21.19 -43.44 59.46
C LYS F 244 21.82 -44.38 60.47
N ALA F 245 22.80 -45.18 60.05
CA ALA F 245 23.46 -46.16 60.91
C ALA F 245 24.86 -45.72 61.35
N GLY F 246 25.64 -45.15 60.44
CA GLY F 246 26.99 -44.74 60.78
C GLY F 246 27.63 -43.98 59.64
N PHE F 247 28.82 -43.44 59.92
CA PHE F 247 29.54 -42.66 58.93
C PHE F 247 30.16 -43.56 57.87
N ILE F 248 30.19 -43.07 56.64
CA ILE F 248 30.95 -43.68 55.56
C ILE F 248 32.28 -42.97 55.36
N VAL F 249 32.25 -41.67 55.18
CA VAL F 249 33.43 -40.81 55.17
C VAL F 249 33.37 -39.91 56.39
N PRO F 250 34.33 -39.98 57.31
CA PRO F 250 34.24 -39.19 58.53
C PRO F 250 34.36 -37.70 58.23
N PRO F 251 33.79 -36.83 59.08
CA PRO F 251 33.87 -35.39 58.83
C PRO F 251 35.28 -34.89 58.61
N MET F 252 35.53 -34.38 57.40
CA MET F 252 36.84 -33.87 57.01
C MET F 252 36.63 -32.60 56.20
N PRO F 253 37.66 -31.74 56.12
CA PRO F 253 37.53 -30.55 55.27
C PRO F 253 37.25 -30.93 53.83
N SER F 254 36.48 -30.07 53.16
CA SER F 254 36.03 -30.37 51.81
C SER F 254 37.23 -30.53 50.88
N PRO F 255 37.30 -31.61 50.10
CA PRO F 255 38.45 -31.82 49.21
C PRO F 255 38.45 -30.95 47.97
N TYR F 256 37.40 -30.15 47.76
CA TYR F 256 37.29 -29.30 46.59
C TYR F 256 37.77 -27.89 46.93
N ILE F 257 38.64 -27.34 46.09
CA ILE F 257 39.24 -26.03 46.32
C ILE F 257 38.39 -24.97 45.64
N GLY F 258 38.08 -23.91 46.37
CA GLY F 258 37.25 -22.83 45.86
C GLY F 258 38.06 -21.80 45.10
N GLU F 259 37.44 -20.63 44.91
CA GLU F 259 38.09 -19.55 44.18
C GLU F 259 39.33 -19.05 44.89
N ASP F 260 39.26 -18.89 46.21
CA ASP F 260 40.35 -18.33 46.99
C ASP F 260 41.27 -19.39 47.58
N GLY F 261 41.33 -20.58 46.97
CA GLY F 261 42.21 -21.61 47.46
C GLY F 261 41.74 -22.31 48.72
N GLU F 262 40.52 -22.03 49.18
CA GLU F 262 39.99 -22.63 50.39
C GLU F 262 38.85 -23.58 50.05
N PRO F 263 38.62 -24.60 50.87
CA PRO F 263 37.52 -25.54 50.60
C PRO F 263 36.18 -24.82 50.55
N GLU F 264 35.32 -25.28 49.64
CA GLU F 264 33.98 -24.71 49.50
C GLU F 264 33.03 -25.83 49.09
N CYS F 265 31.74 -25.57 49.24
CA CYS F 265 30.74 -26.52 48.81
C CYS F 265 30.71 -26.59 47.29
N PRO F 266 30.86 -27.76 46.68
CA PRO F 266 30.87 -27.87 45.22
C PRO F 266 29.49 -27.82 44.59
N ILE F 267 28.43 -27.73 45.37
CA ILE F 267 27.06 -27.72 44.85
C ILE F 267 26.62 -26.29 44.63
N LYS F 268 26.28 -25.96 43.39
CA LYS F 268 25.74 -24.65 43.03
C LYS F 268 24.25 -24.80 42.76
N ALA F 269 23.43 -24.08 43.51
CA ALA F 269 21.98 -24.21 43.41
C ALA F 269 21.37 -22.83 43.25
N VAL F 270 20.32 -22.75 42.43
CA VAL F 270 19.59 -21.50 42.21
C VAL F 270 18.10 -21.78 42.26
N SER F 271 17.35 -20.77 42.72
CA SER F 271 15.90 -20.85 42.84
C SER F 271 15.27 -19.67 42.12
N LEU F 272 14.02 -19.86 41.67
CA LEU F 272 13.33 -18.83 40.91
C LEU F 272 12.72 -17.77 41.81
N TYR F 273 11.80 -18.17 42.68
CA TYR F 273 11.09 -17.26 43.56
C TYR F 273 11.25 -17.72 45.00
N ILE F 274 11.37 -16.75 45.91
CA ILE F 274 11.45 -17.01 47.34
C ILE F 274 10.42 -16.14 48.04
N ASP F 275 9.58 -16.76 48.86
CA ASP F 275 8.54 -16.04 49.59
C ASP F 275 9.06 -15.60 50.96
N ARG F 276 8.17 -15.10 51.81
CA ARG F 276 8.57 -14.59 53.11
C ARG F 276 8.88 -15.69 54.12
N ASP F 277 8.57 -16.95 53.80
CA ASP F 277 8.84 -18.07 54.69
C ASP F 277 9.97 -18.95 54.16
N ASN F 278 10.83 -18.40 53.31
CA ASN F 278 11.95 -19.13 52.72
C ASN F 278 11.49 -20.33 51.90
N ASN F 279 10.30 -20.24 51.31
CA ASN F 279 9.76 -21.27 50.45
C ASN F 279 10.03 -20.91 48.99
N ARG F 280 10.60 -21.85 48.24
CA ARG F 280 11.00 -21.63 46.86
C ARG F 280 10.04 -22.34 45.92
N TYR F 281 9.63 -21.64 44.87
CA TYR F 281 8.66 -22.19 43.93
C TYR F 281 8.93 -21.59 42.55
N GLY F 282 8.43 -22.28 41.53
CA GLY F 282 8.61 -21.87 40.14
C GLY F 282 7.41 -21.13 39.58
N GLU F 283 7.39 -21.02 38.26
CA GLU F 283 6.32 -20.29 37.60
C GLU F 283 5.01 -21.08 37.58
N VAL F 284 5.11 -22.42 37.62
CA VAL F 284 3.93 -23.27 37.51
C VAL F 284 2.91 -22.95 38.60
N ARG F 285 3.39 -22.52 39.77
CA ARG F 285 2.49 -22.16 40.86
C ARG F 285 1.47 -21.12 40.40
N THR F 286 1.91 -20.10 39.66
CA THR F 286 0.99 -19.06 39.22
C THR F 286 -0.11 -19.62 38.34
N MET F 287 0.15 -20.70 37.62
CA MET F 287 -0.85 -21.32 36.76
C MET F 287 -1.64 -22.41 37.44
N ILE F 288 -1.37 -22.68 38.72
CA ILE F 288 -2.11 -23.74 39.42
C ILE F 288 -3.57 -23.36 39.57
N GLY F 289 -3.85 -22.10 39.91
CA GLY F 289 -5.19 -21.63 40.13
C GLY F 289 -6.09 -21.76 38.93
N PRO F 290 -5.81 -20.98 37.87
CA PRO F 290 -6.69 -21.02 36.69
C PRO F 290 -6.84 -22.40 36.08
N GLN F 291 -5.76 -23.17 36.00
CA GLN F 291 -5.83 -24.48 35.33
C GLN F 291 -6.84 -25.38 36.03
N ASP F 292 -6.83 -25.41 37.36
CA ASP F 292 -7.83 -26.17 38.10
C ASP F 292 -9.23 -25.73 37.70
N GLU F 293 -9.46 -24.42 37.62
CA GLU F 293 -10.78 -23.94 37.23
C GLU F 293 -11.13 -24.33 35.80
N ILE F 294 -10.11 -24.54 34.96
CA ILE F 294 -10.37 -25.07 33.62
C ILE F 294 -10.94 -26.48 33.72
N ASN F 295 -10.40 -27.30 34.62
CA ASN F 295 -10.87 -28.68 34.74
C ASN F 295 -12.23 -28.75 35.42
N LYS F 296 -12.45 -27.96 36.47
CA LYS F 296 -13.67 -28.09 37.25
C LYS F 296 -14.87 -27.53 36.50
N ARG F 297 -14.83 -26.25 36.13
CA ARG F 297 -15.97 -25.63 35.46
C ARG F 297 -16.34 -26.37 34.19
N ARG F 298 -15.36 -26.96 33.52
CA ARG F 298 -15.66 -27.79 32.36
C ARG F 298 -16.45 -29.03 32.76
N SER F 299 -15.96 -29.76 33.75
CA SER F 299 -16.62 -30.99 34.14
C SER F 299 -18.04 -30.73 34.62
N LYS F 300 -18.22 -29.70 35.44
CA LYS F 300 -19.56 -29.29 35.87
C LYS F 300 -20.42 -28.96 34.66
N ALA F 301 -19.86 -28.25 33.68
CA ALA F 301 -20.62 -27.95 32.46
C ALA F 301 -21.01 -29.22 31.74
N LEU F 302 -20.19 -30.27 31.85
CA LEU F 302 -20.56 -31.55 31.24
C LEU F 302 -21.68 -32.22 32.01
N HIS F 303 -21.75 -32.02 33.33
CA HIS F 303 -22.80 -32.65 34.13
C HIS F 303 -24.14 -31.98 33.94
N LEU F 304 -24.17 -30.66 33.72
CA LEU F 304 -25.42 -29.94 33.56
C LEU F 304 -26.05 -30.14 32.20
N ILE F 305 -25.33 -30.73 31.24
CA ILE F 305 -25.83 -30.94 29.89
C ILE F 305 -26.48 -32.30 29.74
N ASN F 306 -25.81 -33.36 30.20
CA ASN F 306 -26.31 -34.71 30.04
C ASN F 306 -27.32 -35.11 31.11
N SER F 307 -27.60 -34.25 32.08
CA SER F 307 -28.55 -34.52 33.13
C SER F 307 -29.67 -33.49 33.10
N ARG F 308 -30.89 -33.94 33.40
CA ARG F 308 -32.07 -33.09 33.40
C ARG F 308 -32.71 -33.09 34.78
N GLN F 309 -33.21 -31.93 35.19
CA GLN F 309 -33.91 -31.78 36.46
C GLN F 309 -35.41 -31.87 36.21
N VAL F 310 -36.09 -32.72 36.96
CA VAL F 310 -37.52 -32.96 36.76
C VAL F 310 -38.26 -32.74 38.07
N ARG F 311 -39.54 -32.41 37.95
CA ARG F 311 -40.48 -32.35 39.05
C ARG F 311 -41.61 -33.31 38.75
N VAL F 312 -41.88 -34.22 39.69
CA VAL F 312 -42.82 -35.31 39.50
C VAL F 312 -44.00 -35.12 40.44
N SER F 313 -45.21 -35.23 39.90
CA SER F 313 -46.40 -35.12 40.72
C SER F 313 -46.48 -36.27 41.72
N PRO F 314 -47.00 -36.01 42.93
CA PRO F 314 -47.08 -37.10 43.92
C PRO F 314 -47.94 -38.27 43.48
N ASN F 315 -48.94 -38.05 42.63
CA ASN F 315 -49.80 -39.13 42.19
C ASN F 315 -49.09 -40.11 41.27
N VAL F 316 -47.89 -39.80 40.79
CA VAL F 316 -47.13 -40.73 39.98
C VAL F 316 -46.63 -41.88 40.85
N GLN F 317 -46.86 -43.10 40.39
CA GLN F 317 -46.51 -44.31 41.14
C GLN F 317 -45.15 -44.87 40.74
N MET F 318 -44.22 -43.99 40.34
CA MET F 318 -42.87 -44.40 39.95
C MET F 318 -41.86 -43.65 40.80
N ASP F 319 -40.69 -44.26 40.97
CA ASP F 319 -39.61 -43.62 41.72
C ASP F 319 -39.15 -42.37 40.98
N ALA F 320 -38.92 -41.30 41.74
CA ALA F 320 -38.52 -40.04 41.12
C ALA F 320 -37.19 -40.15 40.41
N GLN F 321 -36.22 -40.85 41.02
CA GLN F 321 -34.91 -40.99 40.39
C GLN F 321 -35.00 -41.79 39.10
N SER F 322 -35.82 -42.85 39.08
CA SER F 322 -35.98 -43.62 37.86
C SER F 322 -36.61 -42.80 36.76
N VAL F 323 -37.62 -41.99 37.10
CA VAL F 323 -38.25 -41.12 36.12
C VAL F 323 -37.25 -40.10 35.58
N ARG F 324 -36.44 -39.52 36.47
CA ARG F 324 -35.44 -38.56 36.03
C ARG F 324 -34.42 -39.21 35.11
N LYS F 325 -33.98 -40.44 35.45
CA LYS F 325 -33.03 -41.14 34.59
C LYS F 325 -33.64 -41.45 33.23
N GLU F 326 -34.91 -41.85 33.20
CA GLU F 326 -35.57 -42.12 31.93
C GLU F 326 -35.68 -40.85 31.09
N LEU F 327 -36.03 -39.73 31.72
CA LEU F 327 -36.15 -38.47 30.99
C LEU F 327 -34.80 -37.98 30.49
N SER F 328 -33.74 -38.20 31.27
CA SER F 328 -32.41 -37.79 30.84
C SER F 328 -31.90 -38.63 29.67
N LYS F 329 -32.43 -39.84 29.48
CA LYS F 329 -32.01 -40.67 28.37
C LYS F 329 -32.44 -40.02 27.05
N PRO F 330 -31.59 -40.08 26.02
CA PRO F 330 -31.96 -39.49 24.72
C PRO F 330 -33.21 -40.11 24.12
N ASP F 331 -33.44 -41.40 24.33
CA ASP F 331 -34.61 -42.11 23.80
C ASP F 331 -35.53 -42.55 24.94
N GLY F 332 -35.66 -41.71 25.96
CA GLY F 332 -36.52 -42.06 27.07
C GLY F 332 -37.98 -41.74 26.81
N VAL F 333 -38.85 -42.36 27.61
CA VAL F 333 -40.29 -42.18 27.51
C VAL F 333 -40.86 -41.98 28.89
N PHE F 334 -42.04 -41.37 28.95
CA PHE F 334 -42.79 -41.23 30.17
C PHE F 334 -44.26 -41.51 29.89
N VAL F 335 -44.91 -42.23 30.79
CA VAL F 335 -46.32 -42.56 30.68
C VAL F 335 -47.05 -41.88 31.83
N GLY F 336 -47.93 -40.93 31.49
CA GLY F 336 -48.66 -40.22 32.51
C GLY F 336 -49.36 -39.02 31.92
N ASP F 337 -49.90 -38.19 32.81
CA ASP F 337 -50.63 -37.00 32.39
C ASP F 337 -49.66 -35.93 31.90
N SER F 338 -50.22 -34.90 31.25
CA SER F 338 -49.40 -33.84 30.69
C SER F 338 -48.67 -33.07 31.79
N GLY F 339 -49.36 -32.74 32.87
CA GLY F 339 -48.78 -31.99 33.96
C GLY F 339 -48.13 -32.82 35.05
N GLU F 340 -48.05 -34.14 34.88
CA GLU F 340 -47.49 -34.98 35.92
C GLU F 340 -46.00 -34.71 36.13
N VAL F 341 -45.26 -34.52 35.04
CA VAL F 341 -43.82 -34.28 35.11
C VAL F 341 -43.50 -32.99 34.37
N GLU F 342 -42.66 -32.16 34.99
CA GLU F 342 -42.24 -30.89 34.40
C GLU F 342 -40.73 -30.78 34.46
N ILE F 343 -40.11 -30.42 33.34
CA ILE F 343 -38.66 -30.32 33.26
C ILE F 343 -38.24 -28.91 33.64
N LEU F 344 -37.44 -28.78 34.70
CA LEU F 344 -36.93 -27.50 35.15
C LEU F 344 -35.82 -27.02 34.21
N PRO F 345 -35.70 -25.70 34.02
CA PRO F 345 -34.66 -25.17 33.13
C PRO F 345 -33.32 -25.10 33.84
N THR F 346 -32.29 -25.65 33.20
CA THR F 346 -30.94 -25.60 33.75
C THR F 346 -29.89 -25.16 32.72
N GLN F 347 -30.32 -24.60 31.59
CA GLN F 347 -29.35 -24.19 30.57
C GLN F 347 -28.58 -22.94 30.99
N ASP F 348 -29.18 -22.11 31.84
CA ASP F 348 -28.48 -20.89 32.29
C ASP F 348 -27.21 -21.23 33.07
N MET F 349 -27.29 -22.23 33.96
CA MET F 349 -26.12 -22.62 34.73
C MET F 349 -25.03 -23.17 33.81
N ALA F 350 -25.40 -23.98 32.83
CA ALA F 350 -24.42 -24.51 31.89
C ALA F 350 -23.77 -23.39 31.08
N SER F 351 -24.56 -22.44 30.61
CA SER F 351 -24.01 -21.31 29.86
C SER F 351 -23.06 -20.49 30.72
N ALA F 352 -23.44 -20.23 31.96
CA ALA F 352 -22.57 -19.46 32.86
C ALA F 352 -21.27 -20.20 33.14
N ASN F 353 -21.35 -21.52 33.34
CA ASN F 353 -20.14 -22.30 33.57
C ASN F 353 -19.24 -22.31 32.35
N LEU F 354 -19.84 -22.40 31.15
CA LEU F 354 -19.05 -22.33 29.93
C LEU F 354 -18.38 -20.98 29.78
N ALA F 355 -19.09 -19.90 30.10
CA ALA F 355 -18.50 -18.56 30.04
C ALA F 355 -17.33 -18.44 31.01
N MET F 356 -17.49 -18.95 32.24
CA MET F 356 -16.41 -18.90 33.20
C MET F 356 -15.21 -19.72 32.75
N LEU F 357 -15.46 -20.89 32.16
CA LEU F 357 -14.37 -21.70 31.62
C LEU F 357 -13.65 -20.99 30.50
N GLN F 358 -14.39 -20.32 29.61
CA GLN F 358 -13.77 -19.56 28.53
C GLN F 358 -12.93 -18.42 29.09
N GLU F 359 -13.43 -17.73 30.11
CA GLU F 359 -12.66 -16.65 30.73
C GLU F 359 -11.38 -17.19 31.35
N ALA F 360 -11.45 -18.33 32.04
CA ALA F 360 -10.26 -18.93 32.63
C ALA F 360 -9.26 -19.33 31.55
N LYS F 361 -9.74 -19.89 30.44
CA LYS F 361 -8.86 -20.24 29.34
C LYS F 361 -8.18 -19.02 28.76
N ASN F 362 -8.93 -17.92 28.58
CA ASN F 362 -8.34 -16.69 28.07
C ASN F 362 -7.27 -16.16 29.01
N GLU F 363 -7.55 -16.19 30.31
CA GLU F 363 -6.58 -15.69 31.28
C GLU F 363 -5.30 -16.54 31.27
N ILE F 364 -5.46 -17.87 31.23
CA ILE F 364 -4.28 -18.73 31.22
C ILE F 364 -3.52 -18.58 29.91
N ASP F 365 -4.22 -18.25 28.82
CA ASP F 365 -3.53 -17.95 27.57
C ASP F 365 -2.72 -16.67 27.68
N LEU F 366 -3.27 -15.65 28.32
CA LEU F 366 -2.53 -14.40 28.49
C LEU F 366 -1.46 -14.51 29.57
N LEU F 367 -1.51 -15.55 30.39
CA LEU F 367 -0.53 -15.73 31.46
C LEU F 367 0.67 -16.50 30.90
N GLY F 368 1.87 -15.96 31.12
CA GLY F 368 3.08 -16.58 30.65
C GLY F 368 3.41 -16.19 29.22
N PRO F 369 4.47 -16.79 28.66
CA PRO F 369 4.91 -16.50 27.29
C PRO F 369 3.93 -17.01 26.24
N GLY F 379 -4.20 -14.37 15.42
CA GLY F 379 -3.91 -14.19 14.00
C GLY F 379 -3.97 -12.74 13.56
N GLN F 380 -3.38 -11.85 14.37
CA GLN F 380 -3.38 -10.44 14.04
C GLN F 380 -2.32 -10.15 12.97
N MET F 381 -2.77 -9.52 11.88
CA MET F 381 -1.96 -9.40 10.67
C MET F 381 -0.64 -8.66 10.88
N SER F 382 -0.56 -7.77 11.87
CA SER F 382 0.64 -6.98 12.08
C SER F 382 1.76 -7.88 12.59
N GLY F 383 2.70 -8.20 11.71
CA GLY F 383 3.82 -9.04 12.10
C GLY F 383 4.73 -8.37 13.10
N ARG F 384 4.99 -7.07 12.92
CA ARG F 384 5.83 -6.34 13.85
C ARG F 384 5.22 -6.30 15.25
N ALA F 385 3.89 -6.20 15.32
CA ALA F 385 3.23 -6.21 16.62
C ALA F 385 3.41 -7.55 17.33
N ILE F 386 3.31 -8.65 16.58
CA ILE F 386 3.52 -9.97 17.19
C ILE F 386 4.98 -10.13 17.60
N LEU F 387 5.92 -9.59 16.81
CA LEU F 387 7.32 -9.61 17.21
C LEU F 387 7.53 -8.83 18.49
N ALA F 388 6.87 -7.68 18.64
CA ALA F 388 6.97 -6.92 19.87
C ALA F 388 6.34 -7.66 21.05
N GLN F 389 5.26 -8.40 20.79
CA GLN F 389 4.67 -9.24 21.84
C GLN F 389 5.65 -10.32 22.28
N GLN F 390 6.36 -10.92 21.33
CA GLN F 390 7.40 -11.89 21.67
C GLN F 390 8.52 -11.22 22.47
N GLN F 391 8.87 -9.99 22.11
CA GLN F 391 9.88 -9.25 22.88
C GLN F 391 9.41 -9.00 24.30
N GLY F 392 8.12 -8.67 24.48
CA GLY F 392 7.59 -8.50 25.82
C GLY F 392 7.57 -9.79 26.61
N GLY F 393 7.27 -10.91 25.95
CA GLY F 393 7.38 -12.19 26.61
C GLY F 393 8.79 -12.50 27.05
N MET F 394 9.77 -12.18 26.21
CA MET F 394 11.17 -12.34 26.60
C MET F 394 11.52 -11.41 27.76
N THR F 395 10.94 -10.21 27.79
CA THR F 395 11.14 -9.32 28.91
C THR F 395 10.60 -9.93 30.21
N GLU F 396 9.43 -10.57 30.13
CA GLU F 396 8.88 -11.24 31.30
C GLU F 396 9.74 -12.42 31.73
N ALA F 397 10.30 -13.15 30.77
CA ALA F 397 11.14 -14.31 31.06
C ALA F 397 12.60 -13.94 31.34
N ALA F 398 12.93 -12.65 31.31
CA ALA F 398 14.30 -12.23 31.58
C ALA F 398 14.80 -12.69 32.94
N THR F 399 13.92 -12.74 33.95
CA THR F 399 14.35 -13.22 35.26
C THR F 399 14.77 -14.68 35.21
N TYR F 400 13.98 -15.51 34.52
CA TYR F 400 14.33 -16.91 34.33
C TYR F 400 15.65 -17.06 33.57
N LEU F 401 15.82 -16.26 32.52
CA LEU F 401 17.06 -16.32 31.74
C LEU F 401 18.26 -15.90 32.59
N ASP F 402 18.08 -14.88 33.44
CA ASP F 402 19.17 -14.45 34.31
C ASP F 402 19.49 -15.50 35.36
N ARG F 403 18.48 -16.20 35.87
CA ARG F 403 18.75 -17.31 36.79
C ARG F 403 19.59 -18.38 36.10
N ILE F 404 19.23 -18.73 34.86
CA ILE F 404 20.02 -19.71 34.11
C ILE F 404 21.45 -19.22 33.91
N ARG F 405 21.60 -17.93 33.58
CA ARG F 405 22.93 -17.36 33.36
C ARG F 405 23.76 -17.42 34.63
N ALA F 406 23.16 -17.08 35.77
CA ALA F 406 23.89 -17.11 37.04
C ALA F 406 24.32 -18.52 37.39
N LEU F 407 23.43 -19.50 37.19
CA LEU F 407 23.80 -20.89 37.44
C LEU F 407 24.94 -21.32 36.53
N SER F 408 24.88 -20.93 35.25
CA SER F 408 25.95 -21.29 34.32
C SER F 408 27.28 -20.66 34.72
N ILE F 409 27.25 -19.39 35.16
CA ILE F 409 28.48 -18.72 35.56
C ILE F 409 29.08 -19.39 36.79
N ALA F 410 28.24 -19.73 37.77
CA ALA F 410 28.75 -20.43 38.95
C ALA F 410 29.35 -21.78 38.59
N VAL F 411 28.68 -22.52 37.70
CA VAL F 411 29.20 -23.83 37.28
C VAL F 411 30.53 -23.67 36.57
N TYR F 412 30.65 -22.67 35.70
CA TYR F 412 31.90 -22.46 34.98
C TYR F 412 33.04 -22.09 35.93
N ARG F 413 32.75 -21.23 36.91
CA ARG F 413 33.77 -20.86 37.89
C ARG F 413 34.23 -22.07 38.69
N SER F 414 33.27 -22.91 39.12
CA SER F 414 33.63 -24.12 39.84
C SER F 414 34.47 -25.06 38.97
N VAL F 415 34.11 -25.17 37.69
CA VAL F 415 34.86 -26.02 36.77
C VAL F 415 36.28 -25.52 36.62
N TRP F 416 36.46 -24.20 36.50
CA TRP F 416 37.79 -23.63 36.42
C TRP F 416 38.59 -23.91 37.69
N ALA F 417 37.94 -23.80 38.85
CA ALA F 417 38.62 -24.11 40.10
C ALA F 417 39.08 -25.56 40.14
N ARG F 418 38.20 -26.49 39.73
CA ARG F 418 38.57 -27.90 39.73
C ARG F 418 39.70 -28.17 38.74
N ILE F 419 39.68 -27.49 37.59
CA ILE F 419 40.73 -27.67 36.60
C ILE F 419 42.07 -27.19 37.16
N ARG F 420 42.08 -26.03 37.81
CA ARG F 420 43.30 -25.54 38.45
C ARG F 420 43.74 -26.44 39.59
N GLN F 421 42.81 -27.17 40.20
CA GLN F 421 43.15 -28.01 41.35
C GLN F 421 43.73 -29.35 40.93
N VAL F 422 43.07 -30.07 40.03
CA VAL F 422 43.38 -31.48 39.79
C VAL F 422 44.13 -31.72 38.49
N TRP F 423 44.02 -30.84 37.49
CA TRP F 423 44.66 -31.09 36.21
C TRP F 423 46.18 -30.99 36.34
N THR F 424 46.87 -31.91 35.69
CA THR F 424 48.33 -31.94 35.67
C THR F 424 48.85 -31.37 34.36
N GLY F 425 50.17 -31.25 34.25
CA GLY F 425 50.77 -30.74 33.04
C GLY F 425 50.53 -31.65 31.84
N GLU F 426 50.59 -32.96 32.05
CA GLU F 426 50.34 -33.91 30.96
C GLU F 426 48.92 -33.75 30.44
N ARG F 427 47.94 -33.59 31.33
CA ARG F 427 46.57 -33.37 30.90
C ARG F 427 46.43 -32.05 30.15
N TRP F 428 47.12 -31.01 30.61
CA TRP F 428 47.07 -29.71 29.93
C TRP F 428 47.59 -29.83 28.51
N VAL F 429 48.73 -30.50 28.34
CA VAL F 429 49.31 -30.66 27.00
C VAL F 429 48.43 -31.56 26.14
N ARG F 430 47.84 -32.60 26.73
CA ARG F 430 46.98 -33.50 25.97
C ARG F 430 45.73 -32.79 25.46
N VAL F 431 45.11 -31.95 26.30
CA VAL F 431 43.86 -31.32 25.93
C VAL F 431 44.10 -30.07 25.07
N THR F 432 44.83 -29.09 25.62
CA THR F 432 44.99 -27.82 24.93
C THR F 432 46.01 -27.90 23.80
N ASP F 433 46.87 -28.91 23.78
CA ASP F 433 47.90 -29.09 22.74
C ASP F 433 48.81 -27.88 22.64
N ASN F 434 49.04 -27.19 23.76
CA ASN F 434 49.89 -26.01 23.81
C ASN F 434 50.87 -26.16 24.96
N GLU F 435 52.15 -25.93 24.68
CA GLU F 435 53.18 -26.09 25.70
C GLU F 435 53.21 -24.93 26.68
N ARG F 436 52.79 -23.74 26.27
CA ARG F 436 52.81 -22.58 27.16
C ARG F 436 51.84 -22.76 28.32
N ASN F 437 50.72 -23.43 28.09
CA ASN F 437 49.72 -23.64 29.14
C ASN F 437 50.26 -24.43 30.33
N LEU F 438 51.47 -24.99 30.22
CA LEU F 438 52.12 -25.60 31.37
C LEU F 438 52.33 -24.61 32.49
N ARG F 439 52.35 -23.30 32.18
CA ARG F 439 52.46 -22.29 33.22
C ARG F 439 51.21 -22.19 34.08
N PHE F 440 50.09 -22.81 33.67
CA PHE F 440 48.85 -22.76 34.42
C PHE F 440 48.60 -24.05 35.20
N VAL F 441 49.64 -24.81 35.50
CA VAL F 441 49.50 -26.07 36.22
C VAL F 441 49.65 -25.80 37.71
N GLY F 442 48.67 -26.25 38.49
CA GLY F 442 48.68 -26.06 39.92
C GLY F 442 48.17 -24.68 40.31
N LEU F 443 48.15 -24.45 41.62
CA LEU F 443 47.68 -23.19 42.18
C LEU F 443 48.80 -22.31 42.74
N ASN F 444 49.96 -22.88 43.03
CA ASN F 444 51.07 -22.11 43.58
C ASN F 444 52.33 -22.30 42.75
N ALA F 503 49.92 -17.15 42.35
CA ALA F 503 48.68 -16.92 41.61
C ALA F 503 48.98 -16.41 40.20
N VAL F 504 48.57 -17.18 39.20
CA VAL F 504 48.80 -16.85 37.81
C VAL F 504 47.51 -16.41 37.12
N ALA F 505 46.44 -17.19 37.26
CA ALA F 505 45.14 -16.91 36.64
C ALA F 505 44.07 -16.95 37.71
N GLU F 506 43.86 -15.83 38.39
CA GLU F 506 42.82 -15.76 39.39
C GLU F 506 41.44 -15.71 38.73
N LEU F 507 40.42 -16.08 39.51
CA LEU F 507 39.08 -16.21 38.95
C LEU F 507 38.43 -14.87 38.63
N ASP F 508 38.87 -13.79 39.28
CA ASP F 508 38.29 -12.48 39.00
C ASP F 508 39.36 -11.43 38.76
N VAL F 509 40.55 -11.63 39.35
CA VAL F 509 41.61 -10.64 39.22
C VAL F 509 42.19 -10.63 37.81
N ASP F 510 42.37 -11.81 37.21
CA ASP F 510 42.99 -11.94 35.91
C ASP F 510 42.01 -12.17 34.77
N ILE F 511 41.06 -13.08 34.95
CA ILE F 511 40.10 -13.42 33.90
C ILE F 511 38.70 -13.30 34.46
N LEU F 512 37.74 -13.12 33.55
CA LEU F 512 36.32 -13.05 33.88
C LEU F 512 35.59 -14.12 33.11
N VAL F 513 34.72 -14.86 33.80
CA VAL F 513 33.98 -15.96 33.18
C VAL F 513 32.61 -15.45 32.79
N ASP F 514 32.25 -15.61 31.51
CA ASP F 514 30.98 -15.14 31.00
C ASP F 514 30.53 -16.14 29.94
N GLU F 515 29.46 -15.83 29.22
CA GLU F 515 28.92 -16.70 28.18
C GLU F 515 29.03 -16.01 26.84
N GLY F 516 29.59 -16.71 25.86
CA GLY F 516 29.65 -16.26 24.49
C GLY F 516 28.76 -17.08 23.59
N LEU F 517 28.80 -16.72 22.30
CA LEU F 517 27.96 -17.38 21.31
C LEU F 517 28.32 -18.86 21.20
N ASP F 518 27.28 -19.68 21.03
CA ASP F 518 27.48 -21.13 20.93
C ASP F 518 28.13 -21.47 19.60
N ALA F 519 29.36 -21.99 19.65
CA ALA F 519 30.08 -22.41 18.47
C ALA F 519 30.63 -23.81 18.68
N PRO F 520 30.72 -24.62 17.63
CA PRO F 520 31.26 -25.98 17.80
C PRO F 520 32.70 -25.99 18.28
N THR F 521 33.51 -25.02 17.83
CA THR F 521 34.92 -24.95 18.19
C THR F 521 35.33 -23.49 18.28
N ILE F 522 36.44 -23.26 18.99
CA ILE F 522 36.99 -21.91 19.07
C ILE F 522 37.49 -21.45 17.71
N ALA F 523 38.02 -22.37 16.91
CA ALA F 523 38.50 -22.02 15.58
C ALA F 523 37.35 -21.53 14.70
N ALA F 524 36.18 -22.17 14.81
CA ALA F 524 35.02 -21.72 14.04
C ALA F 524 34.61 -20.32 14.46
N GLU F 525 34.61 -20.05 15.77
CA GLU F 525 34.26 -18.71 16.25
C GLU F 525 35.24 -17.67 15.73
N GLU F 526 36.54 -18.00 15.73
CA GLU F 526 37.53 -17.10 15.16
C GLU F 526 37.30 -16.87 13.67
N PHE F 527 36.92 -17.93 12.96
CA PHE F 527 36.65 -17.78 11.53
C PHE F 527 35.49 -16.84 11.29
N GLU F 528 34.41 -16.98 12.06
CA GLU F 528 33.28 -16.06 11.91
C GLU F 528 33.67 -14.63 12.27
N GLN F 529 34.47 -14.46 13.33
CA GLN F 529 34.90 -13.12 13.72
C GLN F 529 35.76 -12.48 12.63
N LEU F 530 36.68 -13.25 12.05
CA LEU F 530 37.53 -12.73 10.98
C LEU F 530 36.71 -12.41 9.74
N MET F 531 35.72 -13.25 9.42
CA MET F 531 34.85 -12.96 8.29
C MET F 531 34.07 -11.66 8.51
N LYS F 532 33.55 -11.47 9.72
CA LYS F 532 32.84 -10.23 10.03
C LYS F 532 33.77 -9.03 9.93
N LEU F 533 35.00 -9.16 10.42
CA LEU F 533 35.95 -8.05 10.35
C LEU F 533 36.31 -7.73 8.90
N ALA F 534 36.49 -8.75 8.07
CA ALA F 534 36.85 -8.52 6.67
C ALA F 534 35.67 -7.98 5.87
N SER F 535 34.44 -8.27 6.30
CA SER F 535 33.27 -7.76 5.60
C SER F 535 33.24 -6.24 5.63
N THR F 536 33.61 -5.64 6.75
CA THR F 536 33.66 -4.19 6.85
C THR F 536 34.68 -3.61 5.88
N GLY F 537 35.84 -4.26 5.76
CA GLY F 537 36.88 -3.80 4.86
C GLY F 537 37.80 -2.75 5.42
N ILE F 538 37.57 -2.29 6.65
CA ILE F 538 38.45 -1.28 7.25
C ILE F 538 39.84 -1.87 7.50
N VAL F 539 39.89 -3.08 8.04
CA VAL F 539 41.14 -3.76 8.36
C VAL F 539 41.37 -4.85 7.32
N PRO F 540 42.48 -4.82 6.58
CA PRO F 540 42.74 -5.89 5.60
C PRO F 540 43.43 -7.09 6.22
N ILE F 541 42.78 -8.24 6.18
CA ILE F 541 43.34 -9.49 6.69
C ILE F 541 43.87 -10.30 5.52
N PRO F 542 45.10 -10.81 5.58
CA PRO F 542 45.63 -11.56 4.44
C PRO F 542 44.81 -12.81 4.19
N PRO F 543 44.69 -13.22 2.93
CA PRO F 543 43.88 -14.41 2.62
C PRO F 543 44.42 -15.69 3.25
N ASP F 544 45.73 -15.81 3.43
CA ASP F 544 46.28 -17.03 4.01
C ASP F 544 45.87 -17.22 5.46
N VAL F 545 45.81 -16.14 6.23
CA VAL F 545 45.32 -16.22 7.60
C VAL F 545 43.86 -16.66 7.63
N LEU F 546 43.05 -16.10 6.72
CA LEU F 546 41.65 -16.47 6.64
C LEU F 546 41.49 -17.95 6.30
N ILE F 547 42.29 -18.45 5.35
CA ILE F 547 42.22 -19.85 4.96
C ILE F 547 42.64 -20.75 6.11
N GLU F 548 43.72 -20.37 6.82
CA GLU F 548 44.17 -21.17 7.95
C GLU F 548 43.13 -21.21 9.05
N ALA F 549 42.47 -20.08 9.32
CA ALA F 549 41.44 -20.06 10.34
C ALA F 549 40.17 -20.80 9.92
N SER F 550 40.02 -21.09 8.62
CA SER F 550 38.84 -21.78 8.14
C SER F 550 38.92 -23.27 8.50
N SER F 551 37.81 -23.97 8.24
CA SER F 551 37.70 -25.40 8.51
C SER F 551 37.63 -26.23 7.24
N LEU F 552 38.12 -25.68 6.12
CA LEU F 552 38.08 -26.40 4.85
C LEU F 552 39.00 -27.61 4.90
N ARG F 553 38.53 -28.73 4.33
CA ARG F 553 39.36 -29.93 4.26
C ARG F 553 40.47 -29.78 3.25
N ASN F 554 40.25 -29.01 2.18
CA ASN F 554 41.28 -28.75 1.18
C ASN F 554 42.15 -27.56 1.53
N LYS F 555 42.19 -27.17 2.81
CA LYS F 555 43.01 -26.06 3.24
C LYS F 555 44.50 -26.23 2.95
N PRO F 556 45.14 -27.41 3.22
CA PRO F 556 46.61 -27.48 3.08
C PRO F 556 47.14 -27.10 1.71
N LYS F 557 46.70 -27.77 0.65
CA LYS F 557 47.29 -27.53 -0.66
C LYS F 557 47.09 -26.09 -1.11
N LEU F 558 45.95 -25.48 -0.75
CA LEU F 558 45.76 -24.07 -1.05
C LEU F 558 46.87 -23.23 -0.46
N LEU F 559 47.18 -23.45 0.83
CA LEU F 559 48.33 -22.78 1.42
C LEU F 559 49.61 -23.15 0.69
N GLU F 560 49.75 -24.42 0.29
CA GLU F 560 50.92 -24.85 -0.45
C GLU F 560 51.05 -24.12 -1.78
N MET F 561 49.96 -23.54 -2.28
CA MET F 561 50.04 -22.68 -3.45
C MET F 561 49.96 -21.20 -3.10
N LEU F 562 49.43 -20.84 -1.93
CA LEU F 562 49.41 -19.45 -1.52
C LEU F 562 50.77 -18.98 -1.03
N LYS F 563 51.50 -19.85 -0.33
CA LYS F 563 52.83 -19.52 0.16
C LYS F 563 53.89 -19.51 -0.93
N GLN F 564 53.57 -20.02 -2.11
CA GLN F 564 54.52 -20.01 -3.21
C GLN F 564 54.80 -18.58 -3.66
N GLY F 565 56.08 -18.23 -3.76
CA GLY F 565 56.48 -16.92 -4.21
C GLY F 565 56.49 -16.83 -5.72
N PRO F 566 57.01 -15.73 -6.25
CA PRO F 566 57.11 -15.59 -7.70
C PRO F 566 58.03 -16.66 -8.29
N SER F 567 57.71 -17.07 -9.51
CA SER F 567 58.47 -18.11 -10.19
C SER F 567 59.79 -17.51 -10.71
N GLN F 568 60.53 -18.31 -11.50
CA GLN F 568 61.87 -17.89 -11.90
C GLN F 568 61.83 -16.63 -12.74
N GLU F 569 60.87 -16.51 -13.65
CA GLU F 569 60.85 -15.38 -14.57
C GLU F 569 60.71 -14.05 -13.84
N GLN F 570 59.83 -13.99 -12.84
CA GLN F 570 59.58 -12.72 -12.17
C GLN F 570 60.79 -12.22 -11.39
N MET F 571 61.41 -13.09 -10.58
CA MET F 571 62.57 -12.62 -9.82
C MET F 571 63.77 -12.41 -10.73
N MET F 572 63.90 -13.18 -11.81
CA MET F 572 64.94 -12.89 -12.79
C MET F 572 64.75 -11.51 -13.40
N ALA F 573 63.52 -11.17 -13.79
CA ALA F 573 63.25 -9.86 -14.36
C ALA F 573 63.52 -8.75 -13.33
N GLN F 574 63.16 -8.99 -12.07
CA GLN F 574 63.46 -8.01 -11.03
C GLN F 574 64.97 -7.81 -10.88
N GLN F 575 65.74 -8.91 -10.94
CA GLN F 575 67.19 -8.80 -10.86
C GLN F 575 67.75 -7.99 -12.03
N ILE F 576 67.25 -8.24 -13.24
CA ILE F 576 67.73 -7.47 -14.38
C ILE F 576 67.33 -6.01 -14.25
N ALA F 577 66.15 -5.73 -13.70
CA ALA F 577 65.73 -4.34 -13.50
C ALA F 577 66.65 -3.63 -12.51
N LEU F 578 66.97 -4.30 -11.39
CA LEU F 578 67.89 -3.71 -10.42
C LEU F 578 69.27 -3.49 -11.02
N ALA F 579 69.75 -4.46 -11.81
CA ALA F 579 71.04 -4.31 -12.47
C ALA F 579 71.03 -3.15 -13.45
N GLY F 580 69.92 -2.98 -14.18
CA GLY F 580 69.82 -1.86 -15.11
C GLY F 580 69.80 -0.52 -14.41
N GLU F 581 69.10 -0.44 -13.28
CA GLU F 581 69.11 0.81 -12.51
C GLU F 581 70.51 1.12 -11.98
N GLN F 582 71.21 0.10 -11.48
CA GLN F 582 72.58 0.32 -11.01
C GLN F 582 73.49 0.74 -12.16
N ALA F 583 73.32 0.12 -13.32
CA ALA F 583 74.13 0.49 -14.49
C ALA F 583 73.83 1.91 -14.95
N LYS F 584 72.57 2.35 -14.87
CA LYS F 584 72.23 3.72 -15.19
C LYS F 584 72.89 4.70 -14.22
N VAL F 585 72.90 4.35 -12.93
CA VAL F 585 73.58 5.19 -11.93
C VAL F 585 75.08 5.27 -12.27
N ALA F 586 75.68 4.14 -12.63
CA ALA F 586 77.08 4.15 -13.03
C ALA F 586 77.30 5.00 -14.26
N GLU F 587 76.36 4.95 -15.22
CA GLU F 587 76.50 5.73 -16.44
C GLU F 587 76.47 7.23 -16.15
N THR F 588 75.54 7.67 -15.29
CA THR F 588 75.50 9.10 -15.00
C THR F 588 76.68 9.53 -14.14
N GLU F 589 77.19 8.64 -13.27
CA GLU F 589 78.41 8.97 -12.54
C GLU F 589 79.60 9.13 -13.49
N SER F 590 79.73 8.22 -14.47
CA SER F 590 80.80 8.34 -15.44
C SER F 590 80.62 9.57 -16.32
N LYS F 591 79.37 9.96 -16.60
CA LYS F 591 79.12 11.21 -17.31
C LYS F 591 79.59 12.40 -16.48
N THR F 592 79.36 12.36 -15.17
CA THR F 592 79.85 13.42 -14.29
C THR F 592 81.37 13.49 -14.35
N GLY F 593 82.03 12.34 -14.28
CA GLY F 593 83.49 12.32 -14.35
C GLY F 593 84.02 12.85 -15.67
N LEU F 594 83.38 12.44 -16.77
CA LEU F 594 83.78 12.92 -18.09
C LEU F 594 83.59 14.43 -18.19
N ASN F 595 82.49 14.94 -17.66
CA ASN F 595 82.23 16.38 -17.71
C ASN F 595 83.28 17.15 -16.90
N VAL F 596 83.65 16.61 -15.74
CA VAL F 596 84.73 17.23 -14.95
C VAL F 596 86.02 17.22 -15.75
N ALA F 597 86.27 16.13 -16.49
CA ALA F 597 87.47 16.06 -17.32
C ALA F 597 87.46 17.13 -18.41
N LYS F 598 86.31 17.33 -19.07
CA LYS F 598 86.23 18.38 -20.08
C LYS F 598 86.42 19.76 -19.47
N THR F 599 85.87 19.98 -18.27
CA THR F 599 86.07 21.27 -17.60
C THR F 599 87.54 21.50 -17.30
N GLN F 600 88.24 20.47 -16.82
CA GLN F 600 89.66 20.59 -16.55
C GLN F 600 90.45 20.85 -17.83
N GLU F 601 90.07 20.18 -18.92
CA GLU F 601 90.74 20.40 -20.20
C GLU F 601 90.53 21.84 -20.68
N THR F 602 89.31 22.37 -20.53
CA THR F 602 89.06 23.75 -20.90
C THR F 602 89.89 24.71 -20.05
N LEU F 603 89.98 24.45 -18.74
CA LEU F 603 90.78 25.30 -17.88
C LEU F 603 92.26 25.26 -18.28
N ALA F 604 92.78 24.06 -18.60
CA ALA F 604 94.16 23.94 -19.04
C ALA F 604 94.39 24.68 -20.36
N SER F 605 93.44 24.58 -21.28
CA SER F 605 93.56 25.29 -22.55
C SER F 605 93.56 26.80 -22.34
N ILE F 606 92.75 27.29 -21.40
CA ILE F 606 92.80 28.70 -21.05
C ILE F 606 94.16 29.06 -20.47
N GLN F 607 94.70 28.20 -19.61
CA GLN F 607 95.97 28.49 -18.96
C GLN F 607 97.11 28.58 -19.97
N THR F 608 97.16 27.66 -20.93
CA THR F 608 98.26 27.67 -21.89
C THR F 608 98.11 28.77 -22.94
N ASN F 609 96.92 29.36 -23.07
CA ASN F 609 96.69 30.40 -24.06
C ASN F 609 96.51 31.76 -23.38
N SER G 3 29.13 -75.18 43.41
CA SER G 3 30.31 -74.55 42.81
C SER G 3 29.93 -73.74 41.58
N GLN G 4 30.41 -74.18 40.41
CA GLN G 4 30.08 -73.49 39.17
C GLN G 4 28.59 -73.56 38.86
N GLU G 5 27.96 -74.72 39.12
CA GLU G 5 26.54 -74.86 38.87
C GLU G 5 25.73 -73.91 39.75
N ASP G 6 26.10 -73.80 41.02
CA ASP G 6 25.40 -72.89 41.92
C ASP G 6 25.55 -71.44 41.47
N TYR G 7 26.75 -71.05 41.06
CA TYR G 7 26.97 -69.69 40.58
C TYR G 7 26.16 -69.41 39.32
N THR G 8 26.12 -70.37 38.39
CA THR G 8 25.33 -70.20 37.18
C THR G 8 23.85 -70.08 37.51
N LEU G 9 23.36 -70.89 38.44
CA LEU G 9 21.96 -70.81 38.84
C LEU G 9 21.65 -69.46 39.47
N GLU G 10 22.54 -68.96 40.33
CA GLU G 10 22.32 -67.65 40.95
C GLU G 10 22.33 -66.54 39.90
N ALA G 11 23.24 -66.60 38.94
CA ALA G 11 23.28 -65.59 37.89
C ALA G 11 22.02 -65.62 37.04
N LEU G 12 21.56 -66.81 36.68
CA LEU G 12 20.32 -66.92 35.91
C LEU G 12 19.13 -66.39 36.68
N THR G 13 19.06 -66.72 37.97
CA THR G 13 17.98 -66.21 38.81
C THR G 13 18.02 -64.69 38.90
N ALA G 14 19.22 -64.13 39.05
CA ALA G 14 19.35 -62.68 39.10
C ALA G 14 18.90 -62.02 37.81
N ALA G 15 19.29 -62.58 36.67
CA ALA G 15 18.87 -62.02 35.38
C ALA G 15 17.36 -62.10 35.21
N VAL G 16 16.77 -63.25 35.54
CA VAL G 16 15.32 -63.41 35.42
C VAL G 16 14.61 -62.44 36.34
N ARG G 17 15.11 -62.28 37.57
CA ARG G 17 14.50 -61.35 38.51
C ARG G 17 14.60 -59.91 38.02
N ARG G 18 15.73 -59.55 37.41
CA ARG G 18 15.87 -58.22 36.83
C ARG G 18 14.82 -57.99 35.74
N PHE G 19 14.66 -58.98 34.86
CA PHE G 19 13.66 -58.85 33.79
C PHE G 19 12.26 -58.72 34.36
N GLU G 20 11.92 -59.54 35.36
CA GLU G 20 10.59 -59.47 35.96
C GLU G 20 10.37 -58.15 36.68
N GLU G 21 11.38 -57.63 37.37
CA GLU G 21 11.26 -56.33 38.00
C GLU G 21 10.99 -55.25 36.96
N SER G 22 11.73 -55.27 35.85
CA SER G 22 11.51 -54.29 34.80
C SER G 22 10.11 -54.41 34.21
N GLU G 23 9.63 -55.65 34.04
CA GLU G 23 8.32 -55.84 33.42
C GLU G 23 7.19 -55.39 34.35
N ASP G 24 7.26 -55.77 35.62
CA ASP G 24 6.18 -55.43 36.55
C ASP G 24 6.20 -53.98 37.00
N ALA G 25 7.39 -53.39 37.17
CA ALA G 25 7.47 -52.02 37.68
C ALA G 25 6.93 -51.00 36.70
N THR G 26 6.82 -51.34 35.41
CA THR G 26 6.36 -50.41 34.38
C THR G 26 5.09 -50.91 33.70
N THR G 27 4.23 -51.62 34.44
CA THR G 27 3.02 -52.15 33.83
C THR G 27 2.05 -51.03 33.44
N GLU G 28 1.79 -50.10 34.35
CA GLU G 28 0.87 -49.01 34.06
C GLU G 28 1.40 -48.11 32.96
N ALA G 29 2.69 -47.80 32.99
CA ALA G 29 3.28 -46.97 31.94
C ALA G 29 3.20 -47.66 30.59
N ARG G 30 3.47 -48.97 30.55
CA ARG G 30 3.36 -49.70 29.30
C ARG G 30 1.92 -49.71 28.79
N ALA G 31 0.95 -49.89 29.69
CA ALA G 31 -0.45 -49.87 29.28
C ALA G 31 -0.83 -48.50 28.72
N ALA G 32 -0.38 -47.43 29.38
CA ALA G 32 -0.69 -46.09 28.88
C ALA G 32 -0.05 -45.83 27.52
N ALA G 33 1.19 -46.28 27.33
CA ALA G 33 1.85 -46.11 26.05
C ALA G 33 1.16 -46.89 24.96
N GLU G 34 0.72 -48.11 25.27
CA GLU G 34 -0.02 -48.91 24.30
C GLU G 34 -1.36 -48.26 23.95
N ARG G 35 -2.02 -47.67 24.94
CA ARG G 35 -3.26 -46.94 24.67
C ARG G 35 -3.01 -45.75 23.76
N ASP G 36 -1.92 -45.02 24.01
CA ASP G 36 -1.59 -43.89 23.14
C ASP G 36 -1.30 -44.35 21.72
N ARG G 37 -0.56 -45.45 21.57
CA ARG G 37 -0.29 -46.00 20.24
C ARG G 37 -1.58 -46.42 19.54
N ASP G 38 -2.50 -47.05 20.27
CA ASP G 38 -3.77 -47.44 19.69
C ASP G 38 -4.57 -46.22 19.26
N TYR G 39 -4.58 -45.17 20.08
CA TYR G 39 -5.28 -43.95 19.71
C TYR G 39 -4.69 -43.33 18.45
N TYR G 40 -3.36 -43.33 18.34
CA TYR G 40 -2.73 -42.88 17.11
C TYR G 40 -3.05 -43.81 15.94
N ASP G 41 -3.37 -45.08 16.21
CA ASP G 41 -3.60 -46.08 15.18
C ASP G 41 -5.08 -46.34 14.92
N GLU G 42 -5.91 -45.30 15.03
CA GLU G 42 -7.34 -45.30 14.73
C GLU G 42 -8.17 -46.11 15.72
N LYS G 43 -7.56 -46.76 16.71
CA LYS G 43 -8.30 -47.56 17.69
C LYS G 43 -8.54 -46.66 18.90
N GLN G 44 -9.68 -45.98 18.90
CA GLN G 44 -10.02 -45.02 19.94
C GLN G 44 -11.29 -45.38 20.71
N TRP G 45 -11.95 -46.48 20.37
CA TRP G 45 -13.17 -46.90 21.03
C TRP G 45 -12.93 -48.22 21.77
N THR G 46 -13.37 -48.28 23.02
CA THR G 46 -13.27 -49.51 23.78
C THR G 46 -14.34 -50.51 23.33
N ALA G 47 -14.16 -51.76 23.72
CA ALA G 47 -15.09 -52.80 23.32
C ALA G 47 -16.48 -52.56 23.91
N ALA G 48 -16.53 -52.15 25.18
CA ALA G 48 -17.82 -51.94 25.83
C ALA G 48 -18.59 -50.79 25.18
N GLU G 49 -17.92 -49.67 24.93
CA GLU G 49 -18.58 -48.52 24.30
C GLU G 49 -18.99 -48.84 22.88
N LYS G 50 -18.15 -49.57 22.14
CA LYS G 50 -18.50 -49.95 20.77
C LYS G 50 -19.72 -50.87 20.77
N ALA G 51 -19.78 -51.83 21.70
CA ALA G 51 -20.93 -52.71 21.78
C ALA G 51 -22.19 -51.94 22.16
N ALA G 52 -22.07 -50.99 23.09
CA ALA G 52 -23.22 -50.18 23.48
C ALA G 52 -23.73 -49.35 22.32
N LEU G 53 -22.83 -48.77 21.53
CA LEU G 53 -23.23 -48.01 20.36
C LEU G 53 -23.89 -48.91 19.32
N GLU G 54 -23.35 -50.12 19.13
CA GLU G 54 -23.92 -51.04 18.15
C GLU G 54 -25.30 -51.51 18.57
N ARG G 55 -25.54 -51.69 19.87
CA ARG G 55 -26.84 -52.11 20.34
C ARG G 55 -27.91 -51.08 20.01
N ARG G 56 -27.59 -49.79 20.16
CA ARG G 56 -28.53 -48.74 19.82
C ARG G 56 -28.68 -48.56 18.31
N GLY G 57 -27.86 -49.22 17.51
CA GLY G 57 -27.87 -49.03 16.07
C GLY G 57 -27.05 -47.86 15.58
N GLN G 58 -26.46 -47.09 16.48
CA GLN G 58 -25.63 -45.95 16.09
C GLN G 58 -24.24 -46.44 15.71
N PRO G 59 -23.76 -46.14 14.50
CA PRO G 59 -22.41 -46.58 14.13
C PRO G 59 -21.34 -45.92 14.97
N ALA G 60 -20.26 -46.66 15.22
CA ALA G 60 -19.12 -46.13 15.95
C ALA G 60 -18.21 -45.42 14.95
N ILE G 61 -18.14 -44.09 15.06
CA ILE G 61 -17.43 -43.26 14.10
C ILE G 61 -16.36 -42.48 14.84
N THR G 62 -15.13 -42.54 14.31
CA THR G 62 -13.96 -41.96 14.96
C THR G 62 -13.48 -40.76 14.16
N PHE G 63 -13.27 -39.64 14.86
CA PHE G 63 -12.71 -38.41 14.28
C PHE G 63 -11.31 -38.24 14.85
N ASN G 64 -10.32 -38.80 14.18
CA ASN G 64 -8.97 -38.83 14.70
C ASN G 64 -8.26 -37.51 14.40
N ARG G 65 -7.66 -36.91 15.42
CA ARG G 65 -6.83 -35.72 15.27
C ARG G 65 -5.41 -35.91 15.77
N ILE G 66 -5.15 -36.95 16.57
CA ILE G 66 -3.82 -37.20 17.09
C ILE G 66 -2.85 -37.54 15.97
N LYS G 67 -3.30 -38.33 15.00
CA LYS G 67 -2.42 -38.78 13.92
C LYS G 67 -1.88 -37.60 13.12
N ARG G 68 -2.72 -36.60 12.87
CA ARG G 68 -2.27 -35.43 12.11
C ARG G 68 -1.15 -34.71 12.83
N LYS G 69 -1.28 -34.51 14.15
CA LYS G 69 -0.27 -33.78 14.89
C LYS G 69 1.02 -34.59 15.02
N VAL G 70 0.89 -35.91 15.24
CA VAL G 70 2.07 -36.76 15.31
C VAL G 70 2.80 -36.77 13.96
N ASN G 71 2.05 -36.82 12.87
CA ASN G 71 2.66 -36.77 11.54
C ASN G 71 3.32 -35.42 11.29
N ALA G 72 2.72 -34.34 11.79
CA ALA G 72 3.35 -33.03 11.66
C ALA G 72 4.68 -32.98 12.40
N LEU G 73 4.72 -33.52 13.63
CA LEU G 73 5.97 -33.57 14.37
C LEU G 73 7.01 -34.42 13.66
N THR G 74 6.60 -35.58 13.14
CA THR G 74 7.52 -36.46 12.44
C THR G 74 8.07 -35.79 11.18
N GLY G 75 7.22 -35.10 10.43
CA GLY G 75 7.70 -34.38 9.25
C GLY G 75 8.62 -33.23 9.61
N ILE G 76 8.34 -32.56 10.74
CA ILE G 76 9.23 -31.50 11.21
C ILE G 76 10.61 -32.09 11.52
N GLU G 77 10.64 -33.25 12.18
CA GLU G 77 11.91 -33.91 12.46
C GLU G 77 12.62 -34.29 11.18
N LYS G 78 11.88 -34.82 10.19
CA LYS G 78 12.47 -35.23 8.94
C LYS G 78 13.07 -34.05 8.18
N GLN G 79 12.40 -32.90 8.20
CA GLN G 79 12.84 -31.75 7.42
C GLN G 79 14.17 -31.21 7.92
N THR G 80 14.47 -31.37 9.21
CA THR G 80 15.71 -30.88 9.81
C THR G 80 16.73 -31.98 9.98
N ARG G 81 16.78 -32.93 9.03
CA ARG G 81 17.77 -34.00 9.10
C ARG G 81 19.19 -33.45 8.98
N LYS G 82 20.10 -34.02 9.76
CA LYS G 82 21.49 -33.58 9.78
C LYS G 82 22.41 -34.78 9.73
N ASP G 83 23.63 -34.54 9.28
CA ASP G 83 24.64 -35.58 9.14
C ASP G 83 25.62 -35.54 10.30
N PRO G 84 26.27 -36.66 10.62
CA PRO G 84 27.33 -36.63 11.63
C PRO G 84 28.52 -35.82 11.15
N ARG G 85 29.23 -35.21 12.10
CA ARG G 85 30.39 -34.42 11.77
C ARG G 85 31.37 -34.46 12.93
N ALA G 86 32.66 -34.51 12.61
CA ALA G 86 33.73 -34.50 13.61
C ALA G 86 34.50 -33.20 13.47
N PHE G 87 34.60 -32.45 14.56
CA PHE G 87 35.32 -31.19 14.63
C PHE G 87 36.61 -31.38 15.40
N PRO G 88 37.66 -30.64 15.05
CA PRO G 88 38.91 -30.74 15.80
C PRO G 88 38.94 -29.79 16.99
N ARG G 89 39.24 -30.32 18.17
CA ARG G 89 39.37 -29.46 19.34
C ARG G 89 40.53 -28.49 19.17
N ASN G 90 41.62 -28.95 18.58
CA ASN G 90 42.80 -28.14 18.29
C ASN G 90 43.12 -28.23 16.80
N PRO G 91 43.75 -27.20 16.24
CA PRO G 91 44.05 -27.24 14.80
C PRO G 91 44.86 -28.45 14.37
N ASP G 92 45.79 -28.91 15.20
CA ASP G 92 46.62 -30.06 14.85
C ASP G 92 45.83 -31.35 14.76
N ASP G 93 44.61 -31.39 15.27
CA ASP G 93 43.72 -32.53 15.10
C ASP G 93 42.81 -32.39 13.88
N GLU G 94 43.01 -31.34 13.06
CA GLU G 94 42.09 -31.06 11.97
C GLU G 94 41.98 -32.23 11.02
N GLU G 95 43.11 -32.83 10.66
CA GLU G 95 43.07 -34.00 9.79
C GLU G 95 42.47 -35.19 10.52
N SER G 96 42.78 -35.36 11.80
CA SER G 96 42.31 -36.52 12.55
C SER G 96 40.80 -36.58 12.58
N ALA G 97 40.15 -35.45 12.90
CA ALA G 97 38.69 -35.40 12.86
C ALA G 97 38.17 -35.73 11.47
N GLN G 98 38.89 -35.30 10.43
CA GLN G 98 38.48 -35.61 9.07
C GLN G 98 38.40 -37.10 8.83
N ALA G 99 39.20 -37.89 9.55
CA ALA G 99 39.09 -39.33 9.47
C ALA G 99 37.76 -39.82 10.00
N ALA G 100 37.36 -39.32 11.18
CA ALA G 100 36.14 -39.81 11.82
C ALA G 100 34.91 -39.50 10.96
N THR G 101 34.83 -38.29 10.42
CA THR G 101 33.74 -37.96 9.52
C THR G 101 33.74 -38.88 8.30
N ASP G 102 34.91 -39.35 7.89
CA ASP G 102 34.96 -40.32 6.80
C ASP G 102 34.34 -41.65 7.21
N ALA G 103 34.56 -42.06 8.46
CA ALA G 103 34.13 -43.37 8.93
C ALA G 103 32.67 -43.36 9.40
N ILE G 104 32.37 -42.50 10.37
CA ILE G 104 31.03 -42.50 10.98
C ILE G 104 29.95 -42.34 9.93
N ARG G 105 30.13 -41.35 9.04
CA ARG G 105 29.16 -41.13 7.98
C ARG G 105 28.94 -42.39 7.16
N TYR G 106 30.02 -43.10 6.84
CA TYR G 106 29.89 -44.36 6.10
C TYR G 106 28.93 -45.30 6.81
N VAL G 107 29.10 -45.46 8.12
CA VAL G 107 28.20 -46.31 8.88
C VAL G 107 26.77 -45.80 8.76
N CYS G 108 26.58 -44.48 8.90
CA CYS G 108 25.26 -43.91 8.76
C CYS G 108 24.72 -44.08 7.35
N GLU G 109 25.59 -44.23 6.36
CA GLU G 109 25.18 -44.50 4.99
C GLU G 109 25.17 -45.98 4.66
N ASP G 110 25.54 -46.83 5.61
CA ASP G 110 25.52 -48.27 5.40
C ASP G 110 24.43 -48.98 6.18
N SER G 111 24.09 -48.50 7.37
CA SER G 111 23.04 -49.07 8.20
C SER G 111 21.70 -48.38 7.99
N ARG G 112 21.61 -47.46 7.02
CA ARG G 112 20.41 -46.67 6.78
C ARG G 112 19.97 -45.95 8.05
N TRP G 113 20.88 -45.09 8.55
CA TRP G 113 20.64 -44.40 9.81
C TRP G 113 19.46 -43.45 9.72
N ASP G 114 19.13 -42.95 8.53
CA ASP G 114 18.02 -42.02 8.40
C ASP G 114 16.69 -42.68 8.76
N ASP G 115 16.44 -43.87 8.19
CA ASP G 115 15.19 -44.56 8.47
C ASP G 115 15.10 -44.98 9.93
N LYS G 116 16.19 -45.49 10.50
CA LYS G 116 16.18 -45.87 11.90
C LYS G 116 15.94 -44.68 12.81
N ARG G 117 16.57 -43.54 12.49
CA ARG G 117 16.35 -42.34 13.29
C ARG G 117 14.91 -41.85 13.17
N SER G 118 14.33 -41.92 11.97
CA SER G 118 12.94 -41.51 11.80
C SER G 118 12.00 -42.40 12.60
N GLU G 119 12.22 -43.72 12.55
CA GLU G 119 11.37 -44.63 13.32
C GLU G 119 11.54 -44.42 14.82
N ALA G 120 12.78 -44.19 15.27
CA ALA G 120 13.01 -43.91 16.68
C ALA G 120 12.34 -42.61 17.10
N ALA G 121 12.37 -41.59 16.23
CA ALA G 121 11.69 -40.34 16.53
C ALA G 121 10.19 -40.53 16.63
N LYS G 122 9.60 -41.33 15.73
CA LYS G 122 8.19 -41.62 15.81
C LYS G 122 7.83 -42.34 17.11
N GLU G 123 8.65 -43.33 17.49
CA GLU G 123 8.43 -44.04 18.74
C GLU G 123 8.54 -43.11 19.94
N LEU G 124 9.53 -42.20 19.91
CA LEU G 124 9.69 -41.24 21.00
C LEU G 124 8.48 -40.31 21.09
N ALA G 125 7.97 -39.86 19.94
CA ALA G 125 6.81 -38.98 19.94
C ALA G 125 5.57 -39.67 20.47
N ILE G 126 5.33 -40.91 20.06
CA ILE G 126 4.09 -41.59 20.42
C ILE G 126 4.21 -42.23 21.80
N GLU G 127 5.10 -43.19 21.95
CA GLU G 127 5.19 -44.02 23.15
C GLU G 127 6.22 -43.51 24.16
N GLY G 128 6.98 -42.47 23.83
CA GLY G 128 7.79 -41.78 24.79
C GLY G 128 9.17 -42.35 25.07
N THR G 129 9.60 -43.36 24.33
CA THR G 129 10.92 -43.93 24.55
C THR G 129 11.43 -44.56 23.26
N CYS G 130 12.71 -44.34 22.95
CA CYS G 130 13.33 -44.97 21.79
C CYS G 130 14.70 -45.48 22.18
N ALA G 131 15.16 -46.53 21.49
CA ALA G 131 16.42 -47.18 21.80
C ALA G 131 17.10 -47.67 20.53
N ILE G 132 18.41 -47.45 20.47
CA ILE G 132 19.24 -47.84 19.33
C ILE G 132 20.40 -48.68 19.83
N MET G 133 20.63 -49.81 19.19
CA MET G 133 21.74 -50.70 19.51
C MET G 133 22.84 -50.53 18.48
N VAL G 134 24.05 -50.24 18.94
CA VAL G 134 25.22 -50.07 18.08
C VAL G 134 26.06 -51.32 18.24
N GLY G 135 25.98 -52.23 17.28
CA GLY G 135 26.70 -53.49 17.37
C GLY G 135 27.63 -53.72 16.20
N VAL G 136 27.98 -54.98 15.95
CA VAL G 136 28.86 -55.33 14.84
C VAL G 136 28.11 -56.28 13.90
N LYS G 137 28.62 -56.39 12.68
CA LYS G 137 28.05 -57.28 11.69
C LYS G 137 29.15 -57.71 10.73
N GLN G 138 28.88 -58.80 10.00
CA GLN G 138 29.84 -59.36 9.07
C GLN G 138 29.62 -58.76 7.70
N ALA G 139 30.62 -58.05 7.19
CA ALA G 139 30.57 -57.44 5.87
C ALA G 139 31.42 -58.26 4.90
N LYS G 140 31.43 -57.84 3.63
CA LYS G 140 32.21 -58.53 2.62
C LYS G 140 33.70 -58.47 2.93
N GLY G 141 34.19 -57.31 3.34
CA GLY G 141 35.59 -57.15 3.69
C GLY G 141 35.92 -57.73 5.05
N GLY G 142 35.30 -57.18 6.09
CA GLY G 142 35.54 -57.64 7.45
C GLY G 142 34.38 -57.36 8.37
N ILE G 143 34.67 -57.05 9.63
CA ILE G 143 33.65 -56.73 10.62
C ILE G 143 33.36 -55.23 10.55
N ASP G 144 32.10 -54.87 10.44
CA ASP G 144 31.70 -53.47 10.33
C ASP G 144 30.68 -53.13 11.40
N PRO G 145 30.79 -51.95 12.00
CA PRO G 145 29.75 -51.52 12.95
C PRO G 145 28.42 -51.33 12.26
N ASP G 146 27.35 -51.61 12.99
CA ASP G 146 26.00 -51.50 12.46
C ASP G 146 25.08 -50.91 13.52
N ILE G 147 23.97 -50.34 13.05
CA ILE G 147 22.99 -49.67 13.88
C ILE G 147 21.66 -50.38 13.71
N ARG G 148 21.03 -50.75 14.82
CA ARG G 148 19.72 -51.36 14.82
C ARG G 148 18.79 -50.57 15.73
N ARG G 149 17.51 -50.59 15.41
CA ARG G 149 16.50 -49.91 16.23
C ARG G 149 15.76 -50.97 17.05
N ILE G 150 15.75 -50.79 18.37
CA ILE G 150 15.05 -51.72 19.25
C ILE G 150 13.62 -51.22 19.43
N ALA G 151 12.66 -52.09 19.14
CA ALA G 151 11.26 -51.72 19.28
C ALA G 151 10.95 -51.42 20.74
N TRP G 152 10.01 -50.48 20.94
CA TRP G 152 9.70 -50.04 22.30
C TRP G 152 9.18 -51.19 23.15
N ASP G 153 8.44 -52.11 22.55
CA ASP G 153 7.93 -53.26 23.28
C ASP G 153 8.95 -54.39 23.39
N ARG G 154 10.14 -54.23 22.82
CA ARG G 154 11.20 -55.22 22.92
C ARG G 154 12.40 -54.72 23.74
N PHE G 155 12.23 -53.61 24.46
CA PHE G 155 13.32 -53.00 25.22
C PHE G 155 12.86 -52.77 26.65
N TYR G 156 13.70 -53.17 27.60
CA TYR G 156 13.42 -52.94 29.01
C TYR G 156 14.65 -52.37 29.69
N TYR G 157 14.42 -51.64 30.79
CA TYR G 157 15.47 -50.88 31.44
C TYR G 157 15.31 -51.02 32.95
N ASP G 158 16.22 -50.37 33.68
CA ASP G 158 16.14 -50.33 35.13
C ASP G 158 15.02 -49.39 35.55
N PRO G 159 14.03 -49.86 36.33
CA PRO G 159 12.93 -48.96 36.73
C PRO G 159 13.38 -47.81 37.60
N HIS G 160 14.53 -47.90 38.24
CA HIS G 160 15.03 -46.83 39.11
C HIS G 160 15.78 -45.74 38.35
N ALA G 161 15.91 -45.88 37.03
CA ALA G 161 16.58 -44.85 36.24
C ALA G 161 15.75 -43.56 36.22
N THR G 162 16.43 -42.44 36.33
CA THR G 162 15.79 -41.13 36.37
C THR G 162 16.16 -40.23 35.21
N ALA G 163 17.40 -40.30 34.73
CA ALA G 163 17.82 -39.45 33.62
C ALA G 163 17.13 -39.87 32.32
N PHE G 164 16.98 -38.91 31.42
CA PHE G 164 16.34 -39.20 30.14
C PHE G 164 17.18 -40.12 29.28
N ASP G 165 18.51 -40.06 29.42
CA ASP G 165 19.43 -40.88 28.65
C ASP G 165 19.85 -42.14 29.40
N PHE G 166 19.16 -42.47 30.50
CA PHE G 166 19.45 -43.66 31.28
C PHE G 166 20.89 -43.67 31.77
N GLU G 167 21.36 -42.50 32.20
CA GLU G 167 22.73 -42.39 32.72
C GLU G 167 22.92 -43.23 33.97
N ASP G 168 21.94 -43.21 34.87
CA ASP G 168 22.02 -43.92 36.14
C ASP G 168 21.36 -45.30 36.09
N ALA G 169 20.94 -45.74 34.91
CA ALA G 169 20.33 -47.07 34.78
C ALA G 169 21.41 -48.13 34.98
N CYS G 170 21.17 -49.04 35.93
CA CYS G 170 22.15 -50.08 36.23
C CYS G 170 22.15 -51.19 35.19
N TYR G 171 21.02 -51.43 34.53
CA TYR G 171 20.93 -52.50 33.55
C TYR G 171 19.90 -52.15 32.49
N MET G 172 20.17 -52.59 31.26
CA MET G 172 19.20 -52.51 30.17
C MET G 172 19.18 -53.86 29.45
N GLY G 173 18.16 -54.07 28.63
CA GLY G 173 18.04 -55.35 27.97
C GLY G 173 17.07 -55.31 26.81
N VAL G 174 17.23 -56.27 25.91
CA VAL G 174 16.40 -56.40 24.72
C VAL G 174 15.84 -57.82 24.67
N VAL G 175 14.54 -57.92 24.42
CA VAL G 175 13.86 -59.20 24.23
C VAL G 175 13.58 -59.37 22.75
N VAL G 176 14.04 -60.46 22.17
CA VAL G 176 13.90 -60.72 20.74
C VAL G 176 13.14 -62.02 20.54
N TRP G 177 12.29 -62.04 19.51
CA TRP G 177 11.56 -63.24 19.10
C TRP G 177 12.07 -63.63 17.73
N MET G 178 12.53 -64.87 17.60
CA MET G 178 13.16 -65.29 16.35
C MET G 178 12.83 -66.75 16.08
N ASP G 179 12.89 -67.11 14.80
CA ASP G 179 12.60 -68.49 14.41
C ASP G 179 13.64 -69.44 14.98
N LEU G 180 13.20 -70.68 15.22
CA LEU G 180 14.07 -71.66 15.87
C LEU G 180 15.30 -71.97 15.03
N ASP G 181 15.13 -72.09 13.72
CA ASP G 181 16.27 -72.44 12.86
C ASP G 181 17.30 -71.31 12.79
N LYS G 182 16.86 -70.05 12.76
CA LYS G 182 17.81 -68.95 12.84
C LYS G 182 18.57 -68.98 14.16
N ALA G 183 17.87 -69.24 15.26
CA ALA G 183 18.52 -69.29 16.56
C ALA G 183 19.54 -70.42 16.62
N LYS G 184 19.20 -71.58 16.06
CA LYS G 184 20.15 -72.69 16.01
C LYS G 184 21.35 -72.35 15.15
N ALA G 185 21.13 -71.65 14.03
CA ALA G 185 22.24 -71.25 13.18
C ALA G 185 23.18 -70.30 13.90
N LYS G 186 22.62 -69.32 14.62
CA LYS G 186 23.47 -68.36 15.31
C LYS G 186 24.07 -68.93 16.59
N TYR G 187 23.36 -69.81 17.27
CA TYR G 187 23.82 -70.41 18.54
C TYR G 187 23.70 -71.92 18.44
N PRO G 188 24.62 -72.57 17.72
CA PRO G 188 24.55 -74.03 17.59
C PRO G 188 24.77 -74.78 18.90
N GLN G 189 25.37 -74.15 19.91
CA GLN G 189 25.67 -74.80 21.17
C GLN G 189 24.63 -74.53 22.25
N ALA G 190 23.57 -73.78 21.93
CA ALA G 190 22.57 -73.39 22.92
C ALA G 190 21.22 -74.00 22.62
N GLU G 191 21.18 -75.15 21.93
CA GLU G 191 19.91 -75.79 21.62
C GLU G 191 19.24 -76.39 22.85
N ASP G 192 19.98 -76.56 23.95
CA ASP G 192 19.40 -77.15 25.14
C ASP G 192 18.42 -76.19 25.80
N VAL G 193 18.78 -74.90 25.89
CA VAL G 193 17.98 -73.93 26.64
C VAL G 193 16.87 -73.31 25.79
N LEU G 194 16.80 -73.64 24.50
CA LEU G 194 15.73 -73.11 23.64
C LEU G 194 14.45 -73.87 23.96
N ILE G 195 13.70 -73.36 24.93
CA ILE G 195 12.50 -74.02 25.43
C ILE G 195 11.27 -73.28 24.92
N GLU G 196 10.10 -73.88 25.15
CA GLU G 196 8.81 -73.33 24.73
C GLU G 196 8.77 -73.11 23.22
N THR G 197 9.38 -74.03 22.48
CA THR G 197 9.36 -74.00 21.02
C THR G 197 8.51 -75.09 20.40
N TRP G 198 8.15 -76.13 21.16
CA TRP G 198 7.34 -77.21 20.62
C TRP G 198 5.96 -76.69 20.21
N ARG G 199 5.35 -75.84 21.02
CA ARG G 199 4.05 -75.28 20.73
C ARG G 199 3.97 -73.87 21.29
N GLN G 200 3.50 -72.93 20.48
CA GLN G 200 3.39 -71.55 20.91
C GLN G 200 2.30 -71.40 21.96
N ALA G 201 2.57 -70.56 22.96
CA ALA G 201 1.63 -70.32 24.04
C ALA G 201 0.73 -69.14 23.67
N GLN G 202 -0.05 -68.65 24.64
CA GLN G 202 -0.95 -67.52 24.42
C GLN G 202 -0.18 -66.23 24.67
N GLN G 203 -0.23 -65.32 23.71
CA GLN G 203 0.48 -64.05 23.77
C GLN G 203 -0.53 -62.95 24.09
N SER G 204 -0.41 -62.35 25.27
CA SER G 204 -1.33 -61.29 25.67
C SER G 204 -0.58 -60.05 26.14
N GLU G 205 0.56 -60.24 26.80
CA GLU G 205 1.29 -59.13 27.39
C GLU G 205 2.12 -58.41 26.33
N THR G 206 2.93 -57.46 26.76
CA THR G 206 3.67 -56.61 25.83
C THR G 206 4.85 -57.36 25.20
N TYR G 207 5.58 -58.14 26.00
CA TYR G 207 6.85 -58.70 25.57
C TYR G 207 6.72 -60.02 24.83
N ASP G 208 5.50 -60.50 24.59
CA ASP G 208 5.31 -61.74 23.85
C ASP G 208 5.36 -61.44 22.35
N ASP G 209 4.97 -62.41 21.53
CA ASP G 209 5.02 -62.26 20.09
C ASP G 209 4.04 -61.18 19.63
N LYS G 210 4.40 -60.50 18.54
CA LYS G 210 3.61 -59.36 18.08
C LYS G 210 2.18 -59.73 17.73
N PRO G 211 1.91 -60.78 16.94
CA PRO G 211 0.50 -61.22 16.78
C PRO G 211 0.02 -61.87 18.07
N LYS G 212 -0.88 -61.17 18.76
CA LYS G 212 -1.23 -61.53 20.14
C LYS G 212 -2.22 -62.68 20.21
N HIS G 213 -3.43 -62.49 19.66
CA HIS G 213 -4.51 -63.46 19.81
C HIS G 213 -5.03 -63.82 18.41
N ARG G 214 -4.11 -64.12 17.51
CA ARG G 214 -4.45 -64.59 16.18
C ARG G 214 -4.61 -66.11 16.10
N LEU G 215 -3.83 -66.85 16.89
CA LEU G 215 -4.08 -68.27 17.17
C LEU G 215 -3.89 -69.20 15.98
N TRP G 216 -3.35 -68.71 14.86
CA TRP G 216 -3.01 -69.62 13.78
C TRP G 216 -1.72 -70.35 14.09
N ALA G 217 -1.61 -71.58 13.60
CA ALA G 217 -0.44 -72.40 13.87
C ALA G 217 -0.17 -73.31 12.67
N ASP G 218 1.09 -73.71 12.54
CA ASP G 218 1.52 -74.60 11.47
C ASP G 218 2.31 -75.79 12.00
N TYR G 219 2.68 -75.77 13.29
CA TYR G 219 3.37 -76.86 13.96
C TYR G 219 4.76 -77.11 13.38
N ARG G 220 5.20 -76.25 12.46
CA ARG G 220 6.52 -76.37 11.87
C ARG G 220 7.35 -75.10 11.94
N ARG G 221 6.71 -73.94 12.06
CA ARG G 221 7.43 -72.69 12.27
C ARG G 221 7.53 -72.44 13.78
N ARG G 222 8.68 -72.78 14.35
CA ARG G 222 8.89 -72.65 15.78
C ARG G 222 9.60 -71.35 16.10
N ARG G 223 9.04 -70.58 17.04
CA ARG G 223 9.58 -69.29 17.44
C ARG G 223 10.04 -69.37 18.90
N VAL G 224 11.14 -68.70 19.19
CA VAL G 224 11.73 -68.70 20.53
C VAL G 224 12.02 -67.26 20.94
N ARG G 225 12.00 -67.04 22.24
CA ARG G 225 12.25 -65.73 22.85
C ARG G 225 13.58 -65.75 23.57
N ILE G 226 14.40 -64.73 23.34
CA ILE G 226 15.74 -64.65 23.90
C ILE G 226 15.95 -63.25 24.46
N CYS G 227 16.46 -63.16 25.68
CA CYS G 227 16.72 -61.88 26.33
C CYS G 227 18.22 -61.66 26.42
N GLU G 228 18.70 -60.55 25.86
CA GLU G 228 20.10 -60.15 26.01
C GLU G 228 20.14 -58.90 26.88
N GLU G 229 20.85 -58.98 28.00
CA GLU G 229 20.86 -57.94 29.01
C GLU G 229 22.29 -57.49 29.28
N TYR G 230 22.50 -56.18 29.27
CA TYR G 230 23.76 -55.57 29.69
C TYR G 230 23.53 -54.91 31.04
N TYR G 231 24.25 -55.39 32.05
CA TYR G 231 24.12 -54.89 33.41
C TYR G 231 25.46 -54.44 33.96
N LEU G 232 25.42 -53.39 34.76
CA LEU G 232 26.62 -52.83 35.38
C LEU G 232 26.70 -53.30 36.82
N ASP G 233 27.89 -53.74 37.22
CA ASP G 233 28.16 -54.10 38.61
C ASP G 233 29.46 -53.44 39.04
N GLY G 234 29.96 -53.85 40.22
CA GLY G 234 31.21 -53.28 40.70
C GLY G 234 32.38 -53.55 39.78
N GLU G 235 32.41 -54.74 39.17
CA GLU G 235 33.50 -55.08 38.25
C GLU G 235 33.45 -54.21 37.00
N GLY G 236 32.26 -53.96 36.47
CA GLY G 236 32.13 -53.15 35.26
C GLY G 236 30.81 -53.43 34.57
N TRP G 237 30.87 -53.50 33.25
CA TRP G 237 29.72 -53.80 32.41
C TRP G 237 29.81 -55.22 31.90
N LYS G 238 28.75 -56.00 32.10
CA LYS G 238 28.70 -57.39 31.69
C LYS G 238 27.48 -57.61 30.81
N PHE G 239 27.57 -58.60 29.93
CA PHE G 239 26.54 -58.89 28.95
C PHE G 239 26.18 -60.36 29.02
N CYS G 240 24.88 -60.65 29.08
CA CYS G 240 24.42 -62.03 29.16
C CYS G 240 23.24 -62.24 28.24
N MET G 241 23.34 -63.26 27.39
CA MET G 241 22.22 -63.72 26.56
C MET G 241 21.65 -64.99 27.18
N PHE G 242 20.33 -65.00 27.40
CA PHE G 242 19.72 -66.10 28.13
C PHE G 242 18.27 -66.27 27.72
N THR G 243 17.68 -67.35 28.24
CA THR G 243 16.24 -67.58 28.21
C THR G 243 15.76 -67.84 29.63
N LYS G 244 14.51 -68.25 29.79
CA LYS G 244 14.01 -68.54 31.13
C LYS G 244 14.52 -69.87 31.68
N ALA G 245 15.11 -70.71 30.83
CA ALA G 245 15.57 -72.03 31.24
C ALA G 245 17.08 -72.12 31.45
N GLY G 246 17.86 -71.25 30.83
CA GLY G 246 19.29 -71.34 30.97
C GLY G 246 19.99 -70.17 30.31
N PHE G 247 21.31 -70.30 30.21
CA PHE G 247 22.17 -69.26 29.66
C PHE G 247 22.61 -69.65 28.25
N ILE G 248 22.34 -68.76 27.29
CA ILE G 248 22.92 -68.93 25.96
C ILE G 248 24.37 -68.44 25.95
N VAL G 249 24.58 -67.22 26.42
CA VAL G 249 25.90 -66.65 26.63
C VAL G 249 26.10 -66.47 28.13
N PRO G 250 27.06 -67.15 28.75
CA PRO G 250 27.25 -66.99 30.19
C PRO G 250 27.72 -65.59 30.52
N PRO G 251 27.43 -65.09 31.73
CA PRO G 251 27.82 -63.73 32.09
C PRO G 251 29.30 -63.45 31.88
N MET G 252 29.59 -62.55 30.94
CA MET G 252 30.94 -62.19 30.57
C MET G 252 31.02 -60.67 30.44
N PRO G 253 32.21 -60.09 30.55
CA PRO G 253 32.34 -58.65 30.32
C PRO G 253 31.87 -58.28 28.93
N SER G 254 31.30 -57.09 28.81
CA SER G 254 30.70 -56.66 27.56
C SER G 254 31.75 -56.61 26.46
N PRO G 255 31.54 -57.27 25.32
CA PRO G 255 32.54 -57.26 24.24
C PRO G 255 32.70 -55.91 23.57
N TYR G 256 31.75 -54.99 23.75
CA TYR G 256 31.77 -53.70 23.08
C TYR G 256 32.57 -52.71 23.93
N ILE G 257 33.71 -52.27 23.42
CA ILE G 257 34.56 -51.32 24.13
C ILE G 257 33.96 -49.93 23.99
N GLY G 258 33.85 -49.22 25.12
CA GLY G 258 33.23 -47.91 25.16
C GLY G 258 34.20 -46.79 24.85
N GLU G 259 33.75 -45.57 25.14
CA GLU G 259 34.58 -44.40 24.90
C GLU G 259 35.83 -44.41 25.75
N ASP G 260 35.71 -44.82 27.01
CA ASP G 260 36.82 -44.79 27.96
C ASP G 260 37.75 -45.99 27.83
N GLY G 261 37.60 -46.79 26.77
CA GLY G 261 38.40 -47.99 26.63
C GLY G 261 37.94 -49.17 27.46
N GLU G 262 36.81 -49.04 28.15
CA GLU G 262 36.24 -50.08 28.99
C GLU G 262 34.96 -50.62 28.37
N PRO G 263 34.55 -51.83 28.75
CA PRO G 263 33.26 -52.36 28.26
C PRO G 263 32.12 -51.42 28.62
N GLU G 264 31.18 -51.28 27.69
CA GLU G 264 30.07 -50.35 27.82
C GLU G 264 28.77 -51.06 27.45
N CYS G 265 27.66 -50.32 27.59
CA CYS G 265 26.37 -50.82 27.15
C CYS G 265 26.09 -50.25 25.76
N PRO G 266 26.03 -51.08 24.72
CA PRO G 266 25.83 -50.54 23.36
C PRO G 266 24.47 -49.90 23.16
N ILE G 267 23.49 -50.20 24.02
CA ILE G 267 22.14 -49.65 23.85
C ILE G 267 22.13 -48.21 24.32
N LYS G 268 21.77 -47.30 23.42
CA LYS G 268 21.57 -45.89 23.74
C LYS G 268 20.08 -45.59 23.60
N ALA G 269 19.46 -45.16 24.69
CA ALA G 269 18.03 -44.94 24.70
C ALA G 269 17.71 -43.57 25.29
N VAL G 270 16.64 -42.96 24.78
CA VAL G 270 16.19 -41.66 25.28
C VAL G 270 14.67 -41.70 25.46
N SER G 271 14.19 -40.78 26.28
CA SER G 271 12.77 -40.63 26.56
C SER G 271 12.41 -39.15 26.55
N LEU G 272 11.13 -38.87 26.26
CA LEU G 272 10.69 -37.48 26.14
C LEU G 272 10.39 -36.87 27.51
N TYR G 273 9.42 -37.43 28.23
CA TYR G 273 9.01 -36.93 29.53
C TYR G 273 9.15 -38.03 30.58
N ILE G 274 9.61 -37.65 31.76
CA ILE G 274 9.79 -38.59 32.87
C ILE G 274 8.87 -38.15 34.01
N ASP G 275 8.06 -39.08 34.49
CA ASP G 275 7.12 -38.82 35.57
C ASP G 275 7.84 -38.94 36.92
N ARG G 276 7.19 -38.44 37.97
CA ARG G 276 7.77 -38.54 39.31
C ARG G 276 7.96 -39.97 39.76
N ASP G 277 7.26 -40.92 39.16
CA ASP G 277 7.42 -42.35 39.47
C ASP G 277 8.29 -43.05 38.44
N ASN G 278 9.17 -42.32 37.77
CA ASN G 278 10.05 -42.86 36.73
C ASN G 278 9.23 -43.51 35.60
N ASN G 279 8.11 -42.91 35.26
CA ASN G 279 7.29 -43.33 34.13
C ASN G 279 7.56 -42.42 32.95
N ARG G 280 7.81 -43.02 31.79
CA ARG G 280 8.16 -42.29 30.58
C ARG G 280 7.00 -42.33 29.60
N TYR G 281 6.60 -41.16 29.10
CA TYR G 281 5.49 -41.03 28.19
C TYR G 281 5.81 -40.01 27.12
N GLY G 282 5.08 -40.07 26.02
CA GLY G 282 5.28 -39.20 24.88
C GLY G 282 4.39 -37.97 24.91
N GLU G 283 4.23 -37.35 23.74
CA GLU G 283 3.44 -36.14 23.61
C GLU G 283 1.97 -36.41 23.29
N VAL G 284 1.61 -37.66 23.04
CA VAL G 284 0.21 -38.00 22.76
C VAL G 284 -0.64 -37.95 24.02
N ARG G 285 -0.04 -38.10 25.20
CA ARG G 285 -0.80 -38.13 26.44
C ARG G 285 -1.60 -36.86 26.64
N THR G 286 -1.05 -35.72 26.24
CA THR G 286 -1.79 -34.46 26.36
C THR G 286 -3.02 -34.45 25.47
N MET G 287 -2.92 -35.01 24.27
CA MET G 287 -4.03 -35.03 23.34
C MET G 287 -4.99 -36.20 23.56
N ILE G 288 -4.67 -37.11 24.48
CA ILE G 288 -5.53 -38.27 24.71
C ILE G 288 -6.91 -37.83 25.19
N GLY G 289 -6.95 -36.89 26.13
CA GLY G 289 -8.19 -36.43 26.70
C GLY G 289 -9.12 -35.74 25.71
N PRO G 290 -8.65 -34.69 25.04
CA PRO G 290 -9.51 -33.99 24.08
C PRO G 290 -10.02 -34.87 22.96
N GLN G 291 -9.23 -35.82 22.47
CA GLN G 291 -9.70 -36.71 21.41
C GLN G 291 -10.85 -37.59 21.90
N ASP G 292 -10.70 -38.17 23.10
CA ASP G 292 -11.78 -38.96 23.67
C ASP G 292 -13.02 -38.12 23.88
N GLU G 293 -12.86 -36.89 24.36
CA GLU G 293 -14.02 -36.02 24.51
C GLU G 293 -14.68 -35.71 23.17
N ILE G 294 -13.88 -35.47 22.14
CA ILE G 294 -14.44 -35.20 20.82
C ILE G 294 -15.30 -36.37 20.37
N ASN G 295 -14.76 -37.59 20.47
CA ASN G 295 -15.51 -38.76 20.06
C ASN G 295 -16.79 -38.93 20.88
N LYS G 296 -16.68 -38.82 22.21
CA LYS G 296 -17.83 -39.07 23.08
C LYS G 296 -18.93 -38.03 22.85
N ARG G 297 -18.55 -36.75 22.80
CA ARG G 297 -19.55 -35.70 22.61
C ARG G 297 -20.17 -35.78 21.23
N ARG G 298 -19.39 -36.13 20.20
CA ARG G 298 -19.95 -36.23 18.87
C ARG G 298 -20.95 -37.38 18.79
N SER G 299 -20.62 -38.51 19.41
CA SER G 299 -21.54 -39.63 19.45
C SER G 299 -22.81 -39.29 20.23
N LYS G 300 -22.65 -38.59 21.35
CA LYS G 300 -23.82 -38.19 22.14
C LYS G 300 -24.71 -37.24 21.37
N ALA G 301 -24.12 -36.29 20.64
CA ALA G 301 -24.92 -35.39 19.81
C ALA G 301 -25.64 -36.15 18.72
N LEU G 302 -24.97 -37.13 18.10
CA LEU G 302 -25.63 -37.94 17.07
C LEU G 302 -26.80 -38.72 17.65
N HIS G 303 -26.62 -39.29 18.84
CA HIS G 303 -27.72 -40.02 19.47
C HIS G 303 -28.88 -39.10 19.82
N LEU G 304 -28.57 -37.91 20.34
CA LEU G 304 -29.63 -36.96 20.69
C LEU G 304 -30.40 -36.51 19.47
N ILE G 305 -29.69 -36.29 18.35
CA ILE G 305 -30.31 -35.72 17.16
C ILE G 305 -31.28 -36.69 16.53
N ASN G 306 -30.89 -37.96 16.42
CA ASN G 306 -31.70 -38.95 15.72
C ASN G 306 -32.80 -39.57 16.57
N SER G 307 -32.89 -39.21 17.85
CA SER G 307 -33.87 -39.78 18.75
C SER G 307 -34.76 -38.67 19.33
N ARG G 308 -35.97 -39.05 19.71
CA ARG G 308 -36.93 -38.13 20.29
C ARG G 308 -37.45 -38.68 21.61
N GLN G 309 -37.80 -37.76 22.51
CA GLN G 309 -38.42 -38.09 23.78
C GLN G 309 -39.90 -37.77 23.72
N VAL G 310 -40.74 -38.73 24.11
CA VAL G 310 -42.19 -38.56 24.02
C VAL G 310 -42.82 -38.84 25.38
N ARG G 311 -43.83 -38.05 25.70
CA ARG G 311 -44.69 -38.29 26.85
C ARG G 311 -46.02 -38.81 26.36
N VAL G 312 -46.45 -39.95 26.91
CA VAL G 312 -47.60 -40.70 26.42
C VAL G 312 -48.63 -40.82 27.53
N SER G 313 -49.89 -40.59 27.19
CA SER G 313 -50.97 -40.74 28.17
C SER G 313 -51.13 -42.21 28.55
N PRO G 314 -51.63 -42.50 29.76
CA PRO G 314 -51.80 -43.91 30.16
C PRO G 314 -53.00 -44.59 29.54
N ASN G 315 -53.76 -43.91 28.66
CA ASN G 315 -54.92 -44.50 28.02
C ASN G 315 -54.60 -45.09 26.64
N VAL G 316 -53.38 -45.60 26.46
CA VAL G 316 -52.93 -46.13 25.18
C VAL G 316 -52.82 -47.64 25.29
N GLN G 317 -53.29 -48.35 24.26
CA GLN G 317 -53.29 -49.80 24.23
C GLN G 317 -52.05 -50.38 23.57
N MET G 318 -51.09 -49.54 23.19
CA MET G 318 -49.84 -50.00 22.59
C MET G 318 -48.66 -49.48 23.39
N ASP G 319 -47.53 -50.19 23.26
CA ASP G 319 -46.38 -49.94 24.12
C ASP G 319 -45.79 -48.56 23.88
N ALA G 320 -45.30 -47.95 24.97
CA ALA G 320 -44.72 -46.61 24.87
C ALA G 320 -43.45 -46.60 24.03
N GLN G 321 -42.62 -47.64 24.17
CA GLN G 321 -41.39 -47.71 23.38
C GLN G 321 -41.69 -47.80 21.89
N SER G 322 -42.71 -48.57 21.52
CA SER G 322 -43.11 -48.64 20.13
C SER G 322 -43.60 -47.29 19.62
N VAL G 323 -44.34 -46.56 20.46
CA VAL G 323 -44.81 -45.23 20.08
C VAL G 323 -43.62 -44.29 19.85
N ARG G 324 -42.63 -44.35 20.75
CA ARG G 324 -41.44 -43.52 20.58
C ARG G 324 -40.68 -43.88 19.32
N LYS G 325 -40.55 -45.18 19.04
CA LYS G 325 -39.87 -45.60 17.82
C LYS G 325 -40.59 -45.11 16.58
N GLU G 326 -41.92 -45.19 16.58
CA GLU G 326 -42.69 -44.68 15.45
C GLU G 326 -42.53 -43.18 15.30
N LEU G 327 -42.59 -42.44 16.40
CA LEU G 327 -42.53 -40.98 16.34
C LEU G 327 -41.12 -40.48 16.02
N SER G 328 -40.09 -41.29 16.26
CA SER G 328 -38.74 -40.90 15.91
C SER G 328 -38.42 -41.13 14.44
N LYS G 329 -39.25 -41.91 13.75
CA LYS G 329 -39.01 -42.15 12.33
C LYS G 329 -39.39 -40.92 11.51
N PRO G 330 -38.66 -40.64 10.43
CA PRO G 330 -39.03 -39.50 9.58
C PRO G 330 -40.42 -39.62 9.00
N ASP G 331 -40.87 -40.84 8.69
CA ASP G 331 -42.20 -41.08 8.14
C ASP G 331 -43.08 -41.84 9.13
N GLY G 332 -42.93 -41.54 10.42
CA GLY G 332 -43.72 -42.21 11.43
C GLY G 332 -45.13 -41.64 11.55
N VAL G 333 -46.04 -42.49 12.01
CA VAL G 333 -47.44 -42.13 12.14
C VAL G 333 -47.92 -42.55 13.53
N PHE G 334 -48.69 -41.67 14.17
CA PHE G 334 -49.32 -41.98 15.44
C PHE G 334 -50.82 -41.71 15.34
N VAL G 335 -51.61 -42.55 16.01
CA VAL G 335 -53.06 -42.43 16.04
C VAL G 335 -53.48 -42.17 17.49
N GLY G 336 -54.19 -41.07 17.71
CA GLY G 336 -54.61 -40.71 19.05
C GLY G 336 -55.28 -39.34 19.05
N ASP G 337 -55.50 -38.84 20.27
CA ASP G 337 -56.15 -37.55 20.46
C ASP G 337 -55.14 -36.44 20.20
N SER G 338 -55.57 -35.19 20.39
CA SER G 338 -54.72 -34.05 20.06
C SER G 338 -53.60 -33.88 21.08
N GLY G 339 -53.96 -33.63 22.33
CA GLY G 339 -52.96 -33.41 23.37
C GLY G 339 -52.62 -34.68 24.13
N GLU G 340 -53.03 -35.82 23.58
CA GLU G 340 -52.80 -37.09 24.27
C GLU G 340 -51.31 -37.42 24.33
N VAL G 341 -50.57 -37.13 23.25
CA VAL G 341 -49.13 -37.36 23.22
C VAL G 341 -48.43 -36.00 23.13
N GLU G 342 -47.20 -35.97 23.66
CA GLU G 342 -46.39 -34.76 23.61
C GLU G 342 -44.96 -35.14 23.27
N ILE G 343 -44.25 -34.23 22.63
CA ILE G 343 -42.84 -34.42 22.31
C ILE G 343 -42.04 -33.45 23.16
N LEU G 344 -41.18 -33.99 24.02
CA LEU G 344 -40.34 -33.18 24.87
C LEU G 344 -39.21 -32.55 24.07
N PRO G 345 -38.81 -31.33 24.41
CA PRO G 345 -37.73 -30.67 23.66
C PRO G 345 -36.35 -31.08 24.17
N THR G 346 -35.52 -31.60 23.27
CA THR G 346 -34.15 -31.99 23.62
C THR G 346 -33.12 -31.35 22.70
N GLN G 347 -33.52 -30.30 21.97
CA GLN G 347 -32.58 -29.64 21.06
C GLN G 347 -31.55 -28.82 21.82
N ASP G 348 -31.90 -28.33 23.02
CA ASP G 348 -30.95 -27.57 23.82
C ASP G 348 -29.77 -28.43 24.23
N MET G 349 -30.03 -29.68 24.63
CA MET G 349 -28.96 -30.59 24.99
C MET G 349 -28.05 -30.87 23.80
N ALA G 350 -28.64 -31.08 22.62
CA ALA G 350 -27.84 -31.32 21.42
C ALA G 350 -26.99 -30.10 21.07
N SER G 351 -27.56 -28.91 21.17
CA SER G 351 -26.80 -27.69 20.89
C SER G 351 -25.65 -27.52 21.86
N ALA G 352 -25.89 -27.78 23.15
CA ALA G 352 -24.82 -27.68 24.14
C ALA G 352 -23.73 -28.70 23.87
N ASN G 353 -24.12 -29.93 23.50
CA ASN G 353 -23.12 -30.94 23.18
C ASN G 353 -22.30 -30.54 21.96
N LEU G 354 -22.94 -29.96 20.94
CA LEU G 354 -22.21 -29.52 19.77
C LEU G 354 -21.24 -28.39 20.11
N ALA G 355 -21.67 -27.45 20.96
CA ALA G 355 -20.77 -26.38 21.37
C ALA G 355 -19.58 -26.93 22.15
N MET G 356 -19.83 -27.89 23.05
CA MET G 356 -18.74 -28.50 23.80
C MET G 356 -17.78 -29.23 22.86
N LEU G 357 -18.32 -29.93 21.87
CA LEU G 357 -17.48 -30.63 20.90
C LEU G 357 -16.62 -29.66 20.11
N GLN G 358 -17.22 -28.53 19.68
CA GLN G 358 -16.45 -27.53 18.94
C GLN G 358 -15.34 -26.94 19.80
N GLU G 359 -15.63 -26.67 21.07
CA GLU G 359 -14.60 -26.11 21.94
C GLU G 359 -13.49 -27.12 22.19
N ALA G 360 -13.84 -28.40 22.33
CA ALA G 360 -12.82 -29.44 22.47
C ALA G 360 -11.98 -29.55 21.21
N LYS G 361 -12.60 -29.41 20.03
CA LYS G 361 -11.84 -29.42 18.79
C LYS G 361 -10.86 -28.25 18.74
N ASN G 362 -11.30 -27.07 19.16
CA ASN G 362 -10.41 -25.92 19.21
C ASN G 362 -9.26 -26.16 20.19
N GLU G 363 -9.56 -26.75 21.34
CA GLU G 363 -8.52 -27.04 22.32
C GLU G 363 -7.49 -28.02 21.77
N ILE G 364 -7.95 -29.07 21.09
CA ILE G 364 -7.01 -30.04 20.53
C ILE G 364 -6.23 -29.43 19.37
N ASP G 365 -6.82 -28.46 18.65
CA ASP G 365 -6.09 -27.79 17.59
C ASP G 365 -4.98 -26.92 18.16
N LEU G 366 -5.27 -26.18 19.23
CA LEU G 366 -4.27 -25.30 19.83
C LEU G 366 -3.27 -26.05 20.71
N LEU G 367 -3.57 -27.30 21.08
CA LEU G 367 -2.71 -28.02 22.01
C LEU G 367 -1.32 -28.25 21.42
N GLY G 368 -1.25 -29.03 20.34
CA GLY G 368 0.02 -29.39 19.74
C GLY G 368 0.54 -28.32 18.81
N PRO G 369 1.62 -28.64 18.09
CA PRO G 369 2.18 -27.67 17.16
C PRO G 369 1.20 -27.32 16.05
N ASN G 370 1.22 -26.05 15.63
CA ASN G 370 0.36 -25.55 14.57
C ASN G 370 1.13 -25.36 13.26
N ALA G 371 2.29 -26.00 13.13
CA ALA G 371 3.10 -25.84 11.92
C ALA G 371 2.37 -26.36 10.69
N ALA G 372 1.70 -27.51 10.82
CA ALA G 372 0.96 -28.09 9.70
C ALA G 372 -0.37 -27.39 9.50
N GLN G 380 -7.73 -18.75 10.15
CA GLN G 380 -8.22 -18.10 8.94
C GLN G 380 -7.06 -17.64 8.08
N MET G 381 -7.19 -16.45 7.49
CA MET G 381 -6.14 -15.85 6.69
C MET G 381 -5.41 -14.79 7.50
N SER G 382 -4.09 -14.94 7.61
CA SER G 382 -3.27 -14.08 8.46
C SER G 382 -2.21 -13.34 7.67
N GLY G 383 -1.45 -14.02 6.81
CA GLY G 383 -0.34 -13.40 6.12
C GLY G 383 0.98 -13.74 6.76
N ARG G 384 1.63 -12.75 7.38
CA ARG G 384 2.86 -12.97 8.12
C ARG G 384 2.60 -13.29 9.60
N ALA G 385 1.33 -13.25 10.02
CA ALA G 385 1.01 -13.56 11.41
C ALA G 385 1.21 -15.03 11.73
N ILE G 386 1.24 -15.90 10.73
CA ILE G 386 1.47 -17.32 10.97
C ILE G 386 2.96 -17.66 11.05
N LEU G 387 3.83 -16.84 10.44
CA LEU G 387 5.27 -17.09 10.53
C LEU G 387 5.74 -16.97 11.99
N ALA G 388 5.25 -15.96 12.71
CA ALA G 388 5.52 -15.89 14.13
C ALA G 388 4.90 -17.06 14.88
N GLN G 389 3.69 -17.46 14.48
CA GLN G 389 3.09 -18.67 15.06
C GLN G 389 3.90 -19.91 14.67
N GLN G 390 4.47 -19.91 13.47
CA GLN G 390 5.35 -21.02 13.09
C GLN G 390 6.57 -21.08 14.00
N GLN G 391 7.17 -19.93 14.31
CA GLN G 391 8.32 -19.91 15.22
C GLN G 391 7.91 -20.34 16.62
N GLY G 392 6.72 -19.93 17.07
CA GLY G 392 6.24 -20.36 18.37
C GLY G 392 6.03 -21.86 18.44
N GLY G 393 5.46 -22.44 17.39
CA GLY G 393 5.34 -23.89 17.34
C GLY G 393 6.70 -24.57 17.29
N MET G 394 7.66 -23.96 16.60
CA MET G 394 9.00 -24.53 16.53
C MET G 394 9.65 -24.56 17.90
N THR G 395 9.59 -23.45 18.64
CA THR G 395 10.22 -23.42 19.96
C THR G 395 9.43 -24.23 20.98
N GLU G 396 8.12 -24.43 20.76
CA GLU G 396 7.35 -25.28 21.65
C GLU G 396 7.74 -26.75 21.54
N ALA G 397 8.35 -27.14 20.42
CA ALA G 397 8.79 -28.52 20.20
C ALA G 397 10.31 -28.64 20.18
N ALA G 398 11.00 -27.72 20.86
CA ALA G 398 12.46 -27.76 20.87
C ALA G 398 12.99 -28.94 21.69
N THR G 399 12.24 -29.36 22.71
CA THR G 399 12.67 -30.49 23.53
C THR G 399 12.74 -31.78 22.71
N TYR G 400 11.76 -31.97 21.82
CA TYR G 400 11.76 -33.16 20.96
C TYR G 400 13.00 -33.20 20.07
N LEU G 401 13.33 -32.06 19.44
CA LEU G 401 14.51 -32.01 18.59
C LEU G 401 15.79 -32.18 19.40
N ASP G 402 15.81 -31.65 20.64
CA ASP G 402 16.97 -31.82 21.50
C ASP G 402 17.16 -33.29 21.86
N ARG G 403 16.08 -34.01 22.15
CA ARG G 403 16.18 -35.44 22.42
C ARG G 403 16.70 -36.19 21.21
N ILE G 404 16.19 -35.84 20.01
CA ILE G 404 16.66 -36.48 18.79
C ILE G 404 18.15 -36.23 18.60
N ARG G 405 18.59 -34.99 18.82
CA ARG G 405 19.99 -34.63 18.64
C ARG G 405 20.87 -35.37 19.64
N ALA G 406 20.43 -35.47 20.90
CA ALA G 406 21.20 -36.20 21.90
C ALA G 406 21.33 -37.67 21.55
N LEU G 407 20.23 -38.29 21.11
CA LEU G 407 20.30 -39.68 20.68
C LEU G 407 21.24 -39.86 19.51
N SER G 408 21.18 -38.96 18.53
CA SER G 408 22.07 -39.04 17.37
C SER G 408 23.53 -38.90 17.79
N ILE G 409 23.81 -37.97 18.70
CA ILE G 409 25.19 -37.77 19.14
C ILE G 409 25.71 -39.01 19.87
N ALA G 410 24.88 -39.60 20.74
CA ALA G 410 25.29 -40.81 21.43
C ALA G 410 25.55 -41.95 20.45
N VAL G 411 24.68 -42.07 19.44
CA VAL G 411 24.84 -43.12 18.43
C VAL G 411 26.14 -42.90 17.66
N TYR G 412 26.44 -41.66 17.30
CA TYR G 412 27.67 -41.37 16.55
C TYR G 412 28.90 -41.68 17.40
N ARG G 413 28.87 -41.33 18.68
CA ARG G 413 30.00 -41.64 19.56
C ARG G 413 30.20 -43.15 19.68
N SER G 414 29.11 -43.90 19.83
CA SER G 414 29.23 -45.35 19.89
C SER G 414 29.76 -45.90 18.57
N VAL G 415 29.35 -45.32 17.45
CA VAL G 415 29.83 -45.76 16.15
C VAL G 415 31.33 -45.54 16.03
N TRP G 416 31.80 -44.37 16.48
CA TRP G 416 33.24 -44.11 16.45
C TRP G 416 33.99 -45.08 17.35
N ALA G 417 33.43 -45.40 18.52
CA ALA G 417 34.07 -46.39 19.39
C ALA G 417 34.16 -47.75 18.70
N ARG G 418 33.10 -48.18 18.04
CA ARG G 418 33.13 -49.45 17.31
C ARG G 418 34.14 -49.41 16.18
N ILE G 419 34.24 -48.27 15.49
CA ILE G 419 35.22 -48.12 14.42
C ILE G 419 36.63 -48.29 14.98
N ARG G 420 36.92 -47.63 16.09
CA ARG G 420 38.23 -47.76 16.71
C ARG G 420 38.48 -49.19 17.20
N GLN G 421 37.42 -49.90 17.58
CA GLN G 421 37.61 -51.23 18.17
C GLN G 421 37.81 -52.31 17.11
N VAL G 422 36.93 -52.37 16.10
CA VAL G 422 36.89 -53.53 15.22
C VAL G 422 37.50 -53.32 13.85
N TRP G 423 37.63 -52.07 13.40
CA TRP G 423 38.13 -51.83 12.05
C TRP G 423 39.64 -52.08 11.99
N THR G 424 40.07 -52.73 10.91
CA THR G 424 41.47 -53.02 10.68
C THR G 424 42.04 -52.02 9.68
N GLY G 425 43.33 -52.16 9.38
CA GLY G 425 43.96 -51.27 8.42
C GLY G 425 43.43 -51.47 7.01
N GLU G 426 43.17 -52.73 6.63
CA GLU G 426 42.64 -53.00 5.30
C GLU G 426 41.29 -52.34 5.11
N ARG G 427 40.41 -52.44 6.10
CA ARG G 427 39.10 -51.79 6.01
C ARG G 427 39.23 -50.27 5.95
N TRP G 428 40.14 -49.71 6.75
CA TRP G 428 40.36 -48.26 6.73
C TRP G 428 40.80 -47.80 5.36
N VAL G 429 41.76 -48.51 4.75
CA VAL G 429 42.24 -48.12 3.43
C VAL G 429 41.15 -48.31 2.39
N ARG G 430 40.39 -49.40 2.47
CA ARG G 430 39.35 -49.67 1.48
C ARG G 430 38.25 -48.62 1.55
N VAL G 431 37.87 -48.18 2.75
CA VAL G 431 36.76 -47.23 2.87
C VAL G 431 37.23 -45.81 2.59
N THR G 432 38.28 -45.36 3.27
CA THR G 432 38.70 -43.97 3.19
C THR G 432 39.64 -43.67 2.03
N ASP G 433 40.33 -44.69 1.50
CA ASP G 433 41.31 -44.51 0.42
C ASP G 433 42.38 -43.49 0.82
N ASN G 434 42.80 -43.54 2.08
CA ASN G 434 43.82 -42.65 2.60
C ASN G 434 44.77 -43.45 3.46
N GLU G 435 46.07 -43.41 3.15
CA GLU G 435 47.04 -44.18 3.90
C GLU G 435 47.33 -43.57 5.26
N ARG G 436 47.15 -42.25 5.40
CA ARG G 436 47.41 -41.60 6.69
C ARG G 436 46.49 -42.15 7.76
N ASN G 437 45.22 -42.37 7.42
CA ASN G 437 44.27 -42.96 8.36
C ASN G 437 44.73 -44.32 8.88
N LEU G 438 45.77 -44.91 8.28
CA LEU G 438 46.34 -46.14 8.81
C LEU G 438 46.81 -45.96 10.25
N ARG G 439 47.13 -44.74 10.65
CA ARG G 439 47.55 -44.50 12.02
C ARG G 439 46.40 -44.67 13.01
N PHE G 440 45.16 -44.48 12.56
CA PHE G 440 44.00 -44.54 13.44
C PHE G 440 43.47 -45.97 13.62
N VAL G 441 44.30 -46.97 13.40
CA VAL G 441 43.91 -48.37 13.54
C VAL G 441 44.17 -48.81 14.98
N GLY G 442 43.12 -49.31 15.63
CA GLY G 442 43.24 -49.82 16.98
C GLY G 442 43.15 -48.73 18.03
N LEU G 443 43.02 -49.16 19.28
CA LEU G 443 42.94 -48.26 20.42
C LEU G 443 44.27 -48.11 21.15
N ASN G 444 45.33 -48.75 20.67
CA ASN G 444 46.64 -48.71 21.31
C ASN G 444 46.57 -49.16 22.77
N ALA G 503 47.42 -43.40 22.24
CA ALA G 503 46.20 -42.66 21.96
C ALA G 503 46.47 -41.42 21.13
N VAL G 504 46.11 -41.48 19.85
CA VAL G 504 46.31 -40.38 18.91
C VAL G 504 44.99 -39.65 18.62
N ALA G 505 43.86 -40.35 18.79
CA ALA G 505 42.54 -39.76 18.62
C ALA G 505 41.59 -40.42 19.61
N GLU G 506 41.02 -39.60 20.50
CA GLU G 506 40.12 -40.10 21.52
C GLU G 506 38.84 -39.29 21.48
N LEU G 507 37.91 -39.66 22.36
CA LEU G 507 36.57 -39.08 22.35
C LEU G 507 36.56 -37.77 23.13
N ASP G 508 36.19 -36.70 22.44
CA ASP G 508 35.85 -35.42 23.05
C ASP G 508 37.05 -34.70 23.66
N VAL G 509 38.24 -35.29 23.54
CA VAL G 509 39.45 -34.61 23.97
C VAL G 509 40.29 -34.20 22.76
N ASP G 510 40.30 -35.04 21.73
CA ASP G 510 40.98 -34.72 20.47
C ASP G 510 40.00 -34.34 19.38
N ILE G 511 38.93 -35.12 19.20
CA ILE G 511 37.89 -34.83 18.22
C ILE G 511 36.57 -34.70 18.96
N LEU G 512 35.64 -33.96 18.36
CA LEU G 512 34.33 -33.72 18.93
C LEU G 512 33.26 -34.11 17.93
N VAL G 513 32.16 -34.66 18.42
CA VAL G 513 31.08 -35.18 17.58
C VAL G 513 29.91 -34.21 17.65
N ASP G 514 29.42 -33.80 16.48
CA ASP G 514 28.28 -32.90 16.40
C ASP G 514 27.51 -33.19 15.12
N GLU G 515 26.56 -32.33 14.79
CA GLU G 515 25.71 -32.49 13.62
C GLU G 515 25.97 -31.35 12.64
N GLY G 516 26.24 -31.71 11.39
CA GLY G 516 26.41 -30.76 10.32
C GLY G 516 25.32 -30.88 9.27
N LEU G 517 25.42 -30.00 8.28
CA LEU G 517 24.40 -29.91 7.24
C LEU G 517 24.31 -31.20 6.44
N ASP G 518 23.09 -31.56 6.03
CA ASP G 518 22.85 -32.77 5.27
C ASP G 518 23.41 -32.61 3.86
N ALA G 519 24.42 -33.40 3.52
CA ALA G 519 25.02 -33.38 2.20
C ALA G 519 25.15 -34.79 1.67
N PRO G 520 24.99 -34.98 0.36
CA PRO G 520 25.17 -36.32 -0.21
C PRO G 520 26.56 -36.90 -0.01
N THR G 521 27.58 -36.06 0.01
CA THR G 521 28.96 -36.51 0.18
C THR G 521 29.78 -35.37 0.76
N ILE G 522 30.97 -35.72 1.26
CA ILE G 522 31.88 -34.72 1.81
C ILE G 522 32.34 -33.76 0.73
N ALA G 523 32.56 -34.27 -0.49
CA ALA G 523 33.00 -33.41 -1.58
C ALA G 523 31.96 -32.36 -1.91
N ALA G 524 30.68 -32.70 -1.82
CA ALA G 524 29.63 -31.71 -2.06
C ALA G 524 29.68 -30.59 -1.03
N GLU G 525 29.87 -30.94 0.25
CA GLU G 525 29.99 -29.92 1.28
C GLU G 525 31.21 -29.04 1.06
N GLU G 526 32.34 -29.66 0.67
CA GLU G 526 33.54 -28.89 0.39
C GLU G 526 33.33 -27.92 -0.76
N PHE G 527 32.67 -28.39 -1.83
CA PHE G 527 32.40 -27.51 -2.96
C PHE G 527 31.47 -26.37 -2.57
N GLU G 528 30.44 -26.67 -1.79
CA GLU G 528 29.52 -25.63 -1.35
C GLU G 528 30.23 -24.58 -0.50
N GLN G 529 31.09 -25.03 0.43
CA GLN G 529 31.83 -24.09 1.26
C GLN G 529 32.78 -23.24 0.43
N LEU G 530 33.47 -23.87 -0.53
CA LEU G 530 34.39 -23.12 -1.39
C LEU G 530 33.64 -22.08 -2.22
N MET G 531 32.49 -22.46 -2.77
CA MET G 531 31.68 -21.52 -3.55
C MET G 531 31.19 -20.37 -2.68
N LYS G 532 30.76 -20.68 -1.46
CA LYS G 532 30.30 -19.63 -0.55
C LYS G 532 31.44 -18.66 -0.21
N LEU G 533 32.63 -19.18 0.05
CA LEU G 533 33.77 -18.32 0.33
C LEU G 533 34.14 -17.48 -0.87
N ALA G 534 34.11 -18.06 -2.08
CA ALA G 534 34.50 -17.32 -3.27
C ALA G 534 33.46 -16.28 -3.67
N SER G 535 32.19 -16.49 -3.29
CA SER G 535 31.14 -15.55 -3.64
C SER G 535 31.39 -14.19 -3.00
N THR G 536 31.83 -14.17 -1.74
CA THR G 536 32.10 -12.91 -1.06
C THR G 536 33.26 -12.16 -1.72
N GLY G 537 34.23 -12.88 -2.29
CA GLY G 537 35.37 -12.26 -2.91
C GLY G 537 36.46 -11.81 -1.95
N ILE G 538 36.28 -12.03 -0.65
CA ILE G 538 37.29 -11.63 0.32
C ILE G 538 38.57 -12.42 0.12
N VAL G 539 38.46 -13.73 -0.07
CA VAL G 539 39.60 -14.62 -0.26
C VAL G 539 39.60 -15.10 -1.71
N PRO G 540 40.69 -14.94 -2.45
CA PRO G 540 40.72 -15.41 -3.85
C PRO G 540 40.97 -16.91 -3.91
N ILE G 541 40.03 -17.62 -4.52
CA ILE G 541 40.11 -19.07 -4.69
C ILE G 541 40.37 -19.34 -6.17
N PRO G 542 41.45 -20.03 -6.53
CA PRO G 542 41.72 -20.29 -7.94
C PRO G 542 40.68 -21.23 -8.52
N PRO G 543 40.37 -21.08 -9.82
CA PRO G 543 39.31 -21.91 -10.41
C PRO G 543 39.61 -23.41 -10.40
N ASP G 544 40.88 -23.80 -10.48
CA ASP G 544 41.22 -25.21 -10.59
C ASP G 544 40.77 -25.98 -9.35
N VAL G 545 40.94 -25.40 -8.16
CA VAL G 545 40.48 -26.05 -6.94
C VAL G 545 38.96 -26.17 -6.96
N LEU G 546 38.26 -25.15 -7.46
CA LEU G 546 36.81 -25.19 -7.52
C LEU G 546 36.32 -26.30 -8.45
N ILE G 547 36.96 -26.46 -9.61
CA ILE G 547 36.57 -27.52 -10.53
C ILE G 547 36.92 -28.89 -9.94
N GLU G 548 38.08 -28.99 -9.28
CA GLU G 548 38.49 -30.27 -8.70
C GLU G 548 37.51 -30.74 -7.63
N ALA G 549 36.90 -29.82 -6.89
CA ALA G 549 35.96 -30.17 -5.84
C ALA G 549 34.53 -30.29 -6.35
N SER G 550 34.28 -30.03 -7.62
CA SER G 550 32.94 -30.11 -8.19
C SER G 550 32.61 -31.56 -8.54
N SER G 551 31.48 -31.77 -9.20
CA SER G 551 31.04 -33.10 -9.62
C SER G 551 30.79 -33.16 -11.12
N LEU G 552 31.45 -32.30 -11.89
CA LEU G 552 31.26 -32.27 -13.33
C LEU G 552 31.88 -33.50 -13.98
N ARG G 553 31.24 -33.97 -15.05
CA ARG G 553 31.75 -35.13 -15.77
C ARG G 553 32.97 -34.81 -16.61
N ASN G 554 33.06 -33.59 -17.14
CA ASN G 554 34.25 -33.15 -17.87
C ASN G 554 35.26 -32.47 -16.95
N LYS G 555 35.28 -32.84 -15.66
CA LYS G 555 36.27 -32.29 -14.75
C LYS G 555 37.70 -32.56 -15.21
N PRO G 556 38.08 -33.76 -15.67
CA PRO G 556 39.45 -33.91 -16.21
C PRO G 556 39.71 -33.00 -17.40
N LYS G 557 38.71 -32.79 -18.27
CA LYS G 557 38.89 -31.90 -19.41
C LYS G 557 39.13 -30.47 -18.94
N LEU G 558 38.34 -30.01 -17.97
CA LEU G 558 38.53 -28.65 -17.45
C LEU G 558 39.88 -28.50 -16.76
N LEU G 559 40.31 -29.53 -16.01
CA LEU G 559 41.62 -29.47 -15.37
C LEU G 559 42.73 -29.42 -16.40
N GLU G 560 42.64 -30.21 -17.46
CA GLU G 560 43.65 -30.18 -18.51
C GLU G 560 43.68 -28.83 -19.20
N MET G 561 42.50 -28.25 -19.44
CA MET G 561 42.45 -26.93 -20.08
C MET G 561 43.05 -25.87 -19.18
N LEU G 562 42.78 -25.93 -17.87
CA LEU G 562 43.29 -24.92 -16.95
C LEU G 562 44.79 -25.12 -16.67
N LYS G 563 45.21 -26.37 -16.51
CA LYS G 563 46.60 -26.64 -16.12
C LYS G 563 47.60 -26.40 -17.24
N GLN G 564 47.14 -26.17 -18.46
CA GLN G 564 48.06 -25.96 -19.58
C GLN G 564 48.87 -24.68 -19.35
N GLY G 565 50.13 -24.71 -19.78
CA GLY G 565 50.99 -23.56 -19.62
C GLY G 565 50.80 -22.55 -20.74
N PRO G 566 51.58 -21.48 -20.68
CA PRO G 566 51.54 -20.48 -21.76
C PRO G 566 52.02 -21.07 -23.08
N SER G 567 51.52 -20.50 -24.17
CA SER G 567 51.90 -20.95 -25.49
C SER G 567 53.39 -20.73 -25.73
N GLN G 568 53.95 -21.54 -26.63
CA GLN G 568 55.39 -21.44 -26.91
C GLN G 568 55.76 -20.07 -27.42
N GLU G 569 54.85 -19.39 -28.14
CA GLU G 569 55.11 -18.03 -28.57
C GLU G 569 55.21 -17.08 -27.38
N GLN G 570 54.35 -17.26 -26.39
CA GLN G 570 54.39 -16.39 -25.21
C GLN G 570 55.68 -16.57 -24.42
N MET G 571 56.10 -17.81 -24.19
CA MET G 571 57.33 -18.02 -23.46
C MET G 571 58.55 -17.59 -24.26
N MET G 572 58.51 -17.77 -25.59
CA MET G 572 59.60 -17.27 -26.42
C MET G 572 59.69 -15.75 -26.34
N ALA G 573 58.55 -15.06 -26.37
CA ALA G 573 58.55 -13.60 -26.25
C ALA G 573 59.08 -13.18 -24.89
N GLN G 574 58.69 -13.89 -23.82
CA GLN G 574 59.21 -13.56 -22.49
C GLN G 574 60.72 -13.75 -22.42
N GLN G 575 61.22 -14.84 -23.01
CA GLN G 575 62.66 -15.08 -23.02
C GLN G 575 63.40 -13.99 -23.80
N ILE G 576 62.86 -13.59 -24.95
CA ILE G 576 63.50 -12.55 -25.74
C ILE G 576 63.46 -11.22 -25.00
N ALA G 577 62.38 -10.93 -24.28
CA ALA G 577 62.31 -9.70 -23.51
C ALA G 577 63.35 -9.69 -22.39
N LEU G 578 63.49 -10.83 -21.70
CA LEU G 578 64.50 -10.92 -20.65
C LEU G 578 65.91 -10.76 -21.22
N ALA G 579 66.17 -11.40 -22.37
CA ALA G 579 67.47 -11.26 -23.01
C ALA G 579 67.72 -9.81 -23.44
N GLY G 580 66.69 -9.13 -23.93
CA GLY G 580 66.84 -7.73 -24.28
C GLY G 580 67.14 -6.85 -23.09
N GLU G 581 66.47 -7.11 -21.96
CA GLU G 581 66.76 -6.34 -20.75
C GLU G 581 68.19 -6.58 -20.28
N GLN G 582 68.65 -7.83 -20.31
CA GLN G 582 70.03 -8.12 -19.93
C GLN G 582 71.02 -7.45 -20.87
N ALA G 583 70.72 -7.47 -22.17
CA ALA G 583 71.59 -6.82 -23.14
C ALA G 583 71.61 -5.30 -22.92
N LYS G 584 70.47 -4.73 -22.54
CA LYS G 584 70.43 -3.29 -22.24
C LYS G 584 71.27 -2.97 -21.02
N VAL G 585 71.23 -3.84 -20.00
CA VAL G 585 72.10 -3.65 -18.84
C VAL G 585 73.57 -3.69 -19.27
N ALA G 586 73.92 -4.66 -20.12
CA ALA G 586 75.29 -4.76 -20.61
C ALA G 586 75.68 -3.52 -21.41
N GLU G 587 74.76 -2.99 -22.22
CA GLU G 587 75.04 -1.79 -23.00
C GLU G 587 75.25 -0.57 -22.09
N THR G 588 74.46 -0.46 -21.03
CA THR G 588 74.67 0.61 -20.07
C THR G 588 76.03 0.49 -19.38
N GLU G 589 76.42 -0.74 -19.03
CA GLU G 589 77.75 -0.94 -18.45
C GLU G 589 78.85 -0.57 -19.44
N SER G 590 78.65 -0.92 -20.72
CA SER G 590 79.61 -0.57 -21.75
C SER G 590 79.72 0.94 -21.93
N LYS G 591 78.59 1.64 -21.86
CA LYS G 591 78.61 3.10 -21.91
C LYS G 591 79.37 3.67 -20.73
N THR G 592 79.17 3.09 -19.54
CA THR G 592 79.93 3.52 -18.36
C THR G 592 81.42 3.35 -18.59
N GLY G 593 81.82 2.19 -19.11
CA GLY G 593 83.22 1.95 -19.38
C GLY G 593 83.80 2.90 -20.42
N LEU G 594 83.02 3.16 -21.47
CA LEU G 594 83.47 4.09 -22.51
C LEU G 594 83.65 5.49 -21.95
N ASN G 595 82.71 5.94 -21.10
CA ASN G 595 82.85 7.25 -20.49
C ASN G 595 84.07 7.32 -19.58
N VAL G 596 84.32 6.27 -18.81
CA VAL G 596 85.50 6.24 -17.94
C VAL G 596 86.77 6.29 -18.78
N ALA G 597 86.82 5.52 -19.87
CA ALA G 597 88.00 5.51 -20.72
C ALA G 597 88.21 6.86 -21.39
N LYS G 598 87.13 7.53 -21.81
CA LYS G 598 87.25 8.86 -22.38
C LYS G 598 87.71 9.88 -21.34
N THR G 599 87.26 9.73 -20.10
CA THR G 599 87.77 10.58 -19.02
C THR G 599 89.27 10.39 -18.83
N GLN G 600 89.72 9.14 -18.85
CA GLN G 600 91.16 8.87 -18.74
C GLN G 600 91.92 9.46 -19.91
N GLU G 601 91.36 9.36 -21.12
CA GLU G 601 92.01 9.94 -22.30
C GLU G 601 92.10 11.45 -22.17
N THR G 602 91.04 12.10 -21.69
CA THR G 602 91.06 13.54 -21.50
C THR G 602 92.11 13.94 -20.46
N LEU G 603 92.20 13.18 -19.37
CA LEU G 603 93.21 13.47 -18.35
C LEU G 603 94.62 13.32 -18.93
N ALA G 604 94.84 12.27 -19.72
CA ALA G 604 96.15 12.07 -20.34
C ALA G 604 96.48 13.21 -21.30
N SER G 605 95.49 13.67 -22.06
CA SER G 605 95.72 14.79 -22.97
C SER G 605 96.03 16.07 -22.20
N ILE G 606 95.37 16.27 -21.07
CA ILE G 606 95.66 17.42 -20.21
C ILE G 606 97.10 17.34 -19.71
N GLN G 607 97.52 16.15 -19.26
CA GLN G 607 98.88 15.98 -18.75
C GLN G 607 99.91 16.24 -19.84
N THR G 608 99.69 15.68 -21.04
CA THR G 608 100.63 15.89 -22.13
C THR G 608 100.54 17.30 -22.69
N ASN G 609 99.33 17.80 -22.89
CA ASN G 609 99.13 19.13 -23.46
C ASN G 609 98.45 20.06 -22.45
N SER H 3 15.61 -90.88 0.68
CA SER H 3 15.22 -90.40 -0.63
C SER H 3 14.96 -88.89 -0.61
N GLN H 4 15.20 -88.24 -1.75
CA GLN H 4 14.97 -86.81 -1.86
C GLN H 4 13.51 -86.46 -2.11
N GLU H 5 12.68 -87.44 -2.49
CA GLU H 5 11.26 -87.16 -2.71
C GLU H 5 10.58 -86.77 -1.41
N ASP H 6 10.94 -87.42 -0.29
CA ASP H 6 10.36 -87.05 1.00
C ASP H 6 10.75 -85.62 1.37
N TYR H 7 12.01 -85.25 1.13
CA TYR H 7 12.44 -83.88 1.41
C TYR H 7 11.71 -82.88 0.53
N THR H 8 11.51 -83.21 -0.75
CA THR H 8 10.78 -82.32 -1.64
C THR H 8 9.33 -82.15 -1.18
N LEU H 9 8.69 -83.25 -0.77
CA LEU H 9 7.31 -83.16 -0.27
C LEU H 9 7.24 -82.33 1.00
N GLU H 10 8.21 -82.51 1.89
CA GLU H 10 8.25 -81.70 3.12
C GLU H 10 8.43 -80.22 2.80
N ALA H 11 9.30 -79.90 1.84
CA ALA H 11 9.48 -78.51 1.45
C ALA H 11 8.22 -77.92 0.85
N LEU H 12 7.54 -78.70 0.00
CA LEU H 12 6.28 -78.23 -0.59
C LEU H 12 5.23 -77.98 0.49
N THR H 13 5.12 -78.89 1.45
CA THR H 13 4.17 -78.71 2.55
C THR H 13 4.52 -77.47 3.37
N ALA H 14 5.81 -77.27 3.65
CA ALA H 14 6.22 -76.09 4.41
C ALA H 14 5.90 -74.80 3.66
N ALA H 15 6.14 -74.77 2.35
CA ALA H 15 5.84 -73.58 1.57
C ALA H 15 4.34 -73.31 1.54
N VAL H 16 3.53 -74.35 1.35
CA VAL H 16 2.08 -74.19 1.33
C VAL H 16 1.59 -73.67 2.68
N ARG H 17 2.11 -74.23 3.77
CA ARG H 17 1.71 -73.79 5.09
C ARG H 17 2.15 -72.35 5.35
N ARG H 18 3.32 -71.96 4.87
CA ARG H 18 3.77 -70.58 5.02
C ARG H 18 2.84 -69.62 4.30
N PHE H 19 2.46 -69.97 3.05
CA PHE H 19 1.54 -69.12 2.31
C PHE H 19 0.19 -69.04 3.00
N GLU H 20 -0.31 -70.18 3.50
CA GLU H 20 -1.61 -70.18 4.17
C GLU H 20 -1.57 -69.35 5.45
N GLU H 21 -0.49 -69.46 6.23
CA GLU H 21 -0.35 -68.67 7.44
C GLU H 21 -0.28 -67.19 7.13
N SER H 22 0.46 -66.82 6.08
CA SER H 22 0.53 -65.42 5.69
C SER H 22 -0.83 -64.91 5.25
N GLU H 23 -1.60 -65.73 4.54
CA GLU H 23 -2.91 -65.32 4.06
C GLU H 23 -3.89 -65.13 5.23
N ASP H 24 -3.93 -66.12 6.14
CA ASP H 24 -4.89 -66.06 7.24
C ASP H 24 -4.48 -65.12 8.36
N ALA H 25 -3.20 -64.74 8.43
CA ALA H 25 -2.76 -63.87 9.51
C ALA H 25 -3.22 -62.43 9.31
N THR H 26 -3.44 -62.02 8.06
CA THR H 26 -3.79 -60.65 7.73
C THR H 26 -5.18 -60.57 7.12
N THR H 27 -6.11 -61.39 7.61
CA THR H 27 -7.46 -61.38 7.07
C THR H 27 -8.17 -60.06 7.36
N GLU H 28 -8.13 -59.61 8.61
CA GLU H 28 -8.79 -58.36 8.97
C GLU H 28 -8.12 -57.16 8.31
N ALA H 29 -6.78 -57.16 8.28
CA ALA H 29 -6.07 -56.06 7.64
C ALA H 29 -6.36 -56.01 6.14
N ARG H 30 -6.38 -57.18 5.48
CA ARG H 30 -6.70 -57.21 4.06
C ARG H 30 -8.14 -56.76 3.82
N ALA H 31 -9.07 -57.18 4.66
CA ALA H 31 -10.46 -56.77 4.50
C ALA H 31 -10.61 -55.26 4.65
N ALA H 32 -9.94 -54.68 5.64
CA ALA H 32 -9.98 -53.23 5.81
C ALA H 32 -9.35 -52.50 4.63
N ALA H 33 -8.24 -53.04 4.11
CA ALA H 33 -7.59 -52.41 2.97
C ALA H 33 -8.48 -52.44 1.73
N GLU H 34 -9.13 -53.57 1.46
CA GLU H 34 -10.05 -53.63 0.32
C GLU H 34 -11.26 -52.74 0.55
N ARG H 35 -11.72 -52.61 1.80
CA ARG H 35 -12.80 -51.69 2.09
C ARG H 35 -12.39 -50.25 1.77
N ASP H 36 -11.17 -49.87 2.16
CA ASP H 36 -10.67 -48.54 1.85
C ASP H 36 -10.55 -48.33 0.34
N ARG H 37 -10.04 -49.33 -0.37
CA ARG H 37 -9.88 -49.21 -1.82
C ARG H 37 -11.24 -49.07 -2.51
N ASP H 38 -12.22 -49.87 -2.09
CA ASP H 38 -13.56 -49.73 -2.65
C ASP H 38 -14.16 -48.38 -2.31
N TYR H 39 -13.84 -47.85 -1.13
CA TYR H 39 -14.31 -46.53 -0.76
C TYR H 39 -13.72 -45.47 -1.67
N TYR H 40 -12.46 -45.65 -2.07
CA TYR H 40 -11.85 -44.78 -3.07
C TYR H 40 -12.52 -44.94 -4.43
N ASP H 41 -13.10 -46.10 -4.70
CA ASP H 41 -13.72 -46.40 -5.99
C ASP H 41 -15.22 -46.17 -6.00
N GLU H 42 -15.69 -45.17 -5.24
CA GLU H 42 -17.09 -44.75 -5.20
C GLU H 42 -18.02 -45.85 -4.70
N LYS H 43 -17.49 -46.90 -4.07
CA LYS H 43 -18.30 -47.96 -3.49
C LYS H 43 -18.29 -47.76 -1.98
N GLN H 44 -19.20 -46.91 -1.49
CA GLN H 44 -19.24 -46.54 -0.09
C GLN H 44 -20.50 -46.96 0.64
N TRP H 45 -21.49 -47.49 -0.05
CA TRP H 45 -22.76 -47.87 0.57
C TRP H 45 -22.83 -49.38 0.72
N THR H 46 -23.22 -49.84 1.90
CA THR H 46 -23.39 -51.26 2.15
C THR H 46 -24.64 -51.78 1.45
N ALA H 47 -24.71 -53.10 1.29
CA ALA H 47 -25.86 -53.71 0.64
C ALA H 47 -27.15 -53.49 1.43
N ALA H 48 -27.08 -53.61 2.76
CA ALA H 48 -28.27 -53.46 3.58
C ALA H 48 -28.81 -52.04 3.51
N GLU H 49 -27.93 -51.04 3.62
CA GLU H 49 -28.38 -49.65 3.55
C GLU H 49 -28.91 -49.31 2.16
N LYS H 50 -28.27 -49.85 1.12
CA LYS H 50 -28.77 -49.63 -0.24
C LYS H 50 -30.16 -50.23 -0.41
N ALA H 51 -30.37 -51.44 0.12
CA ALA H 51 -31.69 -52.06 0.04
C ALA H 51 -32.72 -51.26 0.81
N ALA H 52 -32.35 -50.75 1.98
CA ALA H 52 -33.27 -49.92 2.75
C ALA H 52 -33.64 -48.64 2.00
N LEU H 53 -32.66 -48.00 1.38
CA LEU H 53 -32.93 -46.79 0.61
C LEU H 53 -33.82 -47.09 -0.59
N GLU H 54 -33.57 -48.23 -1.27
CA GLU H 54 -34.41 -48.61 -2.39
C GLU H 54 -35.85 -48.87 -1.94
N ARG H 55 -36.01 -49.53 -0.79
CA ARG H 55 -37.35 -49.76 -0.24
C ARG H 55 -38.04 -48.44 0.08
N ARG H 56 -37.31 -47.49 0.66
CA ARG H 56 -37.87 -46.17 0.95
C ARG H 56 -38.11 -45.34 -0.31
N GLY H 57 -37.55 -45.75 -1.44
CA GLY H 57 -37.61 -44.96 -2.65
C GLY H 57 -36.60 -43.85 -2.74
N GLN H 58 -35.77 -43.68 -1.72
CA GLN H 58 -34.76 -42.63 -1.71
C GLN H 58 -33.52 -43.10 -2.48
N PRO H 59 -33.07 -42.36 -3.49
CA PRO H 59 -31.86 -42.76 -4.21
C PRO H 59 -30.63 -42.70 -3.32
N ALA H 60 -29.68 -43.59 -3.60
CA ALA H 60 -28.42 -43.64 -2.86
C ALA H 60 -27.43 -42.71 -3.54
N ILE H 61 -27.05 -41.64 -2.84
CA ILE H 61 -26.17 -40.60 -3.37
C ILE H 61 -24.86 -40.65 -2.61
N THR H 62 -23.75 -40.70 -3.34
CA THR H 62 -22.42 -40.77 -2.76
C THR H 62 -21.66 -39.48 -3.07
N PHE H 63 -21.17 -38.82 -2.03
CA PHE H 63 -20.36 -37.60 -2.15
C PHE H 63 -18.93 -37.97 -1.79
N ASN H 64 -18.16 -38.44 -2.77
CA ASN H 64 -16.82 -38.91 -2.53
C ASN H 64 -15.87 -37.75 -2.29
N ARG H 65 -15.11 -37.82 -1.19
CA ARG H 65 -14.08 -36.85 -0.89
C ARG H 65 -12.71 -37.46 -0.70
N ILE H 66 -12.60 -38.77 -0.51
CA ILE H 66 -11.31 -39.41 -0.37
C ILE H 66 -10.53 -39.35 -1.68
N LYS H 67 -11.24 -39.44 -2.81
CA LYS H 67 -10.58 -39.45 -4.11
C LYS H 67 -9.77 -38.18 -4.33
N ARG H 68 -10.31 -37.03 -3.92
CA ARG H 68 -9.58 -35.77 -4.10
C ARG H 68 -8.28 -35.77 -3.31
N LYS H 69 -8.32 -36.25 -2.06
CA LYS H 69 -7.11 -36.28 -1.24
C LYS H 69 -6.07 -37.25 -1.81
N VAL H 70 -6.52 -38.43 -2.25
CA VAL H 70 -5.58 -39.39 -2.83
C VAL H 70 -4.98 -38.86 -4.11
N ASN H 71 -5.79 -38.18 -4.94
CA ASN H 71 -5.29 -37.57 -6.16
C ASN H 71 -4.28 -36.48 -5.86
N ALA H 72 -4.53 -35.67 -4.82
CA ALA H 72 -3.57 -34.65 -4.43
C ALA H 72 -2.25 -35.27 -4.00
N LEU H 73 -2.32 -36.35 -3.21
CA LEU H 73 -1.09 -37.02 -2.77
C LEU H 73 -0.33 -37.59 -3.97
N THR H 74 -1.03 -38.23 -4.90
CA THR H 74 -0.37 -38.81 -6.06
C THR H 74 0.22 -37.73 -6.95
N GLY H 75 -0.47 -36.58 -7.07
CA GLY H 75 0.08 -35.48 -7.85
C GLY H 75 1.31 -34.88 -7.20
N ILE H 76 1.32 -34.78 -5.88
CA ILE H 76 2.53 -34.32 -5.18
C ILE H 76 3.68 -35.28 -5.45
N GLU H 77 3.42 -36.58 -5.36
CA GLU H 77 4.45 -37.57 -5.65
C GLU H 77 4.95 -37.43 -7.08
N LYS H 78 4.03 -37.24 -8.04
CA LYS H 78 4.43 -37.10 -9.45
C LYS H 78 5.28 -35.87 -9.67
N GLN H 79 4.92 -34.74 -9.06
CA GLN H 79 5.70 -33.53 -9.22
C GLN H 79 7.02 -33.56 -8.44
N THR H 80 7.16 -34.47 -7.48
CA THR H 80 8.42 -34.66 -6.77
C THR H 80 9.25 -35.80 -7.35
N ARG H 81 9.14 -36.04 -8.66
CA ARG H 81 9.88 -37.12 -9.29
C ARG H 81 11.37 -36.78 -9.37
N LYS H 82 12.20 -37.79 -9.15
CA LYS H 82 13.65 -37.64 -9.17
C LYS H 82 14.28 -38.83 -9.87
N ASP H 83 15.47 -38.62 -10.42
CA ASP H 83 16.19 -39.70 -11.10
C ASP H 83 17.17 -40.38 -10.16
N PRO H 84 17.56 -41.61 -10.44
CA PRO H 84 18.64 -42.24 -9.67
C PRO H 84 19.97 -41.54 -9.94
N ARG H 85 20.85 -41.59 -8.95
CA ARG H 85 22.18 -41.03 -9.10
C ARG H 85 23.13 -41.74 -8.14
N ALA H 86 24.41 -41.70 -8.48
CA ALA H 86 25.46 -42.30 -7.67
C ALA H 86 26.50 -41.24 -7.35
N PHE H 87 26.81 -41.08 -6.07
CA PHE H 87 27.81 -40.16 -5.59
C PHE H 87 29.05 -40.92 -5.15
N PRO H 88 30.24 -40.37 -5.36
CA PRO H 88 31.46 -41.06 -4.94
C PRO H 88 31.84 -40.76 -3.50
N ARG H 89 32.15 -41.80 -2.72
CA ARG H 89 32.61 -41.58 -1.36
C ARG H 89 33.94 -40.83 -1.35
N ASN H 90 34.83 -41.17 -2.27
CA ASN H 90 36.13 -40.53 -2.41
C ASN H 90 36.31 -40.08 -3.85
N PRO H 91 37.14 -39.05 -4.08
CA PRO H 91 37.33 -38.58 -5.47
C PRO H 91 37.81 -39.67 -6.42
N ASP H 92 38.70 -40.56 -5.97
CA ASP H 92 39.19 -41.62 -6.83
C ASP H 92 38.10 -42.62 -7.19
N ASP H 93 36.97 -42.60 -6.48
CA ASP H 93 35.83 -43.43 -6.80
C ASP H 93 34.80 -42.70 -7.66
N GLU H 94 35.17 -41.55 -8.24
CA GLU H 94 34.23 -40.77 -9.03
C GLU H 94 33.77 -41.53 -10.26
N GLU H 95 34.71 -42.04 -11.05
CA GLU H 95 34.36 -42.65 -12.33
C GLU H 95 33.38 -43.80 -12.13
N SER H 96 33.66 -44.67 -11.16
CA SER H 96 32.77 -45.78 -10.87
C SER H 96 31.34 -45.28 -10.63
N ALA H 97 31.21 -44.23 -9.82
CA ALA H 97 29.89 -43.66 -9.57
C ALA H 97 29.20 -43.28 -10.86
N GLN H 98 29.93 -42.61 -11.76
CA GLN H 98 29.37 -42.25 -13.05
C GLN H 98 28.86 -43.48 -13.78
N ALA H 99 29.63 -44.57 -13.76
CA ALA H 99 29.19 -45.79 -14.41
C ALA H 99 27.85 -46.25 -13.85
N ALA H 100 27.69 -46.20 -12.52
CA ALA H 100 26.42 -46.57 -11.94
C ALA H 100 25.31 -45.67 -12.45
N THR H 101 25.57 -44.36 -12.52
CA THR H 101 24.57 -43.44 -13.04
C THR H 101 24.27 -43.73 -14.50
N ASP H 102 25.22 -44.32 -15.22
CA ASP H 102 24.98 -44.71 -16.61
C ASP H 102 24.20 -46.01 -16.71
N ALA H 103 24.20 -46.84 -15.67
CA ALA H 103 23.54 -48.14 -15.71
C ALA H 103 22.13 -48.07 -15.12
N ILE H 104 22.02 -47.70 -13.84
CA ILE H 104 20.73 -47.71 -13.16
C ILE H 104 19.72 -46.87 -13.91
N ARG H 105 20.12 -45.66 -14.30
CA ARG H 105 19.24 -44.77 -15.06
C ARG H 105 18.69 -45.50 -16.28
N TYR H 106 19.55 -46.19 -17.02
CA TYR H 106 19.10 -46.92 -18.20
C TYR H 106 17.98 -47.88 -17.84
N VAL H 107 18.15 -48.64 -16.76
CA VAL H 107 17.10 -49.56 -16.33
C VAL H 107 15.84 -48.79 -15.99
N CYS H 108 15.98 -47.66 -15.29
CA CYS H 108 14.82 -46.84 -14.97
C CYS H 108 14.17 -46.26 -16.22
N GLU H 109 14.91 -46.16 -17.32
CA GLU H 109 14.37 -45.71 -18.58
C GLU H 109 14.01 -46.86 -19.51
N ASP H 110 14.20 -48.10 -19.07
CA ASP H 110 13.86 -49.27 -19.87
C ASP H 110 12.65 -50.03 -19.34
N SER H 111 12.43 -50.03 -18.02
CA SER H 111 11.30 -50.69 -17.41
C SER H 111 10.15 -49.75 -17.10
N ARG H 112 10.22 -48.50 -17.57
CA ARG H 112 9.22 -47.48 -17.29
C ARG H 112 9.04 -47.32 -15.77
N TRP H 113 10.14 -46.96 -15.11
CA TRP H 113 10.16 -46.91 -13.65
C TRP H 113 9.23 -45.82 -13.12
N ASP H 114 8.98 -44.77 -13.90
CA ASP H 114 8.11 -43.69 -13.42
C ASP H 114 6.69 -44.17 -13.21
N ASP H 115 6.14 -44.89 -14.18
CA ASP H 115 4.76 -45.38 -14.05
C ASP H 115 4.63 -46.39 -12.91
N LYS H 116 5.60 -47.31 -12.80
CA LYS H 116 5.57 -48.28 -11.73
C LYS H 116 5.67 -47.59 -10.37
N ARG H 117 6.53 -46.59 -10.26
CA ARG H 117 6.64 -45.84 -9.01
C ARG H 117 5.35 -45.11 -8.69
N SER H 118 4.69 -44.53 -9.70
CA SER H 118 3.43 -43.84 -9.45
C SER H 118 2.35 -44.80 -8.96
N GLU H 119 2.25 -45.97 -9.60
CA GLU H 119 1.25 -46.95 -9.16
C GLU H 119 1.58 -47.48 -7.77
N ALA H 120 2.85 -47.71 -7.47
CA ALA H 120 3.24 -48.15 -6.14
C ALA H 120 2.92 -47.08 -5.10
N ALA H 121 3.14 -45.81 -5.45
CA ALA H 121 2.78 -44.73 -4.54
C ALA H 121 1.28 -44.68 -4.29
N LYS H 122 0.48 -44.89 -5.34
CA LYS H 122 -0.96 -44.93 -5.17
C LYS H 122 -1.39 -46.06 -4.24
N GLU H 123 -0.80 -47.25 -4.44
CA GLU H 123 -1.12 -48.38 -3.58
C GLU H 123 -0.69 -48.11 -2.13
N LEU H 124 0.48 -47.50 -1.94
CA LEU H 124 0.94 -47.18 -0.61
C LEU H 124 0.01 -46.19 0.08
N ALA H 125 -0.46 -45.20 -0.67
CA ALA H 125 -1.39 -44.23 -0.10
C ALA H 125 -2.75 -44.84 0.19
N ILE H 126 -3.16 -45.84 -0.59
CA ILE H 126 -4.51 -46.41 -0.44
C ILE H 126 -4.45 -47.72 0.34
N GLU H 127 -3.76 -48.71 -0.21
CA GLU H 127 -3.74 -50.03 0.40
C GLU H 127 -2.85 -50.05 1.65
N GLY H 128 -1.67 -49.44 1.56
CA GLY H 128 -0.74 -49.37 2.67
C GLY H 128 0.63 -49.95 2.39
N THR H 129 0.75 -50.86 1.42
CA THR H 129 2.02 -51.48 1.09
C THR H 129 2.24 -51.44 -0.42
N CYS H 130 3.51 -51.35 -0.83
CA CYS H 130 3.86 -51.42 -2.23
C CYS H 130 5.14 -52.22 -2.41
N ALA H 131 5.17 -53.07 -3.44
CA ALA H 131 6.26 -53.99 -3.68
C ALA H 131 6.73 -53.95 -5.13
N ILE H 132 8.05 -53.95 -5.30
CA ILE H 132 8.70 -53.94 -6.60
C ILE H 132 9.71 -55.09 -6.64
N MET H 133 9.66 -55.89 -7.70
CA MET H 133 10.59 -57.00 -7.89
C MET H 133 11.63 -56.61 -8.93
N VAL H 134 12.90 -56.75 -8.57
CA VAL H 134 14.01 -56.45 -9.46
C VAL H 134 14.60 -57.78 -9.92
N GLY H 135 14.14 -58.26 -11.06
CA GLY H 135 14.61 -59.52 -11.59
C GLY H 135 15.39 -59.34 -12.89
N VAL H 136 15.39 -60.36 -13.75
CA VAL H 136 16.09 -60.28 -15.02
C VAL H 136 15.10 -60.58 -16.14
N LYS H 137 15.45 -60.13 -17.34
CA LYS H 137 14.62 -60.36 -18.51
C LYS H 137 15.50 -60.46 -19.74
N GLN H 138 14.95 -61.09 -20.78
CA GLN H 138 15.68 -61.35 -22.01
C GLN H 138 15.51 -60.16 -22.95
N ALA H 139 16.60 -59.47 -23.24
CA ALA H 139 16.59 -58.34 -24.16
C ALA H 139 17.25 -58.74 -25.47
N LYS H 140 17.29 -57.79 -26.41
CA LYS H 140 17.88 -58.06 -27.71
C LYS H 140 19.38 -58.35 -27.60
N GLY H 141 20.08 -57.57 -26.80
CA GLY H 141 21.52 -57.71 -26.64
C GLY H 141 21.97 -58.62 -25.52
N GLY H 142 21.04 -59.25 -24.80
CA GLY H 142 21.40 -60.12 -23.71
C GLY H 142 20.39 -60.02 -22.59
N ILE H 143 20.83 -60.37 -21.39
CA ILE H 143 19.97 -60.35 -20.21
C ILE H 143 20.12 -58.99 -19.52
N ASP H 144 18.99 -58.37 -19.21
CA ASP H 144 18.99 -57.05 -18.59
C ASP H 144 18.14 -57.06 -17.33
N PRO H 145 18.51 -56.27 -16.33
CA PRO H 145 17.65 -56.14 -15.14
C PRO H 145 16.28 -55.59 -15.52
N ASP H 146 15.27 -56.10 -14.84
CA ASP H 146 13.88 -55.74 -15.12
C ASP H 146 13.21 -55.37 -13.81
N ILE H 147 12.41 -54.30 -13.86
CA ILE H 147 11.66 -53.81 -12.70
C ILE H 147 10.20 -54.14 -12.94
N ARG H 148 9.60 -54.89 -12.02
CA ARG H 148 8.20 -55.29 -12.14
C ARG H 148 7.43 -54.87 -10.90
N ARG H 149 6.31 -54.19 -11.12
CA ARG H 149 5.40 -53.82 -10.05
C ARG H 149 4.62 -55.04 -9.58
N ILE H 150 4.33 -55.10 -8.28
CA ILE H 150 3.54 -56.18 -7.71
C ILE H 150 2.28 -55.56 -7.11
N ALA H 151 1.12 -56.06 -7.54
CA ALA H 151 -0.15 -55.59 -7.02
C ALA H 151 -0.27 -55.94 -5.54
N TRP H 152 -1.01 -55.11 -4.81
CA TRP H 152 -1.17 -55.34 -3.38
C TRP H 152 -1.85 -56.68 -3.10
N ASP H 153 -2.76 -57.08 -3.98
CA ASP H 153 -3.49 -58.34 -3.82
C ASP H 153 -2.73 -59.54 -4.35
N ARG H 154 -1.54 -59.35 -4.90
CA ARG H 154 -0.73 -60.44 -5.42
C ARG H 154 0.58 -60.61 -4.67
N PHE H 155 0.73 -59.98 -3.51
CA PHE H 155 1.96 -60.02 -2.74
C PHE H 155 1.63 -60.39 -1.30
N TYR H 156 2.35 -61.38 -0.76
CA TYR H 156 2.19 -61.76 0.63
C TYR H 156 3.56 -61.75 1.31
N TYR H 157 3.56 -61.52 2.62
CA TYR H 157 4.79 -61.31 3.36
C TYR H 157 4.72 -62.08 4.67
N ASP H 158 5.80 -61.97 5.45
CA ASP H 158 5.86 -62.61 6.76
C ASP H 158 5.01 -61.83 7.75
N PRO H 159 4.01 -62.45 8.38
CA PRO H 159 3.18 -61.71 9.35
C PRO H 159 3.95 -61.22 10.57
N HIS H 160 5.10 -61.81 10.88
CA HIS H 160 5.88 -61.39 12.03
C HIS H 160 6.80 -60.21 11.75
N ALA H 161 6.83 -59.71 10.51
CA ALA H 161 7.66 -58.57 10.19
C ALA H 161 7.14 -57.31 10.89
N THR H 162 8.08 -56.51 11.40
CA THR H 162 7.74 -55.30 12.14
C THR H 162 8.21 -54.02 11.47
N ALA H 163 9.33 -54.05 10.74
CA ALA H 163 9.84 -52.86 10.08
C ALA H 163 8.96 -52.49 8.89
N PHE H 164 9.00 -51.20 8.53
CA PHE H 164 8.22 -50.73 7.39
C PHE H 164 8.76 -51.29 6.08
N ASP H 165 10.07 -51.52 6.00
CA ASP H 165 10.70 -52.06 4.80
C ASP H 165 10.99 -53.55 4.90
N PHE H 166 10.42 -54.23 5.90
CA PHE H 166 10.48 -55.68 6.03
C PHE H 166 11.92 -56.18 6.25
N GLU H 167 12.66 -55.50 7.12
CA GLU H 167 13.96 -56.02 7.54
C GLU H 167 13.82 -57.31 8.33
N ASP H 168 12.83 -57.36 9.23
CA ASP H 168 12.65 -58.52 10.09
C ASP H 168 11.88 -59.64 9.43
N ALA H 169 11.37 -59.44 8.22
CA ALA H 169 10.64 -60.49 7.53
C ALA H 169 11.56 -61.65 7.18
N CYS H 170 11.07 -62.88 7.38
CA CYS H 170 11.82 -64.07 7.04
C CYS H 170 11.45 -64.65 5.68
N TYR H 171 10.29 -64.30 5.14
CA TYR H 171 9.86 -64.82 3.85
C TYR H 171 8.81 -63.89 3.26
N MET H 172 8.76 -63.86 1.93
CA MET H 172 7.64 -63.22 1.23
C MET H 172 7.61 -63.71 -0.21
N GLY H 173 6.45 -63.53 -0.84
CA GLY H 173 6.27 -64.06 -2.18
C GLY H 173 5.19 -63.35 -2.96
N VAL H 174 5.09 -63.75 -4.22
CA VAL H 174 4.17 -63.18 -5.20
C VAL H 174 3.28 -64.29 -5.73
N VAL H 175 1.99 -63.98 -5.83
CA VAL H 175 1.00 -64.87 -6.42
C VAL H 175 0.66 -64.35 -7.80
N VAL H 176 0.82 -65.19 -8.82
CA VAL H 176 0.60 -64.79 -10.21
C VAL H 176 -0.46 -65.71 -10.82
N TRP H 177 -1.49 -65.11 -11.40
CA TRP H 177 -2.50 -65.82 -12.16
C TRP H 177 -2.17 -65.66 -13.65
N MET H 178 -2.03 -66.78 -14.35
CA MET H 178 -1.61 -66.73 -15.74
C MET H 178 -2.27 -67.83 -16.53
N ASP H 179 -2.44 -67.60 -17.84
CA ASP H 179 -3.10 -68.58 -18.70
C ASP H 179 -2.34 -69.89 -18.71
N LEU H 180 -3.07 -70.99 -18.75
CA LEU H 180 -2.45 -72.31 -18.69
C LEU H 180 -1.53 -72.56 -19.88
N ASP H 181 -1.97 -72.15 -21.08
CA ASP H 181 -1.14 -72.35 -22.26
C ASP H 181 0.18 -71.61 -22.14
N LYS H 182 0.14 -70.35 -21.71
CA LYS H 182 1.38 -69.62 -21.48
C LYS H 182 2.16 -70.18 -20.31
N ALA H 183 1.48 -70.78 -19.33
CA ALA H 183 2.17 -71.41 -18.21
C ALA H 183 3.01 -72.59 -18.68
N LYS H 184 2.44 -73.44 -19.54
CA LYS H 184 3.23 -74.55 -20.09
C LYS H 184 4.29 -74.05 -21.07
N ALA H 185 3.99 -73.00 -21.83
CA ALA H 185 4.98 -72.46 -22.76
C ALA H 185 6.20 -71.92 -22.03
N LYS H 186 5.99 -71.19 -20.94
CA LYS H 186 7.10 -70.62 -20.19
C LYS H 186 7.79 -71.67 -19.30
N TYR H 187 7.04 -72.67 -18.84
CA TYR H 187 7.57 -73.71 -17.96
C TYR H 187 7.24 -75.06 -18.56
N PRO H 188 7.97 -75.48 -19.60
CA PRO H 188 7.68 -76.77 -20.24
C PRO H 188 8.21 -78.00 -19.50
N GLN H 189 8.84 -77.87 -18.34
CA GLN H 189 9.19 -79.07 -17.57
C GLN H 189 8.10 -79.49 -16.60
N ALA H 190 7.11 -78.64 -16.36
CA ALA H 190 6.04 -78.92 -15.40
C ALA H 190 4.70 -78.79 -16.10
N GLU H 191 4.03 -79.91 -16.30
CA GLU H 191 2.71 -79.93 -16.94
C GLU H 191 1.63 -80.52 -16.04
N ASP H 192 1.90 -81.67 -15.41
CA ASP H 192 0.87 -82.35 -14.65
C ASP H 192 0.53 -81.61 -13.36
N VAL H 193 1.46 -80.82 -12.82
CA VAL H 193 1.22 -80.12 -11.57
C VAL H 193 0.15 -79.06 -11.74
N LEU H 194 0.13 -78.39 -12.90
CA LEU H 194 -0.84 -77.33 -13.13
C LEU H 194 -2.25 -77.85 -13.34
N ILE H 195 -2.40 -79.13 -13.67
CA ILE H 195 -3.70 -79.70 -13.98
C ILE H 195 -4.04 -80.80 -12.97
N GLU H 196 -3.58 -80.62 -11.72
CA GLU H 196 -3.71 -81.67 -10.71
C GLU H 196 -5.13 -81.66 -10.12
N THR H 197 -6.09 -82.06 -10.97
CA THR H 197 -7.45 -82.39 -10.57
C THR H 197 -8.23 -81.24 -9.94
N TRP H 198 -7.62 -80.04 -9.89
CA TRP H 198 -8.28 -78.80 -9.48
C TRP H 198 -9.02 -78.92 -8.14
N ARG H 199 -8.71 -79.94 -7.35
CA ARG H 199 -9.44 -80.20 -6.13
C ARG H 199 -8.96 -79.38 -4.94
N GLN H 200 -7.90 -78.58 -5.10
CA GLN H 200 -7.34 -77.79 -4.03
C GLN H 200 -7.27 -76.31 -4.40
N ALA H 201 -8.32 -75.81 -5.05
CA ALA H 201 -8.38 -74.40 -5.40
C ALA H 201 -8.41 -73.54 -4.14
N GLN H 202 -9.49 -73.64 -3.37
CA GLN H 202 -9.63 -72.96 -2.08
C GLN H 202 -9.26 -71.48 -2.17
N GLN H 203 -9.70 -70.81 -3.23
CA GLN H 203 -9.33 -69.43 -3.46
C GLN H 203 -10.06 -68.50 -2.47
N SER H 204 -9.35 -67.48 -2.01
CA SER H 204 -9.92 -66.47 -1.13
C SER H 204 -10.49 -65.32 -1.95
N GLU H 205 -10.85 -64.24 -1.27
CA GLU H 205 -11.40 -63.07 -1.94
C GLU H 205 -10.32 -62.09 -2.41
N THR H 206 -9.08 -62.29 -2.01
CA THR H 206 -7.99 -61.37 -2.37
C THR H 206 -7.00 -61.98 -3.36
N TYR H 207 -6.55 -63.21 -3.13
CA TYR H 207 -5.56 -63.85 -3.97
C TYR H 207 -6.18 -64.71 -5.07
N ASP H 208 -7.38 -64.35 -5.52
CA ASP H 208 -8.07 -65.04 -6.58
C ASP H 208 -8.15 -64.14 -7.81
N ASP H 209 -8.41 -64.77 -8.96
CA ASP H 209 -8.59 -64.02 -10.19
C ASP H 209 -9.77 -63.05 -10.05
N LYS H 210 -9.46 -61.75 -10.11
CA LYS H 210 -10.46 -60.71 -9.87
C LYS H 210 -11.62 -60.77 -10.86
N PRO H 211 -11.38 -60.95 -12.17
CA PRO H 211 -12.51 -61.18 -13.07
C PRO H 211 -13.22 -62.49 -12.75
N LYS H 212 -14.51 -62.54 -13.03
CA LYS H 212 -15.36 -63.68 -12.70
C LYS H 212 -15.58 -64.56 -13.92
N HIS H 213 -16.06 -65.78 -13.66
CA HIS H 213 -16.33 -66.78 -14.69
C HIS H 213 -15.08 -67.05 -15.54
N ARG H 214 -14.04 -67.57 -14.85
CA ARG H 214 -12.81 -67.90 -15.55
C ARG H 214 -13.02 -69.05 -16.53
N LEU H 215 -13.62 -70.14 -16.06
CA LEU H 215 -13.84 -71.31 -16.90
C LEU H 215 -15.08 -71.13 -17.76
N TRP H 216 -15.01 -71.62 -19.00
CA TRP H 216 -16.16 -71.57 -19.91
C TRP H 216 -16.86 -72.92 -19.98
N ALA H 217 -16.15 -73.97 -20.39
CA ALA H 217 -16.72 -75.32 -20.41
C ALA H 217 -15.73 -76.41 -20.04
N ASP H 218 -14.50 -76.06 -19.67
CA ASP H 218 -13.48 -77.05 -19.35
C ASP H 218 -13.47 -77.31 -17.85
N TYR H 219 -12.49 -78.09 -17.38
CA TYR H 219 -12.31 -78.38 -15.97
C TYR H 219 -11.08 -77.70 -15.39
N ARG H 220 -9.90 -77.98 -15.95
CA ARG H 220 -8.70 -77.19 -15.66
C ARG H 220 -7.99 -76.93 -16.99
N ARG H 221 -8.39 -75.86 -17.66
CA ARG H 221 -7.73 -75.41 -18.88
C ARG H 221 -7.48 -73.92 -18.93
N ARG H 222 -8.23 -73.11 -18.18
CA ARG H 222 -8.04 -71.67 -18.14
C ARG H 222 -6.87 -71.32 -17.21
N ARG H 223 -6.77 -70.05 -16.84
CA ARG H 223 -5.63 -69.57 -16.07
C ARG H 223 -5.48 -70.31 -14.74
N VAL H 224 -4.23 -70.60 -14.39
CA VAL H 224 -3.88 -71.23 -13.13
C VAL H 224 -3.11 -70.24 -12.27
N ARG H 225 -2.77 -70.66 -11.04
CA ARG H 225 -2.12 -69.80 -10.06
C ARG H 225 -0.77 -70.38 -9.68
N ILE H 226 0.25 -69.54 -9.65
CA ILE H 226 1.61 -69.94 -9.30
C ILE H 226 2.09 -69.04 -8.16
N CYS H 227 2.71 -69.63 -7.15
CA CYS H 227 3.25 -68.89 -6.02
C CYS H 227 4.76 -68.97 -6.03
N GLU H 228 5.41 -67.81 -6.07
CA GLU H 228 6.86 -67.73 -5.96
C GLU H 228 7.22 -67.15 -4.61
N GLU H 229 8.13 -67.79 -3.89
CA GLU H 229 8.41 -67.38 -2.52
C GLU H 229 9.92 -67.38 -2.28
N TYR H 230 10.40 -66.30 -1.66
CA TYR H 230 11.77 -66.20 -1.19
C TYR H 230 11.75 -66.21 0.32
N TYR H 231 12.47 -67.16 0.92
CA TYR H 231 12.46 -67.33 2.37
C TYR H 231 13.89 -67.43 2.88
N LEU H 232 14.11 -66.90 4.08
CA LEU H 232 15.43 -66.85 4.70
C LEU H 232 15.51 -67.95 5.75
N ASP H 233 16.49 -68.83 5.60
CA ASP H 233 16.75 -69.87 6.59
C ASP H 233 18.22 -69.84 7.01
N GLY H 234 18.66 -70.84 7.77
CA GLY H 234 19.99 -70.80 8.35
C GLY H 234 21.10 -70.64 7.35
N GLU H 235 20.91 -71.16 6.13
CA GLU H 235 21.95 -71.10 5.10
C GLU H 235 21.76 -69.94 4.13
N GLY H 236 20.77 -69.08 4.33
CA GLY H 236 20.62 -67.90 3.51
C GLY H 236 19.25 -67.82 2.87
N TRP H 237 19.18 -67.13 1.75
CA TRP H 237 17.92 -66.93 1.05
C TRP H 237 17.70 -68.02 0.00
N LYS H 238 16.50 -68.58 -0.02
CA LYS H 238 16.14 -69.61 -0.97
C LYS H 238 14.86 -69.22 -1.70
N PHE H 239 14.79 -69.60 -2.97
CA PHE H 239 13.67 -69.27 -3.84
C PHE H 239 12.99 -70.54 -4.31
N CYS H 240 11.66 -70.57 -4.19
CA CYS H 240 10.87 -71.72 -4.62
C CYS H 240 9.63 -71.24 -5.35
N MET H 241 9.42 -71.77 -6.55
CA MET H 241 8.22 -71.50 -7.33
C MET H 241 7.39 -72.77 -7.41
N PHE H 242 6.11 -72.68 -7.04
CA PHE H 242 5.33 -73.88 -6.83
C PHE H 242 3.84 -73.56 -7.01
N THR H 243 3.02 -74.60 -6.82
CA THR H 243 1.58 -74.50 -6.68
C THR H 243 1.18 -75.28 -5.43
N LYS H 244 -0.14 -75.41 -5.22
CA LYS H 244 -0.62 -76.20 -4.09
C LYS H 244 -0.44 -77.70 -4.30
N ALA H 245 -0.06 -78.13 -5.50
CA ALA H 245 0.07 -79.55 -5.81
C ALA H 245 1.50 -80.01 -6.02
N GLY H 246 2.37 -79.16 -6.57
CA GLY H 246 3.72 -79.58 -6.87
C GLY H 246 4.66 -78.40 -6.97
N PHE H 247 5.92 -78.70 -7.30
CA PHE H 247 6.96 -77.71 -7.41
C PHE H 247 7.21 -77.38 -8.88
N ILE H 248 6.96 -76.13 -9.25
CA ILE H 248 7.36 -75.67 -10.58
C ILE H 248 8.88 -75.58 -10.66
N VAL H 249 9.51 -75.04 -9.63
CA VAL H 249 10.96 -74.99 -9.51
C VAL H 249 11.34 -75.53 -8.13
N PRO H 250 12.24 -76.52 -8.05
CA PRO H 250 12.59 -77.06 -6.75
C PRO H 250 13.27 -76.01 -5.89
N PRO H 251 13.13 -76.10 -4.57
CA PRO H 251 13.75 -75.11 -3.68
C PRO H 251 15.26 -75.04 -3.90
N MET H 252 15.72 -73.89 -4.35
CA MET H 252 17.10 -73.62 -4.68
C MET H 252 17.53 -72.30 -4.07
N PRO H 253 18.83 -72.10 -3.85
CA PRO H 253 19.30 -70.79 -3.37
C PRO H 253 18.95 -69.71 -4.37
N SER H 254 18.68 -68.51 -3.85
CA SER H 254 18.23 -67.41 -4.69
C SER H 254 19.31 -67.07 -5.73
N PRO H 255 18.96 -67.02 -7.01
CA PRO H 255 19.95 -66.70 -8.05
C PRO H 255 20.29 -65.22 -8.14
N TYR H 256 19.70 -64.38 -7.29
CA TYR H 256 19.94 -62.93 -7.34
C TYR H 256 21.02 -62.57 -6.33
N ILE H 257 22.10 -61.98 -6.81
CA ILE H 257 23.21 -61.59 -5.96
C ILE H 257 22.89 -60.26 -5.28
N GLY H 258 23.10 -60.20 -3.98
CA GLY H 258 22.80 -59.03 -3.19
C GLY H 258 23.94 -58.05 -3.08
N GLU H 259 23.83 -57.16 -2.09
CA GLU H 259 24.84 -56.13 -1.88
C GLU H 259 26.19 -56.76 -1.50
N ASP H 260 26.17 -57.76 -0.62
CA ASP H 260 27.39 -58.38 -0.12
C ASP H 260 27.87 -59.53 -1.00
N GLY H 261 27.21 -59.80 -2.11
CA GLY H 261 27.56 -60.89 -2.98
C GLY H 261 26.88 -62.21 -2.66
N GLU H 262 26.15 -62.29 -1.56
CA GLU H 262 25.39 -63.45 -1.13
C GLU H 262 24.00 -63.43 -1.77
N PRO H 263 23.36 -64.60 -1.92
CA PRO H 263 22.00 -64.62 -2.46
C PRO H 263 21.06 -63.80 -1.60
N GLU H 264 20.15 -63.10 -2.27
CA GLU H 264 19.25 -62.17 -1.60
C GLU H 264 17.87 -62.25 -2.24
N CYS H 265 16.89 -61.74 -1.52
CA CYS H 265 15.55 -61.56 -2.06
C CYS H 265 15.54 -60.42 -3.08
N PRO H 266 14.80 -60.57 -4.18
CA PRO H 266 14.70 -59.47 -5.15
C PRO H 266 13.54 -58.52 -4.90
N ILE H 267 12.60 -58.88 -4.03
CA ILE H 267 11.42 -58.05 -3.79
C ILE H 267 11.75 -57.00 -2.74
N LYS H 268 11.54 -55.74 -3.08
CA LYS H 268 11.66 -54.63 -2.15
C LYS H 268 10.26 -54.05 -1.93
N ALA H 269 9.81 -54.07 -0.69
CA ALA H 269 8.47 -53.61 -0.36
C ALA H 269 8.53 -52.67 0.84
N VAL H 270 7.63 -51.69 0.84
CA VAL H 270 7.55 -50.73 1.93
C VAL H 270 6.09 -50.53 2.32
N SER H 271 5.90 -50.02 3.54
CA SER H 271 4.59 -49.75 4.10
C SER H 271 4.55 -48.35 4.68
N LEU H 272 3.34 -47.77 4.71
CA LEU H 272 3.18 -46.43 5.25
C LEU H 272 3.07 -46.45 6.78
N TYR H 273 2.07 -47.14 7.30
CA TYR H 273 1.84 -47.23 8.73
C TYR H 273 1.79 -48.68 9.17
N ILE H 274 2.35 -48.96 10.34
CA ILE H 274 2.36 -50.30 10.92
C ILE H 274 1.62 -50.25 12.24
N ASP H 275 0.64 -51.13 12.41
CA ASP H 275 -0.16 -51.16 13.62
C ASP H 275 0.58 -51.94 14.70
N ARG H 276 0.15 -51.77 15.95
CA ARG H 276 0.76 -52.49 17.06
C ARG H 276 0.57 -54.00 16.93
N ASP H 277 -0.37 -54.45 16.11
CA ASP H 277 -0.59 -55.87 15.84
C ASP H 277 -0.06 -56.28 14.47
N ASN H 278 0.99 -55.59 14.00
CA ASN H 278 1.62 -55.88 12.71
C ASN H 278 0.62 -55.79 11.56
N ASN H 279 -0.24 -54.78 11.60
CA ASN H 279 -1.20 -54.52 10.55
C ASN H 279 -0.78 -53.28 9.76
N ARG H 280 -0.82 -53.37 8.45
CA ARG H 280 -0.40 -52.29 7.57
C ARG H 280 -1.61 -51.60 6.97
N TYR H 281 -1.62 -50.27 7.02
CA TYR H 281 -2.73 -49.49 6.50
C TYR H 281 -2.20 -48.18 5.92
N GLY H 282 -3.02 -47.57 5.08
CA GLY H 282 -2.66 -46.34 4.38
C GLY H 282 -3.35 -45.12 4.96
N GLU H 283 -3.46 -44.09 4.12
CA GLU H 283 -4.03 -42.81 4.55
C GLU H 283 -5.54 -42.79 4.45
N VAL H 284 -6.15 -43.74 3.73
CA VAL H 284 -7.60 -43.74 3.58
C VAL H 284 -8.29 -44.06 4.91
N ARG H 285 -7.65 -44.87 5.75
CA ARG H 285 -8.25 -45.26 7.03
C ARG H 285 -8.61 -44.06 7.88
N THR H 286 -7.83 -42.98 7.77
CA THR H 286 -8.12 -41.79 8.56
C THR H 286 -9.39 -41.09 8.07
N MET H 287 -9.63 -41.12 6.76
CA MET H 287 -10.78 -40.44 6.17
C MET H 287 -12.00 -41.35 6.01
N ILE H 288 -11.89 -42.62 6.39
CA ILE H 288 -13.03 -43.54 6.23
C ILE H 288 -14.22 -43.05 7.07
N GLY H 289 -13.96 -42.69 8.31
CA GLY H 289 -15.02 -42.29 9.23
C GLY H 289 -15.79 -41.06 8.80
N PRO H 290 -15.09 -39.95 8.54
CA PRO H 290 -15.79 -38.74 8.09
C PRO H 290 -16.60 -38.95 6.81
N GLN H 291 -16.11 -39.73 5.86
CA GLN H 291 -16.87 -40.00 4.65
C GLN H 291 -18.15 -40.77 4.95
N ASP H 292 -18.04 -41.78 5.82
CA ASP H 292 -19.22 -42.52 6.26
C ASP H 292 -20.24 -41.58 6.89
N GLU H 293 -19.78 -40.69 7.78
CA GLU H 293 -20.70 -39.79 8.44
C GLU H 293 -21.34 -38.83 7.45
N ILE H 294 -20.56 -38.34 6.48
CA ILE H 294 -21.10 -37.43 5.47
C ILE H 294 -22.23 -38.12 4.71
N ASN H 295 -21.98 -39.34 4.24
CA ASN H 295 -23.00 -40.05 3.46
C ASN H 295 -24.23 -40.32 4.30
N LYS H 296 -24.04 -40.80 5.54
CA LYS H 296 -25.18 -41.15 6.38
C LYS H 296 -26.01 -39.92 6.74
N ARG H 297 -25.35 -38.81 7.09
CA ARG H 297 -26.07 -37.60 7.44
C ARG H 297 -26.81 -37.03 6.23
N ARG H 298 -26.19 -37.08 5.04
CA ARG H 298 -26.89 -36.63 3.85
C ARG H 298 -28.14 -37.47 3.59
N SER H 299 -28.02 -38.79 3.72
CA SER H 299 -29.18 -39.66 3.51
C SER H 299 -30.27 -39.37 4.53
N LYS H 300 -29.90 -39.21 5.79
CA LYS H 300 -30.88 -38.96 6.84
C LYS H 300 -31.57 -37.61 6.64
N ALA H 301 -30.80 -36.58 6.28
CA ALA H 301 -31.41 -35.28 6.03
C ALA H 301 -32.35 -35.32 4.83
N LEU H 302 -31.97 -36.03 3.77
CA LEU H 302 -32.85 -36.16 2.62
C LEU H 302 -34.13 -36.89 2.98
N HIS H 303 -34.02 -37.95 3.78
CA HIS H 303 -35.22 -38.68 4.20
C HIS H 303 -36.12 -37.82 5.07
N LEU H 304 -35.54 -37.06 6.01
CA LEU H 304 -36.34 -36.20 6.86
C LEU H 304 -37.01 -35.08 6.05
N ILE H 305 -36.33 -34.58 5.03
CA ILE H 305 -36.83 -33.44 4.27
C ILE H 305 -38.07 -33.84 3.48
N ASN H 306 -38.04 -35.01 2.83
CA ASN H 306 -39.11 -35.42 1.92
C ASN H 306 -40.22 -36.20 2.63
N SER H 307 -40.13 -36.40 3.94
CA SER H 307 -41.13 -37.14 4.69
C SER H 307 -41.75 -36.24 5.74
N ARG H 308 -43.03 -36.49 6.04
CA ARG H 308 -43.78 -35.73 7.02
C ARG H 308 -44.29 -36.66 8.11
N GLN H 309 -44.18 -36.21 9.35
CA GLN H 309 -44.73 -36.94 10.49
C GLN H 309 -46.13 -36.40 10.78
N VAL H 310 -47.12 -37.27 10.77
CA VAL H 310 -48.50 -36.87 10.97
C VAL H 310 -49.10 -37.65 12.13
N ARG H 311 -50.07 -37.04 12.78
CA ARG H 311 -50.87 -37.67 13.83
C ARG H 311 -52.32 -37.63 13.39
N VAL H 312 -52.98 -38.79 13.40
CA VAL H 312 -54.33 -38.94 12.85
C VAL H 312 -55.27 -39.31 13.99
N SER H 313 -56.41 -38.64 14.04
CA SER H 313 -57.41 -38.95 15.05
C SER H 313 -57.99 -40.34 14.80
N PRO H 314 -58.34 -41.07 15.87
CA PRO H 314 -58.91 -42.42 15.68
C PRO H 314 -60.22 -42.42 14.90
N ASN H 315 -61.00 -41.34 14.96
CA ASN H 315 -62.26 -41.29 14.24
C ASN H 315 -62.10 -41.29 12.72
N VAL H 316 -60.89 -41.06 12.21
CA VAL H 316 -60.66 -41.09 10.78
C VAL H 316 -60.80 -42.52 10.28
N GLN H 317 -61.58 -42.69 9.21
CA GLN H 317 -61.95 -44.01 8.71
C GLN H 317 -60.99 -44.57 7.67
N MET H 318 -59.97 -43.81 7.26
CA MET H 318 -59.03 -44.28 6.27
C MET H 318 -57.70 -44.65 6.92
N ASP H 319 -56.86 -45.34 6.13
CA ASP H 319 -55.59 -45.84 6.66
C ASP H 319 -54.67 -44.70 7.05
N ALA H 320 -53.99 -44.87 8.19
CA ALA H 320 -53.11 -43.82 8.69
C ALA H 320 -51.88 -43.64 7.81
N GLN H 321 -51.26 -44.75 7.37
CA GLN H 321 -50.07 -44.64 6.54
C GLN H 321 -50.41 -44.05 5.18
N SER H 322 -51.57 -44.40 4.62
CA SER H 322 -52.00 -43.78 3.37
C SER H 322 -52.22 -42.28 3.56
N VAL H 323 -52.79 -41.89 4.70
CA VAL H 323 -52.99 -40.47 4.98
C VAL H 323 -51.65 -39.74 5.05
N ARG H 324 -50.67 -40.35 5.73
CA ARG H 324 -49.34 -39.74 5.80
C ARG H 324 -48.70 -39.64 4.42
N LYS H 325 -48.84 -40.69 3.61
CA LYS H 325 -48.26 -40.66 2.27
C LYS H 325 -48.89 -39.55 1.43
N GLU H 326 -50.22 -39.40 1.52
CA GLU H 326 -50.89 -38.33 0.80
C GLU H 326 -50.46 -36.95 1.30
N LEU H 327 -50.32 -36.81 2.62
CA LEU H 327 -49.94 -35.52 3.19
C LEU H 327 -48.49 -35.17 2.93
N SER H 328 -47.64 -36.15 2.65
CA SER H 328 -46.25 -35.88 2.30
C SER H 328 -46.10 -35.46 0.85
N LYS H 329 -47.10 -35.70 0.01
CA LYS H 329 -47.02 -35.30 -1.39
C LYS H 329 -47.15 -33.79 -1.51
N PRO H 330 -46.42 -33.16 -2.42
CA PRO H 330 -46.58 -31.70 -2.62
C PRO H 330 -47.96 -31.32 -3.11
N ASP H 331 -48.70 -32.23 -3.74
CA ASP H 331 -50.05 -31.96 -4.21
C ASP H 331 -51.07 -32.87 -3.51
N GLY H 332 -50.80 -33.21 -2.25
CA GLY H 332 -51.72 -34.07 -1.53
C GLY H 332 -52.87 -33.32 -0.89
N VAL H 333 -53.93 -34.06 -0.60
CA VAL H 333 -55.13 -33.50 0.01
C VAL H 333 -55.57 -34.40 1.15
N PHE H 334 -56.38 -33.84 2.03
CA PHE H 334 -57.03 -34.60 3.09
C PHE H 334 -58.46 -34.11 3.24
N VAL H 335 -59.39 -35.05 3.36
CA VAL H 335 -60.81 -34.74 3.48
C VAL H 335 -61.20 -35.00 4.94
N GLY H 336 -61.56 -33.95 5.65
CA GLY H 336 -61.96 -34.09 7.03
C GLY H 336 -61.95 -32.74 7.73
N ASP H 337 -62.59 -32.72 8.89
CA ASP H 337 -62.65 -31.51 9.69
C ASP H 337 -61.28 -31.22 10.31
N SER H 338 -61.09 -29.96 10.69
CA SER H 338 -59.83 -29.55 11.30
C SER H 338 -59.66 -30.21 12.66
N GLY H 339 -58.43 -30.62 12.95
CA GLY H 339 -58.08 -31.21 14.23
C GLY H 339 -57.86 -32.72 14.19
N GLU H 340 -58.35 -33.41 13.16
CA GLU H 340 -58.12 -34.85 13.08
C GLU H 340 -56.76 -35.19 12.49
N VAL H 341 -56.07 -34.25 11.87
CA VAL H 341 -54.71 -34.46 11.38
C VAL H 341 -53.83 -33.33 11.91
N GLU H 342 -52.68 -33.71 12.46
CA GLU H 342 -51.70 -32.76 12.97
C GLU H 342 -50.35 -33.06 12.36
N ILE H 343 -49.63 -32.01 11.99
CA ILE H 343 -48.30 -32.15 11.38
C ILE H 343 -47.27 -31.92 12.46
N LEU H 344 -46.58 -32.98 12.87
CA LEU H 344 -45.56 -32.86 13.90
C LEU H 344 -44.31 -32.18 13.32
N PRO H 345 -43.68 -31.29 14.08
CA PRO H 345 -42.50 -30.58 13.56
C PRO H 345 -41.30 -31.51 13.47
N THR H 346 -40.59 -31.42 12.34
CA THR H 346 -39.38 -32.22 12.15
C THR H 346 -38.26 -31.41 11.49
N GLN H 347 -38.44 -30.10 11.31
CA GLN H 347 -37.41 -29.30 10.67
C GLN H 347 -36.16 -29.18 11.55
N ASP H 348 -36.32 -29.25 12.86
CA ASP H 348 -35.17 -29.17 13.75
C ASP H 348 -34.23 -30.35 13.53
N MET H 349 -34.78 -31.56 13.36
CA MET H 349 -33.95 -32.73 13.10
C MET H 349 -33.17 -32.59 11.81
N ALA H 350 -33.83 -32.11 10.75
CA ALA H 350 -33.16 -31.93 9.46
C ALA H 350 -32.07 -30.86 9.56
N SER H 351 -32.35 -29.76 10.26
CA SER H 351 -31.34 -28.71 10.42
C SER H 351 -30.14 -29.23 11.20
N ALA H 352 -30.38 -30.00 12.27
CA ALA H 352 -29.28 -30.56 13.04
C ALA H 352 -28.47 -31.54 12.21
N ASN H 353 -29.13 -32.37 11.41
CA ASN H 353 -28.42 -33.30 10.55
C ASN H 353 -27.57 -32.56 9.53
N LEU H 354 -28.11 -31.46 8.97
CA LEU H 354 -27.33 -30.66 8.03
C LEU H 354 -26.13 -30.02 8.71
N ALA H 355 -26.29 -29.56 9.95
CA ALA H 355 -25.17 -29.00 10.69
C ALA H 355 -24.08 -30.05 10.92
N MET H 356 -24.49 -31.27 11.30
CA MET H 356 -23.50 -32.33 11.48
C MET H 356 -22.82 -32.70 10.17
N LEU H 357 -23.57 -32.70 9.07
CA LEU H 357 -22.98 -32.97 7.77
C LEU H 357 -21.94 -31.92 7.41
N GLN H 358 -22.25 -30.64 7.67
CA GLN H 358 -21.28 -29.58 7.43
C GLN H 358 -20.06 -29.74 8.31
N GLU H 359 -20.25 -30.11 9.58
CA GLU H 359 -19.12 -30.33 10.47
C GLU H 359 -18.23 -31.47 9.97
N ALA H 360 -18.84 -32.56 9.50
CA ALA H 360 -18.07 -33.68 8.96
C ALA H 360 -17.32 -33.26 7.70
N LYS H 361 -17.96 -32.46 6.85
CA LYS H 361 -17.27 -31.97 5.66
C LYS H 361 -16.07 -31.11 6.02
N ASN H 362 -16.23 -30.23 7.02
CA ASN H 362 -15.11 -29.42 7.46
C ASN H 362 -13.99 -30.28 8.03
N GLU H 363 -14.35 -31.30 8.81
CA GLU H 363 -13.34 -32.18 9.39
C GLU H 363 -12.57 -32.93 8.30
N ILE H 364 -13.29 -33.47 7.31
CA ILE H 364 -12.60 -34.19 6.24
C ILE H 364 -11.79 -33.24 5.36
N ASP H 365 -12.18 -31.96 5.30
CA ASP H 365 -11.34 -30.99 4.60
C ASP H 365 -10.05 -30.73 5.35
N LEU H 366 -10.14 -30.49 6.66
CA LEU H 366 -8.94 -30.24 7.45
C LEU H 366 -8.07 -31.49 7.56
N LEU H 367 -8.69 -32.65 7.73
CA LEU H 367 -7.94 -33.88 7.95
C LEU H 367 -7.34 -34.38 6.64
N GLY H 368 -6.16 -35.00 6.75
CA GLY H 368 -5.49 -35.57 5.61
C GLY H 368 -4.58 -34.58 4.92
N PRO H 369 -4.49 -34.69 3.60
CA PRO H 369 -3.70 -33.71 2.82
C PRO H 369 -4.13 -32.28 3.11
N ASN H 370 -3.27 -31.34 2.67
CA ASN H 370 -3.50 -29.93 2.95
C ASN H 370 -4.81 -29.45 2.32
N ALA H 371 -5.09 -29.85 1.08
CA ALA H 371 -6.28 -29.42 0.36
C ALA H 371 -6.39 -27.90 0.31
N ALA H 372 -5.26 -27.24 0.07
CA ALA H 372 -5.24 -25.79 0.02
C ALA H 372 -6.01 -25.26 -1.18
N LEU H 373 -6.09 -26.03 -2.27
CA LEU H 373 -6.81 -25.58 -3.45
C LEU H 373 -8.31 -25.50 -3.21
N GLY H 374 -8.83 -26.31 -2.29
CA GLY H 374 -10.25 -26.31 -1.99
C GLY H 374 -10.55 -26.18 -0.51
N GLY H 379 -11.53 -18.45 2.49
CA GLY H 379 -10.95 -17.40 1.66
C GLY H 379 -9.50 -17.12 1.96
N GLN H 380 -8.81 -16.48 1.02
CA GLN H 380 -7.41 -16.15 1.19
C GLN H 380 -7.10 -14.90 0.36
N MET H 381 -6.19 -14.07 0.86
CA MET H 381 -5.81 -12.85 0.17
C MET H 381 -4.30 -12.70 -0.01
N SER H 382 -3.49 -13.21 0.91
CA SER H 382 -2.04 -13.08 0.85
C SER H 382 -1.44 -14.42 0.46
N GLY H 383 -0.52 -14.40 -0.52
CA GLY H 383 0.13 -15.62 -0.93
C GLY H 383 1.12 -16.15 0.10
N ARG H 384 1.55 -15.28 1.03
CA ARG H 384 2.43 -15.73 2.10
C ARG H 384 1.74 -16.75 2.98
N ALA H 385 0.48 -16.48 3.36
CA ALA H 385 -0.27 -17.41 4.19
C ALA H 385 -0.52 -18.73 3.45
N ILE H 386 -0.89 -18.66 2.17
CA ILE H 386 -1.11 -19.88 1.41
C ILE H 386 0.20 -20.63 1.21
N LEU H 387 1.32 -19.91 1.08
CA LEU H 387 2.61 -20.58 0.99
C LEU H 387 2.94 -21.30 2.28
N ALA H 388 2.67 -20.68 3.43
CA ALA H 388 2.90 -21.34 4.71
C ALA H 388 2.00 -22.56 4.87
N GLN H 389 0.75 -22.46 4.42
CA GLN H 389 -0.15 -23.60 4.48
C GLN H 389 0.34 -24.74 3.59
N GLN H 390 0.84 -24.41 2.40
CA GLN H 390 1.41 -25.44 1.52
C GLN H 390 2.64 -26.08 2.15
N GLN H 391 3.48 -25.27 2.82
CA GLN H 391 4.64 -25.83 3.51
C GLN H 391 4.21 -26.77 4.63
N GLY H 392 3.14 -26.41 5.35
CA GLY H 392 2.60 -27.32 6.35
C GLY H 392 2.09 -28.61 5.73
N GLY H 393 1.48 -28.52 4.55
CA GLY H 393 1.05 -29.72 3.85
C GLY H 393 2.21 -30.62 3.47
N MET H 394 3.31 -30.02 2.98
CA MET H 394 4.50 -30.80 2.69
C MET H 394 5.08 -31.42 3.95
N THR H 395 5.03 -30.69 5.08
CA THR H 395 5.47 -31.27 6.34
C THR H 395 4.62 -32.48 6.71
N GLU H 396 3.30 -32.39 6.48
CA GLU H 396 2.42 -33.52 6.74
C GLU H 396 2.77 -34.71 5.85
N ALA H 397 3.05 -34.46 4.57
CA ALA H 397 3.30 -35.53 3.61
C ALA H 397 4.77 -35.97 3.58
N ALA H 398 5.60 -35.40 4.44
CA ALA H 398 7.02 -35.78 4.48
C ALA H 398 7.21 -37.27 4.72
N THR H 399 6.39 -37.88 5.56
CA THR H 399 6.52 -39.32 5.81
C THR H 399 6.26 -40.13 4.55
N TYR H 400 5.20 -39.77 3.82
CA TYR H 400 4.88 -40.44 2.56
C TYR H 400 6.02 -40.27 1.55
N LEU H 401 6.55 -39.05 1.45
CA LEU H 401 7.65 -38.80 0.52
C LEU H 401 8.89 -39.59 0.92
N ASP H 402 9.17 -39.69 2.22
CA ASP H 402 10.33 -40.45 2.68
C ASP H 402 10.15 -41.93 2.39
N ARG H 403 8.94 -42.46 2.56
CA ARG H 403 8.69 -43.85 2.20
C ARG H 403 8.95 -44.09 0.72
N ILE H 404 8.45 -43.17 -0.13
CA ILE H 404 8.67 -43.32 -1.56
C ILE H 404 10.16 -43.27 -1.89
N ARG H 405 10.89 -42.34 -1.26
CA ARG H 405 12.32 -42.21 -1.51
C ARG H 405 13.07 -43.46 -1.06
N ALA H 406 12.71 -44.03 0.09
CA ALA H 406 13.36 -45.24 0.57
C ALA H 406 13.11 -46.40 -0.39
N LEU H 407 11.88 -46.54 -0.87
CA LEU H 407 11.57 -47.58 -1.84
C LEU H 407 12.39 -47.39 -3.11
N SER H 408 12.49 -46.16 -3.60
CA SER H 408 13.27 -45.88 -4.80
C SER H 408 14.74 -46.22 -4.60
N ILE H 409 15.29 -45.87 -3.43
CA ILE H 409 16.70 -46.14 -3.17
C ILE H 409 16.96 -47.64 -3.12
N ALA H 410 16.07 -48.39 -2.46
CA ALA H 410 16.24 -49.85 -2.41
C ALA H 410 16.14 -50.45 -3.80
N VAL H 411 15.20 -49.95 -4.61
CA VAL H 411 15.06 -50.46 -5.98
C VAL H 411 16.32 -50.17 -6.79
N TYR H 412 16.88 -48.97 -6.65
CA TYR H 412 18.09 -48.62 -7.38
C TYR H 412 19.27 -49.49 -6.94
N ARG H 413 19.38 -49.75 -5.64
CA ARG H 413 20.46 -50.62 -5.16
C ARG H 413 20.33 -52.03 -5.73
N SER H 414 19.11 -52.57 -5.74
CA SER H 414 18.91 -53.89 -6.33
C SER H 414 19.21 -53.87 -7.83
N VAL H 415 18.87 -52.78 -8.50
CA VAL H 415 19.15 -52.66 -9.94
C VAL H 415 20.65 -52.67 -10.17
N TRP H 416 21.41 -51.95 -9.34
CA TRP H 416 22.86 -51.97 -9.46
C TRP H 416 23.43 -53.36 -9.20
N ALA H 417 22.86 -54.07 -8.23
CA ALA H 417 23.31 -55.43 -7.97
C ALA H 417 23.09 -56.33 -9.19
N ARG H 418 21.90 -56.24 -9.80
CA ARG H 418 21.64 -57.04 -11.00
C ARG H 418 22.55 -56.62 -12.15
N ILE H 419 22.85 -55.33 -12.25
CA ILE H 419 23.75 -54.83 -13.29
C ILE H 419 25.12 -55.47 -13.13
N ARG H 420 25.63 -55.49 -11.90
CA ARG H 420 26.93 -56.11 -11.64
C ARG H 420 26.88 -57.62 -11.83
N GLN H 421 25.71 -58.23 -11.65
CA GLN H 421 25.63 -59.69 -11.69
C GLN H 421 25.51 -60.21 -13.13
N VAL H 422 24.65 -59.61 -13.93
CA VAL H 422 24.27 -60.22 -15.21
C VAL H 422 24.87 -59.53 -16.42
N TRP H 423 25.26 -58.27 -16.34
CA TRP H 423 25.79 -57.57 -17.51
C TRP H 423 27.19 -58.05 -17.84
N THR H 424 27.46 -58.16 -19.15
CA THR H 424 28.76 -58.56 -19.65
C THR H 424 29.48 -57.35 -20.23
N GLY H 425 30.70 -57.58 -20.74
CA GLY H 425 31.46 -56.49 -21.32
C GLY H 425 30.82 -55.91 -22.57
N GLU H 426 30.29 -56.78 -23.42
CA GLU H 426 29.66 -56.31 -24.65
C GLU H 426 28.45 -55.43 -24.35
N ARG H 427 27.63 -55.83 -23.38
CA ARG H 427 26.48 -55.02 -23.01
C ARG H 427 26.91 -53.68 -22.41
N TRP H 428 27.96 -53.70 -21.58
CA TRP H 428 28.48 -52.46 -21.01
C TRP H 428 28.93 -51.50 -22.10
N VAL H 429 29.69 -52.01 -23.08
CA VAL H 429 30.17 -51.16 -24.16
C VAL H 429 29.01 -50.66 -25.01
N ARG H 430 28.04 -51.53 -25.29
CA ARG H 430 26.92 -51.13 -26.14
C ARG H 430 26.07 -50.05 -25.47
N VAL H 431 25.83 -50.17 -24.17
CA VAL H 431 24.94 -49.23 -23.49
C VAL H 431 25.66 -47.94 -23.14
N THR H 432 26.79 -48.05 -22.42
CA THR H 432 27.46 -46.87 -21.91
C THR H 432 28.36 -46.20 -22.96
N ASP H 433 28.70 -46.91 -24.04
CA ASP H 433 29.56 -46.39 -25.10
C ASP H 433 30.92 -45.93 -24.56
N ASN H 434 31.40 -46.60 -23.52
CA ASN H 434 32.69 -46.27 -22.93
C ASN H 434 33.46 -47.55 -22.66
N GLU H 435 34.70 -47.62 -23.16
CA GLU H 435 35.51 -48.81 -22.99
C GLU H 435 36.12 -48.92 -21.59
N ARG H 436 36.20 -47.81 -20.85
CA ARG H 436 36.73 -47.86 -19.49
C ARG H 436 35.81 -48.66 -18.57
N ASN H 437 34.50 -48.57 -18.77
CA ASN H 437 33.54 -49.26 -17.92
C ASN H 437 33.72 -50.78 -17.96
N LEU H 438 34.56 -51.30 -18.86
CA LEU H 438 34.91 -52.71 -18.84
C LEU H 438 35.54 -53.11 -17.51
N ARG H 439 36.10 -52.15 -16.78
CA ARG H 439 36.63 -52.43 -15.44
C ARG H 439 35.54 -52.94 -14.51
N PHE H 440 34.31 -52.43 -14.66
CA PHE H 440 33.21 -52.77 -13.76
C PHE H 440 32.41 -53.98 -14.24
N VAL H 441 33.02 -54.87 -15.00
CA VAL H 441 32.34 -56.05 -15.52
C VAL H 441 32.51 -57.19 -14.53
N GLY H 442 31.38 -57.74 -14.07
CA GLY H 442 31.41 -58.84 -13.11
C GLY H 442 31.52 -58.36 -11.67
N LEU H 443 31.35 -59.30 -10.76
CA LEU H 443 31.42 -59.00 -9.34
C LEU H 443 32.84 -58.97 -8.80
N ASN H 444 33.82 -59.41 -9.58
CA ASN H 444 35.22 -59.42 -9.15
C ASN H 444 36.08 -58.57 -10.07
N ALA H 503 35.85 -56.61 -6.45
CA ALA H 503 35.61 -55.60 -5.44
C ALA H 503 36.20 -54.25 -5.85
N VAL H 504 35.58 -53.63 -6.84
CA VAL H 504 36.03 -52.34 -7.36
C VAL H 504 35.05 -51.22 -7.03
N ALA H 505 33.75 -51.50 -7.11
CA ALA H 505 32.71 -50.50 -6.82
C ALA H 505 31.63 -51.18 -5.98
N GLU H 506 31.75 -51.09 -4.66
CA GLU H 506 30.77 -51.66 -3.76
C GLU H 506 29.61 -50.68 -3.56
N LEU H 507 28.51 -51.20 -3.00
CA LEU H 507 27.28 -50.43 -2.92
C LEU H 507 27.32 -49.34 -1.86
N ASP H 508 28.21 -49.45 -0.88
CA ASP H 508 28.31 -48.41 0.14
C ASP H 508 29.76 -47.99 0.36
N VAL H 509 30.70 -48.91 0.11
CA VAL H 509 32.11 -48.60 0.33
C VAL H 509 32.62 -47.60 -0.68
N ASP H 510 32.22 -47.75 -1.94
CA ASP H 510 32.74 -46.92 -3.03
C ASP H 510 31.76 -45.89 -3.54
N ILE H 511 30.48 -46.25 -3.68
CA ILE H 511 29.48 -45.33 -4.22
C ILE H 511 28.29 -45.30 -3.27
N LEU H 512 27.52 -44.22 -3.39
CA LEU H 512 26.29 -44.03 -2.62
C LEU H 512 25.15 -43.77 -3.59
N VAL H 513 24.08 -44.54 -3.47
CA VAL H 513 22.92 -44.40 -4.35
C VAL H 513 21.94 -43.43 -3.72
N ASP H 514 21.56 -42.40 -4.46
CA ASP H 514 20.64 -41.39 -3.98
C ASP H 514 19.81 -40.88 -5.15
N GLU H 515 19.10 -39.77 -4.94
CA GLU H 515 18.20 -39.21 -5.93
C GLU H 515 18.70 -37.84 -6.37
N GLY H 516 18.74 -37.62 -7.68
CA GLY H 516 19.08 -36.34 -8.26
C GLY H 516 17.91 -35.76 -9.04
N LEU H 517 18.17 -34.56 -9.58
CA LEU H 517 17.12 -33.78 -10.22
C LEU H 517 16.58 -34.50 -11.47
N ASP H 518 15.33 -34.22 -11.79
CA ASP H 518 14.65 -34.83 -12.94
C ASP H 518 15.21 -34.22 -14.22
N ALA H 519 15.95 -35.02 -14.98
CA ALA H 519 16.52 -34.59 -16.25
C ALA H 519 16.38 -35.71 -17.28
N PRO H 520 16.27 -35.36 -18.56
CA PRO H 520 16.15 -36.43 -19.57
C PRO H 520 17.44 -37.21 -19.77
N THR H 521 18.59 -36.52 -19.82
CA THR H 521 19.87 -37.16 -20.06
C THR H 521 20.90 -36.60 -19.11
N ILE H 522 21.99 -37.36 -18.93
CA ILE H 522 23.11 -36.91 -18.11
C ILE H 522 23.74 -35.65 -18.71
N ALA H 523 23.82 -35.59 -20.04
CA ALA H 523 24.37 -34.41 -20.70
C ALA H 523 23.57 -33.17 -20.37
N ALA H 524 22.23 -33.30 -20.29
CA ALA H 524 21.41 -32.15 -19.91
C ALA H 524 21.74 -31.68 -18.50
N GLU H 525 21.90 -32.61 -17.57
CA GLU H 525 22.27 -32.25 -16.20
C GLU H 525 23.61 -31.53 -16.17
N GLU H 526 24.60 -32.04 -16.89
CA GLU H 526 25.91 -31.42 -16.88
C GLU H 526 25.88 -30.05 -17.54
N PHE H 527 25.11 -29.90 -18.61
CA PHE H 527 24.97 -28.59 -19.25
C PHE H 527 24.32 -27.59 -18.31
N GLU H 528 23.29 -28.01 -17.58
CA GLU H 528 22.65 -27.13 -16.61
C GLU H 528 23.63 -26.73 -15.51
N GLN H 529 24.41 -27.68 -15.02
CA GLN H 529 25.39 -27.38 -13.98
C GLN H 529 26.45 -26.41 -14.49
N LEU H 530 26.93 -26.63 -15.73
CA LEU H 530 27.93 -25.74 -16.31
C LEU H 530 27.38 -24.33 -16.50
N MET H 531 26.13 -24.22 -16.97
CA MET H 531 25.52 -22.91 -17.13
C MET H 531 25.36 -22.21 -15.78
N LYS H 532 24.94 -22.95 -14.76
CA LYS H 532 24.79 -22.36 -13.43
C LYS H 532 26.14 -21.89 -12.88
N LEU H 533 27.19 -22.69 -13.10
CA LEU H 533 28.52 -22.29 -12.65
C LEU H 533 29.01 -21.04 -13.38
N ALA H 534 28.79 -20.99 -14.70
CA ALA H 534 29.27 -19.85 -15.48
C ALA H 534 28.44 -18.60 -15.24
N SER H 535 27.19 -18.73 -14.81
CA SER H 535 26.37 -17.55 -14.53
C SER H 535 26.95 -16.75 -13.36
N THR H 536 27.50 -17.45 -12.36
CA THR H 536 28.11 -16.75 -11.23
C THR H 536 29.31 -15.92 -11.68
N GLY H 537 30.10 -16.43 -12.61
CA GLY H 537 31.25 -15.73 -13.11
C GLY H 537 32.51 -15.90 -12.29
N ILE H 538 32.45 -16.62 -11.18
CA ILE H 538 33.64 -16.84 -10.36
C ILE H 538 34.64 -17.71 -11.10
N VAL H 539 34.17 -18.80 -11.68
CA VAL H 539 35.00 -19.74 -12.43
C VAL H 539 34.83 -19.45 -13.92
N PRO H 540 35.90 -19.18 -14.66
CA PRO H 540 35.78 -18.93 -16.10
C PRO H 540 35.66 -20.23 -16.88
N ILE H 541 34.47 -20.50 -17.40
CA ILE H 541 34.19 -21.71 -18.16
C ILE H 541 34.39 -21.39 -19.64
N PRO H 542 35.23 -22.14 -20.36
CA PRO H 542 35.45 -21.83 -21.77
C PRO H 542 34.22 -22.14 -22.59
N PRO H 543 33.96 -21.37 -23.65
CA PRO H 543 32.73 -21.57 -24.43
C PRO H 543 32.64 -22.93 -25.11
N ASP H 544 33.77 -23.53 -25.50
CA ASP H 544 33.72 -24.77 -26.24
C ASP H 544 33.13 -25.90 -25.39
N VAL H 545 33.46 -25.94 -24.10
CA VAL H 545 32.90 -26.96 -23.22
C VAL H 545 31.39 -26.79 -23.10
N LEU H 546 30.93 -25.55 -22.95
CA LEU H 546 29.50 -25.29 -22.86
C LEU H 546 28.79 -25.70 -24.15
N ILE H 547 29.39 -25.41 -25.30
CA ILE H 547 28.79 -25.79 -26.57
C ILE H 547 28.73 -27.32 -26.70
N GLU H 548 29.82 -28.00 -26.33
CA GLU H 548 29.84 -29.46 -26.42
C GLU H 548 28.80 -30.09 -25.50
N ALA H 549 28.65 -29.57 -24.29
CA ALA H 549 27.66 -30.09 -23.37
C ALA H 549 26.23 -29.73 -23.76
N SER H 550 26.06 -28.79 -24.68
CA SER H 550 24.72 -28.37 -25.10
C SER H 550 24.10 -29.39 -26.05
N SER H 551 22.79 -29.27 -26.24
CA SER H 551 22.05 -30.13 -27.14
C SER H 551 21.70 -29.43 -28.45
N LEU H 552 22.35 -28.31 -28.75
CA LEU H 552 22.06 -27.56 -29.96
C LEU H 552 22.45 -28.37 -31.20
N ARG H 553 21.70 -28.17 -32.27
CA ARG H 553 21.92 -28.91 -33.51
C ARG H 553 23.14 -28.43 -34.27
N ASN H 554 23.56 -27.18 -34.08
CA ASN H 554 24.80 -26.70 -34.69
C ASN H 554 25.99 -26.96 -33.77
N LYS H 555 26.12 -28.19 -33.31
CA LYS H 555 27.25 -28.54 -32.47
C LYS H 555 28.52 -28.68 -33.30
N PRO H 556 28.55 -29.49 -34.37
CA PRO H 556 29.79 -29.59 -35.16
C PRO H 556 30.20 -28.27 -35.81
N LYS H 557 29.24 -27.52 -36.36
CA LYS H 557 29.57 -26.26 -37.02
C LYS H 557 30.22 -25.29 -36.04
N LEU H 558 29.58 -25.07 -34.90
CA LEU H 558 30.13 -24.19 -33.89
C LEU H 558 31.46 -24.71 -33.37
N LEU H 559 31.61 -26.03 -33.25
CA LEU H 559 32.87 -26.59 -32.77
C LEU H 559 34.01 -26.28 -33.72
N GLU H 560 33.79 -26.47 -35.03
CA GLU H 560 34.85 -26.12 -35.98
C GLU H 560 35.11 -24.62 -36.03
N MET H 561 34.05 -23.79 -35.94
CA MET H 561 34.27 -22.35 -35.98
C MET H 561 35.06 -21.87 -34.76
N LEU H 562 34.77 -22.43 -33.59
CA LEU H 562 35.53 -22.05 -32.39
C LEU H 562 36.95 -22.60 -32.44
N LYS H 563 37.11 -23.84 -32.91
CA LYS H 563 38.44 -24.45 -33.01
C LYS H 563 39.32 -23.73 -34.01
N GLN H 564 38.74 -23.03 -34.99
CA GLN H 564 39.51 -22.26 -35.95
C GLN H 564 40.33 -21.19 -35.25
N GLY H 565 41.66 -21.32 -35.31
CA GLY H 565 42.54 -20.42 -34.63
C GLY H 565 42.75 -19.12 -35.38
N PRO H 566 43.78 -18.37 -35.01
CA PRO H 566 44.06 -17.11 -35.71
C PRO H 566 44.43 -17.36 -37.16
N SER H 567 44.08 -16.38 -38.01
CA SER H 567 44.34 -16.50 -39.44
C SER H 567 45.84 -16.35 -39.71
N GLN H 568 46.19 -16.39 -41.00
CA GLN H 568 47.60 -16.28 -41.38
C GLN H 568 48.18 -14.93 -41.00
N GLU H 569 47.38 -13.87 -41.08
CA GLU H 569 47.88 -12.53 -40.79
C GLU H 569 48.33 -12.40 -39.34
N GLN H 570 47.56 -12.95 -38.40
CA GLN H 570 47.90 -12.81 -36.98
C GLN H 570 49.19 -13.54 -36.64
N MET H 571 49.33 -14.78 -37.11
CA MET H 571 50.56 -15.53 -36.83
C MET H 571 51.75 -14.91 -37.54
N MET H 572 51.54 -14.40 -38.76
CA MET H 572 52.63 -13.71 -39.46
C MET H 572 53.08 -12.47 -38.69
N ALA H 573 52.12 -11.70 -38.16
CA ALA H 573 52.46 -10.52 -37.38
C ALA H 573 53.20 -10.90 -36.10
N GLN H 574 52.76 -11.97 -35.44
CA GLN H 574 53.44 -12.43 -34.24
C GLN H 574 54.87 -12.86 -34.54
N GLN H 575 55.06 -13.59 -35.64
CA GLN H 575 56.41 -13.99 -36.05
C GLN H 575 57.28 -12.79 -36.36
N ILE H 576 56.71 -11.80 -37.04
CA ILE H 576 57.46 -10.58 -37.37
C ILE H 576 57.86 -9.84 -36.09
N ALA H 577 56.95 -9.77 -35.12
CA ALA H 577 57.27 -9.11 -33.86
C ALA H 577 58.36 -9.85 -33.11
N LEU H 578 58.31 -11.18 -33.10
CA LEU H 578 59.35 -11.95 -32.44
C LEU H 578 60.71 -11.74 -33.13
N ALA H 579 60.71 -11.73 -34.47
CA ALA H 579 61.95 -11.48 -35.20
C ALA H 579 62.48 -10.08 -34.90
N GLY H 580 61.58 -9.10 -34.81
CA GLY H 580 62.02 -7.74 -34.48
C GLY H 580 62.61 -7.64 -33.09
N GLU H 581 62.02 -8.34 -32.12
CA GLU H 581 62.58 -8.32 -30.76
C GLU H 581 63.95 -9.00 -30.73
N GLN H 582 64.10 -10.13 -31.44
CA GLN H 582 65.41 -10.78 -31.51
C GLN H 582 66.43 -9.87 -32.19
N ALA H 583 66.00 -9.16 -33.24
CA ALA H 583 66.91 -8.25 -33.92
C ALA H 583 67.22 -7.02 -33.07
N LYS H 584 66.34 -6.66 -32.13
CA LYS H 584 66.68 -5.60 -31.18
C LYS H 584 67.71 -6.09 -30.17
N VAL H 585 67.60 -7.35 -29.75
CA VAL H 585 68.67 -7.96 -28.97
C VAL H 585 69.97 -7.90 -29.74
N ALA H 586 69.89 -8.15 -31.06
CA ALA H 586 71.07 -8.03 -31.92
C ALA H 586 71.61 -6.60 -31.94
N GLU H 587 70.71 -5.61 -32.00
CA GLU H 587 71.17 -4.22 -31.94
C GLU H 587 71.99 -3.99 -30.69
N THR H 588 71.47 -4.45 -29.56
CA THR H 588 72.13 -4.18 -28.28
C THR H 588 73.47 -4.91 -28.19
N GLU H 589 73.53 -6.14 -28.70
CA GLU H 589 74.80 -6.86 -28.72
C GLU H 589 75.83 -6.15 -29.59
N SER H 590 75.40 -5.66 -30.76
CA SER H 590 76.31 -4.93 -31.63
C SER H 590 76.77 -3.63 -30.98
N LYS H 591 75.87 -2.96 -30.26
CA LYS H 591 76.24 -1.73 -29.55
C LYS H 591 77.26 -2.02 -28.47
N THR H 592 77.09 -3.12 -27.73
CA THR H 592 78.09 -3.49 -26.73
C THR H 592 79.45 -3.76 -27.37
N GLY H 593 79.45 -4.48 -28.50
CA GLY H 593 80.69 -4.73 -29.20
C GLY H 593 81.36 -3.43 -29.66
N LEU H 594 80.56 -2.51 -30.21
CA LEU H 594 81.10 -1.23 -30.66
C LEU H 594 81.66 -0.44 -29.48
N ASN H 595 80.99 -0.45 -28.34
CA ASN H 595 81.49 0.24 -27.17
C ASN H 595 82.81 -0.35 -26.70
N VAL H 596 82.91 -1.68 -26.69
CA VAL H 596 84.16 -2.33 -26.30
C VAL H 596 85.28 -1.94 -27.27
N ALA H 597 84.98 -1.93 -28.57
CA ALA H 597 85.97 -1.53 -29.56
C ALA H 597 86.42 -0.09 -29.35
N LYS H 598 85.48 0.81 -29.04
CA LYS H 598 85.84 2.20 -28.79
C LYS H 598 86.70 2.33 -27.55
N THR H 599 86.39 1.58 -26.50
CA THR H 599 87.24 1.60 -25.30
C THR H 599 88.64 1.13 -25.61
N GLN H 600 88.77 0.04 -26.38
CA GLN H 600 90.09 -0.45 -26.75
C GLN H 600 90.84 0.57 -27.60
N GLU H 601 90.13 1.22 -28.53
CA GLU H 601 90.77 2.20 -29.40
C GLU H 601 91.28 3.40 -28.60
N THR H 602 90.47 3.89 -27.67
CA THR H 602 90.91 5.04 -26.88
C THR H 602 92.01 4.66 -25.91
N LEU H 603 92.01 3.43 -25.40
CA LEU H 603 93.12 2.98 -24.57
C LEU H 603 94.41 2.90 -25.38
N ALA H 604 94.33 2.40 -26.62
CA ALA H 604 95.49 2.39 -27.49
C ALA H 604 95.97 3.80 -27.79
N SER H 605 95.04 4.73 -28.01
CA SER H 605 95.41 6.12 -28.25
C SER H 605 96.13 6.71 -27.04
N ILE H 606 95.65 6.40 -25.83
CA ILE H 606 96.33 6.84 -24.62
C ILE H 606 97.74 6.25 -24.57
N GLN H 607 97.87 4.97 -24.89
CA GLN H 607 99.17 4.31 -24.83
C GLN H 607 100.16 4.94 -25.81
N THR H 608 99.70 5.26 -27.02
CA THR H 608 100.58 5.88 -28.01
C THR H 608 101.07 7.24 -27.54
N ASN H 609 100.19 8.04 -26.95
CA ASN H 609 100.56 9.36 -26.46
C ASN H 609 100.97 9.31 -24.99
N SER I 3 -9.02 -81.90 -41.67
CA SER I 3 -8.39 -81.37 -40.47
C SER I 3 -8.24 -79.86 -40.55
N GLN I 4 -7.96 -79.36 -41.75
CA GLN I 4 -7.81 -77.92 -41.94
C GLN I 4 -9.11 -77.18 -41.63
N GLU I 5 -10.24 -77.72 -42.11
CA GLU I 5 -11.53 -77.11 -41.80
C GLU I 5 -11.81 -77.14 -40.31
N ASP I 6 -11.50 -78.26 -39.65
CA ASP I 6 -11.70 -78.35 -38.20
C ASP I 6 -10.81 -77.36 -37.47
N TYR I 7 -9.55 -77.21 -37.91
CA TYR I 7 -8.66 -76.25 -37.28
C TYR I 7 -9.15 -74.82 -37.45
N THR I 8 -9.62 -74.48 -38.65
CA THR I 8 -10.15 -73.14 -38.87
C THR I 8 -11.39 -72.89 -38.03
N LEU I 9 -12.28 -73.89 -37.93
CA LEU I 9 -13.47 -73.74 -37.09
C LEU I 9 -13.09 -73.56 -35.63
N GLU I 10 -12.09 -74.32 -35.16
CA GLU I 10 -11.64 -74.18 -33.78
C GLU I 10 -11.06 -72.79 -33.53
N ALA I 11 -10.25 -72.29 -34.45
CA ALA I 11 -9.69 -70.95 -34.30
C ALA I 11 -10.78 -69.88 -34.30
N LEU I 12 -11.76 -70.01 -35.19
CA LEU I 12 -12.86 -69.05 -35.23
C LEU I 12 -13.67 -69.08 -33.94
N THR I 13 -13.94 -70.28 -33.42
CA THR I 13 -14.67 -70.38 -32.16
C THR I 13 -13.87 -69.78 -31.01
N ALA I 14 -12.56 -69.99 -31.01
CA ALA I 14 -11.72 -69.41 -29.96
C ALA I 14 -11.75 -67.90 -30.01
N ALA I 15 -11.63 -67.32 -31.21
CA ALA I 15 -11.67 -65.86 -31.34
C ALA I 15 -13.03 -65.31 -30.92
N VAL I 16 -14.12 -65.96 -31.35
CA VAL I 16 -15.45 -65.51 -30.99
C VAL I 16 -15.65 -65.61 -29.48
N ARG I 17 -15.16 -66.69 -28.87
CA ARG I 17 -15.26 -66.84 -27.43
C ARG I 17 -14.48 -65.76 -26.70
N ARG I 18 -13.29 -65.42 -27.20
CA ARG I 18 -12.51 -64.34 -26.58
C ARG I 18 -13.28 -63.02 -26.64
N PHE I 19 -13.85 -62.70 -27.81
CA PHE I 19 -14.59 -61.45 -27.94
C PHE I 19 -15.82 -61.45 -27.03
N GLU I 20 -16.54 -62.57 -26.97
CA GLU I 20 -17.74 -62.64 -26.15
C GLU I 20 -17.40 -62.53 -24.67
N GLU I 21 -16.31 -63.18 -24.24
CA GLU I 21 -15.88 -63.06 -22.84
C GLU I 21 -15.48 -61.63 -22.50
N SER I 22 -14.77 -60.97 -23.41
CA SER I 22 -14.40 -59.59 -23.18
C SER I 22 -15.63 -58.70 -23.07
N GLU I 23 -16.62 -58.92 -23.94
CA GLU I 23 -17.83 -58.12 -23.90
C GLU I 23 -18.64 -58.38 -22.63
N ASP I 24 -18.76 -59.64 -22.22
CA ASP I 24 -19.60 -60.01 -21.09
C ASP I 24 -18.97 -59.60 -19.77
N ALA I 25 -17.65 -59.72 -19.64
CA ALA I 25 -17.01 -59.44 -18.36
C ALA I 25 -17.15 -57.97 -17.98
N THR I 26 -17.02 -57.06 -18.95
CA THR I 26 -17.06 -55.63 -18.69
C THR I 26 -18.43 -55.02 -19.00
N THR I 27 -19.51 -55.77 -18.77
CA THR I 27 -20.85 -55.26 -19.06
C THR I 27 -21.21 -54.09 -18.15
N GLU I 28 -21.01 -54.25 -16.84
CA GLU I 28 -21.37 -53.20 -15.90
C GLU I 28 -20.49 -51.97 -16.08
N ALA I 29 -19.19 -52.17 -16.30
CA ALA I 29 -18.30 -51.04 -16.51
C ALA I 29 -18.66 -50.28 -17.78
N ARG I 30 -18.97 -51.01 -18.86
CA ARG I 30 -19.37 -50.36 -20.10
C ARG I 30 -20.68 -49.61 -19.93
N ALA I 31 -21.63 -50.19 -19.20
CA ALA I 31 -22.90 -49.51 -18.96
C ALA I 31 -22.69 -48.22 -18.16
N ALA I 32 -21.84 -48.28 -17.14
CA ALA I 32 -21.56 -47.08 -16.36
C ALA I 32 -20.86 -46.02 -17.19
N ALA I 33 -19.91 -46.42 -18.05
CA ALA I 33 -19.24 -45.47 -18.91
C ALA I 33 -20.20 -44.83 -19.90
N GLU I 34 -21.11 -45.63 -20.47
CA GLU I 34 -22.12 -45.08 -21.37
C GLU I 34 -23.04 -44.12 -20.64
N ARG I 35 -23.40 -44.44 -19.40
CA ARG I 35 -24.22 -43.52 -18.61
C ARG I 35 -23.49 -42.21 -18.38
N ASP I 36 -22.20 -42.27 -18.05
CA ASP I 36 -21.43 -41.05 -17.85
C ASP I 36 -21.34 -40.23 -19.13
N ARG I 37 -21.12 -40.90 -20.26
CA ARG I 37 -21.05 -40.19 -21.54
C ARG I 37 -22.38 -39.53 -21.87
N ASP I 38 -23.50 -40.23 -21.62
CA ASP I 38 -24.81 -39.63 -21.83
C ASP I 38 -25.03 -38.44 -20.91
N TYR I 39 -24.54 -38.54 -19.67
CA TYR I 39 -24.65 -37.41 -18.75
C TYR I 39 -23.88 -36.20 -19.27
N TYR I 40 -22.70 -36.44 -19.83
CA TYR I 40 -21.97 -35.36 -20.48
C TYR I 40 -22.71 -34.84 -21.71
N ASP I 41 -23.56 -35.65 -22.33
CA ASP I 41 -24.26 -35.28 -23.56
C ASP I 41 -25.68 -34.82 -23.31
N GLU I 42 -25.91 -34.11 -22.20
CA GLU I 42 -27.20 -33.47 -21.90
C GLU I 42 -28.33 -34.48 -21.76
N LYS I 43 -28.02 -35.68 -21.26
CA LYS I 43 -29.02 -36.72 -21.01
C LYS I 43 -28.88 -37.14 -19.55
N GLN I 44 -29.61 -36.47 -18.67
CA GLN I 44 -29.52 -36.74 -17.24
C GLN I 44 -30.86 -37.18 -16.64
N TRP I 45 -31.90 -37.37 -17.44
CA TRP I 45 -33.21 -37.77 -16.96
C TRP I 45 -33.57 -39.12 -17.55
N THR I 46 -33.99 -40.05 -16.69
CA THR I 46 -34.42 -41.36 -17.14
C THR I 46 -35.83 -41.28 -17.74
N ALA I 47 -36.23 -42.35 -18.42
CA ALA I 47 -37.54 -42.37 -19.06
C ALA I 47 -38.65 -42.33 -18.01
N ALA I 48 -38.50 -43.05 -16.91
CA ALA I 48 -39.54 -43.08 -15.89
C ALA I 48 -39.73 -41.72 -15.24
N GLU I 49 -38.62 -41.07 -14.85
CA GLU I 49 -38.73 -39.75 -14.23
C GLU I 49 -39.29 -38.72 -15.21
N LYS I 50 -38.87 -38.78 -16.47
CA LYS I 50 -39.41 -37.87 -17.46
C LYS I 50 -40.91 -38.07 -17.66
N ALA I 51 -41.34 -39.34 -17.70
CA ALA I 51 -42.77 -39.61 -17.82
C ALA I 51 -43.54 -39.10 -16.61
N ALA I 52 -42.99 -39.29 -15.41
CA ALA I 52 -43.65 -38.78 -14.20
C ALA I 52 -43.75 -37.26 -14.23
N LEU I 53 -42.69 -36.58 -14.65
CA LEU I 53 -42.70 -35.12 -14.74
C LEU I 53 -43.72 -34.65 -15.78
N GLU I 54 -43.80 -35.36 -16.91
CA GLU I 54 -44.80 -35.01 -17.92
C GLU I 54 -46.21 -35.20 -17.39
N ARG I 55 -46.44 -36.28 -16.64
CA ARG I 55 -47.75 -36.49 -16.02
C ARG I 55 -48.09 -35.38 -15.04
N ARG I 56 -47.11 -34.96 -14.24
CA ARG I 56 -47.32 -33.83 -13.34
C ARG I 56 -47.44 -32.50 -14.07
N GLY I 57 -47.09 -32.45 -15.35
CA GLY I 57 -47.07 -31.21 -16.09
C GLY I 57 -45.83 -30.37 -15.89
N GLN I 58 -44.88 -30.85 -15.09
CA GLN I 58 -43.66 -30.11 -14.81
C GLN I 58 -42.64 -30.34 -15.91
N PRO I 59 -42.10 -29.30 -16.54
CA PRO I 59 -41.07 -29.50 -17.56
C PRO I 59 -39.79 -30.06 -16.96
N ALA I 60 -39.09 -30.83 -17.78
CA ALA I 60 -37.81 -31.43 -17.38
C ALA I 60 -36.69 -30.46 -17.69
N ILE I 61 -35.99 -30.01 -16.66
CA ILE I 61 -34.92 -29.03 -16.78
C ILE I 61 -33.62 -29.67 -16.31
N THR I 62 -32.59 -29.57 -17.14
CA THR I 62 -31.28 -30.14 -16.85
C THR I 62 -30.26 -29.04 -16.63
N PHE I 63 -29.59 -29.08 -15.48
CA PHE I 63 -28.52 -28.14 -15.13
C PHE I 63 -27.20 -28.90 -15.23
N ASN I 64 -26.62 -28.90 -16.43
CA ASN I 64 -25.41 -29.66 -16.68
C ASN I 64 -24.20 -28.95 -16.08
N ARG I 65 -23.55 -29.60 -15.12
CA ARG I 65 -22.32 -29.07 -14.54
C ARG I 65 -21.09 -29.90 -14.84
N ILE I 66 -21.26 -31.14 -15.30
CA ILE I 66 -20.11 -31.97 -15.66
C ILE I 66 -19.44 -31.46 -16.92
N LYS I 67 -20.21 -30.86 -17.82
CA LYS I 67 -19.68 -30.45 -19.12
C LYS I 67 -18.57 -29.41 -18.95
N ARG I 68 -18.76 -28.44 -18.07
CA ARG I 68 -17.75 -27.41 -17.89
C ARG I 68 -16.46 -27.99 -17.31
N LYS I 69 -16.57 -28.92 -16.36
CA LYS I 69 -15.37 -29.54 -15.81
C LYS I 69 -14.63 -30.37 -16.86
N VAL I 70 -15.37 -31.14 -17.66
CA VAL I 70 -14.73 -31.93 -18.71
C VAL I 70 -14.05 -31.01 -19.73
N ASN I 71 -14.74 -29.93 -20.12
CA ASN I 71 -14.16 -28.99 -21.07
C ASN I 71 -12.92 -28.33 -20.49
N ALA I 72 -12.92 -28.03 -19.19
CA ALA I 72 -11.73 -27.49 -18.55
C ALA I 72 -10.58 -28.47 -18.60
N LEU I 73 -10.87 -29.76 -18.36
CA LEU I 73 -9.81 -30.77 -18.43
C LEU I 73 -9.22 -30.86 -19.83
N THR I 74 -10.07 -30.93 -20.85
CA THR I 74 -9.56 -31.01 -22.22
C THR I 74 -8.84 -29.72 -22.62
N GLY I 75 -9.30 -28.56 -22.13
CA GLY I 75 -8.61 -27.32 -22.40
C GLY I 75 -7.22 -27.29 -21.79
N ILE I 76 -7.09 -27.78 -20.56
CA ILE I 76 -5.78 -27.89 -19.94
C ILE I 76 -4.89 -28.81 -20.77
N GLU I 77 -5.44 -29.96 -21.18
CA GLU I 77 -4.65 -30.90 -21.99
C GLU I 77 -4.18 -30.24 -23.28
N LYS I 78 -5.05 -29.47 -23.93
CA LYS I 78 -4.66 -28.80 -25.17
C LYS I 78 -3.64 -27.69 -24.92
N GLN I 79 -3.74 -27.00 -23.78
CA GLN I 79 -2.78 -25.95 -23.48
C GLN I 79 -1.40 -26.51 -23.16
N THR I 80 -1.32 -27.72 -22.60
CA THR I 80 -0.04 -28.36 -22.34
C THR I 80 0.34 -29.37 -23.41
N ARG I 81 0.02 -29.07 -24.67
CA ARG I 81 0.43 -29.93 -25.77
C ARG I 81 1.94 -29.92 -25.94
N LYS I 82 2.49 -31.07 -26.28
CA LYS I 82 3.94 -31.22 -26.46
C LYS I 82 4.21 -32.02 -27.73
N ASP I 83 5.43 -31.84 -28.28
CA ASP I 83 5.85 -32.51 -29.50
C ASP I 83 6.81 -33.66 -29.17
N PRO I 84 6.89 -34.67 -30.04
CA PRO I 84 7.85 -35.75 -29.78
C PRO I 84 9.29 -35.26 -29.90
N ARG I 85 10.17 -35.91 -29.15
CA ARG I 85 11.59 -35.55 -29.18
C ARG I 85 12.41 -36.79 -28.84
N ALA I 86 13.55 -36.92 -29.50
CA ALA I 86 14.48 -38.02 -29.25
C ALA I 86 15.75 -37.45 -28.61
N PHE I 87 16.11 -38.01 -27.47
CA PHE I 87 17.30 -37.61 -26.74
C PHE I 87 18.37 -38.68 -26.85
N PRO I 88 19.65 -38.29 -26.96
CA PRO I 88 20.71 -39.30 -27.02
C PRO I 88 21.19 -39.71 -25.65
N ARG I 89 21.23 -41.02 -25.39
CA ARG I 89 21.74 -41.50 -24.11
C ARG I 89 23.22 -41.15 -23.95
N ASN I 90 23.99 -41.25 -25.02
CA ASN I 90 25.41 -40.97 -25.02
C ASN I 90 25.71 -39.93 -26.10
N PRO I 91 26.76 -39.11 -25.91
CA PRO I 91 26.99 -38.00 -26.85
C PRO I 91 27.56 -38.43 -28.20
N ASP I 92 27.96 -39.69 -28.37
CA ASP I 92 28.50 -40.13 -29.65
C ASP I 92 27.43 -40.66 -30.60
N ASP I 93 26.15 -40.60 -30.22
CA ASP I 93 25.06 -41.03 -31.09
C ASP I 93 23.98 -39.96 -31.20
N GLU I 94 24.33 -38.70 -30.95
CA GLU I 94 23.33 -37.64 -30.96
C GLU I 94 22.65 -37.54 -32.33
N GLU I 95 23.43 -37.60 -33.40
CA GLU I 95 22.86 -37.56 -34.74
C GLU I 95 21.82 -38.66 -34.93
N SER I 96 22.05 -39.82 -34.32
CA SER I 96 21.06 -40.89 -34.37
C SER I 96 19.72 -40.41 -33.82
N ALA I 97 19.74 -39.83 -32.62
CA ALA I 97 18.52 -39.23 -32.09
C ALA I 97 18.00 -38.15 -33.02
N GLN I 98 18.92 -37.38 -33.62
CA GLN I 98 18.51 -36.33 -34.56
C GLN I 98 17.72 -36.91 -35.72
N ALA I 99 17.95 -38.17 -36.06
CA ALA I 99 17.13 -38.80 -37.08
C ALA I 99 15.70 -39.02 -36.58
N ALA I 100 15.56 -39.60 -35.38
CA ALA I 100 14.24 -39.98 -34.89
C ALA I 100 13.34 -38.77 -34.71
N THR I 101 13.89 -37.67 -34.18
CA THR I 101 13.12 -36.45 -34.04
C THR I 101 12.60 -35.96 -35.38
N ASP I 102 13.40 -36.11 -36.45
CA ASP I 102 12.94 -35.73 -37.77
C ASP I 102 12.05 -36.78 -38.42
N ALA I 103 11.99 -37.99 -37.87
CA ALA I 103 11.14 -39.03 -38.43
C ALA I 103 9.78 -39.08 -37.73
N ILE I 104 9.79 -39.32 -36.42
CA ILE I 104 8.54 -39.48 -35.68
C ILE I 104 7.67 -38.25 -35.84
N ARG I 105 8.27 -37.06 -35.68
CA ARG I 105 7.52 -35.82 -35.85
C ARG I 105 6.77 -35.79 -37.18
N TYR I 106 7.44 -36.24 -38.25
CA TYR I 106 6.79 -36.25 -39.56
C TYR I 106 5.49 -37.04 -39.50
N VAL I 107 5.52 -38.22 -38.89
CA VAL I 107 4.30 -39.02 -38.75
C VAL I 107 3.27 -38.24 -37.94
N CYS I 108 3.71 -37.62 -36.84
CA CYS I 108 2.79 -36.82 -36.04
C CYS I 108 2.29 -35.60 -36.80
N GLU I 109 3.00 -35.17 -37.83
CA GLU I 109 2.54 -34.07 -38.68
C GLU I 109 1.84 -34.57 -39.93
N ASP I 110 1.68 -35.89 -40.09
CA ASP I 110 0.99 -36.45 -41.24
C ASP I 110 -0.30 -37.17 -40.87
N SER I 111 -0.35 -37.80 -39.70
CA SER I 111 -1.53 -38.52 -39.24
C SER I 111 -2.44 -37.68 -38.35
N ARG I 112 -2.14 -36.38 -38.22
CA ARG I 112 -2.92 -35.46 -37.39
C ARG I 112 -2.96 -35.97 -35.94
N TRP I 113 -1.77 -36.12 -35.37
CA TRP I 113 -1.65 -36.71 -34.03
C TRP I 113 -2.29 -35.82 -32.97
N ASP I 114 -2.34 -34.50 -33.19
CA ASP I 114 -2.89 -33.61 -32.18
C ASP I 114 -4.39 -33.86 -31.96
N ASP I 115 -5.15 -33.97 -33.05
CA ASP I 115 -6.58 -34.20 -32.93
C ASP I 115 -6.87 -35.57 -32.32
N LYS I 116 -6.14 -36.59 -32.75
CA LYS I 116 -6.34 -37.92 -32.19
C LYS I 116 -6.01 -37.95 -30.71
N ARG I 117 -4.93 -37.26 -30.32
CA ARG I 117 -4.58 -37.18 -28.90
C ARG I 117 -5.66 -36.44 -28.11
N SER I 118 -6.22 -35.38 -28.69
CA SER I 118 -7.29 -34.65 -28.00
C SER I 118 -8.51 -35.53 -27.79
N GLU I 119 -8.91 -36.27 -28.82
CA GLU I 119 -10.07 -37.17 -28.68
C GLU I 119 -9.78 -38.28 -27.67
N ALA I 120 -8.56 -38.83 -27.70
CA ALA I 120 -8.19 -39.85 -26.73
C ALA I 120 -8.23 -39.31 -25.32
N ALA I 121 -7.74 -38.09 -25.12
CA ALA I 121 -7.78 -37.46 -23.80
C ALA I 121 -9.21 -37.24 -23.35
N LYS I 122 -10.08 -36.80 -24.26
CA LYS I 122 -11.49 -36.60 -23.91
C LYS I 122 -12.14 -37.92 -23.49
N GLU I 123 -11.88 -39.00 -24.23
CA GLU I 123 -12.44 -40.29 -23.87
C GLU I 123 -11.90 -40.79 -22.54
N LEU I 124 -10.59 -40.58 -22.29
CA LEU I 124 -10.00 -40.98 -21.03
C LEU I 124 -10.61 -40.21 -19.87
N ALA I 125 -10.86 -38.91 -20.06
CA ALA I 125 -11.46 -38.11 -19.00
C ALA I 125 -12.91 -38.50 -18.77
N ILE I 126 -13.64 -38.88 -19.81
CA ILE I 126 -15.07 -39.09 -19.70
C ILE I 126 -15.41 -40.55 -19.43
N GLU I 127 -14.85 -41.48 -20.22
CA GLU I 127 -15.13 -42.90 -20.06
C GLU I 127 -13.96 -43.71 -19.54
N GLY I 128 -12.77 -43.14 -19.46
CA GLY I 128 -11.67 -43.79 -18.78
C GLY I 128 -10.85 -44.77 -19.59
N THR I 129 -10.91 -44.71 -20.92
CA THR I 129 -10.09 -45.59 -21.75
C THR I 129 -9.85 -44.92 -23.09
N CYS I 130 -8.61 -44.97 -23.56
CA CYS I 130 -8.24 -44.45 -24.87
C CYS I 130 -7.36 -45.46 -25.60
N ALA I 131 -7.56 -45.60 -26.90
CA ALA I 131 -6.87 -46.59 -27.70
C ALA I 131 -6.38 -45.97 -29.00
N ILE I 132 -5.10 -46.17 -29.32
CA ILE I 132 -4.48 -45.67 -30.54
C ILE I 132 -3.82 -46.83 -31.26
N MET I 133 -4.10 -46.97 -32.55
CA MET I 133 -3.52 -48.01 -33.38
C MET I 133 -2.44 -47.40 -34.27
N VAL I 134 -1.27 -48.02 -34.27
CA VAL I 134 -0.13 -47.58 -35.08
C VAL I 134 0.04 -48.59 -36.19
N GLY I 135 -0.51 -48.29 -37.36
CA GLY I 135 -0.44 -49.20 -38.49
C GLY I 135 0.32 -48.60 -39.66
N VAL I 136 0.01 -49.05 -40.88
CA VAL I 136 0.68 -48.57 -42.08
C VAL I 136 -0.37 -48.14 -43.08
N LYS I 137 0.04 -47.26 -44.00
CA LYS I 137 -0.81 -46.77 -45.06
C LYS I 137 0.00 -46.57 -46.32
N GLN I 138 -0.68 -46.51 -47.45
CA GLN I 138 -0.03 -46.36 -48.75
C GLN I 138 -0.02 -44.88 -49.12
N ALA I 139 1.18 -44.31 -49.25
CA ALA I 139 1.33 -42.91 -49.59
C ALA I 139 1.82 -42.76 -51.02
N LYS I 140 2.10 -41.52 -51.42
CA LYS I 140 2.60 -41.26 -52.77
C LYS I 140 3.96 -41.90 -52.99
N GLY I 141 4.85 -41.79 -52.01
CA GLY I 141 6.19 -42.35 -52.13
C GLY I 141 6.27 -43.82 -51.79
N GLY I 142 5.58 -44.23 -50.74
CA GLY I 142 5.62 -45.62 -50.33
C GLY I 142 4.82 -45.83 -49.07
N ILE I 143 5.06 -46.98 -48.43
CA ILE I 143 4.36 -47.31 -47.20
C ILE I 143 4.84 -46.40 -46.08
N ASP I 144 3.90 -45.80 -45.35
CA ASP I 144 4.22 -44.88 -44.28
C ASP I 144 3.48 -45.27 -43.01
N PRO I 145 4.08 -45.07 -41.84
CA PRO I 145 3.36 -45.32 -40.59
C PRO I 145 2.18 -44.38 -40.45
N ASP I 146 1.12 -44.87 -39.83
CA ASP I 146 -0.13 -44.13 -39.70
C ASP I 146 -0.64 -44.31 -38.28
N ILE I 147 -1.18 -43.23 -37.72
CA ILE I 147 -1.74 -43.22 -36.38
C ILE I 147 -3.25 -43.07 -36.50
N ARG I 148 -3.99 -44.00 -35.92
CA ARG I 148 -5.44 -43.97 -35.94
C ARG I 148 -5.96 -44.04 -34.51
N ARG I 149 -7.13 -43.44 -34.29
CA ARG I 149 -7.79 -43.47 -33.00
C ARG I 149 -8.93 -44.49 -33.04
N ILE I 150 -9.06 -45.27 -31.97
CA ILE I 150 -10.10 -46.28 -31.85
C ILE I 150 -11.11 -45.80 -30.83
N ALA I 151 -12.37 -45.74 -31.24
CA ALA I 151 -13.42 -45.35 -30.32
C ALA I 151 -13.54 -46.35 -29.18
N TRP I 152 -13.88 -45.83 -28.00
CA TRP I 152 -13.99 -46.69 -26.82
C TRP I 152 -15.03 -47.77 -27.02
N ASP I 153 -16.09 -47.49 -27.78
CA ASP I 153 -17.11 -48.48 -28.05
C ASP I 153 -16.74 -49.42 -29.18
N ARG I 154 -15.58 -49.22 -29.81
CA ARG I 154 -15.11 -50.11 -30.87
C ARG I 154 -13.84 -50.86 -30.49
N PHE I 155 -13.48 -50.87 -29.21
CA PHE I 155 -12.25 -51.48 -28.74
C PHE I 155 -12.55 -52.38 -27.56
N TYR I 156 -12.08 -53.63 -27.61
CA TYR I 156 -12.24 -54.57 -26.51
C TYR I 156 -10.87 -55.11 -26.12
N TYR I 157 -10.74 -55.51 -24.86
CA TYR I 157 -9.45 -55.92 -24.32
C TYR I 157 -9.65 -57.18 -23.47
N ASP I 158 -8.55 -57.73 -22.99
CA ASP I 158 -8.60 -58.90 -22.12
C ASP I 158 -9.14 -58.50 -20.76
N PRO I 159 -10.20 -59.14 -20.27
CA PRO I 159 -10.75 -58.75 -18.96
C PRO I 159 -9.80 -58.99 -17.80
N HIS I 160 -8.81 -59.86 -17.96
CA HIS I 160 -7.89 -60.19 -16.87
C HIS I 160 -6.74 -59.20 -16.75
N ALA I 161 -6.68 -58.20 -17.62
CA ALA I 161 -5.63 -57.19 -17.54
C ALA I 161 -5.80 -56.36 -16.27
N THR I 162 -4.68 -56.04 -15.65
CA THR I 162 -4.68 -55.29 -14.39
C THR I 162 -4.01 -53.93 -14.50
N ALA I 163 -2.93 -53.81 -15.26
CA ALA I 163 -2.17 -52.57 -15.36
C ALA I 163 -2.92 -51.54 -16.18
N PHE I 164 -2.65 -50.26 -15.90
CA PHE I 164 -3.33 -49.19 -16.60
C PHE I 164 -2.89 -49.09 -18.06
N ASP I 165 -1.68 -49.55 -18.37
CA ASP I 165 -1.18 -49.51 -19.74
C ASP I 165 -1.39 -50.83 -20.48
N PHE I 166 -2.15 -51.75 -19.89
CA PHE I 166 -2.44 -53.05 -20.49
C PHE I 166 -1.16 -53.83 -20.79
N GLU I 167 -0.17 -53.69 -19.91
CA GLU I 167 1.09 -54.40 -20.10
C GLU I 167 0.89 -55.91 -20.01
N ASP I 168 0.05 -56.36 -19.07
CA ASP I 168 -0.19 -57.78 -18.85
C ASP I 168 -1.39 -58.30 -19.63
N ALA I 169 -2.04 -57.47 -20.44
CA ALA I 169 -3.16 -57.94 -21.24
C ALA I 169 -2.70 -58.97 -22.27
N CYS I 170 -3.45 -60.06 -22.39
CA CYS I 170 -3.08 -61.15 -23.28
C CYS I 170 -3.63 -60.96 -24.69
N TYR I 171 -4.74 -60.24 -24.85
CA TYR I 171 -5.34 -60.05 -26.16
C TYR I 171 -6.20 -58.81 -26.14
N MET I 172 -6.32 -58.18 -27.30
CA MET I 172 -7.30 -57.12 -27.49
C MET I 172 -7.55 -56.92 -28.97
N GLY I 173 -8.68 -56.29 -29.27
CA GLY I 173 -9.09 -56.15 -30.67
C GLY I 173 -9.98 -54.94 -30.88
N VAL I 174 -10.25 -54.70 -32.17
CA VAL I 174 -11.02 -53.55 -32.63
C VAL I 174 -12.19 -54.07 -33.45
N VAL I 175 -13.38 -53.54 -33.18
CA VAL I 175 -14.59 -53.85 -33.93
C VAL I 175 -14.84 -52.72 -34.91
N VAL I 176 -14.98 -53.06 -36.19
CA VAL I 176 -15.16 -52.09 -37.26
C VAL I 176 -16.48 -52.37 -37.95
N TRP I 177 -17.33 -51.36 -38.04
CA TRP I 177 -18.58 -51.43 -38.79
C TRP I 177 -18.37 -50.74 -40.12
N MET I 178 -18.52 -51.49 -41.21
CA MET I 178 -18.26 -50.97 -42.55
C MET I 178 -19.44 -51.27 -43.45
N ASP I 179 -19.44 -50.67 -44.63
CA ASP I 179 -20.44 -50.98 -45.64
C ASP I 179 -20.05 -52.25 -46.39
N LEU I 180 -21.06 -52.96 -46.88
CA LEU I 180 -20.79 -54.22 -47.59
C LEU I 180 -20.00 -53.98 -48.85
N ASP I 181 -20.33 -52.94 -49.61
CA ASP I 181 -19.58 -52.63 -50.83
C ASP I 181 -18.13 -52.25 -50.49
N LYS I 182 -17.95 -51.41 -49.46
CA LYS I 182 -16.61 -51.01 -49.07
C LYS I 182 -15.79 -52.21 -48.58
N ALA I 183 -16.41 -53.08 -47.79
CA ALA I 183 -15.71 -54.26 -47.30
C ALA I 183 -15.35 -55.21 -48.45
N LYS I 184 -16.26 -55.36 -49.41
CA LYS I 184 -15.97 -56.21 -50.57
C LYS I 184 -14.83 -55.63 -51.40
N ALA I 185 -14.80 -54.31 -51.57
CA ALA I 185 -13.70 -53.68 -52.30
C ALA I 185 -12.38 -53.85 -51.54
N LYS I 186 -12.43 -53.71 -50.22
CA LYS I 186 -11.20 -53.82 -49.42
C LYS I 186 -10.69 -55.26 -49.38
N TYR I 187 -11.59 -56.23 -49.28
CA TYR I 187 -11.23 -57.65 -49.17
C TYR I 187 -12.02 -58.43 -50.22
N PRO I 188 -11.62 -58.33 -51.50
CA PRO I 188 -12.35 -59.09 -52.53
C PRO I 188 -12.28 -60.59 -52.36
N GLN I 189 -11.19 -61.11 -51.80
CA GLN I 189 -11.01 -62.56 -51.69
C GLN I 189 -11.78 -63.16 -50.53
N ALA I 190 -12.37 -62.35 -49.65
CA ALA I 190 -13.08 -62.84 -48.48
C ALA I 190 -14.52 -62.34 -48.47
N GLU I 191 -15.14 -62.29 -49.65
CA GLU I 191 -16.53 -61.85 -49.75
C GLU I 191 -17.52 -62.95 -49.40
N ASP I 192 -17.08 -64.21 -49.27
CA ASP I 192 -17.99 -65.30 -48.96
C ASP I 192 -18.46 -65.27 -47.51
N VAL I 193 -17.73 -64.60 -46.63
CA VAL I 193 -18.09 -64.53 -45.22
C VAL I 193 -18.50 -63.11 -44.83
N LEU I 194 -18.85 -62.28 -45.81
CA LEU I 194 -19.24 -60.89 -45.57
C LEU I 194 -20.75 -60.77 -45.48
N ILE I 195 -21.32 -61.36 -44.43
CA ILE I 195 -22.76 -61.35 -44.20
C ILE I 195 -23.03 -61.02 -42.74
N GLU I 196 -24.26 -60.59 -42.47
CA GLU I 196 -24.70 -60.27 -41.12
C GLU I 196 -25.32 -61.53 -40.51
N THR I 197 -25.06 -61.75 -39.23
CA THR I 197 -25.53 -62.96 -38.56
C THR I 197 -26.33 -62.60 -37.31
N TRP I 198 -27.31 -63.45 -36.98
CA TRP I 198 -28.17 -63.20 -35.84
C TRP I 198 -27.46 -63.57 -34.53
N ARG I 199 -27.12 -64.85 -34.36
CA ARG I 199 -26.21 -65.38 -33.35
C ARG I 199 -26.79 -65.39 -31.93
N GLN I 200 -27.97 -64.83 -31.70
CA GLN I 200 -28.56 -64.74 -30.36
C GLN I 200 -27.59 -64.10 -29.36
N ALA I 201 -27.30 -62.83 -29.60
CA ALA I 201 -26.33 -62.12 -28.79
C ALA I 201 -26.76 -60.66 -28.70
N GLN I 202 -25.84 -59.78 -28.30
CA GLN I 202 -26.07 -58.34 -28.20
C GLN I 202 -27.10 -58.02 -27.12
N GLN I 203 -26.86 -58.53 -25.90
CA GLN I 203 -27.67 -58.15 -24.76
C GLN I 203 -27.47 -56.68 -24.38
N SER I 204 -26.40 -56.06 -24.86
CA SER I 204 -26.09 -54.66 -24.61
C SER I 204 -26.05 -53.90 -25.93
N GLU I 205 -25.64 -52.64 -25.87
CA GLU I 205 -25.63 -51.76 -27.04
C GLU I 205 -24.28 -51.14 -27.34
N THR I 206 -23.25 -51.43 -26.54
CA THR I 206 -21.96 -50.77 -26.72
C THR I 206 -21.34 -51.08 -28.08
N TYR I 207 -21.38 -52.34 -28.49
CA TYR I 207 -20.76 -52.76 -29.75
C TYR I 207 -21.75 -52.82 -30.90
N ASP I 208 -22.96 -52.31 -30.71
CA ASP I 208 -23.95 -52.27 -31.78
C ASP I 208 -23.54 -51.20 -32.80
N ASP I 209 -24.21 -51.23 -33.95
CA ASP I 209 -23.89 -50.33 -35.05
C ASP I 209 -24.25 -48.89 -34.69
N LYS I 210 -23.98 -47.92 -35.56
CA LYS I 210 -24.28 -46.53 -35.10
C LYS I 210 -24.86 -45.67 -36.22
N PRO I 211 -26.15 -45.23 -36.14
CA PRO I 211 -26.88 -45.15 -34.87
C PRO I 211 -27.81 -46.34 -34.61
N LYS I 212 -28.84 -46.15 -33.78
CA LYS I 212 -29.75 -47.28 -33.42
C LYS I 212 -31.12 -46.78 -32.97
N HIS I 213 -31.47 -45.51 -33.23
CA HIS I 213 -32.78 -45.00 -32.88
C HIS I 213 -33.13 -44.40 -34.23
N ARG I 214 -33.79 -45.19 -35.06
CA ARG I 214 -34.22 -44.76 -36.39
C ARG I 214 -35.73 -44.59 -36.38
N LEU I 215 -36.18 -43.36 -36.65
CA LEU I 215 -37.61 -43.09 -36.69
C LEU I 215 -38.25 -43.67 -37.96
N TRP I 216 -37.55 -43.56 -39.09
CA TRP I 216 -38.05 -44.04 -40.37
C TRP I 216 -37.47 -45.41 -40.65
N ALA I 217 -38.34 -46.36 -41.02
CA ALA I 217 -37.93 -47.73 -41.33
C ALA I 217 -37.80 -47.96 -42.83
N ASP I 218 -37.37 -46.96 -43.58
CA ASP I 218 -37.24 -47.08 -45.03
C ASP I 218 -35.79 -46.85 -45.43
N TYR I 219 -34.87 -47.48 -44.71
CA TYR I 219 -33.45 -47.40 -45.02
C TYR I 219 -32.95 -48.78 -45.43
N ARG I 220 -32.23 -48.83 -46.55
CA ARG I 220 -31.80 -50.08 -47.17
C ARG I 220 -30.29 -50.10 -47.37
N ARG I 221 -29.55 -49.72 -46.33
CA ARG I 221 -28.10 -49.72 -46.36
C ARG I 221 -27.57 -50.91 -45.58
N ARG I 222 -26.72 -51.71 -46.22
CA ARG I 222 -26.24 -52.95 -45.64
C ARG I 222 -24.86 -52.72 -45.00
N ARG I 223 -24.72 -53.16 -43.75
CA ARG I 223 -23.49 -52.98 -43.00
C ARG I 223 -23.01 -54.32 -42.46
N VAL I 224 -21.70 -54.43 -42.28
CA VAL I 224 -21.05 -55.64 -41.80
C VAL I 224 -20.08 -55.27 -40.68
N ARG I 225 -20.01 -56.13 -39.66
CA ARG I 225 -19.13 -55.93 -38.52
C ARG I 225 -17.98 -56.91 -38.60
N ILE I 226 -16.75 -56.40 -38.48
CA ILE I 226 -15.54 -57.20 -38.59
C ILE I 226 -14.67 -56.93 -37.37
N CYS I 227 -14.17 -57.99 -36.74
CA CYS I 227 -13.32 -57.88 -35.57
C CYS I 227 -11.89 -58.24 -35.93
N GLU I 228 -10.96 -57.35 -35.61
CA GLU I 228 -9.53 -57.58 -35.81
C GLU I 228 -8.88 -57.68 -34.43
N GLU I 229 -8.34 -58.85 -34.11
CA GLU I 229 -7.86 -59.15 -32.77
C GLU I 229 -6.40 -59.55 -32.80
N TYR I 230 -5.62 -58.97 -31.89
CA TYR I 230 -4.23 -59.37 -31.64
C TYR I 230 -4.20 -60.09 -30.31
N TYR I 231 -3.71 -61.33 -30.32
CA TYR I 231 -3.67 -62.14 -29.11
C TYR I 231 -2.27 -62.73 -28.91
N LEU I 232 -1.86 -62.85 -27.66
CA LEU I 232 -0.53 -63.32 -27.31
C LEU I 232 -0.57 -64.84 -27.13
N ASP I 233 -0.39 -65.55 -28.24
CA ASP I 233 -0.23 -67.00 -28.17
C ASP I 233 1.16 -67.30 -27.64
N GLY I 234 1.36 -68.55 -27.20
CA GLY I 234 2.62 -68.92 -26.58
C GLY I 234 3.83 -68.69 -27.46
N GLU I 235 3.64 -68.69 -28.78
CA GLU I 235 4.74 -68.48 -29.71
C GLU I 235 4.92 -67.03 -30.13
N GLY I 236 4.09 -66.12 -29.64
CA GLY I 236 4.21 -64.71 -29.94
C GLY I 236 2.87 -64.08 -30.18
N TRP I 237 2.87 -62.89 -30.75
CA TRP I 237 1.65 -62.15 -31.02
C TRP I 237 1.10 -62.56 -32.38
N LYS I 238 -0.17 -62.94 -32.41
CA LYS I 238 -0.85 -63.36 -33.63
C LYS I 238 -2.04 -62.45 -33.89
N PHE I 239 -2.22 -62.10 -35.16
CA PHE I 239 -3.25 -61.18 -35.60
C PHE I 239 -4.26 -61.91 -36.47
N CYS I 240 -5.55 -61.71 -36.19
CA CYS I 240 -6.60 -62.37 -36.96
C CYS I 240 -7.75 -61.41 -37.19
N MET I 241 -8.17 -61.27 -38.44
CA MET I 241 -9.37 -60.53 -38.81
C MET I 241 -10.46 -61.52 -39.17
N PHE I 242 -11.65 -61.35 -38.57
CA PHE I 242 -12.71 -62.33 -38.76
C PHE I 242 -14.06 -61.64 -38.63
N THR I 243 -15.11 -62.39 -38.94
CA THR I 243 -16.48 -61.96 -38.69
C THR I 243 -17.21 -63.05 -37.91
N LYS I 244 -18.52 -62.88 -37.73
CA LYS I 244 -19.31 -63.92 -37.05
C LYS I 244 -19.45 -65.18 -37.89
N ALA I 245 -19.18 -65.09 -39.20
CA ALA I 245 -19.35 -66.22 -40.11
C ALA I 245 -18.06 -66.96 -40.40
N GLY I 246 -16.95 -66.25 -40.56
CA GLY I 246 -15.71 -66.90 -40.91
C GLY I 246 -14.53 -65.97 -40.79
N PHE I 247 -13.38 -66.44 -41.28
CA PHE I 247 -12.12 -65.72 -41.20
C PHE I 247 -11.88 -64.93 -42.48
N ILE I 248 -11.61 -63.63 -42.32
CA ILE I 248 -11.14 -62.84 -43.45
C ILE I 248 -9.63 -62.99 -43.59
N VAL I 249 -8.90 -62.78 -42.50
CA VAL I 249 -7.47 -63.02 -42.42
C VAL I 249 -7.25 -64.18 -41.45
N PRO I 250 -6.71 -65.31 -41.90
CA PRO I 250 -6.49 -66.44 -40.99
C PRO I 250 -5.41 -66.12 -39.97
N PRO I 251 -5.45 -66.76 -38.80
CA PRO I 251 -4.46 -66.46 -37.75
C PRO I 251 -3.01 -66.58 -38.24
N MET I 252 -2.30 -65.46 -38.24
CA MET I 252 -0.92 -65.40 -38.68
C MET I 252 -0.14 -64.51 -37.72
N PRO I 253 1.18 -64.65 -37.67
CA PRO I 253 1.97 -63.77 -36.79
C PRO I 253 1.77 -62.31 -37.15
N SER I 254 1.79 -61.46 -36.12
CA SER I 254 1.50 -60.05 -36.31
C SER I 254 2.52 -59.42 -37.25
N PRO I 255 2.08 -58.73 -38.31
CA PRO I 255 3.04 -58.14 -39.26
C PRO I 255 3.77 -56.93 -38.71
N TYR I 256 3.36 -56.38 -37.58
CA TYR I 256 3.96 -55.17 -37.02
C TYR I 256 5.13 -55.57 -36.13
N ILE I 257 6.34 -55.25 -36.57
CA ILE I 257 7.54 -55.57 -35.80
C ILE I 257 7.62 -54.66 -34.59
N GLY I 258 7.94 -55.23 -33.43
CA GLY I 258 7.97 -54.51 -32.19
C GLY I 258 9.30 -53.84 -31.91
N GLU I 259 9.48 -53.44 -30.66
CA GLU I 259 10.68 -52.71 -30.27
C GLU I 259 11.94 -53.58 -30.40
N ASP I 260 11.84 -54.85 -30.02
CA ASP I 260 12.98 -55.75 -29.98
C ASP I 260 13.01 -56.70 -31.18
N GLY I 261 12.39 -56.30 -32.29
CA GLY I 261 12.40 -57.10 -33.49
C GLY I 261 11.39 -58.23 -33.53
N GLU I 262 10.60 -58.41 -32.49
CA GLU I 262 9.58 -59.44 -32.44
C GLU I 262 8.21 -58.84 -32.77
N PRO I 263 7.31 -59.63 -33.36
CA PRO I 263 5.96 -59.13 -33.62
C PRO I 263 5.28 -58.68 -32.32
N GLU I 264 4.56 -57.57 -32.41
CA GLU I 264 3.93 -56.98 -31.24
C GLU I 264 2.56 -56.44 -31.61
N CYS I 265 1.71 -56.31 -30.60
CA CYS I 265 0.41 -55.69 -30.77
C CYS I 265 0.57 -54.20 -31.10
N PRO I 266 -0.07 -53.69 -32.16
CA PRO I 266 0.08 -52.28 -32.51
C PRO I 266 -0.88 -51.35 -31.79
N ILE I 267 -1.74 -51.88 -30.92
CA ILE I 267 -2.72 -51.07 -30.21
C ILE I 267 -2.16 -50.67 -28.86
N LYS I 268 -2.09 -49.37 -28.61
CA LYS I 268 -1.66 -48.82 -27.34
C LYS I 268 -2.89 -48.26 -26.63
N ALA I 269 -3.21 -48.81 -25.46
CA ALA I 269 -4.39 -48.42 -24.72
C ALA I 269 -4.00 -47.94 -23.32
N VAL I 270 -4.68 -46.90 -22.86
CA VAL I 270 -4.41 -46.30 -21.56
C VAL I 270 -5.74 -46.07 -20.85
N SER I 271 -5.79 -46.45 -19.58
CA SER I 271 -6.96 -46.25 -18.74
C SER I 271 -6.60 -45.36 -17.55
N LEU I 272 -7.60 -44.66 -17.03
CA LEU I 272 -7.37 -43.68 -15.97
C LEU I 272 -7.42 -44.33 -14.58
N TYR I 273 -8.55 -44.94 -14.23
CA TYR I 273 -8.72 -45.54 -12.91
C TYR I 273 -9.03 -47.02 -13.06
N ILE I 274 -8.60 -47.79 -12.06
CA ILE I 274 -8.79 -49.24 -12.02
C ILE I 274 -9.52 -49.60 -10.75
N ASP I 275 -10.60 -50.36 -10.88
CA ASP I 275 -11.39 -50.85 -9.76
C ASP I 275 -10.90 -52.26 -9.40
N ARG I 276 -11.23 -52.68 -8.17
CA ARG I 276 -10.78 -53.98 -7.69
C ARG I 276 -11.26 -55.12 -8.56
N ASP I 277 -12.34 -54.92 -9.31
CA ASP I 277 -12.88 -55.93 -10.21
C ASP I 277 -12.48 -55.68 -11.67
N ASN I 278 -11.31 -55.08 -11.89
CA ASN I 278 -10.81 -54.80 -13.24
C ASN I 278 -11.79 -53.93 -14.03
N ASN I 279 -12.40 -52.96 -13.35
CA ASN I 279 -13.31 -52.02 -13.98
C ASN I 279 -12.60 -50.69 -14.16
N ARG I 280 -12.69 -50.13 -15.36
CA ARG I 280 -12.01 -48.89 -15.72
C ARG I 280 -13.03 -47.79 -15.91
N TYR I 281 -12.76 -46.63 -15.30
CA TYR I 281 -13.69 -45.51 -15.35
C TYR I 281 -12.91 -44.20 -15.36
N GLY I 282 -13.59 -43.14 -15.77
CA GLY I 282 -13.01 -41.82 -15.89
C GLY I 282 -13.31 -40.92 -14.71
N GLU I 283 -13.29 -39.61 -14.95
CA GLU I 283 -13.49 -38.62 -13.91
C GLU I 283 -14.95 -38.25 -13.69
N VAL I 284 -15.86 -38.73 -14.54
CA VAL I 284 -17.27 -38.40 -14.40
C VAL I 284 -17.95 -39.21 -13.31
N ARG I 285 -17.34 -40.33 -12.89
CA ARG I 285 -17.96 -41.20 -11.90
C ARG I 285 -18.21 -40.48 -10.59
N THR I 286 -17.23 -39.68 -10.14
CA THR I 286 -17.40 -38.94 -8.89
C THR I 286 -18.42 -37.81 -9.04
N MET I 287 -18.59 -37.27 -10.24
CA MET I 287 -19.51 -36.17 -10.46
C MET I 287 -20.93 -36.62 -10.79
N ILE I 288 -21.15 -37.93 -11.01
CA ILE I 288 -22.49 -38.41 -11.35
C ILE I 288 -23.46 -38.14 -10.20
N GLY I 289 -23.05 -38.44 -8.97
CA GLY I 289 -23.90 -38.30 -7.81
C GLY I 289 -24.39 -36.89 -7.55
N PRO I 290 -23.46 -35.93 -7.40
CA PRO I 290 -23.88 -34.55 -7.17
C PRO I 290 -24.77 -33.98 -8.27
N GLN I 291 -24.53 -34.33 -9.53
CA GLN I 291 -25.38 -33.84 -10.61
C GLN I 291 -26.80 -34.38 -10.50
N ASP I 292 -26.93 -35.69 -10.20
CA ASP I 292 -28.25 -36.26 -9.97
C ASP I 292 -28.94 -35.59 -8.80
N GLU I 293 -28.21 -35.34 -7.72
CA GLU I 293 -28.81 -34.67 -6.57
C GLU I 293 -29.27 -33.27 -6.93
N ILE I 294 -28.46 -32.54 -7.70
CA ILE I 294 -28.84 -31.19 -8.12
C ILE I 294 -30.13 -31.22 -8.92
N ASN I 295 -30.20 -32.11 -9.92
CA ASN I 295 -31.39 -32.17 -10.77
C ASN I 295 -32.62 -32.56 -9.96
N LYS I 296 -32.49 -33.58 -9.11
CA LYS I 296 -33.64 -34.07 -8.36
C LYS I 296 -34.13 -33.01 -7.36
N ARG I 297 -33.20 -32.35 -6.67
CA ARG I 297 -33.61 -31.32 -5.71
C ARG I 297 -34.25 -30.14 -6.41
N ARG I 298 -33.72 -29.73 -7.57
CA ARG I 298 -34.34 -28.65 -8.32
C ARG I 298 -35.75 -29.02 -8.75
N SER I 299 -35.93 -30.25 -9.26
CA SER I 299 -37.27 -30.67 -9.69
C SER I 299 -38.24 -30.73 -8.52
N LYS I 300 -37.79 -31.28 -7.38
CA LYS I 300 -38.66 -31.37 -6.21
C LYS I 300 -39.04 -29.98 -5.69
N ALA I 301 -38.07 -29.06 -5.64
CA ALA I 301 -38.36 -27.71 -5.20
C ALA I 301 -39.35 -27.03 -6.14
N LEU I 302 -39.18 -27.21 -7.46
CA LEU I 302 -40.11 -26.62 -8.41
C LEU I 302 -41.51 -27.20 -8.24
N HIS I 303 -41.61 -28.52 -8.01
CA HIS I 303 -42.91 -29.12 -7.78
C HIS I 303 -43.54 -28.62 -6.48
N LEU I 304 -42.72 -28.28 -5.49
CA LEU I 304 -43.24 -27.79 -4.22
C LEU I 304 -43.64 -26.33 -4.25
N ILE I 305 -43.28 -25.59 -5.29
CA ILE I 305 -43.61 -24.17 -5.38
C ILE I 305 -44.99 -23.96 -5.98
N ASN I 306 -45.28 -24.64 -7.09
CA ASN I 306 -46.53 -24.43 -7.83
C ASN I 306 -47.66 -25.31 -7.33
N SER I 307 -47.45 -26.08 -6.26
CA SER I 307 -48.48 -26.96 -5.71
C SER I 307 -48.82 -26.54 -4.29
N ARG I 308 -50.06 -26.76 -3.91
CA ARG I 308 -50.56 -26.45 -2.57
C ARG I 308 -51.18 -27.69 -1.94
N GLN I 309 -51.13 -27.74 -0.61
CA GLN I 309 -51.75 -28.80 0.16
C GLN I 309 -52.96 -28.22 0.89
N VAL I 310 -54.12 -28.84 0.70
CA VAL I 310 -55.37 -28.33 1.26
C VAL I 310 -56.05 -29.43 2.06
N ARG I 311 -56.62 -29.06 3.19
CA ARG I 311 -57.52 -29.91 3.95
C ARG I 311 -58.93 -29.41 3.73
N VAL I 312 -59.82 -30.31 3.29
CA VAL I 312 -61.17 -29.97 2.87
C VAL I 312 -62.15 -30.60 3.84
N SER I 313 -63.15 -29.83 4.27
CA SER I 313 -64.16 -30.35 5.17
C SER I 313 -65.02 -31.39 4.47
N PRO I 314 -65.53 -32.38 5.21
CA PRO I 314 -66.36 -33.42 4.58
C PRO I 314 -67.68 -32.89 4.01
N ASN I 315 -68.14 -31.72 4.45
CA ASN I 315 -69.43 -31.19 4.01
C ASN I 315 -69.36 -30.49 2.66
N VAL I 316 -68.19 -30.41 2.04
CA VAL I 316 -68.06 -29.81 0.72
C VAL I 316 -68.55 -30.79 -0.32
N GLN I 317 -69.36 -30.30 -1.27
CA GLN I 317 -69.90 -31.12 -2.35
C GLN I 317 -69.02 -31.09 -3.61
N MET I 318 -67.72 -30.87 -3.46
CA MET I 318 -66.81 -30.83 -4.59
C MET I 318 -65.65 -31.79 -4.35
N ASP I 319 -65.04 -32.24 -5.44
CA ASP I 319 -63.94 -33.18 -5.36
C ASP I 319 -62.73 -32.49 -4.72
N ALA I 320 -62.04 -33.24 -3.85
CA ALA I 320 -60.89 -32.68 -3.15
C ALA I 320 -59.77 -32.32 -4.12
N GLN I 321 -59.49 -33.20 -5.09
CA GLN I 321 -58.43 -32.93 -6.05
C GLN I 321 -58.77 -31.74 -6.94
N SER I 322 -60.03 -31.64 -7.36
CA SER I 322 -60.45 -30.49 -8.16
C SER I 322 -60.32 -29.19 -7.36
N VAL I 323 -60.70 -29.24 -6.08
CA VAL I 323 -60.57 -28.05 -5.23
C VAL I 323 -59.11 -27.66 -5.07
N ARG I 324 -58.24 -28.65 -4.87
CA ARG I 324 -56.81 -28.36 -4.74
C ARG I 324 -56.24 -27.76 -6.01
N LYS I 325 -56.60 -28.32 -7.16
CA LYS I 325 -56.13 -27.77 -8.43
C LYS I 325 -56.64 -26.36 -8.65
N GLU I 326 -57.90 -26.11 -8.29
CA GLU I 326 -58.46 -24.77 -8.44
C GLU I 326 -57.75 -23.77 -7.52
N LEU I 327 -57.45 -24.18 -6.28
CA LEU I 327 -56.79 -23.29 -5.34
C LEU I 327 -55.31 -23.10 -5.66
N SER I 328 -54.68 -24.06 -6.34
CA SER I 328 -53.28 -23.89 -6.73
C SER I 328 -53.11 -22.82 -7.80
N LYS I 329 -54.16 -22.59 -8.59
CA LYS I 329 -54.09 -21.56 -9.62
C LYS I 329 -54.01 -20.18 -8.96
N PRO I 330 -53.14 -19.30 -9.47
CA PRO I 330 -53.10 -17.92 -8.93
C PRO I 330 -54.43 -17.19 -9.04
N ASP I 331 -55.21 -17.47 -10.09
CA ASP I 331 -56.52 -16.87 -10.27
C ASP I 331 -57.64 -17.78 -9.80
N GLY I 332 -57.39 -18.58 -8.76
CA GLY I 332 -58.38 -19.52 -8.28
C GLY I 332 -59.30 -18.93 -7.23
N VAL I 333 -60.48 -19.56 -7.07
CA VAL I 333 -61.48 -19.13 -6.11
C VAL I 333 -62.10 -20.35 -5.45
N PHE I 334 -62.64 -20.13 -4.26
CA PHE I 334 -63.38 -21.15 -3.53
C PHE I 334 -64.68 -20.55 -3.01
N VAL I 335 -65.71 -21.39 -2.92
CA VAL I 335 -67.00 -21.01 -2.37
C VAL I 335 -67.20 -21.76 -1.07
N GLY I 336 -67.22 -21.03 0.04
CA GLY I 336 -67.38 -21.64 1.35
C GLY I 336 -67.05 -20.65 2.44
N ASP I 337 -67.19 -21.12 3.68
CA ASP I 337 -66.87 -20.29 4.83
C ASP I 337 -65.39 -20.45 5.17
N SER I 338 -64.98 -19.89 6.32
CA SER I 338 -63.57 -19.91 6.68
C SER I 338 -63.06 -21.32 6.92
N GLY I 339 -63.85 -22.16 7.58
CA GLY I 339 -63.42 -23.47 7.98
C GLY I 339 -63.54 -24.59 6.97
N GLU I 340 -64.05 -24.32 5.76
CA GLU I 340 -64.20 -25.41 4.79
C GLU I 340 -62.85 -25.87 4.25
N VAL I 341 -61.90 -24.96 4.10
CA VAL I 341 -60.59 -25.29 3.54
C VAL I 341 -59.50 -24.72 4.44
N GLU I 342 -58.43 -25.49 4.63
CA GLU I 342 -57.26 -25.04 5.35
C GLU I 342 -56.03 -25.30 4.50
N ILE I 343 -55.18 -24.28 4.34
CA ILE I 343 -53.98 -24.39 3.52
C ILE I 343 -52.83 -24.86 4.39
N LEU I 344 -52.46 -26.11 4.25
CA LEU I 344 -51.34 -26.65 5.03
C LEU I 344 -50.03 -26.05 4.52
N PRO I 345 -49.17 -25.57 5.39
CA PRO I 345 -47.92 -24.95 4.93
C PRO I 345 -46.95 -25.98 4.39
N THR I 346 -46.22 -25.61 3.33
CA THR I 346 -45.21 -26.47 2.75
C THR I 346 -43.94 -25.70 2.38
N GLN I 347 -43.74 -24.50 2.94
CA GLN I 347 -42.57 -23.70 2.58
C GLN I 347 -41.29 -24.24 3.20
N ASP I 348 -41.38 -24.94 4.33
CA ASP I 348 -40.18 -25.49 4.95
C ASP I 348 -39.53 -26.53 4.06
N MET I 349 -40.34 -27.38 3.42
CA MET I 349 -39.79 -28.35 2.48
C MET I 349 -39.09 -27.67 1.32
N ALA I 350 -39.69 -26.61 0.78
CA ALA I 350 -39.07 -25.89 -0.34
C ALA I 350 -37.76 -25.25 0.07
N SER I 351 -37.72 -24.61 1.25
CA SER I 351 -36.50 -23.98 1.71
C SER I 351 -35.40 -25.01 1.95
N ALA I 352 -35.76 -26.15 2.55
CA ALA I 352 -34.77 -27.20 2.81
C ALA I 352 -34.25 -27.79 1.50
N ASN I 353 -35.14 -27.99 0.52
CA ASN I 353 -34.70 -28.51 -0.77
C ASN I 353 -33.79 -27.52 -1.49
N LEU I 354 -34.10 -26.23 -1.40
CA LEU I 354 -33.23 -25.22 -2.01
C LEU I 354 -31.86 -25.20 -1.32
N ALA I 355 -31.84 -25.34 0.00
CA ALA I 355 -30.56 -25.39 0.71
C ALA I 355 -29.75 -26.61 0.29
N MET I 356 -30.41 -27.76 0.16
CA MET I 356 -29.70 -28.96 -0.28
C MET I 356 -29.19 -28.80 -1.71
N LEU I 357 -29.98 -28.15 -2.58
CA LEU I 357 -29.53 -27.91 -3.94
C LEU I 357 -28.31 -27.01 -3.97
N GLN I 358 -28.31 -25.95 -3.15
CA GLN I 358 -27.16 -25.05 -3.09
C GLN I 358 -25.92 -25.77 -2.58
N GLU I 359 -26.08 -26.61 -1.56
CA GLU I 359 -24.94 -27.33 -1.02
C GLU I 359 -24.41 -28.36 -2.01
N ALA I 360 -25.30 -29.01 -2.76
CA ALA I 360 -24.86 -29.92 -3.82
C ALA I 360 -24.12 -29.17 -4.92
N LYS I 361 -24.59 -27.96 -5.26
CA LYS I 361 -23.87 -27.14 -6.24
C LYS I 361 -22.48 -26.81 -5.74
N ASN I 362 -22.36 -26.45 -4.45
CA ASN I 362 -21.05 -26.17 -3.89
C ASN I 362 -20.15 -27.41 -3.94
N GLU I 363 -20.71 -28.57 -3.62
CA GLU I 363 -19.93 -29.81 -3.67
C GLU I 363 -19.44 -30.10 -5.08
N ILE I 364 -20.31 -29.95 -6.08
CA ILE I 364 -19.90 -30.23 -7.45
C ILE I 364 -18.89 -29.19 -7.95
N ASP I 365 -18.97 -27.96 -7.44
CA ASP I 365 -17.98 -26.95 -7.81
C ASP I 365 -16.63 -27.28 -7.20
N LEU I 366 -16.61 -27.72 -5.95
CA LEU I 366 -15.36 -28.06 -5.29
C LEU I 366 -14.78 -29.38 -5.80
N LEU I 367 -15.61 -30.24 -6.38
CA LEU I 367 -15.15 -31.57 -6.79
C LEU I 367 -14.10 -31.48 -7.89
N GLY I 368 -14.34 -30.67 -8.91
CA GLY I 368 -13.44 -30.57 -10.03
C GLY I 368 -12.41 -29.47 -9.85
N PRO I 369 -11.67 -29.17 -10.91
CA PRO I 369 -10.69 -28.07 -10.86
C PRO I 369 -11.38 -26.75 -10.57
N ASN I 370 -10.68 -25.91 -9.79
CA ASN I 370 -11.22 -24.64 -9.32
C ASN I 370 -10.87 -23.47 -10.23
N ALA I 371 -9.58 -23.20 -10.43
CA ALA I 371 -9.18 -22.06 -11.25
C ALA I 371 -9.61 -22.21 -12.71
N ALA I 372 -9.47 -23.41 -13.26
CA ALA I 372 -9.84 -23.64 -14.65
C ALA I 372 -11.35 -23.72 -14.82
N GLN I 380 -11.56 -10.22 -3.80
CA GLN I 380 -11.10 -10.84 -2.57
C GLN I 380 -9.95 -11.81 -2.85
N MET I 381 -9.78 -12.17 -4.13
CA MET I 381 -8.76 -13.11 -4.55
C MET I 381 -7.63 -12.36 -5.22
N SER I 382 -6.40 -12.58 -4.75
CA SER I 382 -5.23 -11.91 -5.30
C SER I 382 -4.53 -12.82 -6.31
N GLY I 383 -3.50 -12.27 -6.95
CA GLY I 383 -2.78 -13.03 -7.96
C GLY I 383 -2.05 -14.23 -7.38
N ARG I 384 -1.42 -14.05 -6.21
CA ARG I 384 -0.71 -15.16 -5.59
C ARG I 384 -1.67 -16.28 -5.19
N ALA I 385 -2.84 -15.91 -4.66
CA ALA I 385 -3.84 -16.91 -4.31
C ALA I 385 -4.34 -17.65 -5.55
N ILE I 386 -4.54 -16.92 -6.65
CA ILE I 386 -4.95 -17.55 -7.90
C ILE I 386 -3.87 -18.51 -8.39
N LEU I 387 -2.61 -18.12 -8.28
CA LEU I 387 -1.52 -19.01 -8.67
C LEU I 387 -1.49 -20.26 -7.80
N ALA I 388 -1.73 -20.10 -6.50
CA ALA I 388 -1.78 -21.27 -5.61
C ALA I 388 -2.93 -22.20 -5.99
N GLN I 389 -4.10 -21.64 -6.31
CA GLN I 389 -5.22 -22.46 -6.75
C GLN I 389 -4.91 -23.18 -8.06
N GLN I 390 -4.21 -22.50 -8.97
CA GLN I 390 -3.81 -23.13 -10.22
C GLN I 390 -2.84 -24.28 -9.96
N GLN I 391 -1.90 -24.09 -9.03
CA GLN I 391 -0.98 -25.16 -8.66
C GLN I 391 -1.73 -26.34 -8.05
N GLY I 392 -2.74 -26.06 -7.22
CA GLY I 392 -3.55 -27.13 -6.67
C GLY I 392 -4.31 -27.90 -7.74
N GLY I 393 -4.89 -27.18 -8.70
CA GLY I 393 -5.53 -27.85 -9.82
C GLY I 393 -4.56 -28.70 -10.62
N MET I 394 -3.35 -28.19 -10.83
CA MET I 394 -2.35 -28.93 -11.58
C MET I 394 -1.94 -30.20 -10.85
N THR I 395 -1.74 -30.12 -9.53
CA THR I 395 -1.36 -31.32 -8.80
C THR I 395 -2.53 -32.27 -8.63
N GLU I 396 -3.76 -31.77 -8.80
CA GLU I 396 -4.91 -32.67 -8.83
C GLU I 396 -5.00 -33.41 -10.16
N ALA I 397 -4.70 -32.72 -11.27
CA ALA I 397 -4.80 -33.31 -12.60
C ALA I 397 -3.51 -33.99 -13.05
N ALA I 398 -2.47 -33.99 -12.21
CA ALA I 398 -1.19 -34.60 -12.58
C ALA I 398 -1.35 -36.03 -13.03
N THR I 399 -2.26 -36.79 -12.43
CA THR I 399 -2.49 -38.16 -12.87
C THR I 399 -3.00 -38.21 -14.31
N TYR I 400 -3.94 -37.34 -14.64
CA TYR I 400 -4.47 -37.26 -16.00
C TYR I 400 -3.39 -36.90 -17.00
N LEU I 401 -2.58 -35.88 -16.67
CA LEU I 401 -1.49 -35.50 -17.57
C LEU I 401 -0.45 -36.60 -17.69
N ASP I 402 -0.16 -37.33 -16.61
CA ASP I 402 0.80 -38.43 -16.69
C ASP I 402 0.27 -39.55 -17.58
N ARG I 403 -1.03 -39.84 -17.48
CA ARG I 403 -1.61 -40.85 -18.36
C ARG I 403 -1.52 -40.43 -19.82
N ILE I 404 -1.81 -39.15 -20.11
CA ILE I 404 -1.70 -38.66 -21.48
C ILE I 404 -0.26 -38.76 -21.97
N ARG I 405 0.70 -38.38 -21.12
CA ARG I 405 2.11 -38.45 -21.50
C ARG I 405 2.55 -39.88 -21.76
N ALA I 406 2.10 -40.82 -20.93
CA ALA I 406 2.45 -42.22 -21.14
C ALA I 406 1.90 -42.75 -22.46
N LEU I 407 0.63 -42.40 -22.77
CA LEU I 407 0.07 -42.79 -24.04
C LEU I 407 0.85 -42.20 -25.21
N SER I 408 1.24 -40.93 -25.10
CA SER I 408 2.02 -40.30 -26.16
C SER I 408 3.37 -40.98 -26.34
N ILE I 409 4.03 -41.33 -25.23
CA ILE I 409 5.34 -41.97 -25.31
C ILE I 409 5.21 -43.34 -25.97
N ALA I 410 4.20 -44.11 -25.60
CA ALA I 410 4.00 -45.42 -26.23
C ALA I 410 3.72 -45.27 -27.71
N VAL I 411 2.90 -44.28 -28.09
CA VAL I 411 2.61 -44.05 -29.50
C VAL I 411 3.88 -43.69 -30.27
N TYR I 412 4.72 -42.84 -29.68
CA TYR I 412 5.95 -42.44 -30.35
C TYR I 412 6.90 -43.63 -30.51
N ARG I 413 7.01 -44.48 -29.50
CA ARG I 413 7.85 -45.66 -29.61
C ARG I 413 7.35 -46.59 -30.70
N SER I 414 6.04 -46.81 -30.76
CA SER I 414 5.48 -47.65 -31.82
C SER I 414 5.72 -47.03 -33.19
N VAL I 415 5.63 -45.70 -33.28
CA VAL I 415 5.86 -45.02 -34.55
C VAL I 415 7.30 -45.21 -34.99
N TRP I 416 8.25 -45.10 -34.06
CA TRP I 416 9.65 -45.32 -34.42
C TRP I 416 9.88 -46.76 -34.86
N ALA I 417 9.26 -47.72 -34.19
CA ALA I 417 9.38 -49.11 -34.59
C ALA I 417 8.83 -49.32 -36.01
N ARG I 418 7.68 -48.73 -36.30
CA ARG I 418 7.09 -48.85 -37.63
C ARG I 418 7.97 -48.20 -38.68
N ILE I 419 8.57 -47.05 -38.35
CA ILE I 419 9.46 -46.38 -39.28
C ILE I 419 10.67 -47.26 -39.59
N ARG I 420 11.25 -47.87 -38.56
CA ARG I 420 12.36 -48.80 -38.79
C ARG I 420 11.92 -50.00 -39.62
N GLN I 421 10.68 -50.45 -39.44
CA GLN I 421 10.23 -51.66 -40.13
C GLN I 421 9.95 -51.40 -41.61
N VAL I 422 9.30 -50.28 -41.94
CA VAL I 422 8.72 -50.11 -43.27
C VAL I 422 9.43 -49.04 -44.11
N TRP I 423 10.13 -48.09 -43.51
CA TRP I 423 10.71 -47.01 -44.29
C TRP I 423 11.93 -47.49 -45.05
N THR I 424 12.06 -47.07 -46.31
CA THR I 424 13.20 -47.38 -47.15
C THR I 424 14.15 -46.19 -47.20
N GLY I 425 15.27 -46.36 -47.90
CA GLY I 425 16.23 -45.29 -48.00
C GLY I 425 15.72 -44.10 -48.80
N GLU I 426 14.96 -44.37 -49.87
CA GLU I 426 14.40 -43.29 -50.67
C GLU I 426 13.43 -42.45 -49.85
N ARG I 427 12.61 -43.09 -49.02
CA ARG I 427 11.70 -42.35 -48.16
C ARG I 427 12.48 -41.52 -47.15
N TRP I 428 13.58 -42.06 -46.60
CA TRP I 428 14.40 -41.31 -45.68
C TRP I 428 14.97 -40.06 -46.35
N VAL I 429 15.46 -40.21 -47.58
CA VAL I 429 16.00 -39.06 -48.30
C VAL I 429 14.90 -38.05 -48.59
N ARG I 430 13.72 -38.52 -49.00
CA ARG I 430 12.64 -37.61 -49.34
C ARG I 430 12.17 -36.82 -48.12
N VAL I 431 12.07 -37.47 -46.96
CA VAL I 431 11.52 -36.81 -45.78
C VAL I 431 12.59 -35.98 -45.08
N THR I 432 13.66 -36.63 -44.62
CA THR I 432 14.66 -35.93 -43.80
C THR I 432 15.64 -35.11 -44.62
N ASP I 433 15.72 -35.33 -45.93
CA ASP I 433 16.62 -34.59 -46.81
C ASP I 433 18.08 -34.69 -46.36
N ASN I 434 18.47 -35.84 -45.83
CA ASN I 434 19.84 -36.07 -45.38
C ASN I 434 20.31 -37.43 -45.87
N GLU I 435 21.50 -37.48 -46.47
CA GLU I 435 22.03 -38.73 -47.00
C GLU I 435 22.68 -39.60 -45.94
N ARG I 436 22.96 -39.04 -44.75
CA ARG I 436 23.52 -39.86 -43.68
C ARG I 436 22.48 -40.81 -43.11
N ASN I 437 21.21 -40.41 -43.09
CA ASN I 437 20.15 -41.23 -42.52
C ASN I 437 19.98 -42.57 -43.21
N LEU I 438 20.66 -42.79 -44.34
CA LEU I 438 20.69 -44.11 -44.95
C LEU I 438 21.26 -45.16 -44.00
N ARG I 439 22.03 -44.74 -42.99
CA ARG I 439 22.52 -45.70 -42.00
C ARG I 439 21.37 -46.28 -41.19
N PHE I 440 20.28 -45.55 -41.03
CA PHE I 440 19.14 -45.96 -40.21
C PHE I 440 18.04 -46.63 -41.03
N VAL I 441 18.39 -47.28 -42.13
CA VAL I 441 17.42 -47.96 -42.99
C VAL I 441 17.36 -49.43 -42.61
N GLY I 442 16.15 -49.92 -42.37
CA GLY I 442 15.95 -51.32 -42.05
C GLY I 442 16.31 -51.63 -40.60
N LEU I 443 16.24 -52.92 -40.30
CA LEU I 443 16.56 -53.43 -38.97
C LEU I 443 17.61 -54.52 -39.11
N ASN I 444 18.67 -54.42 -38.30
CA ASN I 444 19.78 -55.37 -38.33
C ASN I 444 20.40 -55.48 -39.72
N ALA I 503 20.13 -52.91 -34.46
CA ALA I 503 21.44 -52.89 -33.83
C ALA I 503 22.16 -51.57 -34.09
N VAL I 504 21.45 -50.63 -34.69
CA VAL I 504 21.99 -49.32 -35.02
C VAL I 504 21.50 -48.26 -34.04
N ALA I 505 20.19 -48.22 -33.79
CA ALA I 505 19.60 -47.26 -32.86
C ALA I 505 18.43 -47.94 -32.16
N GLU I 506 18.64 -48.35 -30.92
CA GLU I 506 17.61 -49.02 -30.14
C GLU I 506 16.74 -48.01 -29.41
N LEU I 507 15.50 -48.42 -29.10
CA LEU I 507 14.54 -47.53 -28.47
C LEU I 507 14.89 -47.22 -27.01
N ASP I 508 15.72 -48.03 -26.38
CA ASP I 508 16.11 -47.76 -25.00
C ASP I 508 17.62 -47.69 -24.82
N VAL I 509 18.38 -48.56 -25.48
CA VAL I 509 19.83 -48.58 -25.30
C VAL I 509 20.47 -47.34 -25.91
N ASP I 510 20.05 -46.98 -27.12
CA ASP I 510 20.74 -45.93 -27.87
C ASP I 510 20.11 -44.55 -27.67
N ILE I 511 18.78 -44.46 -27.82
CA ILE I 511 18.09 -43.18 -27.72
C ILE I 511 16.90 -43.34 -26.78
N LEU I 512 16.40 -42.19 -26.32
CA LEU I 512 15.21 -42.12 -25.48
C LEU I 512 14.17 -41.25 -26.17
N VAL I 513 12.90 -41.54 -25.90
CA VAL I 513 11.78 -40.81 -26.48
C VAL I 513 11.08 -40.04 -25.36
N ASP I 514 10.93 -38.73 -25.55
CA ASP I 514 10.26 -37.89 -24.56
C ASP I 514 9.50 -36.80 -25.31
N GLU I 515 9.02 -35.81 -24.56
CA GLU I 515 8.21 -34.73 -25.12
C GLU I 515 8.93 -33.40 -24.90
N GLY I 516 9.02 -32.61 -25.97
CA GLY I 516 9.56 -31.27 -25.90
C GLY I 516 8.50 -30.23 -26.23
N LEU I 517 8.95 -28.97 -26.24
CA LEU I 517 8.04 -27.85 -26.45
C LEU I 517 7.41 -27.93 -27.84
N ASP I 518 6.15 -27.48 -27.92
CA ASP I 518 5.42 -27.48 -29.19
C ASP I 518 6.00 -26.42 -30.11
N ALA I 519 6.65 -26.85 -31.18
CA ALA I 519 7.23 -25.96 -32.16
C ALA I 519 6.79 -26.38 -33.55
N PRO I 520 6.69 -25.43 -34.50
CA PRO I 520 6.26 -25.81 -35.85
C PRO I 520 7.26 -26.73 -36.55
N THR I 521 8.53 -26.33 -36.60
CA THR I 521 9.58 -27.14 -37.20
C THR I 521 10.71 -27.33 -36.19
N ILE I 522 11.63 -28.23 -36.52
CA ILE I 522 12.81 -28.42 -35.70
C ILE I 522 13.68 -27.16 -35.75
N ALA I 523 13.75 -26.51 -36.91
CA ALA I 523 14.56 -25.30 -37.05
C ALA I 523 14.04 -24.17 -36.17
N ALA I 524 12.72 -24.05 -36.00
CA ALA I 524 12.18 -22.98 -35.17
C ALA I 524 12.59 -23.14 -33.71
N GLU I 525 12.44 -24.35 -33.16
CA GLU I 525 12.87 -24.61 -31.80
C GLU I 525 14.38 -24.48 -31.65
N GLU I 526 15.13 -24.90 -32.67
CA GLU I 526 16.58 -24.75 -32.65
C GLU I 526 16.98 -23.28 -32.57
N PHE I 527 16.35 -22.44 -33.38
CA PHE I 527 16.63 -21.01 -33.36
C PHE I 527 16.22 -20.39 -32.04
N GLU I 528 15.10 -20.83 -31.47
CA GLU I 528 14.68 -20.32 -30.17
C GLU I 528 15.70 -20.68 -29.09
N GLN I 529 16.20 -21.91 -29.12
CA GLN I 529 17.24 -22.31 -28.16
C GLN I 529 18.52 -21.52 -28.35
N LEU I 530 18.90 -21.27 -29.61
CA LEU I 530 20.09 -20.47 -29.88
C LEU I 530 19.93 -19.05 -29.36
N MET I 531 18.75 -18.45 -29.56
CA MET I 531 18.49 -17.11 -29.06
C MET I 531 18.52 -17.08 -27.53
N LYS I 532 17.93 -18.09 -26.89
CA LYS I 532 17.97 -18.15 -25.43
C LYS I 532 19.39 -18.27 -24.91
N LEU I 533 20.22 -19.10 -25.57
CA LEU I 533 21.61 -19.23 -25.17
C LEU I 533 22.37 -17.92 -25.36
N ALA I 534 22.16 -17.25 -26.49
CA ALA I 534 22.86 -15.99 -26.75
C ALA I 534 22.40 -14.85 -25.86
N SER I 535 21.17 -14.91 -25.35
CA SER I 535 20.67 -13.86 -24.47
C SER I 535 21.49 -13.77 -23.19
N THR I 536 21.91 -14.92 -22.66
CA THR I 536 22.73 -14.91 -21.45
C THR I 536 24.07 -14.21 -21.68
N GLY I 537 24.68 -14.45 -22.83
CA GLY I 537 25.93 -13.81 -23.18
C GLY I 537 27.17 -14.54 -22.70
N ILE I 538 27.02 -15.61 -21.93
CA ILE I 538 28.18 -16.38 -21.49
C ILE I 538 28.87 -17.04 -22.69
N VAL I 539 28.08 -17.65 -23.55
CA VAL I 539 28.59 -18.28 -24.77
C VAL I 539 28.44 -17.28 -25.92
N PRO I 540 29.51 -16.95 -26.64
CA PRO I 540 29.40 -16.00 -27.75
C PRO I 540 28.90 -16.69 -29.00
N ILE I 541 27.70 -16.34 -29.43
CA ILE I 541 27.07 -16.92 -30.61
C ILE I 541 27.19 -15.92 -31.75
N PRO I 542 27.79 -16.30 -32.88
CA PRO I 542 27.96 -15.32 -33.97
C PRO I 542 26.65 -15.08 -34.69
N PRO I 543 26.48 -13.90 -35.28
CA PRO I 543 25.18 -13.58 -35.91
C PRO I 543 24.82 -14.48 -37.08
N ASP I 544 25.81 -14.92 -37.87
CA ASP I 544 25.51 -15.67 -39.09
C ASP I 544 24.77 -16.96 -38.78
N VAL I 545 25.17 -17.65 -37.70
CA VAL I 545 24.46 -18.85 -37.29
C VAL I 545 23.02 -18.53 -36.94
N LEU I 546 22.80 -17.40 -36.25
CA LEU I 546 21.44 -17.02 -35.87
C LEU I 546 20.57 -16.75 -37.10
N ILE I 547 21.11 -16.04 -38.09
CA ILE I 547 20.33 -15.79 -39.30
C ILE I 547 20.09 -17.07 -40.07
N GLU I 548 21.09 -17.97 -40.09
CA GLU I 548 20.90 -19.24 -40.77
C GLU I 548 19.80 -20.06 -40.12
N ALA I 549 19.75 -20.08 -38.79
CA ALA I 549 18.69 -20.81 -38.08
C ALA I 549 17.36 -20.08 -38.10
N SER I 550 17.36 -18.77 -38.35
CA SER I 550 16.12 -17.99 -38.36
C SER I 550 15.30 -18.28 -39.60
N SER I 551 13.99 -18.03 -39.50
CA SER I 551 13.07 -18.23 -40.61
C SER I 551 12.68 -16.87 -41.17
N LEU I 552 13.51 -16.38 -42.09
CA LEU I 552 13.29 -15.11 -42.74
C LEU I 552 13.47 -15.26 -44.25
N ARG I 553 12.70 -14.49 -45.02
CA ARG I 553 12.82 -14.55 -46.47
C ARG I 553 14.08 -13.83 -46.95
N ASN I 554 14.53 -12.81 -46.22
CA ASN I 554 15.76 -12.09 -46.55
C ASN I 554 17.00 -12.79 -46.02
N LYS I 555 16.89 -14.06 -45.62
CA LYS I 555 18.04 -14.79 -45.08
C LYS I 555 19.20 -14.87 -46.06
N PRO I 556 19.02 -15.23 -47.34
CA PRO I 556 20.19 -15.26 -48.24
C PRO I 556 20.89 -13.91 -48.37
N LYS I 557 20.12 -12.82 -48.42
CA LYS I 557 20.72 -11.50 -48.56
C LYS I 557 21.54 -11.12 -47.33
N LEU I 558 20.99 -11.37 -46.14
CA LEU I 558 21.73 -11.09 -44.91
C LEU I 558 22.98 -11.96 -44.81
N LEU I 559 22.86 -13.24 -45.19
CA LEU I 559 24.02 -14.13 -45.14
C LEU I 559 25.10 -13.67 -46.10
N GLU I 560 24.72 -13.24 -47.31
CA GLU I 560 25.71 -12.72 -48.25
C GLU I 560 26.34 -11.45 -47.74
N MET I 561 25.55 -10.56 -47.14
CA MET I 561 26.10 -9.31 -46.61
C MET I 561 27.09 -9.56 -45.48
N LEU I 562 26.76 -10.48 -44.57
CA LEU I 562 27.65 -10.75 -43.45
C LEU I 562 28.89 -11.53 -43.88
N LYS I 563 28.73 -12.46 -44.82
CA LYS I 563 29.84 -13.30 -45.28
C LYS I 563 30.60 -12.68 -46.43
N GLN I 564 30.28 -11.45 -46.84
CA GLN I 564 30.99 -10.82 -47.94
C GLN I 564 32.46 -10.61 -47.57
N GLY I 565 33.32 -10.72 -48.57
CA GLY I 565 34.74 -10.55 -48.37
C GLY I 565 35.10 -9.12 -48.05
N PRO I 566 36.26 -8.94 -47.39
CA PRO I 566 36.69 -7.57 -47.07
C PRO I 566 37.01 -6.79 -48.33
N SER I 567 36.80 -5.47 -48.25
CA SER I 567 37.09 -4.59 -49.37
C SER I 567 38.58 -4.58 -49.66
N GLN I 568 38.91 -4.33 -50.93
CA GLN I 568 40.30 -4.41 -51.37
C GLN I 568 41.17 -3.34 -50.70
N GLU I 569 40.55 -2.23 -50.27
CA GLU I 569 41.33 -1.14 -49.69
C GLU I 569 42.03 -1.55 -48.40
N GLN I 570 41.28 -2.14 -47.46
CA GLN I 570 41.91 -2.52 -46.20
C GLN I 570 42.82 -3.73 -46.37
N MET I 571 42.54 -4.59 -47.35
CA MET I 571 43.46 -5.68 -47.65
C MET I 571 44.80 -5.12 -48.14
N MET I 572 44.76 -4.12 -49.02
CA MET I 572 45.98 -3.47 -49.47
C MET I 572 46.68 -2.79 -48.30
N ALA I 573 45.92 -2.15 -47.41
CA ALA I 573 46.52 -1.49 -46.25
C ALA I 573 47.24 -2.51 -45.36
N GLN I 574 46.60 -3.66 -45.13
CA GLN I 574 47.23 -4.70 -44.31
C GLN I 574 48.48 -5.25 -44.98
N GLN I 575 48.44 -5.47 -46.29
CA GLN I 575 49.61 -6.00 -46.98
C GLN I 575 50.75 -4.98 -46.96
N ILE I 576 50.44 -3.69 -47.08
CA ILE I 576 51.48 -2.67 -46.98
C ILE I 576 52.04 -2.59 -45.57
N ALA I 577 51.19 -2.78 -44.55
CA ALA I 577 51.69 -2.82 -43.19
C ALA I 577 52.65 -3.99 -42.97
N LEU I 578 52.31 -5.16 -43.50
CA LEU I 578 53.20 -6.31 -43.40
C LEU I 578 54.50 -6.05 -44.15
N ALA I 579 54.42 -5.44 -45.34
CA ALA I 579 55.64 -5.12 -46.08
C ALA I 579 56.49 -4.12 -45.33
N GLY I 580 55.87 -3.14 -44.66
CA GLY I 580 56.63 -2.19 -43.87
C GLY I 580 57.30 -2.83 -42.68
N GLU I 581 56.60 -3.77 -42.02
CA GLU I 581 57.23 -4.50 -40.92
C GLU I 581 58.43 -5.30 -41.41
N GLN I 582 58.28 -5.97 -42.56
CA GLN I 582 59.41 -6.72 -43.13
C GLN I 582 60.57 -5.79 -43.48
N ALA I 583 60.26 -4.63 -44.06
CA ALA I 583 61.31 -3.68 -44.41
C ALA I 583 62.01 -3.14 -43.16
N LYS I 584 61.24 -2.91 -42.09
CA LYS I 584 61.85 -2.47 -40.83
C LYS I 584 62.79 -3.54 -40.27
N VAL I 585 62.37 -4.81 -40.36
CA VAL I 585 63.24 -5.90 -39.90
C VAL I 585 64.51 -5.95 -40.73
N ALA I 586 64.38 -5.79 -42.05
CA ALA I 586 65.56 -5.80 -42.91
C ALA I 586 66.48 -4.63 -42.60
N GLU I 587 65.92 -3.45 -42.35
CA GLU I 587 66.73 -2.30 -41.99
C GLU I 587 67.47 -2.55 -40.67
N THR I 588 66.78 -3.18 -39.72
CA THR I 588 67.43 -3.53 -38.46
C THR I 588 68.59 -4.49 -38.67
N GLU I 589 68.40 -5.52 -39.48
CA GLU I 589 69.47 -6.48 -39.71
C GLU I 589 70.66 -5.81 -40.41
N SER I 590 70.37 -4.94 -41.39
CA SER I 590 71.46 -4.24 -42.06
C SER I 590 72.19 -3.30 -41.11
N LYS I 591 71.46 -2.65 -40.20
CA LYS I 591 72.10 -1.79 -39.21
C LYS I 591 72.98 -2.59 -38.27
N THR I 592 72.51 -3.77 -37.86
CA THR I 592 73.33 -4.63 -37.01
C THR I 592 74.60 -5.07 -37.72
N GLY I 593 74.48 -5.43 -39.00
CA GLY I 593 75.66 -5.78 -39.77
C GLY I 593 76.62 -4.61 -39.91
N LEU I 594 76.09 -3.41 -40.12
CA LEU I 594 76.93 -2.23 -40.21
C LEU I 594 77.66 -1.97 -38.89
N ASN I 595 76.96 -2.15 -37.76
CA ASN I 595 77.59 -1.98 -36.46
C ASN I 595 78.70 -3.00 -36.23
N VAL I 596 78.46 -4.25 -36.63
CA VAL I 596 79.49 -5.28 -36.50
C VAL I 596 80.70 -4.94 -37.36
N ALA I 597 80.45 -4.47 -38.59
CA ALA I 597 81.55 -4.08 -39.47
C ALA I 597 82.33 -2.91 -38.89
N LYS I 598 81.63 -1.94 -38.29
CA LYS I 598 82.30 -0.81 -37.66
C LYS I 598 83.15 -1.26 -36.49
N THR I 599 82.65 -2.22 -35.69
CA THR I 599 83.44 -2.77 -34.60
C THR I 599 84.70 -3.45 -35.14
N GLN I 600 84.56 -4.22 -36.22
CA GLN I 600 85.72 -4.88 -36.82
C GLN I 600 86.72 -3.85 -37.35
N GLU I 601 86.23 -2.77 -37.95
CA GLU I 601 87.10 -1.73 -38.45
C GLU I 601 87.86 -1.04 -37.31
N THR I 602 87.16 -0.78 -36.20
CA THR I 602 87.82 -0.20 -35.03
C THR I 602 88.90 -1.13 -34.50
N LEU I 603 88.60 -2.43 -34.43
CA LEU I 603 89.60 -3.38 -33.96
C LEU I 603 90.80 -3.43 -34.90
N ALA I 604 90.57 -3.39 -36.21
CA ALA I 604 91.66 -3.39 -37.17
C ALA I 604 92.51 -2.14 -37.03
N SER I 605 91.87 -0.98 -36.82
CA SER I 605 92.62 0.25 -36.59
C SER I 605 93.42 0.17 -35.29
N ILE I 606 92.90 -0.53 -34.29
CA ILE I 606 93.67 -0.77 -33.07
C ILE I 606 94.90 -1.59 -33.37
N GLN I 607 94.75 -2.66 -34.18
CA GLN I 607 95.85 -3.56 -34.45
C GLN I 607 96.91 -2.95 -35.37
N THR I 608 96.55 -1.95 -36.17
CA THR I 608 97.51 -1.35 -37.10
C THR I 608 98.33 -0.24 -36.48
N ASN I 609 98.08 0.10 -35.21
CA ASN I 609 98.84 1.15 -34.54
C ASN I 609 99.85 0.56 -33.56
N SER J 3 -26.58 -52.60 -69.47
CA SER J 3 -27.42 -51.55 -70.03
C SER J 3 -27.05 -50.19 -69.45
N GLN J 4 -26.75 -49.23 -70.33
CA GLN J 4 -26.39 -47.90 -69.88
C GLN J 4 -27.56 -47.21 -69.17
N GLU J 5 -28.76 -47.34 -69.73
CA GLU J 5 -29.93 -46.71 -69.11
C GLU J 5 -30.24 -47.32 -67.76
N ASP J 6 -30.14 -48.64 -67.64
CA ASP J 6 -30.37 -49.29 -66.35
C ASP J 6 -29.33 -48.86 -65.33
N TYR J 7 -28.07 -48.75 -65.74
CA TYR J 7 -27.03 -48.30 -64.84
C TYR J 7 -27.27 -46.87 -64.38
N THR J 8 -27.68 -45.99 -65.30
CA THR J 8 -27.97 -44.61 -64.93
C THR J 8 -29.15 -44.53 -63.97
N LEU J 9 -30.19 -45.32 -64.22
CA LEU J 9 -31.34 -45.34 -63.31
C LEU J 9 -30.93 -45.84 -61.93
N GLU J 10 -30.10 -46.89 -61.88
CA GLU J 10 -29.63 -47.41 -60.60
C GLU J 10 -28.81 -46.36 -59.86
N ALA J 11 -27.93 -45.66 -60.57
CA ALA J 11 -27.11 -44.63 -59.93
C ALA J 11 -27.96 -43.49 -59.39
N LEU J 12 -28.96 -43.05 -60.16
CA LEU J 12 -29.84 -41.98 -59.71
C LEU J 12 -30.63 -42.42 -58.48
N THR J 13 -31.16 -43.66 -58.50
CA THR J 13 -31.89 -44.16 -57.35
C THR J 13 -30.99 -44.26 -56.13
N ALA J 14 -29.74 -44.71 -56.32
CA ALA J 14 -28.82 -44.81 -55.20
C ALA J 14 -28.50 -43.44 -54.60
N ALA J 15 -28.29 -42.44 -55.46
CA ALA J 15 -28.00 -41.09 -54.95
C ALA J 15 -29.19 -40.51 -54.20
N VAL J 16 -30.39 -40.66 -54.77
CA VAL J 16 -31.58 -40.15 -54.09
C VAL J 16 -31.79 -40.88 -52.77
N ARG J 17 -31.57 -42.19 -52.76
CA ARG J 17 -31.72 -42.96 -51.53
C ARG J 17 -30.71 -42.53 -50.48
N ARG J 18 -29.47 -42.25 -50.89
CA ARG J 18 -28.48 -41.77 -49.93
C ARG J 18 -28.89 -40.43 -49.34
N PHE J 19 -29.39 -39.52 -50.18
CA PHE J 19 -29.83 -38.23 -49.66
C PHE J 19 -31.00 -38.40 -48.69
N GLU J 20 -31.96 -39.26 -49.02
CA GLU J 20 -33.09 -39.50 -48.12
C GLU J 20 -32.64 -40.17 -46.82
N GLU J 21 -31.68 -41.08 -46.89
CA GLU J 21 -31.13 -41.70 -45.70
C GLU J 21 -30.51 -40.66 -44.78
N SER J 22 -29.70 -39.77 -45.36
CA SER J 22 -29.08 -38.72 -44.55
C SER J 22 -30.13 -37.79 -43.96
N GLU J 23 -31.16 -37.45 -44.74
CA GLU J 23 -32.20 -36.54 -44.24
C GLU J 23 -33.01 -37.17 -43.11
N ASP J 24 -33.39 -38.44 -43.26
CA ASP J 24 -34.25 -39.09 -42.27
C ASP J 24 -33.48 -39.49 -41.02
N ALA J 25 -32.21 -39.88 -41.17
CA ALA J 25 -31.46 -40.37 -40.02
C ALA J 25 -31.16 -39.26 -39.02
N THR J 26 -31.07 -38.00 -39.48
CA THR J 26 -30.72 -36.87 -38.64
C THR J 26 -31.92 -35.99 -38.33
N THR J 27 -33.11 -36.59 -38.20
CA THR J 27 -34.31 -35.79 -37.93
C THR J 27 -34.25 -35.14 -36.55
N GLU J 28 -33.96 -35.93 -35.52
CA GLU J 28 -33.95 -35.40 -34.16
C GLU J 28 -32.84 -34.38 -33.97
N ALA J 29 -31.65 -34.67 -34.50
CA ALA J 29 -30.54 -33.74 -34.36
C ALA J 29 -30.84 -32.43 -35.07
N ARG J 30 -31.41 -32.50 -36.28
CA ARG J 30 -31.77 -31.28 -37.00
C ARG J 30 -32.83 -30.50 -36.25
N ALA J 31 -33.84 -31.19 -35.70
CA ALA J 31 -34.88 -30.49 -34.96
C ALA J 31 -34.31 -29.78 -33.73
N ALA J 32 -33.41 -30.46 -33.01
CA ALA J 32 -32.78 -29.83 -31.85
C ALA J 32 -31.93 -28.64 -32.27
N ALA J 33 -31.20 -28.76 -33.39
CA ALA J 33 -30.37 -27.64 -33.84
C ALA J 33 -31.21 -26.43 -34.23
N GLU J 34 -32.33 -26.66 -34.94
CA GLU J 34 -33.20 -25.53 -35.28
C GLU J 34 -33.86 -24.95 -34.04
N ARG J 35 -34.19 -25.78 -33.05
CA ARG J 35 -34.70 -25.24 -31.79
C ARG J 35 -33.66 -24.35 -31.12
N ASP J 36 -32.41 -24.78 -31.12
CA ASP J 36 -31.34 -23.96 -30.54
C ASP J 36 -31.17 -22.65 -31.29
N ARG J 37 -31.21 -22.72 -32.63
CA ARG J 37 -31.07 -21.50 -33.42
C ARG J 37 -32.22 -20.54 -33.18
N ASP J 38 -33.45 -21.07 -33.09
CA ASP J 38 -34.60 -20.23 -32.81
C ASP J 38 -34.50 -19.61 -31.42
N TYR J 39 -33.97 -20.36 -30.45
CA TYR J 39 -33.71 -19.78 -29.14
C TYR J 39 -32.70 -18.64 -29.24
N TYR J 40 -31.66 -18.82 -30.06
CA TYR J 40 -30.77 -17.70 -30.36
C TYR J 40 -31.49 -16.60 -31.14
N ASP J 41 -32.52 -16.96 -31.90
CA ASP J 41 -33.25 -16.00 -32.73
C ASP J 41 -34.48 -15.43 -32.02
N GLU J 42 -34.42 -15.29 -30.69
CA GLU J 42 -35.45 -14.67 -29.86
C GLU J 42 -36.78 -15.40 -29.90
N LYS J 43 -36.83 -16.60 -30.45
CA LYS J 43 -38.06 -17.41 -30.44
C LYS J 43 -37.90 -18.50 -29.38
N GLN J 44 -38.19 -18.11 -28.14
CA GLN J 44 -38.04 -19.01 -27.00
C GLN J 44 -39.38 -19.45 -26.41
N TRP J 45 -40.49 -19.15 -27.09
CA TRP J 45 -41.81 -19.50 -26.61
C TRP J 45 -42.52 -20.38 -27.63
N THR J 46 -43.15 -21.44 -27.15
CA THR J 46 -43.91 -22.32 -28.02
C THR J 46 -45.26 -21.71 -28.36
N ALA J 47 -45.90 -22.27 -29.40
CA ALA J 47 -47.20 -21.77 -29.81
C ALA J 47 -48.26 -21.98 -28.73
N ALA J 48 -48.23 -23.14 -28.08
CA ALA J 48 -49.23 -23.45 -27.06
C ALA J 48 -49.11 -22.51 -25.87
N GLU J 49 -47.89 -22.30 -25.37
CA GLU J 49 -47.69 -21.41 -24.24
C GLU J 49 -48.01 -19.96 -24.61
N LYS J 50 -47.68 -19.55 -25.84
CA LYS J 50 -48.02 -18.21 -26.28
C LYS J 50 -49.53 -18.02 -26.32
N ALA J 51 -50.25 -19.02 -26.83
CA ALA J 51 -51.71 -18.93 -26.86
C ALA J 51 -52.29 -18.90 -25.44
N ALA J 52 -51.72 -19.71 -24.53
CA ALA J 52 -52.20 -19.71 -23.15
C ALA J 52 -51.97 -18.36 -22.49
N LEU J 53 -50.81 -17.74 -22.73
CA LEU J 53 -50.54 -16.42 -22.17
C LEU J 53 -51.46 -15.37 -22.77
N GLU J 54 -51.72 -15.46 -24.08
CA GLU J 54 -52.63 -14.51 -24.73
C GLU J 54 -54.04 -14.62 -24.14
N ARG J 55 -54.51 -15.86 -23.94
CA ARG J 55 -55.81 -16.05 -23.30
C ARG J 55 -55.81 -15.50 -21.87
N ARG J 56 -54.71 -15.73 -21.15
CA ARG J 56 -54.57 -15.21 -19.80
C ARG J 56 -54.49 -13.69 -19.76
N GLY J 57 -54.13 -13.05 -20.87
CA GLY J 57 -53.94 -11.63 -20.92
C GLY J 57 -52.55 -11.17 -20.54
N GLN J 58 -51.68 -12.07 -20.10
CA GLN J 58 -50.32 -11.72 -19.73
C GLN J 58 -49.44 -11.71 -20.98
N PRO J 59 -48.72 -10.62 -21.24
CA PRO J 59 -47.85 -10.59 -22.42
C PRO J 59 -46.70 -11.57 -22.29
N ALA J 60 -46.28 -12.11 -23.43
CA ALA J 60 -45.16 -13.05 -23.47
C ALA J 60 -43.86 -12.25 -23.59
N ILE J 61 -43.06 -12.25 -22.53
CA ILE J 61 -41.82 -11.50 -22.46
C ILE J 61 -40.68 -12.48 -22.25
N THR J 62 -39.66 -12.37 -23.10
CA THR J 62 -38.50 -13.26 -23.04
C THR J 62 -37.25 -12.47 -22.68
N PHE J 63 -36.40 -13.06 -21.85
CA PHE J 63 -35.12 -12.49 -21.47
C PHE J 63 -34.04 -13.35 -22.13
N ASN J 64 -33.51 -12.89 -23.25
CA ASN J 64 -32.56 -13.66 -24.02
C ASN J 64 -31.17 -13.54 -23.42
N ARG J 65 -30.57 -14.67 -23.05
CA ARG J 65 -29.21 -14.71 -22.52
C ARG J 65 -28.27 -15.56 -23.35
N ILE J 66 -28.78 -16.37 -24.27
CA ILE J 66 -27.92 -17.16 -25.14
C ILE J 66 -27.16 -16.27 -26.10
N LYS J 67 -27.82 -15.21 -26.58
CA LYS J 67 -27.24 -14.35 -27.61
C LYS J 67 -25.95 -13.71 -27.14
N ARG J 68 -25.91 -13.24 -25.89
CA ARG J 68 -24.70 -12.59 -25.40
C ARG J 68 -23.53 -13.57 -25.31
N LYS J 69 -23.79 -14.80 -24.88
CA LYS J 69 -22.73 -15.80 -24.81
C LYS J 69 -22.22 -16.15 -26.21
N VAL J 70 -23.12 -16.33 -27.17
CA VAL J 70 -22.69 -16.63 -28.52
C VAL J 70 -21.91 -15.47 -29.11
N ASN J 71 -22.35 -14.25 -28.83
CA ASN J 71 -21.62 -13.07 -29.31
C ASN J 71 -20.23 -12.98 -28.70
N ALA J 72 -20.11 -13.32 -27.41
CA ALA J 72 -18.79 -13.34 -26.78
C ALA J 72 -17.88 -14.37 -27.42
N LEU J 73 -18.42 -15.58 -27.68
CA LEU J 73 -17.61 -16.61 -28.31
C LEU J 73 -17.17 -16.19 -29.72
N THR J 74 -18.09 -15.62 -30.50
CA THR J 74 -17.74 -15.19 -31.85
C THR J 74 -16.75 -14.03 -31.82
N GLY J 75 -16.89 -13.13 -30.86
CA GLY J 75 -15.93 -12.04 -30.73
C GLY J 75 -14.55 -12.52 -30.37
N ILE J 76 -14.47 -13.52 -29.48
CA ILE J 76 -13.17 -14.10 -29.15
C ILE J 76 -12.56 -14.77 -30.37
N GLU J 77 -13.38 -15.49 -31.14
CA GLU J 77 -12.88 -16.12 -32.36
C GLU J 77 -12.36 -15.07 -33.33
N LYS J 78 -13.07 -13.95 -33.47
CA LYS J 78 -12.61 -12.88 -34.34
C LYS J 78 -11.31 -12.27 -33.84
N GLN J 79 -11.19 -12.08 -32.52
CA GLN J 79 -9.98 -11.50 -31.94
C GLN J 79 -8.79 -12.45 -32.07
N THR J 80 -9.02 -13.75 -32.15
CA THR J 80 -7.95 -14.73 -32.31
C THR J 80 -7.74 -15.13 -33.76
N ARG J 81 -7.97 -14.20 -34.69
CA ARG J 81 -7.78 -14.50 -36.10
C ARG J 81 -6.30 -14.69 -36.43
N LYS J 82 -6.02 -15.65 -37.30
CA LYS J 82 -4.66 -15.97 -37.69
C LYS J 82 -4.59 -16.17 -39.20
N ASP J 83 -3.39 -15.98 -39.76
CA ASP J 83 -3.19 -16.12 -41.19
C ASP J 83 -2.59 -17.47 -41.53
N PRO J 84 -2.81 -17.99 -42.74
CA PRO J 84 -2.13 -19.22 -43.13
C PRO J 84 -0.63 -19.01 -43.26
N ARG J 85 0.14 -20.06 -43.00
CA ARG J 85 1.59 -19.97 -43.10
C ARG J 85 2.15 -21.35 -43.38
N ALA J 86 3.06 -21.44 -44.34
CA ALA J 86 3.73 -22.68 -44.69
C ALA J 86 5.15 -22.65 -44.13
N PHE J 87 5.47 -23.65 -43.30
CA PHE J 87 6.74 -23.85 -42.65
C PHE J 87 7.52 -24.96 -43.36
N PRO J 88 8.84 -24.82 -43.46
CA PRO J 88 9.63 -25.86 -44.13
C PRO J 88 10.07 -26.97 -43.18
N ARG J 89 9.89 -28.22 -43.60
CA ARG J 89 10.38 -29.35 -42.81
C ARG J 89 11.90 -29.32 -42.70
N ASN J 90 12.58 -29.00 -43.80
CA ASN J 90 14.02 -28.91 -43.86
C ASN J 90 14.41 -27.60 -44.52
N PRO J 91 15.64 -27.11 -44.27
CA PRO J 91 16.06 -25.84 -44.90
C PRO J 91 15.96 -25.86 -46.42
N ASP J 92 16.29 -26.99 -47.04
CA ASP J 92 16.26 -27.09 -48.50
C ASP J 92 14.86 -26.90 -49.06
N ASP J 93 13.89 -26.68 -48.17
CA ASP J 93 12.50 -26.48 -48.55
C ASP J 93 11.97 -25.08 -48.28
N GLU J 94 12.70 -24.24 -47.55
CA GLU J 94 12.13 -22.95 -47.13
C GLU J 94 11.60 -22.15 -48.32
N GLU J 95 12.43 -22.01 -49.37
CA GLU J 95 12.00 -21.29 -50.56
C GLU J 95 10.68 -21.85 -51.07
N SER J 96 10.60 -23.17 -51.22
CA SER J 96 9.36 -23.80 -51.65
C SER J 96 8.22 -23.44 -50.72
N ALA J 97 8.46 -23.55 -49.41
CA ALA J 97 7.43 -23.18 -48.43
C ALA J 97 6.98 -21.74 -48.64
N GLN J 98 7.94 -20.85 -48.93
CA GLN J 98 7.59 -19.45 -49.17
C GLN J 98 6.56 -19.34 -50.27
N ALA J 99 6.74 -20.10 -51.35
CA ALA J 99 5.78 -20.09 -52.45
C ALA J 99 4.37 -20.37 -51.93
N ALA J 100 4.23 -21.43 -51.13
CA ALA J 100 2.92 -21.75 -50.57
C ALA J 100 2.39 -20.61 -49.72
N THR J 101 3.28 -20.00 -48.93
CA THR J 101 2.87 -18.85 -48.11
C THR J 101 2.37 -17.72 -49.01
N ASP J 102 2.99 -17.53 -50.16
CA ASP J 102 2.51 -16.52 -51.09
C ASP J 102 1.25 -16.96 -51.81
N ALA J 103 1.06 -18.28 -51.96
CA ALA J 103 -0.07 -18.76 -52.76
C ALA J 103 -1.35 -18.81 -51.93
N ILE J 104 -1.37 -19.63 -50.88
CA ILE J 104 -2.59 -19.84 -50.09
C ILE J 104 -3.10 -18.52 -49.54
N ARG J 105 -2.19 -17.70 -49.01
CA ARG J 105 -2.58 -16.39 -48.48
C ARG J 105 -3.40 -15.61 -49.50
N TYR J 106 -2.97 -15.62 -50.76
CA TYR J 106 -3.69 -14.88 -51.79
C TYR J 106 -5.14 -15.34 -51.86
N VAL J 107 -5.37 -16.65 -51.85
CA VAL J 107 -6.74 -17.17 -51.88
C VAL J 107 -7.51 -16.66 -50.67
N CYS J 108 -6.87 -16.62 -49.50
CA CYS J 108 -7.54 -16.15 -48.30
C CYS J 108 -7.92 -14.68 -48.40
N GLU J 109 -7.22 -13.91 -49.23
CA GLU J 109 -7.59 -12.51 -49.47
C GLU J 109 -8.31 -12.32 -50.79
N ASP J 110 -8.71 -13.41 -51.45
CA ASP J 110 -9.49 -13.34 -52.67
C ASP J 110 -10.92 -13.83 -52.52
N SER J 111 -11.15 -14.81 -51.66
CA SER J 111 -12.47 -15.38 -51.44
C SER J 111 -13.12 -14.88 -50.15
N ARG J 112 -12.57 -13.84 -49.54
CA ARG J 112 -13.05 -13.31 -48.26
C ARG J 112 -13.07 -14.42 -47.20
N TRP J 113 -11.88 -14.99 -46.97
CA TRP J 113 -11.77 -16.13 -46.08
C TRP J 113 -12.13 -15.79 -44.65
N ASP J 114 -11.82 -14.57 -44.20
CA ASP J 114 -12.09 -14.19 -42.82
C ASP J 114 -13.59 -14.18 -42.53
N ASP J 115 -14.37 -13.59 -43.43
CA ASP J 115 -15.82 -13.51 -43.21
C ASP J 115 -16.45 -14.90 -43.23
N LYS J 116 -16.05 -15.74 -44.19
CA LYS J 116 -16.58 -17.10 -44.26
C LYS J 116 -16.19 -17.89 -43.02
N ARG J 117 -14.96 -17.71 -42.54
CA ARG J 117 -14.52 -18.40 -41.34
C ARG J 117 -15.33 -17.95 -40.12
N SER J 118 -15.61 -16.64 -40.01
CA SER J 118 -16.40 -16.16 -38.90
C SER J 118 -17.83 -16.70 -38.94
N GLU J 119 -18.43 -16.72 -40.13
CA GLU J 119 -19.78 -17.27 -40.26
C GLU J 119 -19.79 -18.76 -39.93
N ALA J 120 -18.79 -19.50 -40.39
CA ALA J 120 -18.71 -20.92 -40.08
C ALA J 120 -18.52 -21.14 -38.58
N ALA J 121 -17.73 -20.28 -37.93
CA ALA J 121 -17.54 -20.37 -36.49
C ALA J 121 -18.84 -20.14 -35.75
N LYS J 122 -19.60 -19.12 -36.15
CA LYS J 122 -20.90 -18.88 -35.52
C LYS J 122 -21.84 -20.05 -35.75
N GLU J 123 -21.83 -20.60 -36.96
CA GLU J 123 -22.70 -21.73 -37.27
C GLU J 123 -22.32 -22.96 -36.45
N LEU J 124 -21.02 -23.19 -36.26
CA LEU J 124 -20.57 -24.29 -35.43
C LEU J 124 -20.95 -24.08 -33.97
N ALA J 125 -20.87 -22.83 -33.49
CA ALA J 125 -21.23 -22.55 -32.10
C ALA J 125 -22.73 -22.73 -31.88
N ILE J 126 -23.54 -22.40 -32.87
CA ILE J 126 -24.99 -22.43 -32.69
C ILE J 126 -25.57 -23.81 -32.96
N GLU J 127 -25.26 -24.40 -34.12
CA GLU J 127 -25.84 -25.68 -34.52
C GLU J 127 -24.93 -26.87 -34.26
N GLY J 128 -23.63 -26.67 -34.24
CA GLY J 128 -22.69 -27.74 -33.96
C GLY J 128 -22.00 -28.37 -35.15
N THR J 129 -22.20 -27.84 -36.35
CA THR J 129 -21.54 -28.37 -37.54
C THR J 129 -21.32 -27.23 -38.53
N CYS J 130 -20.13 -27.20 -39.12
CA CYS J 130 -19.83 -26.21 -40.15
C CYS J 130 -19.11 -26.90 -41.30
N ALA J 131 -19.34 -26.40 -42.52
CA ALA J 131 -18.81 -27.00 -43.72
C ALA J 131 -18.35 -25.94 -44.71
N ILE J 132 -17.19 -26.16 -45.32
CA ILE J 132 -16.59 -25.24 -46.28
C ILE J 132 -16.14 -26.04 -47.50
N MET J 133 -16.50 -25.56 -48.68
CA MET J 133 -16.10 -26.18 -49.93
C MET J 133 -14.97 -25.39 -50.57
N VAL J 134 -13.99 -26.11 -51.12
CA VAL J 134 -12.86 -25.51 -51.81
C VAL J 134 -12.94 -25.98 -53.26
N GLY J 135 -13.46 -25.12 -54.13
CA GLY J 135 -13.61 -25.47 -55.53
C GLY J 135 -12.83 -24.55 -56.45
N VAL J 136 -13.28 -24.41 -57.69
CA VAL J 136 -12.61 -23.58 -58.68
C VAL J 136 -13.58 -22.57 -59.24
N LYS J 137 -13.03 -21.50 -59.80
CA LYS J 137 -13.83 -20.43 -60.38
C LYS J 137 -13.06 -19.81 -61.54
N GLN J 138 -13.79 -19.08 -62.38
CA GLN J 138 -13.20 -18.47 -63.57
C GLN J 138 -12.77 -17.06 -63.25
N ALA J 139 -11.50 -16.75 -63.51
CA ALA J 139 -10.93 -15.43 -63.30
C ALA J 139 -10.30 -14.93 -64.58
N LYS J 140 -9.78 -13.70 -64.54
CA LYS J 140 -9.14 -13.12 -65.72
C LYS J 140 -7.89 -13.90 -66.11
N GLY J 141 -7.08 -14.29 -65.13
CA GLY J 141 -5.87 -15.04 -65.41
C GLY J 141 -6.07 -16.50 -65.66
N GLY J 142 -7.29 -17.00 -65.50
CA GLY J 142 -7.61 -18.39 -65.72
C GLY J 142 -8.38 -18.95 -64.55
N ILE J 143 -8.32 -20.27 -64.40
CA ILE J 143 -9.00 -20.95 -63.30
C ILE J 143 -8.28 -20.66 -62.00
N ASP J 144 -9.04 -20.27 -60.98
CA ASP J 144 -8.49 -19.91 -59.68
C ASP J 144 -9.24 -20.63 -58.57
N PRO J 145 -8.55 -21.04 -57.51
CA PRO J 145 -9.27 -21.67 -56.39
C PRO J 145 -10.21 -20.70 -55.71
N ASP J 146 -11.31 -21.24 -55.19
CA ASP J 146 -12.37 -20.44 -54.59
C ASP J 146 -12.83 -21.16 -53.34
N ILE J 147 -13.20 -20.39 -52.32
CA ILE J 147 -13.66 -20.92 -51.05
C ILE J 147 -15.10 -20.47 -50.84
N ARG J 148 -15.98 -21.42 -50.56
CA ARG J 148 -17.37 -21.11 -50.28
C ARG J 148 -17.78 -21.75 -48.96
N ARG J 149 -18.74 -21.15 -48.28
CA ARG J 149 -19.26 -21.67 -47.02
C ARG J 149 -20.62 -22.30 -47.28
N ILE J 150 -20.80 -23.53 -46.80
CA ILE J 150 -22.04 -24.27 -47.01
C ILE J 150 -22.87 -24.15 -45.75
N ALA J 151 -24.08 -23.63 -45.89
CA ALA J 151 -24.96 -23.45 -44.74
C ALA J 151 -25.34 -24.80 -44.14
N TRP J 152 -25.59 -24.80 -42.83
CA TRP J 152 -25.98 -26.02 -42.14
C TRP J 152 -27.28 -26.57 -42.69
N ASP J 153 -28.16 -25.69 -43.18
CA ASP J 153 -29.41 -26.13 -43.79
C ASP J 153 -29.23 -26.63 -45.22
N ARG J 154 -28.04 -26.48 -45.79
CA ARG J 154 -27.77 -26.88 -47.17
C ARG J 154 -26.65 -27.91 -47.26
N PHE J 155 -26.37 -28.62 -46.17
CA PHE J 155 -25.29 -29.59 -46.12
C PHE J 155 -25.77 -30.86 -45.44
N TYR J 156 -25.51 -32.00 -46.07
CA TYR J 156 -25.83 -33.29 -45.47
C TYR J 156 -24.61 -34.19 -45.58
N TYR J 157 -24.53 -35.17 -44.68
CA TYR J 157 -23.35 -36.02 -44.56
C TYR J 157 -23.78 -37.46 -44.34
N ASP J 158 -22.80 -38.33 -44.16
CA ASP J 158 -23.08 -39.73 -43.87
C ASP J 158 -23.48 -39.87 -42.41
N PRO J 159 -24.69 -40.38 -42.12
CA PRO J 159 -25.11 -40.51 -40.71
C PRO J 159 -24.24 -41.47 -39.90
N HIS J 160 -23.49 -42.36 -40.55
CA HIS J 160 -22.67 -43.33 -39.85
C HIS J 160 -21.29 -42.80 -39.49
N ALA J 161 -20.99 -41.55 -39.83
CA ALA J 161 -19.69 -40.97 -39.49
C ALA J 161 -19.62 -40.69 -37.99
N THR J 162 -18.56 -41.18 -37.34
CA THR J 162 -18.39 -41.02 -35.91
C THR J 162 -17.31 -40.01 -35.53
N ALA J 163 -16.49 -39.57 -36.48
CA ALA J 163 -15.42 -38.63 -36.21
C ALA J 163 -15.86 -37.20 -36.50
N PHE J 164 -15.22 -36.25 -35.83
CA PHE J 164 -15.55 -34.85 -36.03
C PHE J 164 -14.89 -34.24 -37.26
N ASP J 165 -13.98 -34.96 -37.91
CA ASP J 165 -13.42 -34.55 -39.20
C ASP J 165 -14.20 -35.10 -40.38
N PHE J 166 -15.20 -35.96 -40.14
CA PHE J 166 -15.90 -36.68 -41.19
C PHE J 166 -14.94 -37.48 -42.07
N GLU J 167 -13.85 -37.95 -41.47
CA GLU J 167 -12.88 -38.74 -42.23
C GLU J 167 -13.45 -40.10 -42.61
N ASP J 168 -14.22 -40.71 -41.72
CA ASP J 168 -14.85 -41.99 -42.00
C ASP J 168 -16.20 -41.84 -42.68
N ALA J 169 -16.64 -40.62 -42.95
CA ALA J 169 -17.90 -40.40 -43.65
C ALA J 169 -17.83 -40.99 -45.06
N CYS J 170 -18.86 -41.74 -45.43
CA CYS J 170 -18.88 -42.35 -46.75
C CYS J 170 -19.21 -41.37 -47.85
N TYR J 171 -20.04 -40.35 -47.55
CA TYR J 171 -20.44 -39.38 -48.55
C TYR J 171 -20.85 -38.09 -47.86
N MET J 172 -20.86 -37.01 -48.63
CA MET J 172 -21.43 -35.75 -48.17
C MET J 172 -21.85 -34.93 -49.36
N GLY J 173 -22.90 -34.15 -49.19
CA GLY J 173 -23.49 -33.41 -50.29
C GLY J 173 -24.02 -32.06 -49.87
N VAL J 174 -24.27 -31.24 -50.89
CA VAL J 174 -24.75 -29.87 -50.75
C VAL J 174 -26.05 -29.72 -51.52
N VAL J 175 -27.02 -29.05 -50.90
CA VAL J 175 -28.30 -28.74 -51.53
C VAL J 175 -28.28 -27.27 -51.92
N VAL J 176 -28.51 -26.99 -53.20
CA VAL J 176 -28.47 -25.64 -53.73
C VAL J 176 -29.84 -25.29 -54.29
N TRP J 177 -30.41 -24.18 -53.81
CA TRP J 177 -31.66 -23.65 -54.33
C TRP J 177 -31.33 -22.43 -55.17
N MET J 178 -31.74 -22.47 -56.44
CA MET J 178 -31.44 -21.39 -57.37
C MET J 178 -32.65 -21.11 -58.23
N ASP J 179 -32.51 -20.14 -59.13
CA ASP J 179 -33.57 -19.83 -60.08
C ASP J 179 -33.52 -20.76 -61.27
N LEU J 180 -34.70 -20.99 -61.87
CA LEU J 180 -34.76 -21.87 -63.04
C LEU J 180 -33.97 -21.30 -64.20
N ASP J 181 -34.04 -19.98 -64.41
CA ASP J 181 -33.35 -19.36 -65.53
C ASP J 181 -31.84 -19.51 -65.40
N LYS J 182 -31.30 -19.21 -64.22
CA LYS J 182 -29.86 -19.34 -64.02
C LYS J 182 -29.41 -20.79 -64.03
N ALA J 183 -30.25 -21.70 -63.53
CA ALA J 183 -29.92 -23.12 -63.61
C ALA J 183 -29.84 -23.58 -65.07
N LYS J 184 -30.78 -23.12 -65.90
CA LYS J 184 -30.74 -23.45 -67.32
C LYS J 184 -29.51 -22.84 -67.99
N ALA J 185 -29.18 -21.59 -67.64
CA ALA J 185 -28.02 -20.94 -68.24
C ALA J 185 -26.73 -21.64 -67.86
N LYS J 186 -26.60 -22.06 -66.59
CA LYS J 186 -25.37 -22.71 -66.13
C LYS J 186 -25.27 -24.14 -66.64
N TYR J 187 -26.40 -24.84 -66.76
CA TYR J 187 -26.43 -26.23 -67.20
C TYR J 187 -27.43 -26.34 -68.35
N PRO J 188 -27.02 -25.93 -69.56
CA PRO J 188 -27.95 -26.02 -70.70
C PRO J 188 -28.13 -27.42 -71.24
N GLN J 189 -27.23 -28.36 -70.93
CA GLN J 189 -27.33 -29.71 -71.43
C GLN J 189 -28.33 -30.57 -70.66
N ALA J 190 -28.78 -30.11 -69.49
CA ALA J 190 -29.72 -30.86 -68.66
C ALA J 190 -30.83 -29.94 -68.17
N GLU J 191 -31.37 -29.13 -69.07
CA GLU J 191 -32.46 -28.23 -68.70
C GLU J 191 -33.79 -28.95 -68.56
N ASP J 192 -34.00 -30.03 -69.31
CA ASP J 192 -35.31 -30.70 -69.32
C ASP J 192 -35.65 -31.23 -67.93
N VAL J 193 -34.68 -31.89 -67.28
CA VAL J 193 -34.92 -32.36 -65.92
C VAL J 193 -35.19 -31.19 -64.98
N LEU J 194 -34.55 -30.04 -65.23
CA LEU J 194 -34.85 -28.85 -64.44
C LEU J 194 -36.31 -28.45 -64.58
N ILE J 195 -36.89 -28.65 -65.77
CA ILE J 195 -38.32 -28.42 -65.93
C ILE J 195 -39.11 -29.50 -65.20
N GLU J 196 -38.61 -30.74 -65.20
CA GLU J 196 -39.36 -31.83 -64.59
C GLU J 196 -39.31 -31.77 -63.07
N THR J 197 -38.27 -31.18 -62.50
CA THR J 197 -38.10 -31.12 -61.06
C THR J 197 -38.77 -29.91 -60.43
N TRP J 198 -39.54 -29.13 -61.20
CA TRP J 198 -40.24 -27.99 -60.64
C TRP J 198 -41.25 -28.44 -59.58
N ARG J 199 -41.73 -29.68 -59.70
CA ARG J 199 -42.57 -30.30 -58.66
C ARG J 199 -41.63 -31.15 -57.81
N GLN J 200 -41.79 -31.09 -56.50
CA GLN J 200 -40.87 -31.75 -55.58
C GLN J 200 -41.63 -32.68 -54.65
N ALA J 201 -41.00 -33.80 -54.31
CA ALA J 201 -41.52 -34.72 -53.31
C ALA J 201 -41.33 -34.12 -51.92
N GLN J 202 -42.19 -34.53 -50.99
CA GLN J 202 -42.16 -33.97 -49.65
C GLN J 202 -40.83 -34.28 -48.96
N GLN J 203 -40.26 -33.27 -48.31
CA GLN J 203 -39.00 -33.40 -47.60
C GLN J 203 -39.09 -32.64 -46.29
N SER J 204 -38.01 -32.65 -45.52
CA SER J 204 -37.97 -31.90 -44.27
C SER J 204 -37.89 -30.41 -44.55
N GLU J 205 -38.36 -29.62 -43.57
CA GLU J 205 -38.33 -28.17 -43.71
C GLU J 205 -36.92 -27.60 -43.65
N THR J 206 -35.95 -28.38 -43.18
CA THR J 206 -34.57 -27.90 -43.10
C THR J 206 -34.00 -27.64 -44.50
N TYR J 207 -34.25 -28.54 -45.44
CA TYR J 207 -33.69 -28.44 -46.77
C TYR J 207 -34.62 -27.76 -47.77
N ASP J 208 -35.77 -27.27 -47.31
CA ASP J 208 -36.66 -26.53 -48.20
C ASP J 208 -36.18 -25.09 -48.38
N ASP J 209 -36.78 -24.41 -49.34
CA ASP J 209 -36.45 -23.01 -49.58
C ASP J 209 -36.82 -22.18 -48.35
N LYS J 210 -35.90 -21.29 -47.95
CA LYS J 210 -36.10 -20.55 -46.71
C LYS J 210 -37.33 -19.65 -46.73
N PRO J 211 -37.57 -18.81 -47.74
CA PRO J 211 -38.80 -18.02 -47.75
C PRO J 211 -39.90 -18.71 -48.55
N LYS J 212 -41.12 -18.62 -48.02
CA LYS J 212 -42.28 -19.22 -48.68
C LYS J 212 -43.04 -18.19 -49.50
N ARG J 220 -43.90 -15.57 -61.88
CA ARG J 220 -43.54 -16.87 -62.43
C ARG J 220 -42.07 -17.20 -62.18
N ARG J 221 -41.59 -16.85 -60.99
CA ARG J 221 -40.22 -17.12 -60.60
C ARG J 221 -40.16 -18.53 -60.02
N ARG J 222 -39.56 -19.45 -60.77
CA ARG J 222 -39.49 -20.85 -60.38
C ARG J 222 -38.17 -21.13 -59.69
N ARG J 223 -38.22 -21.86 -58.58
CA ARG J 223 -37.05 -22.20 -57.80
C ARG J 223 -36.75 -23.69 -57.98
N VAL J 224 -35.48 -24.00 -58.21
CA VAL J 224 -35.04 -25.36 -58.49
C VAL J 224 -34.01 -25.77 -57.45
N ARG J 225 -34.12 -27.01 -56.97
CA ARG J 225 -33.21 -27.57 -55.98
C ARG J 225 -32.33 -28.62 -56.64
N ILE J 226 -31.03 -28.53 -56.40
CA ILE J 226 -30.04 -29.42 -57.01
C ILE J 226 -29.13 -29.95 -55.91
N CYS J 227 -28.89 -31.26 -55.92
CA CYS J 227 -28.03 -31.91 -54.94
C CYS J 227 -26.71 -32.29 -55.59
N GLU J 228 -25.60 -31.85 -55.00
CA GLU J 228 -24.26 -32.20 -55.45
C GLU J 228 -23.59 -33.01 -54.35
N GLU J 229 -23.36 -34.30 -54.62
CA GLU J 229 -22.89 -35.23 -53.61
C GLU J 229 -21.58 -35.86 -54.03
N TYR J 230 -20.61 -35.90 -53.11
CA TYR J 230 -19.36 -36.61 -53.29
C TYR J 230 -19.41 -37.85 -52.41
N TYR J 231 -19.23 -39.02 -53.02
CA TYR J 231 -19.32 -40.28 -52.30
C TYR J 231 -18.10 -41.15 -52.61
N LEU J 232 -17.71 -41.96 -51.64
CA LEU J 232 -16.53 -42.81 -51.74
C LEU J 232 -16.93 -44.19 -52.22
N ASP J 233 -16.99 -44.35 -53.54
CA ASP J 233 -17.20 -45.67 -54.12
C ASP J 233 -15.94 -46.49 -53.90
N GLY J 234 -16.08 -47.82 -54.02
CA GLY J 234 -14.97 -48.71 -53.77
C GLY J 234 -13.73 -48.40 -54.60
N GLU J 235 -13.92 -47.88 -55.81
CA GLU J 235 -12.79 -47.50 -56.64
C GLU J 235 -12.16 -46.18 -56.21
N GLY J 236 -12.96 -45.24 -55.72
CA GLY J 236 -12.42 -43.96 -55.29
C GLY J 236 -13.53 -42.96 -55.04
N TRP J 237 -13.13 -41.69 -54.96
CA TRP J 237 -14.09 -40.61 -54.72
C TRP J 237 -14.76 -40.22 -56.03
N LYS J 238 -16.09 -40.11 -56.00
CA LYS J 238 -16.86 -39.74 -57.18
C LYS J 238 -17.79 -38.58 -56.83
N PHE J 239 -18.10 -37.78 -57.84
CA PHE J 239 -18.92 -36.59 -57.69
C PHE J 239 -20.11 -36.68 -58.63
N CYS J 240 -21.30 -36.39 -58.10
CA CYS J 240 -22.52 -36.36 -58.90
C CYS J 240 -23.28 -35.09 -58.60
N MET J 241 -23.91 -34.53 -59.63
CA MET J 241 -24.83 -33.40 -59.48
C MET J 241 -26.14 -33.79 -60.14
N PHE J 242 -27.23 -33.74 -59.38
CA PHE J 242 -28.48 -34.33 -59.84
C PHE J 242 -29.65 -33.61 -59.20
N THR J 243 -30.85 -34.03 -59.60
CA THR J 243 -32.10 -33.65 -58.96
C THR J 243 -32.92 -34.91 -58.74
N LYS J 244 -34.17 -34.77 -58.32
CA LYS J 244 -35.03 -35.93 -58.18
C LYS J 244 -35.57 -36.44 -59.50
N ALA J 245 -35.33 -35.72 -60.60
CA ALA J 245 -35.85 -36.11 -61.90
C ALA J 245 -34.79 -36.70 -62.83
N GLY J 246 -33.51 -36.42 -62.59
CA GLY J 246 -32.48 -36.92 -63.47
C GLY J 246 -31.11 -36.44 -63.03
N PHE J 247 -30.11 -36.79 -63.85
CA PHE J 247 -28.72 -36.45 -63.59
C PHE J 247 -28.37 -35.19 -64.37
N ILE J 248 -28.05 -34.11 -63.66
CA ILE J 248 -27.48 -32.94 -64.31
C ILE J 248 -26.05 -33.23 -64.77
N VAL J 249 -25.28 -33.89 -63.92
CA VAL J 249 -23.93 -34.34 -64.27
C VAL J 249 -23.84 -35.84 -63.97
N PRO J 250 -23.44 -36.67 -64.93
CA PRO J 250 -23.41 -38.10 -64.68
C PRO J 250 -22.33 -38.45 -63.66
N PRO J 251 -22.49 -39.57 -62.94
CA PRO J 251 -21.48 -39.95 -61.94
C PRO J 251 -20.11 -40.14 -62.59
N MET J 252 -19.17 -39.30 -62.18
CA MET J 252 -17.82 -39.30 -62.71
C MET J 252 -16.85 -39.16 -61.55
N PRO J 253 -15.59 -39.56 -61.73
CA PRO J 253 -14.59 -39.34 -60.68
C PRO J 253 -14.44 -37.87 -60.37
N SER J 254 -14.18 -37.58 -59.09
CA SER J 254 -14.12 -36.20 -58.63
C SER J 254 -13.01 -35.45 -59.35
N PRO J 255 -13.27 -34.26 -59.89
CA PRO J 255 -12.24 -33.51 -60.60
C PRO J 255 -11.26 -32.79 -59.69
N TYR J 256 -11.45 -32.84 -58.38
CA TYR J 256 -10.58 -32.16 -57.43
C TYR J 256 -9.53 -33.14 -56.95
N ILE J 257 -8.26 -32.74 -57.01
CA ILE J 257 -7.15 -33.61 -56.66
C ILE J 257 -6.72 -33.30 -55.23
N GLY J 258 -6.56 -34.35 -54.42
CA GLY J 258 -6.20 -34.21 -53.03
C GLY J 258 -4.68 -34.17 -52.83
N GLU J 259 -4.29 -34.31 -51.57
CA GLU J 259 -2.88 -34.28 -51.21
C GLU J 259 -2.11 -35.49 -51.74
N ASP J 260 -2.79 -36.61 -51.98
CA ASP J 260 -2.14 -37.83 -52.44
C ASP J 260 -2.17 -37.98 -53.95
N GLY J 261 -2.66 -36.98 -54.68
CA GLY J 261 -2.77 -37.07 -56.11
C GLY J 261 -4.02 -37.78 -56.61
N GLU J 262 -4.87 -38.25 -55.71
CA GLU J 262 -6.10 -38.94 -56.05
C GLU J 262 -7.30 -38.05 -55.78
N PRO J 263 -8.41 -38.25 -56.50
CA PRO J 263 -9.61 -37.45 -56.24
C PRO J 263 -10.10 -37.62 -54.81
N GLU J 264 -10.59 -36.52 -54.23
CA GLU J 264 -11.08 -36.55 -52.87
C GLU J 264 -12.25 -35.56 -52.75
N CYS J 265 -13.02 -35.72 -51.69
CA CYS J 265 -14.13 -34.80 -51.44
C CYS J 265 -13.59 -33.42 -51.06
N PRO J 266 -13.99 -32.36 -51.76
CA PRO J 266 -13.50 -31.02 -51.42
C PRO J 266 -14.20 -30.39 -50.23
N ILE J 267 -15.31 -30.95 -49.77
CA ILE J 267 -16.05 -30.39 -48.64
C ILE J 267 -15.33 -30.79 -47.36
N LYS J 268 -14.87 -29.80 -46.59
CA LYS J 268 -14.25 -30.02 -45.30
C LYS J 268 -15.21 -29.51 -44.23
N ALA J 269 -15.59 -30.39 -43.32
CA ALA J 269 -16.57 -30.06 -42.30
C ALA J 269 -16.07 -30.49 -40.93
N VAL J 270 -16.48 -29.73 -39.91
CA VAL J 270 -16.14 -30.05 -38.53
C VAL J 270 -17.38 -29.92 -37.66
N SER J 271 -17.32 -30.56 -36.49
CA SER J 271 -18.39 -30.54 -35.52
C SER J 271 -17.81 -30.28 -34.13
N LEU J 272 -18.63 -29.70 -33.27
CA LEU J 272 -18.18 -29.34 -31.93
C LEU J 272 -18.29 -30.52 -30.96
N TYR J 273 -19.50 -31.04 -30.78
CA TYR J 273 -19.74 -32.16 -29.89
C TYR J 273 -20.50 -33.25 -30.64
N ILE J 274 -20.11 -34.49 -30.42
CA ILE J 274 -20.73 -35.65 -31.06
C ILE J 274 -21.37 -36.50 -29.98
N ASP J 275 -22.67 -36.76 -30.12
CA ASP J 275 -23.40 -37.56 -29.17
C ASP J 275 -23.02 -39.04 -29.33
N ARG J 276 -23.43 -39.85 -28.36
CA ARG J 276 -23.20 -41.29 -28.42
C ARG J 276 -23.99 -41.95 -29.56
N ASP J 277 -24.96 -41.24 -30.14
CA ASP J 277 -25.74 -41.75 -31.26
C ASP J 277 -25.47 -40.95 -32.54
N ASN J 278 -24.23 -40.48 -32.70
CA ASN J 278 -23.81 -39.74 -33.89
C ASN J 278 -24.67 -38.49 -34.12
N ASN J 279 -25.03 -37.81 -33.04
CA ASN J 279 -25.77 -36.55 -33.11
C ASN J 279 -24.82 -35.41 -32.81
N ARG J 280 -24.81 -34.41 -33.69
CA ARG J 280 -23.88 -33.29 -33.59
C ARG J 280 -24.63 -32.06 -33.08
N TYR J 281 -24.03 -31.37 -32.12
CA TYR J 281 -24.65 -30.20 -31.50
C TYR J 281 -23.57 -29.27 -30.99
N GLY J 282 -23.96 -28.03 -30.72
CA GLY J 282 -23.04 -27.01 -30.25
C GLY J 282 -23.20 -26.72 -28.77
N GLU J 283 -22.58 -25.61 -28.35
CA GLU J 283 -22.61 -25.22 -26.94
C GLU J 283 -23.97 -24.66 -26.55
N VAL J 284 -24.73 -24.13 -27.51
CA VAL J 284 -25.98 -23.44 -27.20
C VAL J 284 -26.95 -24.39 -26.50
N ARG J 285 -26.96 -25.65 -26.91
CA ARG J 285 -27.82 -26.65 -26.29
C ARG J 285 -27.63 -26.68 -24.78
N THR J 286 -26.39 -26.52 -24.32
CA THR J 286 -26.12 -26.56 -22.88
C THR J 286 -26.89 -25.48 -22.15
N MET J 287 -27.03 -24.31 -22.78
CA MET J 287 -27.77 -23.20 -22.17
C MET J 287 -29.27 -23.27 -22.40
N ILE J 288 -29.75 -24.28 -23.14
CA ILE J 288 -31.17 -24.36 -23.44
C ILE J 288 -31.98 -24.60 -22.16
N GLY J 289 -31.49 -25.47 -21.29
CA GLY J 289 -32.17 -25.81 -20.06
C GLY J 289 -32.46 -24.62 -19.17
N PRO J 290 -31.40 -23.99 -18.64
CA PRO J 290 -31.63 -22.85 -17.74
C PRO J 290 -32.40 -21.70 -18.36
N GLN J 291 -32.21 -21.45 -19.66
CA GLN J 291 -32.86 -20.30 -20.29
C GLN J 291 -34.38 -20.39 -20.18
N ASP J 292 -34.94 -21.58 -20.40
CA ASP J 292 -36.37 -21.76 -20.20
C ASP J 292 -36.78 -21.40 -18.79
N GLU J 293 -36.01 -21.85 -17.79
CA GLU J 293 -36.31 -21.52 -16.41
C GLU J 293 -36.19 -20.03 -16.15
N ILE J 294 -35.42 -19.31 -16.96
CA ILE J 294 -35.39 -17.86 -16.84
C ILE J 294 -36.72 -17.26 -17.27
N ASN J 295 -37.34 -17.82 -18.30
CA ASN J 295 -38.59 -17.26 -18.82
C ASN J 295 -39.79 -17.70 -17.98
N LYS J 296 -40.03 -19.02 -17.93
CA LYS J 296 -41.24 -19.51 -17.28
C LYS J 296 -41.33 -19.07 -15.83
N ARG J 297 -40.27 -19.33 -15.05
CA ARG J 297 -40.27 -18.95 -13.64
C ARG J 297 -40.44 -17.45 -13.46
N ARG J 298 -40.11 -16.65 -14.48
CA ARG J 298 -40.46 -15.23 -14.42
C ARG J 298 -41.94 -15.04 -14.73
N SER J 299 -42.39 -15.55 -15.88
CA SER J 299 -43.77 -15.31 -16.32
C SER J 299 -44.75 -15.85 -15.29
N LYS J 300 -44.54 -17.10 -14.84
CA LYS J 300 -45.37 -17.66 -13.79
C LYS J 300 -45.41 -16.73 -12.58
N ALA J 301 -44.24 -16.21 -12.17
CA ALA J 301 -44.21 -15.31 -11.03
C ALA J 301 -45.10 -14.11 -11.25
N LEU J 302 -45.07 -13.54 -12.46
CA LEU J 302 -45.93 -12.40 -12.76
C LEU J 302 -47.40 -12.76 -12.58
N HIS J 303 -47.77 -14.00 -12.87
CA HIS J 303 -49.14 -14.43 -12.67
C HIS J 303 -49.50 -14.46 -11.18
N LEU J 304 -48.57 -14.83 -10.31
CA LEU J 304 -48.82 -14.70 -8.88
C LEU J 304 -48.86 -13.25 -8.42
N ILE J 305 -48.48 -12.30 -9.28
CA ILE J 305 -48.30 -10.93 -8.82
C ILE J 305 -49.52 -10.07 -9.15
N ASN J 306 -50.04 -10.20 -10.37
CA ASN J 306 -51.16 -9.38 -10.82
C ASN J 306 -52.51 -10.02 -10.55
N SER J 307 -52.55 -11.18 -9.89
CA SER J 307 -53.80 -11.85 -9.59
C SER J 307 -53.84 -12.21 -8.11
N ARG J 308 -55.06 -12.33 -7.59
CA ARG J 308 -55.28 -12.65 -6.19
C ARG J 308 -56.18 -13.87 -6.08
N GLN J 309 -55.97 -14.65 -5.02
CA GLN J 309 -56.80 -15.81 -4.72
C GLN J 309 -57.84 -15.38 -3.69
N VAL J 310 -59.12 -15.55 -4.04
CA VAL J 310 -60.23 -15.03 -3.24
C VAL J 310 -61.14 -16.18 -2.87
N ARG J 311 -61.45 -16.29 -1.58
CA ARG J 311 -62.47 -17.20 -1.08
C ARG J 311 -63.74 -16.40 -0.82
N VAL J 312 -64.85 -16.86 -1.39
CA VAL J 312 -66.12 -16.16 -1.36
C VAL J 312 -67.13 -17.03 -0.62
N SER J 313 -67.83 -16.44 0.34
CA SER J 313 -68.87 -17.16 1.05
C SER J 313 -70.06 -17.43 0.13
N PRO J 314 -70.75 -18.55 0.33
CA PRO J 314 -71.93 -18.84 -0.52
C PRO J 314 -73.05 -17.82 -0.39
N ASN J 315 -73.08 -17.06 0.69
CA ASN J 315 -74.11 -16.03 0.86
C ASN J 315 -73.99 -14.93 -0.18
N VAL J 316 -72.83 -14.77 -0.82
CA VAL J 316 -72.63 -13.74 -1.83
C VAL J 316 -73.42 -14.11 -3.07
N GLN J 317 -74.19 -13.15 -3.59
CA GLN J 317 -75.03 -13.36 -4.76
C GLN J 317 -74.35 -12.90 -6.05
N MET J 318 -73.03 -12.96 -6.11
CA MET J 318 -72.28 -12.59 -7.29
C MET J 318 -71.34 -13.72 -7.69
N ASP J 319 -70.96 -13.73 -8.97
CA ASP J 319 -70.08 -14.77 -9.48
C ASP J 319 -68.72 -14.70 -8.81
N ALA J 320 -68.18 -15.87 -8.46
CA ALA J 320 -66.90 -15.92 -7.77
C ALA J 320 -65.78 -15.38 -8.67
N GLN J 321 -65.79 -15.73 -9.95
CA GLN J 321 -64.76 -15.24 -10.86
C GLN J 321 -64.84 -13.73 -11.03
N SER J 322 -66.05 -13.19 -11.13
CA SER J 322 -66.21 -11.74 -11.23
C SER J 322 -65.72 -11.05 -9.97
N VAL J 323 -66.02 -11.61 -8.80
CA VAL J 323 -65.55 -11.04 -7.55
C VAL J 323 -64.02 -11.06 -7.49
N ARG J 324 -63.42 -12.17 -7.91
CA ARG J 324 -61.96 -12.26 -7.92
C ARG J 324 -61.36 -11.25 -8.88
N LYS J 325 -61.96 -11.08 -10.07
CA LYS J 325 -61.45 -10.11 -11.03
C LYS J 325 -61.54 -8.70 -10.48
N GLU J 326 -62.65 -8.38 -9.82
CA GLU J 326 -62.80 -7.06 -9.21
C GLU J 326 -61.79 -6.84 -8.09
N LEU J 327 -61.55 -7.87 -7.27
CA LEU J 327 -60.65 -7.72 -6.14
C LEU J 327 -59.19 -7.68 -6.58
N SER J 328 -58.86 -8.28 -7.73
CA SER J 328 -57.50 -8.22 -8.23
C SER J 328 -57.16 -6.87 -8.85
N LYS J 329 -58.15 -6.08 -9.22
CA LYS J 329 -57.90 -4.77 -9.77
C LYS J 329 -57.32 -3.85 -8.70
N PRO J 330 -56.37 -2.99 -9.05
CA PRO J 330 -55.82 -2.05 -8.06
C PRO J 330 -56.85 -1.11 -7.48
N ASP J 331 -57.94 -0.83 -8.21
CA ASP J 331 -58.98 0.07 -7.76
C ASP J 331 -60.34 -0.62 -7.71
N GLY J 332 -60.34 -1.90 -7.35
CA GLY J 332 -61.59 -2.64 -7.26
C GLY J 332 -62.32 -2.38 -5.97
N VAL J 333 -63.59 -2.81 -5.93
CA VAL J 333 -64.46 -2.64 -4.78
C VAL J 333 -65.19 -3.95 -4.50
N PHE J 334 -65.66 -4.08 -3.27
CA PHE J 334 -66.49 -5.20 -2.86
C PHE J 334 -67.57 -4.70 -1.92
N VAL J 335 -68.80 -5.15 -2.15
CA VAL J 335 -69.94 -4.76 -1.33
C VAL J 335 -70.38 -6.00 -0.55
N GLY J 336 -70.26 -5.93 0.77
CA GLY J 336 -70.64 -7.03 1.63
C GLY J 336 -70.02 -6.89 3.00
N ASP J 337 -70.64 -7.57 3.96
CA ASP J 337 -70.15 -7.55 5.33
C ASP J 337 -68.82 -8.28 5.42
N SER J 338 -68.00 -7.85 6.38
CA SER J 338 -66.70 -8.46 6.58
C SER J 338 -66.86 -9.93 6.98
N GLY J 339 -66.09 -10.80 6.33
CA GLY J 339 -66.12 -12.22 6.60
C GLY J 339 -66.51 -13.07 5.40
N GLU J 340 -67.42 -12.55 4.56
CA GLU J 340 -67.84 -13.30 3.38
C GLU J 340 -66.77 -13.36 2.29
N VAL J 341 -65.75 -12.53 2.38
CA VAL J 341 -64.66 -12.52 1.40
C VAL J 341 -63.35 -12.65 2.14
N GLU J 342 -62.40 -13.38 1.54
CA GLU J 342 -61.09 -13.58 2.14
C GLU J 342 -60.04 -13.61 1.05
N ILE J 343 -58.88 -13.03 1.32
CA ILE J 343 -57.77 -13.01 0.38
C ILE J 343 -56.75 -14.03 0.85
N LEU J 344 -56.68 -15.17 0.16
CA LEU J 344 -55.71 -16.19 0.51
C LEU J 344 -54.31 -15.72 0.16
N PRO J 345 -53.35 -15.79 1.09
CA PRO J 345 -52.00 -15.28 0.79
C PRO J 345 -51.29 -16.17 -0.21
N THR J 346 -50.71 -15.54 -1.24
CA THR J 346 -49.95 -16.25 -2.26
C THR J 346 -48.60 -15.60 -2.52
N GLN J 347 -48.13 -14.76 -1.60
CA GLN J 347 -46.85 -14.09 -1.80
C GLN J 347 -45.67 -15.04 -1.63
N ASP J 348 -45.84 -16.13 -0.88
CA ASP J 348 -44.77 -17.11 -0.76
C ASP J 348 -44.48 -17.75 -2.11
N MET J 349 -45.52 -18.03 -2.89
CA MET J 349 -45.33 -18.58 -4.23
C MET J 349 -44.49 -17.64 -5.09
N ALA J 350 -44.82 -16.35 -5.08
CA ALA J 350 -44.09 -15.38 -5.87
C ALA J 350 -42.65 -15.25 -5.39
N SER J 351 -42.44 -15.24 -4.08
CA SER J 351 -41.08 -15.14 -3.55
C SER J 351 -40.24 -16.35 -3.95
N ALA J 352 -40.82 -17.55 -3.86
CA ALA J 352 -40.10 -18.74 -4.25
C ALA J 352 -39.79 -18.74 -5.74
N ASN J 353 -40.75 -18.31 -6.56
CA ASN J 353 -40.50 -18.24 -8.01
C ASN J 353 -39.41 -17.24 -8.34
N LEU J 354 -39.40 -16.09 -7.65
CA LEU J 354 -38.35 -15.11 -7.88
C LEU J 354 -36.98 -15.65 -7.44
N ALA J 355 -36.94 -16.37 -6.33
CA ALA J 355 -35.68 -16.96 -5.88
C ALA J 355 -35.17 -17.97 -6.89
N MET J 356 -36.06 -18.81 -7.41
CA MET J 356 -35.66 -19.80 -8.41
C MET J 356 -35.21 -19.13 -9.70
N LEU J 357 -35.88 -18.05 -10.08
CA LEU J 357 -35.46 -17.31 -11.27
C LEU J 357 -34.07 -16.71 -11.08
N GLN J 358 -33.80 -16.15 -9.90
CA GLN J 358 -32.47 -15.61 -9.62
C GLN J 358 -31.41 -16.71 -9.64
N GLU J 359 -31.74 -17.88 -9.08
CA GLU J 359 -30.79 -18.98 -9.09
C GLU J 359 -30.53 -19.46 -10.52
N ALA J 360 -31.56 -19.50 -11.36
CA ALA J 360 -31.38 -19.86 -12.76
C ALA J 360 -30.53 -18.82 -13.49
N LYS J 361 -30.72 -17.53 -13.17
CA LYS J 361 -29.88 -16.50 -13.77
C LYS J 361 -28.42 -16.67 -13.38
N ASN J 362 -28.18 -16.98 -12.10
CA ASN J 362 -26.81 -17.24 -11.66
C ASN J 362 -26.24 -18.47 -12.37
N GLU J 363 -27.07 -19.50 -12.56
CA GLU J 363 -26.62 -20.69 -13.27
C GLU J 363 -26.22 -20.38 -14.70
N ILE J 364 -27.04 -19.58 -15.40
CA ILE J 364 -26.71 -19.25 -16.78
C ILE J 364 -25.50 -18.32 -16.85
N ASP J 365 -25.31 -17.47 -15.83
CA ASP J 365 -24.15 -16.59 -15.82
C ASP J 365 -22.86 -17.37 -15.62
N LEU J 366 -22.83 -18.26 -14.62
CA LEU J 366 -21.64 -19.04 -14.36
C LEU J 366 -21.38 -20.07 -15.46
N LEU J 367 -22.44 -20.70 -15.96
CA LEU J 367 -22.30 -21.71 -17.01
C LEU J 367 -21.77 -21.10 -18.30
N GLY J 368 -22.24 -19.90 -18.64
CA GLY J 368 -21.82 -19.24 -19.85
C GLY J 368 -20.32 -18.99 -19.88
N PRO J 369 -19.62 -19.66 -20.78
CA PRO J 369 -18.16 -19.54 -20.83
C PRO J 369 -17.74 -18.15 -21.30
N ASN J 370 -16.54 -17.74 -20.90
CA ASN J 370 -15.90 -16.53 -21.40
C ASN J 370 -16.69 -15.28 -21.03
N ALA J 371 -16.91 -15.12 -19.73
CA ALA J 371 -17.53 -13.90 -19.24
C ALA J 371 -16.48 -12.81 -19.06
N ALA J 372 -16.15 -12.14 -20.16
CA ALA J 372 -15.10 -11.12 -20.16
C ALA J 372 -15.57 -9.87 -19.43
N MET J 381 -10.35 -1.91 -4.78
CA MET J 381 -9.03 -2.37 -5.18
C MET J 381 -9.03 -3.88 -5.44
N SER J 382 -10.22 -4.44 -5.64
CA SER J 382 -10.40 -5.86 -5.89
C SER J 382 -11.30 -6.04 -7.11
N GLY J 383 -11.49 -7.30 -7.50
CA GLY J 383 -12.28 -7.60 -8.68
C GLY J 383 -11.58 -8.53 -9.65
N ARG J 384 -10.50 -9.18 -9.19
CA ARG J 384 -9.74 -10.09 -10.03
C ARG J 384 -10.49 -11.36 -10.36
N ALA J 385 -11.62 -11.63 -9.70
CA ALA J 385 -12.40 -12.82 -9.99
C ALA J 385 -12.91 -12.82 -11.43
N ILE J 386 -13.14 -11.65 -12.01
CA ILE J 386 -13.57 -11.57 -13.40
C ILE J 386 -12.46 -12.04 -14.32
N LEU J 387 -11.21 -11.72 -14.01
CA LEU J 387 -10.09 -12.22 -14.79
C LEU J 387 -10.00 -13.75 -14.71
N ALA J 388 -10.21 -14.31 -13.52
CA ALA J 388 -10.21 -15.75 -13.37
C ALA J 388 -11.34 -16.39 -14.17
N GLN J 389 -12.52 -15.78 -14.16
CA GLN J 389 -13.62 -16.30 -14.95
C GLN J 389 -13.31 -16.23 -16.44
N GLN J 390 -12.68 -15.14 -16.88
CA GLN J 390 -12.32 -15.01 -18.29
C GLN J 390 -11.30 -16.06 -18.72
N GLN J 391 -10.29 -16.30 -17.88
CA GLN J 391 -9.29 -17.32 -18.24
C GLN J 391 -9.88 -18.72 -18.18
N GLY J 392 -10.79 -18.97 -17.25
CA GLY J 392 -11.48 -20.26 -17.24
C GLY J 392 -12.34 -20.46 -18.47
N GLY J 393 -13.03 -19.40 -18.90
CA GLY J 393 -13.80 -19.49 -20.13
C GLY J 393 -12.92 -19.72 -21.35
N MET J 394 -11.75 -19.08 -21.37
CA MET J 394 -10.79 -19.34 -22.46
C MET J 394 -10.34 -20.79 -22.45
N THR J 395 -10.06 -21.34 -21.27
CA THR J 395 -9.70 -22.75 -21.17
C THR J 395 -10.82 -23.64 -21.66
N GLU J 396 -12.07 -23.31 -21.32
CA GLU J 396 -13.21 -24.10 -21.77
C GLU J 396 -13.39 -24.02 -23.27
N ALA J 397 -13.20 -22.84 -23.86
CA ALA J 397 -13.36 -22.63 -25.29
C ALA J 397 -12.12 -22.99 -26.08
N ALA J 398 -11.07 -23.46 -25.42
CA ALA J 398 -9.91 -24.01 -26.14
C ALA J 398 -10.33 -25.09 -27.12
N THR J 399 -11.31 -25.92 -26.76
CA THR J 399 -11.79 -26.94 -27.69
C THR J 399 -12.44 -26.33 -28.93
N TYR J 400 -13.25 -25.29 -28.73
CA TYR J 400 -13.87 -24.60 -29.86
C TYR J 400 -12.81 -23.98 -30.76
N LEU J 401 -11.81 -23.35 -30.17
CA LEU J 401 -10.73 -22.75 -30.95
C LEU J 401 -9.93 -23.82 -31.69
N ASP J 402 -9.73 -24.98 -31.06
CA ASP J 402 -9.03 -26.08 -31.72
C ASP J 402 -9.81 -26.59 -32.92
N ARG J 403 -11.13 -26.71 -32.77
CA ARG J 403 -11.96 -27.10 -33.91
C ARG J 403 -11.85 -26.10 -35.04
N ILE J 404 -11.88 -24.80 -34.71
CA ILE J 404 -11.76 -23.76 -35.73
C ILE J 404 -10.41 -23.86 -36.43
N ARG J 405 -9.33 -24.07 -35.66
CA ARG J 405 -8.01 -24.15 -36.25
C ARG J 405 -7.86 -25.39 -37.12
N ALA J 406 -8.48 -26.51 -36.72
CA ALA J 406 -8.43 -27.71 -37.55
C ALA J 406 -9.16 -27.49 -38.86
N LEU J 407 -10.33 -26.84 -38.82
CA LEU J 407 -11.04 -26.51 -40.05
C LEU J 407 -10.21 -25.61 -40.94
N SER J 408 -9.54 -24.62 -40.35
CA SER J 408 -8.70 -23.71 -41.12
C SER J 408 -7.54 -24.44 -41.77
N ILE J 409 -6.91 -25.37 -41.04
CA ILE J 409 -5.80 -26.13 -41.60
C ILE J 409 -6.27 -26.99 -42.77
N ALA J 410 -7.43 -27.65 -42.61
CA ALA J 410 -7.96 -28.46 -43.70
C ALA J 410 -8.26 -27.60 -44.93
N VAL J 411 -8.84 -26.42 -44.71
CA VAL J 411 -9.15 -25.52 -45.81
C VAL J 411 -7.87 -25.08 -46.51
N TYR J 412 -6.83 -24.75 -45.75
CA TYR J 412 -5.57 -24.34 -46.35
C TYR J 412 -4.93 -25.46 -47.16
N ARG J 413 -4.98 -26.69 -46.63
CA ARG J 413 -4.42 -27.82 -47.37
C ARG J 413 -5.18 -28.05 -48.68
N SER J 414 -6.51 -27.96 -48.63
CA SER J 414 -7.29 -28.11 -49.86
C SER J 414 -6.99 -27.00 -50.84
N VAL J 415 -6.79 -25.78 -50.34
CA VAL J 415 -6.45 -24.65 -51.22
C VAL J 415 -5.11 -24.89 -51.90
N TRP J 416 -4.13 -25.37 -51.15
CA TRP J 416 -2.83 -25.68 -51.75
C TRP J 416 -2.95 -26.78 -52.80
N ALA J 417 -3.77 -27.79 -52.53
CA ALA J 417 -4.00 -28.83 -53.53
C ALA J 417 -4.63 -28.27 -54.79
N ARG J 418 -5.64 -27.41 -54.64
CA ARG J 418 -6.26 -26.80 -55.81
C ARG J 418 -5.26 -25.93 -56.58
N ILE J 419 -4.40 -25.21 -55.87
CA ILE J 419 -3.42 -24.35 -56.53
C ILE J 419 -2.44 -25.20 -57.32
N ARG J 420 -1.95 -26.29 -56.72
CA ARG J 420 -1.06 -27.19 -57.45
C ARG J 420 -1.77 -27.90 -58.60
N GLN J 421 -3.11 -27.99 -58.55
CA GLN J 421 -3.84 -28.69 -59.61
C GLN J 421 -4.14 -27.78 -60.80
N VAL J 422 -4.57 -26.54 -60.55
CA VAL J 422 -5.13 -25.72 -61.62
C VAL J 422 -4.27 -24.53 -62.01
N TRP J 423 -3.37 -24.07 -61.14
CA TRP J 423 -2.58 -22.89 -61.46
C TRP J 423 -1.53 -23.20 -62.51
N THR J 424 -1.31 -22.25 -63.41
CA THR J 424 -0.32 -22.36 -64.48
C THR J 424 0.85 -21.44 -64.17
N GLY J 425 1.88 -21.52 -65.02
CA GLY J 425 3.05 -20.68 -64.83
C GLY J 425 2.74 -19.20 -64.97
N GLU J 426 1.88 -18.86 -65.93
CA GLU J 426 1.50 -17.45 -66.11
C GLU J 426 0.79 -16.92 -64.87
N ARG J 427 -0.10 -17.70 -64.29
CA ARG J 427 -0.77 -17.28 -63.06
C ARG J 427 0.21 -17.16 -61.91
N TRP J 428 1.18 -18.08 -61.83
CA TRP J 428 2.19 -18.01 -60.78
C TRP J 428 2.99 -16.72 -60.88
N VAL J 429 3.41 -16.37 -62.10
CA VAL J 429 4.18 -15.14 -62.29
C VAL J 429 3.30 -13.92 -62.02
N ARG J 430 2.03 -13.98 -62.40
CA ARG J 430 1.14 -12.85 -62.18
C ARG J 430 0.91 -12.61 -60.69
N VAL J 431 0.79 -13.67 -59.91
CA VAL J 431 0.47 -13.52 -58.50
C VAL J 431 1.72 -13.27 -57.67
N THR J 432 2.65 -14.23 -57.67
CA THR J 432 3.81 -14.14 -56.78
C THR J 432 4.92 -13.26 -57.35
N ASP J 433 4.89 -12.95 -58.64
CA ASP J 433 5.89 -12.08 -59.28
C ASP J 433 7.29 -12.62 -59.08
N ASN J 434 7.44 -13.95 -59.13
CA ASN J 434 8.74 -14.59 -58.98
C ASN J 434 8.88 -15.68 -60.03
N GLU J 435 10.02 -15.69 -60.72
CA GLU J 435 10.26 -16.66 -61.78
C GLU J 435 10.65 -18.03 -61.24
N ARG J 436 11.12 -18.11 -59.99
CA ARG J 436 11.45 -19.40 -59.40
C ARG J 436 10.26 -20.30 -59.13
N ASN J 437 9.08 -19.71 -58.92
CA ASN J 437 7.88 -20.47 -58.60
C ASN J 437 7.44 -21.29 -59.81
N LEU J 438 8.11 -21.15 -60.95
CA LEU J 438 7.86 -22.01 -62.10
C LEU J 438 8.11 -23.47 -61.78
N ARG J 439 8.89 -23.79 -60.75
CA ARG J 439 9.05 -25.19 -60.39
C ARG J 439 7.84 -25.77 -59.67
N PHE J 440 6.85 -24.94 -59.32
CA PHE J 440 5.68 -25.42 -58.58
C PHE J 440 4.39 -25.33 -59.40
N VAL J 441 4.50 -25.22 -60.72
CA VAL J 441 3.30 -25.09 -61.54
C VAL J 441 2.64 -26.42 -61.85
N GLY J 442 3.33 -27.53 -61.61
CA GLY J 442 2.76 -28.83 -61.91
C GLY J 442 2.68 -29.75 -60.71
N LEU J 443 2.36 -31.02 -60.94
CA LEU J 443 2.29 -32.01 -59.88
C LEU J 443 3.48 -32.96 -59.88
N ASN J 444 4.15 -33.15 -61.01
CA ASN J 444 5.31 -34.03 -61.08
C ASN J 444 6.36 -33.47 -62.04
N ALA J 503 5.84 -33.65 -56.40
CA ALA J 503 7.11 -34.31 -56.13
C ALA J 503 8.17 -33.33 -55.67
N VAL J 504 7.84 -32.03 -55.72
CA VAL J 504 8.75 -30.99 -55.31
C VAL J 504 8.27 -30.25 -54.05
N ALA J 505 6.97 -30.23 -53.79
CA ALA J 505 6.44 -29.60 -52.59
C ALA J 505 5.20 -30.36 -52.16
N GLU J 506 5.37 -31.31 -51.25
CA GLU J 506 4.26 -32.11 -50.75
C GLU J 506 3.61 -31.43 -49.55
N LEU J 507 2.32 -31.72 -49.36
CA LEU J 507 1.57 -31.08 -48.28
C LEU J 507 2.05 -31.47 -46.90
N ASP J 508 2.75 -32.60 -46.78
CA ASP J 508 3.27 -33.02 -45.48
C ASP J 508 4.76 -33.35 -45.52
N VAL J 509 5.24 -33.94 -46.61
CA VAL J 509 6.64 -34.34 -46.67
C VAL J 509 7.57 -33.14 -46.74
N ASP J 510 7.19 -32.13 -47.52
CA ASP J 510 8.06 -30.98 -47.78
C ASP J 510 7.70 -29.76 -46.94
N ILE J 511 6.41 -29.42 -46.84
CA ILE J 511 5.98 -28.24 -46.12
C ILE J 511 4.88 -28.62 -45.14
N LEU J 512 4.71 -27.77 -44.13
CA LEU J 512 3.67 -27.95 -43.12
C LEU J 512 2.82 -26.69 -43.06
N VAL J 513 1.51 -26.85 -43.08
CA VAL J 513 0.58 -25.72 -43.07
C VAL J 513 0.11 -25.48 -41.66
N ASP J 514 0.24 -24.24 -41.18
CA ASP J 514 -0.17 -23.88 -39.84
C ASP J 514 -0.66 -22.43 -39.87
N GLU J 515 -0.82 -21.84 -38.69
CA GLU J 515 -1.34 -20.49 -38.55
C GLU J 515 -0.30 -19.59 -37.92
N GLY J 516 -0.07 -18.43 -38.54
CA GLY J 516 0.79 -17.40 -37.98
C GLY J 516 0.01 -16.13 -37.68
N LEU J 517 0.73 -15.08 -37.27
CA LEU J 517 0.08 -13.84 -36.89
C LEU J 517 -0.63 -13.21 -38.08
N ASP J 518 -1.74 -12.54 -37.80
CA ASP J 518 -2.53 -11.88 -38.84
C ASP J 518 -1.87 -10.56 -39.20
N ALA J 519 -1.36 -10.47 -40.43
CA ALA J 519 -0.74 -9.26 -40.93
C ALA J 519 -1.24 -8.99 -42.34
N PRO J 520 -1.31 -7.72 -42.76
CA PRO J 520 -1.80 -7.42 -44.11
C PRO J 520 -0.96 -8.05 -45.22
N THR J 521 0.35 -8.10 -45.05
CA THR J 521 1.23 -8.65 -46.08
C THR J 521 2.37 -9.40 -45.41
N ILE J 522 3.01 -10.28 -46.18
CA ILE J 522 4.17 -11.01 -45.68
C ILE J 522 5.32 -10.04 -45.42
N ALA J 523 5.38 -8.94 -46.18
CA ALA J 523 6.40 -7.92 -45.93
C ALA J 523 6.25 -7.32 -44.54
N ALA J 524 5.00 -7.14 -44.09
CA ALA J 524 4.77 -6.64 -42.74
C ALA J 524 5.30 -7.61 -41.70
N GLU J 525 5.06 -8.92 -41.91
CA GLU J 525 5.59 -9.93 -40.99
C GLU J 525 7.10 -9.89 -40.96
N GLU J 526 7.74 -9.79 -42.13
CA GLU J 526 9.20 -9.75 -42.19
C GLU J 526 9.74 -8.50 -41.48
N PHE J 527 9.10 -7.35 -41.71
CA PHE J 527 9.54 -6.12 -41.06
C PHE J 527 9.39 -6.22 -39.54
N GLU J 528 8.27 -6.77 -39.07
CA GLU J 528 8.08 -6.92 -37.63
C GLU J 528 9.11 -7.86 -37.03
N GLN J 529 9.39 -8.98 -37.70
CA GLN J 529 10.39 -9.92 -37.20
C GLN J 529 11.77 -9.29 -37.16
N LEU J 530 12.12 -8.52 -38.21
CA LEU J 530 13.41 -7.85 -38.23
C LEU J 530 13.52 -6.81 -37.13
N MET J 531 12.45 -6.07 -36.89
CA MET J 531 12.46 -5.09 -35.81
C MET J 531 12.60 -5.76 -34.45
N LYS J 532 11.90 -6.87 -34.24
CA LYS J 532 12.04 -7.60 -32.98
C LYS J 532 13.45 -8.13 -32.80
N LEU J 533 14.05 -8.64 -33.87
CA LEU J 533 15.43 -9.14 -33.78
C LEU J 533 16.39 -8.00 -33.47
N ALA J 534 16.20 -6.84 -34.10
CA ALA J 534 17.11 -5.72 -33.88
C ALA J 534 16.92 -5.09 -32.51
N SER J 535 15.73 -5.20 -31.94
CA SER J 535 15.49 -4.62 -30.62
C SER J 535 16.37 -5.26 -29.56
N THR J 536 16.52 -6.59 -29.61
CA THR J 536 17.37 -7.27 -28.65
C THR J 536 18.83 -6.88 -28.81
N GLY J 537 19.25 -6.56 -30.04
CA GLY J 537 20.62 -6.18 -30.30
C GLY J 537 21.58 -7.33 -30.49
N ILE J 538 21.11 -8.58 -30.36
CA ILE J 538 21.99 -9.73 -30.55
C ILE J 538 22.37 -9.88 -32.02
N VAL J 539 21.38 -9.74 -32.91
CA VAL J 539 21.60 -9.88 -34.35
C VAL J 539 21.67 -8.49 -34.95
N PRO J 540 22.82 -8.05 -35.46
CA PRO J 540 22.91 -6.73 -36.09
C PRO J 540 22.38 -6.76 -37.51
N ILE J 541 21.21 -6.18 -37.71
CA ILE J 541 20.58 -6.06 -39.02
C ILE J 541 20.96 -4.69 -39.60
N PRO J 542 21.55 -4.62 -40.79
CA PRO J 542 21.96 -3.32 -41.33
C PRO J 542 20.76 -2.47 -41.66
N PRO J 543 20.89 -1.14 -41.60
CA PRO J 543 19.71 -0.27 -41.79
C PRO J 543 19.04 -0.42 -43.14
N ASP J 544 19.81 -0.69 -44.20
CA ASP J 544 19.21 -0.77 -45.53
C ASP J 544 18.24 -1.93 -45.64
N VAL J 545 18.57 -3.06 -45.00
CA VAL J 545 17.67 -4.22 -45.02
C VAL J 545 16.36 -3.88 -44.33
N LEU J 546 16.43 -3.22 -43.16
CA LEU J 546 15.22 -2.84 -42.45
C LEU J 546 14.40 -1.84 -43.25
N ILE J 547 15.06 -0.89 -43.92
CA ILE J 547 14.35 0.09 -44.72
C ILE J 547 13.65 -0.58 -45.90
N GLU J 548 14.31 -1.55 -46.53
CA GLU J 548 13.73 -2.23 -47.68
C GLU J 548 12.45 -2.97 -47.32
N ALA J 549 12.31 -3.39 -46.06
CA ALA J 549 11.14 -4.12 -45.62
C ALA J 549 10.06 -3.22 -45.03
N SER J 550 10.29 -1.91 -44.97
CA SER J 550 9.33 -1.00 -44.38
C SER J 550 8.26 -0.63 -45.41
N SER J 551 7.35 0.27 -45.00
CA SER J 551 6.27 0.75 -45.85
C SER J 551 6.32 2.27 -45.99
N LEU J 552 7.51 2.81 -46.21
CA LEU J 552 7.71 4.25 -46.35
C LEU J 552 7.68 4.63 -47.82
N ARG J 553 7.05 5.78 -48.11
CA ARG J 553 6.92 6.22 -49.50
C ARG J 553 8.26 6.68 -50.06
N ASN J 554 9.11 7.30 -49.25
CA ASN J 554 10.43 7.74 -49.70
C ASN J 554 11.50 6.67 -49.52
N LYS J 555 11.10 5.39 -49.50
CA LYS J 555 12.07 4.31 -49.42
C LYS J 555 13.12 4.36 -50.54
N PRO J 556 12.77 4.60 -51.81
CA PRO J 556 13.84 4.76 -52.82
C PRO J 556 14.80 5.90 -52.50
N LYS J 557 14.29 7.01 -51.95
CA LYS J 557 15.16 8.12 -51.60
C LYS J 557 16.15 7.72 -50.52
N LEU J 558 15.66 7.03 -49.48
CA LEU J 558 16.55 6.57 -48.41
C LEU J 558 17.58 5.57 -48.94
N LEU J 559 17.14 4.66 -49.81
CA LEU J 559 18.06 3.69 -50.38
C LEU J 559 19.15 4.37 -51.20
N GLU J 560 18.77 5.34 -52.04
CA GLU J 560 19.75 6.05 -52.84
C GLU J 560 20.70 6.86 -51.97
N MET J 561 20.19 7.47 -50.90
CA MET J 561 21.05 8.27 -50.03
C MET J 561 21.99 7.40 -49.21
N LEU J 562 21.57 6.17 -48.87
CA LEU J 562 22.45 5.29 -48.11
C LEU J 562 23.44 4.56 -49.01
N LYS J 563 23.10 4.35 -50.28
CA LYS J 563 23.95 3.56 -51.16
C LYS J 563 25.17 4.32 -51.68
N GLN J 564 25.14 5.65 -51.63
CA GLN J 564 26.26 6.43 -52.15
C GLN J 564 27.45 6.39 -51.20
N GLY J 565 28.63 6.56 -51.76
CA GLY J 565 29.85 6.45 -50.99
C GLY J 565 30.23 7.76 -50.31
N PRO J 566 31.51 7.89 -49.95
CA PRO J 566 31.96 9.10 -49.25
C PRO J 566 32.12 10.27 -50.20
N SER J 567 32.57 11.38 -49.63
CA SER J 567 32.73 12.62 -50.38
C SER J 567 33.90 12.50 -51.36
N GLN J 568 34.13 13.59 -52.11
CA GLN J 568 35.18 13.58 -53.12
C GLN J 568 36.56 13.36 -52.53
N GLU J 569 36.88 14.05 -51.42
CA GLU J 569 38.20 13.92 -50.81
C GLU J 569 38.27 12.81 -49.77
N GLN J 570 37.13 12.43 -49.18
CA GLN J 570 37.13 11.39 -48.17
C GLN J 570 37.59 10.06 -48.76
N MET J 571 37.12 9.72 -49.96
CA MET J 571 37.58 8.49 -50.60
C MET J 571 39.03 8.64 -51.07
N MET J 572 39.38 9.80 -51.63
CA MET J 572 40.73 9.99 -52.18
C MET J 572 41.79 9.88 -51.09
N ALA J 573 41.43 10.26 -49.86
CA ALA J 573 42.37 10.12 -48.75
C ALA J 573 42.84 8.68 -48.57
N GLN J 574 42.02 7.71 -48.98
CA GLN J 574 42.41 6.31 -48.86
C GLN J 574 43.63 6.01 -49.71
N GLN J 575 43.58 6.35 -51.01
CA GLN J 575 44.75 6.11 -51.84
C GLN J 575 45.89 7.04 -51.49
N ILE J 576 45.60 8.24 -50.96
CA ILE J 576 46.68 9.11 -50.50
C ILE J 576 47.47 8.43 -49.39
N ALA J 577 46.76 7.89 -48.40
CA ALA J 577 47.42 7.19 -47.30
C ALA J 577 48.10 5.92 -47.78
N LEU J 578 47.49 5.20 -48.72
CA LEU J 578 48.10 3.99 -49.25
C LEU J 578 49.43 4.30 -49.96
N ALA J 579 49.43 5.34 -50.79
CA ALA J 579 50.65 5.76 -51.45
C ALA J 579 51.69 6.25 -50.45
N GLY J 580 51.25 6.96 -49.41
CA GLY J 580 52.18 7.37 -48.38
C GLY J 580 52.85 6.19 -47.69
N GLU J 581 52.05 5.19 -47.33
CA GLU J 581 52.60 4.02 -46.65
C GLU J 581 53.55 3.24 -47.57
N GLN J 582 53.19 3.11 -48.85
CA GLN J 582 54.10 2.48 -49.80
C GLN J 582 55.39 3.27 -49.92
N ALA J 583 55.31 4.60 -49.87
CA ALA J 583 56.51 5.41 -49.88
C ALA J 583 57.36 5.17 -48.64
N LYS J 584 56.73 5.00 -47.47
CA LYS J 584 57.49 4.69 -46.27
C LYS J 584 58.20 3.35 -46.38
N VAL J 585 57.52 2.33 -46.92
CA VAL J 585 58.18 1.03 -47.05
C VAL J 585 59.31 1.11 -48.07
N ALA J 586 59.14 1.90 -49.13
CA ALA J 586 60.22 2.10 -50.09
C ALA J 586 61.41 2.80 -49.45
N GLU J 587 61.14 3.79 -48.60
CA GLU J 587 62.21 4.48 -47.89
C GLU J 587 62.94 3.52 -46.95
N THR J 588 62.18 2.65 -46.28
CA THR J 588 62.80 1.67 -45.39
C THR J 588 63.70 0.72 -46.17
N GLU J 589 63.24 0.26 -47.34
CA GLU J 589 64.08 -0.61 -48.17
C GLU J 589 65.32 0.11 -48.65
N SER J 590 65.18 1.39 -49.01
CA SER J 590 66.35 2.19 -49.40
C SER J 590 67.32 2.33 -48.24
N LYS J 591 66.80 2.45 -47.01
CA LYS J 591 67.66 2.49 -45.84
C LYS J 591 68.39 1.17 -45.65
N THR J 592 67.71 0.05 -45.89
CA THR J 592 68.37 -1.25 -45.87
C THR J 592 69.55 -1.27 -46.84
N GLY J 593 69.30 -0.81 -48.07
CA GLY J 593 70.36 -0.76 -49.06
C GLY J 593 71.51 0.13 -48.64
N LEU J 594 71.20 1.29 -48.06
CA LEU J 594 72.24 2.21 -47.62
C LEU J 594 73.10 1.59 -46.52
N ASN J 595 72.46 0.93 -45.56
CA ASN J 595 73.21 0.29 -44.49
C ASN J 595 74.08 -0.84 -45.03
N VAL J 596 73.55 -1.63 -45.97
CA VAL J 596 74.34 -2.71 -46.56
C VAL J 596 75.54 -2.14 -47.31
N ALA J 597 75.32 -1.07 -48.08
CA ALA J 597 76.42 -0.45 -48.81
C ALA J 597 77.48 0.11 -47.87
N LYS J 598 77.05 0.71 -46.76
CA LYS J 598 78.00 1.19 -45.76
C LYS J 598 78.80 0.04 -45.17
N THR J 599 78.13 -1.09 -44.92
CA THR J 599 78.84 -2.27 -44.41
C THR J 599 79.90 -2.73 -45.40
N GLN J 600 79.55 -2.80 -46.69
CA GLN J 600 80.51 -3.20 -47.71
C GLN J 600 81.67 -2.21 -47.79
N GLU J 601 81.38 -0.91 -47.70
CA GLU J 601 82.43 0.09 -47.75
C GLU J 601 83.38 -0.05 -46.56
N THR J 602 82.83 -0.28 -45.37
CA THR J 602 83.68 -0.47 -44.19
C THR J 602 84.54 -1.71 -44.34
N LEU J 603 83.96 -2.81 -44.84
CA LEU J 603 84.75 -4.03 -45.05
C LEU J 603 85.85 -3.80 -46.07
N ALA J 604 85.56 -3.07 -47.15
CA ALA J 604 86.57 -2.78 -48.15
C ALA J 604 87.68 -1.92 -47.57
N SER J 605 87.33 -0.94 -46.72
CA SER J 605 88.34 -0.13 -46.06
C SER J 605 89.21 -0.97 -45.14
N ILE J 606 88.60 -1.93 -44.44
CA ILE J 606 89.37 -2.84 -43.59
C ILE J 606 90.35 -3.64 -44.45
N GLN J 607 89.88 -4.18 -45.57
CA GLN J 607 90.73 -5.00 -46.42
C GLN J 607 91.86 -4.19 -47.03
N THR J 608 91.60 -2.94 -47.41
CA THR J 608 92.63 -2.11 -48.04
C THR J 608 93.79 -1.86 -47.08
N ASN J 609 93.49 -1.56 -45.82
CA ASN J 609 94.53 -1.29 -44.83
C ASN J 609 94.58 -2.39 -43.78
N SER K 3 -44.29 -8.31 -79.91
CA SER K 3 -43.18 -7.58 -80.53
C SER K 3 -42.39 -6.80 -79.48
N GLN K 4 -41.87 -5.64 -79.89
CA GLN K 4 -41.09 -4.82 -78.97
C GLN K 4 -41.95 -4.32 -77.81
N GLU K 5 -43.18 -3.90 -78.09
CA GLU K 5 -44.07 -3.46 -77.03
C GLU K 5 -44.40 -4.60 -76.08
N ASP K 6 -44.64 -5.79 -76.61
CA ASP K 6 -44.91 -6.95 -75.75
C ASP K 6 -43.71 -7.27 -74.87
N TYR K 7 -42.50 -7.23 -75.44
CA TYR K 7 -41.31 -7.49 -74.66
C TYR K 7 -41.13 -6.44 -73.56
N THR K 8 -41.37 -5.16 -73.88
CA THR K 8 -41.26 -4.11 -72.88
C THR K 8 -42.28 -4.31 -71.77
N LEU K 9 -43.52 -4.68 -72.12
CA LEU K 9 -44.53 -4.93 -71.11
C LEU K 9 -44.14 -6.11 -70.23
N GLU K 10 -43.59 -7.17 -70.82
CA GLU K 10 -43.15 -8.32 -70.03
C GLU K 10 -42.02 -7.95 -69.09
N ALA K 11 -41.06 -7.15 -69.57
CA ALA K 11 -39.97 -6.72 -68.71
C ALA K 11 -40.46 -5.86 -67.55
N LEU K 12 -41.39 -4.94 -67.84
CA LEU K 12 -41.95 -4.11 -66.78
C LEU K 12 -42.71 -4.96 -65.77
N THR K 13 -43.48 -5.94 -66.25
CA THR K 13 -44.19 -6.83 -65.35
C THR K 13 -43.23 -7.63 -64.48
N ALA K 14 -42.13 -8.10 -65.07
CA ALA K 14 -41.14 -8.86 -64.30
C ALA K 14 -40.51 -7.98 -63.22
N ALA K 15 -40.16 -6.73 -63.56
CA ALA K 15 -39.57 -5.84 -62.57
C ALA K 15 -40.55 -5.53 -61.44
N VAL K 16 -41.81 -5.25 -61.78
CA VAL K 16 -42.81 -4.95 -60.77
C VAL K 16 -43.05 -6.17 -59.89
N ARG K 17 -43.08 -7.36 -60.49
CA ARG K 17 -43.26 -8.58 -59.72
C ARG K 17 -42.09 -8.82 -58.77
N ARG K 18 -40.87 -8.55 -59.23
CA ARG K 18 -39.71 -8.69 -58.37
C ARG K 18 -39.80 -7.75 -57.18
N PHE K 19 -40.15 -6.49 -57.43
CA PHE K 19 -40.28 -5.53 -56.33
C PHE K 19 -41.38 -5.94 -55.37
N GLU K 20 -42.52 -6.39 -55.90
CA GLU K 20 -43.63 -6.80 -55.04
C GLU K 20 -43.27 -8.02 -54.21
N GLU K 21 -42.57 -8.98 -54.79
CA GLU K 21 -42.13 -10.15 -54.02
C GLU K 21 -41.16 -9.75 -52.92
N SER K 22 -40.22 -8.86 -53.23
CA SER K 22 -39.27 -8.42 -52.21
C SER K 22 -39.99 -7.68 -51.07
N GLU K 23 -40.96 -6.85 -51.41
CA GLU K 23 -41.70 -6.11 -50.39
C GLU K 23 -42.57 -7.03 -49.55
N ASP K 24 -43.22 -8.01 -50.18
CA ASP K 24 -44.15 -8.88 -49.48
C ASP K 24 -43.39 -9.83 -48.55
N ALA K 25 -42.34 -10.46 -49.07
CA ALA K 25 -41.66 -11.51 -48.30
C ALA K 25 -41.06 -10.97 -47.01
N THR K 26 -40.64 -9.71 -46.99
CA THR K 26 -40.02 -9.11 -45.81
C THR K 26 -40.99 -8.23 -45.02
N THR K 27 -42.28 -8.57 -45.03
CA THR K 27 -43.27 -7.76 -44.32
C THR K 27 -43.05 -7.83 -42.81
N GLU K 28 -42.93 -9.04 -42.26
CA GLU K 28 -42.76 -9.19 -40.82
C GLU K 28 -41.44 -8.60 -40.35
N ALA K 29 -40.36 -8.82 -41.10
CA ALA K 29 -39.08 -8.24 -40.73
C ALA K 29 -39.12 -6.73 -40.76
N ARG K 30 -39.75 -6.15 -41.78
CA ARG K 30 -39.88 -4.70 -41.86
C ARG K 30 -40.69 -4.15 -40.70
N ALA K 31 -41.79 -4.83 -40.35
CA ALA K 31 -42.60 -4.39 -39.21
C ALA K 31 -41.82 -4.45 -37.92
N ALA K 32 -41.06 -5.53 -37.70
CA ALA K 32 -40.27 -5.65 -36.48
C ALA K 32 -39.18 -4.58 -36.42
N ALA K 33 -38.53 -4.31 -37.53
CA ALA K 33 -37.50 -3.27 -37.55
C ALA K 33 -38.09 -1.90 -37.31
N GLU K 34 -39.28 -1.64 -37.87
CA GLU K 34 -39.96 -0.37 -37.61
C GLU K 34 -40.33 -0.25 -36.14
N ARG K 35 -40.78 -1.35 -35.53
CA ARG K 35 -41.07 -1.32 -34.10
C ARG K 35 -39.82 -1.03 -33.28
N ASP K 36 -38.69 -1.63 -33.66
CA ASP K 36 -37.43 -1.35 -32.96
C ASP K 36 -37.04 0.11 -33.11
N ARG K 37 -37.18 0.66 -34.32
CA ARG K 37 -36.85 2.06 -34.54
C ARG K 37 -37.75 2.98 -33.74
N ASP K 38 -39.04 2.66 -33.68
CA ASP K 38 -39.96 3.47 -32.87
C ASP K 38 -39.61 3.38 -31.40
N TYR K 39 -39.22 2.20 -30.93
CA TYR K 39 -38.78 2.07 -29.54
C TYR K 39 -37.54 2.93 -29.28
N TYR K 40 -36.62 2.99 -30.25
CA TYR K 40 -35.47 3.87 -30.12
C TYR K 40 -35.88 5.33 -30.16
N ASP K 41 -36.99 5.66 -30.82
CA ASP K 41 -37.42 7.03 -31.03
C ASP K 41 -38.49 7.47 -30.03
N GLU K 42 -38.40 7.01 -28.78
CA GLU K 42 -39.27 7.45 -27.69
C GLU K 42 -40.74 7.14 -27.98
N LYS K 43 -40.98 6.02 -28.68
CA LYS K 43 -42.34 5.57 -29.00
C LYS K 43 -42.44 4.11 -28.59
N GLN K 44 -42.79 3.88 -27.32
CA GLN K 44 -42.85 2.54 -26.76
C GLN K 44 -44.21 2.14 -26.23
N TRP K 45 -45.22 3.00 -26.37
CA TRP K 45 -46.56 2.73 -25.88
C TRP K 45 -47.51 2.53 -27.06
N THR K 46 -48.29 1.45 -27.01
CA THR K 46 -49.30 1.20 -28.03
C THR K 46 -50.51 2.09 -27.80
N ALA K 47 -51.36 2.16 -28.83
CA ALA K 47 -52.55 3.02 -28.75
C ALA K 47 -53.50 2.54 -27.67
N ALA K 48 -53.71 1.23 -27.55
CA ALA K 48 -54.67 0.70 -26.59
C ALA K 48 -54.22 0.98 -25.15
N GLU K 49 -52.95 0.69 -24.85
CA GLU K 49 -52.44 0.92 -23.50
C GLU K 49 -52.43 2.40 -23.15
N LYS K 50 -52.04 3.26 -24.10
CA LYS K 50 -52.06 4.69 -23.86
C LYS K 50 -53.48 5.19 -23.61
N ALA K 51 -54.45 4.69 -24.38
CA ALA K 51 -55.84 5.07 -24.17
C ALA K 51 -56.34 4.61 -22.80
N ALA K 52 -55.97 3.40 -22.40
CA ALA K 52 -56.35 2.91 -21.08
C ALA K 52 -55.75 3.77 -19.97
N LEU K 53 -54.47 4.14 -20.12
CA LEU K 53 -53.84 4.99 -19.12
C LEU K 53 -54.51 6.36 -19.06
N GLU K 54 -54.87 6.93 -20.22
CA GLU K 54 -55.58 8.20 -20.23
C GLU K 54 -56.94 8.07 -19.56
N ARG K 55 -57.63 6.96 -19.79
CA ARG K 55 -58.93 6.74 -19.15
C ARG K 55 -58.78 6.66 -17.64
N ARG K 56 -57.75 5.96 -17.16
CA ARG K 56 -57.52 5.88 -15.72
C ARG K 56 -57.00 7.19 -15.13
N GLY K 57 -56.64 8.17 -15.96
CA GLY K 57 -56.09 9.42 -15.49
C GLY K 57 -54.61 9.37 -15.16
N GLN K 58 -53.95 8.23 -15.37
CA GLN K 58 -52.53 8.07 -15.09
C GLN K 58 -51.71 8.47 -16.30
N PRO K 59 -50.74 9.37 -16.15
CA PRO K 59 -49.89 9.74 -17.29
C PRO K 59 -49.03 8.59 -17.74
N ALA K 60 -48.75 8.57 -19.05
CA ALA K 60 -47.90 7.54 -19.66
C ALA K 60 -46.46 8.00 -19.63
N ILE K 61 -45.66 7.42 -18.73
CA ILE K 61 -44.27 7.79 -18.55
C ILE K 61 -43.41 6.69 -19.15
N THR K 62 -42.47 7.08 -20.02
CA THR K 62 -41.60 6.14 -20.73
C THR K 62 -40.17 6.30 -20.25
N PHE K 63 -39.55 5.20 -19.85
CA PHE K 63 -38.14 5.16 -19.48
C PHE K 63 -37.39 4.44 -20.60
N ASN K 64 -36.54 5.17 -21.31
CA ASN K 64 -35.85 4.65 -22.49
C ASN K 64 -34.44 4.23 -22.09
N ARG K 65 -34.20 2.92 -22.08
CA ARG K 65 -32.87 2.37 -21.86
C ARG K 65 -32.23 1.85 -23.15
N ILE K 66 -32.90 2.00 -24.29
CA ILE K 66 -32.37 1.53 -25.56
C ILE K 66 -31.49 2.59 -26.21
N LYS K 67 -31.91 3.85 -26.14
CA LYS K 67 -31.19 4.92 -26.83
C LYS K 67 -29.78 5.08 -26.29
N ARG K 68 -29.62 4.96 -24.97
CA ARG K 68 -28.29 5.12 -24.38
C ARG K 68 -27.32 4.04 -24.88
N LYS K 69 -27.77 2.79 -24.95
CA LYS K 69 -26.89 1.73 -25.40
C LYS K 69 -26.62 1.82 -26.90
N VAL K 70 -27.63 2.21 -27.68
CA VAL K 70 -27.39 2.41 -29.12
C VAL K 70 -26.39 3.52 -29.34
N ASN K 71 -26.51 4.62 -28.57
CA ASN K 71 -25.54 5.70 -28.66
C ASN K 71 -24.15 5.23 -28.25
N ALA K 72 -24.07 4.37 -27.24
CA ALA K 72 -22.78 3.82 -26.85
C ALA K 72 -22.17 2.99 -27.97
N LEU K 73 -22.98 2.19 -28.65
CA LEU K 73 -22.48 1.40 -29.78
C LEU K 73 -22.00 2.29 -30.91
N THR K 74 -22.77 3.33 -31.24
CA THR K 74 -22.36 4.25 -32.29
C THR K 74 -21.09 5.00 -31.92
N GLY K 75 -20.95 5.38 -30.65
CA GLY K 75 -19.73 6.04 -30.21
C GLY K 75 -18.53 5.11 -30.26
N ILE K 76 -18.73 3.84 -29.93
CA ILE K 76 -17.65 2.85 -30.05
C ILE K 76 -17.24 2.72 -31.51
N GLU K 77 -18.21 2.67 -32.41
CA GLU K 77 -17.90 2.60 -33.84
C GLU K 77 -17.14 3.84 -34.30
N LYS K 78 -17.55 5.02 -33.82
CA LYS K 78 -16.91 6.26 -34.25
C LYS K 78 -15.49 6.38 -33.70
N GLN K 79 -15.26 5.88 -32.48
CA GLN K 79 -13.95 6.03 -31.87
C GLN K 79 -12.89 5.14 -32.51
N THR K 80 -13.29 4.13 -33.27
CA THR K 80 -12.36 3.25 -33.98
C THR K 80 -12.43 3.47 -35.48
N ARG K 81 -12.57 4.73 -35.90
CA ARG K 81 -12.59 5.05 -37.32
C ARG K 81 -11.24 4.78 -37.94
N LYS K 82 -11.26 4.22 -39.16
CA LYS K 82 -10.05 3.87 -39.88
C LYS K 82 -10.12 4.41 -41.30
N ASP K 83 -8.95 4.60 -41.90
CA ASP K 83 -8.86 5.15 -43.25
C ASP K 83 -8.53 4.07 -44.26
N PRO K 84 -8.96 4.21 -45.51
CA PRO K 84 -8.63 3.20 -46.52
C PRO K 84 -7.14 3.15 -46.79
N ARG K 85 -6.68 1.97 -47.18
CA ARG K 85 -5.27 1.74 -47.45
C ARG K 85 -5.13 0.59 -48.44
N ALA K 86 -4.13 0.69 -49.31
CA ALA K 86 -3.81 -0.35 -50.27
C ALA K 86 -2.42 -0.89 -49.96
N PHE K 87 -2.33 -2.20 -49.75
CA PHE K 87 -1.08 -2.86 -49.43
C PHE K 87 -0.58 -3.63 -50.64
N PRO K 88 0.69 -3.49 -51.01
CA PRO K 88 1.22 -4.25 -52.15
C PRO K 88 1.48 -5.70 -51.76
N ARG K 89 0.96 -6.62 -52.57
CA ARG K 89 1.21 -8.04 -52.33
C ARG K 89 2.69 -8.36 -52.46
N ASN K 90 3.36 -7.77 -53.45
CA ASN K 90 4.78 -7.95 -53.68
C ASN K 90 5.50 -6.60 -53.63
N PRO K 91 6.80 -6.59 -53.32
CA PRO K 91 7.50 -5.30 -53.26
C PRO K 91 7.44 -4.50 -54.55
N ASP K 92 7.49 -5.17 -55.70
CA ASP K 92 7.43 -4.47 -56.98
C ASP K 92 6.10 -3.79 -57.21
N ASP K 93 5.07 -4.15 -56.45
CA ASP K 93 3.77 -3.49 -56.52
C ASP K 93 3.66 -2.30 -55.58
N GLU K 94 4.74 -1.97 -54.85
CA GLU K 94 4.67 -0.93 -53.84
C GLU K 94 4.18 0.39 -54.42
N GLU K 95 4.60 0.72 -55.64
CA GLU K 95 4.11 1.92 -56.29
C GLU K 95 2.62 1.80 -56.57
N SER K 96 2.19 0.69 -57.15
CA SER K 96 0.81 0.55 -57.61
C SER K 96 -0.17 0.78 -56.48
N ALA K 97 0.00 0.03 -55.37
CA ALA K 97 -0.88 0.20 -54.22
C ALA K 97 -0.88 1.65 -53.74
N GLN K 98 0.30 2.30 -53.77
CA GLN K 98 0.38 3.69 -53.35
C GLN K 98 -0.62 4.54 -54.12
N ALA K 99 -0.70 4.35 -55.44
CA ALA K 99 -1.64 5.11 -56.24
C ALA K 99 -3.07 4.94 -55.70
N ALA K 100 -3.46 3.70 -55.43
CA ALA K 100 -4.79 3.45 -54.89
C ALA K 100 -4.97 4.18 -53.56
N THR K 101 -3.94 4.20 -52.73
CA THR K 101 -4.04 4.88 -51.44
C THR K 101 -4.30 6.37 -51.64
N ASP K 102 -3.80 6.96 -52.73
CA ASP K 102 -4.07 8.36 -53.01
C ASP K 102 -5.36 8.56 -53.79
N ALA K 103 -5.95 7.50 -54.33
CA ALA K 103 -7.20 7.62 -55.08
C ALA K 103 -8.42 7.35 -54.20
N ILE K 104 -8.50 6.15 -53.64
CA ILE K 104 -9.67 5.77 -52.84
C ILE K 104 -9.87 6.74 -51.70
N ARG K 105 -8.79 7.06 -50.98
CA ARG K 105 -8.86 8.03 -49.89
C ARG K 105 -9.54 9.31 -50.34
N TYR K 106 -9.14 9.83 -51.51
CA TYR K 106 -9.73 11.07 -52.00
C TYR K 106 -11.24 10.96 -52.10
N VAL K 107 -11.72 9.84 -52.64
CA VAL K 107 -13.17 9.64 -52.75
C VAL K 107 -13.81 9.68 -51.37
N CYS K 108 -13.17 9.03 -50.39
CA CYS K 108 -13.73 9.02 -49.05
C CYS K 108 -13.75 10.40 -48.41
N GLU K 109 -12.96 11.34 -48.93
CA GLU K 109 -13.07 12.73 -48.49
C GLU K 109 -13.93 13.56 -49.44
N ASP K 110 -14.14 13.11 -50.67
CA ASP K 110 -15.00 13.85 -51.59
C ASP K 110 -16.48 13.60 -51.28
N SER K 111 -16.82 12.38 -50.85
CA SER K 111 -18.21 11.99 -50.61
C SER K 111 -18.57 11.99 -49.13
N ARG K 112 -17.70 12.50 -48.27
CA ARG K 112 -17.93 12.53 -46.82
C ARG K 112 -18.24 11.11 -46.30
N TRP K 113 -17.27 10.21 -46.52
CA TRP K 113 -17.48 8.80 -46.22
C TRP K 113 -17.65 8.56 -44.72
N ASP K 114 -17.09 9.43 -43.88
CA ASP K 114 -17.18 9.22 -42.43
C ASP K 114 -18.62 9.33 -41.95
N ASP K 115 -19.32 10.40 -42.35
CA ASP K 115 -20.70 10.59 -41.91
C ASP K 115 -21.62 9.51 -42.46
N LYS K 116 -21.45 9.16 -43.74
CA LYS K 116 -22.27 8.11 -44.32
C LYS K 116 -22.01 6.77 -43.65
N ARG K 117 -20.75 6.48 -43.32
CA ARG K 117 -20.44 5.24 -42.61
C ARG K 117 -21.05 5.23 -41.22
N SER K 118 -21.01 6.37 -40.52
CA SER K 118 -21.63 6.44 -39.20
C SER K 118 -23.13 6.22 -39.28
N GLU K 119 -23.79 6.84 -40.25
CA GLU K 119 -25.23 6.66 -40.41
C GLU K 119 -25.56 5.22 -40.78
N ALA K 120 -24.76 4.60 -41.65
CA ALA K 120 -24.98 3.20 -42.00
C ALA K 120 -24.77 2.30 -40.79
N ALA K 121 -23.79 2.63 -39.94
CA ALA K 121 -23.58 1.85 -38.72
C ALA K 121 -24.76 1.96 -37.78
N LYS K 122 -25.30 3.18 -37.63
CA LYS K 122 -26.49 3.34 -36.80
C LYS K 122 -27.67 2.56 -37.36
N GLU K 123 -27.85 2.59 -38.68
CA GLU K 123 -28.93 1.82 -39.30
C GLU K 123 -28.73 0.33 -39.09
N LEU K 124 -27.49 -0.15 -39.21
CA LEU K 124 -27.21 -1.57 -38.96
C LEU K 124 -27.51 -1.94 -37.51
N ALA K 125 -27.15 -1.07 -36.58
CA ALA K 125 -27.40 -1.36 -35.16
C ALA K 125 -28.89 -1.38 -34.86
N ILE K 126 -29.65 -0.50 -35.48
CA ILE K 126 -31.06 -0.33 -35.13
C ILE K 126 -31.96 -1.33 -35.87
N GLU K 127 -31.81 -1.41 -37.19
CA GLU K 127 -32.70 -2.22 -38.02
C GLU K 127 -32.03 -3.46 -38.59
N GLY K 128 -30.71 -3.55 -38.57
CA GLY K 128 -30.00 -4.75 -38.97
C GLY K 128 -29.66 -4.86 -40.44
N THR K 129 -29.70 -3.76 -41.19
CA THR K 129 -29.34 -3.79 -42.61
C THR K 129 -28.94 -2.39 -43.04
N CYS K 130 -27.82 -2.28 -43.75
CA CYS K 130 -27.37 -1.00 -44.28
C CYS K 130 -26.80 -1.19 -45.66
N ALA K 131 -26.94 -0.16 -46.50
CA ALA K 131 -26.57 -0.23 -47.90
C ALA K 131 -25.91 1.05 -48.37
N ILE K 132 -24.84 0.90 -49.16
CA ILE K 132 -24.10 2.01 -49.72
C ILE K 132 -24.00 1.81 -51.23
N MET K 133 -24.35 2.84 -51.98
CA MET K 133 -24.29 2.81 -53.44
C MET K 133 -23.05 3.57 -53.90
N VAL K 134 -22.31 2.97 -54.82
CA VAL K 134 -21.11 3.57 -55.39
C VAL K 134 -21.43 3.92 -56.84
N GLY K 135 -21.70 5.19 -57.10
CA GLY K 135 -22.03 5.62 -58.45
C GLY K 135 -21.06 6.66 -58.97
N VAL K 136 -21.51 7.49 -59.92
CA VAL K 136 -20.68 8.52 -60.51
C VAL K 136 -21.37 9.87 -60.34
N LYS K 137 -20.57 10.94 -60.42
CA LYS K 137 -21.09 12.29 -60.30
C LYS K 137 -20.18 13.23 -61.07
N GLN K 138 -20.66 14.44 -61.29
CA GLN K 138 -19.95 15.43 -62.10
C GLN K 138 -19.19 16.38 -61.19
N ALA K 139 -17.92 16.60 -61.50
CA ALA K 139 -17.05 17.53 -60.79
C ALA K 139 -16.56 18.61 -61.75
N LYS K 140 -15.62 19.43 -61.28
CA LYS K 140 -15.05 20.47 -62.12
C LYS K 140 -14.39 19.87 -63.36
N GLY K 141 -13.35 19.07 -63.16
CA GLY K 141 -12.55 18.57 -64.27
C GLY K 141 -13.10 17.36 -64.97
N GLY K 142 -14.08 16.67 -64.40
CA GLY K 142 -14.62 15.48 -65.03
C GLY K 142 -15.52 14.72 -64.08
N ILE K 143 -15.73 13.45 -64.41
CA ILE K 143 -16.61 12.57 -63.65
C ILE K 143 -15.80 11.89 -62.55
N ASP K 144 -16.36 11.86 -61.35
CA ASP K 144 -15.70 11.27 -60.19
C ASP K 144 -16.63 10.25 -59.53
N PRO K 145 -16.07 9.20 -58.94
CA PRO K 145 -16.89 8.27 -58.19
C PRO K 145 -17.49 8.94 -56.96
N ASP K 146 -18.69 8.51 -56.60
CA ASP K 146 -19.45 9.10 -55.51
C ASP K 146 -20.03 8.00 -54.64
N ILE K 147 -20.04 8.23 -53.34
CA ILE K 147 -20.58 7.30 -52.36
C ILE K 147 -21.87 7.90 -51.81
N ARG K 148 -22.96 7.14 -51.89
CA ARG K 148 -24.24 7.56 -51.36
C ARG K 148 -24.76 6.49 -50.40
N ARG K 149 -25.56 6.92 -49.45
CA ARG K 149 -26.16 6.01 -48.46
C ARG K 149 -27.61 5.75 -48.83
N ILE K 150 -28.01 4.49 -48.80
CA ILE K 150 -29.37 4.09 -49.09
C ILE K 150 -30.07 3.83 -47.77
N ALA K 151 -31.16 4.53 -47.52
CA ALA K 151 -31.91 4.35 -46.28
C ALA K 151 -32.48 2.94 -46.22
N TRP K 152 -32.60 2.43 -45.00
CA TRP K 152 -33.13 1.07 -44.81
C TRP K 152 -34.54 0.94 -45.39
N ASP K 153 -35.33 2.01 -45.32
CA ASP K 153 -36.68 1.99 -45.86
C ASP K 153 -36.75 2.30 -47.35
N ARG K 154 -35.61 2.58 -47.98
CA ARG K 154 -35.56 2.85 -49.41
C ARG K 154 -34.76 1.81 -50.18
N PHE K 155 -34.38 0.71 -49.54
CA PHE K 155 -33.56 -0.32 -50.16
C PHE K 155 -34.26 -1.66 -50.04
N TYR K 156 -34.37 -2.39 -51.15
CA TYR K 156 -34.95 -3.72 -51.13
C TYR K 156 -34.01 -4.68 -51.82
N TYR K 157 -34.11 -5.97 -51.47
CA TYR K 157 -33.17 -6.98 -51.92
C TYR K 157 -33.93 -8.26 -52.26
N ASP K 158 -33.18 -9.24 -52.72
CA ASP K 158 -33.76 -10.56 -53.03
C ASP K 158 -34.09 -11.28 -51.74
N PRO K 159 -35.35 -11.67 -51.50
CA PRO K 159 -35.68 -12.37 -50.25
C PRO K 159 -34.99 -13.72 -50.11
N HIS K 160 -34.53 -14.32 -51.20
CA HIS K 160 -33.88 -15.63 -51.16
C HIS K 160 -32.37 -15.52 -50.93
N ALA K 161 -31.91 -14.40 -50.38
CA ALA K 161 -30.49 -14.21 -50.08
C ALA K 161 -30.22 -14.58 -48.63
N THR K 162 -29.25 -15.46 -48.41
CA THR K 162 -28.89 -15.93 -47.08
C THR K 162 -27.62 -15.33 -46.54
N ALA K 163 -26.62 -15.09 -47.39
CA ALA K 163 -25.36 -14.52 -46.95
C ALA K 163 -25.56 -13.07 -46.50
N PHE K 164 -24.78 -12.67 -45.49
CA PHE K 164 -24.88 -11.32 -44.96
C PHE K 164 -24.27 -10.27 -45.90
N ASP K 165 -23.56 -10.69 -46.94
CA ASP K 165 -23.10 -9.78 -47.98
C ASP K 165 -24.05 -9.71 -49.17
N PHE K 166 -25.17 -10.43 -49.11
CA PHE K 166 -26.08 -10.56 -50.26
C PHE K 166 -25.35 -11.09 -51.48
N GLU K 167 -24.38 -11.99 -51.25
CA GLU K 167 -23.64 -12.59 -52.34
C GLU K 167 -24.54 -13.45 -53.21
N ASP K 168 -25.46 -14.19 -52.59
CA ASP K 168 -26.39 -15.04 -53.32
C ASP K 168 -27.65 -14.30 -53.74
N ALA K 169 -27.74 -13.00 -53.48
CA ALA K 169 -28.92 -12.23 -53.85
C ALA K 169 -29.08 -12.19 -55.36
N CYS K 170 -30.30 -12.46 -55.83
CA CYS K 170 -30.58 -12.43 -57.26
C CYS K 170 -30.68 -11.02 -57.79
N TYR K 171 -31.19 -10.09 -56.98
CA TYR K 171 -31.41 -8.72 -57.41
C TYR K 171 -31.49 -7.83 -56.18
N MET K 172 -31.30 -6.54 -56.39
CA MET K 172 -31.53 -5.56 -55.34
C MET K 172 -31.70 -4.18 -55.96
N GLY K 173 -32.41 -3.32 -55.24
CA GLY K 173 -32.78 -2.03 -55.79
C GLY K 173 -33.05 -0.99 -54.74
N VAL K 174 -33.26 0.23 -55.23
CA VAL K 174 -33.45 1.42 -54.42
C VAL K 174 -34.75 2.10 -54.82
N VAL K 175 -35.53 2.51 -53.83
CA VAL K 175 -36.73 3.31 -54.04
C VAL K 175 -36.38 4.76 -53.80
N VAL K 176 -36.68 5.63 -54.77
CA VAL K 176 -36.34 7.05 -54.70
C VAL K 176 -37.63 7.84 -54.81
N TRP K 177 -37.87 8.72 -53.84
CA TRP K 177 -39.00 9.63 -53.86
C TRP K 177 -38.48 11.01 -54.25
N MET K 178 -39.04 11.60 -55.30
CA MET K 178 -38.55 12.85 -55.83
C MET K 178 -39.72 13.75 -56.18
N ASP K 179 -39.42 15.01 -56.48
CA ASP K 179 -40.43 15.94 -56.96
C ASP K 179 -40.63 15.75 -58.45
N LEU K 180 -41.86 16.04 -58.90
CA LEU K 180 -42.17 15.85 -60.32
C LEU K 180 -41.36 16.79 -61.20
N ASP K 181 -41.17 18.04 -60.77
CA ASP K 181 -40.37 18.98 -61.55
C ASP K 181 -38.93 18.51 -61.65
N LYS K 182 -38.35 18.07 -60.53
CA LYS K 182 -36.98 17.58 -60.54
C LYS K 182 -36.85 16.31 -61.38
N ALA K 183 -37.84 15.42 -61.29
CA ALA K 183 -37.81 14.20 -62.10
C ALA K 183 -37.89 14.52 -63.59
N LYS K 184 -38.73 15.47 -63.97
CA LYS K 184 -38.81 15.88 -65.37
C LYS K 184 -37.51 16.53 -65.83
N ALA K 185 -36.90 17.37 -64.98
CA ALA K 185 -35.65 18.00 -65.34
C ALA K 185 -34.53 16.98 -65.53
N LYS K 186 -34.46 15.98 -64.64
CA LYS K 186 -33.42 14.97 -64.73
C LYS K 186 -33.70 13.95 -65.83
N TYR K 187 -34.96 13.66 -66.10
CA TYR K 187 -35.35 12.68 -67.12
C TYR K 187 -36.39 13.31 -68.04
N PRO K 188 -35.96 14.19 -68.96
CA PRO K 188 -36.93 14.83 -69.87
C PRO K 188 -37.64 13.86 -70.79
N GLN K 189 -37.05 12.70 -71.11
CA GLN K 189 -37.68 11.80 -72.08
C GLN K 189 -38.87 11.06 -71.47
N ALA K 190 -38.75 10.62 -70.23
CA ALA K 190 -39.80 9.81 -69.60
C ALA K 190 -40.79 10.65 -68.79
N GLU K 191 -41.35 11.68 -69.43
CA GLU K 191 -42.35 12.50 -68.75
C GLU K 191 -43.71 11.82 -68.70
N ASP K 192 -44.01 10.96 -69.68
CA ASP K 192 -45.33 10.33 -69.73
C ASP K 192 -45.56 9.43 -68.52
N VAL K 193 -44.61 8.54 -68.22
CA VAL K 193 -44.78 7.64 -67.08
C VAL K 193 -44.77 8.43 -65.77
N LEU K 194 -43.97 9.50 -65.69
CA LEU K 194 -43.94 10.31 -64.49
C LEU K 194 -45.30 10.97 -64.24
N ILE K 195 -45.93 11.47 -65.30
CA ILE K 195 -47.24 12.11 -65.13
C ILE K 195 -48.33 11.06 -64.91
N GLU K 196 -48.13 9.84 -65.39
CA GLU K 196 -49.09 8.77 -65.18
C GLU K 196 -48.92 8.05 -63.86
N THR K 197 -47.85 8.32 -63.11
CA THR K 197 -47.64 7.73 -61.80
C THR K 197 -48.30 8.52 -60.68
N TRP K 198 -49.33 9.31 -61.00
CA TRP K 198 -50.04 10.11 -60.01
C TRP K 198 -50.91 9.19 -59.17
N ARG K 199 -50.44 8.87 -57.96
CA ARG K 199 -51.19 8.02 -57.05
C ARG K 199 -50.69 8.29 -55.63
N GLN K 200 -51.54 8.88 -54.80
CA GLN K 200 -51.18 9.17 -53.41
C GLN K 200 -52.44 9.13 -52.56
N ALA K 201 -52.51 8.14 -51.66
CA ALA K 201 -53.67 8.00 -50.78
C ALA K 201 -53.25 7.12 -49.60
N GLN K 202 -53.27 7.71 -48.41
CA GLN K 202 -52.94 7.01 -47.17
C GLN K 202 -51.57 6.33 -47.26
N GLN K 203 -50.55 7.15 -47.50
CA GLN K 203 -49.18 6.67 -47.62
C GLN K 203 -48.66 6.36 -46.22
N SER K 204 -48.72 5.08 -45.83
CA SER K 204 -48.29 4.67 -44.51
C SER K 204 -47.39 3.45 -44.48
N GLU K 205 -47.16 2.79 -45.62
CA GLU K 205 -46.29 1.63 -45.67
C GLU K 205 -44.82 2.08 -45.70
N THR K 206 -43.91 1.10 -45.61
CA THR K 206 -42.50 1.41 -45.50
C THR K 206 -41.98 2.18 -46.71
N TYR K 207 -42.48 1.87 -47.90
CA TYR K 207 -41.92 2.37 -49.16
C TYR K 207 -42.70 3.57 -49.71
N ASP K 208 -43.24 4.43 -48.86
CA ASP K 208 -43.84 5.68 -49.31
C ASP K 208 -43.04 6.85 -48.74
N ASP K 209 -43.55 8.06 -48.99
CA ASP K 209 -42.89 9.26 -48.48
C ASP K 209 -42.82 9.22 -46.96
N LYS K 210 -41.65 9.57 -46.43
CA LYS K 210 -41.48 9.56 -44.96
C LYS K 210 -42.45 10.48 -44.25
N PRO K 211 -42.65 11.75 -44.67
CA PRO K 211 -43.72 12.54 -44.05
C PRO K 211 -45.05 12.31 -44.74
N LYS K 212 -46.09 12.04 -43.96
CA LYS K 212 -47.41 11.82 -44.54
C LYS K 212 -47.89 13.06 -45.27
N HIS K 213 -48.43 12.86 -46.47
CA HIS K 213 -48.88 13.95 -47.32
C HIS K 213 -50.30 14.42 -46.99
N ARG K 214 -50.77 14.12 -45.78
CA ARG K 214 -52.10 14.52 -45.33
C ARG K 214 -52.18 15.99 -44.94
N LEU K 215 -51.17 16.78 -45.28
CA LEU K 215 -51.17 18.22 -45.00
C LEU K 215 -51.96 19.02 -46.03
N TRP K 216 -52.83 18.35 -46.80
CA TRP K 216 -53.66 18.99 -47.82
C TRP K 216 -52.79 19.70 -48.87
N ALA K 217 -51.73 19.02 -49.29
CA ALA K 217 -50.88 19.51 -50.37
C ALA K 217 -51.41 19.03 -51.73
N ASP K 218 -52.58 19.55 -52.08
CA ASP K 218 -53.29 19.12 -53.27
C ASP K 218 -52.79 19.90 -54.48
N TYR K 219 -52.14 19.20 -55.41
CA TYR K 219 -51.81 19.70 -56.74
C TYR K 219 -50.69 20.74 -56.70
N ARG K 220 -50.26 21.14 -55.51
CA ARG K 220 -49.19 22.14 -55.43
C ARG K 220 -47.83 21.50 -55.63
N ARG K 221 -47.47 20.58 -54.74
CA ARG K 221 -46.20 19.86 -54.82
C ARG K 221 -46.50 18.41 -55.22
N ARG K 222 -45.87 17.97 -56.30
CA ARG K 222 -46.11 16.64 -56.86
C ARG K 222 -44.91 15.75 -56.57
N ARG K 223 -45.17 14.56 -56.06
CA ARG K 223 -44.13 13.60 -55.70
C ARG K 223 -44.29 12.33 -56.52
N VAL K 224 -43.16 11.74 -56.91
CA VAL K 224 -43.14 10.52 -57.70
C VAL K 224 -42.15 9.55 -57.07
N ARG K 225 -42.36 8.26 -57.33
CA ARG K 225 -41.52 7.19 -56.82
C ARG K 225 -40.93 6.42 -57.99
N ILE K 226 -39.61 6.24 -57.98
CA ILE K 226 -38.89 5.56 -59.05
C ILE K 226 -38.05 4.45 -58.43
N CYS K 227 -38.10 3.26 -59.02
CA CYS K 227 -37.36 2.12 -58.51
C CYS K 227 -36.18 1.84 -59.43
N GLU K 228 -34.97 1.93 -58.89
CA GLU K 228 -33.77 1.42 -59.55
C GLU K 228 -33.60 -0.04 -59.14
N GLU K 229 -33.21 -0.89 -60.09
CA GLU K 229 -33.08 -2.30 -59.81
C GLU K 229 -31.93 -2.89 -60.62
N TYR K 230 -31.01 -3.55 -59.94
CA TYR K 230 -29.95 -4.32 -60.57
C TYR K 230 -30.22 -5.79 -60.32
N TYR K 231 -30.33 -6.55 -61.40
CA TYR K 231 -30.69 -7.96 -61.30
C TYR K 231 -29.73 -8.81 -62.13
N LEU K 232 -29.46 -10.01 -61.62
CA LEU K 232 -28.55 -10.95 -62.28
C LEU K 232 -29.36 -11.87 -63.18
N ASP K 233 -29.14 -11.77 -64.48
CA ASP K 233 -29.73 -12.68 -65.44
C ASP K 233 -28.69 -13.69 -65.91
N GLY K 234 -29.05 -14.49 -66.90
CA GLY K 234 -28.08 -15.44 -67.44
C GLY K 234 -26.87 -14.76 -68.05
N GLU K 235 -27.09 -13.65 -68.76
CA GLU K 235 -25.97 -12.95 -69.38
C GLU K 235 -25.10 -12.26 -68.33
N GLY K 236 -25.71 -11.61 -67.35
CA GLY K 236 -24.96 -10.91 -66.32
C GLY K 236 -25.82 -9.98 -65.48
N TRP K 237 -25.29 -8.82 -65.15
CA TRP K 237 -26.00 -7.84 -64.34
C TRP K 237 -26.65 -6.80 -65.23
N LYS K 238 -27.94 -6.58 -65.03
CA LYS K 238 -28.72 -5.62 -65.80
C LYS K 238 -29.34 -4.59 -64.86
N PHE K 239 -29.33 -3.33 -65.28
CA PHE K 239 -29.84 -2.23 -64.49
C PHE K 239 -31.05 -1.64 -65.20
N CYS K 240 -32.15 -1.50 -64.45
CA CYS K 240 -33.37 -0.91 -64.99
C CYS K 240 -33.96 0.04 -63.97
N MET K 241 -34.31 1.24 -64.43
CA MET K 241 -34.96 2.25 -63.60
C MET K 241 -36.38 2.44 -64.13
N PHE K 242 -37.36 2.04 -63.33
CA PHE K 242 -38.74 1.96 -63.77
C PHE K 242 -39.67 2.59 -62.75
N THR K 243 -40.95 2.64 -63.09
CA THR K 243 -42.01 3.02 -62.17
C THR K 243 -43.14 2.00 -62.27
N LYS K 244 -44.26 2.27 -61.58
CA LYS K 244 -45.40 1.37 -61.70
C LYS K 244 -46.09 1.49 -63.05
N ALA K 245 -45.97 2.66 -63.69
CA ALA K 245 -46.68 2.91 -64.94
C ALA K 245 -45.87 2.54 -66.18
N GLY K 246 -44.55 2.59 -66.11
CA GLY K 246 -43.76 2.30 -67.28
C GLY K 246 -42.28 2.29 -66.98
N PHE K 247 -41.48 2.34 -68.05
CA PHE K 247 -40.03 2.27 -67.97
C PHE K 247 -39.43 3.65 -68.21
N ILE K 248 -38.54 4.07 -67.32
CA ILE K 248 -37.77 5.29 -67.54
C ILE K 248 -36.50 5.00 -68.31
N VAL K 249 -35.71 4.03 -67.85
CA VAL K 249 -34.55 3.52 -68.56
C VAL K 249 -34.82 2.06 -68.92
N PRO K 250 -34.82 1.69 -70.19
CA PRO K 250 -35.10 0.29 -70.54
C PRO K 250 -33.99 -0.62 -70.05
N PRO K 251 -34.30 -1.90 -69.79
CA PRO K 251 -33.28 -2.82 -69.28
C PRO K 251 -32.01 -2.85 -70.13
N MET K 252 -30.89 -2.50 -69.51
CA MET K 252 -29.60 -2.45 -70.17
C MET K 252 -28.56 -3.02 -69.24
N PRO K 253 -27.43 -3.49 -69.78
CA PRO K 253 -26.35 -3.97 -68.91
C PRO K 253 -25.87 -2.87 -67.97
N SER K 254 -25.49 -3.27 -66.77
CA SER K 254 -25.11 -2.31 -65.74
C SER K 254 -23.89 -1.52 -66.19
N PRO K 255 -23.94 -0.18 -66.16
CA PRO K 255 -22.78 0.62 -66.62
C PRO K 255 -21.60 0.59 -65.67
N TYR K 256 -21.77 0.11 -64.45
CA TYR K 256 -20.69 0.09 -63.46
C TYR K 256 -19.86 -1.17 -63.64
N ILE K 257 -18.59 -0.99 -63.98
CA ILE K 257 -17.70 -2.12 -64.21
C ILE K 257 -17.19 -2.63 -62.87
N GLY K 258 -17.27 -3.94 -62.67
CA GLY K 258 -16.83 -4.55 -61.44
C GLY K 258 -15.34 -4.78 -61.39
N GLU K 259 -14.92 -5.57 -60.41
CA GLU K 259 -13.50 -5.86 -60.23
C GLU K 259 -12.93 -6.60 -61.43
N ASP K 260 -13.67 -7.58 -61.94
CA ASP K 260 -13.18 -8.44 -63.02
C ASP K 260 -13.51 -7.88 -64.41
N GLY K 261 -13.72 -6.58 -64.53
CA GLY K 261 -14.00 -5.98 -65.83
C GLY K 261 -15.38 -6.24 -66.36
N GLU K 262 -16.28 -6.80 -65.56
CA GLU K 262 -17.65 -7.11 -65.95
C GLU K 262 -18.63 -6.23 -65.19
N PRO K 263 -19.82 -6.01 -65.74
CA PRO K 263 -20.84 -5.22 -65.02
C PRO K 263 -21.18 -5.86 -63.68
N GLU K 264 -21.38 -5.02 -62.68
CA GLU K 264 -21.63 -5.47 -61.32
C GLU K 264 -22.68 -4.58 -60.68
N CYS K 265 -23.26 -5.07 -59.59
CA CYS K 265 -24.20 -4.27 -58.82
C CYS K 265 -23.43 -3.29 -57.95
N PRO K 266 -23.64 -1.97 -58.09
CA PRO K 266 -22.90 -1.00 -57.28
C PRO K 266 -23.32 -0.96 -55.83
N ILE K 267 -24.45 -1.57 -55.47
CA ILE K 267 -24.96 -1.51 -54.11
C ILE K 267 -24.26 -2.56 -53.27
N LYS K 268 -23.61 -2.13 -52.20
CA LYS K 268 -22.98 -3.01 -51.22
C LYS K 268 -23.75 -2.90 -49.91
N ALA K 269 -24.30 -4.01 -49.44
CA ALA K 269 -25.14 -4.02 -48.26
C ALA K 269 -24.70 -5.10 -47.30
N VAL K 270 -24.84 -4.82 -46.00
CA VAL K 270 -24.53 -5.79 -44.96
C VAL K 270 -25.65 -5.83 -43.93
N SER K 271 -25.75 -6.96 -43.26
CA SER K 271 -26.77 -7.20 -42.25
C SER K 271 -26.13 -7.78 -41.00
N LEU K 272 -26.71 -7.45 -39.84
CA LEU K 272 -26.14 -7.89 -38.58
C LEU K 272 -26.46 -9.36 -38.29
N TYR K 273 -27.74 -9.68 -38.18
CA TYR K 273 -28.18 -11.04 -37.86
C TYR K 273 -29.16 -11.51 -38.92
N ILE K 274 -29.12 -12.81 -39.20
CA ILE K 274 -30.01 -13.44 -40.17
C ILE K 274 -30.79 -14.54 -39.47
N ASP K 275 -32.11 -14.49 -39.58
CA ASP K 275 -32.98 -15.47 -38.95
C ASP K 275 -33.07 -16.72 -39.84
N ARG K 276 -33.64 -17.79 -39.28
CA ARG K 276 -33.84 -19.01 -40.04
C ARG K 276 -34.80 -18.83 -41.21
N ASP K 277 -35.62 -17.79 -41.20
CA ASP K 277 -36.53 -17.47 -42.29
C ASP K 277 -36.02 -16.32 -43.14
N ASN K 278 -34.69 -16.13 -43.18
CA ASN K 278 -34.06 -15.05 -43.93
C ASN K 278 -34.57 -13.68 -43.50
N ASN K 279 -34.78 -13.52 -42.19
CA ASN K 279 -35.19 -12.24 -41.62
C ASN K 279 -33.98 -11.58 -40.97
N ARG K 280 -33.76 -10.32 -41.30
CA ARG K 280 -32.59 -9.57 -40.86
C ARG K 280 -33.00 -8.56 -39.80
N TYR K 281 -32.29 -8.56 -38.67
CA TYR K 281 -32.60 -7.67 -37.55
C TYR K 281 -31.29 -7.26 -36.88
N GLY K 282 -31.38 -6.16 -36.12
CA GLY K 282 -30.24 -5.60 -35.43
C GLY K 282 -30.15 -6.05 -33.99
N GLU K 283 -29.32 -5.34 -33.23
CA GLU K 283 -29.09 -5.65 -31.82
C GLU K 283 -30.19 -5.11 -30.90
N VAL K 284 -31.05 -4.23 -31.41
CA VAL K 284 -32.10 -3.66 -30.57
C VAL K 284 -33.13 -4.72 -30.19
N ARG K 285 -33.34 -5.71 -31.06
CA ARG K 285 -34.41 -6.69 -30.85
C ARG K 285 -34.26 -7.40 -29.50
N THR K 286 -33.05 -7.80 -29.15
CA THR K 286 -32.82 -8.50 -27.89
C THR K 286 -33.28 -7.69 -26.69
N MET K 287 -33.24 -6.36 -26.81
CA MET K 287 -33.62 -5.48 -25.72
C MET K 287 -35.07 -5.01 -25.82
N ILE K 288 -35.81 -5.47 -26.83
CA ILE K 288 -37.21 -5.08 -26.96
C ILE K 288 -38.03 -5.65 -25.81
N GLY K 289 -37.76 -6.90 -25.44
CA GLY K 289 -38.51 -7.57 -24.40
C GLY K 289 -38.46 -6.88 -23.05
N PRO K 290 -37.26 -6.77 -22.46
CA PRO K 290 -37.16 -6.13 -21.14
C PRO K 290 -37.66 -4.69 -21.12
N GLN K 291 -37.22 -3.87 -22.07
CA GLN K 291 -37.57 -2.45 -22.05
C GLN K 291 -39.08 -2.27 -22.12
N ASP K 292 -39.73 -2.96 -23.07
CA ASP K 292 -41.20 -2.91 -23.16
C ASP K 292 -41.82 -3.30 -21.83
N GLU K 293 -41.24 -4.29 -21.15
CA GLU K 293 -41.76 -4.70 -19.85
C GLU K 293 -41.66 -3.56 -18.83
N ILE K 294 -40.54 -2.83 -18.85
CA ILE K 294 -40.27 -1.85 -17.80
C ILE K 294 -41.39 -0.82 -17.74
N ASN K 295 -41.67 -0.19 -18.88
CA ASN K 295 -42.72 0.83 -18.92
C ASN K 295 -44.05 0.28 -18.44
N LYS K 296 -44.28 -1.03 -18.61
CA LYS K 296 -45.48 -1.64 -18.05
C LYS K 296 -45.40 -1.69 -16.53
N ARG K 297 -44.35 -2.34 -16.00
CA ARG K 297 -44.33 -2.66 -14.57
C ARG K 297 -44.41 -1.40 -13.73
N ARG K 298 -43.54 -0.41 -14.02
CA ARG K 298 -43.60 0.86 -13.31
C ARG K 298 -45.01 1.44 -13.35
N SER K 299 -45.62 1.45 -14.54
CA SER K 299 -46.98 1.97 -14.66
C SER K 299 -47.92 1.20 -13.76
N LYS K 300 -47.82 -0.12 -13.75
CA LYS K 300 -48.65 -0.92 -12.86
C LYS K 300 -48.40 -0.51 -11.41
N ALA K 301 -47.13 -0.33 -11.03
CA ALA K 301 -46.83 0.15 -9.69
C ALA K 301 -47.49 1.50 -9.45
N LEU K 302 -47.45 2.39 -10.45
CA LEU K 302 -48.07 3.69 -10.31
C LEU K 302 -49.58 3.57 -10.11
N HIS K 303 -50.18 2.50 -10.62
CA HIS K 303 -51.61 2.28 -10.43
C HIS K 303 -51.92 1.67 -9.07
N LEU K 304 -50.93 1.12 -8.38
CA LEU K 304 -51.15 0.47 -7.10
C LEU K 304 -50.87 1.38 -5.91
N ILE K 305 -50.55 2.65 -6.15
CA ILE K 305 -50.29 3.61 -5.08
C ILE K 305 -51.40 4.64 -4.99
N ASN K 306 -51.77 5.26 -6.11
CA ASN K 306 -52.76 6.32 -6.09
C ASN K 306 -54.18 5.80 -5.85
N SER K 307 -54.39 4.49 -5.88
CA SER K 307 -55.70 3.90 -5.71
C SER K 307 -55.69 2.92 -4.54
N ARG K 308 -56.82 2.81 -3.87
CA ARG K 308 -57.00 1.89 -2.76
C ARG K 308 -58.17 0.95 -3.04
N GLN K 309 -58.13 -0.21 -2.40
CA GLN K 309 -59.19 -1.20 -2.48
C GLN K 309 -59.97 -1.19 -1.18
N VAL K 310 -61.30 -1.08 -1.28
CA VAL K 310 -62.15 -0.99 -0.11
C VAL K 310 -63.26 -2.01 -0.20
N ARG K 311 -63.67 -2.52 0.97
CA ARG K 311 -64.84 -3.35 1.12
C ARG K 311 -65.87 -2.55 1.91
N VAL K 312 -67.07 -2.41 1.35
CA VAL K 312 -68.12 -1.57 1.91
C VAL K 312 -69.31 -2.47 2.27
N SER K 313 -69.82 -2.29 3.49
CA SER K 313 -70.98 -3.05 3.92
C SER K 313 -72.22 -2.62 3.13
N PRO K 314 -73.17 -3.52 2.91
CA PRO K 314 -74.40 -3.14 2.20
C PRO K 314 -75.22 -2.11 2.95
N ASN K 315 -75.02 -1.94 4.25
CA ASN K 315 -75.78 -0.94 5.01
C ASN K 315 -75.47 0.48 4.56
N VAL K 316 -74.33 0.70 3.91
CA VAL K 316 -73.97 2.04 3.44
C VAL K 316 -74.83 2.39 2.23
N GLN K 317 -75.45 3.58 2.28
CA GLN K 317 -76.35 4.04 1.23
C GLN K 317 -75.64 4.88 0.18
N MET K 318 -74.35 4.63 -0.05
CA MET K 318 -73.56 5.36 -1.04
C MET K 318 -72.99 4.39 -2.07
N ASP K 319 -72.73 4.91 -3.26
CA ASP K 319 -72.15 4.09 -4.32
C ASP K 319 -70.73 3.68 -3.93
N ALA K 320 -70.43 2.39 -4.13
CA ALA K 320 -69.15 1.85 -3.68
C ALA K 320 -67.98 2.53 -4.38
N GLN K 321 -68.10 2.78 -5.68
CA GLN K 321 -67.03 3.45 -6.41
C GLN K 321 -66.79 4.87 -5.88
N SER K 322 -67.87 5.56 -5.50
CA SER K 322 -67.72 6.89 -4.94
C SER K 322 -66.94 6.86 -3.63
N VAL K 323 -67.26 5.91 -2.75
CA VAL K 323 -66.53 5.79 -1.50
C VAL K 323 -65.07 5.42 -1.76
N ARG K 324 -64.82 4.53 -2.72
CA ARG K 324 -63.45 4.15 -3.04
C ARG K 324 -62.66 5.35 -3.55
N LYS K 325 -63.27 6.15 -4.44
CA LYS K 325 -62.58 7.33 -4.95
C LYS K 325 -62.33 8.34 -3.84
N GLU K 326 -63.30 8.53 -2.95
CA GLU K 326 -63.11 9.47 -1.84
C GLU K 326 -62.00 9.01 -0.92
N LEU K 327 -61.93 7.71 -0.62
CA LEU K 327 -60.90 7.19 0.26
C LEU K 327 -59.53 7.21 -0.41
N SER K 328 -59.49 7.10 -1.75
CA SER K 328 -58.22 7.16 -2.44
C SER K 328 -57.62 8.56 -2.41
N LYS K 329 -58.46 9.58 -2.26
CA LYS K 329 -57.95 10.95 -2.18
C LYS K 329 -57.17 11.13 -0.88
N PRO K 330 -56.07 11.88 -0.91
CA PRO K 330 -55.31 12.12 0.33
C PRO K 330 -56.08 12.90 1.38
N ASP K 331 -57.11 13.65 0.97
CA ASP K 331 -57.92 14.45 1.88
C ASP K 331 -59.38 14.06 1.82
N GLY K 332 -59.64 12.76 1.71
CA GLY K 332 -61.00 12.24 1.67
C GLY K 332 -61.49 11.81 3.04
N VAL K 333 -62.81 11.79 3.19
CA VAL K 333 -63.46 11.42 4.43
C VAL K 333 -64.58 10.43 4.16
N PHE K 334 -64.92 9.67 5.19
CA PHE K 334 -66.05 8.74 5.14
C PHE K 334 -66.90 8.94 6.38
N VAL K 335 -68.21 8.90 6.20
CA VAL K 335 -69.18 9.05 7.29
C VAL K 335 -69.86 7.71 7.49
N GLY K 336 -69.67 7.13 8.67
CA GLY K 336 -70.28 5.85 8.98
C GLY K 336 -69.59 5.21 10.16
N ASP K 337 -70.05 4.00 10.47
CA ASP K 337 -69.48 3.21 11.56
C ASP K 337 -68.14 2.63 11.11
N SER K 338 -67.31 2.28 12.10
CA SER K 338 -65.97 1.78 11.82
C SER K 338 -65.97 0.44 11.10
N GLY K 339 -67.07 -0.31 11.15
CA GLY K 339 -67.07 -1.65 10.60
C GLY K 339 -67.56 -1.78 9.18
N GLU K 340 -68.20 -0.73 8.65
CA GLU K 340 -68.78 -0.84 7.31
C GLU K 340 -67.78 -0.60 6.19
N VAL K 341 -66.59 -0.08 6.48
CA VAL K 341 -65.57 0.15 5.48
C VAL K 341 -64.27 -0.48 5.95
N GLU K 342 -63.66 -1.32 5.12
CA GLU K 342 -62.38 -1.94 5.41
C GLU K 342 -61.44 -1.74 4.24
N ILE K 343 -60.22 -1.27 4.50
CA ILE K 343 -59.25 -1.02 3.46
C ILE K 343 -58.42 -2.29 3.27
N LEU K 344 -58.62 -2.96 2.14
CA LEU K 344 -57.86 -4.16 1.85
C LEU K 344 -56.41 -3.81 1.54
N PRO K 345 -55.45 -4.54 2.08
CA PRO K 345 -54.03 -4.21 1.84
C PRO K 345 -53.58 -4.65 0.46
N THR K 346 -52.86 -3.75 -0.22
CA THR K 346 -52.31 -4.05 -1.53
C THR K 346 -50.86 -3.60 -1.69
N GLN K 347 -50.17 -3.29 -0.58
CA GLN K 347 -48.79 -2.82 -0.69
C GLN K 347 -47.86 -3.92 -1.15
N ASP K 348 -48.20 -5.19 -0.89
CA ASP K 348 -47.35 -6.30 -1.32
C ASP K 348 -47.26 -6.36 -2.84
N MET K 349 -48.39 -6.15 -3.53
CA MET K 349 -48.38 -6.15 -4.98
C MET K 349 -47.48 -5.06 -5.54
N ALA K 350 -47.58 -3.85 -4.96
CA ALA K 350 -46.75 -2.75 -5.42
C ALA K 350 -45.27 -3.01 -5.16
N SER K 351 -44.94 -3.53 -3.98
CA SER K 351 -43.55 -3.82 -3.67
C SER K 351 -42.99 -4.89 -4.60
N ALA K 352 -43.78 -5.93 -4.89
CA ALA K 352 -43.32 -6.98 -5.80
C ALA K 352 -43.17 -6.45 -7.22
N ASN K 353 -44.08 -5.59 -7.65
CA ASN K 353 -43.94 -4.97 -8.97
C ASN K 353 -42.67 -4.13 -9.05
N LEU K 354 -42.36 -3.40 -7.98
CA LEU K 354 -41.11 -2.64 -7.95
C LEU K 354 -39.90 -3.56 -8.00
N ALA K 355 -39.98 -4.70 -7.31
CA ALA K 355 -38.88 -5.67 -7.37
C ALA K 355 -38.68 -6.20 -8.79
N MET K 356 -39.77 -6.54 -9.48
CA MET K 356 -39.67 -6.99 -10.86
C MET K 356 -39.12 -5.88 -11.76
N LEU K 357 -39.52 -4.63 -11.50
CA LEU K 357 -39.00 -3.51 -12.26
C LEU K 357 -37.49 -3.36 -12.08
N GLN K 358 -37.01 -3.51 -10.85
CA GLN K 358 -35.58 -3.46 -10.59
C GLN K 358 -34.85 -4.61 -11.27
N GLU K 359 -35.43 -5.81 -11.23
CA GLU K 359 -34.83 -6.95 -11.91
C GLU K 359 -34.72 -6.70 -13.41
N ALA K 360 -35.78 -6.14 -14.01
CA ALA K 360 -35.74 -5.82 -15.44
C ALA K 360 -34.75 -4.71 -15.75
N LYS K 361 -34.59 -3.75 -14.85
CA LYS K 361 -33.56 -2.72 -15.03
C LYS K 361 -32.18 -3.35 -15.05
N ASN K 362 -31.92 -4.28 -14.13
CA ASN K 362 -30.63 -4.98 -14.13
C ASN K 362 -30.45 -5.78 -15.41
N GLU K 363 -31.51 -6.44 -15.88
CA GLU K 363 -31.41 -7.23 -17.10
C GLU K 363 -31.11 -6.36 -18.31
N ILE K 364 -31.80 -5.22 -18.44
CA ILE K 364 -31.58 -4.35 -19.59
C ILE K 364 -30.20 -3.68 -19.49
N ASP K 365 -29.70 -3.44 -18.28
CA ASP K 365 -28.35 -2.95 -18.11
C ASP K 365 -27.30 -3.98 -18.52
N LEU K 366 -27.54 -5.26 -18.23
CA LEU K 366 -26.59 -6.32 -18.54
C LEU K 366 -26.36 -6.51 -20.03
N LEU K 367 -27.29 -6.09 -20.89
CA LEU K 367 -27.21 -6.30 -22.32
C LEU K 367 -26.65 -5.07 -23.05
N GLY K 368 -25.72 -4.36 -22.42
CA GLY K 368 -25.14 -3.19 -23.01
C GLY K 368 -23.65 -3.08 -22.79
N PRO K 369 -22.91 -2.68 -23.84
CA PRO K 369 -21.47 -2.47 -23.69
C PRO K 369 -21.13 -1.42 -22.64
N ASN K 370 -21.99 -0.41 -22.52
CA ASN K 370 -21.85 0.64 -21.52
C ASN K 370 -22.88 0.39 -20.42
N ALA K 371 -22.50 -0.43 -19.45
CA ALA K 371 -23.36 -0.75 -18.30
C ALA K 371 -22.70 -0.14 -17.07
N ALA K 372 -23.27 0.94 -16.56
CA ALA K 372 -22.70 1.67 -15.44
C ALA K 372 -23.82 2.41 -14.71
N LEU K 373 -23.52 2.83 -13.49
CA LEU K 373 -24.47 3.60 -12.67
C LEU K 373 -25.80 2.88 -12.48
N MET K 381 -20.10 -1.45 -8.99
CA MET K 381 -19.80 -0.35 -8.08
C MET K 381 -18.29 -0.18 -7.91
N SER K 382 -17.53 -1.05 -8.55
CA SER K 382 -16.08 -1.02 -8.50
C SER K 382 -15.51 -0.67 -9.87
N GLY K 383 -14.41 0.09 -9.88
CA GLY K 383 -13.80 0.48 -11.13
C GLY K 383 -13.34 -0.71 -11.95
N ARG K 384 -12.79 -1.73 -11.29
CA ARG K 384 -12.36 -2.93 -12.00
C ARG K 384 -13.55 -3.63 -12.65
N ALA K 385 -14.67 -3.72 -11.94
CA ALA K 385 -15.86 -4.35 -12.50
C ALA K 385 -16.37 -3.58 -13.72
N ILE K 386 -16.37 -2.25 -13.64
CA ILE K 386 -16.83 -1.44 -14.76
C ILE K 386 -15.90 -1.61 -15.96
N LEU K 387 -14.59 -1.61 -15.72
CA LEU K 387 -13.64 -1.81 -16.82
C LEU K 387 -13.81 -3.19 -17.44
N ALA K 388 -14.01 -4.22 -16.62
CA ALA K 388 -14.22 -5.56 -17.15
C ALA K 388 -15.50 -5.65 -17.96
N GLN K 389 -16.57 -5.00 -17.50
CA GLN K 389 -17.82 -5.02 -18.24
C GLN K 389 -17.65 -4.30 -19.57
N GLN K 390 -16.92 -3.17 -19.58
CA GLN K 390 -16.65 -2.46 -20.82
C GLN K 390 -15.85 -3.33 -21.79
N GLN K 391 -14.83 -4.03 -21.29
CA GLN K 391 -14.04 -4.90 -22.14
C GLN K 391 -14.90 -6.04 -22.71
N GLY K 392 -15.77 -6.61 -21.88
CA GLY K 392 -16.66 -7.66 -22.37
C GLY K 392 -17.62 -7.15 -23.43
N GLY K 393 -18.16 -5.94 -23.24
CA GLY K 393 -19.01 -5.35 -24.25
C GLY K 393 -18.27 -5.08 -25.55
N MET K 394 -17.02 -4.62 -25.46
CA MET K 394 -16.21 -4.44 -26.65
C MET K 394 -15.97 -5.75 -27.37
N THR K 395 -15.71 -6.82 -26.60
CA THR K 395 -15.55 -8.14 -27.21
C THR K 395 -16.83 -8.60 -27.89
N GLU K 396 -17.98 -8.35 -27.25
CA GLU K 396 -19.26 -8.75 -27.83
C GLU K 396 -19.56 -7.97 -29.11
N ALA K 397 -19.18 -6.69 -29.16
CA ALA K 397 -19.40 -5.86 -30.34
C ALA K 397 -18.43 -6.17 -31.48
N ALA K 398 -17.67 -7.25 -31.38
CA ALA K 398 -16.72 -7.59 -32.43
C ALA K 398 -17.44 -7.94 -33.73
N THR K 399 -18.59 -8.60 -33.64
CA THR K 399 -19.36 -8.91 -34.84
C THR K 399 -19.85 -7.63 -35.53
N TYR K 400 -20.31 -6.67 -34.74
CA TYR K 400 -20.75 -5.38 -35.29
C TYR K 400 -19.58 -4.67 -35.98
N LEU K 401 -18.42 -4.64 -35.31
CA LEU K 401 -17.25 -4.01 -35.91
C LEU K 401 -16.79 -4.74 -37.16
N ASP K 402 -16.93 -6.07 -37.19
CA ASP K 402 -16.56 -6.84 -38.37
C ASP K 402 -17.50 -6.57 -39.53
N ARG K 403 -18.79 -6.39 -39.24
CA ARG K 403 -19.72 -6.00 -40.29
C ARG K 403 -19.36 -4.64 -40.86
N ILE K 404 -19.01 -3.69 -39.98
CA ILE K 404 -18.57 -2.38 -40.46
C ILE K 404 -17.31 -2.51 -41.31
N ARG K 405 -16.38 -3.36 -40.88
CA ARG K 405 -15.15 -3.59 -41.63
C ARG K 405 -15.43 -4.16 -43.02
N ALA K 406 -16.33 -5.15 -43.09
CA ALA K 406 -16.66 -5.76 -44.37
C ALA K 406 -17.31 -4.75 -45.30
N LEU K 407 -18.24 -3.94 -44.77
CA LEU K 407 -18.86 -2.90 -45.59
C LEU K 407 -17.82 -1.92 -46.11
N SER K 408 -16.89 -1.50 -45.24
CA SER K 408 -15.86 -0.57 -45.66
C SER K 408 -14.97 -1.17 -46.75
N ILE K 409 -14.60 -2.44 -46.60
CA ILE K 409 -13.74 -3.08 -47.60
C ILE K 409 -14.46 -3.17 -48.95
N ALA K 410 -15.74 -3.56 -48.92
CA ALA K 410 -16.50 -3.64 -50.16
C ALA K 410 -16.63 -2.27 -50.81
N VAL K 411 -16.88 -1.23 -50.01
CA VAL K 411 -17.01 0.13 -50.54
C VAL K 411 -15.69 0.57 -51.18
N TYR K 412 -14.57 0.29 -50.51
CA TYR K 412 -13.28 0.70 -51.04
C TYR K 412 -12.96 -0.04 -52.34
N ARG K 413 -13.28 -1.33 -52.41
CA ARG K 413 -13.05 -2.07 -53.64
C ARG K 413 -13.89 -1.53 -54.78
N SER K 414 -15.16 -1.22 -54.51
CA SER K 414 -16.00 -0.62 -55.54
C SER K 414 -15.48 0.74 -55.98
N VAL K 415 -14.97 1.53 -55.02
CA VAL K 415 -14.41 2.83 -55.35
C VAL K 415 -13.20 2.69 -56.26
N TRP K 416 -12.32 1.72 -55.96
CA TRP K 416 -11.16 1.50 -56.81
C TRP K 416 -11.58 1.06 -58.21
N ALA K 417 -12.59 0.17 -58.30
CA ALA K 417 -13.08 -0.25 -59.59
C ALA K 417 -13.64 0.92 -60.39
N ARG K 418 -14.40 1.80 -59.73
CA ARG K 418 -14.94 2.96 -60.41
C ARG K 418 -13.84 3.93 -60.83
N ILE K 419 -12.81 4.09 -60.00
CA ILE K 419 -11.67 4.93 -60.36
C ILE K 419 -11.00 4.40 -61.62
N ARG K 420 -10.78 3.09 -61.68
CA ARG K 420 -10.21 2.51 -62.89
C ARG K 420 -11.14 2.68 -64.08
N GLN K 421 -12.45 2.63 -63.86
CA GLN K 421 -13.40 2.68 -64.97
C GLN K 421 -13.50 4.08 -65.57
N VAL K 422 -13.60 5.11 -64.74
CA VAL K 422 -14.03 6.42 -65.22
C VAL K 422 -12.91 7.46 -65.22
N TRP K 423 -11.92 7.35 -64.35
CA TRP K 423 -10.89 8.38 -64.25
C TRP K 423 -10.03 8.40 -65.49
N THR K 424 -9.60 9.60 -65.89
CA THR K 424 -8.75 9.82 -67.06
C THR K 424 -7.35 10.23 -66.60
N GLY K 425 -6.48 10.44 -67.58
CA GLY K 425 -5.11 10.82 -67.26
C GLY K 425 -5.02 12.20 -66.62
N GLU K 426 -5.80 13.16 -67.12
CA GLU K 426 -5.78 14.50 -66.56
C GLU K 426 -6.25 14.49 -65.11
N ARG K 427 -7.30 13.73 -64.81
CA ARG K 427 -7.78 13.64 -63.44
C ARG K 427 -6.73 13.01 -62.53
N TRP K 428 -6.07 11.95 -63.01
CA TRP K 428 -5.01 11.32 -62.22
C TRP K 428 -3.89 12.31 -61.93
N VAL K 429 -3.46 13.06 -62.95
CA VAL K 429 -2.38 14.02 -62.76
C VAL K 429 -2.79 15.11 -61.77
N ARG K 430 -4.01 15.62 -61.91
CA ARG K 430 -4.45 16.72 -61.05
C ARG K 430 -4.61 16.26 -59.60
N VAL K 431 -5.13 15.06 -59.40
CA VAL K 431 -5.37 14.58 -58.04
C VAL K 431 -4.08 14.13 -57.37
N THR K 432 -3.40 13.14 -57.96
CA THR K 432 -2.25 12.54 -57.32
C THR K 432 -0.97 13.38 -57.48
N ASP K 433 -0.97 14.32 -58.43
CA ASP K 433 0.20 15.18 -58.68
C ASP K 433 1.45 14.35 -58.96
N ASN K 434 1.27 13.26 -59.72
CA ASN K 434 2.37 12.36 -60.06
C ASN K 434 2.35 12.08 -61.56
N GLU K 435 3.53 12.00 -62.15
CA GLU K 435 3.67 11.78 -63.59
C GLU K 435 3.73 10.31 -63.96
N ARG K 436 3.68 9.40 -62.99
CA ARG K 436 3.73 7.98 -63.28
C ARG K 436 2.36 7.33 -63.30
N ASN K 437 1.42 7.85 -62.50
CA ASN K 437 0.11 7.23 -62.36
C ASN K 437 -0.68 7.20 -63.67
N LEU K 438 -0.16 7.82 -64.74
CA LEU K 438 -0.76 7.66 -66.05
C LEU K 438 -0.73 6.23 -66.54
N ARG K 439 0.12 5.37 -65.94
CA ARG K 439 0.07 3.95 -66.27
C ARG K 439 -1.18 3.26 -65.75
N PHE K 440 -1.96 3.93 -64.88
CA PHE K 440 -3.15 3.36 -64.29
C PHE K 440 -4.44 3.85 -64.93
N VAL K 441 -4.34 4.55 -66.07
CA VAL K 441 -5.53 5.07 -66.74
C VAL K 441 -6.23 3.93 -67.47
N GLY K 442 -7.52 3.76 -67.20
CA GLY K 442 -8.30 2.72 -67.84
C GLY K 442 -8.03 1.36 -67.23
N LEU K 443 -8.59 0.34 -67.89
CA LEU K 443 -8.44 -1.05 -67.47
C LEU K 443 -7.35 -1.78 -68.22
N ASN K 444 -7.09 -1.41 -69.46
CA ASN K 444 -6.05 -2.07 -70.26
C ASN K 444 -5.51 -1.13 -71.34
N ALA K 503 -3.61 -6.32 -67.40
CA ALA K 503 -3.88 -5.65 -66.13
C ALA K 503 -2.58 -5.22 -65.46
N VAL K 504 -2.62 -4.05 -64.82
CA VAL K 504 -1.45 -3.53 -64.13
C VAL K 504 -1.62 -3.50 -62.61
N ALA K 505 -2.83 -3.24 -62.11
CA ALA K 505 -3.09 -3.19 -60.67
C ALA K 505 -4.46 -3.82 -60.42
N GLU K 506 -4.46 -5.12 -60.12
CA GLU K 506 -5.69 -5.84 -59.86
C GLU K 506 -6.15 -5.62 -58.41
N LEU K 507 -7.45 -5.80 -58.19
CA LEU K 507 -8.01 -5.58 -56.86
C LEU K 507 -7.59 -6.63 -55.86
N ASP K 508 -7.17 -7.80 -56.31
CA ASP K 508 -6.75 -8.87 -55.40
C ASP K 508 -5.42 -9.51 -55.76
N VAL K 509 -4.96 -9.40 -57.01
CA VAL K 509 -3.72 -10.04 -57.43
C VAL K 509 -2.51 -9.14 -57.15
N ASP K 510 -2.67 -7.83 -57.33
CA ASP K 510 -1.55 -6.89 -57.16
C ASP K 510 -1.63 -6.10 -55.87
N ILE K 511 -2.82 -5.63 -55.49
CA ILE K 511 -2.99 -4.82 -54.29
C ILE K 511 -4.08 -5.44 -53.43
N LEU K 512 -4.01 -5.15 -52.13
CA LEU K 512 -4.99 -5.60 -51.16
C LEU K 512 -5.61 -4.39 -50.48
N VAL K 513 -6.94 -4.35 -50.42
CA VAL K 513 -7.66 -3.24 -49.82
C VAL K 513 -7.88 -3.55 -48.34
N ASP K 514 -7.48 -2.61 -47.48
CA ASP K 514 -7.65 -2.77 -46.04
C ASP K 514 -7.84 -1.37 -45.44
N GLU K 515 -7.81 -1.29 -44.11
CA GLU K 515 -7.90 -0.02 -43.42
C GLU K 515 -6.76 0.13 -42.43
N GLY K 516 -6.18 1.33 -42.40
CA GLY K 516 -5.16 1.68 -41.44
C GLY K 516 -5.59 2.80 -40.53
N LEU K 517 -4.64 3.33 -39.74
CA LEU K 517 -4.97 4.37 -38.77
C LEU K 517 -5.49 5.62 -39.47
N ASP K 518 -6.44 6.29 -38.82
CA ASP K 518 -7.06 7.48 -39.39
C ASP K 518 -6.13 8.68 -39.19
N ALA K 519 -5.74 9.32 -40.29
CA ALA K 519 -4.93 10.52 -40.28
C ALA K 519 -5.44 11.48 -41.34
N PRO K 520 -5.23 12.79 -41.14
CA PRO K 520 -5.72 13.74 -42.16
C PRO K 520 -5.13 13.52 -43.54
N THR K 521 -3.86 13.13 -43.62
CA THR K 521 -3.19 12.92 -44.89
C THR K 521 -2.19 11.78 -44.75
N ILE K 522 -1.80 11.22 -45.90
CA ILE K 522 -0.78 10.17 -45.90
C ILE K 522 0.56 10.73 -45.44
N ALA K 523 0.78 12.03 -45.64
CA ALA K 523 2.01 12.65 -45.17
C ALA K 523 2.12 12.59 -43.65
N ALA K 524 1.00 12.79 -42.94
CA ALA K 524 1.01 12.69 -41.49
C ALA K 524 1.37 11.28 -41.03
N GLU K 525 0.77 10.27 -41.68
CA GLU K 525 1.09 8.89 -41.34
C GLU K 525 2.56 8.59 -41.58
N GLU K 526 3.09 9.04 -42.72
CA GLU K 526 4.49 8.78 -43.04
C GLU K 526 5.42 9.48 -42.07
N PHE K 527 5.12 10.73 -41.69
CA PHE K 527 5.93 11.44 -40.73
C PHE K 527 5.90 10.77 -39.36
N GLU K 528 4.72 10.32 -38.93
CA GLU K 528 4.63 9.62 -37.65
C GLU K 528 5.43 8.32 -37.67
N GLN K 529 5.33 7.57 -38.78
CA GLN K 529 6.10 6.34 -38.90
C GLN K 529 7.60 6.61 -38.88
N LEU K 530 8.04 7.66 -39.58
CA LEU K 530 9.45 8.01 -39.59
C LEU K 530 9.92 8.40 -38.19
N MET K 531 9.13 9.18 -37.46
CA MET K 531 9.50 9.58 -36.11
C MET K 531 9.57 8.38 -35.19
N LYS K 532 8.60 7.46 -35.28
CA LYS K 532 8.63 6.26 -34.45
C LYS K 532 9.84 5.40 -34.79
N LEU K 533 10.18 5.26 -36.07
CA LEU K 533 11.33 4.48 -36.46
C LEU K 533 12.63 5.10 -35.97
N ALA K 534 12.73 6.43 -36.04
CA ALA K 534 13.96 7.11 -35.62
C ALA K 534 14.10 7.14 -34.10
N SER K 535 12.97 7.10 -33.38
CA SER K 535 13.05 7.10 -31.92
C SER K 535 13.72 5.84 -31.39
N THR K 536 13.57 4.72 -32.11
CA THR K 536 14.24 3.49 -31.69
C THR K 536 15.76 3.63 -31.77
N GLY K 537 16.25 4.30 -32.81
CA GLY K 537 17.68 4.50 -32.98
C GLY K 537 18.40 3.39 -33.71
N ILE K 538 17.71 2.31 -34.07
CA ILE K 538 18.34 1.22 -34.80
C ILE K 538 18.78 1.69 -36.18
N VAL K 539 17.92 2.42 -36.88
CA VAL K 539 18.17 2.91 -38.22
C VAL K 539 18.44 4.41 -38.14
N PRO K 540 19.56 4.90 -38.67
CA PRO K 540 19.84 6.34 -38.65
C PRO K 540 19.04 7.07 -39.72
N ILE K 541 18.01 7.79 -39.30
CA ILE K 541 17.17 8.56 -40.22
C ILE K 541 17.74 9.98 -40.30
N PRO K 542 18.08 10.48 -41.49
CA PRO K 542 18.63 11.83 -41.58
C PRO K 542 17.59 12.87 -41.23
N PRO K 543 18.00 13.99 -40.64
CA PRO K 543 17.02 15.03 -40.29
C PRO K 543 16.31 15.63 -41.48
N ASP K 544 16.97 15.73 -42.64
CA ASP K 544 16.39 16.43 -43.78
C ASP K 544 15.11 15.77 -44.26
N VAL K 545 15.10 14.44 -44.36
CA VAL K 545 13.89 13.75 -44.77
C VAL K 545 12.82 13.84 -43.67
N LEU K 546 13.26 13.92 -42.41
CA LEU K 546 12.31 14.03 -41.31
C LEU K 546 11.53 15.34 -41.38
N ILE K 547 12.24 16.46 -41.55
CA ILE K 547 11.54 17.73 -41.69
C ILE K 547 10.81 17.82 -43.02
N GLU K 548 11.34 17.18 -44.06
CA GLU K 548 10.66 17.19 -45.36
C GLU K 548 9.30 16.51 -45.27
N ALA K 549 9.21 15.41 -44.54
CA ALA K 549 7.94 14.72 -44.34
C ALA K 549 7.05 15.40 -43.31
N SER K 550 7.58 16.37 -42.57
CA SER K 550 6.81 17.06 -41.54
C SER K 550 5.89 18.09 -42.16
N SER K 551 5.11 18.78 -41.32
CA SER K 551 4.18 19.80 -41.76
C SER K 551 4.52 21.16 -41.14
N LEU K 552 5.80 21.44 -40.96
CA LEU K 552 6.23 22.70 -40.39
C LEU K 552 6.14 23.82 -41.44
N ARG K 553 6.21 25.06 -40.97
CA ARG K 553 6.17 26.21 -41.85
C ARG K 553 7.56 26.72 -42.22
N ASN K 554 8.58 26.43 -41.41
CA ASN K 554 9.96 26.75 -41.75
C ASN K 554 10.63 25.62 -42.52
N LYS K 555 9.85 24.71 -43.10
CA LYS K 555 10.42 23.62 -43.87
C LYS K 555 11.35 24.09 -44.99
N PRO K 556 10.99 25.08 -45.82
CA PRO K 556 11.95 25.51 -46.86
C PRO K 556 13.23 26.09 -46.28
N LYS K 557 13.13 26.95 -45.27
CA LYS K 557 14.34 27.55 -44.71
C LYS K 557 15.18 26.53 -43.96
N LEU K 558 14.53 25.58 -43.26
CA LEU K 558 15.28 24.53 -42.58
C LEU K 558 15.99 23.63 -43.58
N LEU K 559 15.30 23.28 -44.68
CA LEU K 559 15.93 22.48 -45.71
C LEU K 559 17.10 23.22 -46.35
N GLU K 560 16.94 24.51 -46.60
CA GLU K 560 18.04 25.29 -47.16
C GLU K 560 19.23 25.35 -46.21
N MET K 561 18.98 25.54 -44.92
CA MET K 561 20.07 25.57 -43.95
C MET K 561 20.78 24.23 -43.86
N LEU K 562 20.03 23.13 -43.88
CA LEU K 562 20.65 21.82 -43.86
C LEU K 562 21.46 21.57 -45.13
N LYS K 563 20.95 22.01 -46.28
CA LYS K 563 21.69 21.87 -47.53
C LYS K 563 22.99 22.67 -47.48
N GLN K 564 22.95 23.86 -46.89
CA GLN K 564 24.15 24.68 -46.74
C GLN K 564 25.17 23.95 -45.87
N GLY K 565 26.27 23.51 -46.49
CA GLY K 565 27.26 22.72 -45.81
C GLY K 565 28.31 23.56 -45.10
N PRO K 566 29.56 23.16 -45.23
CA PRO K 566 30.64 23.88 -44.55
C PRO K 566 30.95 25.21 -45.22
N SER K 567 31.60 26.09 -44.45
CA SER K 567 31.98 27.40 -44.94
C SER K 567 33.17 27.28 -45.89
N GLN K 568 33.53 28.41 -46.50
CA GLN K 568 34.60 28.41 -47.49
C GLN K 568 35.93 28.02 -46.86
N GLU K 569 36.24 28.57 -45.68
CA GLU K 569 37.50 28.27 -45.02
C GLU K 569 37.63 26.78 -44.73
N GLN K 570 36.52 26.08 -44.55
CA GLN K 570 36.58 24.65 -44.27
C GLN K 570 37.22 23.89 -45.42
N MET K 571 36.74 24.09 -46.65
CA MET K 571 37.36 23.35 -47.73
C MET K 571 38.65 24.00 -48.23
N MET K 572 38.93 25.27 -47.95
CA MET K 572 40.30 25.72 -48.15
C MET K 572 41.26 24.96 -47.26
N ALA K 573 40.90 24.78 -45.98
CA ALA K 573 41.74 24.03 -45.07
C ALA K 573 41.86 22.57 -45.50
N GLN K 574 40.77 22.00 -45.99
CA GLN K 574 40.82 20.62 -46.50
C GLN K 574 41.77 20.51 -47.70
N GLN K 575 41.71 21.48 -48.62
CA GLN K 575 42.60 21.47 -49.77
C GLN K 575 44.05 21.61 -49.34
N ILE K 576 44.33 22.49 -48.38
CA ILE K 576 45.71 22.65 -47.91
C ILE K 576 46.18 21.38 -47.22
N ALA K 577 45.30 20.71 -46.47
CA ALA K 577 45.68 19.46 -45.82
C ALA K 577 46.01 18.39 -46.85
N LEU K 578 45.20 18.28 -47.91
CA LEU K 578 45.48 17.30 -48.96
C LEU K 578 46.79 17.63 -49.66
N ALA K 579 47.04 18.91 -49.93
CA ALA K 579 48.29 19.32 -50.56
C ALA K 579 49.48 18.99 -49.66
N GLY K 580 49.33 19.20 -48.35
CA GLY K 580 50.40 18.85 -47.43
C GLY K 580 50.68 17.36 -47.38
N GLU K 581 49.61 16.55 -47.41
CA GLU K 581 49.81 15.11 -47.45
C GLU K 581 50.53 14.68 -48.72
N GLN K 582 50.13 15.24 -49.87
CA GLN K 582 50.80 14.93 -51.12
C GLN K 582 52.26 15.36 -51.09
N ALA K 583 52.53 16.54 -50.54
CA ALA K 583 53.90 17.03 -50.43
C ALA K 583 54.74 16.14 -49.53
N LYS K 584 54.15 15.65 -48.43
CA LYS K 584 54.87 14.74 -47.55
C LYS K 584 55.19 13.43 -48.26
N VAL K 585 54.23 12.90 -49.02
CA VAL K 585 54.49 11.68 -49.78
C VAL K 585 55.64 11.91 -50.76
N ALA K 586 55.62 13.04 -51.47
CA ALA K 586 56.69 13.36 -52.40
C ALA K 586 58.02 13.51 -51.67
N GLU K 587 57.99 14.07 -50.46
CA GLU K 587 59.22 14.26 -49.69
C GLU K 587 59.84 12.92 -49.31
N THR K 588 59.02 11.97 -48.85
CA THR K 588 59.58 10.66 -48.53
C THR K 588 60.02 9.91 -49.78
N GLU K 589 59.33 10.10 -50.91
CA GLU K 589 59.82 9.52 -52.16
C GLU K 589 61.17 10.09 -52.55
N SER K 590 61.36 11.40 -52.35
CA SER K 590 62.65 12.02 -52.60
C SER K 590 63.72 11.50 -51.64
N LYS K 591 63.32 11.22 -50.39
CA LYS K 591 64.24 10.59 -49.46
C LYS K 591 64.67 9.21 -49.95
N THR K 592 63.73 8.44 -50.49
CA THR K 592 64.06 7.14 -51.06
C THR K 592 65.04 7.29 -52.22
N GLY K 593 64.79 8.26 -53.10
CA GLY K 593 65.70 8.51 -54.21
C GLY K 593 67.09 8.93 -53.74
N LEU K 594 67.14 9.76 -52.70
CA LEU K 594 68.43 10.18 -52.15
C LEU K 594 69.19 9.00 -51.57
N ASN K 595 68.49 8.10 -50.87
CA ASN K 595 69.14 6.92 -50.34
C ASN K 595 69.64 6.01 -51.47
N VAL K 596 68.87 5.88 -52.54
CA VAL K 596 69.30 5.07 -53.69
C VAL K 596 70.55 5.67 -54.31
N ALA K 597 70.57 7.00 -54.48
CA ALA K 597 71.74 7.66 -55.03
C ALA K 597 72.95 7.49 -54.12
N LYS K 598 72.73 7.55 -52.80
CA LYS K 598 73.82 7.34 -51.86
C LYS K 598 74.37 5.92 -51.94
N THR K 599 73.48 4.94 -52.12
CA THR K 599 73.93 3.56 -52.31
C THR K 599 74.80 3.45 -53.57
N GLN K 600 74.35 4.07 -54.66
CA GLN K 600 75.13 4.03 -55.90
C GLN K 600 76.48 4.70 -55.72
N GLU K 601 76.51 5.84 -55.01
CA GLU K 601 77.77 6.54 -54.76
C GLU K 601 78.72 5.70 -53.92
N THR K 602 78.20 5.04 -52.88
CA THR K 602 79.04 4.19 -52.06
C THR K 602 79.59 3.02 -52.85
N LEU K 603 78.76 2.42 -53.71
CA LEU K 603 79.23 1.32 -54.56
C LEU K 603 80.31 1.79 -55.52
N ALA K 604 80.13 2.98 -56.10
CA ALA K 604 81.15 3.53 -56.99
C ALA K 604 82.44 3.80 -56.26
N SER K 605 82.35 4.31 -55.02
CA SER K 605 83.56 4.55 -54.23
C SER K 605 84.26 3.24 -53.89
N ILE K 606 83.48 2.20 -53.58
CA ILE K 606 84.07 0.88 -53.32
C ILE K 606 84.80 0.37 -54.55
N GLN K 607 84.17 0.50 -55.72
CA GLN K 607 84.81 0.05 -56.95
C GLN K 607 86.04 0.88 -57.29
N THR K 608 86.06 2.15 -56.88
CA THR K 608 87.22 3.00 -57.16
C THR K 608 88.47 2.48 -56.46
N ASN K 609 88.34 2.07 -55.20
CA ASN K 609 89.47 1.56 -54.44
C ASN K 609 89.46 0.04 -54.40
N SER L 3 -46.94 37.35 -68.55
CA SER L 3 -45.55 37.64 -68.87
C SER L 3 -44.69 37.65 -67.61
N GLN L 4 -43.89 38.72 -67.46
CA GLN L 4 -43.03 38.83 -66.28
C GLN L 4 -43.85 38.98 -65.00
N GLU L 5 -44.93 39.76 -65.05
CA GLU L 5 -45.76 39.94 -63.86
C GLU L 5 -46.41 38.64 -63.45
N ASP L 6 -46.92 37.86 -64.40
CA ASP L 6 -47.52 36.57 -64.08
C ASP L 6 -46.49 35.62 -63.49
N TYR L 7 -45.28 35.61 -64.05
CA TYR L 7 -44.23 34.75 -63.52
C TYR L 7 -43.86 35.14 -62.09
N THR L 8 -43.75 36.44 -61.82
CA THR L 8 -43.43 36.90 -60.48
C THR L 8 -44.54 36.55 -59.50
N LEU L 9 -45.80 36.71 -59.91
CA LEU L 9 -46.91 36.35 -59.03
C LEU L 9 -46.91 34.85 -58.73
N GLU L 10 -46.67 34.02 -59.75
CA GLU L 10 -46.62 32.58 -59.54
C GLU L 10 -45.46 32.21 -58.62
N ALA L 11 -44.30 32.86 -58.80
CA ALA L 11 -43.16 32.57 -57.94
C ALA L 11 -43.43 32.96 -56.49
N LEU L 12 -44.07 34.12 -56.28
CA LEU L 12 -44.40 34.53 -54.93
C LEU L 12 -45.39 33.58 -54.29
N THR L 13 -46.41 33.15 -55.05
CA THR L 13 -47.36 32.17 -54.54
C THR L 13 -46.66 30.86 -54.18
N ALA L 14 -45.75 30.40 -55.04
CA ALA L 14 -45.04 29.16 -54.78
C ALA L 14 -44.17 29.27 -53.53
N ALA L 15 -43.49 30.41 -53.35
CA ALA L 15 -42.67 30.60 -52.16
C ALA L 15 -43.52 30.62 -50.90
N VAL L 16 -44.67 31.31 -50.94
CA VAL L 16 -45.56 31.36 -49.79
C VAL L 16 -46.07 29.97 -49.46
N ARG L 17 -46.46 29.21 -50.48
CA ARG L 17 -46.90 27.83 -50.27
C ARG L 17 -45.79 26.98 -49.66
N ARG L 18 -44.57 27.11 -50.18
CA ARG L 18 -43.45 26.34 -49.66
C ARG L 18 -43.24 26.62 -48.18
N PHE L 19 -43.20 27.91 -47.81
CA PHE L 19 -43.00 28.25 -46.41
C PHE L 19 -44.14 27.76 -45.54
N GLU L 20 -45.39 27.92 -45.99
CA GLU L 20 -46.52 27.57 -45.15
C GLU L 20 -46.63 26.07 -44.95
N GLU L 21 -46.43 25.26 -46.00
CA GLU L 21 -46.47 23.82 -45.80
C GLU L 21 -45.24 23.31 -45.07
N SER L 22 -44.10 23.98 -45.19
CA SER L 22 -42.96 23.63 -44.36
C SER L 22 -43.28 23.85 -42.88
N GLU L 23 -43.95 24.96 -42.57
CA GLU L 23 -44.35 25.22 -41.19
C GLU L 23 -45.40 24.22 -40.73
N ASP L 24 -46.34 23.86 -41.61
CA ASP L 24 -47.44 22.99 -41.22
C ASP L 24 -46.95 21.56 -40.97
N ALA L 25 -46.09 21.05 -41.86
CA ALA L 25 -45.67 19.66 -41.76
C ALA L 25 -44.86 19.36 -40.51
N THR L 26 -44.27 20.39 -39.88
CA THR L 26 -43.45 20.21 -38.69
C THR L 26 -44.11 20.80 -37.45
N THR L 27 -45.44 20.79 -37.41
CA THR L 27 -46.15 21.38 -36.27
C THR L 27 -45.90 20.58 -34.99
N GLU L 28 -46.08 19.26 -35.05
CA GLU L 28 -45.90 18.42 -33.87
C GLU L 28 -44.45 18.44 -33.40
N ALA L 29 -43.50 18.35 -34.32
CA ALA L 29 -42.09 18.38 -33.96
C ALA L 29 -41.72 19.72 -33.31
N ARG L 30 -42.21 20.82 -33.88
CA ARG L 30 -41.93 22.14 -33.30
C ARG L 30 -42.54 22.27 -31.91
N ALA L 31 -43.77 21.76 -31.73
CA ALA L 31 -44.40 21.82 -30.42
C ALA L 31 -43.62 21.01 -29.39
N ALA L 32 -43.16 19.81 -29.79
CA ALA L 32 -42.37 18.99 -28.88
C ALA L 32 -41.05 19.68 -28.52
N ALA L 33 -40.37 20.26 -29.51
CA ALA L 33 -39.11 20.94 -29.25
C ALA L 33 -39.33 22.14 -28.33
N GLU L 34 -40.42 22.88 -28.53
CA GLU L 34 -40.72 24.00 -27.65
C GLU L 34 -41.01 23.52 -26.23
N ARG L 35 -41.71 22.40 -26.10
CA ARG L 35 -41.97 21.86 -24.77
C ARG L 35 -40.68 21.46 -24.06
N ASP L 36 -39.77 20.80 -24.78
CA ASP L 36 -38.47 20.45 -24.18
C ASP L 36 -37.68 21.70 -23.82
N ARG L 37 -37.71 22.72 -24.66
CA ARG L 37 -37.01 23.97 -24.32
C ARG L 37 -37.60 24.61 -23.08
N ASP L 38 -38.93 24.61 -22.96
CA ASP L 38 -39.58 25.15 -21.77
C ASP L 38 -39.20 24.34 -20.54
N TYR L 39 -39.12 23.02 -20.66
CA TYR L 39 -38.70 22.19 -19.54
C TYR L 39 -37.27 22.53 -19.13
N TYR L 40 -36.40 22.76 -20.11
CA TYR L 40 -35.06 23.24 -19.81
C TYR L 40 -35.10 24.61 -19.15
N ASP L 41 -36.03 25.46 -19.58
CA ASP L 41 -36.16 26.82 -19.08
C ASP L 41 -36.93 26.92 -17.78
N GLU L 42 -37.04 25.81 -17.05
CA GLU L 42 -37.66 25.78 -15.72
C GLU L 42 -39.15 26.10 -15.76
N LYS L 43 -39.81 25.76 -16.85
CA LYS L 43 -41.27 25.87 -16.97
C LYS L 43 -41.78 24.47 -17.26
N GLN L 44 -42.01 23.68 -16.21
CA GLN L 44 -42.36 22.27 -16.35
C GLN L 44 -43.73 21.94 -15.75
N TRP L 45 -44.57 22.94 -15.52
CA TRP L 45 -45.91 22.75 -14.97
C TRP L 45 -46.94 23.34 -15.92
N THR L 46 -48.00 22.58 -16.17
CA THR L 46 -49.08 23.06 -17.03
C THR L 46 -49.99 24.01 -16.27
N ALA L 47 -50.82 24.73 -17.02
CA ALA L 47 -51.74 25.68 -16.40
C ALA L 47 -52.75 24.98 -15.50
N ALA L 48 -53.30 23.85 -15.97
CA ALA L 48 -54.30 23.14 -15.19
C ALA L 48 -53.72 22.60 -13.90
N GLU L 49 -52.50 22.02 -13.95
CA GLU L 49 -51.90 21.47 -12.75
C GLU L 49 -51.57 22.56 -11.74
N LYS L 50 -51.05 23.70 -12.21
CA LYS L 50 -50.77 24.80 -11.28
C LYS L 50 -52.05 25.35 -10.67
N ALA L 51 -53.12 25.45 -11.48
CA ALA L 51 -54.39 25.90 -10.94
C ALA L 51 -54.91 24.94 -9.87
N ALA L 52 -54.82 23.63 -10.12
CA ALA L 52 -55.24 22.65 -9.13
C ALA L 52 -54.40 22.74 -7.87
N LEU L 53 -53.09 22.91 -8.01
CA LEU L 53 -52.23 23.03 -6.85
C LEU L 53 -52.56 24.27 -6.04
N GLU L 54 -52.85 25.39 -6.72
CA GLU L 54 -53.25 26.60 -6.02
C GLU L 54 -54.58 26.40 -5.30
N ARG L 55 -55.50 25.68 -5.93
CA ARG L 55 -56.78 25.39 -5.27
C ARG L 55 -56.57 24.56 -4.03
N ARG L 56 -55.67 23.57 -4.09
CA ARG L 56 -55.32 22.79 -2.91
C ARG L 56 -54.50 23.57 -1.89
N GLY L 57 -53.96 24.72 -2.29
CA GLY L 57 -53.08 25.49 -1.42
C GLY L 57 -51.65 25.00 -1.41
N GLN L 58 -51.33 23.94 -2.15
CA GLN L 58 -49.97 23.43 -2.19
C GLN L 58 -49.15 24.22 -3.20
N PRO L 59 -48.01 24.79 -2.80
CA PRO L 59 -47.18 25.52 -3.77
C PRO L 59 -46.60 24.59 -4.82
N ALA L 60 -46.45 25.13 -6.03
CA ALA L 60 -45.86 24.39 -7.14
C ALA L 60 -44.35 24.59 -7.12
N ILE L 61 -43.61 23.51 -6.83
CA ILE L 61 -42.15 23.56 -6.71
C ILE L 61 -41.57 22.56 -7.70
N THR L 62 -40.59 23.00 -8.48
CA THR L 62 -40.01 22.21 -9.54
C THR L 62 -38.56 21.88 -9.21
N PHE L 63 -38.19 20.61 -9.34
CA PHE L 63 -36.82 20.16 -9.19
C PHE L 63 -36.27 19.85 -10.58
N ASN L 64 -35.41 20.73 -11.08
CA ASN L 64 -34.93 20.65 -12.46
C ASN L 64 -33.60 19.91 -12.51
N ARG L 65 -33.53 18.89 -13.37
CA ARG L 65 -32.30 18.16 -13.63
C ARG L 65 -31.90 18.17 -15.10
N ILE L 66 -32.79 18.58 -16.00
CA ILE L 66 -32.43 18.67 -17.42
C ILE L 66 -31.39 19.75 -17.63
N LYS L 67 -31.50 20.86 -16.90
CA LYS L 67 -30.57 21.97 -17.06
C LYS L 67 -29.14 21.54 -16.76
N ARG L 68 -28.95 20.73 -15.73
CA ARG L 68 -27.61 20.26 -15.38
C ARG L 68 -27.01 19.44 -16.51
N LYS L 69 -27.79 18.51 -17.07
CA LYS L 69 -27.27 17.67 -18.15
C LYS L 69 -26.96 18.49 -19.39
N VAL L 70 -27.84 19.43 -19.75
CA VAL L 70 -27.60 20.27 -20.91
C VAL L 70 -26.35 21.12 -20.71
N ASN L 71 -26.18 21.67 -19.50
CA ASN L 71 -24.99 22.46 -19.21
C ASN L 71 -23.73 21.61 -19.29
N ALA L 72 -23.80 20.37 -18.81
CA ALA L 72 -22.65 19.47 -18.90
C ALA L 72 -22.29 19.19 -20.36
N LEU L 73 -23.30 18.93 -21.20
CA LEU L 73 -23.03 18.68 -22.61
C LEU L 73 -22.44 19.92 -23.28
N THR L 74 -22.98 21.11 -22.97
CA THR L 74 -22.46 22.33 -23.56
C THR L 74 -21.02 22.59 -23.13
N GLY L 75 -20.72 22.34 -21.84
CA GLY L 75 -19.35 22.50 -21.38
C GLY L 75 -18.40 21.51 -22.01
N ILE L 76 -18.85 20.27 -22.23
CA ILE L 76 -18.03 19.29 -22.93
C ILE L 76 -17.72 19.76 -24.34
N GLU L 77 -18.74 20.30 -25.03
CA GLU L 77 -18.50 20.82 -26.37
C GLU L 77 -17.55 22.01 -26.34
N LYS L 78 -17.69 22.87 -25.34
CA LYS L 78 -16.84 24.07 -25.25
C LYS L 78 -15.38 23.69 -25.00
N GLN L 79 -15.13 22.71 -24.13
CA GLN L 79 -13.75 22.34 -23.83
C GLN L 79 -13.05 21.65 -24.99
N THR L 80 -13.81 21.11 -25.94
CA THR L 80 -13.24 20.43 -27.10
C THR L 80 -13.23 21.31 -28.34
N ARG L 81 -13.06 22.62 -28.17
CA ARG L 81 -13.05 23.53 -29.30
C ARG L 81 -11.80 23.33 -30.16
N LYS L 82 -11.97 23.53 -31.46
CA LYS L 82 -10.89 23.35 -32.42
C LYS L 82 -10.99 24.44 -33.49
N ASP L 83 -9.90 24.64 -34.21
CA ASP L 83 -9.85 25.67 -35.24
C ASP L 83 -9.76 25.05 -36.63
N PRO L 84 -10.19 25.78 -37.67
CA PRO L 84 -10.05 25.26 -39.03
C PRO L 84 -8.59 25.06 -39.38
N ARG L 85 -8.32 24.02 -40.18
CA ARG L 85 -6.96 23.74 -40.62
C ARG L 85 -7.03 23.08 -41.99
N ALA L 86 -6.17 23.53 -42.90
CA ALA L 86 -6.11 22.99 -44.24
C ALA L 86 -4.91 22.05 -44.36
N PHE L 87 -5.17 20.78 -44.64
CA PHE L 87 -4.13 19.80 -44.85
C PHE L 87 -3.93 19.61 -46.35
N PRO L 88 -2.71 19.76 -46.87
CA PRO L 88 -2.49 19.56 -48.31
C PRO L 88 -2.47 18.09 -48.66
N ARG L 89 -3.16 17.72 -49.73
CA ARG L 89 -3.15 16.33 -50.19
C ARG L 89 -1.75 15.92 -50.63
N ASN L 90 -1.04 16.82 -51.33
CA ASN L 90 0.28 16.55 -51.85
C ASN L 90 1.23 17.66 -51.42
N PRO L 91 2.53 17.38 -51.35
CA PRO L 91 3.47 18.40 -50.85
C PRO L 91 3.44 19.71 -51.63
N ASP L 92 3.30 19.65 -52.96
CA ASP L 92 3.30 20.88 -53.75
C ASP L 92 2.10 21.76 -53.46
N ASP L 93 1.05 21.21 -52.86
CA ASP L 93 -0.11 21.99 -52.45
C ASP L 93 0.05 22.61 -51.07
N GLU L 94 1.18 22.37 -50.39
CA GLU L 94 1.35 22.80 -49.02
C GLU L 94 1.06 24.29 -48.87
N GLU L 95 1.73 25.12 -49.68
CA GLU L 95 1.51 26.56 -49.64
C GLU L 95 0.03 26.89 -49.77
N SER L 96 -0.64 26.25 -50.72
CA SER L 96 -2.07 26.46 -50.90
C SER L 96 -2.81 26.22 -49.59
N ALA L 97 -2.56 25.07 -48.96
CA ALA L 97 -3.19 24.78 -47.68
C ALA L 97 -2.88 25.88 -46.67
N GLN L 98 -1.61 26.29 -46.61
CA GLN L 98 -1.23 27.37 -45.70
C GLN L 98 -2.09 28.60 -45.93
N ALA L 99 -2.31 28.96 -47.20
CA ALA L 99 -3.14 30.12 -47.50
C ALA L 99 -4.51 29.97 -46.86
N ALA L 100 -5.14 28.81 -47.03
CA ALA L 100 -6.44 28.60 -46.42
C ALA L 100 -6.35 28.70 -44.91
N THR L 101 -5.27 28.16 -44.32
CA THR L 101 -5.10 28.26 -42.88
C THR L 101 -4.96 29.71 -42.44
N ASP L 102 -4.38 30.57 -43.29
CA ASP L 102 -4.32 31.98 -42.95
C ASP L 102 -5.60 32.73 -43.30
N ALA L 103 -6.48 32.13 -44.10
CA ALA L 103 -7.70 32.80 -44.54
C ALA L 103 -8.89 32.44 -43.68
N ILE L 104 -9.25 31.16 -43.62
CA ILE L 104 -10.43 30.74 -42.87
C ILE L 104 -10.30 31.11 -41.41
N ARG L 105 -9.12 30.87 -40.82
CA ARG L 105 -8.90 31.22 -39.42
C ARG L 105 -9.18 32.69 -39.15
N TYR L 106 -8.97 33.55 -40.15
CA TYR L 106 -9.30 34.96 -39.97
C TYR L 106 -10.79 35.14 -39.76
N VAL L 107 -11.61 34.53 -40.63
CA VAL L 107 -13.05 34.76 -40.59
C VAL L 107 -13.63 34.26 -39.28
N CYS L 108 -13.18 33.09 -38.82
CA CYS L 108 -13.67 32.56 -37.54
C CYS L 108 -13.34 33.48 -36.37
N GLU L 109 -12.33 34.33 -36.50
CA GLU L 109 -12.10 35.34 -35.47
C GLU L 109 -12.79 36.65 -35.78
N ASP L 110 -13.08 36.94 -37.04
CA ASP L 110 -13.79 38.16 -37.39
C ASP L 110 -15.27 38.07 -37.07
N SER L 111 -15.86 36.89 -37.27
CA SER L 111 -17.28 36.69 -37.04
C SER L 111 -17.60 36.08 -35.67
N ARG L 112 -16.59 35.90 -34.82
CA ARG L 112 -16.74 35.29 -33.51
C ARG L 112 -17.40 33.91 -33.63
N TRP L 113 -16.69 33.02 -34.33
CA TRP L 113 -17.23 31.69 -34.62
C TRP L 113 -17.36 30.84 -33.37
N ASP L 114 -16.58 31.12 -32.31
CA ASP L 114 -16.65 30.29 -31.12
C ASP L 114 -17.99 30.43 -30.41
N ASP L 115 -18.44 31.67 -30.19
CA ASP L 115 -19.70 31.89 -29.49
C ASP L 115 -20.89 31.35 -30.31
N LYS L 116 -20.88 31.60 -31.62
CA LYS L 116 -21.96 31.12 -32.46
C LYS L 116 -21.97 29.59 -32.51
N ARG L 117 -20.79 28.97 -32.56
CA ARG L 117 -20.72 27.52 -32.55
C ARG L 117 -21.25 26.95 -31.24
N SER L 118 -20.91 27.59 -30.11
CA SER L 118 -21.42 27.13 -28.82
C SER L 118 -22.94 27.27 -28.75
N GLU L 119 -23.47 28.39 -29.24
CA GLU L 119 -24.92 28.59 -29.23
C GLU L 119 -25.61 27.56 -30.12
N ALA L 120 -25.05 27.30 -31.30
CA ALA L 120 -25.63 26.30 -32.19
C ALA L 120 -25.57 24.90 -31.58
N ALA L 121 -24.47 24.58 -30.89
CA ALA L 121 -24.37 23.29 -30.23
C ALA L 121 -25.41 23.14 -29.14
N LYS L 122 -25.61 24.19 -28.34
CA LYS L 122 -26.64 24.14 -27.30
C LYS L 122 -28.03 23.99 -27.93
N GLU L 123 -28.29 24.71 -29.01
CA GLU L 123 -29.59 24.63 -29.67
C GLU L 123 -29.83 23.23 -30.24
N LEU L 124 -28.79 22.63 -30.81
CA LEU L 124 -28.93 21.27 -31.33
C LEU L 124 -29.11 20.26 -30.22
N ALA L 125 -28.47 20.49 -29.07
CA ALA L 125 -28.67 19.62 -27.92
C ALA L 125 -30.09 19.71 -27.39
N ILE L 126 -30.67 20.91 -27.39
CA ILE L 126 -31.99 21.12 -26.80
C ILE L 126 -33.07 20.95 -27.86
N GLU L 127 -33.04 21.80 -28.89
CA GLU L 127 -34.11 21.77 -29.89
C GLU L 127 -33.95 20.62 -30.86
N GLY L 128 -32.71 20.28 -31.24
CA GLY L 128 -32.44 19.19 -32.13
C GLY L 128 -31.98 19.57 -33.53
N THR L 129 -31.86 20.86 -33.83
CA THR L 129 -31.40 21.31 -35.13
C THR L 129 -30.74 22.66 -34.99
N CYS L 130 -29.62 22.86 -35.69
CA CYS L 130 -28.93 24.14 -35.67
C CYS L 130 -28.45 24.48 -37.07
N ALA L 131 -28.55 25.76 -37.43
CA ALA L 131 -28.24 26.23 -38.77
C ALA L 131 -27.32 27.45 -38.71
N ILE L 132 -26.36 27.50 -39.64
CA ILE L 132 -25.41 28.58 -39.74
C ILE L 132 -25.48 29.16 -41.16
N MET L 133 -25.60 30.48 -41.26
CA MET L 133 -25.61 31.19 -42.52
C MET L 133 -24.21 31.72 -42.81
N VAL L 134 -23.70 31.44 -44.01
CA VAL L 134 -22.38 31.88 -44.44
C VAL L 134 -22.60 32.83 -45.60
N GLY L 135 -22.59 34.14 -45.32
CA GLY L 135 -22.83 35.12 -46.36
C GLY L 135 -21.68 36.10 -46.50
N VAL L 136 -21.97 37.31 -46.98
CA VAL L 136 -20.96 38.34 -47.14
C VAL L 136 -21.36 39.57 -46.35
N LYS L 137 -20.38 40.40 -46.04
CA LYS L 137 -20.62 41.62 -45.29
C LYS L 137 -19.62 42.67 -45.73
N GLN L 138 -19.96 43.93 -45.47
CA GLN L 138 -19.13 45.06 -45.87
C GLN L 138 -18.16 45.41 -44.76
N ALA L 139 -16.86 45.28 -45.05
CA ALA L 139 -15.80 45.61 -44.10
C ALA L 139 -15.10 46.89 -44.55
N LYS L 140 -14.15 47.33 -43.74
CA LYS L 140 -13.41 48.55 -44.06
C LYS L 140 -12.59 48.38 -45.33
N GLY L 141 -11.93 47.24 -45.49
CA GLY L 141 -11.10 46.97 -46.63
C GLY L 141 -11.80 46.31 -47.80
N GLY L 142 -13.12 46.11 -47.72
CA GLY L 142 -13.84 45.48 -48.81
C GLY L 142 -14.93 44.54 -48.32
N ILE L 143 -15.26 43.54 -49.14
CA ILE L 143 -16.28 42.56 -48.79
C ILE L 143 -15.60 41.36 -48.14
N ASP L 144 -16.13 40.94 -46.99
CA ASP L 144 -15.56 39.83 -46.25
C ASP L 144 -16.63 38.79 -45.97
N PRO L 145 -16.29 37.50 -46.01
CA PRO L 145 -17.26 36.48 -45.61
C PRO L 145 -17.65 36.64 -44.15
N ASP L 146 -18.91 36.34 -43.87
CA ASP L 146 -19.48 36.56 -42.54
C ASP L 146 -20.28 35.33 -42.13
N ILE L 147 -20.17 34.97 -40.85
CA ILE L 147 -20.83 33.81 -40.29
C ILE L 147 -21.91 34.30 -39.32
N ARG L 148 -23.11 33.78 -39.47
CA ARG L 148 -24.23 34.11 -38.60
C ARG L 148 -24.90 32.82 -38.15
N ARG L 149 -25.55 32.87 -37.00
CA ARG L 149 -26.34 31.76 -36.50
C ARG L 149 -27.81 32.01 -36.77
N ILE L 150 -28.56 30.94 -37.06
CA ILE L 150 -29.99 31.04 -37.31
C ILE L 150 -30.69 30.35 -36.15
N ALA L 151 -31.58 31.08 -35.48
CA ALA L 151 -32.33 30.52 -34.37
C ALA L 151 -33.25 29.40 -34.87
N TRP L 152 -33.49 28.43 -34.01
CA TRP L 152 -34.29 27.26 -34.40
C TRP L 152 -35.69 27.67 -34.82
N ASP L 153 -36.23 28.73 -34.23
CA ASP L 153 -37.56 29.21 -34.59
C ASP L 153 -37.55 30.20 -35.75
N ARG L 154 -36.38 30.47 -36.32
CA ARG L 154 -36.27 31.37 -37.48
C ARG L 154 -35.75 30.64 -38.71
N PHE L 155 -35.76 29.31 -38.69
CA PHE L 155 -35.21 28.50 -39.78
C PHE L 155 -36.20 27.41 -40.15
N TYR L 156 -36.50 27.29 -41.44
CA TYR L 156 -37.38 26.25 -41.93
C TYR L 156 -36.71 25.54 -43.10
N TYR L 157 -37.12 24.28 -43.33
CA TYR L 157 -36.46 23.43 -44.31
C TYR L 157 -37.51 22.62 -45.04
N ASP L 158 -37.07 21.80 -45.98
CA ASP L 158 -37.94 20.89 -46.69
C ASP L 158 -38.37 19.77 -45.75
N PRO L 159 -39.67 19.58 -45.50
CA PRO L 159 -40.10 18.49 -44.61
C PRO L 159 -39.74 17.11 -45.13
N HIS L 160 -39.51 16.95 -46.42
CA HIS L 160 -39.20 15.64 -47.00
C HIS L 160 -37.73 15.29 -46.91
N ALA L 161 -36.89 16.17 -46.36
CA ALA L 161 -35.48 15.87 -46.20
C ALA L 161 -35.29 14.78 -45.14
N THR L 162 -34.36 13.87 -45.42
CA THR L 162 -34.09 12.74 -44.53
C THR L 162 -32.71 12.78 -43.92
N ALA L 163 -31.68 13.13 -44.69
CA ALA L 163 -30.33 13.17 -44.17
C ALA L 163 -30.17 14.30 -43.14
N PHE L 164 -29.24 14.11 -42.22
CA PHE L 164 -29.01 15.10 -41.18
C PHE L 164 -28.19 16.29 -41.67
N ASP L 165 -27.60 16.21 -42.86
CA ASP L 165 -26.98 17.36 -43.49
C ASP L 165 -27.95 18.17 -44.36
N PHE L 166 -29.20 17.73 -44.45
CA PHE L 166 -30.18 18.32 -45.36
C PHE L 166 -29.68 18.28 -46.81
N GLU L 167 -28.94 17.23 -47.16
CA GLU L 167 -28.45 17.08 -48.52
C GLU L 167 -29.60 16.90 -49.50
N ASP L 168 -30.61 16.11 -49.13
CA ASP L 168 -31.77 15.89 -49.98
C ASP L 168 -32.82 16.97 -49.84
N ALA L 169 -32.61 17.96 -48.98
CA ALA L 169 -33.57 19.04 -48.84
C ALA L 169 -33.64 19.86 -50.11
N CYS L 170 -34.87 20.25 -50.48
CA CYS L 170 -35.08 21.01 -51.71
C CYS L 170 -35.07 22.51 -51.49
N TYR L 171 -35.31 22.97 -50.27
CA TYR L 171 -35.30 24.41 -50.00
C TYR L 171 -35.03 24.65 -48.52
N MET L 172 -34.30 25.71 -48.22
CA MET L 172 -34.02 26.14 -46.86
C MET L 172 -34.27 27.64 -46.75
N GLY L 173 -34.94 28.07 -45.70
CA GLY L 173 -35.34 29.45 -45.57
C GLY L 173 -35.12 29.97 -44.16
N VAL L 174 -34.91 31.28 -44.07
CA VAL L 174 -34.68 31.99 -42.83
C VAL L 174 -35.75 33.07 -42.68
N VAL L 175 -36.35 33.15 -41.50
CA VAL L 175 -37.34 34.16 -41.17
C VAL L 175 -36.66 35.24 -40.35
N VAL L 176 -36.79 36.50 -40.78
CA VAL L 176 -36.16 37.64 -40.11
C VAL L 176 -37.26 38.60 -39.70
N TRP L 177 -37.29 38.97 -38.43
CA TRP L 177 -38.23 39.95 -37.91
C TRP L 177 -37.48 41.25 -37.67
N MET L 178 -37.89 42.31 -38.35
CA MET L 178 -37.20 43.59 -38.26
C MET L 178 -38.22 44.71 -38.01
N ASP L 179 -37.69 45.90 -37.75
CA ASP L 179 -38.54 47.08 -37.66
C ASP L 179 -38.87 47.58 -39.06
N LEU L 180 -40.05 48.18 -39.19
CA LEU L 180 -40.46 48.68 -40.50
C LEU L 180 -39.53 49.77 -41.00
N ASP L 181 -39.17 50.72 -40.12
CA ASP L 181 -38.24 51.77 -40.51
C ASP L 181 -36.89 51.19 -40.89
N LYS L 182 -36.41 50.20 -40.13
CA LYS L 182 -35.16 49.53 -40.50
C LYS L 182 -35.30 48.83 -41.84
N ALA L 183 -36.47 48.26 -42.12
CA ALA L 183 -36.69 47.60 -43.40
C ALA L 183 -36.61 48.58 -44.56
N LYS L 184 -37.24 49.74 -44.42
CA LYS L 184 -37.16 50.74 -45.49
C LYS L 184 -35.76 51.29 -45.62
N ALA L 185 -35.05 51.45 -44.50
CA ALA L 185 -33.68 51.96 -44.56
C ALA L 185 -32.75 50.98 -45.27
N LYS L 186 -32.83 49.70 -44.92
CA LYS L 186 -31.92 48.72 -45.52
C LYS L 186 -32.32 48.38 -46.95
N TYR L 187 -33.62 48.26 -47.22
CA TYR L 187 -34.13 48.00 -48.56
C TYR L 187 -34.98 49.19 -48.98
N PRO L 188 -34.40 50.17 -49.67
CA PRO L 188 -35.18 51.34 -50.08
C PRO L 188 -35.99 51.11 -51.34
N GLN L 189 -35.54 50.20 -52.21
CA GLN L 189 -36.23 50.01 -53.48
C GLN L 189 -37.57 49.29 -53.28
N ALA L 190 -37.63 48.36 -52.34
CA ALA L 190 -38.85 47.60 -52.08
C ALA L 190 -39.69 48.24 -50.98
N GLU L 191 -39.99 49.53 -51.13
CA GLU L 191 -40.77 50.24 -50.13
C GLU L 191 -42.25 49.88 -50.20
N ASP L 192 -42.75 49.59 -51.40
CA ASP L 192 -44.18 49.32 -51.59
C ASP L 192 -44.58 47.91 -51.16
N VAL L 193 -43.63 47.01 -50.95
CA VAL L 193 -43.93 45.64 -50.54
C VAL L 193 -43.72 45.42 -49.05
N LEU L 194 -43.14 46.37 -48.34
CA LEU L 194 -42.88 46.23 -46.91
C LEU L 194 -44.13 46.67 -46.16
N ILE L 195 -45.06 45.72 -45.99
CA ILE L 195 -46.30 45.94 -45.27
C ILE L 195 -46.23 45.14 -43.97
N GLU L 196 -46.50 45.81 -42.85
CA GLU L 196 -46.42 45.15 -41.56
C GLU L 196 -47.43 44.01 -41.47
N THR L 197 -47.00 42.89 -40.91
CA THR L 197 -47.82 41.70 -40.81
C THR L 197 -48.54 41.67 -39.47
N TRP L 198 -49.81 41.28 -39.50
CA TRP L 198 -50.66 41.35 -38.31
C TRP L 198 -51.26 39.99 -37.96
N ARG L 199 -51.64 39.23 -38.98
CA ARG L 199 -52.41 38.01 -38.75
C ARG L 199 -51.53 36.88 -38.22
N GLN L 200 -52.14 36.02 -37.42
CA GLN L 200 -51.52 34.80 -36.92
C GLN L 200 -52.26 33.55 -37.34
N ALA L 201 -53.60 33.58 -37.32
CA ALA L 201 -54.43 32.46 -37.77
C ALA L 201 -54.11 31.17 -37.03
N GLN L 202 -53.78 31.30 -35.74
CA GLN L 202 -53.47 30.15 -34.88
C GLN L 202 -52.37 29.29 -35.48
N GLN L 203 -51.35 29.94 -36.04
CA GLN L 203 -50.21 29.24 -36.60
C GLN L 203 -49.13 29.01 -35.54
N SER L 204 -49.53 28.45 -34.41
CA SER L 204 -48.67 28.18 -33.25
C SER L 204 -47.98 29.49 -32.86
N GLU L 205 -46.75 29.45 -32.32
CA GLU L 205 -46.05 30.68 -31.97
C GLU L 205 -44.58 30.61 -32.34
N THR L 206 -44.19 29.76 -33.29
CA THR L 206 -42.78 29.55 -33.58
C THR L 206 -42.21 30.65 -34.48
N TYR L 207 -42.86 30.92 -35.59
CA TYR L 207 -42.34 31.83 -36.60
C TYR L 207 -42.94 33.23 -36.50
N ASP L 208 -43.70 33.52 -35.46
CA ASP L 208 -44.21 34.87 -35.24
C ASP L 208 -43.20 35.67 -34.42
N ASP L 209 -43.60 36.87 -33.98
CA ASP L 209 -42.68 37.73 -33.25
C ASP L 209 -42.31 37.10 -31.90
N LYS L 210 -41.09 37.39 -31.46
CA LYS L 210 -40.59 36.78 -30.23
C LYS L 210 -41.46 37.10 -29.01
N PRO L 211 -41.96 38.33 -28.79
CA PRO L 211 -42.94 38.55 -27.71
C PRO L 211 -44.08 37.54 -27.73
N LYS L 212 -44.43 37.03 -26.56
CA LYS L 212 -45.48 36.02 -26.43
C LYS L 212 -46.84 36.71 -26.46
N HIS L 213 -47.88 35.97 -26.06
CA HIS L 213 -49.25 36.51 -26.07
C HIS L 213 -49.36 37.77 -25.23
N ARG L 214 -48.52 37.90 -24.20
CA ARG L 214 -48.51 39.11 -23.37
C ARG L 214 -47.83 40.23 -24.15
N LEU L 215 -48.61 41.10 -24.78
CA LEU L 215 -48.11 42.24 -25.51
C LEU L 215 -48.29 43.50 -24.68
N TRP L 216 -47.42 44.49 -24.91
CA TRP L 216 -47.47 45.71 -24.11
C TRP L 216 -48.60 46.63 -24.57
N ALA L 217 -48.54 47.11 -25.80
CA ALA L 217 -49.58 47.99 -26.32
C ALA L 217 -50.00 47.71 -27.76
N ASP L 218 -49.17 47.07 -28.57
CA ASP L 218 -49.40 46.93 -30.01
C ASP L 218 -49.61 48.30 -30.64
N TYR L 219 -48.55 49.10 -30.60
CA TYR L 219 -48.59 50.51 -30.95
C TYR L 219 -47.73 50.78 -32.19
N ARG L 220 -47.50 52.06 -32.46
CA ARG L 220 -46.90 52.51 -33.72
C ARG L 220 -45.53 51.90 -34.00
N ARG L 221 -44.94 51.17 -33.07
CA ARG L 221 -43.71 50.43 -33.35
C ARG L 221 -44.06 49.26 -34.25
N ARG L 222 -43.91 49.45 -35.56
CA ARG L 222 -44.29 48.44 -36.53
C ARG L 222 -43.16 47.45 -36.74
N ARG L 223 -43.52 46.17 -36.84
CA ARG L 223 -42.58 45.09 -37.10
C ARG L 223 -42.99 44.36 -38.37
N VAL L 224 -42.01 43.92 -39.14
CA VAL L 224 -42.24 43.23 -40.40
C VAL L 224 -41.43 41.94 -40.40
N ARG L 225 -41.89 40.99 -41.22
CA ARG L 225 -41.26 39.68 -41.34
C ARG L 225 -40.85 39.47 -42.80
N ILE L 226 -39.61 39.01 -42.99
CA ILE L 226 -39.05 38.78 -44.32
C ILE L 226 -38.51 37.35 -44.36
N CYS L 227 -38.84 36.63 -45.43
CA CYS L 227 -38.36 35.27 -45.62
C CYS L 227 -37.30 35.26 -46.72
N GLU L 228 -36.14 34.72 -46.40
CA GLU L 228 -35.05 34.54 -47.36
C GLU L 228 -34.90 33.04 -47.60
N GLU L 229 -35.31 32.58 -48.76
CA GLU L 229 -35.38 31.15 -49.05
C GLU L 229 -34.54 30.82 -50.28
N TYR L 230 -33.69 29.82 -50.14
CA TYR L 230 -32.92 29.27 -51.26
C TYR L 230 -33.48 27.89 -51.58
N TYR L 231 -33.91 27.70 -52.81
CA TYR L 231 -34.56 26.47 -53.24
C TYR L 231 -33.86 25.92 -54.47
N LEU L 232 -33.88 24.59 -54.58
CA LEU L 232 -33.20 23.89 -55.67
C LEU L 232 -34.22 23.48 -56.71
N ASP L 233 -34.02 23.93 -57.95
CA ASP L 233 -34.81 23.53 -59.10
C ASP L 233 -33.89 22.92 -60.15
N GLY L 234 -34.48 22.54 -61.28
CA GLY L 234 -33.73 21.87 -62.33
C GLY L 234 -32.60 22.70 -62.90
N GLU L 235 -32.65 24.01 -62.73
CA GLU L 235 -31.61 24.90 -63.22
C GLU L 235 -30.57 25.26 -62.16
N GLY L 236 -30.69 24.71 -60.95
CA GLY L 236 -29.71 24.99 -59.92
C GLY L 236 -30.30 25.45 -58.61
N TRP L 237 -29.69 26.46 -57.99
CA TRP L 237 -30.15 27.03 -56.73
C TRP L 237 -30.58 28.46 -56.96
N LYS L 238 -31.77 28.82 -56.47
CA LYS L 238 -32.32 30.16 -56.63
C LYS L 238 -32.67 30.74 -55.28
N PHE L 239 -32.39 32.03 -55.09
CA PHE L 239 -32.58 32.73 -53.84
C PHE L 239 -33.68 33.76 -53.98
N CYS L 240 -34.60 33.79 -53.03
CA CYS L 240 -35.72 34.73 -53.03
C CYS L 240 -35.83 35.40 -51.68
N MET L 241 -35.89 36.73 -51.69
CA MET L 241 -36.12 37.54 -50.51
C MET L 241 -37.51 38.16 -50.65
N PHE L 242 -38.47 37.67 -49.86
CA PHE L 242 -39.86 38.06 -50.07
C PHE L 242 -40.55 38.30 -48.74
N THR L 243 -41.76 38.87 -48.83
CA THR L 243 -42.68 38.97 -47.72
C THR L 243 -44.02 38.40 -48.15
N LYS L 244 -45.05 38.57 -47.31
CA LYS L 244 -46.39 38.14 -47.68
C LYS L 244 -47.03 39.06 -48.73
N ALA L 245 -46.44 40.22 -48.99
CA ALA L 245 -47.04 41.19 -49.89
C ALA L 245 -46.32 41.35 -51.22
N GLY L 246 -45.10 40.83 -51.35
CA GLY L 246 -44.38 40.97 -52.60
C GLY L 246 -42.95 40.47 -52.47
N PHE L 247 -42.17 40.76 -53.50
CA PHE L 247 -40.78 40.32 -53.60
C PHE L 247 -39.85 41.49 -53.30
N ILE L 248 -39.07 41.37 -52.23
CA ILE L 248 -37.99 42.33 -52.00
C ILE L 248 -36.89 42.13 -53.03
N VAL L 249 -36.51 40.87 -53.27
CA VAL L 249 -35.54 40.52 -54.30
C VAL L 249 -36.21 39.49 -55.21
N PRO L 250 -36.28 39.72 -56.52
CA PRO L 250 -36.96 38.76 -57.39
C PRO L 250 -36.17 37.47 -57.48
N PRO L 251 -36.82 36.34 -57.77
CA PRO L 251 -36.11 35.06 -57.87
C PRO L 251 -34.95 35.11 -58.85
N MET L 252 -33.74 34.95 -58.33
CA MET L 252 -32.51 34.98 -59.12
C MET L 252 -31.61 33.85 -58.65
N PRO L 253 -30.68 33.40 -59.50
CA PRO L 253 -29.74 32.36 -59.06
C PRO L 253 -28.93 32.82 -57.87
N SER L 254 -28.61 31.86 -57.00
CA SER L 254 -27.94 32.17 -55.75
C SER L 254 -26.59 32.83 -56.02
N PRO L 255 -26.29 33.98 -55.40
CA PRO L 255 -25.01 34.65 -55.67
C PRO L 255 -23.81 33.99 -55.01
N TYR L 256 -24.01 32.95 -54.20
CA TYR L 256 -22.93 32.31 -53.48
C TYR L 256 -22.43 31.11 -54.26
N ILE L 257 -21.13 31.11 -54.57
CA ILE L 257 -20.52 30.01 -55.31
C ILE L 257 -20.14 28.90 -54.34
N GLY L 258 -20.52 27.68 -54.67
CA GLY L 258 -20.35 26.55 -53.78
C GLY L 258 -19.09 25.74 -54.05
N GLU L 259 -19.09 24.51 -53.54
CA GLU L 259 -17.94 23.63 -53.69
C GLU L 259 -17.69 23.26 -55.14
N ASP L 260 -18.76 22.99 -55.90
CA ASP L 260 -18.65 22.57 -57.28
C ASP L 260 -18.63 23.74 -58.26
N GLY L 261 -18.57 24.97 -57.77
CA GLY L 261 -18.52 26.14 -58.62
C GLY L 261 -19.87 26.70 -59.01
N GLU L 262 -20.93 25.94 -58.84
CA GLU L 262 -22.29 26.38 -59.12
C GLU L 262 -22.88 27.06 -57.90
N PRO L 263 -23.95 27.83 -58.07
CA PRO L 263 -24.64 28.41 -56.91
C PRO L 263 -25.08 27.33 -55.94
N GLU L 264 -24.98 27.64 -54.64
CA GLU L 264 -25.27 26.67 -53.59
C GLU L 264 -26.07 27.36 -52.49
N CYS L 265 -26.67 26.55 -51.64
CA CYS L 265 -27.37 27.06 -50.47
C CYS L 265 -26.37 27.42 -49.39
N PRO L 266 -26.28 28.69 -48.98
CA PRO L 266 -25.29 29.07 -47.96
C PRO L 266 -25.63 28.59 -46.55
N ILE L 267 -26.86 28.17 -46.31
CA ILE L 267 -27.25 27.72 -44.97
C ILE L 267 -26.80 26.28 -44.78
N LYS L 268 -25.99 26.05 -43.74
CA LYS L 268 -25.55 24.71 -43.36
C LYS L 268 -26.21 24.35 -42.05
N ALA L 269 -27.05 23.32 -42.06
CA ALA L 269 -27.81 22.93 -40.90
C ALA L 269 -27.60 21.46 -40.59
N VAL L 270 -27.59 21.12 -39.31
CA VAL L 270 -27.44 19.75 -38.86
C VAL L 270 -28.46 19.46 -37.77
N SER L 271 -28.80 18.18 -37.62
CA SER L 271 -29.74 17.71 -36.63
C SER L 271 -29.17 16.48 -35.93
N LEU L 272 -29.55 16.30 -34.66
CA LEU L 272 -28.99 15.21 -33.87
C LEU L 272 -29.70 13.89 -34.17
N TYR L 273 -31.00 13.82 -33.90
CA TYR L 273 -31.77 12.60 -34.10
C TYR L 273 -32.92 12.88 -35.07
N ILE L 274 -33.16 11.93 -35.96
CA ILE L 274 -34.24 12.03 -36.94
C ILE L 274 -35.21 10.88 -36.69
N ASP L 275 -36.46 11.22 -36.45
CA ASP L 275 -37.50 10.23 -36.22
C ASP L 275 -37.93 9.61 -37.56
N ARG L 276 -38.53 8.42 -37.47
CA ARG L 276 -38.98 7.71 -38.66
C ARG L 276 -40.01 8.52 -39.46
N ASP L 277 -40.68 9.47 -38.82
CA ASP L 277 -41.60 10.37 -39.50
C ASP L 277 -40.93 11.69 -39.90
N ASN L 278 -39.61 11.68 -40.11
CA ASN L 278 -38.85 12.87 -40.50
C ASN L 278 -38.99 13.98 -39.47
N ASN L 279 -38.98 13.60 -38.19
CA ASN L 279 -39.05 14.55 -37.09
C ASN L 279 -37.67 14.63 -36.42
N ARG L 280 -37.21 15.85 -36.18
CA ARG L 280 -35.89 16.09 -35.61
C ARG L 280 -36.04 16.54 -34.17
N TYR L 281 -35.27 15.93 -33.27
CA TYR L 281 -35.34 16.22 -31.85
C TYR L 281 -33.97 16.05 -31.23
N GLY L 282 -33.79 16.65 -30.06
CA GLY L 282 -32.53 16.63 -29.35
C GLY L 282 -32.49 15.57 -28.25
N GLU L 283 -31.64 15.81 -27.27
CA GLU L 283 -31.44 14.88 -26.17
C GLU L 283 -32.42 15.07 -25.01
N VAL L 284 -33.16 16.19 -25.00
CA VAL L 284 -34.09 16.46 -23.90
C VAL L 284 -35.31 15.54 -23.97
N ARG L 285 -35.60 14.97 -25.14
CA ARG L 285 -36.81 14.17 -25.30
C ARG L 285 -36.80 12.96 -24.37
N THR L 286 -35.64 12.32 -24.21
CA THR L 286 -35.55 11.18 -23.31
C THR L 286 -35.71 11.60 -21.85
N MET L 287 -35.21 12.79 -21.50
CA MET L 287 -35.29 13.26 -20.12
C MET L 287 -36.63 13.89 -19.79
N ILE L 288 -37.51 14.10 -20.77
CA ILE L 288 -38.80 14.74 -20.50
C ILE L 288 -39.62 13.90 -19.53
N GLY L 289 -39.67 12.59 -19.75
CA GLY L 289 -40.47 11.70 -18.94
C GLY L 289 -40.07 11.64 -17.48
N PRO L 290 -38.84 11.23 -17.19
CA PRO L 290 -38.41 11.12 -15.79
C PRO L 290 -38.52 12.42 -15.01
N GLN L 291 -38.27 13.57 -15.64
CA GLN L 291 -38.39 14.84 -14.93
C GLN L 291 -39.84 15.12 -14.52
N ASP L 292 -40.78 14.91 -15.45
CA ASP L 292 -42.19 15.08 -15.12
C ASP L 292 -42.61 14.10 -14.03
N GLU L 293 -42.13 12.86 -14.09
CA GLU L 293 -42.47 11.90 -13.05
C GLU L 293 -41.91 12.33 -11.71
N ILE L 294 -40.69 12.86 -11.69
CA ILE L 294 -40.10 13.36 -10.44
C ILE L 294 -40.98 14.45 -9.84
N ASN L 295 -41.34 15.44 -10.66
CA ASN L 295 -42.15 16.56 -10.16
C ASN L 295 -43.50 16.07 -9.65
N LYS L 296 -44.17 15.23 -10.43
CA LYS L 296 -45.51 14.76 -10.04
C LYS L 296 -45.46 13.92 -8.78
N ARG L 297 -44.48 13.02 -8.67
CA ARG L 297 -44.39 12.18 -7.48
C ARG L 297 -44.06 13.00 -6.24
N ARG L 298 -43.17 13.99 -6.38
CA ARG L 298 -42.86 14.84 -5.23
C ARG L 298 -44.10 15.62 -4.79
N SER L 299 -44.86 16.16 -5.75
CA SER L 299 -46.07 16.90 -5.39
C SER L 299 -47.09 15.98 -4.73
N LYS L 300 -47.26 14.76 -5.24
CA LYS L 300 -48.20 13.82 -4.65
C LYS L 300 -47.79 13.44 -3.24
N ALA L 301 -46.50 13.20 -3.02
CA ALA L 301 -46.02 12.87 -1.68
C ALA L 301 -46.23 14.03 -0.72
N LEU L 302 -45.98 15.26 -1.18
CA LEU L 302 -46.22 16.42 -0.33
C LEU L 302 -47.69 16.54 0.04
N HIS L 303 -48.58 16.34 -0.94
CA HIS L 303 -50.01 16.40 -0.65
C HIS L 303 -50.43 15.31 0.33
N LEU L 304 -49.89 14.10 0.17
CA LEU L 304 -50.25 13.01 1.06
C LEU L 304 -49.78 13.26 2.48
N ILE L 305 -48.54 13.75 2.65
CA ILE L 305 -48.04 14.00 3.99
C ILE L 305 -48.61 15.27 4.61
N ASN L 306 -49.19 16.16 3.79
CA ASN L 306 -49.77 17.39 4.30
C ASN L 306 -51.23 17.26 4.70
N SER L 307 -51.86 16.11 4.46
CA SER L 307 -53.28 15.92 4.73
C SER L 307 -53.49 14.59 5.45
N ARG L 308 -54.68 14.45 6.04
CA ARG L 308 -55.06 13.26 6.77
C ARG L 308 -56.42 12.77 6.31
N GLN L 309 -56.64 11.47 6.41
CA GLN L 309 -57.92 10.85 6.10
C GLN L 309 -58.64 10.51 7.40
N VAL L 310 -59.87 11.01 7.54
CA VAL L 310 -60.61 10.91 8.79
C VAL L 310 -61.93 10.19 8.52
N ARG L 311 -62.24 9.20 9.35
CA ARG L 311 -63.54 8.54 9.36
C ARG L 311 -64.34 9.10 10.53
N VAL L 312 -65.54 9.59 10.24
CA VAL L 312 -66.40 10.25 11.22
C VAL L 312 -67.68 9.47 11.35
N SER L 313 -68.08 9.18 12.58
CA SER L 313 -69.32 8.46 12.82
C SER L 313 -70.52 9.37 12.48
N PRO L 314 -71.64 8.78 12.06
CA PRO L 314 -72.80 9.61 11.66
C PRO L 314 -73.38 10.45 12.77
N ASN L 315 -73.19 10.08 14.04
CA ASN L 315 -73.79 10.83 15.13
C ASN L 315 -73.08 12.16 15.40
N VAL L 316 -71.95 12.42 14.76
CA VAL L 316 -71.27 13.70 14.90
C VAL L 316 -72.01 14.74 14.08
N GLN L 317 -72.37 15.84 14.73
CA GLN L 317 -73.14 16.90 14.08
C GLN L 317 -72.28 17.87 13.29
N MET L 318 -70.96 17.82 13.43
CA MET L 318 -70.10 18.70 12.67
C MET L 318 -69.84 18.14 11.26
N ASP L 319 -69.45 19.03 10.37
CA ASP L 319 -69.15 18.64 8.99
C ASP L 319 -67.92 17.74 8.96
N ALA L 320 -67.97 16.71 8.12
CA ALA L 320 -66.85 15.79 8.00
C ALA L 320 -65.61 16.50 7.47
N GLN L 321 -65.78 17.37 6.46
CA GLN L 321 -64.64 18.09 5.91
C GLN L 321 -64.04 19.04 6.95
N SER L 322 -64.89 19.70 7.75
CA SER L 322 -64.38 20.58 8.80
C SER L 322 -63.58 19.79 9.84
N VAL L 323 -64.09 18.63 10.24
CA VAL L 323 -63.38 17.80 11.21
C VAL L 323 -62.04 17.34 10.63
N ARG L 324 -62.03 16.95 9.35
CA ARG L 324 -60.79 16.54 8.72
C ARG L 324 -59.79 17.69 8.67
N LYS L 325 -60.27 18.90 8.34
CA LYS L 325 -59.38 20.05 8.31
C LYS L 325 -58.81 20.34 9.68
N GLU L 326 -59.63 20.27 10.72
CA GLU L 326 -59.13 20.49 12.08
C GLU L 326 -58.10 19.44 12.47
N LEU L 327 -58.36 18.17 12.13
CA LEU L 327 -57.42 17.11 12.47
C LEU L 327 -56.15 17.17 11.62
N SER L 328 -56.19 17.84 10.47
CA SER L 328 -54.98 17.98 9.66
C SER L 328 -54.01 19.00 10.24
N LYS L 329 -54.53 20.02 10.92
CA LYS L 329 -53.65 21.01 11.54
C LYS L 329 -52.87 20.39 12.68
N PRO L 330 -51.60 20.77 12.86
CA PRO L 330 -50.82 20.22 13.98
C PRO L 330 -51.42 20.55 15.34
N ASP L 331 -52.11 21.68 15.48
CA ASP L 331 -52.70 22.11 16.75
C ASP L 331 -54.22 22.02 16.70
N GLY L 332 -54.75 20.99 16.05
CA GLY L 332 -56.18 20.81 15.96
C GLY L 332 -56.77 20.15 17.19
N VAL L 333 -58.09 20.25 17.31
CA VAL L 333 -58.83 19.67 18.42
C VAL L 333 -60.06 18.96 17.89
N PHE L 334 -60.57 18.03 18.70
CA PHE L 334 -61.81 17.34 18.39
C PHE L 334 -62.54 17.04 19.69
N VAL L 335 -63.84 17.28 19.70
CA VAL L 335 -64.68 17.05 20.89
C VAL L 335 -65.58 15.85 20.61
N GLY L 336 -65.41 14.81 21.40
CA GLY L 336 -66.19 13.60 21.23
C GLY L 336 -65.52 12.43 21.91
N ASP L 337 -66.19 11.29 21.83
CA ASP L 337 -65.66 10.06 22.41
C ASP L 337 -64.62 9.45 21.46
N SER L 338 -63.96 8.39 21.93
CA SER L 338 -62.90 7.76 21.15
C SER L 338 -63.42 6.96 19.97
N GLY L 339 -64.73 6.73 19.88
CA GLY L 339 -65.27 5.88 18.85
C GLY L 339 -65.66 6.59 17.57
N GLU L 340 -66.16 7.82 17.67
CA GLU L 340 -66.70 8.49 16.49
C GLU L 340 -65.62 8.80 15.47
N VAL L 341 -64.45 9.24 15.92
CA VAL L 341 -63.40 9.69 15.00
C VAL L 341 -62.36 8.58 14.86
N GLU L 342 -61.81 8.47 13.65
CA GLU L 342 -60.74 7.52 13.39
C GLU L 342 -59.84 8.10 12.31
N ILE L 343 -58.55 7.75 12.36
CA ILE L 343 -57.56 8.22 11.41
C ILE L 343 -57.17 7.05 10.53
N LEU L 344 -57.45 7.16 9.23
CA LEU L 344 -57.06 6.12 8.29
C LEU L 344 -55.59 6.31 7.91
N PRO L 345 -54.73 5.31 8.11
CA PRO L 345 -53.30 5.51 7.82
C PRO L 345 -53.05 5.61 6.32
N THR L 346 -52.25 6.61 5.93
CA THR L 346 -51.87 6.81 4.54
C THR L 346 -50.36 6.90 4.38
N GLN L 347 -49.59 6.46 5.38
CA GLN L 347 -48.13 6.53 5.28
C GLN L 347 -47.59 5.61 4.20
N ASP L 348 -48.32 4.53 3.89
CA ASP L 348 -47.87 3.63 2.83
C ASP L 348 -47.80 4.34 1.49
N MET L 349 -48.81 5.16 1.17
CA MET L 349 -48.78 5.92 -0.08
C MET L 349 -47.59 6.87 -0.12
N ALA L 350 -47.33 7.57 0.98
CA ALA L 350 -46.21 8.51 1.00
C ALA L 350 -44.88 7.79 0.83
N SER L 351 -44.70 6.67 1.53
CA SER L 351 -43.44 5.92 1.41
C SER L 351 -43.25 5.39 0.00
N ALA L 352 -44.33 4.85 -0.60
CA ALA L 352 -44.22 4.33 -1.96
C ALA L 352 -43.92 5.45 -2.95
N ASN L 353 -44.56 6.60 -2.78
CA ASN L 353 -44.31 7.72 -3.68
C ASN L 353 -42.88 8.23 -3.54
N LEU L 354 -42.35 8.26 -2.31
CA LEU L 354 -40.95 8.67 -2.13
C LEU L 354 -40.00 7.66 -2.77
N ALA L 355 -40.30 6.37 -2.65
CA ALA L 355 -39.48 5.36 -3.31
C ALA L 355 -39.51 5.51 -4.82
N MET L 356 -40.69 5.77 -5.39
CA MET L 356 -40.79 5.98 -6.82
C MET L 356 -40.06 7.23 -7.25
N LEU L 357 -40.11 8.29 -6.43
CA LEU L 357 -39.36 9.51 -6.73
C LEU L 357 -37.86 9.25 -6.73
N GLN L 358 -37.37 8.47 -5.77
CA GLN L 358 -35.95 8.12 -5.74
C GLN L 358 -35.57 7.30 -6.97
N GLU L 359 -36.43 6.36 -7.37
CA GLU L 359 -36.15 5.56 -8.56
C GLU L 359 -36.11 6.43 -9.80
N ALA L 360 -37.03 7.40 -9.90
CA ALA L 360 -37.04 8.31 -11.05
C ALA L 360 -35.79 9.19 -11.06
N LYS L 361 -35.34 9.64 -9.89
CA LYS L 361 -34.10 10.40 -9.81
C LYS L 361 -32.92 9.57 -10.29
N ASN L 362 -32.85 8.31 -9.87
CA ASN L 362 -31.78 7.43 -10.33
C ASN L 362 -31.84 7.24 -11.85
N GLU L 363 -33.05 7.06 -12.39
CA GLU L 363 -33.19 6.87 -13.83
C GLU L 363 -32.76 8.11 -14.60
N ILE L 364 -33.16 9.30 -14.13
CA ILE L 364 -32.79 10.52 -14.84
C ILE L 364 -31.29 10.77 -14.71
N ASP L 365 -30.68 10.32 -13.60
CA ASP L 365 -29.22 10.36 -13.52
C ASP L 365 -28.60 9.42 -14.55
N LEU L 366 -29.19 8.25 -14.76
CA LEU L 366 -28.69 7.32 -15.76
C LEU L 366 -28.86 7.87 -17.17
N LEU L 367 -30.00 8.50 -17.45
CA LEU L 367 -30.32 8.92 -18.80
C LEU L 367 -29.38 10.02 -19.28
N GLY L 368 -29.16 10.07 -20.59
CA GLY L 368 -28.26 11.01 -21.19
C GLY L 368 -26.85 10.82 -20.71
N PRO L 369 -26.07 11.90 -20.63
CA PRO L 369 -24.76 11.81 -19.98
C PRO L 369 -24.93 11.49 -18.51
N ASN L 370 -24.08 10.59 -18.01
CA ASN L 370 -24.16 10.20 -16.62
C ASN L 370 -23.82 11.39 -15.72
N ALA L 371 -24.40 11.39 -14.52
CA ALA L 371 -24.18 12.50 -13.59
C ALA L 371 -22.72 12.58 -13.13
N ALA L 372 -21.96 11.49 -13.26
CA ALA L 372 -20.53 11.55 -12.97
C ALA L 372 -19.80 12.42 -13.99
N LEU L 373 -20.35 12.55 -15.20
CA LEU L 373 -19.78 13.48 -16.16
C LEU L 373 -19.88 14.92 -15.66
N GLY L 374 -20.94 15.25 -14.95
CA GLY L 374 -21.10 16.57 -14.36
C GLY L 374 -20.32 16.79 -13.08
N GLY L 375 -19.75 15.74 -12.50
CA GLY L 375 -18.92 15.89 -11.33
C GLY L 375 -19.24 14.97 -10.17
N LYS L 376 -20.53 14.70 -9.94
CA LYS L 376 -20.93 13.90 -8.79
C LYS L 376 -22.17 13.09 -9.18
N ALA L 377 -21.96 11.82 -9.54
CA ALA L 377 -23.08 10.94 -9.85
C ALA L 377 -23.97 10.73 -8.62
N GLU L 378 -23.44 10.04 -7.61
CA GLU L 378 -24.14 9.91 -6.33
C GLU L 378 -23.20 9.93 -5.13
N GLY L 379 -21.90 10.10 -5.34
CA GLY L 379 -20.93 10.01 -4.26
C GLY L 379 -20.47 8.58 -4.02
N GLN L 380 -19.64 8.44 -3.00
CA GLN L 380 -19.01 7.18 -2.59
C GLN L 380 -18.56 6.34 -3.78
N MET L 381 -17.70 6.95 -4.60
CA MET L 381 -17.07 6.29 -5.74
C MET L 381 -15.56 6.41 -5.65
N SER L 382 -14.86 5.40 -6.17
CA SER L 382 -13.42 5.43 -6.26
C SER L 382 -12.98 6.24 -7.47
N GLY L 383 -11.68 6.57 -7.50
CA GLY L 383 -11.17 7.37 -8.61
C GLY L 383 -11.26 6.65 -9.94
N ARG L 384 -10.88 5.37 -9.96
CA ARG L 384 -10.95 4.60 -11.20
C ARG L 384 -12.39 4.43 -11.69
N ALA L 385 -13.33 4.20 -10.78
CA ALA L 385 -14.73 4.10 -11.18
C ALA L 385 -15.22 5.41 -11.79
N ILE L 386 -14.84 6.55 -11.20
CA ILE L 386 -15.24 7.83 -11.74
C ILE L 386 -14.62 8.03 -13.12
N LEU L 387 -13.35 7.66 -13.29
CA LEU L 387 -12.70 7.80 -14.59
C LEU L 387 -13.38 6.94 -15.64
N ALA L 388 -13.75 5.71 -15.28
CA ALA L 388 -14.50 4.87 -16.20
C ALA L 388 -15.85 5.48 -16.54
N GLN L 389 -16.50 6.11 -15.56
CA GLN L 389 -17.74 6.82 -15.83
C GLN L 389 -17.54 7.94 -16.85
N GLN L 390 -16.46 8.71 -16.68
CA GLN L 390 -16.18 9.79 -17.63
C GLN L 390 -15.92 9.23 -19.03
N GLN L 391 -15.15 8.14 -19.11
CA GLN L 391 -14.88 7.55 -20.42
C GLN L 391 -16.15 7.04 -21.08
N GLY L 392 -17.03 6.39 -20.31
CA GLY L 392 -18.28 5.93 -20.86
C GLY L 392 -19.18 7.06 -21.32
N GLY L 393 -19.24 8.13 -20.53
CA GLY L 393 -20.02 9.28 -20.93
C GLY L 393 -19.49 9.95 -22.19
N MET L 394 -18.17 10.04 -22.32
CA MET L 394 -17.58 10.59 -23.52
C MET L 394 -17.87 9.70 -24.73
N THR L 395 -17.82 8.39 -24.54
CA THR L 395 -18.17 7.47 -25.63
C THR L 395 -19.62 7.64 -26.05
N GLU L 396 -20.53 7.76 -25.08
CA GLU L 396 -21.95 7.93 -25.39
C GLU L 396 -22.25 9.29 -26.01
N ALA L 397 -21.36 10.27 -25.85
CA ALA L 397 -21.55 11.59 -26.41
C ALA L 397 -20.80 11.80 -27.72
N ALA L 398 -20.31 10.73 -28.33
CA ALA L 398 -19.55 10.86 -29.56
C ALA L 398 -20.40 11.35 -30.72
N THR L 399 -21.69 11.00 -30.73
CA THR L 399 -22.57 11.46 -31.82
C THR L 399 -22.73 12.97 -31.79
N TYR L 400 -22.89 13.56 -30.60
CA TYR L 400 -23.02 15.01 -30.48
C TYR L 400 -21.79 15.72 -31.00
N LEU L 401 -20.60 15.27 -30.58
CA LEU L 401 -19.35 15.87 -31.04
C LEU L 401 -19.16 15.66 -32.54
N ASP L 402 -19.58 14.50 -33.06
CA ASP L 402 -19.48 14.26 -34.49
C ASP L 402 -20.36 15.21 -35.28
N ARG L 403 -21.58 15.44 -34.80
CA ARG L 403 -22.46 16.41 -35.46
C ARG L 403 -21.86 17.81 -35.44
N ILE L 404 -21.30 18.21 -34.29
CA ILE L 404 -20.67 19.52 -34.20
C ILE L 404 -19.49 19.62 -35.16
N ARG L 405 -18.68 18.57 -35.24
CA ARG L 405 -17.53 18.57 -36.14
C ARG L 405 -17.96 18.65 -37.60
N ALA L 406 -19.01 17.91 -37.97
CA ALA L 406 -19.50 17.97 -39.34
C ALA L 406 -20.02 19.36 -39.69
N LEU L 407 -20.76 19.97 -38.76
CA LEU L 407 -21.24 21.33 -38.99
C LEU L 407 -20.07 22.30 -39.14
N SER L 408 -19.04 22.16 -38.30
CA SER L 408 -17.88 23.03 -38.39
C SER L 408 -17.16 22.85 -39.73
N ILE L 409 -17.02 21.60 -40.18
CA ILE L 409 -16.34 21.35 -41.45
C ILE L 409 -17.11 21.97 -42.60
N ALA L 410 -18.44 21.80 -42.61
CA ALA L 410 -19.24 22.41 -43.66
C ALA L 410 -19.14 23.93 -43.63
N VAL L 411 -19.14 24.51 -42.42
CA VAL L 411 -19.03 25.95 -42.29
C VAL L 411 -17.71 26.45 -42.83
N TYR L 412 -16.62 25.76 -42.48
CA TYR L 412 -15.30 26.16 -42.96
C TYR L 412 -15.19 26.03 -44.47
N ARG L 413 -15.78 24.97 -45.04
CA ARG L 413 -15.80 24.83 -46.48
C ARG L 413 -16.54 25.99 -47.15
N SER L 414 -17.70 26.37 -46.60
CA SER L 414 -18.43 27.50 -47.14
C SER L 414 -17.63 28.80 -47.01
N VAL L 415 -16.93 28.97 -45.88
CA VAL L 415 -16.12 30.17 -45.70
C VAL L 415 -15.01 30.24 -46.74
N TRP L 416 -14.35 29.10 -47.01
CA TRP L 416 -13.32 29.10 -48.04
C TRP L 416 -13.92 29.42 -49.41
N ALA L 417 -15.10 28.88 -49.71
CA ALA L 417 -15.76 29.21 -50.97
C ALA L 417 -16.04 30.70 -51.08
N ARG L 418 -16.57 31.32 -50.02
CA ARG L 418 -16.83 32.74 -50.04
C ARG L 418 -15.56 33.55 -50.18
N ILE L 419 -14.48 33.13 -49.52
CA ILE L 419 -13.21 33.83 -49.62
C ILE L 419 -12.68 33.78 -51.04
N ARG L 420 -12.78 32.60 -51.69
CA ARG L 420 -12.38 32.51 -53.08
C ARG L 420 -13.26 33.40 -53.97
N GLN L 421 -14.54 33.50 -53.64
CA GLN L 421 -15.47 34.23 -54.50
C GLN L 421 -15.25 35.74 -54.40
N VAL L 422 -15.11 36.28 -53.19
CA VAL L 422 -15.24 37.71 -52.98
C VAL L 422 -13.93 38.42 -52.64
N TRP L 423 -12.90 37.71 -52.21
CA TRP L 423 -11.66 38.37 -51.81
C TRP L 423 -10.82 38.75 -53.03
N THR L 424 -10.25 39.94 -52.96
CA THR L 424 -9.37 40.44 -54.01
C THR L 424 -7.91 40.34 -53.55
N GLY L 425 -6.99 40.72 -54.46
CA GLY L 425 -5.58 40.66 -54.11
C GLY L 425 -5.21 41.64 -53.01
N GLU L 426 -5.83 42.83 -53.02
CA GLU L 426 -5.56 43.80 -51.97
C GLU L 426 -5.96 43.26 -50.61
N ARG L 427 -7.12 42.61 -50.53
CA ARG L 427 -7.55 42.00 -49.27
C ARG L 427 -6.61 40.88 -48.84
N TRP L 428 -6.15 40.07 -49.80
CA TRP L 428 -5.20 39.00 -49.47
C TRP L 428 -3.92 39.57 -48.89
N VAL L 429 -3.39 40.63 -49.50
CA VAL L 429 -2.17 41.26 -48.99
C VAL L 429 -2.41 41.86 -47.62
N ARG L 430 -3.56 42.53 -47.44
CA ARG L 430 -3.85 43.17 -46.17
C ARG L 430 -3.99 42.15 -45.04
N VAL L 431 -4.60 41.01 -45.32
CA VAL L 431 -4.86 40.03 -44.26
C VAL L 431 -3.66 39.14 -44.03
N THR L 432 -3.26 38.38 -45.05
CA THR L 432 -2.20 37.39 -44.88
C THR L 432 -0.80 37.99 -44.93
N ASP L 433 -0.65 39.21 -45.42
CA ASP L 433 0.64 39.91 -45.48
C ASP L 433 1.67 39.08 -46.26
N ASN L 434 1.23 38.45 -47.34
CA ASN L 434 2.10 37.65 -48.19
C ASN L 434 1.81 37.98 -49.64
N GLU L 435 2.87 38.16 -50.43
CA GLU L 435 2.72 38.49 -51.85
C GLU L 435 2.49 37.26 -52.73
N ARG L 436 2.71 36.05 -52.21
CA ARG L 436 2.47 34.84 -52.97
C ARG L 436 0.99 34.56 -53.18
N ASN L 437 0.16 34.81 -52.16
CA ASN L 437 -1.27 34.53 -52.22
C ASN L 437 -1.97 35.29 -53.33
N LEU L 438 -1.28 36.17 -54.03
CA LEU L 438 -1.85 36.79 -55.23
C LEU L 438 -2.22 35.75 -56.27
N ARG L 439 -1.58 34.58 -56.26
CA ARG L 439 -1.97 33.55 -57.21
C ARG L 439 -3.29 32.90 -56.84
N PHE L 440 -3.83 33.17 -55.66
CA PHE L 440 -5.07 32.54 -55.19
C PHE L 440 -6.28 33.45 -55.36
N VAL L 441 -6.14 34.56 -56.07
CA VAL L 441 -7.23 35.51 -56.24
C VAL L 441 -8.22 34.97 -57.26
N GLY L 442 -9.50 34.94 -56.91
CA GLY L 442 -10.54 34.54 -57.81
C GLY L 442 -10.74 33.03 -57.84
N LEU L 443 -11.84 32.63 -58.49
CA LEU L 443 -12.15 31.22 -58.61
C LEU L 443 -11.11 30.48 -59.45
N ASN L 444 -10.67 31.10 -60.54
CA ASN L 444 -9.68 30.50 -61.42
C ASN L 444 -8.29 31.01 -61.12
N ALA L 503 -9.01 26.67 -60.07
CA ALA L 503 -8.29 25.53 -60.63
C ALA L 503 -6.88 25.46 -60.05
N VAL L 504 -6.56 26.40 -59.17
CA VAL L 504 -5.24 26.43 -58.54
C VAL L 504 -5.26 25.77 -57.18
N ALA L 505 -6.24 26.10 -56.33
CA ALA L 505 -6.39 25.50 -55.01
C ALA L 505 -7.83 25.02 -54.89
N GLU L 506 -8.08 23.79 -55.35
CA GLU L 506 -9.42 23.24 -55.30
C GLU L 506 -9.83 22.88 -53.88
N LEU L 507 -11.13 22.70 -53.69
CA LEU L 507 -11.67 22.42 -52.37
C LEU L 507 -11.55 20.95 -52.00
N ASP L 508 -11.29 20.07 -52.97
CA ASP L 508 -11.26 18.64 -52.72
C ASP L 508 -9.94 17.97 -53.07
N VAL L 509 -9.35 18.30 -54.21
CA VAL L 509 -8.16 17.58 -54.68
C VAL L 509 -6.88 18.24 -54.17
N ASP L 510 -6.95 19.51 -53.81
CA ASP L 510 -5.75 20.22 -53.38
C ASP L 510 -5.61 20.25 -51.86
N ILE L 511 -6.65 20.71 -51.17
CA ILE L 511 -6.61 20.86 -49.72
C ILE L 511 -7.81 20.14 -49.11
N LEU L 512 -7.66 19.77 -47.84
CA LEU L 512 -8.73 19.16 -47.06
C LEU L 512 -8.94 19.98 -45.80
N VAL L 513 -10.18 20.35 -45.53
CA VAL L 513 -10.50 21.16 -44.37
C VAL L 513 -10.84 20.24 -43.20
N ASP L 514 -10.16 20.44 -42.07
CA ASP L 514 -10.36 19.63 -40.88
C ASP L 514 -10.20 20.53 -39.66
N GLU L 515 -10.15 19.91 -38.48
CA GLU L 515 -10.06 20.62 -37.22
C GLU L 515 -8.71 20.36 -36.57
N GLY L 516 -8.04 21.44 -36.14
CA GLY L 516 -6.79 21.36 -35.46
C GLY L 516 -6.88 21.93 -34.05
N LEU L 517 -5.81 21.73 -33.29
CA LEU L 517 -5.79 22.05 -31.87
C LEU L 517 -5.98 23.55 -31.65
N ASP L 518 -6.49 23.90 -30.48
CA ASP L 518 -6.80 25.28 -30.14
C ASP L 518 -5.50 26.05 -29.87
N ALA L 519 -5.14 26.94 -30.79
CA ALA L 519 -3.98 27.80 -30.65
C ALA L 519 -4.38 29.25 -30.93
N PRO L 520 -3.86 30.21 -30.17
CA PRO L 520 -4.22 31.61 -30.42
C PRO L 520 -3.85 32.09 -31.81
N THR L 521 -2.69 31.66 -32.32
CA THR L 521 -2.26 32.02 -33.66
C THR L 521 -1.58 30.81 -34.31
N ILE L 522 -1.37 30.92 -35.62
CA ILE L 522 -0.64 29.88 -36.34
C ILE L 522 0.81 29.83 -35.85
N ALA L 523 1.37 31.00 -35.54
CA ALA L 523 2.76 31.04 -35.08
C ALA L 523 2.92 30.31 -33.76
N ALA L 524 1.93 30.41 -32.86
CA ALA L 524 2.02 29.71 -31.59
C ALA L 524 2.03 28.20 -31.77
N GLU L 525 1.15 27.68 -32.62
CA GLU L 525 1.13 26.25 -32.88
C GLU L 525 2.41 25.80 -33.57
N GLU L 526 2.93 26.62 -34.49
CA GLU L 526 4.19 26.31 -35.14
C GLU L 526 5.34 26.24 -34.15
N PHE L 527 5.39 27.19 -33.21
CA PHE L 527 6.42 27.18 -32.18
C PHE L 527 6.28 25.96 -31.27
N GLU L 528 5.04 25.60 -30.93
CA GLU L 528 4.83 24.40 -30.10
C GLU L 528 5.31 23.15 -30.83
N GLN L 529 5.01 23.05 -32.13
CA GLN L 529 5.47 21.90 -32.91
C GLN L 529 6.99 21.87 -32.98
N LEU L 530 7.61 23.03 -33.17
CA LEU L 530 9.08 23.10 -33.22
C LEU L 530 9.68 22.66 -31.89
N MET L 531 9.10 23.10 -30.77
CA MET L 531 9.58 22.70 -29.46
C MET L 531 9.42 21.20 -29.26
N LYS L 532 8.28 20.64 -29.69
CA LYS L 532 8.07 19.19 -29.56
C LYS L 532 9.09 18.42 -30.38
N LEU L 533 9.38 18.88 -31.60
CA LEU L 533 10.38 18.21 -32.43
C LEU L 533 11.77 18.32 -31.81
N ALA L 534 12.11 19.48 -31.25
CA ALA L 534 13.44 19.66 -30.68
C ALA L 534 13.62 18.93 -29.36
N SER L 535 12.53 18.67 -28.63
CA SER L 535 12.64 17.98 -27.35
C SER L 535 13.14 16.54 -27.55
N THR L 536 12.71 15.89 -28.62
CA THR L 536 13.15 14.52 -28.87
C THR L 536 14.66 14.46 -29.12
N GLY L 537 15.20 15.43 -29.84
CA GLY L 537 16.61 15.48 -30.14
C GLY L 537 17.02 14.71 -31.38
N ILE L 538 16.10 14.03 -32.05
CA ILE L 538 16.43 13.31 -33.27
C ILE L 538 16.87 14.30 -34.36
N VAL L 539 16.12 15.38 -34.51
CA VAL L 539 16.43 16.42 -35.50
C VAL L 539 17.06 17.60 -34.77
N PRO L 540 18.26 18.02 -35.12
CA PRO L 540 18.89 19.16 -34.45
C PRO L 540 18.29 20.48 -34.93
N ILE L 541 17.48 21.09 -34.07
CA ILE L 541 16.79 22.33 -34.42
C ILE L 541 17.68 23.51 -34.02
N PRO L 542 17.98 24.42 -34.94
CA PRO L 542 18.82 25.56 -34.60
C PRO L 542 18.11 26.47 -33.60
N PRO L 543 18.87 27.16 -32.74
CA PRO L 543 18.22 28.02 -31.74
C PRO L 543 17.68 29.31 -32.33
N ASP L 544 18.33 29.81 -33.39
CA ASP L 544 17.88 31.06 -34.00
C ASP L 544 16.47 30.92 -34.59
N VAL L 545 16.20 29.81 -35.28
CA VAL L 545 14.88 29.59 -35.85
C VAL L 545 13.83 29.50 -34.76
N LEU L 546 14.16 28.83 -33.65
CA LEU L 546 13.25 28.78 -32.51
C LEU L 546 13.00 30.17 -31.95
N ILE L 547 14.02 31.03 -31.95
CA ILE L 547 13.87 32.38 -31.43
C ILE L 547 12.92 33.18 -32.32
N GLU L 548 13.10 33.10 -33.64
CA GLU L 548 12.17 33.80 -34.53
C GLU L 548 10.75 33.26 -34.40
N ALA L 549 10.61 31.94 -34.29
CA ALA L 549 9.29 31.35 -34.10
C ALA L 549 8.72 31.59 -32.71
N SER L 550 9.52 32.12 -31.78
CA SER L 550 9.09 32.34 -30.42
C SER L 550 8.23 33.60 -30.33
N SER L 551 7.95 34.06 -29.10
CA SER L 551 7.08 35.21 -28.89
C SER L 551 7.62 36.17 -27.84
N LEU L 552 8.91 36.10 -27.52
CA LEU L 552 9.49 37.05 -26.58
C LEU L 552 9.49 38.46 -27.17
N ARG L 553 9.33 39.44 -26.28
CA ARG L 553 9.33 40.84 -26.71
C ARG L 553 10.69 41.25 -27.28
N ASN L 554 11.77 40.79 -26.66
CA ASN L 554 13.11 41.12 -27.13
C ASN L 554 13.64 40.09 -28.13
N LYS L 555 12.82 39.79 -29.15
CA LYS L 555 13.27 38.92 -30.22
C LYS L 555 14.42 39.51 -31.04
N PRO L 556 14.37 40.76 -31.51
CA PRO L 556 15.47 41.25 -32.36
C PRO L 556 16.80 41.34 -31.63
N LYS L 557 16.80 41.65 -30.33
CA LYS L 557 18.05 41.68 -29.58
C LYS L 557 18.71 40.30 -29.55
N LEU L 558 17.92 39.26 -29.25
CA LEU L 558 18.44 37.91 -29.23
C LEU L 558 18.92 37.48 -30.62
N LEU L 559 18.14 37.82 -31.66
CA LEU L 559 18.55 37.46 -33.01
C LEU L 559 19.85 38.13 -33.40
N GLU L 560 19.99 39.42 -33.10
CA GLU L 560 21.21 40.15 -33.43
C GLU L 560 22.40 39.59 -32.66
N MET L 561 22.21 39.24 -31.38
CA MET L 561 23.30 38.67 -30.60
C MET L 561 23.72 37.31 -31.15
N LEU L 562 22.74 36.50 -31.59
CA LEU L 562 23.08 35.22 -32.20
C LEU L 562 23.81 35.39 -33.52
N LYS L 563 23.45 36.41 -34.31
CA LYS L 563 24.10 36.62 -35.59
C LYS L 563 25.59 36.94 -35.43
N GLN L 564 25.94 37.75 -34.44
CA GLN L 564 27.33 38.12 -34.24
C GLN L 564 28.09 37.02 -33.49
N GLY L 565 28.10 35.82 -34.04
CA GLY L 565 28.78 34.70 -33.43
C GLY L 565 30.29 34.82 -33.46
N PRO L 566 30.89 34.73 -34.65
CA PRO L 566 32.35 34.82 -34.75
C PRO L 566 32.81 36.27 -34.79
N SER L 567 33.75 36.59 -33.90
CA SER L 567 34.31 37.94 -33.84
C SER L 567 35.49 38.04 -34.81
N GLN L 568 36.20 39.17 -34.77
CA GLN L 568 37.34 39.35 -35.65
C GLN L 568 38.56 38.56 -35.19
N GLU L 569 38.69 38.31 -33.88
CA GLU L 569 39.82 37.54 -33.38
C GLU L 569 39.82 36.13 -33.94
N GLN L 570 38.65 35.48 -33.98
CA GLN L 570 38.56 34.14 -34.52
C GLN L 570 38.89 34.13 -36.02
N MET L 571 38.41 35.13 -36.75
CA MET L 571 38.73 35.22 -38.17
C MET L 571 40.23 35.39 -38.39
N MET L 572 40.87 36.25 -37.60
CA MET L 572 42.32 36.44 -37.70
C MET L 572 43.06 35.15 -37.40
N ALA L 573 42.64 34.44 -36.35
CA ALA L 573 43.26 33.17 -36.03
C ALA L 573 43.11 32.18 -37.19
N GLN L 574 41.94 32.17 -37.83
CA GLN L 574 41.73 31.28 -38.96
C GLN L 574 42.66 31.62 -40.13
N GLN L 575 42.81 32.91 -40.45
CA GLN L 575 43.68 33.23 -41.59
C GLN L 575 45.14 32.94 -41.26
N ILE L 576 45.56 33.20 -40.01
CA ILE L 576 46.94 32.86 -39.64
C ILE L 576 47.17 31.35 -39.71
N ALA L 577 46.19 30.56 -39.26
CA ALA L 577 46.33 29.11 -39.34
C ALA L 577 46.41 28.64 -40.79
N LEU L 578 45.58 29.20 -41.66
CA LEU L 578 45.63 28.82 -43.06
C LEU L 578 46.96 29.21 -43.70
N ALA L 579 47.47 30.41 -43.37
CA ALA L 579 48.76 30.84 -43.89
C ALA L 579 49.88 29.92 -43.40
N GLY L 580 49.83 29.52 -42.13
CA GLY L 580 50.83 28.61 -41.60
C GLY L 580 50.78 27.24 -42.27
N GLU L 581 49.58 26.74 -42.54
CA GLU L 581 49.45 25.46 -43.23
C GLU L 581 50.00 25.55 -44.65
N GLN L 582 49.69 26.66 -45.35
CA GLN L 582 50.24 26.85 -46.68
C GLN L 582 51.76 26.95 -46.66
N ALA L 583 52.31 27.64 -45.65
CA ALA L 583 53.75 27.75 -45.51
C ALA L 583 54.38 26.39 -45.23
N LYS L 584 53.70 25.55 -44.44
CA LYS L 584 54.20 24.20 -44.19
C LYS L 584 54.18 23.36 -45.47
N VAL L 585 53.14 23.52 -46.29
CA VAL L 585 53.09 22.83 -47.58
C VAL L 585 54.25 23.27 -48.46
N ALA L 586 54.51 24.58 -48.50
CA ALA L 586 55.63 25.10 -49.28
C ALA L 586 56.96 24.57 -48.75
N GLU L 587 57.09 24.47 -47.43
CA GLU L 587 58.30 23.93 -46.84
C GLU L 587 58.52 22.47 -47.23
N THR L 588 57.45 21.69 -47.23
CA THR L 588 57.57 20.29 -47.64
C THR L 588 57.96 20.18 -49.11
N GLU L 589 57.37 21.02 -49.96
CA GLU L 589 57.74 21.01 -51.38
C GLU L 589 59.19 21.41 -51.56
N SER L 590 59.65 22.41 -50.81
CA SER L 590 61.04 22.84 -50.91
C SER L 590 61.99 21.76 -50.40
N LYS L 591 61.58 21.02 -49.37
CA LYS L 591 62.38 19.90 -48.89
C LYS L 591 62.50 18.81 -49.95
N THR L 592 61.38 18.53 -50.64
CA THR L 592 61.44 17.57 -51.75
C THR L 592 62.39 18.04 -52.84
N GLY L 593 62.32 19.33 -53.18
CA GLY L 593 63.23 19.87 -54.18
C GLY L 593 64.68 19.80 -53.75
N LEU L 594 64.95 20.08 -52.46
CA LEU L 594 66.31 20.00 -51.95
C LEU L 594 66.82 18.56 -51.98
N ASN L 595 65.96 17.59 -51.67
CA ASN L 595 66.38 16.20 -51.75
C ASN L 595 66.67 15.78 -53.19
N VAL L 596 65.85 16.25 -54.14
CA VAL L 596 66.14 16.00 -55.55
C VAL L 596 67.48 16.62 -55.93
N ALA L 597 67.76 17.82 -55.40
CA ALA L 597 69.04 18.46 -55.63
C ALA L 597 70.20 17.61 -55.10
N LYS L 598 70.03 17.07 -53.90
CA LYS L 598 71.07 16.21 -53.34
C LYS L 598 71.28 14.97 -54.19
N THR L 599 70.19 14.41 -54.73
CA THR L 599 70.34 13.30 -55.68
C THR L 599 71.13 13.73 -56.91
N GLN L 600 70.89 14.95 -57.40
CA GLN L 600 71.61 15.43 -58.58
C GLN L 600 73.10 15.54 -58.31
N GLU L 601 73.49 16.12 -57.16
CA GLU L 601 74.91 16.16 -56.80
C GLU L 601 75.49 14.76 -56.58
N THR L 602 74.72 13.85 -55.99
CA THR L 602 75.22 12.50 -55.82
C THR L 602 75.51 11.84 -57.17
N LEU L 603 74.59 12.01 -58.13
CA LEU L 603 74.81 11.45 -59.46
C LEU L 603 75.99 12.12 -60.16
N ALA L 604 76.15 13.43 -59.97
CA ALA L 604 77.30 14.12 -60.56
C ALA L 604 78.61 13.60 -59.97
N SER L 605 78.64 13.37 -58.66
CA SER L 605 79.83 12.82 -58.04
C SER L 605 80.12 11.41 -58.54
N ILE L 606 79.07 10.62 -58.75
CA ILE L 606 79.25 9.29 -59.32
C ILE L 606 79.85 9.39 -60.72
N GLN L 607 79.31 10.31 -61.54
CA GLN L 607 79.79 10.46 -62.90
C GLN L 607 81.25 10.90 -62.94
N THR L 608 81.63 11.86 -62.08
CA THR L 608 83.00 12.36 -62.09
C THR L 608 83.99 11.28 -61.67
N ASN L 609 83.64 10.48 -60.68
CA ASN L 609 84.52 9.41 -60.21
C ASN L 609 84.09 8.06 -60.74
#